data_7NI5
#
_entry.id   7NI5
#
_cell.length_a   1.00
_cell.length_b   1.00
_cell.length_c   1.00
_cell.angle_alpha   90.00
_cell.angle_beta   90.00
_cell.angle_gamma   90.00
#
_symmetry.space_group_name_H-M   'P 1'
#
loop_
_entity.id
_entity.type
_entity.pdbx_description
1 polymer 'Serine-protein kinase ATM'
2 non-polymer 2-morpholin-4-yl-6-thianthren-1-yl-pyran-4-one
3 non-polymer 'ZINC ION'
#
_entity_poly.entity_id   1
_entity_poly.type   'polypeptide(L)'
_entity_poly.pdbx_seq_one_letter_code
;MDYKDDDDKGTDYKDDDDKSGSLEVLFQGPMSLVLNDLLICCRQLEHDRATERKKEVEKFKRLIRDPETIKHLDRHSDSK
QGKYLNWDAVFRFLQKYIQKETECLRIAKPNVSASTQASRQKKMQEISSLVKYFIKCANRRAPRLKCQELLNYIMDTVKD
SSNGAIYGADCSNILLKDILSVRKYWCEISQQQWLELFSVYFRLYLKPSQDVHRVLVARIIHAVTKGCCSQTDGLNSKFL
DFFSKAIQCARQEKSSSGLNHILAALTIFLKTLAVNFRIRVCELGDEILPTLLYIWTQHRLNDSLKEVIIELFQLQIYIH
HPKGAKTQEKGAYESTKWRSILYNLYDLLVNEISHIGSRGKYSSGFRNIAVKENLIELMADICHQVFNEDTRSLEISQSY
TTTQRESSDYSVPCKRKKIELGWEVIKDHLQKSQNDFDLVPWLQIATQLISKYPASLPNCELSPLLMILSQLLPQQRHGE
RTPYVLRCLTEVALCQDKRSNLESSQKSDLLKLWNKIWCITFRGISSEQIQAENFGLLGAIIQGSLVEVDREFWKLFTGS
ACRPSCPAVCCLTLALTTSIVPGTVKMGIEQNMCEVNRSFSLKESIMKWLLFYQLEGDLENSTEVPPILHSNFPHLVLEK
ILVSLTMKNCKAAMNFFQSVPECEHHQKDKEELSFSEVEELFLQTTFDKMDFLTIVRECGIEKHQSSIGFSVHQNLKESL
DRCLLGLSEQLLNNYSSEITNSETLVRCSRLLVGVLGCYCYMGVIAEEEAYKSELFQKAKSLMQCAGESITLFKNKTNEE
FRIGSLRNMMQLCTRCLSNCTKKSPNKIASGFFLRLLTSKLMNDIADICKSLASFIKKPFDRGEVESMEDDTNGNLMEVE
DQSSMNLFNDYPDSSVSDANEPGESQSTIGAINPLAEEYLSKQDLLFLDMLKFLCLCVTTAQTNTVSFRAADIRRKLLML
IDSSTLEPTKSLHLHMYLMLLKELPGEEYPLPMEDVLELLKPLSNVCSLYRRDQDVCKTILNHVLHVVKNLGQSNMDSEN
TRDAQGQFLTVIGAFWHLTKERKYIFSVRMALVNCLKTLLEADPYSKWAILNVMGKDFPVNEVFTQFLADNHHQVRMLAA
ESINRLFQDTKGDSSRLLKALPLKLQQTAFENAYLKAQEGMREMSHSAENPETLDEIYNRKSVLLTLIAVVLSCSPICEK
QALFALCKSVKENGLEPHLVKKVLEKVSETFGYRRLEDFMASHLDYLVLEWLNLQDTEYNLSSFPFILLNYTNIEDFYRS
CYKVLIPHLVIRSHFDEVKSIANQIQEDWKSLLTDCFPKILVNILPYFAYEGTRDSGMAQQRETATKVYDMLKSENLLGK
QIDHLFISNLPEIVVELLMTLHEPANSSASQSTDLCDFSGDLDPAPNPPHFPSHVIKATFAYISNCHKTKLKSILEILSK
SPDSYQKILLAICEQAAETNNVYKKHRILKIYHLFVSLLLKDIKSGLGGAWAFVLRDVIYTLIHYINQRPSCIMDVSLRS
FSLCCDLLSQVCQTAVTYCKDALENHLHVIVGTLIPLVYEQVEVQKQVLDLLKYLVIDNKDNENLYITIKLLDPFPDHVV
FKDLRITQQKIKYSRGPFSLLEEINHFLSVSVYDALPLTRLEGLKDLRRQLELHKDQMVDIMRASQDNPQDGIMVKLVVN
LLQLSKMAINHTGEKEVLEAVGSCLGEVGPIDFSTIAIQHSKDASYTKALKLFEDKELQWTFIMLTYLNNTLVEDCVKVR
SAAVTCLKNILATKTGHSFWEIYKMTTDPMLAYLQPFRTSRKKFLEVPRFDKENPFEGLDDINLWIPLSENHDIWIKTLT
CAFLDSGGTKCEILQLLKPMCEVKTDFCQTVLPYLIHDILLQDTNESWRNLLSTHVQGFFTSCLRHFSQTSRSTTPANLD
SESEHFFRCCLDKKSQRTMLAVVDYMRRQKRPSSGTIFNDAFWLDLNYLEVAKVAQSCAAHFTALLYAEIYADKKSMDDQ
EKRSLAFEEGSQSTTISSLSEKSKEETGISLQDLLLEIYRSIGEPDSLYGCGGGKMLQPITRLRTYEHEAMWGKALVTYD
LETAIPSSTRQAGIIQALQNLGLCHILSVYLKGLDYENKDWCPELEELHYQAAWRNMQWDHCTSVSKEVEGTSYHESLYN
ALQSLRDREFSTFYESLKYARVKEVEEMCKRSLESVYSLYPTLSRLQAIGELESIGELFSRSVTHRQLSEVYIKWQKHSQ
LLKDSDFSFQEPIMALRTVILEILMEKEMDNSQRECIKDILTKHLVELSILARTFKNTQLPERAIFQIKQYNSVSCGVSE
WQLEEAQVFWAKKEQSLALSILKQMIKKLDASCAANNPSLKLTYTECLRVCGNWLAETCLENPAVIMQTYLEKAVEVAGN
YDGESSDELRNGKMKAFLSLARFSDTQYQRIENYMKSSEFENKQALLKRAKEEVGLLREHKIQTNRYTVKVQRELELDEL
ALRALKEDRKRFLCKAVENYINCLLSGEEHDMWVFRLCSLWLENSGVSEVNGMMKRDGMKIPTYKFLPLMYQLAARMGTK
MMGGLGFHEVLNNLISRISMDHPHHTLFIILALANANRDEFLTKPEVARRSRITKNVPKQSSQLDEDRTEAANRIICTIR
SRRPQMVRSVEALCDAYIILANLDATQWKTQRKGINIPADQPITKLKNLEDVVVPTMEIKVDHTGEYGNLVTIQSFKAEF
RLAGGVNLPKIIDCVGSDGKERRQLVKGRDDLRQDAVMQQVFQMCNTLLQRNTETRKRKLTICTYKVVPLSQRSGVLEWC
TGTVPIGEFLVNNEDGAHKRYRPNDFSAFQCQKKMMEVQKKSFEEKYEVFMDVCQNFQPVFRYFCMEKFLDPAIWFEKRL
AYTRSVATSSIVGYILGLGDRHVQNILINEQSAELVHIDLGVAFEQGKILPTPETVPFRLTRDIVDGMGITGVEGVFRRC
CEKTMEVMRNSQETLLTIVEVLLYDPLFDWTMNPLKALYLQQRPEDETELHPTLNADDQECKRNLSDIDQSFNKVAERVL
MRLQEKLKGVEEGTVLSVGGQVNLLIQQAIDPKNLSRLFPGWKAWV
;
_entity_poly.pdbx_strand_id   A,B
#
# COMPACT_ATOMS: atom_id res chain seq x y z
N LEU A 33 -17.75 -25.53 -112.30
CA LEU A 33 -18.13 -24.50 -113.26
C LEU A 33 -17.16 -23.32 -113.21
N VAL A 34 -17.08 -22.68 -112.04
CA VAL A 34 -16.18 -21.55 -111.87
C VAL A 34 -14.73 -21.99 -111.97
N LEU A 35 -14.43 -23.22 -111.55
CA LEU A 35 -13.05 -23.70 -111.60
C LEU A 35 -12.54 -23.74 -113.03
N ASN A 36 -13.41 -24.07 -113.99
CA ASN A 36 -13.01 -24.02 -115.39
C ASN A 36 -12.65 -22.59 -115.80
N ASP A 37 -13.42 -21.60 -115.34
CA ASP A 37 -13.10 -20.22 -115.64
C ASP A 37 -11.77 -19.81 -115.05
N LEU A 38 -11.50 -20.23 -113.80
CA LEU A 38 -10.20 -19.93 -113.19
C LEU A 38 -9.06 -20.58 -113.96
N LEU A 39 -9.24 -21.84 -114.38
CA LEU A 39 -8.21 -22.52 -115.14
C LEU A 39 -7.95 -21.81 -116.46
N ILE A 40 -9.01 -21.39 -117.16
CA ILE A 40 -8.84 -20.68 -118.42
C ILE A 40 -8.12 -19.36 -118.20
N CYS A 41 -8.52 -18.63 -117.15
CA CYS A 41 -7.88 -17.34 -116.87
C CYS A 41 -6.40 -17.50 -116.54
N CYS A 42 -6.05 -18.53 -115.76
CA CYS A 42 -4.65 -18.72 -115.41
C CYS A 42 -3.83 -19.19 -116.60
N ARG A 43 -4.40 -20.08 -117.42
CA ARG A 43 -3.70 -20.52 -118.62
C ARG A 43 -3.46 -19.36 -119.58
N GLN A 44 -4.43 -18.44 -119.67
CA GLN A 44 -4.21 -17.22 -120.43
C GLN A 44 -3.17 -16.33 -119.77
N LEU A 45 -3.13 -16.30 -118.44
CA LEU A 45 -2.08 -15.58 -117.73
C LEU A 45 -0.71 -16.08 -118.12
N GLU A 46 -0.58 -17.38 -118.37
CA GLU A 46 0.69 -17.94 -118.80
C GLU A 46 1.18 -17.32 -120.11
N HIS A 47 0.27 -16.80 -120.93
CA HIS A 47 0.65 -16.24 -122.23
C HIS A 47 1.43 -14.95 -122.06
N ASP A 48 2.35 -14.70 -123.01
CA ASP A 48 3.22 -13.53 -122.97
C ASP A 48 2.65 -12.42 -123.86
N ARG A 49 1.50 -11.88 -123.45
CA ARG A 49 0.88 -10.72 -124.16
C ARG A 49 0.60 -9.70 -123.07
N ALA A 50 1.19 -8.51 -123.12
CA ALA A 50 1.18 -7.55 -122.02
C ALA A 50 -0.24 -7.08 -121.70
N THR A 51 -0.91 -6.54 -122.72
CA THR A 51 -2.29 -6.04 -122.54
C THR A 51 -3.14 -7.19 -121.96
N GLU A 52 -3.05 -8.36 -122.59
CA GLU A 52 -3.84 -9.52 -122.11
C GLU A 52 -3.39 -9.86 -120.69
N ARG A 53 -2.07 -9.86 -120.46
CA ARG A 53 -1.55 -10.14 -119.10
C ARG A 53 -2.32 -9.27 -118.11
N LYS A 54 -2.44 -7.96 -118.37
CA LYS A 54 -3.12 -7.08 -117.44
C LYS A 54 -4.60 -7.43 -117.31
N LYS A 55 -5.26 -7.71 -118.44
CA LYS A 55 -6.68 -8.07 -118.38
C LYS A 55 -6.88 -9.35 -117.58
N GLU A 56 -6.01 -10.34 -117.80
CA GLU A 56 -6.13 -11.60 -117.08
C GLU A 56 -5.79 -11.43 -115.61
N VAL A 57 -4.88 -10.53 -115.26
CA VAL A 57 -4.62 -10.23 -113.85
C VAL A 57 -5.86 -9.65 -113.19
N GLU A 58 -6.52 -8.70 -113.87
CA GLU A 58 -7.73 -8.11 -113.32
C GLU A 58 -8.82 -9.18 -113.13
N LYS A 59 -9.01 -10.02 -114.15
CA LYS A 59 -10.03 -11.07 -114.05
C LYS A 59 -9.67 -12.06 -112.95
N PHE A 60 -8.39 -12.41 -112.82
CA PHE A 60 -7.95 -13.36 -111.81
C PHE A 60 -8.18 -12.80 -110.40
N LYS A 61 -7.85 -11.52 -110.19
CA LYS A 61 -8.10 -10.92 -108.89
C LYS A 61 -9.59 -10.87 -108.58
N ARG A 62 -10.42 -10.54 -109.58
CA ARG A 62 -11.86 -10.52 -109.36
C ARG A 62 -12.38 -11.90 -109.00
N LEU A 63 -11.88 -12.95 -109.67
CA LEU A 63 -12.28 -14.31 -109.33
C LEU A 63 -11.78 -14.73 -107.95
N ILE A 64 -10.60 -14.24 -107.55
CA ILE A 64 -10.13 -14.44 -106.18
C ILE A 64 -11.12 -13.85 -105.19
N ARG A 65 -11.64 -12.66 -105.50
CA ARG A 65 -12.61 -12.03 -104.61
C ARG A 65 -13.99 -12.68 -104.67
N ASP A 66 -14.22 -13.59 -105.61
CA ASP A 66 -15.54 -14.21 -105.76
C ASP A 66 -15.75 -15.26 -104.69
N PRO A 67 -16.80 -15.16 -103.87
CA PRO A 67 -17.02 -16.18 -102.82
C PRO A 67 -17.23 -17.59 -103.35
N GLU A 68 -17.88 -17.75 -104.50
CA GLU A 68 -18.14 -19.08 -105.02
C GLU A 68 -16.83 -19.79 -105.39
N THR A 69 -15.94 -19.08 -106.08
CA THR A 69 -14.64 -19.65 -106.40
C THR A 69 -13.85 -19.93 -105.12
N ILE A 70 -13.98 -19.05 -104.13
CA ILE A 70 -13.29 -19.26 -102.86
C ILE A 70 -13.72 -20.57 -102.23
N LYS A 71 -15.04 -20.79 -102.13
CA LYS A 71 -15.53 -22.00 -101.46
C LYS A 71 -15.18 -23.25 -102.27
N HIS A 72 -15.30 -23.18 -103.60
CA HIS A 72 -14.95 -24.33 -104.41
C HIS A 72 -13.48 -24.68 -104.25
N LEU A 73 -12.60 -23.67 -104.31
CA LEU A 73 -11.17 -23.92 -104.20
C LEU A 73 -10.80 -24.47 -102.83
N ASP A 74 -11.34 -23.89 -101.77
CA ASP A 74 -10.97 -24.35 -100.43
C ASP A 74 -11.50 -25.75 -100.16
N ARG A 75 -12.73 -26.05 -100.61
CA ARG A 75 -13.27 -27.39 -100.44
C ARG A 75 -12.43 -28.41 -101.21
N HIS A 76 -12.07 -28.10 -102.46
CA HIS A 76 -11.29 -29.06 -103.24
C HIS A 76 -9.88 -29.22 -102.69
N SER A 77 -9.32 -28.16 -102.08
CA SER A 77 -7.99 -28.27 -101.49
C SER A 77 -8.03 -29.07 -100.20
N ASP A 78 -9.06 -28.86 -99.37
CA ASP A 78 -9.20 -29.65 -98.15
C ASP A 78 -9.51 -31.12 -98.47
N SER A 79 -10.13 -31.38 -99.61
CA SER A 79 -10.39 -32.75 -100.02
C SER A 79 -9.10 -33.51 -100.26
N LYS A 80 -8.10 -32.85 -100.86
CA LYS A 80 -6.83 -33.48 -101.22
C LYS A 80 -7.05 -34.68 -102.14
N GLN A 81 -7.99 -34.54 -103.08
CA GLN A 81 -8.36 -35.60 -104.00
C GLN A 81 -7.65 -35.50 -105.35
N GLY A 82 -6.71 -34.58 -105.49
CA GLY A 82 -6.02 -34.40 -106.75
C GLY A 82 -6.90 -33.91 -107.87
N LYS A 83 -7.74 -32.92 -107.62
CA LYS A 83 -8.65 -32.37 -108.62
C LYS A 83 -7.95 -31.42 -109.58
N TYR A 84 -6.64 -31.23 -109.45
CA TYR A 84 -5.78 -30.40 -110.31
C TYR A 84 -6.06 -28.92 -110.16
N LEU A 85 -7.03 -28.52 -109.32
CA LEU A 85 -7.36 -27.11 -109.12
C LEU A 85 -7.51 -26.86 -107.61
N ASN A 86 -6.41 -26.50 -106.97
CA ASN A 86 -6.43 -26.11 -105.57
C ASN A 86 -5.69 -24.78 -105.40
N TRP A 87 -5.53 -24.34 -104.15
CA TRP A 87 -4.76 -23.12 -103.91
C TRP A 87 -3.31 -23.29 -104.32
N ASP A 88 -2.74 -24.49 -104.10
CA ASP A 88 -1.36 -24.73 -104.47
C ASP A 88 -1.17 -24.68 -105.99
N ALA A 89 -2.12 -25.22 -106.75
CA ALA A 89 -2.01 -25.20 -108.20
C ALA A 89 -2.05 -23.78 -108.75
N VAL A 90 -2.99 -22.97 -108.28
CA VAL A 90 -3.07 -21.59 -108.75
C VAL A 90 -1.87 -20.79 -108.26
N PHE A 91 -1.33 -21.13 -107.08
CA PHE A 91 -0.09 -20.49 -106.64
C PHE A 91 1.07 -20.83 -107.56
N ARG A 92 1.15 -22.09 -108.01
CA ARG A 92 2.18 -22.47 -108.96
C ARG A 92 2.01 -21.70 -110.28
N PHE A 93 0.76 -21.55 -110.73
CA PHE A 93 0.51 -20.80 -111.95
C PHE A 93 0.93 -19.33 -111.79
N LEU A 94 0.65 -18.75 -110.62
CA LEU A 94 1.08 -17.37 -110.36
C LEU A 94 2.59 -17.26 -110.33
N GLN A 95 3.26 -18.27 -109.76
CA GLN A 95 4.73 -18.28 -109.77
C GLN A 95 5.27 -18.34 -111.19
N LYS A 96 4.64 -19.16 -112.04
CA LYS A 96 5.03 -19.21 -113.45
C LYS A 96 4.84 -17.86 -114.10
N TYR A 97 3.73 -17.19 -113.81
CA TYR A 97 3.49 -15.83 -114.31
C TYR A 97 4.63 -14.90 -113.93
N ILE A 98 4.95 -14.85 -112.63
CA ILE A 98 5.97 -13.94 -112.13
C ILE A 98 7.32 -14.25 -112.78
N GLN A 99 7.65 -15.53 -112.89
CA GLN A 99 8.88 -15.91 -113.58
C GLN A 99 8.85 -15.44 -115.03
N LYS A 100 7.67 -15.47 -115.66
CA LYS A 100 7.56 -15.01 -117.04
C LYS A 100 7.94 -13.53 -117.16
N GLU A 101 7.36 -12.67 -116.33
CA GLU A 101 7.75 -11.26 -116.42
C GLU A 101 9.21 -11.04 -116.02
N THR A 102 9.71 -11.77 -115.03
CA THR A 102 11.12 -11.58 -114.64
C THR A 102 12.04 -11.94 -115.81
N GLU A 103 11.77 -13.07 -116.47
CA GLU A 103 12.59 -13.46 -117.61
C GLU A 103 12.44 -12.48 -118.77
N CYS A 104 11.22 -12.00 -119.02
CA CYS A 104 11.00 -11.09 -120.13
C CYS A 104 11.72 -9.76 -119.91
N LEU A 105 11.67 -9.24 -118.68
CA LEU A 105 12.27 -7.91 -118.39
C LEU A 105 13.72 -8.02 -117.92
N ARG A 106 14.32 -9.21 -117.96
CA ARG A 106 15.75 -9.34 -117.59
C ARG A 106 16.59 -8.53 -118.58
N ILE A 107 16.22 -8.57 -119.87
CA ILE A 107 16.95 -7.79 -120.92
C ILE A 107 17.20 -6.37 -120.39
N ALA A 114 18.16 4.35 -114.25
CA ALA A 114 17.42 5.50 -113.76
C ALA A 114 15.92 5.27 -113.88
N SER A 115 15.34 5.75 -114.99
CA SER A 115 13.92 5.57 -115.22
C SER A 115 13.56 4.09 -115.35
N THR A 116 14.40 3.33 -116.06
CA THR A 116 14.17 1.89 -116.19
C THR A 116 14.24 1.21 -114.84
N GLN A 117 15.22 1.59 -114.00
CA GLN A 117 15.32 1.03 -112.67
C GLN A 117 14.11 1.38 -111.81
N ALA A 118 13.63 2.62 -111.92
CA ALA A 118 12.45 3.02 -111.17
C ALA A 118 11.23 2.22 -111.60
N SER A 119 11.05 2.03 -112.91
CA SER A 119 9.93 1.22 -113.39
C SER A 119 10.06 -0.22 -112.92
N ARG A 120 11.28 -0.76 -112.94
CA ARG A 120 11.50 -2.13 -112.48
C ARG A 120 11.15 -2.28 -111.01
N GLN A 121 11.60 -1.34 -110.18
CA GLN A 121 11.32 -1.43 -108.75
C GLN A 121 9.83 -1.24 -108.47
N LYS A 122 9.16 -0.38 -109.23
CA LYS A 122 7.72 -0.23 -109.07
C LYS A 122 6.97 -1.50 -109.45
N LYS A 123 7.37 -2.15 -110.55
CA LYS A 123 6.72 -3.38 -110.95
C LYS A 123 6.97 -4.50 -109.94
N MET A 124 8.19 -4.56 -109.37
CA MET A 124 8.45 -5.52 -108.31
C MET A 124 7.61 -5.24 -107.08
N GLN A 125 7.41 -3.97 -106.73
CA GLN A 125 6.52 -3.63 -105.62
C GLN A 125 5.10 -4.09 -105.91
N GLU A 126 4.64 -3.89 -107.15
CA GLU A 126 3.30 -4.35 -107.53
C GLU A 126 3.20 -5.87 -107.44
N ILE A 127 4.24 -6.59 -107.87
CA ILE A 127 4.23 -8.05 -107.78
C ILE A 127 4.18 -8.51 -106.34
N SER A 128 4.95 -7.84 -105.47
CA SER A 128 4.92 -8.19 -104.05
C SER A 128 3.54 -7.92 -103.45
N SER A 129 2.91 -6.81 -103.85
CA SER A 129 1.57 -6.52 -103.37
C SER A 129 0.57 -7.57 -103.84
N LEU A 130 0.70 -8.02 -105.09
CA LEU A 130 -0.20 -9.05 -105.61
C LEU A 130 0.00 -10.37 -104.86
N VAL A 131 1.25 -10.73 -104.57
CA VAL A 131 1.53 -11.95 -103.83
C VAL A 131 0.95 -11.86 -102.42
N LYS A 132 1.12 -10.72 -101.78
CA LYS A 132 0.56 -10.53 -100.44
C LYS A 132 -0.96 -10.62 -100.45
N TYR A 133 -1.60 -10.02 -101.45
CA TYR A 133 -3.05 -10.11 -101.57
C TYR A 133 -3.51 -11.55 -101.79
N PHE A 134 -2.79 -12.29 -102.64
CA PHE A 134 -3.14 -13.68 -102.91
C PHE A 134 -3.04 -14.53 -101.65
N ILE A 135 -1.92 -14.40 -100.93
CA ILE A 135 -1.76 -15.21 -99.72
C ILE A 135 -2.74 -14.76 -98.64
N LYS A 136 -3.10 -13.47 -98.63
CA LYS A 136 -4.10 -13.01 -97.66
C LYS A 136 -5.46 -13.64 -97.94
N CYS A 137 -5.85 -13.71 -99.21
CA CYS A 137 -7.14 -14.33 -99.52
C CYS A 137 -7.10 -15.84 -99.28
N ALA A 138 -5.95 -16.47 -99.59
CA ALA A 138 -5.84 -17.92 -99.39
C ALA A 138 -5.70 -18.29 -97.91
N ASN A 139 -5.40 -17.32 -97.05
CA ASN A 139 -5.26 -17.56 -95.62
C ASN A 139 -6.25 -16.70 -94.82
N ARG A 140 -7.38 -16.36 -95.44
CA ARG A 140 -8.36 -15.52 -94.75
C ARG A 140 -9.00 -16.27 -93.59
N ARG A 141 -9.46 -17.51 -93.84
CA ARG A 141 -10.14 -18.29 -92.81
C ARG A 141 -9.17 -19.23 -92.11
N ALA A 142 -8.54 -20.11 -92.88
CA ALA A 142 -7.65 -21.15 -92.37
C ALA A 142 -6.43 -21.26 -93.28
N PRO A 143 -5.35 -21.85 -92.80
CA PRO A 143 -4.21 -22.13 -93.69
C PRO A 143 -4.58 -23.17 -94.74
N ARG A 144 -4.65 -22.73 -95.99
CA ARG A 144 -4.85 -23.62 -97.13
C ARG A 144 -3.66 -23.66 -98.07
N LEU A 145 -2.58 -22.93 -97.77
CA LEU A 145 -1.38 -22.93 -98.57
C LEU A 145 -0.30 -23.73 -97.85
N LYS A 146 0.30 -24.69 -98.56
CA LYS A 146 1.36 -25.49 -97.95
C LYS A 146 2.59 -24.63 -97.70
N CYS A 147 3.22 -24.85 -96.54
CA CYS A 147 4.31 -23.96 -96.12
C CYS A 147 5.57 -24.19 -96.94
N GLN A 148 5.77 -25.41 -97.46
CA GLN A 148 7.00 -25.70 -98.20
C GLN A 148 7.11 -24.86 -99.46
N GLU A 149 6.01 -24.73 -100.21
CA GLU A 149 6.05 -23.93 -101.44
C GLU A 149 6.37 -22.48 -101.14
N LEU A 150 5.71 -21.91 -100.13
CA LEU A 150 5.96 -20.51 -99.78
C LEU A 150 7.39 -20.31 -99.30
N LEU A 151 7.90 -21.23 -98.48
CA LEU A 151 9.26 -21.10 -97.98
C LEU A 151 10.27 -21.19 -99.12
N ASN A 152 10.05 -22.11 -100.05
CA ASN A 152 10.94 -22.22 -101.21
C ASN A 152 10.90 -20.96 -102.05
N TYR A 153 9.70 -20.40 -102.26
CA TYR A 153 9.59 -19.16 -103.03
C TYR A 153 10.34 -18.02 -102.34
N ILE A 154 10.18 -17.90 -101.03
CA ILE A 154 10.85 -16.83 -100.28
C ILE A 154 12.35 -16.99 -100.36
N MET A 155 12.85 -18.23 -100.17
CA MET A 155 14.28 -18.46 -100.25
C MET A 155 14.82 -18.16 -101.65
N ASP A 156 14.09 -18.56 -102.68
CA ASP A 156 14.54 -18.29 -104.04
C ASP A 156 14.63 -16.80 -104.32
N THR A 157 13.63 -16.03 -103.86
CA THR A 157 13.67 -14.60 -104.08
C THR A 157 14.79 -13.94 -103.28
N VAL A 158 14.96 -14.35 -102.02
CA VAL A 158 15.92 -13.69 -101.13
C VAL A 158 17.35 -14.00 -101.56
N LYS A 159 17.62 -15.24 -101.99
CA LYS A 159 18.98 -15.65 -102.28
C LYS A 159 19.61 -14.81 -103.38
N ASP A 160 18.87 -14.55 -104.45
CA ASP A 160 19.40 -13.77 -105.55
C ASP A 160 19.55 -12.31 -105.15
N SER A 161 20.76 -11.78 -105.27
CA SER A 161 21.01 -10.37 -104.96
C SER A 161 20.40 -9.42 -105.99
N SER A 162 20.00 -9.94 -107.15
CA SER A 162 19.39 -9.12 -108.19
C SER A 162 17.91 -8.90 -107.86
N ASN A 163 17.16 -8.40 -108.85
CA ASN A 163 15.71 -8.17 -108.75
C ASN A 163 15.36 -7.11 -107.71
N GLY A 164 16.33 -6.29 -107.31
CA GLY A 164 16.05 -5.19 -106.40
C GLY A 164 15.97 -5.61 -104.94
N ALA A 165 16.56 -4.81 -104.05
CA ALA A 165 16.47 -5.10 -102.63
C ALA A 165 15.08 -4.86 -102.07
N ILE A 166 14.26 -4.04 -102.73
CA ILE A 166 12.92 -3.77 -102.24
C ILE A 166 12.06 -5.03 -102.33
N TYR A 167 12.20 -5.79 -103.42
CA TYR A 167 11.44 -7.03 -103.56
C TYR A 167 11.84 -8.04 -102.49
N GLY A 168 13.14 -8.16 -102.22
CA GLY A 168 13.59 -9.03 -101.14
C GLY A 168 13.09 -8.58 -99.79
N ALA A 169 13.06 -7.27 -99.55
CA ALA A 169 12.54 -6.74 -98.29
C ALA A 169 11.06 -7.05 -98.15
N ASP A 170 10.30 -6.92 -99.23
CA ASP A 170 8.87 -7.23 -99.18
C ASP A 170 8.64 -8.71 -98.91
N CYS A 171 9.43 -9.58 -99.54
CA CYS A 171 9.31 -11.01 -99.25
C CYS A 171 9.70 -11.33 -97.82
N SER A 172 10.72 -10.66 -97.29
CA SER A 172 11.07 -10.84 -95.88
C SER A 172 9.93 -10.40 -94.98
N ASN A 173 9.27 -9.29 -95.32
CA ASN A 173 8.14 -8.83 -94.54
C ASN A 173 6.98 -9.82 -94.58
N ILE A 174 6.69 -10.38 -95.77
CA ILE A 174 5.60 -11.33 -95.87
C ILE A 174 5.93 -12.61 -95.11
N LEU A 175 7.21 -13.01 -95.11
CA LEU A 175 7.62 -14.16 -94.30
C LEU A 175 7.45 -13.88 -92.82
N LEU A 176 7.80 -12.67 -92.38
CA LEU A 176 7.76 -12.36 -90.96
C LEU A 176 6.34 -12.16 -90.45
N LYS A 177 5.43 -11.71 -91.32
CA LYS A 177 4.09 -11.33 -90.88
C LYS A 177 2.99 -12.26 -91.39
N ASP A 178 3.31 -13.27 -92.20
CA ASP A 178 2.28 -14.15 -92.72
C ASP A 178 2.67 -15.62 -92.69
N ILE A 179 3.88 -15.97 -92.25
CA ILE A 179 4.30 -17.37 -92.15
C ILE A 179 4.66 -17.66 -90.70
N LEU A 180 5.64 -16.94 -90.17
CA LEU A 180 6.06 -17.14 -88.79
C LEU A 180 4.97 -16.76 -87.79
N SER A 181 3.98 -15.98 -88.21
CA SER A 181 2.91 -15.58 -87.31
C SER A 181 1.82 -16.64 -87.18
N VAL A 182 1.67 -17.52 -88.16
CA VAL A 182 0.66 -18.57 -88.12
C VAL A 182 1.20 -19.73 -87.30
N ARG A 183 0.42 -20.17 -86.31
CA ARG A 183 0.88 -21.22 -85.41
C ARG A 183 1.07 -22.55 -86.14
N LYS A 184 0.17 -22.88 -87.06
CA LYS A 184 0.31 -24.12 -87.81
C LYS A 184 1.59 -24.12 -88.64
N TYR A 185 1.86 -23.03 -89.35
CA TYR A 185 3.13 -22.90 -90.07
C TYR A 185 4.30 -22.87 -89.10
N TRP A 186 4.11 -22.27 -87.93
CA TRP A 186 5.17 -22.21 -86.92
C TRP A 186 5.56 -23.60 -86.45
N CYS A 187 4.60 -24.50 -86.37
CA CYS A 187 4.86 -25.84 -85.83
C CYS A 187 5.21 -26.87 -86.90
N GLU A 188 4.77 -26.67 -88.15
CA GLU A 188 4.97 -27.70 -89.16
C GLU A 188 6.23 -27.49 -90.01
N ILE A 189 7.04 -26.49 -89.70
CA ILE A 189 8.28 -26.27 -90.45
C ILE A 189 9.33 -27.25 -89.96
N SER A 190 9.96 -27.96 -90.89
CA SER A 190 10.97 -28.95 -90.55
C SER A 190 12.26 -28.27 -90.07
N GLN A 191 13.05 -29.04 -89.32
CA GLN A 191 14.30 -28.51 -88.77
C GLN A 191 15.27 -28.12 -89.88
N GLN A 192 15.30 -28.89 -90.97
CA GLN A 192 16.17 -28.55 -92.09
C GLN A 192 15.80 -27.20 -92.68
N GLN A 193 14.51 -26.92 -92.82
CA GLN A 193 14.08 -25.62 -93.31
C GLN A 193 14.44 -24.51 -92.34
N TRP A 194 14.33 -24.78 -91.02
CA TRP A 194 14.75 -23.80 -90.03
C TRP A 194 16.23 -23.46 -90.20
N LEU A 195 17.07 -24.49 -90.35
CA LEU A 195 18.50 -24.26 -90.50
C LEU A 195 18.81 -23.51 -91.79
N GLU A 196 18.12 -23.85 -92.88
CA GLU A 196 18.35 -23.16 -94.14
C GLU A 196 17.95 -21.70 -94.05
N LEU A 197 16.80 -21.41 -93.43
CA LEU A 197 16.38 -20.03 -93.22
C LEU A 197 17.41 -19.26 -92.39
N PHE A 198 17.86 -19.87 -91.29
CA PHE A 198 18.85 -19.21 -90.44
C PHE A 198 20.13 -18.92 -91.21
N SER A 199 20.63 -19.90 -91.96
CA SER A 199 21.87 -19.70 -92.71
C SER A 199 21.72 -18.61 -93.75
N VAL A 200 20.64 -18.66 -94.55
CA VAL A 200 20.47 -17.68 -95.62
C VAL A 200 20.35 -16.28 -95.05
N TYR A 201 19.52 -16.11 -94.01
CA TYR A 201 19.28 -14.76 -93.51
C TYR A 201 20.48 -14.23 -92.73
N PHE A 202 21.23 -15.09 -92.03
CA PHE A 202 22.41 -14.60 -91.34
C PHE A 202 23.51 -14.24 -92.33
N ARG A 203 23.64 -15.02 -93.42
CA ARG A 203 24.59 -14.65 -94.46
C ARG A 203 24.22 -13.33 -95.12
N LEU A 204 22.93 -13.09 -95.33
CA LEU A 204 22.50 -11.80 -95.84
C LEU A 204 22.80 -10.69 -94.84
N TYR A 205 22.62 -10.95 -93.55
CA TYR A 205 22.90 -9.95 -92.52
C TYR A 205 24.38 -9.58 -92.50
N LEU A 206 25.26 -10.57 -92.64
CA LEU A 206 26.69 -10.28 -92.61
C LEU A 206 27.10 -9.37 -93.76
N LYS A 207 26.53 -9.57 -94.94
CA LYS A 207 26.79 -8.70 -96.07
C LYS A 207 26.23 -7.30 -95.77
N PRO A 208 27.02 -6.24 -95.91
CA PRO A 208 26.51 -4.90 -95.60
C PRO A 208 25.35 -4.51 -96.50
N SER A 209 24.40 -3.79 -95.92
CA SER A 209 23.19 -3.35 -96.62
C SER A 209 22.62 -2.15 -95.88
N GLN A 210 21.39 -1.78 -96.22
CA GLN A 210 20.75 -0.63 -95.62
C GLN A 210 20.36 -0.92 -94.16
N ASP A 211 20.07 0.17 -93.43
CA ASP A 211 19.80 0.04 -92.01
C ASP A 211 18.45 -0.61 -91.74
N VAL A 212 17.41 -0.18 -92.45
CA VAL A 212 16.07 -0.73 -92.23
C VAL A 212 16.04 -2.21 -92.60
N HIS A 213 16.64 -2.57 -93.74
CA HIS A 213 16.70 -3.96 -94.12
C HIS A 213 17.55 -4.76 -93.12
N ARG A 214 18.61 -4.16 -92.60
CA ARG A 214 19.43 -4.85 -91.61
C ARG A 214 18.65 -5.15 -90.34
N VAL A 215 17.87 -4.18 -89.86
CA VAL A 215 17.11 -4.43 -88.63
C VAL A 215 15.97 -5.41 -88.89
N LEU A 216 15.38 -5.38 -90.09
CA LEU A 216 14.37 -6.38 -90.43
C LEU A 216 14.97 -7.78 -90.46
N VAL A 217 16.17 -7.93 -91.04
CA VAL A 217 16.84 -9.21 -91.08
C VAL A 217 17.21 -9.66 -89.67
N ALA A 218 17.61 -8.72 -88.80
CA ALA A 218 17.89 -9.07 -87.42
C ALA A 218 16.64 -9.58 -86.71
N ARG A 219 15.50 -8.94 -86.94
CA ARG A 219 14.25 -9.41 -86.35
C ARG A 219 13.90 -10.80 -86.85
N ILE A 220 14.08 -11.05 -88.15
CA ILE A 220 13.78 -12.36 -88.71
C ILE A 220 14.72 -13.41 -88.12
N ILE A 221 15.99 -13.05 -87.93
CA ILE A 221 16.95 -13.97 -87.33
C ILE A 221 16.56 -14.30 -85.91
N HIS A 222 16.14 -13.30 -85.14
CA HIS A 222 15.68 -13.55 -83.77
C HIS A 222 14.49 -14.49 -83.76
N ALA A 223 13.51 -14.25 -84.63
CA ALA A 223 12.34 -15.11 -84.68
C ALA A 223 12.71 -16.53 -85.08
N VAL A 224 13.63 -16.68 -86.04
CA VAL A 224 14.02 -18.00 -86.51
C VAL A 224 14.79 -18.75 -85.43
N THR A 225 15.66 -18.06 -84.69
CA THR A 225 16.35 -18.71 -83.59
C THR A 225 15.36 -19.17 -82.52
N LYS A 226 14.38 -18.32 -82.19
CA LYS A 226 13.38 -18.72 -81.21
C LYS A 226 12.61 -19.95 -81.69
N GLY A 227 12.20 -19.94 -82.97
CA GLY A 227 11.45 -21.08 -83.49
C GLY A 227 12.25 -22.35 -83.52
N CYS A 228 13.51 -22.28 -83.95
CA CYS A 228 14.34 -23.48 -84.01
C CYS A 228 14.65 -24.01 -82.62
N CYS A 229 14.85 -23.12 -81.65
CA CYS A 229 15.17 -23.57 -80.30
C CYS A 229 13.94 -23.98 -79.50
N SER A 230 12.74 -23.63 -79.96
CA SER A 230 11.54 -23.99 -79.22
C SER A 230 10.75 -25.15 -79.84
N GLN A 231 10.75 -25.27 -81.16
CA GLN A 231 9.91 -26.27 -81.83
C GLN A 231 10.68 -27.51 -82.28
N THR A 232 11.98 -27.37 -82.56
CA THR A 232 12.77 -28.52 -83.00
C THR A 232 14.03 -28.64 -82.15
N ASP A 233 14.93 -29.53 -82.56
CA ASP A 233 16.23 -29.59 -81.92
C ASP A 233 16.99 -28.29 -82.13
N GLY A 234 17.77 -27.91 -81.14
CA GLY A 234 18.46 -26.63 -81.19
C GLY A 234 19.50 -26.57 -82.30
N LEU A 235 20.01 -25.36 -82.52
CA LEU A 235 21.03 -25.15 -83.52
C LEU A 235 22.31 -25.88 -83.15
N ASN A 236 23.12 -26.18 -84.17
CA ASN A 236 24.44 -26.75 -83.92
C ASN A 236 25.35 -25.72 -83.25
N SER A 237 26.26 -26.21 -82.42
CA SER A 237 27.17 -25.32 -81.72
C SER A 237 28.07 -24.56 -82.70
N LYS A 238 28.31 -25.12 -83.88
CA LYS A 238 29.12 -24.43 -84.87
C LYS A 238 28.46 -23.13 -85.33
N PHE A 239 27.13 -23.07 -85.32
CA PHE A 239 26.44 -21.84 -85.66
C PHE A 239 26.84 -20.71 -84.72
N LEU A 240 27.32 -21.06 -83.52
CA LEU A 240 27.83 -20.05 -82.59
C LEU A 240 28.86 -19.15 -83.26
N ASP A 241 29.69 -19.73 -84.12
CA ASP A 241 30.70 -18.93 -84.83
C ASP A 241 30.05 -17.73 -85.50
N PHE A 242 28.96 -17.95 -86.22
CA PHE A 242 28.21 -16.85 -86.83
C PHE A 242 28.06 -15.70 -85.86
N PHE A 243 27.48 -15.97 -84.69
CA PHE A 243 27.20 -14.89 -83.73
C PHE A 243 28.47 -14.15 -83.39
N SER A 244 29.56 -14.88 -83.12
CA SER A 244 30.81 -14.23 -82.76
C SER A 244 31.23 -13.23 -83.84
N LYS A 245 31.14 -13.66 -85.10
CA LYS A 245 31.50 -12.77 -86.20
C LYS A 245 30.71 -11.47 -86.13
N ALA A 246 29.40 -11.58 -85.91
CA ALA A 246 28.57 -10.38 -85.82
C ALA A 246 29.07 -9.48 -84.71
N ILE A 247 29.38 -10.06 -83.54
CA ILE A 247 29.85 -9.26 -82.42
C ILE A 247 31.13 -8.52 -82.80
N GLN A 248 32.01 -9.20 -83.55
CA GLN A 248 33.24 -8.55 -83.98
C GLN A 248 32.94 -7.35 -84.85
N CYS A 249 31.96 -7.47 -85.76
CA CYS A 249 31.56 -6.33 -86.56
C CYS A 249 31.10 -5.17 -85.69
N ALA A 250 30.44 -5.48 -84.57
CA ALA A 250 30.00 -4.42 -83.66
C ALA A 250 31.17 -3.60 -83.16
N ARG A 251 32.34 -4.23 -82.98
CA ARG A 251 33.51 -3.46 -82.57
C ARG A 251 33.98 -2.54 -83.69
N GLN A 252 33.92 -3.01 -84.94
CA GLN A 252 34.52 -2.25 -86.03
C GLN A 252 33.65 -1.07 -86.46
N GLU A 253 32.35 -1.29 -86.65
CA GLU A 253 31.45 -0.25 -87.12
C GLU A 253 30.75 0.38 -85.93
N LYS A 254 30.73 1.71 -85.89
CA LYS A 254 30.28 2.42 -84.69
C LYS A 254 28.81 2.15 -84.39
N SER A 255 27.97 2.15 -85.42
CA SER A 255 26.53 2.01 -85.19
C SER A 255 26.18 0.59 -84.74
N SER A 256 25.02 0.48 -84.10
CA SER A 256 24.50 -0.79 -83.62
C SER A 256 23.14 -1.02 -84.29
N SER A 257 23.17 -1.60 -85.48
CA SER A 257 21.96 -1.85 -86.26
C SER A 257 21.48 -3.26 -85.95
N GLY A 258 20.40 -3.37 -85.19
CA GLY A 258 19.85 -4.66 -84.86
C GLY A 258 20.64 -5.47 -83.86
N LEU A 259 21.60 -4.85 -83.17
CA LEU A 259 22.38 -5.58 -82.18
C LEU A 259 21.52 -6.10 -81.05
N ASN A 260 20.45 -5.39 -80.69
CA ASN A 260 19.57 -5.85 -79.62
C ASN A 260 18.91 -7.18 -79.98
N HIS A 261 18.44 -7.31 -81.22
CA HIS A 261 17.81 -8.56 -81.65
C HIS A 261 18.84 -9.68 -81.75
N ILE A 262 20.04 -9.37 -82.26
CA ILE A 262 21.07 -10.39 -82.36
C ILE A 262 21.47 -10.89 -80.99
N LEU A 263 21.61 -9.99 -80.01
CA LEU A 263 21.98 -10.41 -78.67
C LEU A 263 20.84 -11.12 -77.96
N ALA A 264 19.58 -10.79 -78.25
CA ALA A 264 18.48 -11.56 -77.71
C ALA A 264 18.49 -12.98 -78.26
N ALA A 265 18.73 -13.12 -79.57
CA ALA A 265 18.85 -14.45 -80.16
C ALA A 265 20.03 -15.20 -79.55
N LEU A 266 21.12 -14.49 -79.28
CA LEU A 266 22.28 -15.12 -78.64
C LEU A 266 21.94 -15.61 -77.24
N THR A 267 21.16 -14.82 -76.48
CA THR A 267 20.74 -15.26 -75.16
C THR A 267 19.88 -16.51 -75.25
N ILE A 268 18.94 -16.54 -76.20
CA ILE A 268 18.11 -17.73 -76.39
C ILE A 268 18.98 -18.94 -76.71
N PHE A 269 19.92 -18.77 -77.65
CA PHE A 269 20.78 -19.86 -78.08
C PHE A 269 21.62 -20.37 -76.93
N LEU A 270 22.21 -19.47 -76.14
CA LEU A 270 23.03 -19.89 -75.01
C LEU A 270 22.20 -20.57 -73.95
N LYS A 271 20.98 -20.08 -73.70
CA LYS A 271 20.12 -20.71 -72.70
C LYS A 271 19.76 -22.13 -73.11
N THR A 272 19.46 -22.35 -74.39
CA THR A 272 19.13 -23.70 -74.82
C THR A 272 20.36 -24.58 -75.06
N LEU A 273 21.55 -24.00 -75.17
CA LEU A 273 22.75 -24.76 -75.50
C LEU A 273 23.65 -25.06 -74.29
N ALA A 274 23.55 -24.27 -73.22
CA ALA A 274 24.44 -24.45 -72.08
C ALA A 274 24.10 -25.68 -71.25
N VAL A 275 22.94 -26.29 -71.46
CA VAL A 275 22.53 -27.43 -70.65
C VAL A 275 23.50 -28.59 -70.82
N ASN A 276 23.89 -28.87 -72.07
CA ASN A 276 24.79 -29.98 -72.36
C ASN A 276 26.01 -29.55 -73.16
N PHE A 277 26.33 -28.26 -73.17
CA PHE A 277 27.55 -27.74 -73.78
C PHE A 277 28.15 -26.66 -72.89
N ARG A 278 28.23 -26.93 -71.59
CA ARG A 278 28.58 -25.90 -70.62
C ARG A 278 29.97 -25.34 -70.87
N ILE A 279 30.96 -26.20 -71.13
CA ILE A 279 32.33 -25.73 -71.32
C ILE A 279 32.43 -24.91 -72.60
N ARG A 280 31.74 -25.33 -73.66
CA ARG A 280 31.76 -24.57 -74.90
C ARG A 280 31.15 -23.18 -74.71
N VAL A 281 30.04 -23.10 -73.97
CA VAL A 281 29.42 -21.82 -73.70
C VAL A 281 30.34 -20.95 -72.85
N CYS A 282 31.02 -21.56 -71.87
CA CYS A 282 31.97 -20.80 -71.07
C CYS A 282 33.10 -20.24 -71.91
N GLU A 283 33.63 -21.04 -72.83
CA GLU A 283 34.71 -20.57 -73.70
C GLU A 283 34.23 -19.43 -74.61
N LEU A 284 33.04 -19.57 -75.20
CA LEU A 284 32.54 -18.52 -76.06
C LEU A 284 32.28 -17.23 -75.28
N GLY A 285 31.71 -17.36 -74.08
CA GLY A 285 31.58 -16.18 -73.23
C GLY A 285 32.91 -15.54 -72.93
N ASP A 286 33.91 -16.36 -72.62
CA ASP A 286 35.25 -15.84 -72.35
C ASP A 286 35.79 -15.06 -73.54
N GLU A 287 35.50 -15.52 -74.75
CA GLU A 287 36.09 -14.87 -75.92
C GLU A 287 35.18 -13.82 -76.56
N ILE A 288 33.96 -13.61 -76.06
CA ILE A 288 33.11 -12.54 -76.56
C ILE A 288 32.87 -11.43 -75.55
N LEU A 289 32.95 -11.70 -74.24
CA LEU A 289 32.60 -10.67 -73.26
C LEU A 289 33.48 -9.43 -73.30
N PRO A 290 34.80 -9.50 -73.47
CA PRO A 290 35.58 -8.25 -73.57
C PRO A 290 35.12 -7.34 -74.69
N THR A 291 34.67 -7.90 -75.81
CA THR A 291 34.12 -7.06 -76.89
C THR A 291 32.86 -6.34 -76.42
N LEU A 292 32.00 -7.04 -75.67
CA LEU A 292 30.79 -6.40 -75.15
C LEU A 292 31.15 -5.29 -74.17
N LEU A 293 32.14 -5.52 -73.31
CA LEU A 293 32.58 -4.48 -72.39
C LEU A 293 33.12 -3.27 -73.15
N TYR A 294 33.90 -3.53 -74.21
CA TYR A 294 34.45 -2.43 -75.01
C TYR A 294 33.34 -1.63 -75.69
N ILE A 295 32.35 -2.32 -76.26
CA ILE A 295 31.28 -1.59 -76.93
C ILE A 295 30.42 -0.84 -75.92
N TRP A 296 30.29 -1.37 -74.70
CA TRP A 296 29.61 -0.63 -73.64
C TRP A 296 30.36 0.65 -73.29
N THR A 297 31.68 0.55 -73.10
CA THR A 297 32.45 1.68 -72.60
C THR A 297 32.70 2.72 -73.69
N GLN A 298 33.37 2.31 -74.77
CA GLN A 298 33.81 3.27 -75.78
C GLN A 298 32.62 3.97 -76.44
N HIS A 299 31.58 3.23 -76.77
CA HIS A 299 30.42 3.78 -77.46
C HIS A 299 29.26 3.97 -76.49
N ARG A 300 28.47 5.01 -76.75
CA ARG A 300 27.25 5.27 -76.00
C ARG A 300 26.08 4.62 -76.71
N LEU A 301 25.35 3.77 -75.99
CA LEU A 301 24.32 2.94 -76.61
C LEU A 301 22.96 3.25 -75.99
N ASN A 302 21.96 2.46 -76.39
CA ASN A 302 20.58 2.67 -75.99
C ASN A 302 20.27 1.91 -74.70
N ASP A 303 19.03 2.03 -74.24
CA ASP A 303 18.60 1.30 -73.05
C ASP A 303 18.37 -0.18 -73.34
N SER A 304 17.77 -0.50 -74.49
CA SER A 304 17.48 -1.89 -74.82
C SER A 304 18.77 -2.71 -74.96
N LEU A 305 19.77 -2.14 -75.64
CA LEU A 305 21.03 -2.85 -75.78
C LEU A 305 21.71 -3.03 -74.43
N LYS A 306 21.64 -2.02 -73.55
CA LYS A 306 22.18 -2.18 -72.21
C LYS A 306 21.47 -3.31 -71.47
N GLU A 307 20.15 -3.38 -71.60
CA GLU A 307 19.39 -4.44 -70.92
C GLU A 307 19.79 -5.82 -71.43
N VAL A 308 19.91 -5.97 -72.75
CA VAL A 308 20.27 -7.29 -73.28
C VAL A 308 21.70 -7.65 -72.93
N ILE A 309 22.60 -6.66 -72.89
CA ILE A 309 23.98 -6.94 -72.50
C ILE A 309 24.05 -7.35 -71.04
N ILE A 310 23.26 -6.70 -70.18
CA ILE A 310 23.19 -7.09 -68.78
C ILE A 310 22.61 -8.49 -68.63
N GLU A 311 21.64 -8.82 -69.47
CA GLU A 311 21.09 -10.18 -69.46
C GLU A 311 22.15 -11.21 -69.85
N LEU A 312 22.95 -10.90 -70.86
CA LEU A 312 24.04 -11.79 -71.26
C LEU A 312 25.05 -11.95 -70.13
N PHE A 313 25.40 -10.84 -69.47
CA PHE A 313 26.36 -10.91 -68.36
C PHE A 313 25.81 -11.76 -67.22
N GLN A 314 24.52 -11.59 -66.91
CA GLN A 314 23.91 -12.39 -65.85
C GLN A 314 23.87 -13.86 -66.23
N LEU A 315 23.58 -14.17 -67.49
CA LEU A 315 23.59 -15.55 -67.94
C LEU A 315 24.98 -16.17 -67.80
N GLN A 316 26.01 -15.41 -68.19
CA GLN A 316 27.38 -15.92 -68.06
C GLN A 316 27.76 -16.11 -66.59
N ILE A 317 27.31 -15.20 -65.73
CA ILE A 317 27.56 -15.36 -64.29
C ILE A 317 26.90 -16.62 -63.77
N TYR A 318 25.65 -16.86 -64.18
CA TYR A 318 24.94 -18.07 -63.76
C TYR A 318 25.67 -19.32 -64.24
N ILE A 319 26.15 -19.31 -65.48
CA ILE A 319 26.80 -20.49 -66.04
C ILE A 319 28.14 -20.74 -65.33
N HIS A 320 28.93 -19.69 -65.10
CA HIS A 320 30.24 -19.88 -64.49
C HIS A 320 30.13 -20.19 -63.00
N HIS A 321 29.20 -19.53 -62.30
CA HIS A 321 29.04 -19.69 -60.86
C HIS A 321 27.58 -20.02 -60.57
N PRO A 322 27.19 -21.28 -60.78
CA PRO A 322 25.78 -21.67 -60.55
C PRO A 322 25.39 -21.53 -59.09
N LYS A 323 24.41 -20.69 -58.82
CA LYS A 323 23.91 -20.43 -57.47
C LYS A 323 25.03 -19.98 -56.54
N GLY A 324 25.88 -19.07 -57.02
CA GLY A 324 26.92 -18.48 -56.21
C GLY A 324 28.00 -19.41 -55.74
N ALA A 325 28.49 -20.29 -56.61
CA ALA A 325 29.63 -21.14 -56.31
C ALA A 325 30.91 -20.41 -56.70
N LYS A 326 31.74 -20.10 -55.71
CA LYS A 326 32.89 -19.23 -55.92
C LYS A 326 34.21 -19.99 -56.01
N THR A 327 34.18 -21.31 -56.08
CA THR A 327 35.41 -22.08 -56.23
C THR A 327 35.11 -23.35 -57.02
N GLN A 328 36.16 -23.92 -57.61
CA GLN A 328 35.99 -25.08 -58.47
C GLN A 328 35.48 -26.28 -57.68
N GLU A 329 35.96 -26.47 -56.46
CA GLU A 329 35.52 -27.58 -55.63
C GLU A 329 34.03 -27.52 -55.29
N LYS A 330 33.44 -26.32 -55.31
CA LYS A 330 32.03 -26.16 -55.00
C LYS A 330 31.17 -25.97 -56.25
N GLY A 331 31.71 -26.25 -57.43
CA GLY A 331 30.93 -26.35 -58.64
C GLY A 331 31.03 -25.19 -59.61
N ALA A 332 32.19 -24.55 -59.71
CA ALA A 332 32.39 -23.41 -60.58
C ALA A 332 33.47 -23.69 -61.61
N TYR A 333 33.27 -23.19 -62.83
CA TYR A 333 34.29 -23.23 -63.87
C TYR A 333 35.08 -21.93 -63.82
N GLU A 334 36.39 -22.05 -63.59
CA GLU A 334 37.19 -20.84 -63.38
C GLU A 334 38.41 -20.82 -64.29
N SER A 335 38.79 -19.63 -64.74
CA SER A 335 39.97 -19.41 -65.57
C SER A 335 40.48 -18.00 -65.30
N THR A 336 41.75 -17.77 -65.66
CA THR A 336 42.35 -16.47 -65.43
C THR A 336 41.65 -15.40 -66.27
N LYS A 337 41.31 -15.72 -67.51
CA LYS A 337 40.61 -14.76 -68.36
C LYS A 337 39.25 -14.39 -67.76
N TRP A 338 38.55 -15.37 -67.20
CA TRP A 338 37.26 -15.09 -66.58
C TRP A 338 37.44 -14.19 -65.36
N ARG A 339 38.49 -14.40 -64.58
CA ARG A 339 38.75 -13.53 -63.43
C ARG A 339 39.03 -12.09 -63.87
N SER A 340 39.84 -11.93 -64.91
CA SER A 340 40.11 -10.59 -65.44
C SER A 340 38.83 -9.95 -65.96
N ILE A 341 37.98 -10.72 -66.65
CA ILE A 341 36.71 -10.20 -67.13
C ILE A 341 35.83 -9.77 -65.95
N LEU A 342 35.83 -10.56 -64.87
CA LEU A 342 35.04 -10.22 -63.70
C LEU A 342 35.49 -8.89 -63.10
N TYR A 343 36.80 -8.71 -62.96
CA TYR A 343 37.32 -7.46 -62.40
C TYR A 343 36.99 -6.27 -63.29
N ASN A 344 37.21 -6.42 -64.61
CA ASN A 344 36.93 -5.33 -65.54
C ASN A 344 35.45 -4.98 -65.52
N LEU A 345 34.58 -5.99 -65.45
CA LEU A 345 33.16 -5.73 -65.49
C LEU A 345 32.67 -5.12 -64.18
N TYR A 346 33.31 -5.48 -63.06
CA TYR A 346 33.02 -4.81 -61.80
C TYR A 346 33.36 -3.33 -61.88
N ASP A 347 34.51 -3.00 -62.46
CA ASP A 347 34.86 -1.60 -62.67
C ASP A 347 33.84 -0.90 -63.55
N LEU A 348 33.44 -1.55 -64.64
CA LEU A 348 32.46 -0.96 -65.55
C LEU A 348 31.12 -0.72 -64.84
N LEU A 349 30.69 -1.68 -64.02
CA LEU A 349 29.42 -1.51 -63.32
C LEU A 349 29.49 -0.40 -62.28
N VAL A 350 30.63 -0.26 -61.60
CA VAL A 350 30.79 0.86 -60.68
C VAL A 350 30.70 2.18 -61.42
N ASN A 351 31.38 2.28 -62.58
CA ASN A 351 31.31 3.51 -63.36
C ASN A 351 29.89 3.79 -63.85
N GLU A 352 29.17 2.74 -64.25
CA GLU A 352 27.79 2.91 -64.70
C GLU A 352 26.90 3.39 -63.56
N ILE A 353 27.10 2.83 -62.36
CA ILE A 353 26.33 3.26 -61.19
C ILE A 353 26.61 4.72 -60.88
N SER A 354 27.87 5.16 -61.06
CA SER A 354 28.21 6.55 -60.81
C SER A 354 27.48 7.52 -61.74
N HIS A 355 26.93 7.04 -62.85
CA HIS A 355 26.28 7.91 -63.83
C HIS A 355 24.86 8.25 -63.35
N ILE A 356 24.11 8.95 -64.20
CA ILE A 356 22.77 9.41 -63.85
C ILE A 356 21.68 8.65 -64.61
N GLY A 357 21.93 8.25 -65.86
CA GLY A 357 20.91 7.59 -66.64
C GLY A 357 20.54 6.21 -66.15
N SER A 358 21.37 5.60 -65.31
CA SER A 358 21.13 4.26 -64.78
C SER A 358 20.35 4.35 -63.46
N ARG A 359 19.18 4.99 -63.52
CA ARG A 359 18.30 5.15 -62.38
C ARG A 359 16.87 4.81 -62.80
N GLY A 360 15.96 4.87 -61.83
CA GLY A 360 14.56 4.65 -62.14
C GLY A 360 13.96 5.78 -62.96
N LYS A 361 12.88 5.45 -63.66
CA LYS A 361 12.21 6.43 -64.49
C LYS A 361 11.62 7.56 -63.65
N TYR A 362 11.74 8.79 -64.15
CA TYR A 362 11.23 9.97 -63.45
C TYR A 362 9.74 10.12 -63.76
N SER A 363 8.95 9.22 -63.18
CA SER A 363 7.50 9.25 -63.34
C SER A 363 6.95 10.48 -62.63
N SER A 364 6.52 11.47 -63.42
CA SER A 364 6.08 12.76 -62.88
C SER A 364 7.15 13.39 -61.99
N GLY A 365 8.40 13.28 -62.43
CA GLY A 365 9.52 13.76 -61.65
C GLY A 365 9.80 12.89 -60.44
N PHE A 366 9.62 13.44 -59.25
CA PHE A 366 9.77 12.78 -57.96
C PHE A 366 11.20 12.36 -57.64
N ARG A 367 12.15 12.60 -58.55
CA ARG A 367 13.57 12.30 -58.33
C ARG A 367 13.78 10.83 -57.94
N ASN A 368 13.48 9.97 -58.91
CA ASN A 368 13.72 8.55 -58.74
C ASN A 368 15.21 8.30 -58.49
N ILE A 369 15.53 7.85 -57.27
CA ILE A 369 16.90 7.80 -56.82
C ILE A 369 17.48 6.38 -56.84
N ALA A 370 16.66 5.35 -56.96
CA ALA A 370 17.12 3.98 -56.89
C ALA A 370 17.54 3.46 -58.26
N VAL A 371 18.57 2.63 -58.28
CA VAL A 371 19.03 1.98 -59.51
C VAL A 371 18.09 0.84 -59.85
N LYS A 372 18.09 0.44 -61.12
CA LYS A 372 17.23 -0.64 -61.56
C LYS A 372 17.65 -1.96 -60.91
N GLU A 373 16.69 -2.89 -60.84
CA GLU A 373 16.90 -4.12 -60.08
C GLU A 373 17.93 -5.02 -60.75
N ASN A 374 17.94 -5.08 -62.09
CA ASN A 374 18.87 -5.97 -62.78
C ASN A 374 20.32 -5.56 -62.54
N LEU A 375 20.61 -4.27 -62.59
CA LEU A 375 21.96 -3.79 -62.33
C LEU A 375 22.39 -4.13 -60.91
N ILE A 376 21.49 -3.94 -59.94
CA ILE A 376 21.81 -4.23 -58.55
C ILE A 376 22.07 -5.72 -58.36
N GLU A 377 21.25 -6.57 -58.96
CA GLU A 377 21.44 -8.01 -58.83
C GLU A 377 22.77 -8.45 -59.43
N LEU A 378 23.07 -7.96 -60.64
CA LEU A 378 24.35 -8.30 -61.27
C LEU A 378 25.52 -7.81 -60.43
N MET A 379 25.42 -6.57 -59.92
CA MET A 379 26.49 -6.02 -59.10
C MET A 379 26.71 -6.83 -57.84
N ALA A 380 25.62 -7.27 -57.19
CA ALA A 380 25.75 -8.06 -55.98
C ALA A 380 26.37 -9.43 -56.28
N ASP A 381 25.96 -10.06 -57.38
CA ASP A 381 26.54 -11.35 -57.73
C ASP A 381 28.04 -11.22 -57.99
N ILE A 382 28.44 -10.19 -58.72
CA ILE A 382 29.86 -10.00 -59.01
C ILE A 382 30.63 -9.66 -57.74
N CYS A 383 30.04 -8.84 -56.86
CA CYS A 383 30.70 -8.53 -55.59
C CYS A 383 30.90 -9.78 -54.75
N HIS A 384 29.91 -10.68 -54.75
CA HIS A 384 30.07 -11.95 -54.05
C HIS A 384 31.20 -12.77 -54.67
N GLN A 385 31.27 -12.80 -56.01
CA GLN A 385 32.30 -13.59 -56.69
C GLN A 385 33.69 -12.98 -56.60
N VAL A 386 33.80 -11.70 -56.24
CA VAL A 386 35.08 -11.00 -56.22
C VAL A 386 35.63 -10.86 -54.81
N PHE A 387 34.78 -10.52 -53.85
CA PHE A 387 35.20 -10.30 -52.46
C PHE A 387 35.94 -11.51 -51.89
N ILE A 419 42.91 -7.99 -53.51
CA ILE A 419 42.96 -8.39 -52.10
C ILE A 419 42.42 -7.25 -51.23
N GLU A 420 42.36 -6.05 -51.81
CA GLU A 420 41.88 -4.88 -51.11
C GLU A 420 40.46 -4.50 -51.51
N LEU A 421 39.75 -5.38 -52.20
CA LEU A 421 38.42 -5.09 -52.75
C LEU A 421 37.32 -5.74 -51.94
N GLY A 422 37.43 -5.76 -50.62
CA GLY A 422 36.43 -6.35 -49.75
C GLY A 422 35.34 -5.39 -49.35
N TRP A 423 34.80 -5.60 -48.16
CA TRP A 423 33.73 -4.75 -47.64
C TRP A 423 34.20 -3.34 -47.29
N GLU A 424 35.51 -3.11 -47.23
CA GLU A 424 36.02 -1.78 -46.95
C GLU A 424 35.59 -0.79 -48.02
N VAL A 425 35.52 -1.22 -49.27
CA VAL A 425 35.06 -0.34 -50.34
C VAL A 425 33.61 0.09 -50.10
N ILE A 426 32.76 -0.86 -49.74
CA ILE A 426 31.35 -0.53 -49.49
C ILE A 426 31.22 0.40 -48.30
N LYS A 427 31.98 0.13 -47.23
CA LYS A 427 31.91 1.00 -46.05
C LYS A 427 32.41 2.41 -46.37
N ASP A 428 33.49 2.52 -47.15
CA ASP A 428 34.00 3.82 -47.53
C ASP A 428 32.99 4.58 -48.39
N HIS A 429 32.34 3.88 -49.33
CA HIS A 429 31.34 4.54 -50.15
C HIS A 429 30.14 5.00 -49.32
N LEU A 430 29.74 4.19 -48.34
CA LEU A 430 28.66 4.60 -47.44
C LEU A 430 29.05 5.83 -46.63
N GLN A 431 30.29 5.87 -46.14
CA GLN A 431 30.71 6.96 -45.27
C GLN A 431 30.90 8.27 -46.05
N LYS A 432 31.56 8.20 -47.20
CA LYS A 432 32.05 9.38 -47.90
C LYS A 432 31.13 9.83 -49.04
N SER A 433 29.90 9.34 -49.08
CA SER A 433 28.94 9.78 -50.07
C SER A 433 28.18 10.99 -49.52
N GLN A 434 28.27 12.12 -50.21
CA GLN A 434 27.67 13.35 -49.72
C GLN A 434 26.16 13.37 -49.99
N ASN A 435 25.77 13.33 -51.26
CA ASN A 435 24.36 13.35 -51.61
C ASN A 435 23.75 11.96 -51.52
N ASP A 436 22.42 11.92 -51.47
CA ASP A 436 21.73 10.64 -51.52
C ASP A 436 21.87 9.96 -52.87
N PHE A 437 22.13 10.73 -53.93
CA PHE A 437 22.34 10.15 -55.25
C PHE A 437 23.55 9.21 -55.25
N ASP A 438 24.61 9.58 -54.52
CA ASP A 438 25.81 8.77 -54.42
C ASP A 438 25.74 7.74 -53.30
N LEU A 439 24.64 7.71 -52.54
CA LEU A 439 24.51 6.84 -51.38
C LEU A 439 23.52 5.71 -51.56
N VAL A 440 22.36 5.99 -52.18
CA VAL A 440 21.33 4.96 -52.32
C VAL A 440 21.82 3.72 -53.05
N PRO A 441 22.55 3.84 -54.18
CA PRO A 441 22.98 2.61 -54.87
C PRO A 441 23.82 1.68 -54.00
N TRP A 442 24.69 2.23 -53.16
CA TRP A 442 25.51 1.36 -52.31
C TRP A 442 24.67 0.72 -51.21
N LEU A 443 23.66 1.42 -50.71
CA LEU A 443 22.72 0.78 -49.79
C LEU A 443 22.00 -0.38 -50.46
N GLN A 444 21.58 -0.19 -51.71
CA GLN A 444 20.94 -1.28 -52.45
C GLN A 444 21.90 -2.45 -52.64
N ILE A 445 23.15 -2.16 -52.99
CA ILE A 445 24.12 -3.23 -53.22
C ILE A 445 24.36 -4.01 -51.94
N ALA A 446 24.56 -3.30 -50.82
CA ALA A 446 24.78 -3.98 -49.55
C ALA A 446 23.57 -4.80 -49.14
N THR A 447 22.36 -4.25 -49.34
CA THR A 447 21.14 -4.98 -49.01
C THR A 447 21.05 -6.28 -49.80
N GLN A 448 21.25 -6.19 -51.13
CA GLN A 448 21.15 -7.39 -51.95
C GLN A 448 22.22 -8.40 -51.60
N LEU A 449 23.46 -7.94 -51.40
CA LEU A 449 24.55 -8.85 -51.08
C LEU A 449 24.30 -9.58 -49.77
N ILE A 450 23.82 -8.85 -48.75
CA ILE A 450 23.58 -9.48 -47.45
C ILE A 450 22.39 -10.43 -47.53
N SER A 451 21.34 -10.04 -48.26
CA SER A 451 20.14 -10.88 -48.33
C SER A 451 20.41 -12.18 -49.09
N LYS A 452 21.03 -12.08 -50.27
CA LYS A 452 21.21 -13.28 -51.09
C LYS A 452 22.32 -14.17 -50.55
N TYR A 453 23.41 -13.58 -50.05
CA TYR A 453 24.58 -14.33 -49.59
C TYR A 453 24.89 -13.90 -48.15
N PRO A 454 24.23 -14.51 -47.17
CA PRO A 454 24.47 -14.10 -45.77
C PRO A 454 25.90 -14.26 -45.32
N ALA A 455 26.62 -15.24 -45.86
CA ALA A 455 28.00 -15.49 -45.44
C ALA A 455 28.97 -14.45 -45.97
N SER A 456 28.53 -13.56 -46.87
CA SER A 456 29.44 -12.57 -47.43
C SER A 456 29.97 -11.61 -46.37
N LEU A 457 29.10 -11.17 -45.46
CA LEU A 457 29.51 -10.23 -44.44
C LEU A 457 30.25 -10.95 -43.31
N PRO A 458 31.51 -10.62 -43.05
CA PRO A 458 32.22 -11.27 -41.94
C PRO A 458 31.65 -10.84 -40.59
N ASN A 459 31.85 -11.71 -39.60
CA ASN A 459 31.40 -11.40 -38.24
C ASN A 459 32.13 -10.16 -37.71
N CYS A 460 33.44 -10.08 -37.93
CA CYS A 460 34.21 -8.93 -37.47
C CYS A 460 33.76 -7.63 -38.14
N GLU A 461 33.08 -7.72 -39.28
CA GLU A 461 32.54 -6.55 -39.95
C GLU A 461 31.10 -6.25 -39.58
N LEU A 462 30.49 -7.08 -38.72
CA LEU A 462 29.11 -6.82 -38.31
C LEU A 462 29.03 -5.57 -37.43
N SER A 463 29.91 -5.48 -36.43
CA SER A 463 29.89 -4.33 -35.53
C SER A 463 30.17 -3.00 -36.22
N PRO A 464 31.20 -2.87 -37.07
CA PRO A 464 31.43 -1.56 -37.70
C PRO A 464 30.29 -1.07 -38.57
N LEU A 465 29.78 -1.94 -39.46
CA LEU A 465 28.85 -1.50 -40.50
C LEU A 465 27.63 -0.80 -39.90
N LEU A 466 27.01 -1.41 -38.89
CA LEU A 466 25.84 -0.81 -38.25
C LEU A 466 26.12 0.64 -37.84
N MET A 467 27.31 0.91 -37.31
CA MET A 467 27.64 2.26 -36.91
C MET A 467 27.41 3.22 -38.05
N ILE A 468 28.00 2.92 -39.22
CA ILE A 468 27.76 3.76 -40.39
C ILE A 468 26.27 3.83 -40.68
N LEU A 469 25.61 2.67 -40.71
CA LEU A 469 24.17 2.65 -40.95
C LEU A 469 23.44 3.49 -39.91
N SER A 470 23.90 3.44 -38.65
CA SER A 470 23.28 4.26 -37.62
C SER A 470 23.36 5.74 -37.98
N GLN A 471 24.53 6.20 -38.40
CA GLN A 471 24.67 7.61 -38.76
C GLN A 471 23.85 7.96 -40.00
N LEU A 472 23.39 6.96 -40.75
CA LEU A 472 22.56 7.21 -41.91
C LEU A 472 21.08 7.24 -41.59
N LEU A 473 20.69 6.87 -40.36
CA LEU A 473 19.27 6.76 -40.05
C LEU A 473 18.61 8.11 -39.76
N PRO A 474 19.11 8.92 -38.80
CA PRO A 474 18.32 10.09 -38.40
C PRO A 474 18.53 11.31 -39.29
N GLN A 475 17.43 11.97 -39.64
CA GLN A 475 17.46 13.23 -40.37
C GLN A 475 16.47 14.24 -39.81
N GLN A 476 15.93 13.99 -38.61
CA GLN A 476 14.87 14.75 -37.97
C GLN A 476 13.56 14.68 -38.74
N ARG A 477 13.50 13.94 -39.85
CA ARG A 477 12.31 13.75 -40.65
C ARG A 477 12.61 12.66 -41.67
N HIS A 478 11.56 12.08 -42.22
CA HIS A 478 11.74 11.06 -43.25
C HIS A 478 12.36 11.67 -44.49
N GLY A 479 13.35 10.98 -45.05
CA GLY A 479 14.05 11.47 -46.21
C GLY A 479 13.98 10.54 -47.40
N GLU A 480 14.80 10.80 -48.41
CA GLU A 480 14.82 9.96 -49.60
C GLU A 480 15.53 8.63 -49.37
N ARG A 481 16.56 8.62 -48.53
CA ARG A 481 17.36 7.44 -48.26
C ARG A 481 16.86 6.63 -47.07
N THR A 482 15.83 7.11 -46.38
CA THR A 482 15.35 6.43 -45.17
C THR A 482 14.82 5.02 -45.44
N PRO A 483 13.96 4.79 -46.44
CA PRO A 483 13.52 3.39 -46.68
C PRO A 483 14.67 2.45 -47.00
N TYR A 484 15.67 2.92 -47.74
CA TYR A 484 16.79 2.05 -48.10
C TYR A 484 17.66 1.77 -46.89
N VAL A 485 17.88 2.77 -46.03
CA VAL A 485 18.63 2.53 -44.80
C VAL A 485 17.89 1.53 -43.92
N LEU A 486 16.56 1.67 -43.83
CA LEU A 486 15.77 0.73 -43.04
C LEU A 486 15.86 -0.69 -43.59
N ARG A 487 15.79 -0.83 -44.92
CA ARG A 487 15.89 -2.15 -45.53
C ARG A 487 17.26 -2.78 -45.28
N CYS A 488 18.32 -1.99 -45.39
CA CYS A 488 19.66 -2.51 -45.09
C CYS A 488 19.76 -2.94 -43.64
N LEU A 489 19.16 -2.17 -42.72
CA LEU A 489 19.16 -2.56 -41.31
C LEU A 489 18.41 -3.87 -41.11
N THR A 490 17.28 -4.04 -41.80
CA THR A 490 16.54 -5.30 -41.70
C THR A 490 17.38 -6.47 -42.15
N GLU A 491 18.06 -6.31 -43.29
CA GLU A 491 18.88 -7.40 -43.81
C GLU A 491 20.03 -7.73 -42.87
N VAL A 492 20.67 -6.69 -42.30
CA VAL A 492 21.76 -6.93 -41.36
C VAL A 492 21.25 -7.65 -40.11
N ALA A 493 20.07 -7.26 -39.62
CA ALA A 493 19.51 -7.92 -38.45
C ALA A 493 19.21 -9.40 -38.73
N LEU A 494 18.65 -9.68 -39.90
CA LEU A 494 18.38 -11.07 -40.26
C LEU A 494 19.67 -11.87 -40.37
N CYS A 495 20.70 -11.27 -40.97
CA CYS A 495 22.00 -11.97 -41.07
C CYS A 495 22.59 -12.24 -39.69
N GLN A 496 22.53 -11.26 -38.79
CA GLN A 496 23.05 -11.45 -37.44
C GLN A 496 22.29 -12.55 -36.71
N ASP A 497 20.96 -12.59 -36.86
CA ASP A 497 20.19 -13.67 -36.28
C ASP A 497 20.60 -15.02 -36.88
N LYS A 498 20.94 -15.04 -38.17
CA LYS A 498 21.37 -16.28 -38.81
C LYS A 498 22.73 -16.75 -38.32
N ARG A 499 23.62 -15.83 -37.95
CA ARG A 499 24.99 -16.17 -37.63
C ARG A 499 25.12 -17.17 -36.48
N SER A 500 24.72 -16.75 -35.27
CA SER A 500 24.72 -17.61 -34.09
C SER A 500 26.10 -18.19 -33.78
N ASN A 501 27.17 -17.43 -34.06
CA ASN A 501 28.52 -17.86 -33.66
C ASN A 501 29.37 -16.69 -33.20
N LEU A 502 28.74 -15.63 -32.68
CA LEU A 502 29.45 -14.42 -32.30
C LEU A 502 30.15 -14.60 -30.95
N GLU A 503 31.06 -13.68 -30.66
CA GLU A 503 31.74 -13.62 -29.38
C GLU A 503 30.98 -12.74 -28.40
N SER A 504 31.33 -12.86 -27.12
CA SER A 504 30.62 -12.13 -26.08
C SER A 504 30.77 -10.62 -26.24
N SER A 505 31.98 -10.15 -26.51
CA SER A 505 32.19 -8.71 -26.71
C SER A 505 31.46 -8.22 -27.95
N GLN A 506 31.53 -8.99 -29.03
CA GLN A 506 30.80 -8.62 -30.24
C GLN A 506 29.30 -8.61 -29.98
N LYS A 507 28.80 -9.59 -29.23
CA LYS A 507 27.37 -9.61 -28.91
C LYS A 507 26.97 -8.39 -28.10
N SER A 508 27.79 -7.99 -27.12
CA SER A 508 27.46 -6.82 -26.32
C SER A 508 27.46 -5.54 -27.16
N ASP A 509 28.48 -5.39 -28.02
CA ASP A 509 28.55 -4.20 -28.87
C ASP A 509 27.37 -4.15 -29.83
N LEU A 510 27.01 -5.29 -30.42
CA LEU A 510 25.85 -5.34 -31.30
C LEU A 510 24.57 -5.05 -30.54
N LEU A 511 24.46 -5.51 -29.28
CA LEU A 511 23.28 -5.24 -28.49
C LEU A 511 23.14 -3.74 -28.23
N LYS A 512 24.25 -3.08 -27.89
CA LYS A 512 24.21 -1.63 -27.68
C LYS A 512 23.83 -0.89 -28.95
N LEU A 513 24.43 -1.28 -30.09
CA LEU A 513 24.11 -0.63 -31.35
C LEU A 513 22.65 -0.84 -31.73
N TRP A 514 22.14 -2.05 -31.51
CA TRP A 514 20.74 -2.34 -31.84
C TRP A 514 19.79 -1.60 -30.93
N ASN A 515 20.14 -1.43 -29.65
CA ASN A 515 19.32 -0.62 -28.77
C ASN A 515 19.27 0.83 -29.25
N LYS A 516 20.42 1.37 -29.66
CA LYS A 516 20.43 2.72 -30.20
C LYS A 516 19.60 2.83 -31.46
N ILE A 517 19.71 1.84 -32.36
CA ILE A 517 18.95 1.85 -33.60
C ILE A 517 17.45 1.75 -33.31
N TRP A 518 17.07 0.93 -32.34
CA TRP A 518 15.66 0.84 -31.95
C TRP A 518 15.15 2.17 -31.42
N CYS A 519 15.95 2.84 -30.58
CA CYS A 519 15.55 4.13 -30.05
C CYS A 519 15.38 5.15 -31.17
N ILE A 520 16.28 5.15 -32.15
CA ILE A 520 16.17 6.09 -33.26
C ILE A 520 14.94 5.78 -34.12
N THR A 521 14.71 4.49 -34.41
CA THR A 521 13.65 4.11 -35.32
C THR A 521 12.26 4.29 -34.69
N PHE A 522 12.15 4.11 -33.37
CA PHE A 522 10.85 4.23 -32.73
C PHE A 522 10.26 5.62 -32.91
N ARG A 523 11.10 6.65 -32.80
CA ARG A 523 10.67 8.00 -33.16
C ARG A 523 10.39 8.07 -34.65
N GLY A 524 9.31 8.74 -35.01
CA GLY A 524 8.91 8.83 -36.41
C GLY A 524 8.19 7.61 -36.93
N ILE A 525 7.73 6.71 -36.05
CA ILE A 525 7.00 5.54 -36.48
C ILE A 525 5.66 5.91 -37.12
N SER A 526 5.13 7.08 -36.80
CA SER A 526 3.86 7.56 -37.36
C SER A 526 4.04 8.30 -38.68
N SER A 527 5.14 8.04 -39.40
CA SER A 527 5.38 8.73 -40.66
C SER A 527 4.32 8.38 -41.70
N GLU A 528 3.92 7.11 -41.75
CA GLU A 528 2.88 6.60 -42.64
C GLU A 528 3.34 6.56 -44.10
N GLN A 529 4.54 7.06 -44.37
CA GLN A 529 5.15 6.91 -45.68
C GLN A 529 6.23 5.84 -45.71
N ILE A 530 6.83 5.52 -44.55
CA ILE A 530 7.83 4.48 -44.45
C ILE A 530 7.33 3.41 -43.48
N GLN A 531 6.00 3.27 -43.41
CA GLN A 531 5.40 2.36 -42.44
C GLN A 531 5.85 0.92 -42.67
N ALA A 532 5.82 0.45 -43.91
CA ALA A 532 6.22 -0.92 -44.19
C ALA A 532 7.66 -1.17 -43.80
N GLU A 533 8.56 -0.24 -44.14
CA GLU A 533 9.99 -0.45 -43.94
C GLU A 533 10.34 -0.48 -42.46
N ASN A 534 9.88 0.50 -41.68
CA ASN A 534 10.26 0.50 -40.28
C ASN A 534 9.49 -0.55 -39.47
N PHE A 535 8.27 -0.89 -39.89
CA PHE A 535 7.61 -2.03 -39.25
C PHE A 535 8.34 -3.32 -39.53
N GLY A 536 8.86 -3.48 -40.75
CA GLY A 536 9.70 -4.64 -41.03
C GLY A 536 10.97 -4.66 -40.21
N LEU A 537 11.57 -3.48 -40.00
CA LEU A 537 12.77 -3.41 -39.17
C LEU A 537 12.47 -3.81 -37.73
N LEU A 538 11.37 -3.29 -37.18
CA LEU A 538 10.98 -3.66 -35.82
C LEU A 538 10.68 -5.15 -35.72
N GLY A 539 9.99 -5.70 -36.72
CA GLY A 539 9.71 -7.13 -36.72
C GLY A 539 10.97 -7.97 -36.79
N ALA A 540 11.93 -7.56 -37.62
CA ALA A 540 13.19 -8.29 -37.72
C ALA A 540 13.97 -8.24 -36.41
N ILE A 541 14.02 -7.06 -35.79
CA ILE A 541 14.72 -6.93 -34.52
C ILE A 541 14.07 -7.81 -33.45
N ILE A 542 12.74 -7.81 -33.39
CA ILE A 542 12.04 -8.65 -32.42
C ILE A 542 12.28 -10.12 -32.71
N GLN A 543 12.24 -10.51 -33.99
CA GLN A 543 12.47 -11.90 -34.37
C GLN A 543 13.86 -12.35 -33.96
N GLY A 544 14.86 -11.49 -34.14
CA GLY A 544 16.21 -11.81 -33.70
C GLY A 544 16.44 -11.67 -32.22
N SER A 545 15.44 -11.19 -31.48
CA SER A 545 15.55 -10.99 -30.03
C SER A 545 16.72 -10.07 -29.69
N LEU A 546 16.93 -9.05 -30.51
CA LEU A 546 18.04 -8.13 -30.30
C LEU A 546 17.74 -7.04 -29.29
N VAL A 547 16.49 -6.93 -28.84
CA VAL A 547 16.12 -5.96 -27.80
C VAL A 547 14.79 -6.39 -27.21
N GLU A 548 14.58 -6.07 -25.94
CA GLU A 548 13.33 -6.37 -25.27
C GLU A 548 12.32 -5.26 -25.50
N VAL A 549 11.07 -5.64 -25.71
CA VAL A 549 10.02 -4.68 -26.05
C VAL A 549 9.65 -3.88 -24.80
N ASP A 550 9.11 -2.69 -25.03
CA ASP A 550 8.74 -1.77 -23.96
C ASP A 550 7.23 -1.50 -24.00
N ARG A 551 6.75 -0.78 -22.99
CA ARG A 551 5.34 -0.46 -22.91
C ARG A 551 4.89 0.40 -24.08
N GLU A 552 5.74 1.35 -24.50
CA GLU A 552 5.39 2.20 -25.63
C GLU A 552 5.21 1.40 -26.91
N PHE A 553 5.90 0.26 -27.04
CA PHE A 553 5.71 -0.57 -28.22
C PHE A 553 4.28 -1.10 -28.30
N TRP A 554 3.72 -1.53 -27.16
CA TRP A 554 2.34 -1.99 -27.16
C TRP A 554 1.38 -0.82 -27.28
N LYS A 555 1.72 0.33 -26.68
CA LYS A 555 0.90 1.52 -26.85
C LYS A 555 0.84 1.95 -28.31
N LEU A 556 1.86 1.60 -29.09
CA LEU A 556 1.82 1.85 -30.53
C LEU A 556 0.64 1.14 -31.18
N PHE A 557 0.40 -0.12 -30.82
CA PHE A 557 -0.74 -0.84 -31.36
C PHE A 557 -2.04 -0.35 -30.76
N THR A 558 -2.07 -0.13 -29.45
CA THR A 558 -3.30 0.28 -28.79
C THR A 558 -3.58 1.76 -29.05
N GLY A 559 -4.82 2.17 -28.74
CA GLY A 559 -5.19 3.57 -28.80
C GLY A 559 -5.41 4.13 -30.19
N SER A 560 -5.42 3.28 -31.22
CA SER A 560 -5.62 3.72 -32.60
C SER A 560 -4.58 4.77 -33.01
N ALA A 561 -3.34 4.59 -32.55
CA ALA A 561 -2.28 5.52 -32.92
C ALA A 561 -1.90 5.36 -34.39
N CYS A 562 -1.84 4.12 -34.88
CA CYS A 562 -1.50 3.84 -36.26
C CYS A 562 -2.54 2.91 -36.87
N ARG A 563 -2.81 3.11 -38.15
CA ARG A 563 -3.82 2.32 -38.84
C ARG A 563 -3.30 0.91 -39.07
N PRO A 564 -4.10 -0.13 -38.80
CA PRO A 564 -3.63 -1.50 -38.99
C PRO A 564 -3.32 -1.79 -40.46
N SER A 565 -2.30 -2.62 -40.68
CA SER A 565 -1.90 -3.01 -42.02
C SER A 565 -1.15 -4.32 -41.94
N CYS A 566 -0.81 -4.88 -43.11
CA CYS A 566 -0.10 -6.15 -43.16
C CYS A 566 1.25 -6.10 -42.45
N PRO A 567 2.12 -5.11 -42.68
CA PRO A 567 3.36 -5.06 -41.87
C PRO A 567 3.10 -4.91 -40.39
N ALA A 568 2.07 -4.14 -40.01
CA ALA A 568 1.76 -3.96 -38.60
C ALA A 568 1.33 -5.27 -37.97
N VAL A 569 0.47 -6.04 -38.63
CA VAL A 569 0.03 -7.30 -38.05
C VAL A 569 1.16 -8.33 -38.08
N CYS A 570 2.06 -8.26 -39.07
CA CYS A 570 3.22 -9.14 -39.04
C CYS A 570 4.12 -8.84 -37.85
N CYS A 571 4.35 -7.55 -37.58
CA CYS A 571 5.13 -7.18 -36.40
C CYS A 571 4.44 -7.61 -35.12
N LEU A 572 3.10 -7.48 -35.08
CA LEU A 572 2.35 -7.93 -33.90
C LEU A 572 2.49 -9.44 -33.71
N THR A 573 2.43 -10.20 -34.81
CA THR A 573 2.60 -11.65 -34.72
C THR A 573 3.98 -12.00 -34.18
N LEU A 574 5.02 -11.34 -34.69
CA LEU A 574 6.37 -11.61 -34.21
C LEU A 574 6.52 -11.26 -32.74
N ALA A 575 5.95 -10.12 -32.33
CA ALA A 575 6.03 -9.71 -30.93
C ALA A 575 5.31 -10.69 -30.02
N LEU A 576 4.13 -11.16 -30.44
CA LEU A 576 3.40 -12.15 -29.64
C LEU A 576 4.18 -13.46 -29.57
N THR A 577 4.83 -13.85 -30.67
CA THR A 577 5.63 -15.07 -30.67
C THR A 577 6.81 -14.95 -29.71
N THR A 578 7.49 -13.81 -29.71
CA THR A 578 8.72 -13.68 -28.95
C THR A 578 8.49 -13.25 -27.51
N SER A 579 7.81 -12.13 -27.30
CA SER A 579 7.67 -11.54 -25.98
C SER A 579 6.27 -11.77 -25.43
N ILE A 580 6.14 -11.58 -24.11
CA ILE A 580 4.88 -11.74 -23.40
C ILE A 580 4.23 -10.39 -23.21
N VAL A 581 2.91 -10.35 -23.33
CA VAL A 581 2.16 -9.10 -23.22
C VAL A 581 2.07 -8.71 -21.75
N PRO A 582 2.46 -7.51 -21.37
CA PRO A 582 2.34 -7.07 -19.98
C PRO A 582 1.00 -6.42 -19.70
N GLY A 583 0.67 -6.36 -18.40
CA GLY A 583 -0.57 -5.72 -17.99
C GLY A 583 -0.53 -4.22 -18.21
N THR A 584 -1.70 -3.66 -18.48
CA THR A 584 -1.87 -2.22 -18.74
C THR A 584 -0.93 -1.73 -19.85
N PHE A 600 -5.02 -7.38 -18.37
CA PHE A 600 -6.13 -7.66 -19.27
C PHE A 600 -6.35 -6.55 -20.29
N SER A 601 -6.49 -5.32 -19.78
CA SER A 601 -6.98 -4.18 -20.56
C SER A 601 -6.20 -4.00 -21.86
N LEU A 602 -4.89 -4.26 -21.83
CA LEU A 602 -4.09 -4.11 -23.04
C LEU A 602 -4.56 -5.06 -24.13
N LYS A 603 -4.94 -6.27 -23.76
CA LYS A 603 -5.31 -7.28 -24.75
C LYS A 603 -6.58 -6.88 -25.51
N GLU A 604 -7.66 -6.54 -24.79
CA GLU A 604 -8.85 -6.14 -25.52
C GLU A 604 -8.71 -4.75 -26.13
N SER A 605 -7.79 -3.91 -25.64
CA SER A 605 -7.49 -2.68 -26.36
C SER A 605 -6.89 -2.97 -27.72
N ILE A 606 -5.94 -3.92 -27.78
CA ILE A 606 -5.40 -4.36 -29.06
C ILE A 606 -6.50 -4.95 -29.93
N MET A 607 -7.38 -5.76 -29.32
CA MET A 607 -8.45 -6.39 -30.08
C MET A 607 -9.41 -5.36 -30.68
N LYS A 608 -9.76 -4.33 -29.91
CA LYS A 608 -10.62 -3.27 -30.42
C LYS A 608 -9.92 -2.44 -31.47
N TRP A 609 -8.61 -2.23 -31.31
CA TRP A 609 -7.84 -1.56 -32.36
C TRP A 609 -7.89 -2.34 -33.65
N LEU A 610 -7.77 -3.66 -33.57
CA LEU A 610 -7.89 -4.49 -34.76
C LEU A 610 -9.29 -4.36 -35.37
N LEU A 611 -10.31 -4.79 -34.63
CA LEU A 611 -11.66 -4.84 -35.19
C LEU A 611 -12.16 -3.45 -35.59
N PHE A 612 -11.97 -2.47 -34.70
CA PHE A 612 -12.28 -1.06 -34.98
C PHE A 612 -13.72 -0.90 -35.44
N TYR A 613 -14.64 -1.20 -34.51
CA TYR A 613 -16.06 -1.03 -34.76
C TYR A 613 -16.37 0.47 -34.89
N GLN A 614 -16.68 0.91 -36.10
CA GLN A 614 -17.00 2.31 -36.36
C GLN A 614 -18.48 2.49 -36.68
N GLU A 624 -16.07 4.19 -44.80
CA GLU A 624 -16.89 3.68 -43.71
C GLU A 624 -16.79 2.17 -43.61
N VAL A 625 -15.57 1.65 -43.80
CA VAL A 625 -15.31 0.22 -43.73
C VAL A 625 -14.11 -0.02 -42.83
N PRO A 626 -14.08 -1.12 -42.06
CA PRO A 626 -12.89 -1.41 -41.28
C PRO A 626 -11.69 -1.64 -42.17
N PRO A 627 -10.48 -1.32 -41.70
CA PRO A 627 -9.29 -1.48 -42.55
C PRO A 627 -9.04 -2.91 -42.99
N ILE A 628 -9.41 -3.89 -42.16
CA ILE A 628 -9.19 -5.29 -42.52
C ILE A 628 -9.97 -5.65 -43.79
N LEU A 629 -11.23 -5.24 -43.85
CA LEU A 629 -12.07 -5.58 -44.99
C LEU A 629 -11.69 -4.83 -46.25
N HIS A 630 -10.83 -3.82 -46.15
CA HIS A 630 -10.41 -3.07 -47.33
C HIS A 630 -9.35 -3.82 -48.13
N SER A 631 -8.45 -4.53 -47.46
CA SER A 631 -7.33 -5.18 -48.11
C SER A 631 -7.27 -6.66 -47.73
N ASN A 632 -6.66 -7.45 -48.60
CA ASN A 632 -6.55 -8.89 -48.39
C ASN A 632 -5.37 -9.19 -47.48
N PHE A 633 -5.65 -9.56 -46.24
CA PHE A 633 -4.61 -9.98 -45.31
C PHE A 633 -4.18 -11.42 -45.62
N PRO A 634 -2.99 -11.81 -45.17
CA PRO A 634 -2.57 -13.20 -45.33
C PRO A 634 -3.54 -14.14 -44.61
N HIS A 635 -3.69 -15.35 -45.18
CA HIS A 635 -4.71 -16.27 -44.69
C HIS A 635 -4.41 -16.71 -43.27
N LEU A 636 -5.42 -16.58 -42.41
CA LEU A 636 -5.36 -17.01 -41.01
C LEU A 636 -4.15 -16.42 -40.28
N VAL A 637 -4.16 -15.09 -40.18
CA VAL A 637 -3.20 -14.34 -39.37
C VAL A 637 -3.91 -13.50 -38.32
N LEU A 638 -4.87 -12.68 -38.73
CA LEU A 638 -5.67 -11.92 -37.78
C LEU A 638 -6.48 -12.84 -36.87
N GLU A 639 -7.04 -13.92 -37.43
CA GLU A 639 -7.77 -14.88 -36.62
C GLU A 639 -6.86 -15.55 -35.60
N LYS A 640 -5.64 -15.90 -36.02
CA LYS A 640 -4.69 -16.48 -35.09
C LYS A 640 -4.34 -15.52 -33.97
N ILE A 641 -4.10 -14.24 -34.30
CA ILE A 641 -3.79 -13.25 -33.27
C ILE A 641 -4.96 -13.09 -32.31
N LEU A 642 -6.17 -12.99 -32.85
CA LEU A 642 -7.35 -12.81 -32.00
C LEU A 642 -7.55 -13.99 -31.07
N VAL A 643 -7.41 -15.21 -31.58
CA VAL A 643 -7.57 -16.39 -30.74
C VAL A 643 -6.48 -16.46 -29.68
N SER A 644 -5.23 -16.20 -30.06
CA SER A 644 -4.13 -16.28 -29.12
C SER A 644 -4.23 -15.21 -28.04
N LEU A 645 -4.81 -14.05 -28.35
CA LEU A 645 -4.94 -12.99 -27.36
C LEU A 645 -5.86 -13.42 -26.22
N THR A 646 -6.95 -14.12 -26.55
CA THR A 646 -7.92 -14.57 -25.55
C THR A 646 -7.55 -15.95 -25.02
N MET A 647 -6.35 -16.05 -24.46
CA MET A 647 -5.84 -17.29 -23.90
C MET A 647 -5.10 -16.98 -22.61
N LYS A 648 -4.83 -18.04 -21.83
CA LYS A 648 -4.13 -17.87 -20.57
C LYS A 648 -2.71 -17.32 -20.79
N ASN A 649 -2.01 -17.85 -21.79
CA ASN A 649 -0.67 -17.39 -22.15
C ASN A 649 -0.63 -17.19 -23.66
N CYS A 650 -0.51 -15.94 -24.10
CA CYS A 650 -0.52 -15.65 -25.53
C CYS A 650 0.72 -16.21 -26.22
N LYS A 651 1.87 -16.19 -25.53
CA LYS A 651 3.10 -16.66 -26.13
C LYS A 651 3.01 -18.14 -26.51
N ALA A 652 2.51 -18.97 -25.60
CA ALA A 652 2.41 -20.40 -25.89
C ALA A 652 1.41 -20.67 -27.01
N ALA A 653 0.27 -19.96 -27.01
CA ALA A 653 -0.71 -20.16 -28.05
C ALA A 653 -0.18 -19.77 -29.42
N MET A 654 0.51 -18.63 -29.50
CA MET A 654 1.06 -18.19 -30.78
C MET A 654 2.19 -19.11 -31.23
N ASN A 655 3.00 -19.62 -30.30
CA ASN A 655 4.01 -20.60 -30.66
C ASN A 655 3.39 -21.87 -31.19
N PHE A 656 2.28 -22.30 -30.59
CA PHE A 656 1.58 -23.50 -31.08
C PHE A 656 1.04 -23.29 -32.49
N PHE A 657 0.46 -22.11 -32.76
CA PHE A 657 0.05 -21.82 -34.12
C PHE A 657 1.22 -21.78 -35.09
N GLN A 658 2.34 -21.16 -34.70
CA GLN A 658 3.50 -21.09 -35.58
C GLN A 658 4.09 -22.48 -35.82
N SER A 659 4.17 -23.31 -34.78
CA SER A 659 4.77 -24.64 -34.88
C SER A 659 3.73 -25.60 -35.43
N VAL A 660 3.53 -25.52 -36.74
CA VAL A 660 2.60 -26.41 -37.44
C VAL A 660 3.32 -27.03 -38.63
N PRO A 661 3.23 -28.35 -38.83
CA PRO A 661 3.89 -28.96 -39.98
C PRO A 661 3.29 -28.49 -41.29
N GLU A 662 4.12 -28.44 -42.32
CA GLU A 662 3.70 -28.04 -43.65
C GLU A 662 3.27 -29.26 -44.46
N CYS A 663 2.63 -28.98 -45.60
CA CYS A 663 2.18 -30.03 -46.51
C CYS A 663 3.27 -30.29 -47.55
N GLU A 664 3.75 -31.54 -47.59
CA GLU A 664 4.88 -31.86 -48.47
C GLU A 664 4.51 -31.75 -49.93
N HIS A 665 3.39 -32.37 -50.33
CA HIS A 665 3.02 -32.41 -51.73
C HIS A 665 2.33 -31.13 -52.23
N HIS A 666 2.02 -30.19 -51.33
CA HIS A 666 1.40 -28.95 -51.75
C HIS A 666 2.43 -27.82 -51.89
N GLN A 667 3.09 -27.48 -50.78
CA GLN A 667 4.09 -26.38 -50.78
C GLN A 667 3.50 -25.11 -51.41
N LYS A 668 4.29 -24.43 -52.24
CA LYS A 668 3.82 -23.18 -52.92
C LYS A 668 4.37 -23.14 -54.36
N ASP A 669 3.74 -22.36 -55.23
CA ASP A 669 4.18 -22.29 -56.66
C ASP A 669 5.01 -21.01 -56.87
N LYS A 670 6.28 -21.15 -57.26
CA LYS A 670 7.13 -20.00 -57.53
C LYS A 670 8.19 -20.39 -58.53
N GLU A 671 8.64 -19.40 -59.31
CA GLU A 671 9.68 -19.58 -60.33
C GLU A 671 9.29 -20.68 -61.32
N GLU A 672 8.20 -20.43 -62.04
CA GLU A 672 7.71 -21.39 -63.01
C GLU A 672 8.73 -21.63 -64.11
N LEU A 673 9.32 -20.56 -64.64
CA LEU A 673 10.36 -20.66 -65.66
C LEU A 673 11.52 -19.76 -65.26
N SER A 674 12.73 -20.29 -65.35
CA SER A 674 13.96 -19.57 -65.01
C SER A 674 15.13 -20.40 -65.52
N PHE A 675 16.34 -19.95 -65.23
CA PHE A 675 17.55 -20.70 -65.51
C PHE A 675 18.04 -21.44 -64.26
N SER A 676 17.28 -21.30 -63.16
CA SER A 676 17.71 -21.86 -61.88
C SER A 676 17.67 -23.38 -61.89
N GLU A 677 16.73 -23.98 -62.62
CA GLU A 677 16.75 -25.43 -62.75
C GLU A 677 18.00 -25.90 -63.50
N VAL A 678 18.46 -25.12 -64.49
CA VAL A 678 19.69 -25.47 -65.18
C VAL A 678 20.89 -25.31 -64.25
N GLU A 679 20.85 -24.30 -63.37
CA GLU A 679 21.91 -24.17 -62.36
C GLU A 679 21.90 -25.36 -61.40
N GLU A 680 20.71 -25.82 -61.01
CA GLU A 680 20.59 -27.03 -60.21
C GLU A 680 21.19 -28.22 -60.94
N LEU A 681 20.93 -28.33 -62.23
CA LEU A 681 21.51 -29.41 -63.02
C LEU A 681 23.03 -29.32 -63.04
N PHE A 682 23.57 -28.10 -63.21
CA PHE A 682 25.02 -27.92 -63.22
C PHE A 682 25.63 -28.35 -61.89
N LEU A 683 24.98 -27.99 -60.78
CA LEU A 683 25.47 -28.44 -59.48
C LEU A 683 25.38 -29.96 -59.36
N GLN A 684 24.33 -30.55 -59.93
CA GLN A 684 24.15 -32.00 -59.85
C GLN A 684 25.24 -32.75 -60.62
N THR A 685 25.61 -32.26 -61.80
CA THR A 685 26.59 -32.98 -62.63
C THR A 685 27.94 -33.07 -61.94
N THR A 686 28.36 -32.01 -61.25
CA THR A 686 29.63 -32.02 -60.55
C THR A 686 29.53 -32.65 -59.16
N PHE A 687 28.37 -33.20 -58.81
CA PHE A 687 28.17 -33.93 -57.56
C PHE A 687 28.42 -33.02 -56.35
N ASP A 688 27.98 -31.77 -56.46
CA ASP A 688 28.06 -30.82 -55.36
C ASP A 688 26.70 -30.51 -54.77
N LYS A 689 25.68 -31.29 -55.12
CA LYS A 689 24.36 -31.16 -54.51
C LYS A 689 23.67 -32.51 -54.63
N MET A 690 23.69 -33.28 -53.54
CA MET A 690 23.12 -34.62 -53.51
C MET A 690 21.76 -34.54 -52.83
N ASP A 691 20.70 -34.46 -53.63
CA ASP A 691 19.35 -34.33 -53.10
C ASP A 691 18.69 -35.66 -52.80
N PHE A 692 19.00 -36.70 -53.56
CA PHE A 692 18.34 -37.99 -53.34
C PHE A 692 18.76 -38.62 -52.01
N LEU A 693 19.91 -38.25 -51.47
CA LEU A 693 20.35 -38.70 -50.16
C LEU A 693 20.32 -37.53 -49.18
N THR A 694 19.86 -37.81 -47.96
CA THR A 694 19.76 -36.79 -46.92
C THR A 694 20.28 -37.31 -45.59
N SER A 706 1.11 -31.86 -31.30
CA SER A 706 -0.13 -31.78 -30.54
C SER A 706 0.15 -31.45 -29.08
N SER A 707 -0.77 -30.72 -28.46
CA SER A 707 -0.62 -30.33 -27.06
C SER A 707 -2.00 -30.09 -26.47
N ILE A 708 -2.06 -30.10 -25.14
CA ILE A 708 -3.28 -29.87 -24.39
C ILE A 708 -3.01 -28.84 -23.30
N GLY A 709 -4.03 -28.57 -22.50
CA GLY A 709 -3.92 -27.61 -21.41
C GLY A 709 -4.26 -26.19 -21.78
N PHE A 710 -4.57 -25.90 -23.04
CA PHE A 710 -4.93 -24.55 -23.44
C PHE A 710 -6.29 -24.18 -22.85
N SER A 711 -6.38 -22.97 -22.31
CA SER A 711 -7.61 -22.46 -21.71
C SER A 711 -7.82 -21.02 -22.16
N VAL A 712 -9.08 -20.59 -22.09
CA VAL A 712 -9.50 -19.28 -22.60
C VAL A 712 -10.06 -18.46 -21.44
N HIS A 713 -9.59 -17.22 -21.32
CA HIS A 713 -10.24 -16.27 -20.45
C HIS A 713 -11.64 -15.98 -21.00
N GLN A 714 -12.67 -16.29 -20.22
CA GLN A 714 -14.03 -16.22 -20.75
C GLN A 714 -14.37 -14.81 -21.20
N ASN A 715 -14.24 -13.84 -20.30
CA ASN A 715 -14.68 -12.47 -20.59
C ASN A 715 -14.03 -11.94 -21.86
N LEU A 716 -12.76 -12.30 -22.09
CA LEU A 716 -12.12 -11.98 -23.37
C LEU A 716 -12.83 -12.65 -24.53
N LYS A 717 -13.30 -13.89 -24.34
CA LYS A 717 -13.97 -14.59 -25.42
C LYS A 717 -15.31 -13.94 -25.77
N GLU A 718 -16.12 -13.57 -24.76
CA GLU A 718 -17.34 -12.85 -25.11
C GLU A 718 -17.06 -11.46 -25.66
N SER A 719 -15.96 -10.81 -25.23
CA SER A 719 -15.63 -9.52 -25.84
C SER A 719 -15.29 -9.67 -27.32
N LEU A 720 -14.50 -10.69 -27.66
CA LEU A 720 -14.17 -10.95 -29.06
C LEU A 720 -15.43 -11.30 -29.85
N ASP A 721 -16.30 -12.13 -29.28
CA ASP A 721 -17.53 -12.50 -29.96
C ASP A 721 -18.42 -11.29 -30.19
N ARG A 722 -18.55 -10.42 -29.19
CA ARG A 722 -19.43 -9.27 -29.35
C ARG A 722 -18.85 -8.27 -30.35
N CYS A 723 -17.52 -8.13 -30.39
CA CYS A 723 -16.93 -7.26 -31.40
C CYS A 723 -17.14 -7.82 -32.81
N LEU A 724 -16.92 -9.13 -32.99
CA LEU A 724 -17.13 -9.73 -34.29
C LEU A 724 -18.58 -9.61 -34.73
N LEU A 725 -19.53 -9.87 -33.82
CA LEU A 725 -20.93 -9.64 -34.14
C LEU A 725 -21.17 -8.19 -34.53
N GLY A 726 -20.77 -7.24 -33.68
CA GLY A 726 -21.03 -5.84 -33.98
C GLY A 726 -20.55 -5.45 -35.36
N LEU A 727 -19.37 -5.92 -35.75
CA LEU A 727 -18.91 -5.68 -37.12
C LEU A 727 -19.82 -6.37 -38.14
N SER A 728 -20.30 -7.58 -37.82
CA SER A 728 -21.14 -8.32 -38.75
C SER A 728 -22.47 -7.61 -39.01
N GLU A 729 -23.11 -7.18 -37.91
CA GLU A 729 -24.37 -6.41 -38.04
C GLU A 729 -24.05 -5.10 -38.78
N GLN A 730 -22.90 -4.47 -38.48
CA GLN A 730 -22.56 -3.21 -39.13
C GLN A 730 -22.51 -3.38 -40.64
N LEU A 731 -21.94 -4.49 -41.11
CA LEU A 731 -21.95 -4.75 -42.56
C LEU A 731 -23.34 -5.11 -43.05
N LEU A 732 -24.08 -5.91 -42.28
CA LEU A 732 -25.36 -6.45 -42.77
C LEU A 732 -26.42 -5.35 -42.85
N ASN A 733 -26.57 -4.56 -41.80
CA ASN A 733 -27.58 -3.50 -41.81
C ASN A 733 -27.25 -2.43 -42.83
N ASN A 734 -26.00 -1.97 -42.86
CA ASN A 734 -25.55 -0.97 -43.83
C ASN A 734 -25.09 -1.68 -45.10
N TYR A 735 -26.04 -2.36 -45.74
CA TYR A 735 -25.77 -3.14 -46.93
C TYR A 735 -26.79 -2.81 -48.01
N SER A 736 -26.31 -2.65 -49.24
CA SER A 736 -27.16 -2.41 -50.40
C SER A 736 -26.63 -3.20 -51.58
N SER A 737 -27.47 -3.35 -52.60
CA SER A 737 -27.10 -4.16 -53.76
C SER A 737 -25.89 -3.61 -54.50
N GLU A 738 -25.59 -2.32 -54.35
CA GLU A 738 -24.45 -1.72 -55.03
C GLU A 738 -23.56 -0.86 -54.13
N ILE A 739 -24.02 -0.46 -52.95
CA ILE A 739 -23.25 0.46 -52.11
C ILE A 739 -22.00 -0.23 -51.57
N THR A 740 -22.14 -1.46 -51.07
CA THR A 740 -21.05 -2.15 -50.41
C THR A 740 -20.45 -3.22 -51.30
N ASN A 741 -19.12 -3.29 -51.32
CA ASN A 741 -18.44 -4.33 -52.07
C ASN A 741 -18.68 -5.69 -51.44
N SER A 742 -18.96 -6.68 -52.28
CA SER A 742 -19.33 -8.01 -51.80
C SER A 742 -18.11 -8.79 -51.32
N GLU A 743 -16.93 -8.50 -51.86
CA GLU A 743 -15.70 -9.10 -51.34
C GLU A 743 -15.47 -8.72 -49.88
N THR A 744 -15.96 -7.55 -49.45
CA THR A 744 -15.92 -7.21 -48.04
C THR A 744 -16.73 -8.21 -47.22
N LEU A 745 -17.93 -8.56 -47.69
CA LEU A 745 -18.75 -9.54 -46.99
C LEU A 745 -18.08 -10.90 -46.96
N VAL A 746 -17.47 -11.29 -48.08
CA VAL A 746 -16.76 -12.57 -48.12
C VAL A 746 -15.59 -12.56 -47.14
N ARG A 747 -14.88 -11.43 -47.05
CA ARG A 747 -13.76 -11.33 -46.11
C ARG A 747 -14.24 -11.42 -44.67
N CYS A 748 -15.38 -10.77 -44.36
CA CYS A 748 -15.92 -10.88 -43.00
C CYS A 748 -16.32 -12.31 -42.68
N SER A 749 -16.96 -13.00 -43.62
CA SER A 749 -17.33 -14.39 -43.40
C SER A 749 -16.08 -15.25 -43.21
N ARG A 750 -15.03 -14.99 -43.99
CA ARG A 750 -13.78 -15.73 -43.83
C ARG A 750 -13.17 -15.46 -42.46
N LEU A 751 -13.23 -14.23 -41.99
CA LEU A 751 -12.68 -13.90 -40.67
C LEU A 751 -13.42 -14.65 -39.57
N LEU A 752 -14.75 -14.65 -39.62
CA LEU A 752 -15.52 -15.37 -38.62
C LEU A 752 -15.24 -16.87 -38.68
N VAL A 753 -15.19 -17.43 -39.88
CA VAL A 753 -14.92 -18.85 -40.05
C VAL A 753 -13.53 -19.21 -39.54
N GLY A 754 -12.55 -18.36 -39.82
CA GLY A 754 -11.20 -18.63 -39.34
C GLY A 754 -11.07 -18.54 -37.84
N VAL A 755 -11.76 -17.58 -37.21
CA VAL A 755 -11.78 -17.51 -35.75
C VAL A 755 -12.36 -18.78 -35.17
N LEU A 756 -13.50 -19.22 -35.71
CA LEU A 756 -14.10 -20.47 -35.24
C LEU A 756 -13.18 -21.65 -35.47
N GLY A 757 -12.49 -21.68 -36.61
CA GLY A 757 -11.60 -22.79 -36.92
C GLY A 757 -10.42 -22.87 -35.97
N CYS A 758 -9.80 -21.73 -35.65
CA CYS A 758 -8.72 -21.73 -34.69
C CYS A 758 -9.20 -22.14 -33.31
N TYR A 759 -10.37 -21.63 -32.89
CA TYR A 759 -10.93 -22.03 -31.61
C TYR A 759 -11.15 -23.54 -31.54
N CYS A 760 -11.66 -24.12 -32.63
CA CYS A 760 -11.83 -25.57 -32.67
C CYS A 760 -10.48 -26.29 -32.69
N TYR A 761 -9.49 -25.71 -33.36
CA TYR A 761 -8.18 -26.35 -33.47
C TYR A 761 -7.53 -26.49 -32.11
N MET A 762 -7.63 -25.45 -31.27
CA MET A 762 -7.12 -25.63 -29.92
C MET A 762 -8.06 -26.37 -28.99
N GLY A 763 -9.25 -26.74 -29.47
CA GLY A 763 -10.11 -27.64 -28.72
C GLY A 763 -10.80 -27.04 -27.53
N VAL A 764 -10.75 -25.71 -27.37
CA VAL A 764 -11.46 -25.08 -26.27
C VAL A 764 -12.96 -25.22 -26.45
N ILE A 765 -13.43 -25.18 -27.70
CA ILE A 765 -14.83 -25.40 -28.02
C ILE A 765 -14.92 -26.57 -29.00
N ALA A 766 -16.01 -27.32 -28.89
CA ALA A 766 -16.23 -28.46 -29.77
C ALA A 766 -16.65 -28.00 -31.16
N GLU A 767 -16.40 -28.85 -32.15
CA GLU A 767 -16.77 -28.52 -33.53
C GLU A 767 -18.28 -28.42 -33.68
N GLU A 768 -19.04 -29.30 -33.01
CA GLU A 768 -20.49 -29.23 -33.07
C GLU A 768 -21.00 -27.92 -32.48
N GLU A 769 -20.37 -27.44 -31.41
CA GLU A 769 -20.76 -26.17 -30.81
C GLU A 769 -20.57 -25.01 -31.77
N ALA A 770 -19.56 -25.09 -32.64
CA ALA A 770 -19.28 -24.00 -33.57
C ALA A 770 -20.44 -23.78 -34.54
N TYR A 771 -21.04 -24.88 -35.03
CA TYR A 771 -22.15 -24.76 -35.96
C TYR A 771 -23.36 -24.09 -35.31
N LYS A 772 -23.59 -24.37 -34.03
CA LYS A 772 -24.73 -23.78 -33.33
C LYS A 772 -24.50 -22.33 -32.93
N SER A 773 -23.27 -21.85 -33.00
CA SER A 773 -22.96 -20.49 -32.58
C SER A 773 -23.58 -19.47 -33.53
N GLU A 774 -23.86 -18.28 -32.99
CA GLU A 774 -24.37 -17.18 -33.79
C GLU A 774 -23.35 -16.64 -34.79
N LEU A 775 -22.06 -16.89 -34.56
CA LEU A 775 -21.05 -16.53 -35.54
C LEU A 775 -21.29 -17.23 -36.86
N PHE A 776 -21.63 -18.53 -36.82
CA PHE A 776 -21.92 -19.27 -38.04
C PHE A 776 -23.17 -18.74 -38.72
N GLN A 777 -24.19 -18.35 -37.95
CA GLN A 777 -25.39 -17.78 -38.54
C GLN A 777 -25.10 -16.46 -39.25
N LYS A 778 -24.29 -15.60 -38.61
CA LYS A 778 -23.93 -14.34 -39.24
C LYS A 778 -23.09 -14.57 -40.49
N ALA A 779 -22.18 -15.55 -40.45
CA ALA A 779 -21.40 -15.88 -41.64
C ALA A 779 -22.29 -16.39 -42.76
N LYS A 780 -23.29 -17.20 -42.43
CA LYS A 780 -24.24 -17.69 -43.44
C LYS A 780 -25.01 -16.53 -44.06
N SER A 781 -25.47 -15.59 -43.23
CA SER A 781 -26.19 -14.44 -43.76
C SER A 781 -25.30 -13.60 -44.67
N LEU A 782 -24.05 -13.38 -44.26
CA LEU A 782 -23.12 -12.63 -45.10
C LEU A 782 -22.86 -13.35 -46.42
N MET A 783 -22.72 -14.68 -46.37
CA MET A 783 -22.47 -15.42 -47.59
C MET A 783 -23.67 -15.37 -48.53
N GLN A 784 -24.89 -15.42 -47.99
CA GLN A 784 -26.07 -15.29 -48.82
C GLN A 784 -26.15 -13.90 -49.46
N CYS A 785 -25.86 -12.86 -48.67
CA CYS A 785 -25.84 -11.51 -49.22
C CYS A 785 -24.73 -11.31 -50.24
N ALA A 786 -23.68 -12.12 -50.17
CA ALA A 786 -22.67 -12.09 -51.22
C ALA A 786 -23.13 -12.85 -52.46
N GLY A 787 -23.85 -13.97 -52.26
CA GLY A 787 -24.30 -14.80 -53.37
C GLY A 787 -25.43 -14.20 -54.17
N GLU A 788 -26.17 -13.26 -53.58
CA GLU A 788 -27.19 -12.57 -54.37
C GLU A 788 -26.55 -11.82 -55.54
N SER A 789 -25.29 -11.39 -55.40
CA SER A 789 -24.60 -10.75 -56.52
C SER A 789 -24.34 -11.75 -57.65
N ILE A 790 -23.94 -12.97 -57.30
CA ILE A 790 -23.79 -14.02 -58.33
C ILE A 790 -25.12 -14.29 -59.00
N THR A 791 -26.20 -14.34 -58.23
CA THR A 791 -27.52 -14.55 -58.83
C THR A 791 -27.86 -13.42 -59.80
N LEU A 792 -27.60 -12.17 -59.39
CA LEU A 792 -27.91 -11.03 -60.24
C LEU A 792 -27.09 -11.04 -61.52
N PHE A 793 -25.82 -11.41 -61.43
CA PHE A 793 -25.01 -11.55 -62.64
C PHE A 793 -25.49 -12.70 -63.51
N LYS A 794 -26.00 -13.77 -62.90
CA LYS A 794 -26.56 -14.86 -63.68
C LYS A 794 -27.79 -14.39 -64.46
N ASN A 795 -28.57 -13.49 -63.87
CA ASN A 795 -29.74 -12.97 -64.57
C ASN A 795 -29.36 -12.28 -65.88
N LYS A 796 -28.31 -11.44 -65.85
CA LYS A 796 -27.85 -10.76 -67.05
C LYS A 796 -26.32 -10.76 -67.04
N THR A 797 -25.71 -11.28 -68.11
CA THR A 797 -24.28 -11.51 -68.15
C THR A 797 -23.57 -10.72 -69.24
N ASN A 798 -24.24 -9.77 -69.89
CA ASN A 798 -23.60 -8.98 -70.94
C ASN A 798 -22.80 -7.81 -70.38
N GLU A 799 -22.83 -7.58 -69.08
CA GLU A 799 -22.13 -6.47 -68.47
C GLU A 799 -20.64 -6.80 -68.30
N GLU A 800 -19.86 -5.78 -67.93
CA GLU A 800 -18.43 -5.95 -67.70
C GLU A 800 -17.93 -5.35 -66.40
N PHE A 801 -18.64 -4.37 -65.83
CA PHE A 801 -18.18 -3.76 -64.58
C PHE A 801 -18.28 -4.72 -63.39
N ARG A 802 -19.17 -5.71 -63.46
CA ARG A 802 -19.31 -6.68 -62.38
C ARG A 802 -18.25 -7.77 -62.44
N ILE A 803 -17.55 -7.90 -63.57
CA ILE A 803 -16.63 -9.02 -63.76
C ILE A 803 -15.46 -8.93 -62.81
N GLY A 804 -14.92 -7.73 -62.60
CA GLY A 804 -13.79 -7.57 -61.70
C GLY A 804 -14.14 -7.94 -60.26
N SER A 805 -15.28 -7.46 -59.78
CA SER A 805 -15.73 -7.80 -58.44
C SER A 805 -15.98 -9.31 -58.31
N LEU A 806 -16.61 -9.91 -59.32
CA LEU A 806 -16.85 -11.35 -59.27
C LEU A 806 -15.54 -12.13 -59.27
N ARG A 807 -14.57 -11.70 -60.07
CA ARG A 807 -13.28 -12.39 -60.09
C ARG A 807 -12.58 -12.27 -58.75
N ASN A 808 -12.63 -11.10 -58.12
CA ASN A 808 -12.06 -10.94 -56.79
C ASN A 808 -12.74 -11.87 -55.79
N MET A 809 -14.07 -11.93 -55.83
CA MET A 809 -14.79 -12.85 -54.95
C MET A 809 -14.37 -14.29 -55.17
N MET A 810 -14.27 -14.71 -56.43
CA MET A 810 -13.96 -16.11 -56.71
C MET A 810 -12.54 -16.46 -56.28
N GLN A 811 -11.59 -15.54 -56.50
CA GLN A 811 -10.23 -15.78 -56.03
C GLN A 811 -10.19 -15.85 -54.51
N LEU A 812 -10.92 -14.96 -53.83
CA LEU A 812 -10.95 -14.99 -52.37
C LEU A 812 -11.56 -16.29 -51.85
N CYS A 813 -12.66 -16.73 -52.46
CA CYS A 813 -13.30 -17.98 -52.05
C CYS A 813 -12.39 -19.18 -52.31
N THR A 814 -11.70 -19.19 -53.45
CA THR A 814 -10.74 -20.24 -53.73
C THR A 814 -9.64 -20.28 -52.69
N ARG A 815 -9.13 -19.11 -52.31
CA ARG A 815 -8.11 -19.05 -51.26
C ARG A 815 -8.68 -19.51 -49.92
N CYS A 816 -9.98 -19.31 -49.69
CA CYS A 816 -10.60 -19.74 -48.45
C CYS A 816 -10.55 -21.25 -48.29
N LEU A 817 -10.84 -21.98 -49.37
CA LEU A 817 -10.90 -23.43 -49.34
C LEU A 817 -9.51 -24.03 -49.50
N SER A 818 -9.41 -25.33 -49.21
CA SER A 818 -8.17 -26.08 -49.36
C SER A 818 -8.49 -27.54 -49.55
N ASN A 819 -7.54 -28.26 -50.13
CA ASN A 819 -7.64 -29.70 -50.33
C ASN A 819 -6.63 -30.48 -49.49
N CYS A 820 -6.06 -29.84 -48.46
CA CYS A 820 -5.05 -30.47 -47.64
C CYS A 820 -5.67 -31.57 -46.78
N THR A 821 -4.81 -32.42 -46.22
CA THR A 821 -5.26 -33.56 -45.42
C THR A 821 -4.61 -33.59 -44.04
N LYS A 822 -3.97 -32.51 -43.60
CA LYS A 822 -3.34 -32.46 -42.31
C LYS A 822 -4.34 -31.98 -41.25
N LYS A 823 -3.85 -31.80 -40.02
CA LYS A 823 -4.67 -31.37 -38.90
C LYS A 823 -4.54 -29.87 -38.63
N SER A 824 -4.09 -29.11 -39.61
CA SER A 824 -3.91 -27.67 -39.44
C SER A 824 -5.27 -26.98 -39.29
N PRO A 825 -5.29 -25.78 -38.69
CA PRO A 825 -6.53 -25.01 -38.67
C PRO A 825 -7.01 -24.61 -40.05
N ASN A 826 -6.14 -24.68 -41.06
CA ASN A 826 -6.56 -24.46 -42.43
C ASN A 826 -7.68 -25.42 -42.81
N LYS A 827 -7.54 -26.70 -42.46
CA LYS A 827 -8.56 -27.69 -42.81
C LYS A 827 -9.89 -27.37 -42.13
N ILE A 828 -9.85 -27.03 -40.84
CA ILE A 828 -11.09 -26.75 -40.11
C ILE A 828 -11.78 -25.53 -40.68
N ALA A 829 -11.00 -24.46 -40.96
CA ALA A 829 -11.58 -23.26 -41.55
C ALA A 829 -12.16 -23.55 -42.92
N SER A 830 -11.46 -24.34 -43.74
CA SER A 830 -11.97 -24.68 -45.07
C SER A 830 -13.25 -25.48 -44.98
N GLY A 831 -13.31 -26.44 -44.06
CA GLY A 831 -14.54 -27.21 -43.90
C GLY A 831 -15.71 -26.36 -43.44
N PHE A 832 -15.46 -25.46 -42.48
CA PHE A 832 -16.51 -24.55 -42.03
C PHE A 832 -17.00 -23.67 -43.16
N PHE A 833 -16.06 -23.08 -43.93
CA PHE A 833 -16.45 -22.22 -45.03
C PHE A 833 -17.22 -22.97 -46.11
N LEU A 834 -16.84 -24.23 -46.38
CA LEU A 834 -17.53 -24.99 -47.41
C LEU A 834 -18.91 -25.42 -46.94
N ARG A 835 -19.08 -25.71 -45.65
CA ARG A 835 -20.42 -25.89 -45.10
C ARG A 835 -21.20 -24.59 -45.13
N LEU A 836 -20.54 -23.44 -45.14
CA LEU A 836 -21.23 -22.16 -45.13
C LEU A 836 -22.01 -21.94 -46.42
N LEU A 837 -21.56 -22.51 -47.53
CA LEU A 837 -22.21 -22.30 -48.82
C LEU A 837 -23.57 -22.98 -48.87
N THR A 838 -24.38 -22.58 -49.85
CA THR A 838 -25.72 -23.10 -50.05
C THR A 838 -25.86 -23.66 -51.45
N SER A 839 -26.89 -24.48 -51.64
CA SER A 839 -27.09 -25.15 -52.92
C SER A 839 -27.44 -24.16 -54.02
N LYS A 840 -28.21 -23.11 -53.69
CA LYS A 840 -28.61 -22.14 -54.70
C LYS A 840 -27.41 -21.42 -55.29
N LEU A 841 -26.46 -21.02 -54.45
CA LEU A 841 -25.26 -20.33 -54.95
C LEU A 841 -24.44 -21.26 -55.84
N MET A 842 -24.29 -22.52 -55.45
CA MET A 842 -23.53 -23.46 -56.26
C MET A 842 -24.20 -23.69 -57.61
N ASN A 843 -25.52 -23.84 -57.62
CA ASN A 843 -26.24 -24.04 -58.87
C ASN A 843 -26.13 -22.81 -59.76
N ASP A 844 -26.21 -21.61 -59.17
CA ASP A 844 -26.05 -20.39 -59.96
C ASP A 844 -24.65 -20.28 -60.55
N ILE A 845 -23.63 -20.64 -59.77
CA ILE A 845 -22.26 -20.61 -60.28
C ILE A 845 -22.10 -21.60 -61.42
N ALA A 846 -22.67 -22.80 -61.27
CA ALA A 846 -22.59 -23.79 -62.36
C ALA A 846 -23.31 -23.30 -63.61
N ASP A 847 -24.46 -22.65 -63.44
CA ASP A 847 -25.19 -22.11 -64.59
C ASP A 847 -24.40 -21.02 -65.29
N ILE A 848 -23.76 -20.14 -64.51
CA ILE A 848 -22.92 -19.09 -65.11
C ILE A 848 -21.74 -19.72 -65.84
N CYS A 849 -21.15 -20.77 -65.27
CA CYS A 849 -20.05 -21.45 -65.94
C CYS A 849 -20.51 -22.05 -67.27
N LYS A 850 -21.69 -22.68 -67.28
CA LYS A 850 -22.21 -23.23 -68.52
C LYS A 850 -22.48 -22.14 -69.55
N SER A 851 -23.03 -21.01 -69.10
CA SER A 851 -23.33 -19.91 -70.02
C SER A 851 -22.06 -19.34 -70.63
N LEU A 852 -21.02 -19.16 -69.81
CA LEU A 852 -19.77 -18.60 -70.32
C LEU A 852 -19.00 -19.60 -71.18
N ALA A 853 -19.15 -20.90 -70.91
CA ALA A 853 -18.45 -21.90 -71.70
C ALA A 853 -18.93 -21.90 -73.14
N SER A 854 -20.24 -21.83 -73.35
CA SER A 854 -20.83 -21.80 -74.69
C SER A 854 -21.09 -20.37 -75.13
N PHE A 855 -20.02 -19.58 -75.19
CA PHE A 855 -20.07 -18.18 -75.56
C PHE A 855 -19.30 -17.97 -76.85
N ILE A 856 -19.91 -17.25 -77.79
CA ILE A 856 -19.29 -16.96 -79.09
C ILE A 856 -19.06 -15.46 -79.19
N LYS A 857 -17.85 -15.08 -79.62
CA LYS A 857 -17.49 -13.68 -79.78
C LYS A 857 -16.43 -13.56 -80.85
N LYS A 858 -16.61 -12.61 -81.76
CA LYS A 858 -15.66 -12.39 -82.84
C LYS A 858 -15.71 -10.94 -83.33
N ILE A 909 8.57 -15.20 -80.54
CA ILE A 909 7.97 -13.91 -80.83
C ILE A 909 7.26 -13.96 -82.18
N GLY A 910 7.38 -15.09 -82.87
CA GLY A 910 6.71 -15.26 -84.15
C GLY A 910 5.25 -15.62 -84.00
N ALA A 911 4.97 -16.75 -83.35
CA ALA A 911 3.61 -17.20 -83.11
C ALA A 911 3.41 -17.40 -81.61
N ILE A 912 2.31 -16.89 -81.09
CA ILE A 912 2.05 -16.94 -79.66
C ILE A 912 1.38 -18.25 -79.30
N ASN A 913 1.61 -18.69 -78.07
CA ASN A 913 1.05 -19.95 -77.60
C ASN A 913 -0.47 -19.88 -77.58
N PRO A 914 -1.16 -20.98 -77.88
CA PRO A 914 -2.62 -20.99 -77.66
C PRO A 914 -3.01 -20.75 -76.22
N LEU A 915 -2.21 -21.20 -75.26
CA LEU A 915 -2.45 -20.94 -73.84
C LEU A 915 -1.57 -19.79 -73.36
N ALA A 916 -1.80 -18.61 -73.94
CA ALA A 916 -0.94 -17.46 -73.67
C ALA A 916 -1.56 -16.44 -72.73
N GLU A 917 -2.78 -16.68 -72.23
CA GLU A 917 -3.52 -15.78 -71.36
C GLU A 917 -3.83 -14.45 -72.04
N GLU A 918 -3.50 -14.31 -73.33
CA GLU A 918 -3.81 -13.14 -74.13
C GLU A 918 -5.06 -13.35 -74.98
N TYR A 919 -5.25 -14.57 -75.49
CA TYR A 919 -6.48 -14.91 -76.21
C TYR A 919 -7.69 -14.89 -75.29
N LEU A 920 -7.48 -14.92 -73.97
CA LEU A 920 -8.58 -14.99 -73.03
C LEU A 920 -9.17 -13.60 -72.78
N SER A 921 -10.50 -13.54 -72.75
CA SER A 921 -11.19 -12.31 -72.41
C SER A 921 -11.45 -12.26 -70.90
N LYS A 922 -12.07 -11.17 -70.45
CA LYS A 922 -12.43 -11.06 -69.04
C LYS A 922 -13.45 -12.12 -68.64
N GLN A 923 -14.41 -12.39 -69.53
CA GLN A 923 -15.36 -13.47 -69.28
C GLN A 923 -14.66 -14.81 -69.16
N ASP A 924 -13.65 -15.06 -69.98
CA ASP A 924 -12.90 -16.30 -69.91
C ASP A 924 -12.16 -16.43 -68.58
N LEU A 925 -11.54 -15.35 -68.11
CA LEU A 925 -10.85 -15.39 -66.83
C LEU A 925 -11.83 -15.62 -65.68
N LEU A 926 -12.99 -14.96 -65.73
CA LEU A 926 -14.00 -15.18 -64.71
C LEU A 926 -14.48 -16.63 -64.72
N PHE A 927 -14.69 -17.19 -65.91
CA PHE A 927 -15.11 -18.59 -66.02
C PHE A 927 -14.04 -19.53 -65.47
N LEU A 928 -12.77 -19.25 -65.75
CA LEU A 928 -11.70 -20.08 -65.22
C LEU A 928 -11.65 -20.03 -63.70
N ASP A 929 -11.80 -18.84 -63.12
CA ASP A 929 -11.82 -18.73 -61.67
C ASP A 929 -13.01 -19.47 -61.06
N MET A 930 -14.19 -19.33 -61.67
CA MET A 930 -15.36 -20.03 -61.17
C MET A 930 -15.20 -21.53 -61.28
N LEU A 931 -14.60 -22.01 -62.38
CA LEU A 931 -14.36 -23.44 -62.55
C LEU A 931 -13.40 -23.97 -61.51
N LYS A 932 -12.34 -23.21 -61.21
CA LYS A 932 -11.41 -23.62 -60.17
C LYS A 932 -12.11 -23.70 -58.82
N PHE A 933 -12.95 -22.72 -58.50
CA PHE A 933 -13.68 -22.74 -57.25
C PHE A 933 -14.60 -23.96 -57.18
N LEU A 934 -15.30 -24.25 -58.28
CA LEU A 934 -16.21 -25.40 -58.30
C LEU A 934 -15.45 -26.71 -58.14
N CYS A 935 -14.30 -26.84 -58.80
CA CYS A 935 -13.49 -28.05 -58.67
C CYS A 935 -13.01 -28.22 -57.23
N LEU A 936 -12.55 -27.15 -56.60
CA LEU A 936 -12.14 -27.26 -55.20
C LEU A 936 -13.31 -27.64 -54.31
N CYS A 937 -14.49 -27.07 -54.57
CA CYS A 937 -15.67 -27.41 -53.77
C CYS A 937 -16.01 -28.89 -53.89
N VAL A 938 -16.08 -29.40 -55.12
CA VAL A 938 -16.48 -30.80 -55.31
C VAL A 938 -15.40 -31.74 -54.79
N THR A 939 -14.13 -31.34 -54.83
CA THR A 939 -13.08 -32.19 -54.28
C THR A 939 -13.12 -32.23 -52.76
N THR A 940 -13.28 -31.07 -52.12
CA THR A 940 -13.23 -31.01 -50.67
C THR A 940 -14.52 -31.49 -50.01
N ALA A 941 -15.65 -31.43 -50.72
CA ALA A 941 -16.92 -31.81 -50.12
C ALA A 941 -17.04 -33.30 -49.84
N GLN A 942 -16.14 -34.12 -50.36
CA GLN A 942 -16.24 -35.57 -50.17
C GLN A 942 -16.02 -35.99 -48.72
N THR A 943 -15.46 -35.11 -47.89
CA THR A 943 -15.17 -35.45 -46.50
C THR A 943 -16.03 -34.67 -45.51
N ASN A 944 -17.13 -34.07 -45.98
CA ASN A 944 -17.99 -33.27 -45.12
C ASN A 944 -19.45 -33.52 -45.47
N THR A 945 -20.33 -33.26 -44.50
CA THR A 945 -21.76 -33.29 -44.70
C THR A 945 -22.21 -31.85 -44.97
N VAL A 946 -22.60 -31.58 -46.21
CA VAL A 946 -22.76 -30.20 -46.68
C VAL A 946 -24.14 -30.06 -47.32
N SER A 947 -24.65 -28.83 -47.29
CA SER A 947 -26.00 -28.56 -47.76
C SER A 947 -26.17 -28.92 -49.25
N PHE A 948 -25.22 -28.51 -50.08
CA PHE A 948 -25.33 -28.78 -51.51
C PHE A 948 -24.81 -30.18 -51.83
N ARG A 949 -25.30 -30.73 -52.93
CA ARG A 949 -24.95 -32.09 -53.34
C ARG A 949 -23.74 -32.04 -54.28
N ALA A 950 -22.64 -32.64 -53.85
CA ALA A 950 -21.42 -32.61 -54.65
C ALA A 950 -21.56 -33.43 -55.93
N ALA A 951 -22.35 -34.50 -55.91
CA ALA A 951 -22.50 -35.34 -57.09
C ALA A 951 -23.13 -34.57 -58.24
N ASP A 952 -24.17 -33.79 -57.96
CA ASP A 952 -24.83 -33.02 -59.01
C ASP A 952 -23.89 -31.98 -59.60
N ILE A 953 -23.11 -31.30 -58.76
CA ILE A 953 -22.17 -30.30 -59.26
C ILE A 953 -21.07 -30.96 -60.08
N ARG A 954 -20.60 -32.13 -59.66
CA ARG A 954 -19.60 -32.85 -60.43
C ARG A 954 -20.16 -33.28 -61.78
N ARG A 955 -21.41 -33.73 -61.81
CA ARG A 955 -22.03 -34.08 -63.08
C ARG A 955 -22.16 -32.86 -63.99
N LYS A 956 -22.54 -31.72 -63.42
CA LYS A 956 -22.61 -30.50 -64.21
C LYS A 956 -21.24 -30.10 -64.75
N LEU A 957 -20.19 -30.27 -63.94
CA LEU A 957 -18.84 -29.98 -64.39
C LEU A 957 -18.43 -30.89 -65.53
N LEU A 958 -18.74 -32.19 -65.42
CA LEU A 958 -18.39 -33.14 -66.46
C LEU A 958 -19.23 -32.97 -67.72
N MET A 959 -20.41 -32.36 -67.60
CA MET A 959 -21.21 -32.08 -68.78
C MET A 959 -20.57 -31.04 -69.68
N LEU A 960 -19.67 -30.21 -69.14
CA LEU A 960 -18.99 -29.22 -69.96
C LEU A 960 -18.09 -29.88 -71.01
N ILE A 961 -17.42 -30.97 -70.62
CA ILE A 961 -16.57 -31.73 -71.54
C ILE A 961 -17.44 -32.83 -72.14
N ASP A 962 -18.14 -32.49 -73.23
CA ASP A 962 -18.98 -33.44 -73.94
C ASP A 962 -18.67 -33.35 -75.42
N SER A 963 -18.67 -34.50 -76.09
CA SER A 963 -18.31 -34.55 -77.50
C SER A 963 -19.24 -33.69 -78.36
N SER A 964 -20.50 -33.55 -77.95
CA SER A 964 -21.45 -32.75 -78.70
C SER A 964 -21.26 -31.25 -78.49
N THR A 965 -20.50 -30.83 -77.49
CA THR A 965 -20.29 -29.42 -77.18
C THR A 965 -18.84 -29.00 -77.19
N LEU A 966 -17.93 -29.84 -76.68
CA LEU A 966 -16.53 -29.47 -76.56
C LEU A 966 -15.93 -29.20 -77.93
N GLU A 967 -15.20 -28.07 -78.04
CA GLU A 967 -14.48 -27.68 -79.25
C GLU A 967 -13.02 -27.47 -78.87
N PRO A 968 -12.18 -28.49 -79.01
CA PRO A 968 -10.79 -28.36 -78.54
C PRO A 968 -9.99 -27.28 -79.25
N THR A 969 -10.44 -26.83 -80.42
CA THR A 969 -9.70 -25.80 -81.14
C THR A 969 -9.68 -24.49 -80.37
N LYS A 970 -10.80 -24.11 -79.75
CA LYS A 970 -10.87 -22.86 -79.02
C LYS A 970 -9.99 -22.91 -77.77
N SER A 971 -9.31 -21.79 -77.50
CA SER A 971 -8.37 -21.73 -76.39
C SER A 971 -9.07 -21.91 -75.05
N LEU A 972 -10.25 -21.32 -74.89
CA LEU A 972 -10.98 -21.41 -73.63
C LEU A 972 -11.33 -22.86 -73.31
N HIS A 973 -11.78 -23.62 -74.32
CA HIS A 973 -12.15 -25.01 -74.10
C HIS A 973 -10.93 -25.84 -73.70
N LEU A 974 -9.80 -25.61 -74.36
CA LEU A 974 -8.57 -26.31 -73.99
C LEU A 974 -8.17 -25.97 -72.55
N HIS A 975 -8.26 -24.69 -72.19
CA HIS A 975 -7.92 -24.28 -70.83
C HIS A 975 -8.81 -24.98 -69.81
N MET A 976 -10.12 -25.03 -70.09
CA MET A 976 -11.04 -25.62 -69.12
C MET A 976 -10.86 -27.12 -69.03
N TYR A 977 -10.56 -27.79 -70.15
CA TYR A 977 -10.31 -29.23 -70.10
C TYR A 977 -9.03 -29.53 -69.33
N LEU A 978 -7.98 -28.74 -69.55
CA LEU A 978 -6.74 -28.93 -68.81
C LEU A 978 -6.96 -28.70 -67.32
N MET A 979 -7.74 -27.67 -66.96
CA MET A 979 -8.04 -27.45 -65.55
C MET A 979 -8.83 -28.61 -64.95
N LEU A 980 -9.79 -29.15 -65.72
CA LEU A 980 -10.55 -30.30 -65.23
C LEU A 980 -9.66 -31.50 -65.01
N LEU A 981 -8.73 -31.77 -65.93
CA LEU A 981 -7.78 -32.85 -65.73
C LEU A 981 -6.90 -32.60 -64.51
N LYS A 982 -6.48 -31.35 -64.31
CA LYS A 982 -5.56 -31.02 -63.23
C LYS A 982 -6.23 -31.18 -61.86
N GLU A 983 -7.45 -30.69 -61.72
CA GLU A 983 -8.06 -30.53 -60.40
C GLU A 983 -9.02 -31.64 -60.01
N LEU A 984 -9.83 -32.14 -60.94
CA LEU A 984 -10.90 -33.05 -60.57
C LEU A 984 -10.41 -34.37 -59.96
N PRO A 985 -9.46 -35.09 -60.56
CA PRO A 985 -9.08 -36.38 -59.97
C PRO A 985 -8.46 -36.23 -58.59
N GLY A 986 -8.72 -37.22 -57.75
CA GLY A 986 -8.20 -37.21 -56.39
C GLY A 986 -7.87 -38.63 -55.95
N GLU A 987 -6.95 -38.73 -54.98
CA GLU A 987 -6.54 -40.00 -54.44
C GLU A 987 -7.09 -40.28 -53.05
N GLU A 988 -7.33 -39.23 -52.24
CA GLU A 988 -7.94 -39.43 -50.93
C GLU A 988 -9.35 -39.99 -51.06
N TYR A 989 -10.14 -39.44 -51.99
CA TYR A 989 -11.47 -39.97 -52.30
C TYR A 989 -11.59 -40.04 -53.82
N PRO A 990 -11.29 -41.18 -54.40
CA PRO A 990 -11.24 -41.27 -55.87
C PRO A 990 -12.62 -41.13 -56.50
N LEU A 991 -12.62 -40.58 -57.72
CA LEU A 991 -13.85 -40.50 -58.48
C LEU A 991 -14.29 -41.90 -58.92
N PRO A 992 -15.59 -42.14 -59.00
CA PRO A 992 -16.06 -43.40 -59.61
C PRO A 992 -15.56 -43.49 -61.05
N MET A 993 -15.25 -44.72 -61.47
CA MET A 993 -14.56 -44.92 -62.74
C MET A 993 -15.37 -44.47 -63.94
N GLU A 994 -16.69 -44.32 -63.81
CA GLU A 994 -17.47 -43.75 -64.91
C GLU A 994 -17.08 -42.31 -65.15
N ASP A 995 -16.89 -41.53 -64.09
CA ASP A 995 -16.44 -40.16 -64.24
C ASP A 995 -15.02 -40.10 -64.79
N VAL A 996 -14.17 -41.05 -64.42
CA VAL A 996 -12.82 -41.11 -64.98
C VAL A 996 -12.88 -41.39 -66.48
N LEU A 997 -13.77 -42.29 -66.89
CA LEU A 997 -13.95 -42.55 -68.32
C LEU A 997 -14.44 -41.31 -69.05
N GLU A 998 -15.39 -40.59 -68.44
CA GLU A 998 -15.89 -39.36 -69.07
C GLU A 998 -14.79 -38.32 -69.17
N LEU A 999 -13.93 -38.23 -68.15
CA LEU A 999 -12.81 -37.31 -68.19
C LEU A 999 -11.81 -37.67 -69.29
N LEU A 1000 -11.53 -38.97 -69.44
CA LEU A 1000 -10.50 -39.42 -70.38
C LEU A 1000 -11.03 -39.62 -71.80
N LYS A 1001 -12.34 -39.47 -72.02
CA LYS A 1001 -12.89 -39.67 -73.36
C LYS A 1001 -12.31 -38.70 -74.40
N PRO A 1002 -12.24 -37.39 -74.16
CA PRO A 1002 -11.72 -36.49 -75.19
C PRO A 1002 -10.20 -36.30 -75.21
N LEU A 1003 -9.46 -37.08 -74.42
CA LEU A 1003 -8.02 -36.89 -74.34
C LEU A 1003 -7.34 -37.19 -75.67
N SER A 1004 -7.75 -38.28 -76.33
CA SER A 1004 -7.14 -38.65 -77.60
C SER A 1004 -7.39 -37.58 -78.66
N ASN A 1005 -8.59 -37.01 -78.68
CA ASN A 1005 -8.91 -35.99 -79.68
C ASN A 1005 -8.06 -34.75 -79.50
N VAL A 1006 -7.93 -34.27 -78.27
CA VAL A 1006 -7.14 -33.06 -78.04
C VAL A 1006 -5.66 -33.34 -78.26
N CYS A 1007 -5.22 -34.57 -78.01
CA CYS A 1007 -3.84 -34.93 -78.34
C CYS A 1007 -3.63 -34.94 -79.85
N SER A 1008 -4.64 -35.37 -80.61
CA SER A 1008 -4.50 -35.45 -82.05
C SER A 1008 -4.51 -34.07 -82.70
N LEU A 1009 -5.44 -33.20 -82.30
CA LEU A 1009 -5.52 -31.87 -82.89
C LEU A 1009 -4.26 -31.06 -82.63
N TYR A 1010 -3.74 -31.11 -81.41
CA TYR A 1010 -2.55 -30.35 -81.04
C TYR A 1010 -1.27 -31.16 -81.18
N ARG A 1011 -1.24 -32.09 -82.11
CA ARG A 1011 -0.01 -32.77 -82.47
C ARG A 1011 0.94 -31.80 -83.17
N ARG A 1012 2.23 -32.13 -83.14
CA ARG A 1012 3.33 -31.35 -83.70
C ARG A 1012 3.55 -30.04 -82.96
N ASP A 1013 2.78 -29.75 -81.91
CA ASP A 1013 2.95 -28.57 -81.09
C ASP A 1013 3.62 -28.99 -79.79
N GLN A 1014 4.88 -28.57 -79.61
CA GLN A 1014 5.66 -29.07 -78.49
C GLN A 1014 5.14 -28.54 -77.16
N ASP A 1015 4.83 -27.25 -77.09
CA ASP A 1015 4.39 -26.66 -75.83
C ASP A 1015 3.05 -27.23 -75.39
N VAL A 1016 2.11 -27.38 -76.32
CA VAL A 1016 0.79 -27.90 -75.96
C VAL A 1016 0.89 -29.34 -75.51
N CYS A 1017 1.71 -30.14 -76.19
CA CYS A 1017 1.89 -31.54 -75.78
C CYS A 1017 2.54 -31.62 -74.41
N LYS A 1018 3.52 -30.76 -74.14
CA LYS A 1018 4.16 -30.75 -72.83
C LYS A 1018 3.15 -30.41 -71.74
N THR A 1019 2.33 -29.38 -71.96
CA THR A 1019 1.32 -29.02 -70.98
C THR A 1019 0.29 -30.13 -70.81
N ILE A 1020 -0.09 -30.79 -71.91
CA ILE A 1020 -1.07 -31.87 -71.84
C ILE A 1020 -0.53 -33.00 -70.98
N LEU A 1021 0.74 -33.39 -71.19
CA LEU A 1021 1.34 -34.42 -70.37
C LEU A 1021 1.39 -34.01 -68.90
N ASN A 1022 1.80 -32.76 -68.64
CA ASN A 1022 1.89 -32.27 -67.27
C ASN A 1022 0.53 -32.32 -66.58
N HIS A 1023 -0.54 -32.01 -67.31
CA HIS A 1023 -1.87 -32.00 -66.72
C HIS A 1023 -2.54 -33.36 -66.69
N VAL A 1024 -2.08 -34.32 -67.49
CA VAL A 1024 -2.71 -35.64 -67.49
C VAL A 1024 -1.99 -36.60 -66.55
N LEU A 1025 -0.76 -36.29 -66.13
CA LEU A 1025 -0.10 -37.17 -65.18
C LEU A 1025 -0.82 -37.21 -63.84
N HIS A 1026 -1.76 -36.28 -63.59
CA HIS A 1026 -2.51 -36.25 -62.34
C HIS A 1026 -3.65 -37.27 -62.30
N VAL A 1027 -3.97 -37.90 -63.43
CA VAL A 1027 -5.04 -38.90 -63.46
C VAL A 1027 -4.55 -40.29 -63.05
N VAL A 1028 -3.23 -40.52 -63.11
CA VAL A 1028 -2.69 -41.84 -62.78
C VAL A 1028 -3.00 -42.21 -61.33
N LYS A 1029 -2.87 -41.24 -60.42
CA LYS A 1029 -3.13 -41.52 -59.01
C LYS A 1029 -4.58 -41.96 -58.77
N ASN A 1030 -5.51 -41.49 -59.60
CA ASN A 1030 -6.89 -41.96 -59.50
C ASN A 1030 -7.03 -43.36 -60.07
N LEU A 1031 -6.41 -43.62 -61.23
CA LEU A 1031 -6.51 -44.95 -61.88
C LEU A 1031 -5.83 -46.00 -61.00
N GLY A 1032 -6.06 -47.28 -61.30
CA GLY A 1032 -5.38 -48.34 -60.54
C GLY A 1032 -5.59 -48.23 -59.05
N GLN A 1033 -6.85 -48.14 -58.62
CA GLN A 1033 -7.16 -47.98 -57.17
C GLN A 1033 -8.17 -49.06 -56.73
N SER A 1034 -7.73 -50.32 -56.61
CA SER A 1034 -8.58 -51.42 -56.07
C SER A 1034 -9.54 -52.03 -57.10
N ASN A 1035 -9.56 -51.52 -58.33
CA ASN A 1035 -10.40 -52.15 -59.40
C ASN A 1035 -11.84 -52.31 -58.92
N MET A 1036 -12.42 -51.26 -58.33
CA MET A 1036 -13.83 -51.33 -57.81
C MET A 1036 -14.76 -51.83 -58.92
N ASP A 1037 -14.72 -51.18 -60.09
CA ASP A 1037 -15.54 -51.62 -61.25
C ASP A 1037 -14.53 -52.20 -62.23
N SER A 1038 -14.58 -53.50 -62.52
CA SER A 1038 -13.50 -54.08 -63.31
C SER A 1038 -13.53 -53.56 -64.75
N GLU A 1039 -14.68 -53.67 -65.42
CA GLU A 1039 -14.76 -53.29 -66.83
C GLU A 1039 -14.37 -51.83 -67.04
N ASN A 1040 -14.92 -50.95 -66.22
CA ASN A 1040 -14.61 -49.52 -66.35
C ASN A 1040 -13.14 -49.25 -66.04
N THR A 1041 -12.59 -49.94 -65.03
CA THR A 1041 -11.18 -49.74 -64.68
C THR A 1041 -10.27 -50.13 -65.84
N ARG A 1042 -10.50 -51.31 -66.41
CA ARG A 1042 -9.69 -51.73 -67.56
C ARG A 1042 -9.88 -50.80 -68.74
N ASP A 1043 -11.10 -50.32 -68.97
CA ASP A 1043 -11.33 -49.42 -70.09
C ASP A 1043 -10.56 -48.10 -69.93
N ALA A 1044 -10.64 -47.52 -68.73
CA ALA A 1044 -9.92 -46.27 -68.48
C ALA A 1044 -8.42 -46.46 -68.58
N GLN A 1045 -7.91 -47.56 -68.01
CA GLN A 1045 -6.49 -47.84 -68.11
C GLN A 1045 -6.07 -48.04 -69.56
N GLY A 1046 -6.90 -48.70 -70.35
CA GLY A 1046 -6.58 -48.87 -71.76
C GLY A 1046 -6.53 -47.55 -72.50
N GLN A 1047 -7.48 -46.66 -72.25
CA GLN A 1047 -7.47 -45.35 -72.90
C GLN A 1047 -6.20 -44.57 -72.54
N PHE A 1048 -5.91 -44.47 -71.25
CA PHE A 1048 -4.72 -43.72 -70.82
C PHE A 1048 -3.45 -44.34 -71.37
N LEU A 1049 -3.35 -45.67 -71.34
CA LEU A 1049 -2.14 -46.33 -71.82
C LEU A 1049 -2.00 -46.23 -73.33
N THR A 1050 -3.11 -46.19 -74.07
CA THR A 1050 -3.00 -45.95 -75.51
C THR A 1050 -2.46 -44.57 -75.79
N VAL A 1051 -2.93 -43.55 -75.06
CA VAL A 1051 -2.40 -42.20 -75.27
C VAL A 1051 -0.91 -42.15 -74.93
N ILE A 1052 -0.53 -42.74 -73.79
CA ILE A 1052 0.87 -42.73 -73.37
C ILE A 1052 1.74 -43.50 -74.36
N GLY A 1053 1.23 -44.62 -74.87
CA GLY A 1053 1.97 -45.39 -75.85
C GLY A 1053 2.14 -44.65 -77.16
N ALA A 1054 1.12 -43.89 -77.56
CA ALA A 1054 1.25 -43.07 -78.76
C ALA A 1054 2.35 -42.03 -78.59
N PHE A 1055 2.37 -41.34 -77.44
CA PHE A 1055 3.46 -40.41 -77.19
C PHE A 1055 4.82 -41.09 -77.16
N TRP A 1056 4.92 -42.26 -76.52
CA TRP A 1056 6.20 -42.95 -76.44
C TRP A 1056 6.68 -43.40 -77.82
N HIS A 1057 5.77 -43.90 -78.64
CA HIS A 1057 6.11 -44.31 -80.00
C HIS A 1057 6.57 -43.11 -80.82
N LEU A 1058 5.93 -41.96 -80.65
CA LEU A 1058 6.37 -40.77 -81.36
C LEU A 1058 7.74 -40.31 -80.87
N THR A 1059 8.01 -40.42 -79.56
CA THR A 1059 9.32 -40.05 -79.04
C THR A 1059 10.41 -41.02 -79.46
N LYS A 1060 10.07 -42.26 -79.80
CA LYS A 1060 11.05 -43.15 -80.41
C LYS A 1060 11.58 -42.56 -81.71
N GLU A 1061 10.70 -42.00 -82.53
CA GLU A 1061 11.13 -41.23 -83.69
C GLU A 1061 11.58 -39.84 -83.24
N ARG A 1062 12.17 -39.09 -84.17
CA ARG A 1062 12.62 -37.73 -83.89
C ARG A 1062 11.45 -36.77 -84.09
N LYS A 1063 10.47 -36.90 -83.20
CA LYS A 1063 9.21 -36.15 -83.31
C LYS A 1063 8.96 -35.18 -82.17
N TYR A 1064 9.53 -35.41 -80.99
CA TYR A 1064 9.27 -34.56 -79.83
C TYR A 1064 10.58 -34.10 -79.21
N ILE A 1065 10.61 -32.83 -78.81
CA ILE A 1065 11.80 -32.20 -78.26
C ILE A 1065 11.98 -32.57 -76.79
N PHE A 1066 13.13 -32.22 -76.22
CA PHE A 1066 13.53 -32.70 -74.91
C PHE A 1066 12.51 -32.38 -73.82
N SER A 1067 11.82 -31.23 -73.92
CA SER A 1067 10.85 -30.88 -72.89
C SER A 1067 9.67 -31.85 -72.88
N VAL A 1068 9.17 -32.21 -74.06
CA VAL A 1068 8.10 -33.21 -74.14
C VAL A 1068 8.60 -34.55 -73.63
N ARG A 1069 9.84 -34.91 -73.96
CA ARG A 1069 10.39 -36.18 -73.52
C ARG A 1069 10.50 -36.24 -71.99
N MET A 1070 10.91 -35.14 -71.36
CA MET A 1070 11.01 -35.16 -69.90
C MET A 1070 9.64 -35.07 -69.23
N ALA A 1071 8.66 -34.43 -69.86
CA ALA A 1071 7.30 -34.52 -69.36
C ALA A 1071 6.79 -35.97 -69.42
N LEU A 1072 7.11 -36.68 -70.51
CA LEU A 1072 6.76 -38.09 -70.61
C LEU A 1072 7.51 -38.91 -69.56
N VAL A 1073 8.74 -38.55 -69.26
CA VAL A 1073 9.50 -39.22 -68.21
C VAL A 1073 8.81 -39.03 -66.86
N ASN A 1074 8.34 -37.82 -66.59
CA ASN A 1074 7.58 -37.59 -65.36
C ASN A 1074 6.30 -38.42 -65.31
N CYS A 1075 5.61 -38.51 -66.45
CA CYS A 1075 4.40 -39.33 -66.49
C CYS A 1075 4.73 -40.80 -66.22
N LEU A 1076 5.82 -41.30 -66.78
CA LEU A 1076 6.23 -42.67 -66.52
C LEU A 1076 6.65 -42.87 -65.07
N LYS A 1077 7.25 -41.84 -64.45
CA LYS A 1077 7.55 -41.91 -63.02
C LYS A 1077 6.27 -42.07 -62.22
N THR A 1078 5.24 -41.29 -62.56
CA THR A 1078 3.96 -41.42 -61.86
C THR A 1078 3.36 -42.80 -62.07
N LEU A 1079 3.47 -43.33 -63.29
CA LEU A 1079 2.97 -44.68 -63.56
C LEU A 1079 3.71 -45.72 -62.72
N LEU A 1080 5.03 -45.59 -62.62
CA LEU A 1080 5.81 -46.51 -61.79
C LEU A 1080 5.42 -46.42 -60.33
N GLU A 1081 5.20 -45.19 -59.83
CA GLU A 1081 4.75 -45.04 -58.45
C GLU A 1081 3.36 -45.64 -58.25
N ALA A 1082 2.50 -45.59 -59.27
CA ALA A 1082 1.17 -46.17 -59.15
C ALA A 1082 1.23 -47.67 -58.91
N ASP A 1083 2.09 -48.37 -59.65
CA ASP A 1083 2.27 -49.80 -59.44
C ASP A 1083 3.72 -50.20 -59.71
N PRO A 1084 4.49 -50.52 -58.68
CA PRO A 1084 5.86 -51.01 -58.91
C PRO A 1084 5.89 -52.27 -59.75
N TYR A 1085 4.87 -53.11 -59.64
CA TYR A 1085 4.74 -54.30 -60.47
C TYR A 1085 3.95 -53.94 -61.72
N SER A 1086 4.45 -54.35 -62.89
CA SER A 1086 3.78 -54.03 -64.15
C SER A 1086 2.59 -54.97 -64.37
N LYS A 1087 1.66 -54.91 -63.42
CA LYS A 1087 0.45 -55.73 -63.50
C LYS A 1087 -0.55 -55.16 -64.50
N TRP A 1088 -0.64 -53.84 -64.61
CA TRP A 1088 -1.57 -53.22 -65.54
C TRP A 1088 -0.96 -52.11 -66.38
N ALA A 1089 0.18 -51.53 -65.99
CA ALA A 1089 0.80 -50.44 -66.73
C ALA A 1089 1.75 -51.01 -67.77
N ILE A 1090 1.18 -51.36 -68.93
CA ILE A 1090 1.93 -51.92 -70.05
C ILE A 1090 1.56 -51.15 -71.31
N LEU A 1091 2.57 -50.67 -72.01
CA LEU A 1091 2.37 -49.89 -73.22
C LEU A 1091 2.29 -50.81 -74.43
N ASN A 1092 1.24 -50.65 -75.23
CA ASN A 1092 1.01 -51.47 -76.41
C ASN A 1092 1.31 -50.63 -77.65
N VAL A 1093 2.36 -51.00 -78.37
CA VAL A 1093 2.77 -50.31 -79.59
C VAL A 1093 3.01 -51.33 -80.68
N MET A 1094 2.35 -51.13 -81.83
CA MET A 1094 2.51 -51.98 -83.00
C MET A 1094 2.22 -53.45 -82.69
N GLY A 1095 1.25 -53.71 -81.81
CA GLY A 1095 0.91 -55.06 -81.44
C GLY A 1095 1.85 -55.71 -80.45
N LYS A 1096 2.84 -54.99 -79.95
CA LYS A 1096 3.80 -55.53 -78.98
C LYS A 1096 3.64 -54.81 -77.65
N ASP A 1097 3.76 -55.57 -76.56
CA ASP A 1097 3.59 -55.06 -75.22
C ASP A 1097 4.94 -54.82 -74.55
N PHE A 1098 5.08 -53.68 -73.90
CA PHE A 1098 6.29 -53.34 -73.17
C PHE A 1098 5.92 -52.93 -71.75
N PRO A 1099 6.48 -53.57 -70.74
CA PRO A 1099 6.31 -53.08 -69.36
C PRO A 1099 6.98 -51.72 -69.20
N VAL A 1100 6.39 -50.89 -68.34
CA VAL A 1100 6.93 -49.56 -68.13
C VAL A 1100 8.29 -49.61 -67.43
N ASN A 1101 8.60 -50.71 -66.74
CA ASN A 1101 9.90 -50.84 -66.08
C ASN A 1101 11.04 -50.79 -67.09
N GLU A 1102 10.95 -51.58 -68.16
CA GLU A 1102 12.00 -51.58 -69.16
C GLU A 1102 11.99 -50.30 -70.00
N VAL A 1103 10.81 -49.70 -70.18
CA VAL A 1103 10.73 -48.47 -70.96
C VAL A 1103 11.39 -47.31 -70.21
N PHE A 1104 11.26 -47.27 -68.88
CA PHE A 1104 11.80 -46.16 -68.12
C PHE A 1104 13.32 -46.08 -68.23
N THR A 1105 14.01 -47.22 -68.15
CA THR A 1105 15.46 -47.21 -68.22
C THR A 1105 15.98 -46.83 -69.60
N GLN A 1106 15.13 -46.88 -70.62
CA GLN A 1106 15.57 -46.53 -71.96
C GLN A 1106 15.98 -45.06 -72.06
N PHE A 1107 15.45 -44.21 -71.18
CA PHE A 1107 15.74 -42.79 -71.22
C PHE A 1107 17.09 -42.44 -70.62
N LEU A 1108 17.76 -43.39 -69.97
CA LEU A 1108 19.10 -43.12 -69.42
C LEU A 1108 20.16 -42.94 -70.51
N ALA A 1109 19.83 -43.27 -71.75
CA ALA A 1109 20.74 -43.07 -72.88
C ALA A 1109 20.22 -42.02 -73.85
N ASP A 1110 19.44 -41.06 -73.34
CA ASP A 1110 18.90 -40.01 -74.19
C ASP A 1110 19.98 -39.01 -74.59
N ASN A 1111 19.75 -38.35 -75.72
CA ASN A 1111 20.71 -37.37 -76.20
C ASN A 1111 20.81 -36.17 -75.26
N HIS A 1112 19.68 -35.69 -74.77
CA HIS A 1112 19.66 -34.49 -73.94
C HIS A 1112 20.00 -34.84 -72.49
N HIS A 1113 20.85 -34.00 -71.89
CA HIS A 1113 21.34 -34.28 -70.55
C HIS A 1113 20.24 -34.15 -69.49
N GLN A 1114 19.29 -33.24 -69.68
CA GLN A 1114 18.24 -33.06 -68.70
C GLN A 1114 17.39 -34.31 -68.54
N VAL A 1115 17.03 -34.95 -69.67
CA VAL A 1115 16.26 -36.19 -69.60
C VAL A 1115 17.05 -37.29 -68.91
N ARG A 1116 18.35 -37.40 -69.24
CA ARG A 1116 19.18 -38.42 -68.61
C ARG A 1116 19.26 -38.24 -67.11
N MET A 1117 19.48 -37.01 -66.66
CA MET A 1117 19.58 -36.77 -65.22
C MET A 1117 18.23 -36.92 -64.52
N LEU A 1118 17.15 -36.56 -65.21
CA LEU A 1118 15.81 -36.77 -64.65
C LEU A 1118 15.53 -38.25 -64.46
N ALA A 1119 15.93 -39.08 -65.42
CA ALA A 1119 15.74 -40.52 -65.29
C ALA A 1119 16.66 -41.11 -64.23
N ALA A 1120 17.90 -40.60 -64.13
CA ALA A 1120 18.86 -41.15 -63.20
C ALA A 1120 18.50 -40.83 -61.75
N GLU A 1121 18.15 -39.57 -61.48
CA GLU A 1121 17.84 -39.17 -60.12
C GLU A 1121 16.55 -39.80 -59.60
N SER A 1122 15.74 -40.38 -60.47
CA SER A 1122 14.50 -41.02 -60.09
C SER A 1122 14.49 -42.52 -60.39
N ILE A 1123 15.67 -43.12 -60.54
CA ILE A 1123 15.74 -44.56 -60.78
C ILE A 1123 15.37 -45.37 -59.55
N ASN A 1124 15.23 -44.72 -58.39
CA ASN A 1124 14.88 -45.43 -57.17
C ASN A 1124 13.44 -45.95 -57.17
N ARG A 1125 12.63 -45.55 -58.15
CA ARG A 1125 11.27 -46.08 -58.26
C ARG A 1125 11.24 -47.52 -58.76
N LEU A 1126 12.35 -48.02 -59.27
CA LEU A 1126 12.47 -49.42 -59.66
C LEU A 1126 13.02 -50.30 -58.55
N PHE A 1127 13.39 -49.71 -57.41
CA PHE A 1127 13.94 -50.46 -56.29
C PHE A 1127 13.14 -50.27 -55.01
N GLN A 1128 12.04 -49.52 -55.04
CA GLN A 1128 11.26 -49.23 -53.84
C GLN A 1128 9.78 -49.18 -54.21
N ASP A 1129 8.94 -49.49 -53.22
CA ASP A 1129 7.49 -49.41 -53.43
C ASP A 1129 7.04 -47.95 -53.48
N THR A 1130 7.54 -47.13 -52.55
CA THR A 1130 7.17 -45.72 -52.44
C THR A 1130 5.66 -45.52 -52.37
N LEU A 1137 6.79 -45.47 -44.89
CA LEU A 1137 7.25 -46.85 -45.03
C LEU A 1137 7.49 -47.19 -46.49
N LEU A 1138 8.75 -47.41 -46.85
CA LEU A 1138 9.14 -47.76 -48.21
C LEU A 1138 9.48 -49.25 -48.24
N LYS A 1139 8.66 -50.04 -48.93
CA LYS A 1139 8.87 -51.47 -49.04
C LYS A 1139 9.80 -51.78 -50.19
N ALA A 1140 10.67 -52.77 -50.00
CA ALA A 1140 11.62 -53.16 -51.03
C ALA A 1140 10.99 -54.15 -52.00
N LEU A 1141 11.27 -53.94 -53.28
CA LEU A 1141 10.79 -54.85 -54.32
C LEU A 1141 11.54 -56.18 -54.24
N PRO A 1142 11.01 -57.24 -54.84
CA PRO A 1142 11.67 -58.54 -54.77
C PRO A 1142 13.08 -58.51 -55.36
N LEU A 1143 13.90 -59.45 -54.90
CA LEU A 1143 15.31 -59.44 -55.25
C LEU A 1143 15.53 -59.58 -56.75
N LYS A 1144 14.77 -60.46 -57.40
CA LYS A 1144 14.95 -60.68 -58.83
C LYS A 1144 14.68 -59.40 -59.62
N LEU A 1145 13.60 -58.70 -59.30
CA LEU A 1145 13.27 -57.46 -60.00
C LEU A 1145 14.33 -56.41 -59.77
N GLN A 1146 14.82 -56.27 -58.53
CA GLN A 1146 15.83 -55.26 -58.24
C GLN A 1146 17.12 -55.55 -59.00
N GLN A 1147 17.56 -56.80 -59.00
CA GLN A 1147 18.79 -57.16 -59.71
C GLN A 1147 18.65 -56.95 -61.21
N THR A 1148 17.51 -57.35 -61.78
CA THR A 1148 17.30 -57.16 -63.21
C THR A 1148 17.27 -55.68 -63.57
N ALA A 1149 16.60 -54.86 -62.76
CA ALA A 1149 16.53 -53.43 -63.04
C ALA A 1149 17.91 -52.78 -62.95
N PHE A 1150 18.69 -53.15 -61.92
CA PHE A 1150 20.03 -52.58 -61.80
C PHE A 1150 20.91 -52.99 -62.98
N GLU A 1151 20.83 -54.26 -63.39
CA GLU A 1151 21.61 -54.70 -64.53
C GLU A 1151 21.22 -53.95 -65.80
N ASN A 1152 19.91 -53.80 -66.03
CA ASN A 1152 19.47 -53.09 -67.24
C ASN A 1152 19.90 -51.64 -67.22
N ALA A 1153 19.79 -50.96 -66.09
CA ALA A 1153 20.20 -49.56 -66.00
C ALA A 1153 21.70 -49.42 -66.23
N TYR A 1154 22.50 -50.30 -65.62
CA TYR A 1154 23.94 -50.26 -65.81
C TYR A 1154 24.30 -50.48 -67.28
N LEU A 1155 23.68 -51.46 -67.92
CA LEU A 1155 23.95 -51.70 -69.33
C LEU A 1155 23.53 -50.52 -70.19
N LYS A 1156 22.40 -49.87 -69.87
CA LYS A 1156 21.97 -48.71 -70.65
C LYS A 1156 22.95 -47.57 -70.54
N ALA A 1157 23.40 -47.26 -69.31
CA ALA A 1157 24.36 -46.18 -69.13
C ALA A 1157 25.67 -46.48 -69.84
N GLN A 1158 26.17 -47.71 -69.70
CA GLN A 1158 27.42 -48.07 -70.35
C GLN A 1158 27.28 -48.05 -71.87
N GLU A 1159 26.13 -48.48 -72.39
CA GLU A 1159 25.90 -48.44 -73.83
C GLU A 1159 25.89 -47.01 -74.34
N GLY A 1160 25.25 -46.10 -73.61
CA GLY A 1160 25.28 -44.70 -74.00
C GLY A 1160 26.69 -44.15 -74.03
N MET A 1161 27.47 -44.45 -72.98
CA MET A 1161 28.85 -43.98 -72.93
C MET A 1161 29.67 -44.54 -74.09
N ARG A 1162 29.52 -45.84 -74.38
CA ARG A 1162 30.29 -46.45 -75.46
C ARG A 1162 29.89 -45.91 -76.82
N GLU A 1163 28.59 -45.71 -77.05
CA GLU A 1163 28.14 -45.18 -78.32
C GLU A 1163 28.63 -43.75 -78.53
N MET A 1164 28.65 -42.95 -77.47
CA MET A 1164 29.16 -41.58 -77.60
C MET A 1164 30.68 -41.56 -77.76
N SER A 1165 31.38 -42.52 -77.14
CA SER A 1165 32.82 -42.37 -76.91
C SER A 1165 33.62 -42.38 -78.21
N HIS A 1166 33.20 -43.18 -79.20
CA HIS A 1166 34.06 -43.45 -80.36
C HIS A 1166 34.22 -42.20 -81.20
N SER A 1167 35.35 -41.51 -81.07
CA SER A 1167 35.77 -40.37 -81.89
C SER A 1167 34.67 -39.31 -81.84
N ALA A 1168 34.17 -38.83 -82.98
CA ALA A 1168 33.07 -37.87 -83.06
C ALA A 1168 33.42 -36.54 -82.36
N GLU A 1169 34.50 -35.92 -82.86
CA GLU A 1169 34.85 -34.54 -82.51
C GLU A 1169 35.03 -34.37 -80.99
N ASN A 1170 36.08 -35.00 -80.47
CA ASN A 1170 36.26 -34.97 -79.02
C ASN A 1170 36.52 -33.58 -78.40
N PRO A 1171 37.00 -32.55 -79.13
CA PRO A 1171 37.00 -31.22 -78.50
C PRO A 1171 35.61 -30.73 -78.15
N GLU A 1172 34.61 -31.09 -78.96
CA GLU A 1172 33.23 -30.68 -78.70
C GLU A 1172 32.51 -31.68 -77.79
N THR A 1173 32.95 -32.94 -77.78
CA THR A 1173 32.31 -33.96 -76.96
C THR A 1173 33.06 -34.24 -75.67
N LEU A 1174 34.02 -33.39 -75.29
CA LEU A 1174 34.52 -33.43 -73.92
C LEU A 1174 33.38 -33.23 -72.93
N ASP A 1175 32.47 -32.30 -73.23
CA ASP A 1175 31.28 -32.12 -72.41
C ASP A 1175 30.40 -33.37 -72.42
N GLU A 1176 30.29 -34.02 -73.57
CA GLU A 1176 29.52 -35.26 -73.64
C GLU A 1176 30.13 -36.33 -72.74
N ILE A 1177 31.45 -36.46 -72.76
CA ILE A 1177 32.12 -37.44 -71.91
C ILE A 1177 31.86 -37.14 -70.45
N TYR A 1178 32.01 -35.88 -70.06
CA TYR A 1178 31.75 -35.50 -68.67
C TYR A 1178 30.31 -35.80 -68.28
N ASN A 1179 29.35 -35.45 -69.15
CA ASN A 1179 27.94 -35.64 -68.82
C ASN A 1179 27.58 -37.11 -68.71
N ARG A 1180 28.08 -37.95 -69.61
CA ARG A 1180 27.76 -39.37 -69.54
C ARG A 1180 28.39 -40.03 -68.31
N LYS A 1181 29.63 -39.66 -67.99
CA LYS A 1181 30.25 -40.19 -66.78
C LYS A 1181 29.46 -39.75 -65.54
N SER A 1182 29.02 -38.50 -65.52
CA SER A 1182 28.22 -38.01 -64.39
C SER A 1182 26.90 -38.75 -64.30
N VAL A 1183 26.27 -39.06 -65.44
CA VAL A 1183 25.02 -39.81 -65.43
C VAL A 1183 25.24 -41.19 -64.84
N LEU A 1184 26.30 -41.88 -65.28
CA LEU A 1184 26.58 -43.21 -64.76
C LEU A 1184 26.84 -43.18 -63.26
N LEU A 1185 27.65 -42.21 -62.81
CA LEU A 1185 27.96 -42.12 -61.39
C LEU A 1185 26.73 -41.77 -60.55
N THR A 1186 25.86 -40.89 -61.07
CA THR A 1186 24.63 -40.55 -60.36
C THR A 1186 23.71 -41.77 -60.27
N LEU A 1187 23.61 -42.53 -61.35
CA LEU A 1187 22.82 -43.76 -61.31
C LEU A 1187 23.35 -44.72 -60.25
N ILE A 1188 24.67 -44.91 -60.22
CA ILE A 1188 25.26 -45.82 -59.23
C ILE A 1188 25.00 -45.31 -57.82
N ALA A 1189 25.16 -44.01 -57.59
CA ALA A 1189 24.96 -43.44 -56.26
C ALA A 1189 23.51 -43.60 -55.81
N VAL A 1190 22.56 -43.33 -56.69
CA VAL A 1190 21.15 -43.46 -56.33
C VAL A 1190 20.81 -44.91 -56.01
N VAL A 1191 21.26 -45.84 -56.86
CA VAL A 1191 20.98 -47.26 -56.62
C VAL A 1191 21.60 -47.70 -55.29
N LEU A 1192 22.82 -47.26 -55.01
CA LEU A 1192 23.49 -47.66 -53.78
C LEU A 1192 22.78 -47.08 -52.56
N SER A 1193 22.29 -45.84 -52.66
CA SER A 1193 21.66 -45.20 -51.51
C SER A 1193 20.28 -45.77 -51.23
N CYS A 1194 19.49 -46.03 -52.27
CA CYS A 1194 18.10 -46.42 -52.05
C CYS A 1194 17.99 -47.91 -51.69
N SER A 1195 18.40 -48.78 -52.60
CA SER A 1195 18.21 -50.21 -52.40
C SER A 1195 19.34 -50.78 -51.54
N PRO A 1196 19.04 -51.40 -50.40
CA PRO A 1196 20.10 -52.06 -49.62
C PRO A 1196 20.50 -53.42 -50.16
N ILE A 1197 19.74 -53.99 -51.09
CA ILE A 1197 20.10 -55.28 -51.66
C ILE A 1197 21.33 -55.16 -52.54
N CYS A 1198 21.42 -54.09 -53.33
CA CYS A 1198 22.45 -53.94 -54.35
C CYS A 1198 23.61 -53.05 -53.90
N GLU A 1199 23.83 -52.91 -52.60
CA GLU A 1199 24.96 -52.10 -52.13
C GLU A 1199 26.28 -52.70 -52.59
N LYS A 1200 26.46 -54.01 -52.37
CA LYS A 1200 27.70 -54.66 -52.82
C LYS A 1200 27.79 -54.68 -54.33
N GLN A 1201 26.68 -54.93 -55.03
CA GLN A 1201 26.68 -54.92 -56.48
C GLN A 1201 27.05 -53.55 -57.02
N ALA A 1202 26.47 -52.49 -56.45
CA ALA A 1202 26.80 -51.14 -56.90
C ALA A 1202 28.24 -50.78 -56.59
N LEU A 1203 28.75 -51.20 -55.42
CA LEU A 1203 30.13 -50.93 -55.07
C LEU A 1203 31.10 -51.62 -56.04
N PHE A 1204 30.83 -52.87 -56.38
CA PHE A 1204 31.70 -53.56 -57.32
C PHE A 1204 31.60 -52.97 -58.71
N ALA A 1205 30.39 -52.55 -59.12
CA ALA A 1205 30.25 -51.87 -60.40
C ALA A 1205 31.03 -50.57 -60.42
N LEU A 1206 31.02 -49.84 -59.30
CA LEU A 1206 31.80 -48.61 -59.19
C LEU A 1206 33.29 -48.89 -59.31
N CYS A 1207 33.77 -49.94 -58.63
CA CYS A 1207 35.19 -50.29 -58.73
C CYS A 1207 35.56 -50.68 -60.16
N LYS A 1208 34.72 -51.48 -60.81
CA LYS A 1208 35.00 -51.88 -62.18
C LYS A 1208 35.01 -50.69 -63.13
N SER A 1209 34.07 -49.77 -62.94
CA SER A 1209 34.02 -48.57 -63.79
C SER A 1209 35.24 -47.68 -63.56
N VAL A 1210 35.69 -47.56 -62.30
CA VAL A 1210 36.92 -46.84 -62.02
C VAL A 1210 38.09 -47.49 -62.73
N LYS A 1211 38.11 -48.82 -62.77
CA LYS A 1211 39.21 -49.52 -63.42
C LYS A 1211 39.25 -49.27 -64.92
N GLU A 1212 38.09 -49.34 -65.58
CA GLU A 1212 38.12 -49.32 -67.05
C GLU A 1212 37.21 -48.26 -67.68
N ASN A 1213 36.06 -47.95 -67.07
CA ASN A 1213 35.16 -46.97 -67.66
C ASN A 1213 35.72 -45.56 -67.65
N GLY A 1214 36.78 -45.30 -66.88
CA GLY A 1214 37.39 -43.99 -66.85
C GLY A 1214 36.77 -43.00 -65.88
N LEU A 1215 35.98 -43.47 -64.91
CA LEU A 1215 35.45 -42.57 -63.89
C LEU A 1215 36.60 -41.92 -63.13
N GLU A 1216 36.49 -40.61 -62.94
CA GLU A 1216 37.53 -39.89 -62.22
C GLU A 1216 37.52 -40.30 -60.75
N PRO A 1217 38.64 -40.76 -60.19
CA PRO A 1217 38.62 -41.25 -58.81
C PRO A 1217 38.25 -40.19 -57.79
N HIS A 1218 38.46 -38.90 -58.07
CA HIS A 1218 38.13 -37.88 -57.10
C HIS A 1218 36.61 -37.70 -56.99
N LEU A 1219 35.90 -37.73 -58.12
CA LEU A 1219 34.44 -37.68 -58.07
C LEU A 1219 33.86 -38.89 -57.35
N VAL A 1220 34.42 -40.07 -57.61
CA VAL A 1220 33.97 -41.29 -56.94
C VAL A 1220 34.22 -41.19 -55.45
N LYS A 1221 35.39 -40.67 -55.05
CA LYS A 1221 35.68 -40.50 -53.63
C LYS A 1221 34.73 -39.50 -52.99
N LYS A 1222 34.39 -38.43 -53.71
CA LYS A 1222 33.42 -37.46 -53.19
C LYS A 1222 32.07 -38.11 -52.94
N VAL A 1223 31.56 -38.84 -53.94
CA VAL A 1223 30.25 -39.48 -53.81
C VAL A 1223 30.27 -40.49 -52.67
N LEU A 1224 31.33 -41.30 -52.60
CA LEU A 1224 31.43 -42.32 -51.58
C LEU A 1224 31.52 -41.70 -50.18
N GLU A 1225 32.27 -40.60 -50.04
CA GLU A 1225 32.35 -39.93 -48.76
C GLU A 1225 30.99 -39.39 -48.34
N LYS A 1226 30.26 -38.78 -49.27
CA LYS A 1226 28.93 -38.28 -48.96
C LYS A 1226 28.00 -39.41 -48.55
N VAL A 1227 28.05 -40.54 -49.25
CA VAL A 1227 27.19 -41.67 -48.92
C VAL A 1227 27.55 -42.25 -47.56
N SER A 1228 28.85 -42.43 -47.28
CA SER A 1228 29.26 -42.96 -46.00
C SER A 1228 28.86 -42.04 -44.86
N GLU A 1229 28.91 -40.72 -45.09
CA GLU A 1229 28.38 -39.78 -44.11
C GLU A 1229 26.88 -39.97 -43.93
N THR A 1230 26.16 -40.23 -45.02
CA THR A 1230 24.72 -40.47 -44.92
C THR A 1230 24.40 -41.71 -44.08
N PHE A 1231 25.14 -42.79 -44.29
CA PHE A 1231 24.86 -44.04 -43.58
C PHE A 1231 25.29 -43.98 -42.12
N GLY A 1232 26.04 -42.96 -41.71
CA GLY A 1232 26.45 -42.82 -40.33
C GLY A 1232 27.84 -43.33 -40.02
N TYR A 1233 28.58 -43.80 -41.01
CA TYR A 1233 29.95 -44.25 -40.77
C TYR A 1233 30.85 -43.05 -40.45
N ARG A 1234 31.71 -43.24 -39.45
CA ARG A 1234 32.60 -42.15 -39.05
C ARG A 1234 33.58 -41.79 -40.16
N ARG A 1235 34.12 -42.79 -40.85
CA ARG A 1235 35.10 -42.56 -41.90
C ARG A 1235 34.78 -43.45 -43.10
N LEU A 1236 35.19 -43.00 -44.28
CA LEU A 1236 34.98 -43.77 -45.49
C LEU A 1236 35.73 -45.09 -45.46
N GLU A 1237 36.87 -45.13 -44.76
CA GLU A 1237 37.67 -46.36 -44.71
C GLU A 1237 36.88 -47.49 -44.06
N ASP A 1238 36.17 -47.21 -42.98
CA ASP A 1238 35.35 -48.24 -42.34
C ASP A 1238 34.24 -48.71 -43.27
N PHE A 1239 33.58 -47.76 -43.96
CA PHE A 1239 32.49 -48.12 -44.85
C PHE A 1239 32.97 -49.03 -45.98
N MET A 1240 34.12 -48.72 -46.58
CA MET A 1240 34.65 -49.55 -47.65
C MET A 1240 35.25 -50.85 -47.13
N ALA A 1241 35.72 -50.88 -45.88
CA ALA A 1241 36.22 -52.12 -45.29
C ALA A 1241 35.10 -53.05 -44.88
N SER A 1242 33.89 -52.54 -44.68
CA SER A 1242 32.76 -53.40 -44.37
C SER A 1242 32.41 -54.32 -45.55
N HIS A 1243 32.70 -53.88 -46.77
CA HIS A 1243 32.45 -54.66 -47.97
C HIS A 1243 33.73 -55.12 -48.65
N LEU A 1244 34.84 -55.19 -47.90
CA LEU A 1244 36.12 -55.51 -48.52
C LEU A 1244 36.15 -56.95 -49.02
N ASP A 1245 35.55 -57.88 -48.27
CA ASP A 1245 35.59 -59.29 -48.66
C ASP A 1245 34.92 -59.51 -50.01
N TYR A 1246 33.73 -58.94 -50.19
CA TYR A 1246 33.02 -59.08 -51.45
C TYR A 1246 33.79 -58.46 -52.60
N LEU A 1247 34.35 -57.27 -52.36
CA LEU A 1247 35.10 -56.58 -53.41
C LEU A 1247 36.32 -57.39 -53.85
N VAL A 1248 37.08 -57.92 -52.88
CA VAL A 1248 38.27 -58.68 -53.22
C VAL A 1248 37.89 -60.00 -53.91
N LEU A 1249 36.84 -60.66 -53.43
CA LEU A 1249 36.43 -61.92 -54.05
C LEU A 1249 35.99 -61.71 -55.48
N GLU A 1250 35.16 -60.70 -55.73
CA GLU A 1250 34.70 -60.45 -57.09
C GLU A 1250 35.80 -59.86 -57.97
N TRP A 1251 36.81 -59.23 -57.38
CA TRP A 1251 37.96 -58.80 -58.15
C TRP A 1251 38.79 -59.99 -58.61
N LEU A 1252 39.08 -60.92 -57.70
CA LEU A 1252 39.85 -62.10 -58.06
C LEU A 1252 39.06 -63.03 -58.97
N ASN A 1253 37.74 -63.02 -58.87
CA ASN A 1253 36.92 -63.87 -59.73
C ASN A 1253 36.99 -63.46 -61.18
N LEU A 1254 37.35 -62.21 -61.47
CA LEU A 1254 37.53 -61.76 -62.84
C LEU A 1254 38.83 -62.35 -63.36
N GLN A 1255 38.72 -63.44 -64.13
CA GLN A 1255 39.88 -64.20 -64.58
C GLN A 1255 40.61 -63.42 -65.67
N ASP A 1256 41.43 -62.47 -65.24
CA ASP A 1256 42.20 -61.64 -66.15
C ASP A 1256 43.39 -61.06 -65.39
N THR A 1257 44.55 -61.03 -66.05
CA THR A 1257 45.74 -60.44 -65.43
C THR A 1257 45.59 -58.93 -65.25
N GLU A 1258 44.70 -58.30 -66.03
CA GLU A 1258 44.45 -56.87 -65.84
C GLU A 1258 43.78 -56.59 -64.51
N TYR A 1259 42.96 -57.52 -64.02
CA TYR A 1259 42.21 -57.35 -62.78
C TYR A 1259 42.85 -58.13 -61.63
N ASN A 1260 44.18 -58.17 -61.56
CA ASN A 1260 44.86 -58.86 -60.48
C ASN A 1260 44.80 -58.02 -59.20
N LEU A 1261 45.48 -58.49 -58.16
CA LEU A 1261 45.43 -57.79 -56.88
C LEU A 1261 46.19 -56.47 -56.91
N SER A 1262 47.28 -56.40 -57.68
CA SER A 1262 48.06 -55.17 -57.77
C SER A 1262 47.24 -54.03 -58.37
N SER A 1263 46.42 -54.34 -59.37
CA SER A 1263 45.64 -53.32 -60.07
C SER A 1263 44.34 -52.99 -59.35
N PHE A 1264 44.06 -53.61 -58.21
CA PHE A 1264 42.86 -53.30 -57.47
C PHE A 1264 42.86 -51.84 -57.04
N PRO A 1265 41.77 -51.10 -57.25
CA PRO A 1265 41.78 -49.68 -56.88
C PRO A 1265 41.77 -49.48 -55.37
N PHE A 1266 42.92 -49.09 -54.83
CA PHE A 1266 43.05 -48.83 -53.40
C PHE A 1266 42.85 -47.36 -53.05
N ILE A 1267 42.71 -46.48 -54.04
CA ILE A 1267 42.48 -45.08 -53.78
C ILE A 1267 41.06 -44.83 -53.30
N LEU A 1268 40.13 -45.74 -53.61
CA LEU A 1268 38.75 -45.60 -53.15
C LEU A 1268 38.60 -45.92 -51.66
N LEU A 1269 39.64 -46.44 -51.02
CA LEU A 1269 39.63 -46.70 -49.58
C LEU A 1269 40.46 -45.68 -48.80
N ASN A 1270 40.89 -44.60 -49.45
CA ASN A 1270 41.71 -43.56 -48.84
C ASN A 1270 43.03 -44.15 -48.31
N TYR A 1271 43.72 -44.91 -49.16
CA TYR A 1271 45.04 -45.43 -48.85
C TYR A 1271 46.04 -44.80 -49.80
N THR A 1272 47.08 -44.17 -49.24
CA THR A 1272 48.02 -43.42 -50.05
C THR A 1272 48.86 -44.34 -50.93
N ASN A 1273 49.36 -45.43 -50.37
CA ASN A 1273 50.29 -46.30 -51.07
C ASN A 1273 49.89 -47.75 -50.90
N ILE A 1274 50.48 -48.61 -51.72
CA ILE A 1274 50.24 -50.04 -51.64
C ILE A 1274 50.67 -50.59 -50.27
N GLU A 1275 51.77 -50.06 -49.73
CA GLU A 1275 52.30 -50.58 -48.48
C GLU A 1275 51.30 -50.41 -47.34
N ASP A 1276 50.70 -49.22 -47.23
CA ASP A 1276 49.70 -48.98 -46.19
C ASP A 1276 48.45 -49.80 -46.44
N PHE A 1277 48.09 -49.98 -47.72
CA PHE A 1277 46.94 -50.81 -48.05
C PHE A 1277 47.14 -52.23 -47.55
N TYR A 1278 48.32 -52.80 -47.77
CA TYR A 1278 48.62 -54.12 -47.24
C TYR A 1278 48.62 -54.12 -45.72
N ARG A 1279 49.26 -53.12 -45.11
CA ARG A 1279 49.31 -52.98 -43.66
C ARG A 1279 47.92 -53.08 -43.06
N SER A 1280 46.95 -52.47 -43.72
CA SER A 1280 45.60 -52.40 -43.17
C SER A 1280 44.73 -53.60 -43.56
N CYS A 1281 44.94 -54.18 -44.74
CA CYS A 1281 43.99 -55.16 -45.25
C CYS A 1281 44.58 -56.55 -45.52
N TYR A 1282 45.78 -56.85 -45.03
CA TYR A 1282 46.32 -58.18 -45.29
C TYR A 1282 45.52 -59.26 -44.55
N LYS A 1283 44.92 -58.91 -43.41
CA LYS A 1283 44.09 -59.87 -42.69
C LYS A 1283 42.99 -60.45 -43.55
N VAL A 1284 42.48 -59.68 -44.51
CA VAL A 1284 41.45 -60.18 -45.41
C VAL A 1284 42.00 -60.54 -46.78
N LEU A 1285 43.16 -60.02 -47.16
CA LEU A 1285 43.72 -60.39 -48.46
C LEU A 1285 44.34 -61.78 -48.44
N ILE A 1286 45.04 -62.14 -47.35
CA ILE A 1286 45.76 -63.41 -47.33
C ILE A 1286 44.84 -64.63 -47.44
N PRO A 1287 43.75 -64.73 -46.67
CA PRO A 1287 42.89 -65.93 -46.81
C PRO A 1287 42.30 -66.09 -48.19
N HIS A 1288 41.99 -64.99 -48.89
CA HIS A 1288 41.43 -65.11 -50.23
C HIS A 1288 42.45 -65.66 -51.22
N LEU A 1289 43.73 -65.30 -51.04
CA LEU A 1289 44.77 -65.83 -51.91
C LEU A 1289 45.10 -67.27 -51.58
N VAL A 1290 45.18 -67.59 -50.28
CA VAL A 1290 45.64 -68.92 -49.87
C VAL A 1290 44.66 -70.00 -50.31
N ILE A 1291 43.35 -69.71 -50.27
CA ILE A 1291 42.36 -70.67 -50.72
C ILE A 1291 42.51 -70.97 -52.21
N ARG A 1292 43.11 -70.05 -52.96
CA ARG A 1292 43.45 -70.28 -54.36
C ARG A 1292 44.86 -70.81 -54.54
N SER A 1293 45.57 -71.09 -53.44
CA SER A 1293 46.92 -71.62 -53.45
C SER A 1293 47.92 -70.70 -54.13
N HIS A 1294 47.67 -69.39 -54.09
CA HIS A 1294 48.58 -68.39 -54.64
C HIS A 1294 49.62 -68.02 -53.58
N PHE A 1295 50.48 -68.99 -53.27
CA PHE A 1295 51.46 -68.80 -52.21
C PHE A 1295 52.60 -67.88 -52.62
N ASP A 1296 52.92 -67.83 -53.92
CA ASP A 1296 53.90 -66.86 -54.38
C ASP A 1296 53.42 -65.43 -54.14
N GLU A 1297 52.13 -65.19 -54.33
CA GLU A 1297 51.60 -63.84 -54.12
C GLU A 1297 51.66 -63.46 -52.64
N VAL A 1298 51.33 -64.39 -51.73
CA VAL A 1298 51.40 -64.13 -50.26
C VAL A 1298 52.86 -63.94 -49.84
N LYS A 1299 53.80 -64.64 -50.50
CA LYS A 1299 55.22 -64.39 -50.26
C LYS A 1299 55.60 -62.97 -50.69
N SER A 1300 55.11 -62.54 -51.85
CA SER A 1300 55.40 -61.18 -52.33
C SER A 1300 54.81 -60.14 -51.38
N ILE A 1301 53.60 -60.39 -50.87
CA ILE A 1301 52.98 -59.45 -49.94
C ILE A 1301 53.81 -59.36 -48.66
N ALA A 1302 54.28 -60.49 -48.17
CA ALA A 1302 55.12 -60.49 -46.98
C ALA A 1302 56.43 -59.74 -47.22
N ASN A 1303 57.03 -59.94 -48.39
CA ASN A 1303 58.28 -59.24 -48.71
C ASN A 1303 58.04 -57.73 -48.79
N GLN A 1304 56.95 -57.31 -49.42
CA GLN A 1304 56.63 -55.88 -49.49
C GLN A 1304 56.36 -55.30 -48.11
N ILE A 1305 55.67 -56.07 -47.25
CA ILE A 1305 55.28 -55.58 -45.92
C ILE A 1305 56.40 -55.74 -44.90
N GLN A 1306 57.57 -56.23 -45.33
CA GLN A 1306 58.74 -56.45 -44.47
C GLN A 1306 58.40 -57.23 -43.19
N GLU A 1307 57.38 -58.09 -43.28
CA GLU A 1307 57.03 -59.00 -42.20
C GLU A 1307 57.12 -60.44 -42.71
N ASP A 1308 57.41 -61.35 -41.79
CA ASP A 1308 57.56 -62.75 -42.15
C ASP A 1308 56.23 -63.34 -42.60
N TRP A 1309 56.28 -64.15 -43.66
CA TRP A 1309 55.05 -64.74 -44.20
C TRP A 1309 54.45 -65.76 -43.26
N LYS A 1310 55.28 -66.46 -42.47
CA LYS A 1310 54.75 -67.40 -41.50
C LYS A 1310 53.88 -66.71 -40.47
N SER A 1311 54.31 -65.53 -39.99
CA SER A 1311 53.52 -64.78 -39.02
C SER A 1311 52.18 -64.35 -39.62
N LEU A 1312 52.19 -63.89 -40.87
CA LEU A 1312 50.95 -63.49 -41.52
C LEU A 1312 50.01 -64.67 -41.70
N LEU A 1313 50.55 -65.83 -42.11
CA LEU A 1313 49.72 -67.01 -42.27
C LEU A 1313 49.12 -67.46 -40.95
N THR A 1314 49.91 -67.43 -39.87
CA THR A 1314 49.40 -67.80 -38.56
C THR A 1314 48.33 -66.83 -38.09
N ASP A 1315 48.52 -65.53 -38.34
CA ASP A 1315 47.57 -64.53 -37.87
C ASP A 1315 46.27 -64.55 -38.65
N CYS A 1316 46.25 -65.11 -39.86
CA CYS A 1316 45.06 -65.20 -40.68
C CYS A 1316 44.48 -66.61 -40.73
N PHE A 1317 44.80 -67.43 -39.74
CA PHE A 1317 44.41 -68.84 -39.77
C PHE A 1317 42.90 -69.05 -39.75
N PRO A 1318 42.12 -68.47 -38.81
CA PRO A 1318 40.68 -68.79 -38.79
C PRO A 1318 39.94 -68.39 -40.07
N LYS A 1319 40.30 -67.26 -40.66
CA LYS A 1319 39.65 -66.88 -41.92
C LYS A 1319 40.03 -67.83 -43.04
N ILE A 1320 41.21 -68.46 -42.95
CA ILE A 1320 41.58 -69.50 -43.91
C ILE A 1320 40.71 -70.73 -43.71
N LEU A 1321 40.58 -71.19 -42.45
CA LEU A 1321 39.81 -72.39 -42.16
C LEU A 1321 38.32 -72.20 -42.45
N VAL A 1322 37.83 -70.97 -42.46
CA VAL A 1322 36.43 -70.73 -42.80
C VAL A 1322 36.13 -71.25 -44.21
N ASN A 1323 37.06 -71.08 -45.14
CA ASN A 1323 36.88 -71.55 -46.51
C ASN A 1323 37.23 -73.01 -46.69
N ILE A 1324 37.68 -73.70 -45.65
CA ILE A 1324 38.18 -75.07 -45.77
C ILE A 1324 37.27 -76.06 -45.04
N LEU A 1325 37.07 -75.83 -43.74
CA LEU A 1325 36.43 -76.83 -42.90
C LEU A 1325 35.01 -77.19 -43.32
N PRO A 1326 34.10 -76.25 -43.60
CA PRO A 1326 32.72 -76.65 -43.92
C PRO A 1326 32.61 -77.53 -45.15
N TYR A 1327 33.54 -77.45 -46.09
CA TYR A 1327 33.49 -78.33 -47.25
C TYR A 1327 33.93 -79.75 -46.90
N PHE A 1328 34.84 -79.91 -45.95
CA PHE A 1328 35.05 -81.23 -45.34
C PHE A 1328 33.79 -81.70 -44.63
N ALA A 1329 33.09 -80.78 -43.95
CA ALA A 1329 32.04 -81.16 -43.02
C ALA A 1329 30.89 -81.88 -43.72
N TYR A 1330 30.34 -81.29 -44.77
CA TYR A 1330 29.12 -81.77 -45.39
C TYR A 1330 29.45 -82.39 -46.73
N GLU A 1331 28.97 -83.61 -46.96
CA GLU A 1331 29.25 -84.38 -48.17
C GLU A 1331 27.99 -85.12 -48.59
N GLY A 1332 28.12 -85.92 -49.64
CA GLY A 1332 27.01 -86.69 -50.17
C GLY A 1332 26.10 -85.96 -51.12
N THR A 1333 26.36 -84.67 -51.38
CA THR A 1333 25.51 -83.92 -52.29
C THR A 1333 25.77 -84.34 -53.73
N ARG A 1334 24.75 -84.16 -54.57
CA ARG A 1334 24.86 -84.42 -55.99
C ARG A 1334 25.34 -83.19 -56.77
N ASP A 1335 25.61 -82.08 -56.09
CA ASP A 1335 26.07 -80.88 -56.74
C ASP A 1335 27.55 -81.02 -57.08
N SER A 1336 27.88 -80.92 -58.37
CA SER A 1336 29.27 -81.01 -58.79
C SER A 1336 30.08 -79.83 -58.24
N GLY A 1337 29.52 -78.63 -58.29
CA GLY A 1337 30.26 -77.45 -57.86
C GLY A 1337 30.77 -77.58 -56.44
N MET A 1338 29.91 -78.06 -55.54
CA MET A 1338 30.36 -78.32 -54.17
C MET A 1338 31.42 -79.42 -54.15
N ALA A 1339 31.41 -80.34 -55.11
CA ALA A 1339 32.44 -81.37 -55.16
C ALA A 1339 33.80 -80.76 -55.49
N GLN A 1340 33.88 -79.88 -56.48
CA GLN A 1340 35.17 -79.22 -56.70
C GLN A 1340 35.52 -78.26 -55.58
N GLN A 1341 34.54 -77.67 -54.89
CA GLN A 1341 34.85 -76.88 -53.69
C GLN A 1341 35.52 -77.75 -52.64
N ARG A 1342 35.00 -78.96 -52.42
CA ARG A 1342 35.61 -79.88 -51.47
C ARG A 1342 37.01 -80.28 -51.92
N GLU A 1343 37.18 -80.53 -53.22
CA GLU A 1343 38.50 -80.90 -53.74
C GLU A 1343 39.52 -79.78 -53.52
N THR A 1344 39.12 -78.54 -53.81
CA THR A 1344 40.02 -77.41 -53.60
C THR A 1344 40.34 -77.24 -52.12
N ALA A 1345 39.34 -77.41 -51.26
CA ALA A 1345 39.59 -77.30 -49.82
C ALA A 1345 40.58 -78.37 -49.37
N THR A 1346 40.41 -79.60 -49.84
CA THR A 1346 41.31 -80.69 -49.45
C THR A 1346 42.73 -80.42 -49.93
N LYS A 1347 42.88 -79.98 -51.18
CA LYS A 1347 44.23 -79.75 -51.70
C LYS A 1347 44.90 -78.58 -50.98
N VAL A 1348 44.14 -77.51 -50.69
CA VAL A 1348 44.73 -76.39 -49.96
C VAL A 1348 45.13 -76.83 -48.56
N TYR A 1349 44.29 -77.62 -47.90
CA TYR A 1349 44.61 -78.05 -46.54
C TYR A 1349 45.83 -78.96 -46.51
N ASP A 1350 45.97 -79.86 -47.50
CA ASP A 1350 47.13 -80.73 -47.50
C ASP A 1350 48.40 -79.99 -47.92
N MET A 1351 48.26 -78.93 -48.73
CA MET A 1351 49.40 -78.05 -48.97
C MET A 1351 49.83 -77.36 -47.69
N LEU A 1352 48.86 -76.89 -46.90
CA LEU A 1352 49.17 -76.29 -45.61
C LEU A 1352 49.78 -77.31 -44.66
N LYS A 1353 49.44 -78.59 -44.83
CA LYS A 1353 49.99 -79.64 -43.96
C LYS A 1353 51.48 -79.83 -44.18
N SER A 1354 51.99 -79.48 -45.35
CA SER A 1354 53.38 -79.75 -45.67
C SER A 1354 54.32 -78.98 -44.75
N GLU A 1355 55.49 -79.58 -44.51
CA GLU A 1355 56.43 -79.03 -43.53
C GLU A 1355 57.03 -77.70 -43.97
N ASN A 1356 56.98 -77.37 -45.26
CA ASN A 1356 57.61 -76.14 -45.74
C ASN A 1356 56.90 -74.91 -45.17
N LEU A 1357 55.57 -74.93 -45.11
CA LEU A 1357 54.82 -73.84 -44.49
C LEU A 1357 53.93 -74.39 -43.39
N LEU A 1358 54.05 -73.78 -42.19
CA LEU A 1358 53.28 -74.12 -41.00
C LEU A 1358 53.71 -75.45 -40.39
N GLY A 1359 54.58 -76.18 -41.09
CA GLY A 1359 55.14 -77.40 -40.55
C GLY A 1359 54.08 -78.37 -40.07
N LYS A 1360 54.38 -79.02 -38.96
CA LYS A 1360 53.43 -79.88 -38.26
C LYS A 1360 52.79 -79.18 -37.07
N GLN A 1361 53.04 -77.89 -36.91
CA GLN A 1361 52.49 -77.11 -35.80
C GLN A 1361 51.04 -76.68 -36.05
N ILE A 1362 50.40 -77.20 -37.09
CA ILE A 1362 49.01 -76.86 -37.36
C ILE A 1362 48.10 -77.38 -36.27
N ASP A 1363 48.41 -78.54 -35.69
CA ASP A 1363 47.57 -79.09 -34.63
C ASP A 1363 47.62 -78.23 -33.38
N HIS A 1364 48.82 -77.81 -32.97
CA HIS A 1364 48.94 -76.96 -31.79
C HIS A 1364 48.28 -75.60 -32.03
N LEU A 1365 48.47 -75.04 -33.22
CA LEU A 1365 47.84 -73.77 -33.55
C LEU A 1365 46.32 -73.88 -33.52
N PHE A 1366 45.79 -74.99 -34.03
CA PHE A 1366 44.34 -75.18 -34.03
C PHE A 1366 43.80 -75.38 -32.62
N ILE A 1367 44.48 -76.17 -31.79
CA ILE A 1367 43.97 -76.45 -30.46
C ILE A 1367 44.10 -75.22 -29.55
N SER A 1368 45.11 -74.39 -29.78
CA SER A 1368 45.37 -73.24 -28.92
C SER A 1368 44.69 -71.96 -29.40
N ASN A 1369 43.85 -72.03 -30.44
CA ASN A 1369 43.23 -70.83 -30.96
C ASN A 1369 41.75 -71.06 -31.32
N LEU A 1370 41.10 -72.04 -30.70
CA LEU A 1370 39.77 -72.46 -31.14
C LEU A 1370 38.72 -71.36 -31.14
N PRO A 1371 38.61 -70.49 -30.12
CA PRO A 1371 37.51 -69.50 -30.13
C PRO A 1371 37.47 -68.62 -31.36
N GLU A 1372 38.63 -68.26 -31.92
CA GLU A 1372 38.64 -67.46 -33.13
C GLU A 1372 38.04 -68.21 -34.31
N ILE A 1373 38.41 -69.48 -34.49
CA ILE A 1373 37.79 -70.28 -35.54
C ILE A 1373 36.29 -70.41 -35.30
N VAL A 1374 35.89 -70.57 -34.04
CA VAL A 1374 34.47 -70.73 -33.73
C VAL A 1374 33.69 -69.48 -34.12
N VAL A 1375 34.18 -68.30 -33.72
CA VAL A 1375 33.46 -67.07 -34.02
C VAL A 1375 33.49 -66.79 -35.52
N GLU A 1376 34.59 -67.11 -36.20
CA GLU A 1376 34.64 -66.91 -37.66
C GLU A 1376 33.66 -67.82 -38.37
N LEU A 1377 33.51 -69.06 -37.92
CA LEU A 1377 32.50 -69.95 -38.48
C LEU A 1377 31.10 -69.41 -38.22
N LEU A 1378 30.86 -68.91 -37.00
CA LEU A 1378 29.54 -68.39 -36.68
C LEU A 1378 29.17 -67.20 -37.54
N MET A 1379 30.12 -66.32 -37.81
CA MET A 1379 29.84 -65.07 -38.51
C MET A 1379 29.55 -65.26 -40.00
N THR A 1380 29.41 -66.50 -40.47
CA THR A 1380 29.09 -66.77 -41.87
C THR A 1380 27.67 -67.28 -42.06
N LEU A 1381 26.82 -67.18 -41.04
CA LEU A 1381 25.49 -67.73 -41.12
C LEU A 1381 24.60 -66.91 -42.06
N HIS A 1382 23.84 -67.62 -42.90
CA HIS A 1382 22.85 -66.99 -43.77
C HIS A 1382 21.78 -68.04 -44.06
N GLU A 1383 20.63 -67.93 -43.36
CA GLU A 1383 19.60 -68.96 -43.47
C GLU A 1383 19.05 -69.10 -44.88
N PRO A 1384 18.67 -68.02 -45.61
CA PRO A 1384 18.17 -68.27 -46.97
C PRO A 1384 19.26 -68.77 -47.92
N ASP A 1401 14.26 -64.02 -48.52
CA ASP A 1401 13.30 -62.92 -48.61
C ASP A 1401 13.96 -61.65 -49.11
N LEU A 1402 13.73 -60.53 -48.41
CA LEU A 1402 14.27 -59.24 -48.78
C LEU A 1402 15.49 -58.85 -47.96
N ASP A 1403 16.05 -59.78 -47.19
CA ASP A 1403 17.26 -59.47 -46.43
C ASP A 1403 18.46 -59.39 -47.36
N PRO A 1404 19.35 -58.42 -47.14
CA PRO A 1404 20.53 -58.31 -48.00
C PRO A 1404 21.49 -59.48 -47.78
N ALA A 1405 22.20 -59.82 -48.85
CA ALA A 1405 23.13 -60.95 -48.78
C ALA A 1405 24.37 -60.56 -47.99
N PRO A 1406 24.78 -61.36 -47.01
CA PRO A 1406 26.01 -61.06 -46.27
C PRO A 1406 27.26 -61.32 -47.09
N ASN A 1407 28.42 -61.29 -46.42
CA ASN A 1407 29.72 -61.56 -47.03
C ASN A 1407 29.73 -62.90 -47.75
N PRO A 1408 30.71 -63.14 -48.63
CA PRO A 1408 30.60 -64.24 -49.62
C PRO A 1408 30.29 -65.61 -49.03
N PRO A 1409 30.91 -66.02 -47.86
CA PRO A 1409 30.74 -67.41 -47.41
C PRO A 1409 29.34 -68.00 -47.51
N HIS A 1410 28.35 -67.38 -46.87
CA HIS A 1410 26.94 -67.76 -47.02
C HIS A 1410 26.71 -69.23 -46.65
N PHE A 1411 26.99 -69.54 -45.38
CA PHE A 1411 26.87 -70.91 -44.91
C PHE A 1411 25.62 -71.07 -44.06
N PRO A 1412 24.68 -71.96 -44.45
CA PRO A 1412 23.48 -72.17 -43.64
C PRO A 1412 23.77 -72.79 -42.28
N SER A 1413 22.72 -73.02 -41.49
CA SER A 1413 22.92 -73.52 -40.12
C SER A 1413 23.42 -74.96 -40.12
N HIS A 1414 22.85 -75.81 -40.97
CA HIS A 1414 23.17 -77.24 -40.91
C HIS A 1414 24.63 -77.49 -41.28
N VAL A 1415 25.17 -76.75 -42.26
CA VAL A 1415 26.57 -76.94 -42.60
C VAL A 1415 27.47 -76.46 -41.46
N ILE A 1416 27.04 -75.44 -40.71
CA ILE A 1416 27.80 -75.00 -39.55
C ILE A 1416 27.79 -76.09 -38.47
N LYS A 1417 26.63 -76.72 -38.24
CA LYS A 1417 26.58 -77.82 -37.29
C LYS A 1417 27.47 -78.97 -37.73
N ALA A 1418 27.49 -79.26 -39.03
CA ALA A 1418 28.38 -80.29 -39.56
C ALA A 1418 29.84 -79.91 -39.35
N THR A 1419 30.17 -78.62 -39.49
CA THR A 1419 31.54 -78.18 -39.25
C THR A 1419 31.93 -78.38 -37.79
N PHE A 1420 31.02 -78.04 -36.88
CA PHE A 1420 31.28 -78.29 -35.46
C PHE A 1420 31.48 -79.78 -35.19
N ALA A 1421 30.64 -80.62 -35.78
CA ALA A 1421 30.78 -82.06 -35.59
C ALA A 1421 32.12 -82.56 -36.14
N TYR A 1422 32.51 -82.07 -37.31
CA TYR A 1422 33.77 -82.50 -37.92
C TYR A 1422 34.96 -82.06 -37.07
N ILE A 1423 34.92 -80.85 -36.52
CA ILE A 1423 35.99 -80.41 -35.62
C ILE A 1423 36.01 -81.27 -34.37
N SER A 1424 34.82 -81.67 -33.88
CA SER A 1424 34.76 -82.55 -32.72
C SER A 1424 35.40 -83.91 -33.01
N ASN A 1425 35.16 -84.46 -34.20
CA ASN A 1425 35.72 -85.76 -34.53
C ASN A 1425 37.23 -85.71 -34.59
N CYS A 1426 37.79 -84.66 -35.17
CA CYS A 1426 39.23 -84.51 -35.29
C CYS A 1426 39.85 -84.10 -33.96
N ILE A 1434 32.36 -80.83 -29.79
CA ILE A 1434 33.06 -79.56 -29.92
C ILE A 1434 33.02 -78.76 -28.63
N LEU A 1435 31.87 -78.77 -27.96
CA LEU A 1435 31.72 -78.02 -26.72
C LEU A 1435 32.54 -78.63 -25.57
N GLU A 1436 32.98 -79.89 -25.71
CA GLU A 1436 33.87 -80.47 -24.72
C GLU A 1436 35.24 -79.81 -24.76
N ILE A 1437 35.78 -79.60 -25.97
CA ILE A 1437 37.08 -78.94 -26.10
C ILE A 1437 37.00 -77.52 -25.59
N LEU A 1438 35.92 -76.81 -25.90
CA LEU A 1438 35.73 -75.46 -25.35
C LEU A 1438 35.60 -75.50 -23.84
N SER A 1439 34.89 -76.49 -23.30
CA SER A 1439 34.75 -76.63 -21.86
C SER A 1439 36.07 -76.96 -21.18
N LYS A 1440 37.04 -77.52 -21.91
CA LYS A 1440 38.36 -77.73 -21.34
C LYS A 1440 39.01 -76.41 -20.93
N SER A 1441 38.66 -75.32 -21.61
CA SER A 1441 39.09 -73.97 -21.25
C SER A 1441 37.84 -73.13 -21.07
N PRO A 1442 37.25 -73.10 -19.88
CA PRO A 1442 35.91 -72.52 -19.71
C PRO A 1442 35.81 -71.04 -20.03
N ASP A 1443 36.92 -70.35 -20.25
CA ASP A 1443 36.89 -68.93 -20.57
C ASP A 1443 36.62 -68.65 -22.04
N SER A 1444 36.45 -69.68 -22.86
CA SER A 1444 36.24 -69.47 -24.29
C SER A 1444 34.87 -68.86 -24.57
N TYR A 1445 33.82 -69.40 -23.94
CA TYR A 1445 32.46 -68.90 -24.18
C TYR A 1445 32.38 -67.40 -23.96
N GLN A 1446 33.11 -66.89 -22.95
CA GLN A 1446 33.16 -65.46 -22.74
C GLN A 1446 33.72 -64.74 -23.96
N LYS A 1447 34.79 -65.29 -24.55
CA LYS A 1447 35.39 -64.65 -25.72
C LYS A 1447 34.44 -64.65 -26.92
N ILE A 1448 33.77 -65.78 -27.18
CA ILE A 1448 32.84 -65.82 -28.31
C ILE A 1448 31.68 -64.85 -28.08
N LEU A 1449 31.11 -64.85 -26.88
CA LEU A 1449 30.00 -63.93 -26.60
C LEU A 1449 30.45 -62.49 -26.70
N LEU A 1450 31.65 -62.18 -26.21
CA LEU A 1450 32.17 -60.82 -26.29
C LEU A 1450 32.36 -60.39 -27.73
N ALA A 1451 32.88 -61.27 -28.58
CA ALA A 1451 33.06 -60.93 -29.99
C ALA A 1451 31.72 -60.68 -30.67
N ILE A 1452 30.75 -61.55 -30.42
CA ILE A 1452 29.43 -61.39 -31.04
C ILE A 1452 28.79 -60.07 -30.60
N CYS A 1453 28.84 -59.79 -29.29
CA CYS A 1453 28.25 -58.55 -28.78
C CYS A 1453 28.99 -57.32 -29.29
N GLU A 1454 30.31 -57.41 -29.44
CA GLU A 1454 31.08 -56.28 -29.96
C GLU A 1454 30.71 -55.99 -31.40
N GLN A 1455 30.60 -57.02 -32.23
CA GLN A 1455 30.20 -56.80 -33.62
C GLN A 1455 28.76 -56.31 -33.71
N ALA A 1456 27.90 -56.73 -32.77
CA ALA A 1456 26.55 -56.18 -32.72
C ALA A 1456 26.58 -54.69 -32.37
N ALA A 1457 27.42 -54.31 -31.41
CA ALA A 1457 27.44 -52.93 -30.94
C ALA A 1457 28.02 -51.99 -31.98
N GLU A 1458 29.10 -52.40 -32.67
CA GLU A 1458 29.70 -51.52 -33.66
C GLU A 1458 28.74 -51.27 -34.82
N THR A 1459 27.82 -52.18 -35.07
CA THR A 1459 26.85 -52.01 -36.14
C THR A 1459 25.81 -50.96 -35.77
N ASN A 1460 25.52 -50.06 -36.71
CA ASN A 1460 24.47 -49.06 -36.55
C ASN A 1460 23.28 -49.31 -37.46
N ASN A 1461 23.33 -50.34 -38.32
CA ASN A 1461 22.23 -50.65 -39.21
C ASN A 1461 21.23 -51.55 -38.50
N VAL A 1462 20.25 -52.07 -39.23
CA VAL A 1462 19.23 -52.95 -38.65
C VAL A 1462 19.32 -54.33 -39.26
N TYR A 1463 19.75 -54.42 -40.52
CA TYR A 1463 19.81 -55.71 -41.19
C TYR A 1463 20.93 -56.58 -40.64
N LYS A 1464 22.16 -56.04 -40.62
CA LYS A 1464 23.25 -56.79 -40.01
C LYS A 1464 23.09 -56.89 -38.50
N LYS A 1465 22.37 -55.96 -37.87
CA LYS A 1465 22.02 -56.11 -36.46
C LYS A 1465 21.17 -57.36 -36.24
N HIS A 1466 20.14 -57.54 -37.07
CA HIS A 1466 19.31 -58.74 -36.98
C HIS A 1466 20.13 -59.99 -37.32
N ARG A 1467 21.06 -59.87 -38.27
CA ARG A 1467 21.92 -61.01 -38.59
C ARG A 1467 22.74 -61.43 -37.37
N ILE A 1468 23.44 -60.47 -36.75
CA ILE A 1468 24.25 -60.77 -35.58
C ILE A 1468 23.38 -61.32 -34.46
N LEU A 1469 22.14 -60.84 -34.35
CA LEU A 1469 21.21 -61.45 -33.39
C LEU A 1469 20.93 -62.91 -33.74
N LYS A 1470 20.85 -63.23 -35.03
CA LYS A 1470 20.66 -64.61 -35.44
C LYS A 1470 21.85 -65.49 -35.03
N ILE A 1471 23.07 -64.99 -35.26
CA ILE A 1471 24.26 -65.73 -34.79
C ILE A 1471 24.24 -65.89 -33.27
N TYR A 1472 23.87 -64.83 -32.55
CA TYR A 1472 23.81 -64.92 -31.09
C TYR A 1472 22.82 -65.98 -30.65
N HIS A 1473 21.63 -65.99 -31.26
CA HIS A 1473 20.63 -66.99 -30.93
C HIS A 1473 21.12 -68.40 -31.24
N LEU A 1474 21.78 -68.58 -32.38
CA LEU A 1474 22.28 -69.89 -32.75
C LEU A 1474 23.30 -70.40 -31.73
N PHE A 1475 24.27 -69.55 -31.39
CA PHE A 1475 25.30 -69.97 -30.44
C PHE A 1475 24.72 -70.24 -29.06
N VAL A 1476 23.78 -69.40 -28.62
CA VAL A 1476 23.18 -69.59 -27.30
C VAL A 1476 22.37 -70.90 -27.28
N SER A 1477 21.66 -71.19 -28.36
CA SER A 1477 20.90 -72.44 -28.43
C SER A 1477 21.83 -73.65 -28.38
N LEU A 1478 22.93 -73.59 -29.13
CA LEU A 1478 23.89 -74.70 -29.10
C LEU A 1478 24.50 -74.86 -27.70
N LEU A 1479 24.78 -73.74 -27.04
CA LEU A 1479 25.34 -73.81 -25.70
C LEU A 1479 24.34 -74.39 -24.70
N LEU A 1480 23.06 -74.04 -24.84
CA LEU A 1480 22.04 -74.60 -23.97
C LEU A 1480 21.83 -76.09 -24.25
N LYS A 1481 22.08 -76.54 -25.47
CA LYS A 1481 21.96 -77.96 -25.77
C LYS A 1481 22.97 -78.82 -25.00
N ASP A 1482 24.04 -78.21 -24.49
CA ASP A 1482 25.08 -78.94 -23.77
C ASP A 1482 24.96 -78.76 -22.26
N ILE A 1483 23.75 -78.57 -21.75
CA ILE A 1483 23.50 -78.43 -20.32
C ILE A 1483 23.72 -79.77 -19.65
N LYS A 1484 23.79 -79.76 -18.30
CA LYS A 1484 24.02 -80.93 -17.46
C LYS A 1484 25.48 -81.38 -17.54
N SER A 1485 26.28 -80.73 -18.38
CA SER A 1485 27.71 -80.96 -18.43
C SER A 1485 28.49 -79.99 -17.56
N GLY A 1486 27.88 -78.86 -17.18
CA GLY A 1486 28.53 -77.87 -16.34
C GLY A 1486 29.39 -76.88 -17.09
N LEU A 1487 29.69 -77.13 -18.36
CA LEU A 1487 30.55 -76.25 -19.17
C LEU A 1487 31.88 -75.98 -18.49
N GLY A 1488 32.39 -76.99 -17.77
CA GLY A 1488 33.62 -76.80 -17.02
C GLY A 1488 33.49 -75.77 -15.92
N GLY A 1489 32.36 -75.75 -15.22
CA GLY A 1489 32.13 -74.79 -14.18
C GLY A 1489 31.79 -73.39 -14.66
N ALA A 1490 31.49 -73.23 -15.95
CA ALA A 1490 31.21 -71.92 -16.53
C ALA A 1490 29.73 -71.68 -16.76
N TRP A 1491 28.85 -72.54 -16.25
CA TRP A 1491 27.44 -72.43 -16.54
C TRP A 1491 26.82 -71.17 -15.93
N ALA A 1492 27.15 -70.87 -14.67
CA ALA A 1492 26.53 -69.73 -14.01
C ALA A 1492 26.89 -68.42 -14.69
N PHE A 1493 28.18 -68.25 -15.04
CA PHE A 1493 28.61 -67.00 -15.65
C PHE A 1493 27.95 -66.79 -17.00
N VAL A 1494 27.92 -67.83 -17.84
CA VAL A 1494 27.34 -67.68 -19.17
C VAL A 1494 25.83 -67.48 -19.08
N LEU A 1495 25.18 -68.15 -18.13
CA LEU A 1495 23.75 -67.95 -17.93
C LEU A 1495 23.45 -66.50 -17.56
N ARG A 1496 24.20 -65.96 -16.60
CA ARG A 1496 24.00 -64.58 -16.17
C ARG A 1496 24.29 -63.60 -17.31
N ASP A 1497 25.37 -63.86 -18.06
CA ASP A 1497 25.74 -62.97 -19.16
C ASP A 1497 24.67 -62.96 -20.25
N VAL A 1498 24.15 -64.15 -20.60
CA VAL A 1498 23.12 -64.22 -21.64
C VAL A 1498 21.85 -63.53 -21.16
N ILE A 1499 21.45 -63.77 -19.90
CA ILE A 1499 20.25 -63.14 -19.37
C ILE A 1499 20.36 -61.62 -19.40
N TYR A 1500 21.50 -61.10 -18.94
CA TYR A 1500 21.67 -59.65 -18.89
C TYR A 1500 21.79 -59.04 -20.27
N THR A 1501 22.44 -59.75 -21.20
CA THR A 1501 22.51 -59.25 -22.58
C THR A 1501 21.13 -59.17 -23.21
N LEU A 1502 20.31 -60.20 -23.00
CA LEU A 1502 18.95 -60.17 -23.53
C LEU A 1502 18.12 -59.07 -22.89
N ILE A 1503 18.27 -58.88 -21.57
CA ILE A 1503 17.55 -57.81 -20.89
C ILE A 1503 17.96 -56.45 -21.45
N HIS A 1504 19.26 -56.24 -21.66
CA HIS A 1504 19.73 -54.98 -22.21
C HIS A 1504 19.21 -54.75 -23.63
N TYR A 1505 19.21 -55.81 -24.46
CA TYR A 1505 18.66 -55.70 -25.80
C TYR A 1505 17.18 -55.33 -25.77
N ILE A 1506 16.43 -55.95 -24.86
CA ILE A 1506 15.00 -55.63 -24.75
C ILE A 1506 14.79 -54.20 -24.29
N ASN A 1507 15.59 -53.73 -23.33
CA ASN A 1507 15.36 -52.42 -22.73
C ASN A 1507 15.55 -51.30 -23.74
N GLN A 1508 16.59 -51.38 -24.58
CA GLN A 1508 16.88 -50.31 -25.54
C GLN A 1508 16.20 -50.55 -26.88
N ARG A 1509 14.90 -50.79 -26.84
CA ARG A 1509 14.12 -50.95 -28.06
C ARG A 1509 13.81 -49.58 -28.66
N PRO A 1510 14.19 -49.32 -29.91
CA PRO A 1510 13.90 -48.01 -30.51
C PRO A 1510 12.42 -47.75 -30.64
N SER A 1511 11.70 -48.66 -31.31
CA SER A 1511 10.27 -48.54 -31.51
C SER A 1511 9.74 -49.91 -31.93
N CYS A 1512 8.47 -49.96 -32.32
CA CYS A 1512 7.84 -51.19 -32.78
C CYS A 1512 7.04 -50.93 -34.05
N ILE A 1513 7.62 -50.20 -34.98
CA ILE A 1513 6.97 -49.88 -36.25
C ILE A 1513 7.64 -50.52 -37.45
N MET A 1514 8.87 -51.02 -37.30
CA MET A 1514 9.60 -51.65 -38.39
C MET A 1514 9.55 -53.17 -38.22
N ASP A 1515 9.36 -53.87 -39.35
CA ASP A 1515 9.19 -55.32 -39.29
C ASP A 1515 10.42 -56.01 -38.72
N VAL A 1516 11.62 -55.59 -39.14
CA VAL A 1516 12.84 -56.23 -38.67
C VAL A 1516 13.02 -56.01 -37.17
N SER A 1517 12.61 -54.85 -36.67
CA SER A 1517 12.66 -54.61 -35.23
C SER A 1517 11.76 -55.58 -34.48
N LEU A 1518 10.56 -55.82 -35.01
CA LEU A 1518 9.67 -56.79 -34.37
C LEU A 1518 10.24 -58.19 -34.42
N ARG A 1519 10.86 -58.57 -35.54
CA ARG A 1519 11.50 -59.89 -35.61
C ARG A 1519 12.61 -60.01 -34.59
N SER A 1520 13.43 -58.97 -34.44
CA SER A 1520 14.50 -59.01 -33.45
C SER A 1520 13.95 -59.11 -32.03
N PHE A 1521 12.89 -58.35 -31.74
CA PHE A 1521 12.28 -58.40 -30.41
C PHE A 1521 11.72 -59.77 -30.12
N SER A 1522 11.03 -60.37 -31.09
CA SER A 1522 10.48 -61.70 -30.90
C SER A 1522 11.59 -62.73 -30.70
N LEU A 1523 12.68 -62.61 -31.46
CA LEU A 1523 13.80 -63.53 -31.30
C LEU A 1523 14.42 -63.41 -29.92
N CYS A 1524 14.60 -62.18 -29.44
CA CYS A 1524 15.16 -61.98 -28.09
C CYS A 1524 14.24 -62.56 -27.03
N CYS A 1525 12.94 -62.32 -27.15
CA CYS A 1525 11.99 -62.86 -26.18
C CYS A 1525 12.00 -64.39 -26.19
N ASP A 1526 12.05 -64.99 -27.39
CA ASP A 1526 12.09 -66.45 -27.48
C ASP A 1526 13.36 -67.01 -26.86
N LEU A 1527 14.50 -66.36 -27.10
CA LEU A 1527 15.75 -66.82 -26.51
C LEU A 1527 15.70 -66.71 -24.99
N LEU A 1528 15.16 -65.60 -24.46
CA LEU A 1528 15.05 -65.46 -23.01
C LEU A 1528 14.14 -66.53 -22.43
N SER A 1529 13.01 -66.80 -23.07
CA SER A 1529 12.10 -67.83 -22.58
C SER A 1529 12.78 -69.20 -22.58
N GLN A 1530 13.49 -69.52 -23.67
CA GLN A 1530 14.14 -70.83 -23.75
C GLN A 1530 15.23 -70.96 -22.68
N VAL A 1531 16.04 -69.93 -22.48
CA VAL A 1531 17.12 -70.04 -21.51
C VAL A 1531 16.57 -70.12 -20.10
N CYS A 1532 15.53 -69.34 -19.79
CA CYS A 1532 14.92 -69.41 -18.47
C CYS A 1532 14.31 -70.79 -18.22
N GLN A 1533 13.61 -71.34 -19.21
CA GLN A 1533 13.01 -72.65 -19.04
C GLN A 1533 14.08 -73.73 -18.84
N THR A 1534 15.14 -73.69 -19.65
CA THR A 1534 16.21 -74.68 -19.50
C THR A 1534 16.86 -74.57 -18.13
N ALA A 1535 17.15 -73.34 -17.68
CA ALA A 1535 17.80 -73.16 -16.38
C ALA A 1535 16.92 -73.67 -15.26
N VAL A 1536 15.63 -73.31 -15.27
CA VAL A 1536 14.76 -73.71 -14.16
C VAL A 1536 14.52 -75.21 -14.18
N THR A 1537 14.44 -75.83 -15.36
CA THR A 1537 14.18 -77.25 -15.43
C THR A 1537 15.39 -78.07 -15.00
N TYR A 1538 16.57 -77.72 -15.49
CA TYR A 1538 17.75 -78.57 -15.29
C TYR A 1538 18.71 -78.03 -14.23
N CYS A 1539 18.31 -77.01 -13.49
CA CYS A 1539 19.13 -76.54 -12.37
C CYS A 1539 18.34 -76.42 -11.08
N LYS A 1540 17.07 -76.04 -11.15
CA LYS A 1540 16.20 -75.82 -9.99
C LYS A 1540 16.73 -74.68 -9.11
N ASP A 1541 17.79 -74.02 -9.57
CA ASP A 1541 18.39 -72.91 -8.85
C ASP A 1541 19.04 -72.00 -9.89
N ALA A 1542 19.92 -71.10 -9.42
CA ALA A 1542 20.65 -70.15 -10.26
C ALA A 1542 19.75 -69.17 -10.99
N LEU A 1543 18.45 -69.17 -10.67
CA LEU A 1543 17.52 -68.21 -11.21
C LEU A 1543 16.93 -67.29 -10.15
N GLU A 1544 17.18 -67.55 -8.87
CA GLU A 1544 16.68 -66.68 -7.82
C GLU A 1544 17.38 -65.32 -7.83
N ASN A 1545 18.62 -65.27 -8.31
CA ASN A 1545 19.35 -64.01 -8.39
C ASN A 1545 18.99 -63.21 -9.63
N HIS A 1546 18.27 -63.79 -10.58
CA HIS A 1546 17.89 -63.10 -11.80
C HIS A 1546 16.38 -63.03 -12.02
N LEU A 1547 15.57 -63.63 -11.15
CA LEU A 1547 14.13 -63.62 -11.36
C LEU A 1547 13.56 -62.21 -11.26
N HIS A 1548 14.00 -61.43 -10.28
CA HIS A 1548 13.41 -60.12 -10.06
C HIS A 1548 13.69 -59.17 -11.23
N VAL A 1549 14.92 -59.18 -11.75
CA VAL A 1549 15.25 -58.29 -12.85
C VAL A 1549 14.51 -58.71 -14.13
N ILE A 1550 14.39 -60.02 -14.35
CA ILE A 1550 13.65 -60.51 -15.52
C ILE A 1550 12.19 -60.08 -15.44
N VAL A 1551 11.57 -60.25 -14.27
CA VAL A 1551 10.17 -59.86 -14.10
C VAL A 1551 10.01 -58.36 -14.28
N GLY A 1552 10.92 -57.57 -13.70
CA GLY A 1552 10.83 -56.13 -13.84
C GLY A 1552 11.01 -55.66 -15.26
N THR A 1553 11.84 -56.35 -16.04
CA THR A 1553 12.00 -56.00 -17.45
C THR A 1553 10.77 -56.41 -18.26
N LEU A 1554 10.18 -57.56 -17.92
CA LEU A 1554 9.06 -58.07 -18.71
C LEU A 1554 7.75 -57.34 -18.42
N ILE A 1555 7.59 -56.78 -17.21
CA ILE A 1555 6.31 -56.16 -16.86
C ILE A 1555 5.91 -55.04 -17.82
N PRO A 1556 6.77 -54.06 -18.14
CA PRO A 1556 6.33 -52.99 -19.04
C PRO A 1556 6.01 -53.45 -20.46
N LEU A 1557 6.47 -54.63 -20.86
CA LEU A 1557 6.30 -55.06 -22.25
C LEU A 1557 4.87 -55.43 -22.59
N VAL A 1558 4.00 -55.60 -21.59
CA VAL A 1558 2.63 -56.03 -21.86
C VAL A 1558 1.84 -54.95 -22.58
N TYR A 1559 2.17 -53.67 -22.38
CA TYR A 1559 1.42 -52.59 -23.02
C TYR A 1559 2.07 -52.17 -24.34
N GLU A 1560 2.35 -53.15 -25.21
CA GLU A 1560 2.91 -52.84 -26.53
C GLU A 1560 1.98 -53.27 -27.66
N GLN A 1561 1.62 -54.55 -27.72
CA GLN A 1561 0.68 -55.10 -28.69
C GLN A 1561 0.51 -56.57 -28.35
N VAL A 1562 -0.52 -57.19 -28.94
CA VAL A 1562 -0.85 -58.57 -28.61
C VAL A 1562 0.26 -59.53 -29.03
N GLU A 1563 0.96 -59.23 -30.12
CA GLU A 1563 1.96 -60.16 -30.65
C GLU A 1563 3.07 -60.43 -29.63
N VAL A 1564 3.57 -59.38 -28.99
CA VAL A 1564 4.54 -59.56 -27.92
C VAL A 1564 3.87 -59.79 -26.57
N GLN A 1565 2.62 -59.33 -26.39
CA GLN A 1565 1.92 -59.52 -25.13
C GLN A 1565 1.73 -61.00 -24.83
N LYS A 1566 1.39 -61.79 -25.85
CA LYS A 1566 1.14 -63.22 -25.62
C LYS A 1566 2.39 -63.91 -25.08
N GLN A 1567 3.54 -63.64 -25.69
CA GLN A 1567 4.77 -64.29 -25.25
C GLN A 1567 5.25 -63.76 -23.91
N VAL A 1568 5.09 -62.46 -23.66
CA VAL A 1568 5.45 -61.93 -22.35
C VAL A 1568 4.59 -62.57 -21.26
N LEU A 1569 3.28 -62.66 -21.51
CA LEU A 1569 2.38 -63.24 -20.53
C LEU A 1569 2.67 -64.72 -20.30
N ASP A 1570 2.93 -65.49 -21.36
CA ASP A 1570 3.14 -66.91 -21.12
C ASP A 1570 4.51 -67.18 -20.48
N LEU A 1571 5.51 -66.35 -20.78
CA LEU A 1571 6.78 -66.46 -20.07
C LEU A 1571 6.60 -66.15 -18.58
N LEU A 1572 5.87 -65.08 -18.28
CA LEU A 1572 5.62 -64.74 -16.87
C LEU A 1572 4.83 -65.85 -16.18
N LYS A 1573 3.84 -66.42 -16.88
CA LYS A 1573 3.06 -67.51 -16.32
C LYS A 1573 3.93 -68.73 -16.03
N TYR A 1574 4.86 -69.04 -16.93
CA TYR A 1574 5.80 -70.11 -16.67
C TYR A 1574 6.65 -69.81 -15.46
N LEU A 1575 7.08 -68.55 -15.31
CA LEU A 1575 7.98 -68.21 -14.21
C LEU A 1575 7.29 -68.25 -12.85
N VAL A 1576 6.06 -67.73 -12.74
CA VAL A 1576 5.50 -67.55 -11.40
C VAL A 1576 4.24 -68.39 -11.17
N ILE A 1577 3.47 -68.67 -12.22
CA ILE A 1577 2.17 -69.30 -12.02
C ILE A 1577 2.34 -70.79 -11.75
N ASP A 1578 2.89 -71.53 -12.71
CA ASP A 1578 3.02 -72.98 -12.60
C ASP A 1578 4.33 -73.41 -11.94
N ASN A 1579 4.96 -72.53 -11.17
CA ASN A 1579 6.24 -72.83 -10.55
C ASN A 1579 6.16 -72.87 -9.03
N LYS A 1580 4.95 -72.86 -8.46
CA LYS A 1580 4.79 -72.89 -7.02
C LYS A 1580 5.24 -74.20 -6.40
N ASP A 1581 5.48 -75.25 -7.19
CA ASP A 1581 5.89 -76.54 -6.65
C ASP A 1581 7.34 -76.55 -6.19
N ASN A 1582 8.13 -75.54 -6.55
CA ASN A 1582 9.53 -75.48 -6.19
C ASN A 1582 9.70 -74.62 -4.95
N GLU A 1583 10.34 -75.19 -3.92
CA GLU A 1583 10.53 -74.47 -2.66
C GLU A 1583 11.70 -73.49 -2.73
N ASN A 1584 12.67 -73.74 -3.60
CA ASN A 1584 13.84 -72.87 -3.68
C ASN A 1584 13.46 -71.46 -4.13
N LEU A 1585 12.58 -71.36 -5.13
CA LEU A 1585 12.12 -70.08 -5.65
C LEU A 1585 10.81 -69.62 -5.03
N TYR A 1586 10.29 -70.36 -4.06
CA TYR A 1586 9.15 -69.89 -3.27
C TYR A 1586 9.46 -68.55 -2.60
N ILE A 1587 10.60 -68.47 -1.92
CA ILE A 1587 11.00 -67.23 -1.27
C ILE A 1587 11.26 -66.14 -2.31
N THR A 1588 11.83 -66.51 -3.45
CA THR A 1588 12.11 -65.52 -4.49
C THR A 1588 10.84 -64.89 -5.01
N ILE A 1589 9.80 -65.70 -5.25
CA ILE A 1589 8.52 -65.14 -5.66
C ILE A 1589 7.88 -64.34 -4.53
N LYS A 1590 8.04 -64.80 -3.28
CA LYS A 1590 7.47 -64.06 -2.15
C LYS A 1590 8.06 -62.66 -2.06
N LEU A 1591 9.36 -62.54 -2.25
CA LEU A 1591 10.04 -61.24 -2.18
C LEU A 1591 10.13 -60.64 -3.58
N LEU A 1592 8.97 -60.25 -4.11
CA LEU A 1592 8.87 -59.72 -5.46
C LEU A 1592 7.88 -58.57 -5.46
N ASP A 1593 8.07 -57.66 -6.41
CA ASP A 1593 7.17 -56.51 -6.54
C ASP A 1593 5.79 -56.96 -6.98
N PRO A 1594 4.73 -56.35 -6.45
CA PRO A 1594 3.38 -56.69 -6.90
C PRO A 1594 3.16 -56.32 -8.36
N PHE A 1595 2.33 -57.11 -9.03
CA PHE A 1595 2.01 -56.87 -10.42
C PHE A 1595 1.05 -55.69 -10.56
N PRO A 1596 1.08 -54.98 -11.69
CA PRO A 1596 0.16 -53.85 -11.88
C PRO A 1596 -1.29 -54.31 -11.81
N ASP A 1597 -2.14 -53.45 -11.26
CA ASP A 1597 -3.54 -53.80 -10.98
C ASP A 1597 -4.38 -53.57 -12.23
N HIS A 1598 -4.14 -54.41 -13.24
CA HIS A 1598 -4.90 -54.43 -14.47
C HIS A 1598 -5.50 -55.81 -14.68
N VAL A 1599 -6.41 -55.88 -15.66
CA VAL A 1599 -7.10 -57.14 -15.95
C VAL A 1599 -6.14 -58.19 -16.46
N VAL A 1600 -5.13 -57.78 -17.24
CA VAL A 1600 -4.19 -58.73 -17.82
C VAL A 1600 -3.44 -59.49 -16.73
N PHE A 1601 -3.10 -58.80 -15.64
CA PHE A 1601 -2.34 -59.39 -14.54
C PHE A 1601 -3.22 -60.02 -13.48
N LYS A 1602 -4.49 -60.29 -13.78
CA LYS A 1602 -5.42 -60.76 -12.77
C LYS A 1602 -4.96 -62.09 -12.17
N ASP A 1603 -4.68 -63.08 -13.02
CA ASP A 1603 -4.23 -64.37 -12.52
C ASP A 1603 -2.87 -64.24 -11.82
N LEU A 1604 -1.97 -63.46 -12.42
CA LEU A 1604 -0.66 -63.24 -11.81
C LEU A 1604 -0.79 -62.54 -10.46
N ARG A 1605 -1.68 -61.53 -10.38
CA ARG A 1605 -1.89 -60.85 -9.11
C ARG A 1605 -2.47 -61.79 -8.06
N ILE A 1606 -3.43 -62.63 -8.44
CA ILE A 1606 -4.01 -63.58 -7.49
C ILE A 1606 -2.95 -64.55 -6.99
N THR A 1607 -2.12 -65.07 -7.89
CA THR A 1607 -1.07 -65.99 -7.48
C THR A 1607 -0.06 -65.31 -6.57
N GLN A 1608 0.31 -64.06 -6.88
CA GLN A 1608 1.22 -63.31 -6.03
C GLN A 1608 0.64 -63.13 -4.63
N GLN A 1609 -0.63 -62.74 -4.55
CA GLN A 1609 -1.28 -62.53 -3.26
C GLN A 1609 -1.34 -63.82 -2.46
N LYS A 1610 -1.69 -64.93 -3.12
CA LYS A 1610 -1.77 -66.21 -2.43
C LYS A 1610 -0.40 -66.66 -1.94
N ILE A 1611 0.65 -66.47 -2.76
CA ILE A 1611 1.97 -66.94 -2.39
C ILE A 1611 2.64 -66.02 -1.37
N LYS A 1612 2.18 -64.78 -1.24
CA LYS A 1612 2.79 -63.85 -0.30
C LYS A 1612 2.12 -63.90 1.07
N TYR A 1613 0.78 -63.89 1.11
CA TYR A 1613 0.03 -63.81 2.35
C TYR A 1613 -0.22 -65.17 2.99
N SER A 1614 0.61 -66.16 2.68
CA SER A 1614 0.54 -67.43 3.38
C SER A 1614 0.99 -67.25 4.83
N ARG A 1615 0.58 -68.20 5.68
CA ARG A 1615 0.91 -68.23 7.10
C ARG A 1615 0.33 -67.05 7.87
N GLY A 1616 -0.73 -66.42 7.34
CA GLY A 1616 -1.40 -65.36 8.05
C GLY A 1616 -1.28 -64.01 7.38
N PRO A 1617 -2.22 -63.11 7.65
CA PRO A 1617 -2.16 -61.77 7.08
C PRO A 1617 -1.05 -60.93 7.70
N PHE A 1618 -0.64 -59.90 6.97
CA PHE A 1618 0.44 -59.02 7.39
C PHE A 1618 -0.09 -57.85 8.19
N SER A 1619 0.74 -57.39 9.13
CA SER A 1619 0.48 -56.14 9.83
C SER A 1619 1.19 -55.00 9.12
N LEU A 1620 1.00 -53.77 9.61
CA LEU A 1620 1.67 -52.62 9.00
C LEU A 1620 3.18 -52.76 9.11
N LEU A 1621 3.68 -53.19 10.27
CA LEU A 1621 5.12 -53.39 10.43
C LEU A 1621 5.63 -54.45 9.47
N GLU A 1622 4.88 -55.54 9.32
CA GLU A 1622 5.27 -56.61 8.40
C GLU A 1622 5.24 -56.13 6.95
N GLU A 1623 4.24 -55.32 6.58
CA GLU A 1623 4.18 -54.77 5.24
C GLU A 1623 5.38 -53.85 4.96
N ILE A 1624 5.73 -53.00 5.92
CA ILE A 1624 6.88 -52.11 5.74
C ILE A 1624 8.17 -52.92 5.64
N ASN A 1625 8.30 -53.97 6.47
CA ASN A 1625 9.49 -54.81 6.40
C ASN A 1625 9.58 -55.53 5.07
N HIS A 1626 8.44 -55.99 4.54
CA HIS A 1626 8.43 -56.62 3.22
C HIS A 1626 8.86 -55.63 2.14
N PHE A 1627 8.35 -54.40 2.21
CA PHE A 1627 8.75 -53.38 1.25
C PHE A 1627 10.26 -53.13 1.32
N LEU A 1628 10.80 -53.00 2.53
CA LEU A 1628 12.23 -52.74 2.68
C LEU A 1628 13.06 -53.92 2.21
N SER A 1629 12.60 -55.14 2.46
CA SER A 1629 13.32 -56.32 2.00
C SER A 1629 13.35 -56.40 0.48
N VAL A 1630 12.22 -56.10 -0.17
CA VAL A 1630 12.20 -56.05 -1.63
C VAL A 1630 13.09 -54.91 -2.12
N SER A 1631 13.25 -53.85 -1.33
CA SER A 1631 14.04 -52.70 -1.74
C SER A 1631 15.53 -53.02 -1.86
N VAL A 1632 15.98 -54.19 -1.40
CA VAL A 1632 17.40 -54.52 -1.46
C VAL A 1632 17.89 -54.57 -2.90
N TYR A 1633 17.13 -55.21 -3.78
CA TYR A 1633 17.52 -55.39 -5.18
C TYR A 1633 16.42 -54.82 -6.07
N ASP A 1634 16.77 -53.81 -6.86
CA ASP A 1634 15.82 -53.17 -7.77
C ASP A 1634 16.59 -52.67 -8.99
N ALA A 1635 16.23 -53.17 -10.18
CA ALA A 1635 16.91 -52.74 -11.39
C ALA A 1635 16.60 -51.28 -11.70
N LEU A 1636 15.32 -50.91 -11.70
CA LEU A 1636 14.90 -49.57 -12.04
C LEU A 1636 13.84 -49.11 -11.04
N PRO A 1637 13.79 -47.81 -10.74
CA PRO A 1637 12.79 -47.31 -9.77
C PRO A 1637 11.36 -47.51 -10.23
N LEU A 1638 11.08 -47.46 -11.53
CA LEU A 1638 9.71 -47.54 -12.02
C LEU A 1638 9.06 -48.85 -11.62
N THR A 1639 9.82 -49.94 -11.58
CA THR A 1639 9.27 -51.23 -11.20
C THR A 1639 8.71 -51.22 -9.78
N ARG A 1640 9.12 -50.27 -8.95
CA ARG A 1640 8.61 -50.16 -7.60
C ARG A 1640 7.26 -49.46 -7.52
N LEU A 1641 6.80 -48.84 -8.62
CA LEU A 1641 5.64 -47.97 -8.56
C LEU A 1641 4.43 -48.68 -7.98
N GLU A 1642 4.08 -49.85 -8.53
CA GLU A 1642 2.90 -50.56 -8.05
C GLU A 1642 3.06 -50.96 -6.59
N GLY A 1643 4.29 -51.24 -6.15
CA GLY A 1643 4.50 -51.48 -4.73
C GLY A 1643 4.21 -50.25 -3.90
N LEU A 1644 4.72 -49.10 -4.34
CA LEU A 1644 4.57 -47.86 -3.57
C LEU A 1644 3.11 -47.59 -3.25
N LYS A 1645 2.26 -47.58 -4.28
CA LYS A 1645 0.83 -47.37 -4.07
C LYS A 1645 0.29 -48.32 -3.01
N ASP A 1646 0.62 -49.61 -3.12
CA ASP A 1646 0.17 -50.58 -2.13
C ASP A 1646 0.59 -50.14 -0.74
N LEU A 1647 1.88 -49.81 -0.57
CA LEU A 1647 2.36 -49.34 0.72
C LEU A 1647 1.54 -48.15 1.21
N ARG A 1648 1.28 -47.17 0.33
CA ARG A 1648 0.49 -45.97 0.71
C ARG A 1648 -0.89 -46.36 1.23
N ARG A 1649 -1.52 -47.39 0.66
CA ARG A 1649 -2.79 -47.85 1.20
C ARG A 1649 -2.64 -48.27 2.66
N GLN A 1650 -1.64 -49.12 2.93
CA GLN A 1650 -1.43 -49.56 4.31
C GLN A 1650 -1.18 -48.38 5.22
N LEU A 1651 -0.37 -47.41 4.76
CA LEU A 1651 -0.02 -46.28 5.61
C LEU A 1651 -1.22 -45.42 5.94
N GLU A 1652 -2.29 -45.48 5.15
CA GLU A 1652 -3.49 -44.71 5.43
C GLU A 1652 -4.59 -45.54 6.09
N LEU A 1653 -4.28 -46.78 6.48
CA LEU A 1653 -5.27 -47.65 7.11
C LEU A 1653 -4.90 -48.12 8.49
N HIS A 1654 -3.64 -47.97 8.92
CA HIS A 1654 -3.17 -48.55 10.17
C HIS A 1654 -2.35 -47.54 10.96
N LYS A 1655 -2.90 -46.33 11.13
CA LYS A 1655 -2.18 -45.30 11.87
C LYS A 1655 -2.06 -45.63 13.35
N ASP A 1656 -3.02 -46.39 13.91
CA ASP A 1656 -2.85 -46.90 15.27
C ASP A 1656 -1.65 -47.85 15.34
N GLN A 1657 -1.50 -48.70 14.32
CA GLN A 1657 -0.30 -49.52 14.24
C GLN A 1657 0.94 -48.67 14.05
N MET A 1658 0.81 -47.51 13.40
CA MET A 1658 1.94 -46.58 13.32
C MET A 1658 2.33 -46.08 14.70
N VAL A 1659 1.33 -45.76 15.54
CA VAL A 1659 1.61 -45.34 16.90
C VAL A 1659 2.30 -46.46 17.66
N ASP A 1660 1.81 -47.69 17.50
CA ASP A 1660 2.44 -48.83 18.17
C ASP A 1660 3.89 -49.02 17.72
N ILE A 1661 4.14 -48.87 16.42
CA ILE A 1661 5.50 -49.02 15.90
C ILE A 1661 6.41 -47.93 16.47
N MET A 1662 5.93 -46.69 16.50
CA MET A 1662 6.73 -45.59 17.04
C MET A 1662 7.03 -45.81 18.51
N ARG A 1663 6.06 -46.33 19.27
CA ARG A 1663 6.32 -46.66 20.67
C ARG A 1663 7.35 -47.78 20.80
N ALA A 1664 7.26 -48.79 19.93
CA ALA A 1664 8.21 -49.90 19.99
C ALA A 1664 9.64 -49.43 19.70
N SER A 1665 9.80 -48.55 18.72
CA SER A 1665 11.13 -48.09 18.32
C SER A 1665 11.69 -47.02 19.25
N GLN A 1666 11.05 -46.76 20.39
CA GLN A 1666 11.50 -45.70 21.28
C GLN A 1666 12.82 -46.05 21.95
N ASP A 1667 13.01 -47.33 22.30
CA ASP A 1667 14.21 -47.73 23.04
C ASP A 1667 15.47 -47.52 22.21
N ASN A 1668 15.40 -47.81 20.90
CA ASN A 1668 16.53 -47.66 19.99
C ASN A 1668 16.08 -46.81 18.81
N PRO A 1669 16.04 -45.49 18.98
CA PRO A 1669 15.57 -44.63 17.88
C PRO A 1669 16.39 -44.75 16.61
N GLN A 1670 17.69 -45.07 16.73
CA GLN A 1670 18.54 -45.17 15.55
C GLN A 1670 18.06 -46.29 14.62
N ASP A 1671 17.64 -47.42 15.20
CA ASP A 1671 17.14 -48.55 14.43
C ASP A 1671 15.63 -48.48 14.20
N GLY A 1672 15.06 -47.28 14.17
CA GLY A 1672 13.64 -47.16 13.93
C GLY A 1672 13.25 -47.54 12.51
N ILE A 1673 11.99 -47.93 12.36
CA ILE A 1673 11.49 -48.41 11.08
C ILE A 1673 10.99 -47.25 10.22
N MET A 1674 10.36 -46.25 10.83
CA MET A 1674 9.76 -45.17 10.05
C MET A 1674 10.81 -44.31 9.38
N VAL A 1675 11.87 -43.94 10.11
CA VAL A 1675 12.93 -43.14 9.50
C VAL A 1675 13.66 -43.95 8.44
N LYS A 1676 13.82 -45.25 8.65
CA LYS A 1676 14.42 -46.11 7.64
C LYS A 1676 13.58 -46.14 6.38
N LEU A 1677 12.26 -46.25 6.53
CA LEU A 1677 11.38 -46.22 5.36
C LEU A 1677 11.45 -44.87 4.65
N VAL A 1678 11.51 -43.79 5.41
CA VAL A 1678 11.55 -42.45 4.82
C VAL A 1678 12.83 -42.27 4.01
N VAL A 1679 13.97 -42.66 4.57
CA VAL A 1679 15.22 -42.49 3.86
C VAL A 1679 15.30 -43.43 2.66
N ASN A 1680 14.73 -44.63 2.77
CA ASN A 1680 14.67 -45.53 1.62
C ASN A 1680 13.84 -44.93 0.49
N LEU A 1681 12.69 -44.34 0.84
CA LEU A 1681 11.86 -43.69 -0.18
C LEU A 1681 12.58 -42.52 -0.82
N LEU A 1682 13.30 -41.74 -0.03
CA LEU A 1682 14.04 -40.60 -0.59
C LEU A 1682 15.17 -41.06 -1.50
N GLN A 1683 15.88 -42.13 -1.12
CA GLN A 1683 16.90 -42.68 -2.00
C GLN A 1683 16.30 -43.20 -3.30
N LEU A 1684 15.16 -43.88 -3.20
CA LEU A 1684 14.47 -44.35 -4.39
C LEU A 1684 14.08 -43.20 -5.30
N SER A 1685 13.59 -42.10 -4.72
CA SER A 1685 13.27 -40.92 -5.50
C SER A 1685 14.51 -40.33 -6.15
N LYS A 1686 15.65 -40.35 -5.44
CA LYS A 1686 16.90 -39.90 -6.02
C LYS A 1686 17.28 -40.73 -7.25
N MET A 1687 17.13 -42.05 -7.16
CA MET A 1687 17.47 -42.91 -8.27
C MET A 1687 16.53 -42.77 -9.46
N ALA A 1688 15.38 -42.12 -9.29
CA ALA A 1688 14.39 -41.98 -10.35
C ALA A 1688 14.57 -40.74 -11.19
N ILE A 1689 15.51 -39.85 -10.85
CA ILE A 1689 15.68 -38.62 -11.60
C ILE A 1689 16.32 -38.92 -12.95
N ASN A 1690 15.90 -38.20 -13.98
CA ASN A 1690 16.40 -38.36 -15.34
C ASN A 1690 16.16 -39.78 -15.86
N HIS A 1691 14.94 -40.27 -15.69
CA HIS A 1691 14.55 -41.59 -16.17
C HIS A 1691 13.14 -41.49 -16.76
N THR A 1692 12.64 -42.63 -17.23
CA THR A 1692 11.37 -42.64 -17.97
C THR A 1692 10.20 -42.26 -17.08
N GLY A 1693 10.07 -42.90 -15.92
CA GLY A 1693 8.93 -42.68 -15.05
C GLY A 1693 9.22 -41.78 -13.88
N GLU A 1694 9.96 -40.69 -14.13
CA GLU A 1694 10.37 -39.81 -13.05
C GLU A 1694 9.15 -39.20 -12.34
N LYS A 1695 8.24 -38.60 -13.09
CA LYS A 1695 7.11 -37.91 -12.47
C LYS A 1695 6.10 -38.87 -11.87
N GLU A 1696 6.10 -40.14 -12.27
CA GLU A 1696 5.20 -41.11 -11.67
C GLU A 1696 5.77 -41.71 -10.40
N VAL A 1697 7.08 -41.91 -10.34
CA VAL A 1697 7.71 -42.42 -9.13
C VAL A 1697 7.70 -41.35 -8.04
N LEU A 1698 8.01 -40.11 -8.40
CA LEU A 1698 8.00 -39.03 -7.42
C LEU A 1698 6.60 -38.80 -6.87
N GLU A 1699 5.57 -38.96 -7.71
CA GLU A 1699 4.21 -38.79 -7.24
C GLU A 1699 3.85 -39.82 -6.17
N ALA A 1700 4.16 -41.08 -6.42
CA ALA A 1700 3.88 -42.13 -5.44
C ALA A 1700 4.72 -41.95 -4.18
N VAL A 1701 5.98 -41.52 -4.35
CA VAL A 1701 6.85 -41.28 -3.19
C VAL A 1701 6.27 -40.17 -2.32
N GLY A 1702 5.81 -39.08 -2.95
CA GLY A 1702 5.20 -38.01 -2.19
C GLY A 1702 3.91 -38.43 -1.51
N SER A 1703 3.10 -39.24 -2.19
CA SER A 1703 1.87 -39.74 -1.58
C SER A 1703 2.18 -40.61 -0.37
N CYS A 1704 3.22 -41.43 -0.45
CA CYS A 1704 3.61 -42.26 0.69
C CYS A 1704 4.17 -41.42 1.83
N LEU A 1705 5.02 -40.44 1.51
CA LEU A 1705 5.62 -39.61 2.55
C LEU A 1705 4.58 -38.71 3.21
N GLY A 1706 3.52 -38.36 2.50
CA GLY A 1706 2.44 -37.59 3.11
C GLY A 1706 1.64 -38.35 4.13
N GLU A 1707 1.73 -39.69 4.12
CA GLU A 1707 0.99 -40.50 5.07
C GLU A 1707 1.72 -40.66 6.41
N VAL A 1708 2.98 -40.27 6.49
CA VAL A 1708 3.74 -40.34 7.73
C VAL A 1708 3.89 -38.97 8.37
N GLY A 1709 4.11 -37.93 7.57
CA GLY A 1709 4.21 -36.58 8.08
C GLY A 1709 5.50 -36.34 8.83
N PRO A 1710 5.62 -35.15 9.44
CA PRO A 1710 6.84 -34.81 10.19
C PRO A 1710 6.86 -35.41 11.59
N ILE A 1711 6.86 -36.75 11.64
CA ILE A 1711 6.94 -37.45 12.91
C ILE A 1711 8.34 -37.29 13.49
N ASP A 1712 8.42 -37.04 14.80
CA ASP A 1712 9.69 -36.94 15.48
C ASP A 1712 10.34 -38.32 15.54
N PHE A 1713 11.39 -38.52 14.76
CA PHE A 1713 12.08 -39.81 14.69
C PHE A 1713 13.12 -39.99 15.78
N SER A 1714 13.35 -38.97 16.61
CA SER A 1714 14.28 -39.03 17.75
C SER A 1714 15.71 -39.35 17.29
N THR A 1715 16.05 -38.96 16.07
CA THR A 1715 17.40 -39.14 15.54
C THR A 1715 17.79 -37.88 14.78
N ILE A 1716 19.09 -37.75 14.53
CA ILE A 1716 19.64 -36.61 13.80
C ILE A 1716 20.32 -37.05 12.51
N ALA A 1717 21.09 -38.13 12.55
CA ALA A 1717 21.87 -38.57 11.40
C ALA A 1717 21.14 -39.63 10.60
N ILE A 1718 21.58 -39.80 9.35
CA ILE A 1718 21.03 -40.77 8.42
C ILE A 1718 22.13 -41.75 8.06
N GLN A 1719 21.82 -43.05 8.07
CA GLN A 1719 22.81 -44.09 7.86
C GLN A 1719 22.71 -44.78 6.51
N HIS A 1720 21.63 -44.54 5.75
CA HIS A 1720 21.44 -45.05 4.39
C HIS A 1720 21.35 -46.57 4.32
N SER A 1721 21.34 -47.26 5.45
CA SER A 1721 21.13 -48.71 5.52
C SER A 1721 22.15 -49.47 4.67
N LYS A 1722 23.40 -49.37 5.11
CA LYS A 1722 24.50 -50.06 4.43
C LYS A 1722 24.30 -51.57 4.45
N ASP A 1723 25.12 -52.26 3.65
CA ASP A 1723 24.99 -53.70 3.50
C ASP A 1723 25.48 -54.42 4.76
N ALA A 1724 25.15 -55.70 4.84
CA ALA A 1724 25.51 -56.55 5.98
C ALA A 1724 26.48 -57.66 5.61
N SER A 1725 26.21 -58.38 4.51
CA SER A 1725 27.13 -59.43 4.10
C SER A 1725 28.48 -58.88 3.66
N TYR A 1726 28.48 -57.69 3.05
CA TYR A 1726 29.74 -57.07 2.64
C TYR A 1726 30.64 -56.79 3.84
N THR A 1727 30.05 -56.29 4.93
CA THR A 1727 30.84 -56.01 6.13
C THR A 1727 31.41 -57.29 6.73
N LYS A 1728 30.62 -58.36 6.77
CA LYS A 1728 31.12 -59.63 7.29
C LYS A 1728 32.24 -60.19 6.42
N ALA A 1729 32.09 -60.09 5.10
CA ALA A 1729 33.14 -60.56 4.20
C ALA A 1729 34.42 -59.74 4.38
N LEU A 1730 34.29 -58.43 4.56
CA LEU A 1730 35.46 -57.61 4.83
C LEU A 1730 36.12 -58.01 6.14
N LYS A 1731 35.32 -58.25 7.19
CA LYS A 1731 35.87 -58.65 8.47
C LYS A 1731 36.54 -60.01 8.40
N LEU A 1732 36.11 -60.86 7.46
CA LEU A 1732 36.72 -62.18 7.33
C LEU A 1732 38.18 -62.09 6.93
N PHE A 1733 38.51 -61.16 6.04
CA PHE A 1733 39.87 -61.06 5.52
C PHE A 1733 40.75 -60.24 6.45
N GLU A 1734 42.06 -60.32 6.21
CA GLU A 1734 43.06 -59.61 7.00
C GLU A 1734 44.17 -59.13 6.05
N ASP A 1735 45.27 -58.69 6.65
CA ASP A 1735 46.53 -58.38 5.97
C ASP A 1735 46.46 -57.09 5.15
N LYS A 1736 45.27 -56.51 5.01
CA LYS A 1736 45.01 -55.24 4.33
C LYS A 1736 45.28 -55.32 2.83
N GLU A 1737 45.83 -56.44 2.35
CA GLU A 1737 46.03 -56.65 0.92
C GLU A 1737 45.00 -57.61 0.33
N LEU A 1738 44.50 -58.53 1.14
CA LEU A 1738 43.44 -59.43 0.68
C LEU A 1738 42.10 -58.72 0.61
N GLN A 1739 41.88 -57.75 1.51
CA GLN A 1739 40.67 -56.94 1.47
C GLN A 1739 40.60 -56.14 0.18
N TRP A 1740 41.74 -55.61 -0.26
CA TRP A 1740 41.77 -54.89 -1.53
C TRP A 1740 41.38 -55.80 -2.68
N THR A 1741 41.89 -57.03 -2.68
CA THR A 1741 41.53 -57.98 -3.73
C THR A 1741 40.04 -58.29 -3.69
N PHE A 1742 39.48 -58.49 -2.50
CA PHE A 1742 38.04 -58.74 -2.39
C PHE A 1742 37.23 -57.57 -2.93
N ILE A 1743 37.61 -56.35 -2.57
CA ILE A 1743 36.87 -55.17 -3.01
C ILE A 1743 36.95 -55.01 -4.53
N MET A 1744 38.16 -55.15 -5.09
CA MET A 1744 38.34 -55.01 -6.52
C MET A 1744 37.57 -56.08 -7.28
N LEU A 1745 37.61 -57.32 -6.80
CA LEU A 1745 36.89 -58.40 -7.49
C LEU A 1745 35.38 -58.19 -7.39
N THR A 1746 34.90 -57.71 -6.25
CA THR A 1746 33.47 -57.41 -6.13
C THR A 1746 33.07 -56.31 -7.11
N TYR A 1747 33.86 -55.25 -7.21
CA TYR A 1747 33.54 -54.17 -8.15
C TYR A 1747 33.54 -54.67 -9.58
N LEU A 1748 34.53 -55.48 -9.94
CA LEU A 1748 34.62 -55.97 -11.32
C LEU A 1748 33.48 -56.94 -11.64
N ASN A 1749 33.13 -57.81 -10.70
CA ASN A 1749 31.99 -58.69 -10.90
C ASN A 1749 30.70 -57.90 -11.07
N ASN A 1750 30.55 -56.81 -10.29
CA ASN A 1750 29.37 -55.97 -10.44
C ASN A 1750 29.35 -55.28 -11.81
N THR A 1751 30.50 -54.82 -12.28
CA THR A 1751 30.54 -54.12 -13.56
C THR A 1751 30.54 -55.07 -14.76
N LEU A 1752 30.67 -56.38 -14.53
CA LEU A 1752 30.58 -57.34 -15.64
C LEU A 1752 29.24 -57.33 -16.34
N VAL A 1753 28.20 -56.76 -15.73
CA VAL A 1753 26.86 -56.81 -16.30
C VAL A 1753 26.39 -55.44 -16.80
N GLU A 1754 27.33 -54.57 -17.17
CA GLU A 1754 26.95 -53.28 -17.71
C GLU A 1754 26.62 -53.38 -19.20
N ASP A 1755 25.80 -52.43 -19.66
CA ASP A 1755 25.26 -52.52 -21.02
C ASP A 1755 26.34 -52.32 -22.08
N CYS A 1756 27.28 -51.40 -21.79
CA CYS A 1756 28.44 -51.11 -22.69
C CYS A 1756 29.37 -52.33 -22.82
N VAL A 1757 29.95 -52.54 -24.01
CA VAL A 1757 30.81 -53.74 -24.26
C VAL A 1757 32.28 -53.42 -24.02
N LYS A 1758 32.61 -52.18 -23.69
CA LYS A 1758 34.04 -51.81 -23.55
C LYS A 1758 34.53 -52.02 -22.13
N VAL A 1759 33.64 -52.00 -21.13
CA VAL A 1759 34.16 -52.27 -19.80
C VAL A 1759 34.12 -53.75 -19.46
N ARG A 1760 33.35 -54.55 -20.20
CA ARG A 1760 33.31 -55.98 -19.92
C ARG A 1760 34.61 -56.66 -20.32
N SER A 1761 35.19 -56.27 -21.46
CA SER A 1761 36.48 -56.81 -21.85
C SER A 1761 37.57 -56.41 -20.85
N ALA A 1762 37.57 -55.15 -20.42
CA ALA A 1762 38.53 -54.72 -19.42
C ALA A 1762 38.33 -55.47 -18.11
N ALA A 1763 37.07 -55.69 -17.72
CA ALA A 1763 36.81 -56.42 -16.48
C ALA A 1763 37.28 -57.85 -16.55
N VAL A 1764 37.02 -58.55 -17.66
CA VAL A 1764 37.48 -59.93 -17.75
C VAL A 1764 38.99 -59.99 -17.82
N THR A 1765 39.63 -59.03 -18.48
CA THR A 1765 41.09 -58.97 -18.46
C THR A 1765 41.62 -58.79 -17.04
N CYS A 1766 40.99 -57.90 -16.26
CA CYS A 1766 41.42 -57.68 -14.89
C CYS A 1766 41.22 -58.93 -14.04
N LEU A 1767 40.09 -59.64 -14.21
CA LEU A 1767 39.90 -60.90 -13.50
C LEU A 1767 40.97 -61.91 -13.85
N LYS A 1768 41.26 -62.06 -15.15
CA LYS A 1768 42.26 -63.03 -15.57
C LYS A 1768 43.64 -62.69 -15.01
N ASN A 1769 43.98 -61.41 -14.97
CA ASN A 1769 45.28 -61.01 -14.46
C ASN A 1769 45.36 -61.17 -12.95
N ILE A 1770 44.33 -60.75 -12.23
CA ILE A 1770 44.37 -60.75 -10.77
C ILE A 1770 44.31 -62.18 -10.23
N LEU A 1771 43.41 -63.00 -10.76
CA LEU A 1771 43.22 -64.34 -10.20
C LEU A 1771 44.33 -65.30 -10.54
N ALA A 1772 45.44 -64.88 -11.14
CA ALA A 1772 46.54 -65.77 -11.49
C ALA A 1772 47.83 -65.43 -10.74
N THR A 1773 47.73 -64.69 -9.64
CA THR A 1773 48.90 -64.23 -8.88
C THR A 1773 48.89 -64.85 -7.48
N LYS A 1774 49.89 -64.46 -6.69
CA LYS A 1774 49.97 -64.92 -5.30
C LYS A 1774 48.72 -64.49 -4.52
N THR A 1775 48.38 -63.21 -4.61
CA THR A 1775 47.26 -62.68 -3.84
C THR A 1775 45.93 -63.25 -4.31
N GLY A 1776 45.82 -63.58 -5.60
CA GLY A 1776 44.57 -64.19 -6.08
C GLY A 1776 44.28 -65.51 -5.39
N HIS A 1777 45.30 -66.36 -5.27
CA HIS A 1777 45.11 -67.64 -4.58
C HIS A 1777 44.97 -67.44 -3.07
N SER A 1778 45.77 -66.53 -2.50
CA SER A 1778 45.59 -66.21 -1.08
C SER A 1778 44.17 -65.74 -0.80
N PHE A 1779 43.51 -65.15 -1.79
CA PHE A 1779 42.12 -64.74 -1.65
C PHE A 1779 41.17 -65.91 -1.84
N TRP A 1780 41.35 -66.67 -2.92
CA TRP A 1780 40.37 -67.75 -3.23
C TRP A 1780 40.30 -68.75 -2.09
N GLU A 1781 41.45 -69.19 -1.58
CA GLU A 1781 41.49 -70.20 -0.50
C GLU A 1781 40.68 -69.71 0.70
N ILE A 1782 40.81 -68.43 1.06
CA ILE A 1782 40.14 -67.93 2.28
C ILE A 1782 38.67 -67.59 1.95
N TYR A 1783 38.34 -67.36 0.67
CA TYR A 1783 36.97 -66.96 0.39
C TYR A 1783 36.09 -68.10 -0.11
N LYS A 1784 36.68 -69.24 -0.50
CA LYS A 1784 35.88 -70.34 -1.01
C LYS A 1784 35.05 -71.00 0.08
N MET A 1785 35.40 -70.81 1.35
CA MET A 1785 34.65 -71.42 2.44
C MET A 1785 33.29 -70.78 2.66
N THR A 1786 33.01 -69.64 2.03
CA THR A 1786 31.75 -68.94 2.20
C THR A 1786 30.80 -69.29 1.05
N THR A 1787 29.58 -68.76 1.14
CA THR A 1787 28.57 -68.94 0.11
C THR A 1787 28.26 -67.59 -0.51
N ASP A 1788 28.50 -67.47 -1.82
CA ASP A 1788 28.31 -66.22 -2.53
C ASP A 1788 28.27 -66.51 -4.02
N PRO A 1789 27.36 -65.88 -4.78
CA PRO A 1789 27.31 -66.15 -6.23
C PRO A 1789 28.57 -65.75 -6.96
N MET A 1790 29.37 -64.83 -6.41
CA MET A 1790 30.59 -64.42 -7.07
C MET A 1790 31.58 -65.57 -7.18
N LEU A 1791 31.52 -66.54 -6.25
CA LEU A 1791 32.36 -67.72 -6.35
C LEU A 1791 32.06 -68.48 -7.63
N ALA A 1792 30.77 -68.71 -7.92
CA ALA A 1792 30.40 -69.41 -9.14
C ALA A 1792 30.64 -68.56 -10.38
N TYR A 1793 30.47 -67.24 -10.27
CA TYR A 1793 30.65 -66.38 -11.43
C TYR A 1793 32.11 -66.28 -11.85
N LEU A 1794 33.04 -66.37 -10.90
CA LEU A 1794 34.46 -66.21 -11.18
C LEU A 1794 35.17 -67.54 -11.39
N GLN A 1795 34.46 -68.66 -11.39
CA GLN A 1795 35.09 -69.96 -11.62
C GLN A 1795 35.81 -70.05 -12.96
N PRO A 1796 35.22 -69.66 -14.10
CA PRO A 1796 35.94 -69.85 -15.38
C PRO A 1796 37.24 -69.08 -15.47
N PHE A 1797 37.33 -67.90 -14.86
CA PHE A 1797 38.47 -67.02 -15.07
C PHE A 1797 39.71 -67.42 -14.28
N ARG A 1798 39.58 -68.30 -13.29
CA ARG A 1798 40.74 -68.78 -12.54
C ARG A 1798 41.23 -70.09 -13.15
N THR A 1799 42.55 -70.25 -13.18
CA THR A 1799 43.18 -71.42 -13.77
C THR A 1799 44.27 -71.94 -12.85
N SER A 1800 44.57 -73.23 -13.00
CA SER A 1800 45.61 -73.90 -12.22
C SER A 1800 46.85 -74.02 -13.10
N ARG A 1801 47.82 -73.14 -12.88
CA ARG A 1801 49.06 -73.12 -13.64
C ARG A 1801 50.25 -73.41 -12.73
N LYS A 1802 51.31 -73.96 -13.33
CA LYS A 1802 52.50 -74.30 -12.57
C LYS A 1802 53.15 -73.07 -11.97
N LYS A 1803 53.26 -71.99 -12.75
CA LYS A 1803 53.83 -70.74 -12.30
C LYS A 1803 52.75 -69.68 -12.30
N PHE A 1804 52.51 -69.05 -11.16
CA PHE A 1804 51.50 -68.01 -11.05
C PHE A 1804 52.01 -66.70 -11.64
N LEU A 1805 51.09 -65.91 -12.15
CA LEU A 1805 51.45 -64.68 -12.87
C LEU A 1805 52.20 -63.72 -11.96
N GLU A 1806 53.27 -63.13 -12.49
CA GLU A 1806 54.04 -62.12 -11.79
C GLU A 1806 53.95 -60.80 -12.55
N VAL A 1807 53.80 -59.71 -11.80
CA VAL A 1807 53.70 -58.38 -12.38
C VAL A 1807 55.10 -57.81 -12.55
N PRO A 1808 55.43 -57.22 -13.71
CA PRO A 1808 56.75 -56.64 -13.89
C PRO A 1808 56.93 -55.37 -13.07
N ARG A 1809 57.76 -55.44 -12.02
CA ARG A 1809 58.00 -54.29 -11.15
C ARG A 1809 59.12 -53.43 -11.75
N PHE A 1810 58.80 -52.81 -12.87
CA PHE A 1810 59.76 -51.94 -13.55
C PHE A 1810 59.98 -50.67 -12.72
N ASP A 1811 61.25 -50.31 -12.55
CA ASP A 1811 61.62 -49.17 -11.73
C ASP A 1811 61.95 -47.99 -12.64
N LYS A 1812 61.22 -46.89 -12.46
CA LYS A 1812 61.50 -45.67 -13.20
C LYS A 1812 62.83 -45.08 -12.75
N GLU A 1813 63.53 -44.45 -13.70
CA GLU A 1813 64.83 -43.85 -13.38
C GLU A 1813 64.70 -42.77 -12.31
N ASN A 1814 63.67 -41.93 -12.41
CA ASN A 1814 63.43 -40.87 -11.44
C ASN A 1814 61.93 -40.78 -11.17
N PRO A 1815 61.46 -41.32 -10.04
CA PRO A 1815 60.06 -41.14 -9.66
C PRO A 1815 59.79 -39.73 -9.19
N PHE A 1816 58.58 -39.47 -8.71
CA PHE A 1816 58.10 -38.18 -8.20
C PHE A 1816 57.97 -37.13 -9.30
N GLU A 1817 58.35 -37.44 -10.55
CA GLU A 1817 58.28 -36.45 -11.62
C GLU A 1817 56.92 -36.42 -12.30
N GLY A 1818 56.26 -37.58 -12.42
CA GLY A 1818 54.95 -37.62 -13.02
C GLY A 1818 53.82 -37.12 -12.15
N LEU A 1819 54.09 -36.91 -10.87
CA LEU A 1819 53.08 -36.43 -9.93
C LEU A 1819 53.41 -35.08 -9.33
N ASP A 1820 54.54 -34.47 -9.70
CA ASP A 1820 54.91 -33.16 -9.16
C ASP A 1820 54.24 -32.01 -9.90
N ASP A 1821 53.59 -32.27 -11.02
CA ASP A 1821 52.97 -31.20 -11.80
C ASP A 1821 51.79 -30.62 -11.05
N ILE A 1822 51.74 -29.28 -10.96
CA ILE A 1822 50.61 -28.63 -10.32
C ILE A 1822 49.35 -28.75 -11.16
N ASN A 1823 49.49 -28.77 -12.49
CA ASN A 1823 48.33 -28.90 -13.36
C ASN A 1823 47.66 -30.26 -13.22
N LEU A 1824 48.45 -31.30 -12.96
CA LEU A 1824 47.88 -32.63 -12.77
C LEU A 1824 46.99 -32.69 -11.54
N TRP A 1825 47.42 -32.07 -10.45
CA TRP A 1825 46.73 -32.21 -9.17
C TRP A 1825 45.54 -31.28 -9.01
N ILE A 1826 45.35 -30.32 -9.93
CA ILE A 1826 44.25 -29.38 -9.85
C ILE A 1826 43.54 -29.35 -11.20
N PRO A 1827 42.24 -29.68 -11.27
CA PRO A 1827 41.54 -29.66 -12.55
C PRO A 1827 41.05 -28.27 -12.93
N LEU A 1828 40.32 -28.19 -14.03
CA LEU A 1828 39.67 -26.95 -14.44
C LEU A 1828 38.31 -26.87 -13.75
N SER A 1829 37.49 -25.88 -14.15
CA SER A 1829 36.14 -25.77 -13.60
C SER A 1829 35.31 -26.99 -13.96
N GLU A 1830 35.44 -27.46 -15.20
CA GLU A 1830 34.73 -28.62 -15.71
C GLU A 1830 35.73 -29.73 -16.05
N ASN A 1831 35.22 -30.79 -16.67
CA ASN A 1831 36.03 -31.90 -17.18
C ASN A 1831 36.77 -32.61 -16.04
N HIS A 1832 35.98 -33.16 -15.11
CA HIS A 1832 36.50 -33.94 -14.01
C HIS A 1832 36.95 -35.33 -14.43
N ASP A 1833 36.33 -35.90 -15.46
CA ASP A 1833 36.60 -37.27 -15.85
C ASP A 1833 38.05 -37.46 -16.29
N ILE A 1834 38.51 -36.63 -17.23
CA ILE A 1834 39.88 -36.78 -17.69
C ILE A 1834 40.87 -36.42 -16.60
N TRP A 1835 40.51 -35.49 -15.70
CA TRP A 1835 41.40 -35.15 -14.59
C TRP A 1835 41.63 -36.36 -13.69
N ILE A 1836 40.55 -37.01 -13.26
CA ILE A 1836 40.70 -38.16 -12.37
C ILE A 1836 41.37 -39.32 -13.10
N LYS A 1837 41.06 -39.50 -14.39
CA LYS A 1837 41.69 -40.57 -15.16
C LYS A 1837 43.19 -40.36 -15.27
N THR A 1838 43.61 -39.12 -15.58
CA THR A 1838 45.03 -38.82 -15.71
C THR A 1838 45.74 -38.95 -14.38
N LEU A 1839 45.10 -38.49 -13.30
CA LEU A 1839 45.71 -38.62 -11.98
C LEU A 1839 45.91 -40.09 -11.61
N THR A 1840 44.90 -40.92 -11.83
CA THR A 1840 45.02 -42.34 -11.51
C THR A 1840 46.07 -43.01 -12.38
N CYS A 1841 46.12 -42.66 -13.68
CA CYS A 1841 47.13 -43.26 -14.55
C CYS A 1841 48.53 -42.85 -14.14
N ALA A 1842 48.72 -41.57 -13.77
CA ALA A 1842 50.03 -41.12 -13.33
C ALA A 1842 50.43 -41.81 -12.04
N PHE A 1843 49.48 -42.02 -11.13
CA PHE A 1843 49.78 -42.78 -9.91
C PHE A 1843 50.19 -44.21 -10.23
N LEU A 1844 49.74 -44.76 -11.36
CA LEU A 1844 50.09 -46.12 -11.76
C LEU A 1844 51.32 -46.18 -12.64
N ASP A 1845 51.99 -45.06 -12.87
CA ASP A 1845 53.18 -45.02 -13.72
C ASP A 1845 54.42 -45.16 -12.84
N SER A 1846 54.69 -46.42 -12.44
CA SER A 1846 55.89 -46.86 -11.73
C SER A 1846 56.01 -46.25 -10.33
N GLY A 1847 55.06 -45.44 -9.89
CA GLY A 1847 55.17 -44.82 -8.59
C GLY A 1847 54.72 -45.73 -7.46
N GLY A 1848 55.68 -46.28 -6.72
CA GLY A 1848 55.34 -47.16 -5.62
C GLY A 1848 54.55 -48.37 -6.09
N THR A 1849 53.42 -48.62 -5.42
CA THR A 1849 52.50 -49.71 -5.75
C THR A 1849 53.22 -51.06 -5.72
N LYS A 1850 53.70 -51.40 -4.52
CA LYS A 1850 54.27 -52.73 -4.32
C LYS A 1850 53.22 -53.82 -4.40
N CYS A 1851 51.95 -53.49 -4.21
CA CYS A 1851 50.88 -54.48 -4.31
C CYS A 1851 50.74 -54.97 -5.74
N GLU A 1852 50.53 -56.28 -5.88
CA GLU A 1852 50.50 -56.89 -7.21
C GLU A 1852 49.13 -56.81 -7.88
N ILE A 1853 48.04 -56.76 -7.11
CA ILE A 1853 46.73 -56.60 -7.75
C ILE A 1853 46.62 -55.22 -8.37
N LEU A 1854 47.23 -54.21 -7.74
CA LEU A 1854 47.42 -52.93 -8.41
C LEU A 1854 48.45 -53.10 -9.54
N GLN A 1855 48.47 -52.12 -10.44
CA GLN A 1855 49.17 -52.16 -11.73
C GLN A 1855 48.49 -53.10 -12.71
N LEU A 1856 47.45 -53.82 -12.29
CA LEU A 1856 46.66 -54.67 -13.16
C LEU A 1856 45.28 -54.10 -13.44
N LEU A 1857 44.95 -52.94 -12.86
CA LEU A 1857 43.66 -52.30 -13.05
C LEU A 1857 43.75 -51.13 -14.02
N LYS A 1858 44.84 -51.04 -14.79
CA LYS A 1858 45.00 -49.94 -15.74
C LYS A 1858 43.89 -49.89 -16.79
N PRO A 1859 43.52 -50.99 -17.47
CA PRO A 1859 42.43 -50.88 -18.45
C PRO A 1859 41.10 -50.46 -17.84
N MET A 1860 40.77 -50.97 -16.65
CA MET A 1860 39.52 -50.60 -16.00
C MET A 1860 39.51 -49.12 -15.67
N CYS A 1861 40.64 -48.59 -15.20
CA CYS A 1861 40.73 -47.16 -14.94
C CYS A 1861 40.63 -46.36 -16.24
N GLU A 1862 41.20 -46.88 -17.33
CA GLU A 1862 41.11 -46.20 -18.61
C GLU A 1862 39.68 -46.11 -19.12
N VAL A 1863 38.90 -47.18 -18.92
CA VAL A 1863 37.56 -47.22 -19.50
C VAL A 1863 36.46 -46.68 -18.58
N LYS A 1864 36.73 -46.56 -17.28
CA LYS A 1864 35.72 -46.12 -16.33
C LYS A 1864 36.28 -45.06 -15.39
N THR A 1865 35.42 -44.13 -14.98
CA THR A 1865 35.77 -43.04 -14.07
C THR A 1865 35.44 -43.36 -12.62
N ASP A 1866 34.27 -43.95 -12.37
CA ASP A 1866 33.90 -44.34 -11.01
C ASP A 1866 34.93 -45.31 -10.44
N PHE A 1867 35.49 -46.19 -11.27
CA PHE A 1867 36.53 -47.08 -10.81
C PHE A 1867 37.77 -46.30 -10.39
N CYS A 1868 38.13 -45.26 -11.16
CA CYS A 1868 39.27 -44.42 -10.76
C CYS A 1868 39.02 -43.75 -9.42
N GLN A 1869 37.82 -43.20 -9.23
CA GLN A 1869 37.50 -42.57 -7.96
C GLN A 1869 37.55 -43.56 -6.81
N THR A 1870 37.09 -44.79 -7.04
CA THR A 1870 37.14 -45.81 -6.02
C THR A 1870 38.57 -46.22 -5.69
N VAL A 1871 39.43 -46.33 -6.71
CA VAL A 1871 40.74 -46.93 -6.50
C VAL A 1871 41.80 -45.93 -6.03
N LEU A 1872 41.60 -44.64 -6.29
CA LEU A 1872 42.61 -43.64 -5.93
C LEU A 1872 43.04 -43.70 -4.46
N PRO A 1873 42.14 -43.76 -3.47
CA PRO A 1873 42.61 -43.84 -2.08
C PRO A 1873 43.48 -45.06 -1.81
N TYR A 1874 43.18 -46.20 -2.42
CA TYR A 1874 44.02 -47.37 -2.23
C TYR A 1874 45.42 -47.16 -2.79
N LEU A 1875 45.52 -46.51 -3.96
CA LEU A 1875 46.84 -46.20 -4.52
C LEU A 1875 47.62 -45.29 -3.59
N ILE A 1876 46.97 -44.24 -3.07
CA ILE A 1876 47.67 -43.31 -2.19
C ILE A 1876 48.11 -44.02 -0.91
N HIS A 1877 47.23 -44.86 -0.34
CA HIS A 1877 47.59 -45.58 0.88
C HIS A 1877 48.76 -46.53 0.65
N ASP A 1878 48.74 -47.26 -0.47
CA ASP A 1878 49.82 -48.20 -0.75
C ASP A 1878 51.14 -47.47 -0.97
N ILE A 1879 51.10 -46.33 -1.67
CA ILE A 1879 52.34 -45.56 -1.86
C ILE A 1879 52.86 -45.05 -0.53
N LEU A 1880 51.98 -44.51 0.31
CA LEU A 1880 52.40 -43.98 1.61
C LEU A 1880 52.86 -45.07 2.56
N LEU A 1881 52.44 -46.32 2.35
CA LEU A 1881 52.84 -47.39 3.25
C LEU A 1881 54.35 -47.63 3.24
N GLN A 1882 54.96 -47.60 2.05
CA GLN A 1882 56.37 -47.91 1.90
C GLN A 1882 57.25 -46.68 1.80
N ASP A 1883 56.71 -45.50 2.13
CA ASP A 1883 57.47 -44.26 1.99
C ASP A 1883 58.71 -44.27 2.88
N THR A 1884 59.84 -43.86 2.31
CA THR A 1884 61.09 -43.72 3.04
C THR A 1884 61.58 -42.29 2.90
N ASN A 1885 62.11 -41.75 4.00
CA ASN A 1885 62.56 -40.36 4.11
C ASN A 1885 61.43 -39.36 3.94
N GLU A 1886 60.17 -39.82 3.98
CA GLU A 1886 58.99 -38.97 3.89
C GLU A 1886 59.02 -38.08 2.65
N SER A 1887 59.47 -38.67 1.53
CA SER A 1887 59.43 -37.94 0.26
C SER A 1887 58.03 -37.95 -0.33
N TRP A 1888 57.45 -39.14 -0.46
CA TRP A 1888 56.07 -39.24 -0.95
C TRP A 1888 55.11 -38.51 -0.03
N ARG A 1889 55.31 -38.62 1.28
CA ARG A 1889 54.44 -37.94 2.23
C ARG A 1889 54.47 -36.44 2.02
N ASN A 1890 55.68 -35.87 1.92
CA ASN A 1890 55.80 -34.42 1.74
C ASN A 1890 55.18 -33.98 0.41
N LEU A 1891 55.48 -34.70 -0.67
CA LEU A 1891 54.96 -34.32 -1.98
C LEU A 1891 53.43 -34.37 -1.99
N LEU A 1892 52.86 -35.48 -1.50
CA LEU A 1892 51.40 -35.62 -1.50
C LEU A 1892 50.75 -34.59 -0.58
N SER A 1893 51.36 -34.32 0.58
CA SER A 1893 50.80 -33.32 1.48
C SER A 1893 50.77 -31.95 0.82
N THR A 1894 51.88 -31.57 0.18
CA THR A 1894 51.93 -30.28 -0.50
C THR A 1894 50.87 -30.17 -1.58
N HIS A 1895 50.74 -31.22 -2.41
CA HIS A 1895 49.81 -31.14 -3.53
C HIS A 1895 48.36 -31.19 -3.06
N VAL A 1896 48.05 -31.99 -2.05
CA VAL A 1896 46.69 -32.06 -1.55
C VAL A 1896 46.29 -30.76 -0.85
N GLN A 1897 47.22 -30.17 -0.09
CA GLN A 1897 46.95 -28.86 0.49
C GLN A 1897 46.74 -27.81 -0.59
N GLY A 1898 47.52 -27.87 -1.67
CA GLY A 1898 47.30 -26.95 -2.77
C GLY A 1898 45.94 -27.12 -3.41
N PHE A 1899 45.51 -28.38 -3.60
CA PHE A 1899 44.17 -28.63 -4.15
C PHE A 1899 43.09 -28.04 -3.25
N PHE A 1900 43.19 -28.33 -1.94
CA PHE A 1900 42.14 -27.87 -1.03
C PHE A 1900 42.13 -26.35 -0.91
N THR A 1901 43.31 -25.71 -0.97
CA THR A 1901 43.37 -24.26 -0.98
C THR A 1901 42.74 -23.71 -2.26
N SER A 1902 43.00 -24.35 -3.40
CA SER A 1902 42.40 -23.90 -4.65
C SER A 1902 40.88 -24.04 -4.61
N CYS A 1903 40.37 -25.05 -3.90
CA CYS A 1903 38.93 -25.19 -3.74
C CYS A 1903 38.31 -24.05 -2.94
N LEU A 1904 39.13 -23.27 -2.22
CA LEU A 1904 38.64 -22.27 -1.29
C LEU A 1904 38.96 -20.84 -1.74
N ARG A 1905 38.88 -20.57 -3.02
CA ARG A 1905 39.08 -19.21 -3.53
C ARG A 1905 37.76 -18.45 -3.45
N HIS A 1906 37.72 -17.28 -4.09
CA HIS A 1906 36.55 -16.41 -4.07
C HIS A 1906 36.13 -16.04 -2.65
N HIS A 1925 38.76 -14.79 -13.50
CA HIS A 1925 38.62 -14.56 -12.06
C HIS A 1925 39.83 -15.08 -11.28
N PHE A 1926 40.22 -16.32 -11.52
CA PHE A 1926 41.41 -16.90 -10.91
C PHE A 1926 41.98 -17.97 -11.83
N PHE A 1927 43.23 -18.33 -11.59
CA PHE A 1927 43.89 -19.33 -12.41
C PHE A 1927 43.25 -20.70 -12.24
N ARG A 1928 43.00 -21.11 -11.00
CA ARG A 1928 42.45 -22.44 -10.73
C ARG A 1928 41.51 -22.33 -9.53
N CYS A 1929 40.21 -22.36 -9.78
CA CYS A 1929 39.21 -22.34 -8.73
C CYS A 1929 37.87 -22.75 -9.35
N CYS A 1930 36.81 -22.64 -8.55
CA CYS A 1930 35.46 -23.02 -8.96
C CYS A 1930 35.43 -24.47 -9.46
N LEU A 1931 36.12 -25.35 -8.74
CA LEU A 1931 36.22 -26.73 -9.15
C LEU A 1931 34.89 -27.45 -9.03
N ASP A 1932 34.71 -28.48 -9.85
CA ASP A 1932 33.50 -29.29 -9.79
C ASP A 1932 33.43 -30.04 -8.46
N LYS A 1933 32.21 -30.18 -7.96
CA LYS A 1933 32.02 -30.84 -6.67
C LYS A 1933 32.40 -32.31 -6.70
N LYS A 1934 32.43 -32.93 -7.88
CA LYS A 1934 32.84 -34.33 -7.97
C LYS A 1934 34.31 -34.49 -7.57
N SER A 1935 35.18 -33.60 -8.05
CA SER A 1935 36.58 -33.66 -7.68
C SER A 1935 36.77 -33.39 -6.19
N GLN A 1936 36.05 -32.41 -5.65
CA GLN A 1936 36.13 -32.14 -4.22
C GLN A 1936 35.68 -33.34 -3.41
N ARG A 1937 34.61 -34.01 -3.83
CA ARG A 1937 34.16 -35.21 -3.13
C ARG A 1937 35.15 -36.36 -3.27
N THR A 1938 35.82 -36.46 -4.42
CA THR A 1938 36.85 -37.49 -4.59
C THR A 1938 38.00 -37.28 -3.61
N MET A 1939 38.48 -36.05 -3.50
CA MET A 1939 39.57 -35.78 -2.57
C MET A 1939 39.10 -35.92 -1.12
N LEU A 1940 37.86 -35.54 -0.83
CA LEU A 1940 37.31 -35.73 0.51
C LEU A 1940 37.23 -37.21 0.85
N ALA A 1941 36.85 -38.05 -0.12
CA ALA A 1941 36.83 -39.49 0.10
C ALA A 1941 38.23 -40.03 0.33
N VAL A 1942 39.22 -39.48 -0.38
CA VAL A 1942 40.61 -39.88 -0.14
C VAL A 1942 41.01 -39.58 1.29
N VAL A 1943 40.70 -38.37 1.76
CA VAL A 1943 41.06 -37.97 3.12
C VAL A 1943 40.31 -38.84 4.13
N ASP A 1944 39.03 -39.10 3.89
CA ASP A 1944 38.23 -39.90 4.81
C ASP A 1944 38.77 -41.33 4.90
N TYR A 1945 39.15 -41.92 3.76
CA TYR A 1945 39.73 -43.25 3.78
C TYR A 1945 41.06 -43.27 4.53
N MET A 1946 41.93 -42.29 4.27
CA MET A 1946 43.22 -42.27 4.93
C MET A 1946 43.09 -42.06 6.42
N ARG A 1947 42.04 -41.35 6.85
CA ARG A 1947 41.84 -41.08 8.28
C ARG A 1947 41.64 -42.35 9.09
N ARG A 1948 41.16 -43.42 8.46
CA ARG A 1948 40.80 -44.65 9.15
C ARG A 1948 41.87 -45.73 9.09
N GLN A 1949 43.06 -45.40 8.58
CA GLN A 1949 44.11 -46.39 8.40
C GLN A 1949 45.15 -46.28 9.52
N LYS A 1950 45.58 -47.43 10.02
CA LYS A 1950 46.57 -47.48 11.09
C LYS A 1950 47.96 -47.26 10.50
N ARG A 1951 48.64 -46.22 10.96
CA ARG A 1951 49.96 -45.90 10.46
C ARG A 1951 50.98 -46.94 10.94
N PRO A 1952 52.09 -47.09 10.21
CA PRO A 1952 53.13 -48.05 10.64
C PRO A 1952 53.73 -47.73 11.99
N SER A 1953 53.68 -46.47 12.43
CA SER A 1953 54.20 -46.10 13.74
C SER A 1953 53.42 -46.70 14.89
N SER A 1954 52.23 -47.25 14.63
CA SER A 1954 51.38 -47.86 15.65
C SER A 1954 51.07 -46.87 16.76
N GLY A 1955 50.65 -45.67 16.38
CA GLY A 1955 50.32 -44.63 17.33
C GLY A 1955 48.87 -44.65 17.76
N THR A 1956 48.21 -43.50 17.68
CA THR A 1956 46.83 -43.35 18.08
C THR A 1956 45.98 -42.95 16.87
N ILE A 1957 44.69 -42.77 17.12
CA ILE A 1957 43.76 -42.41 16.04
C ILE A 1957 44.07 -41.00 15.52
N PHE A 1958 44.60 -40.12 16.37
CA PHE A 1958 45.00 -38.80 15.92
C PHE A 1958 46.15 -38.88 14.92
N ASN A 1959 47.19 -39.64 15.28
CA ASN A 1959 48.29 -39.89 14.35
C ASN A 1959 47.77 -40.46 13.03
N ASP A 1960 46.81 -41.39 13.11
CA ASP A 1960 46.19 -41.94 11.91
C ASP A 1960 45.49 -40.85 11.11
N ALA A 1961 44.85 -39.90 11.81
CA ALA A 1961 44.25 -38.76 11.15
C ALA A 1961 45.29 -37.85 10.52
N PHE A 1962 46.56 -38.04 10.84
CA PHE A 1962 47.59 -37.24 10.17
C PHE A 1962 48.56 -38.07 9.34
N TRP A 1963 48.01 -38.96 8.50
CA TRP A 1963 48.82 -39.62 7.47
C TRP A 1963 49.54 -38.59 6.61
N LEU A 1964 48.82 -37.57 6.14
CA LEU A 1964 49.37 -36.47 5.38
C LEU A 1964 49.25 -35.19 6.19
N ASP A 1965 50.29 -34.36 6.15
CA ASP A 1965 50.26 -33.08 6.84
C ASP A 1965 49.23 -32.19 6.16
N LEU A 1966 48.07 -32.05 6.79
CA LEU A 1966 46.95 -31.33 6.20
C LEU A 1966 46.49 -30.22 7.13
N ASN A 1967 46.00 -29.14 6.54
CA ASN A 1967 45.31 -28.08 7.28
C ASN A 1967 43.84 -28.44 7.31
N TYR A 1968 43.40 -29.03 8.42
CA TYR A 1968 42.05 -29.58 8.49
C TYR A 1968 40.96 -28.52 8.52
N LEU A 1969 41.32 -27.25 8.73
CA LEU A 1969 40.31 -26.20 8.62
C LEU A 1969 39.85 -26.02 7.18
N GLU A 1970 40.79 -26.02 6.23
CA GLU A 1970 40.41 -25.93 4.83
C GLU A 1970 39.61 -27.15 4.39
N VAL A 1971 40.02 -28.34 4.82
CA VAL A 1971 39.27 -29.55 4.49
C VAL A 1971 37.88 -29.50 5.08
N ALA A 1972 37.76 -29.01 6.33
CA ALA A 1972 36.46 -28.89 6.96
C ALA A 1972 35.56 -27.92 6.21
N LYS A 1973 36.13 -26.79 5.76
CA LYS A 1973 35.34 -25.84 4.98
C LYS A 1973 34.89 -26.43 3.65
N VAL A 1974 35.77 -27.17 2.99
CA VAL A 1974 35.41 -27.82 1.72
C VAL A 1974 34.31 -28.85 1.95
N ALA A 1975 34.42 -29.62 3.03
CA ALA A 1975 33.39 -30.61 3.35
C ALA A 1975 32.06 -29.95 3.66
N GLN A 1976 32.09 -28.82 4.37
CA GLN A 1976 30.86 -28.08 4.64
C GLN A 1976 30.25 -27.57 3.34
N SER A 1977 31.08 -27.10 2.41
CA SER A 1977 30.57 -26.67 1.11
C SER A 1977 30.02 -27.84 0.30
N CYS A 1978 30.46 -29.06 0.59
CA CYS A 1978 29.95 -30.27 -0.06
C CYS A 1978 28.83 -30.92 0.73
N ALA A 1979 28.31 -30.24 1.75
CA ALA A 1979 27.19 -30.72 2.57
C ALA A 1979 27.55 -31.99 3.35
N ALA A 1980 28.82 -32.13 3.73
CA ALA A 1980 29.24 -33.17 4.66
C ALA A 1980 29.41 -32.53 6.03
N HIS A 1981 28.28 -32.36 6.72
CA HIS A 1981 28.25 -31.52 7.91
C HIS A 1981 28.94 -32.19 9.09
N PHE A 1982 28.66 -33.48 9.30
CA PHE A 1982 29.30 -34.19 10.41
C PHE A 1982 30.80 -34.36 10.15
N THR A 1983 31.18 -34.61 8.91
CA THR A 1983 32.60 -34.68 8.56
C THR A 1983 33.27 -33.33 8.78
N ALA A 1984 32.59 -32.24 8.42
CA ALA A 1984 33.14 -30.91 8.65
C ALA A 1984 33.34 -30.65 10.13
N LEU A 1985 32.36 -31.03 10.96
CA LEU A 1985 32.49 -30.84 12.40
C LEU A 1985 33.66 -31.64 12.96
N LEU A 1986 33.78 -32.90 12.55
CA LEU A 1986 34.89 -33.72 13.04
C LEU A 1986 36.23 -33.15 12.61
N TYR A 1987 36.32 -32.67 11.37
CA TYR A 1987 37.57 -32.10 10.89
C TYR A 1987 37.90 -30.80 11.63
N ALA A 1988 36.89 -30.00 11.95
CA ALA A 1988 37.13 -28.79 12.74
C ALA A 1988 37.65 -29.13 14.12
N GLU A 1989 37.08 -30.16 14.75
CA GLU A 1989 37.58 -30.61 16.06
C GLU A 1989 39.03 -31.08 15.94
N ILE A 1990 39.34 -31.84 14.90
CA ILE A 1990 40.71 -32.33 14.72
C ILE A 1990 41.67 -31.17 14.51
N TYR A 1991 41.27 -30.18 13.70
CA TYR A 1991 42.11 -29.02 13.46
C TYR A 1991 42.36 -28.24 14.74
N ALA A 1992 41.32 -28.03 15.55
CA ALA A 1992 41.50 -27.32 16.81
C ALA A 1992 42.44 -28.08 17.75
N ASP A 1993 42.28 -29.40 17.81
CA ASP A 1993 43.17 -30.21 18.65
C ASP A 1993 44.62 -30.10 18.18
N LYS A 1994 44.84 -30.20 16.87
CA LYS A 1994 46.20 -30.12 16.35
C LYS A 1994 46.81 -28.75 16.59
N LYS A 1995 46.02 -27.69 16.40
CA LYS A 1995 46.53 -26.35 16.66
C LYS A 1995 46.88 -26.16 18.12
N SER A 1996 46.05 -26.68 19.03
CA SER A 1996 46.37 -26.60 20.45
C SER A 1996 47.65 -27.36 20.77
N MET A 1997 47.82 -28.57 20.21
CA MET A 1997 49.02 -29.34 20.47
C MET A 1997 50.26 -28.63 19.93
N ASP A 1998 50.16 -28.03 18.74
CA ASP A 1998 51.29 -27.29 18.18
C ASP A 1998 51.63 -26.08 19.03
N ASP A 1999 50.61 -25.36 19.51
CA ASP A 1999 50.86 -24.21 20.37
C ASP A 1999 51.52 -24.63 21.68
N GLN A 2000 51.14 -25.79 22.21
CA GLN A 2000 51.74 -26.29 23.44
C GLN A 2000 53.21 -26.64 23.28
N GLU A 2001 53.71 -26.74 22.06
CA GLU A 2001 55.12 -27.02 21.81
C GLU A 2001 55.97 -25.75 21.75
N LYS A 2002 55.38 -24.59 21.97
CA LYS A 2002 56.12 -23.33 21.94
C LYS A 2002 56.04 -22.61 23.28
N ILE A 2016 38.36 -20.65 21.90
CA ILE A 2016 37.78 -20.66 20.56
C ILE A 2016 38.01 -19.32 19.88
N SER A 2017 37.74 -18.23 20.61
CA SER A 2017 37.88 -16.90 20.04
C SER A 2017 39.32 -16.62 19.62
N SER A 2018 40.28 -16.97 20.47
CA SER A 2018 41.69 -16.82 20.09
C SER A 2018 42.04 -17.74 18.93
N LEU A 2019 41.56 -18.99 18.98
CA LEU A 2019 41.78 -19.90 17.86
C LEU A 2019 41.12 -19.38 16.59
N SER A 2020 39.90 -18.84 16.72
CA SER A 2020 39.21 -18.31 15.55
C SER A 2020 39.97 -17.14 14.94
N GLU A 2021 40.47 -16.22 15.77
CA GLU A 2021 41.17 -15.06 15.21
C GLU A 2021 42.53 -15.46 14.62
N LYS A 2022 43.23 -16.41 15.24
CA LYS A 2022 44.46 -16.90 14.63
C LYS A 2022 44.19 -17.59 13.30
N SER A 2023 43.14 -18.40 13.23
CA SER A 2023 42.80 -19.07 11.98
C SER A 2023 42.42 -18.06 10.90
N LYS A 2024 41.68 -17.02 11.27
CA LYS A 2024 41.35 -15.97 10.31
C LYS A 2024 42.59 -15.23 9.86
N GLU A 2025 43.54 -15.03 10.77
CA GLU A 2025 44.77 -14.32 10.41
C GLU A 2025 45.60 -15.11 9.40
N GLU A 2026 45.85 -16.39 9.69
CA GLU A 2026 46.70 -17.18 8.81
C GLU A 2026 45.93 -17.74 7.62
N THR A 2027 44.96 -18.61 7.87
CA THR A 2027 44.28 -19.30 6.78
C THR A 2027 43.17 -18.49 6.14
N GLY A 2028 42.74 -17.39 6.78
CA GLY A 2028 41.64 -16.61 6.26
C GLY A 2028 40.27 -17.15 6.58
N ILE A 2029 40.17 -18.24 7.34
CA ILE A 2029 38.90 -18.85 7.73
C ILE A 2029 38.81 -18.80 9.25
N SER A 2030 37.72 -18.21 9.75
CA SER A 2030 37.49 -18.21 11.18
C SER A 2030 36.91 -19.54 11.62
N LEU A 2031 37.37 -20.04 12.78
CA LEU A 2031 36.85 -21.29 13.30
C LEU A 2031 35.45 -21.12 13.87
N GLN A 2032 35.19 -19.99 14.52
CA GLN A 2032 33.93 -19.80 15.23
C GLN A 2032 32.75 -19.73 14.27
N ASP A 2033 32.86 -18.92 13.22
CA ASP A 2033 31.74 -18.80 12.29
C ASP A 2033 31.58 -20.06 11.45
N LEU A 2034 32.67 -20.76 11.16
CA LEU A 2034 32.56 -22.05 10.49
C LEU A 2034 31.80 -23.05 11.36
N LEU A 2035 32.11 -23.09 12.66
CA LEU A 2035 31.37 -23.97 13.56
C LEU A 2035 29.91 -23.58 13.63
N LEU A 2036 29.62 -22.27 13.67
CA LEU A 2036 28.24 -21.81 13.70
C LEU A 2036 27.49 -22.24 12.45
N GLU A 2037 28.13 -22.11 11.28
CA GLU A 2037 27.51 -22.52 10.02
C GLU A 2037 27.28 -24.03 9.99
N ILE A 2038 28.25 -24.81 10.47
CA ILE A 2038 28.10 -26.27 10.51
C ILE A 2038 26.94 -26.65 11.41
N TYR A 2039 26.84 -26.03 12.58
CA TYR A 2039 25.75 -26.36 13.50
C TYR A 2039 24.39 -25.91 12.97
N ARG A 2040 24.35 -24.79 12.24
CA ARG A 2040 23.11 -24.41 11.56
C ARG A 2040 22.72 -25.44 10.51
N SER A 2041 23.69 -25.94 9.76
CA SER A 2041 23.41 -26.95 8.74
C SER A 2041 22.91 -28.25 9.37
N ILE A 2042 23.50 -28.65 10.50
CA ILE A 2042 23.09 -29.89 11.16
C ILE A 2042 21.65 -29.80 11.64
N GLY A 2043 21.28 -28.67 12.26
CA GLY A 2043 19.93 -28.44 12.69
C GLY A 2043 19.62 -28.81 14.12
N GLU A 2044 20.61 -29.24 14.90
CA GLU A 2044 20.36 -29.53 16.30
C GLU A 2044 20.15 -28.24 17.06
N PRO A 2045 19.04 -28.09 17.79
CA PRO A 2045 18.71 -26.77 18.37
C PRO A 2045 19.65 -26.35 19.49
N ASP A 2046 19.98 -27.25 20.42
CA ASP A 2046 20.80 -26.86 21.57
C ASP A 2046 22.20 -26.46 21.16
N SER A 2047 22.78 -27.18 20.20
CA SER A 2047 24.16 -26.91 19.79
C SER A 2047 24.35 -25.49 19.27
N LEU A 2048 23.28 -24.84 18.84
CA LEU A 2048 23.37 -23.47 18.36
C LEU A 2048 23.63 -22.45 19.46
N TYR A 2049 23.55 -22.86 20.73
CA TYR A 2049 23.74 -21.93 21.83
C TYR A 2049 25.19 -21.84 22.30
N GLY A 2050 25.99 -22.86 22.06
CA GLY A 2050 27.37 -22.90 22.49
C GLY A 2050 28.41 -22.63 21.43
N CYS A 2051 28.00 -22.13 20.25
CA CYS A 2051 28.96 -21.91 19.17
C CYS A 2051 30.00 -20.87 19.57
N GLY A 2052 29.60 -19.79 20.21
CA GLY A 2052 30.53 -18.79 20.68
C GLY A 2052 29.89 -17.42 20.70
N GLY A 2053 30.64 -16.47 21.28
CA GLY A 2053 30.20 -15.10 21.39
C GLY A 2053 30.86 -14.10 20.46
N GLY A 2054 31.59 -14.56 19.45
CA GLY A 2054 32.30 -13.62 18.59
C GLY A 2054 31.38 -12.76 17.74
N LYS A 2055 30.34 -13.36 17.16
CA LYS A 2055 29.49 -12.68 16.19
C LYS A 2055 28.05 -12.59 16.68
N MET A 2056 27.86 -12.31 17.97
CA MET A 2056 26.52 -12.12 18.50
C MET A 2056 25.97 -10.72 18.23
N LEU A 2057 26.83 -9.76 17.88
CA LEU A 2057 26.38 -8.39 17.75
C LEU A 2057 25.61 -8.16 16.45
N GLN A 2058 25.95 -8.90 15.40
CA GLN A 2058 25.34 -8.65 14.10
C GLN A 2058 23.84 -8.89 14.17
N PRO A 2059 23.04 -8.02 13.56
CA PRO A 2059 21.58 -8.18 13.62
C PRO A 2059 21.08 -9.49 13.04
N ILE A 2060 21.78 -10.06 12.07
CA ILE A 2060 21.33 -11.30 11.44
C ILE A 2060 21.37 -12.45 12.45
N THR A 2061 22.46 -12.54 13.22
CA THR A 2061 22.56 -13.58 14.23
C THR A 2061 21.49 -13.43 15.30
N ARG A 2062 21.26 -12.20 15.78
CA ARG A 2062 20.23 -11.96 16.77
C ARG A 2062 18.85 -12.31 16.23
N LEU A 2063 18.60 -11.96 14.97
CA LEU A 2063 17.30 -12.27 14.37
C LEU A 2063 17.09 -13.78 14.24
N ARG A 2064 18.13 -14.52 13.85
CA ARG A 2064 18.01 -15.98 13.80
C ARG A 2064 17.79 -16.56 15.18
N THR A 2065 18.45 -16.00 16.20
CA THR A 2065 18.22 -16.45 17.58
C THR A 2065 16.78 -16.19 18.01
N TYR A 2066 16.25 -15.01 17.67
CA TYR A 2066 14.87 -14.69 18.01
C TYR A 2066 13.90 -15.64 17.31
N GLU A 2067 14.13 -15.91 16.03
CA GLU A 2067 13.25 -16.80 15.29
C GLU A 2067 13.31 -18.22 15.84
N HIS A 2068 14.50 -18.65 16.29
CA HIS A 2068 14.62 -19.97 16.90
C HIS A 2068 13.79 -20.07 18.17
N GLU A 2069 13.79 -19.02 18.98
CA GLU A 2069 13.07 -19.00 20.25
C GLU A 2069 11.63 -18.52 20.11
N ALA A 2070 11.17 -18.24 18.88
CA ALA A 2070 9.81 -17.74 18.63
C ALA A 2070 9.56 -16.42 19.34
N MET A 2071 10.59 -15.57 19.43
CA MET A 2071 10.44 -14.22 19.96
C MET A 2071 10.09 -13.30 18.79
N TRP A 2072 8.82 -13.32 18.43
CA TRP A 2072 8.37 -12.67 17.20
C TRP A 2072 8.30 -11.16 17.32
N GLY A 2073 7.99 -10.63 18.51
CA GLY A 2073 7.98 -9.19 18.69
C GLY A 2073 9.36 -8.58 18.52
N LYS A 2074 10.37 -9.21 19.14
CA LYS A 2074 11.74 -8.76 18.95
C LYS A 2074 12.16 -8.89 17.50
N ALA A 2075 11.66 -9.94 16.81
CA ALA A 2075 11.95 -10.10 15.40
C ALA A 2075 11.38 -8.93 14.59
N LEU A 2076 10.14 -8.53 14.87
CA LEU A 2076 9.58 -7.36 14.21
C LEU A 2076 10.43 -6.12 14.48
N VAL A 2077 10.77 -5.89 15.75
CA VAL A 2077 11.50 -4.67 16.09
C VAL A 2077 12.84 -4.62 15.37
N THR A 2078 13.57 -5.73 15.36
CA THR A 2078 14.90 -5.74 14.76
C THR A 2078 14.82 -5.71 13.23
N TYR A 2079 13.83 -6.39 12.64
CA TYR A 2079 13.69 -6.36 11.20
C TYR A 2079 13.30 -4.97 10.71
N ASP A 2080 12.39 -4.30 11.43
CA ASP A 2080 12.00 -2.94 11.07
C ASP A 2080 13.13 -1.96 11.30
N LEU A 2081 13.95 -2.18 12.32
CA LEU A 2081 14.99 -1.23 12.67
C LEU A 2081 16.16 -1.26 11.70
N GLU A 2082 16.71 -2.44 11.46
CA GLU A 2082 17.91 -2.58 10.64
C GLU A 2082 17.56 -2.48 9.17
N THR A 2083 18.17 -1.52 8.47
CA THR A 2083 17.94 -1.33 7.04
C THR A 2083 19.09 -1.82 6.17
N ALA A 2084 20.29 -2.00 6.73
CA ALA A 2084 21.42 -2.52 5.97
C ALA A 2084 21.24 -3.98 5.60
N ILE A 2085 20.29 -4.68 6.22
CA ILE A 2085 19.99 -6.06 5.84
C ILE A 2085 19.47 -6.07 4.40
N PRO A 2086 19.81 -7.06 3.58
CA PRO A 2086 19.26 -7.11 2.22
C PRO A 2086 17.74 -7.10 2.24
N SER A 2087 17.16 -6.40 1.26
CA SER A 2087 15.74 -6.07 1.32
C SER A 2087 14.88 -7.33 1.39
N SER A 2088 15.09 -8.26 0.46
CA SER A 2088 14.22 -9.44 0.37
C SER A 2088 14.19 -10.20 1.68
N THR A 2089 15.35 -10.39 2.32
CA THR A 2089 15.37 -11.04 3.63
C THR A 2089 14.58 -10.23 4.65
N ARG A 2090 14.68 -8.90 4.59
CA ARG A 2090 13.99 -8.05 5.55
C ARG A 2090 12.47 -8.21 5.43
N GLN A 2091 11.94 -8.09 4.21
CA GLN A 2091 10.49 -8.26 4.06
C GLN A 2091 10.05 -9.69 4.35
N ALA A 2092 10.86 -10.69 4.00
CA ALA A 2092 10.50 -12.06 4.31
C ALA A 2092 10.38 -12.25 5.82
N GLY A 2093 11.36 -11.75 6.58
CA GLY A 2093 11.29 -11.85 8.02
C GLY A 2093 10.14 -11.07 8.62
N ILE A 2094 9.87 -9.88 8.08
CA ILE A 2094 8.76 -9.08 8.57
C ILE A 2094 7.44 -9.81 8.36
N ILE A 2095 7.25 -10.39 7.17
CA ILE A 2095 6.02 -11.11 6.87
C ILE A 2095 5.90 -12.34 7.77
N GLN A 2096 6.99 -13.07 7.95
CA GLN A 2096 6.94 -14.25 8.82
C GLN A 2096 6.58 -13.88 10.25
N ALA A 2097 7.21 -12.82 10.79
CA ALA A 2097 6.92 -12.41 12.15
C ALA A 2097 5.48 -11.92 12.30
N LEU A 2098 4.98 -11.16 11.31
CA LEU A 2098 3.60 -10.71 11.36
C LEU A 2098 2.64 -11.88 11.32
N GLN A 2099 2.92 -12.88 10.48
CA GLN A 2099 2.04 -14.04 10.38
C GLN A 2099 2.04 -14.85 11.67
N ASN A 2100 3.21 -15.03 12.30
CA ASN A 2100 3.28 -15.83 13.50
C ASN A 2100 2.65 -15.16 14.71
N LEU A 2101 2.37 -13.86 14.62
CA LEU A 2101 1.70 -13.13 15.69
C LEU A 2101 0.20 -12.99 15.47
N GLY A 2102 -0.33 -13.53 14.39
CA GLY A 2102 -1.75 -13.43 14.12
C GLY A 2102 -2.20 -12.13 13.51
N LEU A 2103 -1.28 -11.25 13.14
CA LEU A 2103 -1.63 -9.95 12.56
C LEU A 2103 -1.88 -10.12 11.06
N CYS A 2104 -3.00 -10.79 10.76
CA CYS A 2104 -3.32 -11.11 9.38
C CYS A 2104 -3.74 -9.87 8.59
N HIS A 2105 -4.58 -9.02 9.18
CA HIS A 2105 -5.03 -7.83 8.46
C HIS A 2105 -3.92 -6.80 8.32
N ILE A 2106 -3.09 -6.66 9.36
CA ILE A 2106 -1.92 -5.79 9.25
C ILE A 2106 -1.00 -6.31 8.17
N LEU A 2107 -0.84 -7.63 8.07
CA LEU A 2107 -0.01 -8.22 7.02
C LEU A 2107 -0.61 -7.94 5.64
N SER A 2108 -1.93 -8.03 5.51
CA SER A 2108 -2.58 -7.77 4.24
C SER A 2108 -2.34 -6.32 3.80
N VAL A 2109 -2.54 -5.37 4.71
CA VAL A 2109 -2.33 -3.97 4.37
C VAL A 2109 -0.86 -3.70 4.09
N TYR A 2110 0.03 -4.35 4.82
CA TYR A 2110 1.46 -4.20 4.58
C TYR A 2110 1.84 -4.70 3.19
N LEU A 2111 1.30 -5.85 2.78
CA LEU A 2111 1.55 -6.36 1.45
C LEU A 2111 0.98 -5.45 0.38
N LYS A 2112 -0.20 -4.89 0.63
CA LYS A 2112 -0.78 -3.93 -0.32
C LYS A 2112 0.10 -2.70 -0.46
N GLY A 2113 0.66 -2.21 0.65
CA GLY A 2113 1.54 -1.06 0.60
C GLY A 2113 2.91 -1.35 0.04
N LEU A 2114 3.33 -2.61 0.05
CA LEU A 2114 4.61 -2.97 -0.54
C LEU A 2114 4.57 -3.00 -2.06
N ASP A 2115 3.37 -3.05 -2.65
CA ASP A 2115 3.22 -3.13 -4.10
C ASP A 2115 3.70 -1.88 -4.81
N TYR A 2116 3.92 -0.79 -4.08
CA TYR A 2116 4.42 0.44 -4.70
C TYR A 2116 5.79 0.22 -5.33
N GLU A 2117 6.68 -0.47 -4.62
CA GLU A 2117 8.02 -0.77 -5.13
C GLU A 2117 8.00 -2.15 -5.77
N ASN A 2118 7.43 -2.21 -6.98
CA ASN A 2118 7.31 -3.45 -7.73
C ASN A 2118 8.35 -3.57 -8.84
N LYS A 2119 9.37 -2.71 -8.84
CA LYS A 2119 10.39 -2.78 -9.88
C LYS A 2119 11.17 -4.09 -9.81
N ASP A 2120 11.54 -4.51 -8.61
CA ASP A 2120 12.24 -5.77 -8.39
C ASP A 2120 11.33 -6.72 -7.62
N TRP A 2121 11.17 -7.93 -8.13
CA TRP A 2121 10.23 -8.90 -7.57
C TRP A 2121 10.86 -10.29 -7.59
N CYS A 2122 11.48 -10.67 -6.49
CA CYS A 2122 11.99 -12.02 -6.34
C CYS A 2122 10.84 -12.97 -6.02
N PRO A 2123 11.01 -14.27 -6.32
CA PRO A 2123 9.90 -15.22 -6.09
C PRO A 2123 9.48 -15.35 -4.65
N GLU A 2124 10.35 -15.02 -3.68
CA GLU A 2124 10.00 -15.20 -2.28
C GLU A 2124 8.84 -14.29 -1.88
N LEU A 2125 8.84 -13.05 -2.34
CA LEU A 2125 7.74 -12.14 -2.03
C LEU A 2125 6.42 -12.63 -2.61
N GLU A 2126 6.45 -13.16 -3.84
CA GLU A 2126 5.23 -13.71 -4.41
C GLU A 2126 4.76 -14.94 -3.65
N GLU A 2127 5.70 -15.78 -3.20
CA GLU A 2127 5.35 -16.94 -2.39
C GLU A 2127 4.68 -16.53 -1.10
N LEU A 2128 5.23 -15.51 -0.43
CA LEU A 2128 4.63 -15.01 0.81
C LEU A 2128 3.27 -14.40 0.54
N HIS A 2129 3.12 -13.69 -0.59
CA HIS A 2129 1.82 -13.15 -0.97
C HIS A 2129 0.78 -14.24 -1.12
N TYR A 2130 1.14 -15.33 -1.80
CA TYR A 2130 0.19 -16.42 -2.00
C TYR A 2130 -0.14 -17.13 -0.68
N GLN A 2131 0.88 -17.29 0.18
CA GLN A 2131 0.63 -17.90 1.48
C GLN A 2131 -0.34 -17.06 2.30
N ALA A 2132 -0.11 -15.74 2.34
CA ALA A 2132 -1.02 -14.86 3.06
C ALA A 2132 -2.41 -14.87 2.44
N ALA A 2133 -2.49 -14.98 1.11
CA ALA A 2133 -3.78 -15.01 0.45
C ALA A 2133 -4.58 -16.24 0.84
N TRP A 2134 -3.95 -17.42 0.80
CA TRP A 2134 -4.73 -18.62 1.11
C TRP A 2134 -4.98 -18.76 2.61
N ARG A 2135 -4.11 -18.22 3.46
CA ARG A 2135 -4.35 -18.30 4.89
C ARG A 2135 -5.43 -17.34 5.36
N ASN A 2136 -5.58 -16.19 4.70
CA ASN A 2136 -6.61 -15.22 5.04
C ASN A 2136 -7.89 -15.42 4.24
N MET A 2137 -7.92 -16.41 3.36
CA MET A 2137 -9.11 -16.72 2.54
C MET A 2137 -9.54 -15.52 1.71
N GLN A 2138 -8.56 -14.88 1.06
CA GLN A 2138 -8.85 -13.70 0.25
C GLN A 2138 -9.58 -14.08 -1.03
N TRP A 2139 -9.11 -15.12 -1.72
CA TRP A 2139 -9.71 -15.61 -2.96
C TRP A 2139 -9.75 -14.56 -4.06
N ASP A 2140 -8.88 -13.54 -3.98
CA ASP A 2140 -8.80 -12.52 -5.01
C ASP A 2140 -7.38 -12.17 -5.43
N HIS A 2141 -6.36 -12.59 -4.68
CA HIS A 2141 -4.97 -12.29 -5.01
C HIS A 2141 -4.52 -13.25 -6.11
N CYS A 2142 -4.93 -12.93 -7.33
CA CYS A 2142 -4.58 -13.76 -8.49
C CYS A 2142 -3.47 -13.08 -9.30
N GLY A 2151 7.76 -21.61 -13.13
CA GLY A 2151 7.47 -22.74 -12.26
C GLY A 2151 6.65 -22.36 -11.05
N THR A 2152 5.45 -22.95 -10.95
CA THR A 2152 4.58 -22.68 -9.82
C THR A 2152 5.18 -23.23 -8.54
N SER A 2153 5.08 -22.46 -7.46
CA SER A 2153 5.65 -22.83 -6.18
C SER A 2153 4.61 -23.49 -5.29
N TYR A 2154 5.02 -23.85 -4.07
CA TYR A 2154 4.18 -24.64 -3.19
C TYR A 2154 2.94 -23.87 -2.76
N HIS A 2155 3.12 -22.66 -2.25
CA HIS A 2155 1.97 -21.91 -1.73
C HIS A 2155 1.06 -21.42 -2.85
N GLU A 2156 1.62 -21.09 -4.01
CA GLU A 2156 0.79 -20.77 -5.17
C GLU A 2156 -0.04 -21.97 -5.58
N SER A 2157 0.56 -23.16 -5.59
CA SER A 2157 -0.19 -24.37 -5.92
C SER A 2157 -1.28 -24.62 -4.90
N LEU A 2158 -0.99 -24.41 -3.61
CA LEU A 2158 -2.00 -24.61 -2.57
C LEU A 2158 -3.16 -23.63 -2.74
N TYR A 2159 -2.85 -22.37 -3.01
CA TYR A 2159 -3.88 -21.37 -3.23
C TYR A 2159 -4.74 -21.72 -4.44
N ASN A 2160 -4.10 -22.13 -5.54
CA ASN A 2160 -4.85 -22.51 -6.73
C ASN A 2160 -5.72 -23.72 -6.48
N ALA A 2161 -5.21 -24.70 -5.73
CA ALA A 2161 -6.01 -25.89 -5.42
C ALA A 2161 -7.21 -25.53 -4.57
N LEU A 2162 -7.03 -24.68 -3.57
CA LEU A 2162 -8.17 -24.25 -2.75
C LEU A 2162 -9.19 -23.48 -3.57
N GLN A 2163 -8.71 -22.61 -4.47
CA GLN A 2163 -9.61 -21.86 -5.33
C GLN A 2163 -10.41 -22.79 -6.23
N SER A 2164 -9.75 -23.79 -6.82
CA SER A 2164 -10.44 -24.75 -7.67
C SER A 2164 -11.43 -25.58 -6.88
N LEU A 2165 -11.08 -25.93 -5.64
CA LEU A 2165 -12.02 -26.65 -4.78
C LEU A 2165 -13.26 -25.81 -4.49
N ARG A 2166 -13.07 -24.51 -4.29
CA ARG A 2166 -14.22 -23.61 -4.17
C ARG A 2166 -15.03 -23.57 -5.46
N ASP A 2167 -14.35 -23.57 -6.60
CA ASP A 2167 -15.00 -23.42 -7.89
C ASP A 2167 -15.43 -24.74 -8.51
N ARG A 2168 -15.30 -25.85 -7.79
CA ARG A 2168 -15.72 -27.19 -8.23
C ARG A 2168 -14.96 -27.66 -9.46
N GLU A 2169 -13.77 -27.12 -9.71
CA GLU A 2169 -12.92 -27.57 -10.82
C GLU A 2169 -11.98 -28.63 -10.28
N PHE A 2170 -12.46 -29.88 -10.26
CA PHE A 2170 -11.73 -30.95 -9.59
C PHE A 2170 -10.52 -31.41 -10.38
N SER A 2171 -10.58 -31.38 -11.72
CA SER A 2171 -9.44 -31.81 -12.52
C SER A 2171 -8.23 -30.91 -12.28
N THR A 2172 -8.44 -29.59 -12.29
CA THR A 2172 -7.36 -28.66 -12.01
C THR A 2172 -6.88 -28.81 -10.57
N PHE A 2173 -7.80 -29.11 -9.65
CA PHE A 2173 -7.44 -29.34 -8.26
C PHE A 2173 -6.46 -30.49 -8.13
N TYR A 2174 -6.80 -31.65 -8.70
CA TYR A 2174 -5.93 -32.82 -8.64
C TYR A 2174 -4.62 -32.57 -9.38
N GLU A 2175 -4.67 -31.89 -10.52
CA GLU A 2175 -3.45 -31.60 -11.27
C GLU A 2175 -2.50 -30.73 -10.46
N SER A 2176 -3.03 -29.68 -9.82
CA SER A 2176 -2.20 -28.81 -9.02
C SER A 2176 -1.61 -29.56 -7.83
N LEU A 2177 -2.40 -30.41 -7.18
CA LEU A 2177 -1.88 -31.16 -6.04
C LEU A 2177 -0.79 -32.13 -6.47
N LYS A 2178 -0.97 -32.80 -7.61
CA LYS A 2178 0.06 -33.70 -8.12
C LYS A 2178 1.34 -32.94 -8.48
N TYR A 2179 1.20 -31.76 -9.10
CA TYR A 2179 2.36 -30.94 -9.41
C TYR A 2179 3.09 -30.52 -8.14
N ALA A 2180 2.35 -30.14 -7.11
CA ALA A 2180 2.97 -29.76 -5.84
C ALA A 2180 3.72 -30.93 -5.22
N ARG A 2181 3.10 -32.12 -5.21
CA ARG A 2181 3.79 -33.31 -4.71
C ARG A 2181 5.09 -33.53 -5.45
N VAL A 2182 5.05 -33.53 -6.78
CA VAL A 2182 6.22 -33.85 -7.58
C VAL A 2182 7.32 -32.82 -7.33
N LYS A 2183 6.95 -31.54 -7.32
CA LYS A 2183 7.96 -30.50 -7.11
C LYS A 2183 8.60 -30.61 -5.74
N GLU A 2184 7.79 -30.82 -4.69
CA GLU A 2184 8.35 -30.93 -3.35
C GLU A 2184 9.30 -32.11 -3.23
N VAL A 2185 8.90 -33.26 -3.78
CA VAL A 2185 9.74 -34.45 -3.70
C VAL A 2185 11.04 -34.24 -4.48
N GLU A 2186 10.95 -33.63 -5.66
CA GLU A 2186 12.14 -33.41 -6.47
C GLU A 2186 13.10 -32.45 -5.77
N GLU A 2187 12.58 -31.36 -5.21
CA GLU A 2187 13.45 -30.43 -4.49
C GLU A 2187 14.09 -31.10 -3.28
N MET A 2188 13.34 -31.93 -2.57
CA MET A 2188 13.92 -32.62 -1.43
C MET A 2188 15.00 -33.59 -1.85
N CYS A 2189 14.79 -34.31 -2.96
CA CYS A 2189 15.77 -35.29 -3.41
C CYS A 2189 16.98 -34.66 -4.10
N LYS A 2190 16.90 -33.40 -4.50
CA LYS A 2190 18.08 -32.73 -5.04
C LYS A 2190 19.09 -32.35 -3.96
N ARG A 2191 18.72 -32.42 -2.68
CA ARG A 2191 19.62 -32.07 -1.59
C ARG A 2191 20.58 -33.23 -1.32
N SER A 2192 21.32 -33.14 -0.21
CA SER A 2192 22.33 -34.15 0.10
C SER A 2192 21.88 -35.16 1.14
N LEU A 2193 20.81 -34.87 1.89
CA LEU A 2193 20.22 -35.83 2.84
C LEU A 2193 21.23 -36.30 3.88
N GLU A 2194 21.68 -35.34 4.69
CA GLU A 2194 22.64 -35.63 5.75
C GLU A 2194 21.99 -35.75 7.13
N SER A 2195 21.11 -34.83 7.48
CA SER A 2195 20.48 -34.81 8.78
C SER A 2195 18.97 -34.97 8.65
N VAL A 2196 18.36 -35.57 9.69
CA VAL A 2196 16.92 -35.80 9.67
C VAL A 2196 16.16 -34.48 9.75
N TYR A 2197 16.75 -33.45 10.36
CA TYR A 2197 16.06 -32.18 10.50
C TYR A 2197 15.81 -31.50 9.17
N SER A 2198 16.47 -31.93 8.10
CA SER A 2198 16.20 -31.40 6.78
C SER A 2198 14.97 -32.01 6.12
N LEU A 2199 14.41 -33.07 6.70
CA LEU A 2199 13.25 -33.74 6.11
C LEU A 2199 11.94 -33.15 6.59
N TYR A 2200 11.92 -32.54 7.78
CA TYR A 2200 10.67 -32.18 8.44
C TYR A 2200 9.81 -31.18 7.66
N PRO A 2201 10.34 -30.06 7.14
CA PRO A 2201 9.46 -29.16 6.39
C PRO A 2201 8.82 -29.80 5.18
N THR A 2202 9.58 -30.61 4.44
CA THR A 2202 9.02 -31.31 3.28
C THR A 2202 7.95 -32.29 3.69
N LEU A 2203 8.17 -33.02 4.79
CA LEU A 2203 7.17 -33.95 5.28
C LEU A 2203 5.89 -33.22 5.69
N SER A 2204 6.03 -32.06 6.33
CA SER A 2204 4.86 -31.27 6.70
C SER A 2204 4.09 -30.82 5.48
N ARG A 2205 4.79 -30.31 4.47
CA ARG A 2205 4.11 -29.86 3.26
C ARG A 2205 3.42 -31.02 2.54
N LEU A 2206 4.08 -32.18 2.51
CA LEU A 2206 3.47 -33.34 1.88
C LEU A 2206 2.23 -33.81 2.64
N GLN A 2207 2.26 -33.76 3.97
CA GLN A 2207 1.07 -34.13 4.73
C GLN A 2207 -0.07 -33.15 4.46
N ALA A 2208 0.25 -31.85 4.35
CA ALA A 2208 -0.79 -30.88 4.03
C ALA A 2208 -1.41 -31.16 2.67
N ILE A 2209 -0.58 -31.45 1.67
CA ILE A 2209 -1.09 -31.77 0.34
C ILE A 2209 -1.95 -33.03 0.40
N GLY A 2210 -1.52 -34.03 1.16
CA GLY A 2210 -2.30 -35.25 1.29
C GLY A 2210 -3.66 -35.02 1.92
N GLU A 2211 -3.71 -34.18 2.96
CA GLU A 2211 -4.99 -33.87 3.59
C GLU A 2211 -5.92 -33.13 2.63
N LEU A 2212 -5.38 -32.19 1.85
CA LEU A 2212 -6.19 -31.50 0.86
C LEU A 2212 -6.75 -32.47 -0.17
N GLU A 2213 -5.89 -33.38 -0.68
CA GLU A 2213 -6.37 -34.37 -1.63
C GLU A 2213 -7.43 -35.27 -1.00
N SER A 2214 -7.25 -35.62 0.27
CA SER A 2214 -8.22 -36.47 0.96
C SER A 2214 -9.59 -35.81 1.05
N ILE A 2215 -9.62 -34.51 1.37
CA ILE A 2215 -10.93 -33.85 1.42
C ILE A 2215 -11.50 -33.65 0.03
N GLY A 2216 -10.65 -33.62 -1.00
CA GLY A 2216 -11.16 -33.41 -2.35
C GLY A 2216 -12.17 -34.45 -2.76
N GLU A 2217 -11.86 -35.72 -2.51
CA GLU A 2217 -12.80 -36.79 -2.87
C GLU A 2217 -14.09 -36.68 -2.08
N LEU A 2218 -14.00 -36.37 -0.79
CA LEU A 2218 -15.21 -36.22 0.02
C LEU A 2218 -16.10 -35.10 -0.50
N PHE A 2219 -15.50 -33.95 -0.83
CA PHE A 2219 -16.29 -32.81 -1.28
C PHE A 2219 -16.80 -32.97 -2.71
N SER A 2220 -16.12 -33.77 -3.53
CA SER A 2220 -16.55 -33.94 -4.92
C SER A 2220 -17.93 -34.57 -5.01
N ARG A 2221 -18.19 -35.60 -4.21
CA ARG A 2221 -19.46 -36.28 -4.21
C ARG A 2221 -20.36 -35.73 -3.12
N SER A 2222 -21.49 -36.39 -2.88
CA SER A 2222 -22.39 -35.98 -1.80
C SER A 2222 -21.72 -36.18 -0.45
N VAL A 2223 -21.93 -35.22 0.45
CA VAL A 2223 -21.31 -35.22 1.76
C VAL A 2223 -22.33 -35.65 2.81
N THR A 2224 -21.90 -36.53 3.72
CA THR A 2224 -22.73 -37.00 4.81
C THR A 2224 -22.05 -36.69 6.13
N HIS A 2225 -22.84 -36.74 7.20
CA HIS A 2225 -22.29 -36.50 8.53
C HIS A 2225 -21.24 -37.53 8.91
N ARG A 2226 -21.49 -38.80 8.57
CA ARG A 2226 -20.57 -39.87 8.92
C ARG A 2226 -19.20 -39.63 8.30
N GLN A 2227 -19.16 -39.32 7.00
CA GLN A 2227 -17.89 -39.17 6.30
C GLN A 2227 -17.04 -38.07 6.91
N LEU A 2228 -17.67 -36.94 7.25
CA LEU A 2228 -16.95 -35.88 7.94
C LEU A 2228 -16.47 -36.37 9.30
N SER A 2229 -17.27 -37.21 9.97
CA SER A 2229 -16.84 -37.75 11.25
C SER A 2229 -15.56 -38.58 11.10
N GLU A 2230 -15.52 -39.47 10.09
CA GLU A 2230 -14.29 -40.28 9.96
C GLU A 2230 -13.11 -39.44 9.48
N VAL A 2231 -13.33 -38.43 8.63
CA VAL A 2231 -12.17 -37.65 8.20
C VAL A 2231 -11.62 -36.85 9.38
N TYR A 2232 -12.48 -36.35 10.26
CA TYR A 2232 -12.00 -35.68 11.46
C TYR A 2232 -11.30 -36.66 12.40
N ILE A 2233 -11.81 -37.89 12.50
CA ILE A 2233 -11.17 -38.89 13.35
C ILE A 2233 -9.77 -39.22 12.83
N LYS A 2234 -9.64 -39.37 11.51
CA LYS A 2234 -8.33 -39.61 10.91
C LYS A 2234 -7.38 -38.44 11.16
N TRP A 2235 -7.89 -37.22 11.01
CA TRP A 2235 -7.08 -36.04 11.32
C TRP A 2235 -6.60 -36.07 12.77
N GLN A 2236 -7.49 -36.42 13.70
CA GLN A 2236 -7.12 -36.46 15.11
C GLN A 2236 -6.07 -37.53 15.37
N LYS A 2237 -6.22 -38.71 14.76
CA LYS A 2237 -5.23 -39.76 14.93
C LYS A 2237 -3.86 -39.32 14.42
N HIS A 2238 -3.82 -38.68 13.24
CA HIS A 2238 -2.54 -38.30 12.68
C HIS A 2238 -1.94 -37.12 13.44
N SER A 2239 -2.78 -36.28 14.06
CA SER A 2239 -2.27 -35.23 14.94
C SER A 2239 -1.70 -35.83 16.22
N GLN A 2240 -2.32 -36.90 16.72
CA GLN A 2240 -1.73 -37.62 17.85
C GLN A 2240 -0.39 -38.23 17.48
N LEU A 2241 -0.23 -38.66 16.23
CA LEU A 2241 1.06 -39.16 15.78
C LEU A 2241 2.14 -38.07 15.83
N LEU A 2242 1.75 -36.81 15.68
CA LEU A 2242 2.68 -35.67 15.68
C LEU A 2242 2.79 -35.00 17.04
N LYS A 2243 2.65 -35.77 18.13
CA LYS A 2243 2.62 -35.18 19.46
C LYS A 2243 3.94 -34.49 19.80
N ASP A 2244 5.06 -35.08 19.41
CA ASP A 2244 6.37 -34.55 19.76
C ASP A 2244 6.95 -33.65 18.68
N SER A 2245 6.23 -33.41 17.59
CA SER A 2245 6.74 -32.55 16.54
C SER A 2245 6.75 -31.09 16.98
N ASP A 2246 7.63 -30.30 16.35
CA ASP A 2246 7.72 -28.89 16.67
C ASP A 2246 6.48 -28.15 16.16
N PHE A 2247 6.21 -27.00 16.78
CA PHE A 2247 5.09 -26.17 16.35
C PHE A 2247 5.27 -25.68 14.91
N SER A 2248 6.52 -25.48 14.49
CA SER A 2248 6.77 -24.99 13.14
C SER A 2248 6.33 -25.97 12.06
N PHE A 2249 6.14 -27.24 12.41
CA PHE A 2249 5.67 -28.23 11.46
C PHE A 2249 4.20 -28.58 11.64
N GLN A 2250 3.68 -28.50 12.87
CA GLN A 2250 2.27 -28.75 13.11
C GLN A 2250 1.38 -27.60 12.69
N GLU A 2251 1.85 -26.36 12.85
CA GLU A 2251 0.98 -25.19 12.63
C GLU A 2251 0.45 -25.08 11.22
N PRO A 2252 1.26 -25.22 10.15
CA PRO A 2252 0.69 -25.12 8.79
C PRO A 2252 -0.38 -26.15 8.50
N ILE A 2253 -0.25 -27.36 9.05
CA ILE A 2253 -1.26 -28.39 8.82
C ILE A 2253 -2.59 -27.96 9.44
N MET A 2254 -2.55 -27.41 10.66
CA MET A 2254 -3.78 -26.96 11.30
C MET A 2254 -4.36 -25.73 10.60
N ALA A 2255 -3.51 -24.85 10.09
CA ALA A 2255 -4.00 -23.72 9.30
C ALA A 2255 -4.74 -24.21 8.06
N LEU A 2256 -4.17 -25.18 7.35
CA LEU A 2256 -4.85 -25.73 6.20
C LEU A 2256 -6.15 -26.41 6.60
N ARG A 2257 -6.16 -27.09 7.74
CA ARG A 2257 -7.38 -27.75 8.21
C ARG A 2257 -8.49 -26.74 8.48
N THR A 2258 -8.17 -25.63 9.15
CA THR A 2258 -9.21 -24.67 9.47
C THR A 2258 -9.70 -23.95 8.22
N VAL A 2259 -8.80 -23.67 7.26
CA VAL A 2259 -9.25 -23.09 6.00
C VAL A 2259 -10.16 -24.07 5.26
N ILE A 2260 -9.81 -25.36 5.29
CA ILE A 2260 -10.63 -26.38 4.65
C ILE A 2260 -12.03 -26.40 5.25
N LEU A 2261 -12.11 -26.41 6.57
CA LEU A 2261 -13.41 -26.49 7.22
C LEU A 2261 -14.23 -25.23 6.99
N GLU A 2262 -13.57 -24.06 6.97
CA GLU A 2262 -14.29 -22.83 6.68
C GLU A 2262 -14.85 -22.84 5.26
N ILE A 2263 -14.07 -23.33 4.28
CA ILE A 2263 -14.57 -23.42 2.92
C ILE A 2263 -15.75 -24.39 2.84
N LEU A 2264 -15.62 -25.54 3.51
CA LEU A 2264 -16.71 -26.53 3.49
C LEU A 2264 -17.99 -25.95 4.06
N MET A 2265 -17.89 -25.21 5.17
CA MET A 2265 -19.08 -24.58 5.72
C MET A 2265 -19.62 -23.50 4.80
N GLU A 2266 -18.72 -22.75 4.15
CA GLU A 2266 -19.15 -21.72 3.21
C GLU A 2266 -19.95 -22.29 2.05
N LYS A 2267 -19.61 -23.51 1.61
CA LYS A 2267 -20.27 -24.07 0.43
C LYS A 2267 -21.13 -25.27 0.79
N GLU A 2268 -21.92 -25.17 1.86
CA GLU A 2268 -22.73 -26.29 2.34
C GLU A 2268 -24.13 -26.28 1.74
N MET A 2269 -24.89 -25.21 1.99
CA MET A 2269 -26.28 -25.10 1.54
C MET A 2269 -27.14 -26.26 2.04
N ASP A 2270 -26.97 -26.58 3.32
CA ASP A 2270 -27.81 -27.60 3.97
C ASP A 2270 -27.71 -27.39 5.47
N ASN A 2271 -28.84 -27.08 6.11
CA ASN A 2271 -28.83 -26.74 7.52
C ASN A 2271 -28.52 -27.93 8.42
N SER A 2272 -28.66 -29.15 7.93
CA SER A 2272 -28.35 -30.33 8.73
C SER A 2272 -26.85 -30.63 8.73
N GLN A 2273 -26.22 -30.58 7.56
CA GLN A 2273 -24.78 -30.80 7.49
C GLN A 2273 -24.01 -29.60 8.03
N ARG A 2274 -24.59 -28.40 7.95
CA ARG A 2274 -23.90 -27.20 8.41
C ARG A 2274 -23.62 -27.28 9.90
N GLU A 2275 -24.56 -27.81 10.68
CA GLU A 2275 -24.33 -27.95 12.11
C GLU A 2275 -23.20 -28.92 12.40
N CYS A 2276 -23.12 -30.02 11.65
CA CYS A 2276 -22.01 -30.96 11.83
C CYS A 2276 -20.68 -30.32 11.49
N ILE A 2277 -20.63 -29.57 10.38
CA ILE A 2277 -19.39 -28.88 10.02
C ILE A 2277 -19.02 -27.86 11.07
N LYS A 2278 -20.02 -27.17 11.65
CA LYS A 2278 -19.75 -26.20 12.70
C LYS A 2278 -19.18 -26.88 13.94
N ASP A 2279 -19.74 -28.03 14.33
CA ASP A 2279 -19.20 -28.76 15.47
C ASP A 2279 -17.76 -29.20 15.20
N ILE A 2280 -17.50 -29.72 14.01
CA ILE A 2280 -16.14 -30.16 13.67
C ILE A 2280 -15.16 -28.99 13.70
N LEU A 2281 -15.56 -27.86 13.14
CA LEU A 2281 -14.68 -26.68 13.14
C LEU A 2281 -14.44 -26.16 14.54
N THR A 2282 -15.48 -26.16 15.40
CA THR A 2282 -15.29 -25.72 16.77
C THR A 2282 -14.33 -26.64 17.52
N LYS A 2283 -14.47 -27.95 17.34
CA LYS A 2283 -13.55 -28.89 17.99
C LYS A 2283 -12.13 -28.69 17.48
N HIS A 2284 -11.96 -28.50 16.17
CA HIS A 2284 -10.63 -28.29 15.62
C HIS A 2284 -10.00 -27.01 16.16
N LEU A 2285 -10.79 -25.94 16.26
CA LEU A 2285 -10.24 -24.68 16.76
C LEU A 2285 -9.90 -24.76 18.24
N VAL A 2286 -10.70 -25.50 19.02
CA VAL A 2286 -10.34 -25.73 20.42
C VAL A 2286 -9.04 -26.50 20.52
N GLU A 2287 -8.87 -27.53 19.69
CA GLU A 2287 -7.62 -28.29 19.69
C GLU A 2287 -6.44 -27.40 19.30
N LEU A 2288 -6.64 -26.52 18.32
CA LEU A 2288 -5.59 -25.60 17.92
C LEU A 2288 -5.22 -24.64 19.05
N SER A 2289 -6.23 -24.15 19.78
CA SER A 2289 -5.97 -23.29 20.92
C SER A 2289 -5.13 -24.01 21.97
N ILE A 2290 -5.50 -25.26 22.28
CA ILE A 2290 -4.73 -26.03 23.27
C ILE A 2290 -3.30 -26.25 22.79
N LEU A 2291 -3.14 -26.62 21.52
CA LEU A 2291 -1.81 -26.88 20.97
C LEU A 2291 -0.94 -25.64 21.01
N ALA A 2292 -1.49 -24.49 20.63
CA ALA A 2292 -0.73 -23.25 20.68
C ALA A 2292 -0.43 -22.84 22.11
N ARG A 2293 -1.31 -23.17 23.05
CA ARG A 2293 -1.03 -22.90 24.46
C ARG A 2293 0.13 -23.73 24.96
N THR A 2294 0.21 -25.00 24.56
CA THR A 2294 1.29 -25.86 25.03
C THR A 2294 2.65 -25.40 24.53
N PHE A 2295 2.71 -24.57 23.49
CA PHE A 2295 3.97 -24.06 22.96
C PHE A 2295 4.22 -22.61 23.37
N LYS A 2296 3.52 -22.13 24.40
CA LYS A 2296 3.70 -20.78 24.92
C LYS A 2296 3.42 -19.73 23.85
N ASN A 2297 2.40 -19.96 23.03
CA ASN A 2297 1.92 -19.01 22.05
C ASN A 2297 0.60 -18.43 22.53
N THR A 2298 0.50 -17.10 22.53
CA THR A 2298 -0.64 -16.43 23.12
C THR A 2298 -1.59 -15.78 22.12
N GLN A 2299 -1.14 -15.50 20.91
CA GLN A 2299 -1.97 -14.82 19.92
C GLN A 2299 -2.84 -15.79 19.12
N LEU A 2300 -2.27 -16.92 18.72
CA LEU A 2300 -3.04 -17.91 17.98
C LEU A 2300 -4.25 -18.44 18.74
N PRO A 2301 -4.16 -18.78 20.03
CA PRO A 2301 -5.39 -19.17 20.76
C PRO A 2301 -6.45 -18.09 20.76
N GLU A 2302 -6.04 -16.82 20.88
CA GLU A 2302 -7.02 -15.73 20.85
C GLU A 2302 -7.69 -15.64 19.48
N ARG A 2303 -6.92 -15.79 18.41
CA ARG A 2303 -7.52 -15.78 17.07
C ARG A 2303 -8.47 -16.96 16.88
N ALA A 2304 -8.10 -18.14 17.40
CA ALA A 2304 -8.97 -19.30 17.30
C ALA A 2304 -10.28 -19.09 18.06
N ILE A 2305 -10.20 -18.51 19.26
CA ILE A 2305 -11.40 -18.22 20.03
C ILE A 2305 -12.26 -17.21 19.30
N PHE A 2306 -11.63 -16.22 18.66
CA PHE A 2306 -12.37 -15.25 17.86
C PHE A 2306 -13.14 -15.95 16.75
N GLN A 2307 -12.49 -16.85 16.02
CA GLN A 2307 -13.16 -17.55 14.94
C GLN A 2307 -14.31 -18.41 15.48
N ILE A 2308 -14.10 -19.06 16.63
CA ILE A 2308 -15.19 -19.81 17.26
C ILE A 2308 -16.38 -18.89 17.55
N LYS A 2309 -16.09 -17.69 18.08
CA LYS A 2309 -17.16 -16.76 18.41
C LYS A 2309 -17.95 -16.36 17.18
N GLN A 2310 -17.26 -16.00 16.10
CA GLN A 2310 -17.97 -15.65 14.88
C GLN A 2310 -18.51 -16.85 14.10
N TYR A 2311 -18.30 -18.07 14.58
CA TYR A 2311 -19.02 -19.21 14.03
C TYR A 2311 -20.01 -19.85 15.01
N ASN A 2312 -19.97 -19.50 16.29
CA ASN A 2312 -20.76 -20.15 17.33
C ASN A 2312 -21.43 -19.13 18.24
N SER A 2313 -22.14 -18.16 17.64
CA SER A 2313 -22.91 -17.21 18.42
C SER A 2313 -23.84 -17.95 19.38
N VAL A 2314 -23.60 -17.80 20.68
CA VAL A 2314 -24.27 -18.61 21.70
C VAL A 2314 -25.46 -17.87 22.26
N SER A 2315 -26.51 -18.62 22.57
CA SER A 2315 -27.67 -18.13 23.30
C SER A 2315 -27.82 -18.74 24.67
N CYS A 2316 -27.60 -20.05 24.81
CA CYS A 2316 -27.66 -20.70 26.12
C CYS A 2316 -26.55 -20.16 27.03
N GLY A 2317 -25.34 -20.01 26.50
CA GLY A 2317 -24.25 -19.40 27.23
C GLY A 2317 -23.27 -20.34 27.87
N VAL A 2318 -23.38 -21.65 27.63
CA VAL A 2318 -22.46 -22.63 28.20
C VAL A 2318 -21.93 -23.53 27.09
N SER A 2319 -20.60 -23.68 27.03
CA SER A 2319 -19.96 -24.54 26.06
C SER A 2319 -18.51 -24.75 26.48
N GLU A 2320 -17.90 -25.81 25.94
CA GLU A 2320 -16.52 -26.12 26.30
C GLU A 2320 -15.54 -25.10 25.76
N TRP A 2321 -15.82 -24.54 24.58
CA TRP A 2321 -14.92 -23.54 24.02
C TRP A 2321 -14.83 -22.29 24.90
N GLN A 2322 -15.88 -22.01 25.68
CA GLN A 2322 -15.78 -20.92 26.65
C GLN A 2322 -14.79 -21.24 27.76
N LEU A 2323 -14.77 -22.49 28.23
CA LEU A 2323 -13.75 -22.91 29.19
C LEU A 2323 -12.36 -22.81 28.56
N GLU A 2324 -12.24 -23.15 27.28
CA GLU A 2324 -10.96 -23.01 26.60
C GLU A 2324 -10.55 -21.53 26.51
N GLU A 2325 -11.51 -20.64 26.27
CA GLU A 2325 -11.21 -19.22 26.24
C GLU A 2325 -10.76 -18.73 27.61
N ALA A 2326 -11.40 -19.21 28.67
CA ALA A 2326 -10.95 -18.86 30.02
C ALA A 2326 -9.53 -19.33 30.27
N GLN A 2327 -9.20 -20.54 29.81
CA GLN A 2327 -7.83 -21.04 29.95
C GLN A 2327 -6.85 -20.18 29.16
N VAL A 2328 -7.26 -19.74 27.96
CA VAL A 2328 -6.41 -18.90 27.14
C VAL A 2328 -6.14 -17.57 27.84
N PHE A 2329 -7.18 -16.97 28.43
CA PHE A 2329 -6.99 -15.73 29.17
C PHE A 2329 -6.08 -15.93 30.36
N TRP A 2330 -6.24 -17.05 31.07
CA TRP A 2330 -5.35 -17.36 32.18
C TRP A 2330 -3.90 -17.48 31.71
N ALA A 2331 -3.68 -18.10 30.56
CA ALA A 2331 -2.33 -18.26 30.03
C ALA A 2331 -1.69 -16.94 29.64
N LYS A 2332 -2.50 -15.90 29.40
CA LYS A 2332 -1.99 -14.58 29.08
C LYS A 2332 -1.79 -13.70 30.30
N LYS A 2333 -1.84 -14.30 31.50
CA LYS A 2333 -1.62 -13.58 32.76
C LYS A 2333 -2.68 -12.51 32.99
N GLU A 2334 -3.90 -12.78 32.56
CA GLU A 2334 -5.07 -11.94 32.84
C GLU A 2334 -6.02 -12.78 33.67
N GLN A 2335 -5.78 -12.80 34.98
CA GLN A 2335 -6.51 -13.71 35.86
C GLN A 2335 -7.92 -13.21 36.18
N SER A 2336 -8.11 -11.89 36.24
CA SER A 2336 -9.42 -11.35 36.54
C SER A 2336 -10.43 -11.73 35.46
N LEU A 2337 -10.06 -11.58 34.19
CA LEU A 2337 -10.96 -11.92 33.10
C LEU A 2337 -11.30 -13.41 33.10
N ALA A 2338 -10.28 -14.26 33.28
CA ALA A 2338 -10.51 -15.70 33.28
C ALA A 2338 -11.43 -16.10 34.44
N LEU A 2339 -11.17 -15.58 35.63
CA LEU A 2339 -12.01 -15.92 36.78
C LEU A 2339 -13.43 -15.42 36.60
N SER A 2340 -13.60 -14.22 36.04
CA SER A 2340 -14.95 -13.71 35.79
C SER A 2340 -15.69 -14.58 34.78
N ILE A 2341 -15.03 -14.94 33.68
CA ILE A 2341 -15.64 -15.82 32.68
C ILE A 2341 -16.08 -17.13 33.33
N LEU A 2342 -15.19 -17.73 34.11
CA LEU A 2342 -15.45 -19.07 34.60
C LEU A 2342 -16.51 -19.06 35.70
N LYS A 2343 -16.53 -18.01 36.52
CA LYS A 2343 -17.58 -17.88 37.52
C LYS A 2343 -18.94 -17.61 36.88
N GLN A 2344 -18.95 -16.82 35.80
CA GLN A 2344 -20.19 -16.61 35.06
C GLN A 2344 -20.70 -17.92 34.47
N MET A 2345 -19.79 -18.73 33.91
CA MET A 2345 -20.17 -20.04 33.40
C MET A 2345 -20.70 -20.93 34.52
N ILE A 2346 -20.07 -20.89 35.70
CA ILE A 2346 -20.51 -21.71 36.82
C ILE A 2346 -21.93 -21.33 37.23
N LYS A 2347 -22.19 -20.02 37.35
CA LYS A 2347 -23.52 -19.60 37.78
C LYS A 2347 -24.57 -19.91 36.71
N LYS A 2348 -24.21 -19.79 35.43
CA LYS A 2348 -25.14 -20.15 34.37
C LYS A 2348 -25.46 -21.64 34.39
N LEU A 2349 -24.44 -22.48 34.59
CA LEU A 2349 -24.68 -23.92 34.66
C LEU A 2349 -25.52 -24.28 35.87
N ASP A 2350 -25.26 -23.64 37.01
CA ASP A 2350 -26.05 -23.91 38.21
C ASP A 2350 -27.51 -23.50 38.03
N ALA A 2351 -27.74 -22.34 37.42
CA ALA A 2351 -29.11 -21.88 37.21
C ALA A 2351 -29.84 -22.74 36.18
N SER A 2352 -29.14 -23.14 35.10
CA SER A 2352 -29.80 -23.85 34.02
C SER A 2352 -30.32 -25.21 34.46
N CYS A 2353 -29.53 -25.95 35.23
CA CYS A 2353 -29.91 -27.30 35.64
C CYS A 2353 -29.23 -27.65 36.95
N ALA A 2354 -29.57 -28.82 37.47
CA ALA A 2354 -29.00 -29.35 38.71
C ALA A 2354 -27.92 -30.38 38.43
N ALA A 2355 -27.12 -30.16 37.38
CA ALA A 2355 -26.05 -31.07 36.97
C ALA A 2355 -26.58 -32.45 36.64
N ASN A 2356 -27.75 -32.50 36.02
CA ASN A 2356 -28.37 -33.75 35.60
C ASN A 2356 -28.29 -33.99 34.10
N ASN A 2357 -27.87 -33.00 33.32
CA ASN A 2357 -27.72 -33.20 31.89
C ASN A 2357 -26.56 -34.15 31.61
N PRO A 2358 -26.78 -35.22 30.84
CA PRO A 2358 -25.67 -36.15 30.55
C PRO A 2358 -24.55 -35.52 29.75
N SER A 2359 -24.79 -34.40 29.07
CA SER A 2359 -23.77 -33.76 28.25
C SER A 2359 -23.03 -32.64 28.97
N LEU A 2360 -23.69 -31.95 29.90
CA LEU A 2360 -23.11 -30.80 30.57
C LEU A 2360 -22.41 -31.14 31.88
N LYS A 2361 -22.47 -32.40 32.32
CA LYS A 2361 -21.85 -32.76 33.59
C LYS A 2361 -20.33 -32.58 33.53
N LEU A 2362 -19.71 -33.00 32.43
CA LEU A 2362 -18.26 -32.88 32.29
C LEU A 2362 -17.82 -31.43 32.33
N THR A 2363 -18.50 -30.57 31.57
CA THR A 2363 -18.14 -29.16 31.54
C THR A 2363 -18.37 -28.51 32.90
N TYR A 2364 -19.47 -28.83 33.56
CA TYR A 2364 -19.74 -28.27 34.88
C TYR A 2364 -18.66 -28.67 35.87
N THR A 2365 -18.31 -29.96 35.91
CA THR A 2365 -17.30 -30.43 36.85
C THR A 2365 -15.94 -29.80 36.56
N GLU A 2366 -15.55 -29.73 35.27
CA GLU A 2366 -14.27 -29.14 34.92
C GLU A 2366 -14.23 -27.66 35.29
N CYS A 2367 -15.31 -26.92 35.03
CA CYS A 2367 -15.35 -25.52 35.37
C CYS A 2367 -15.22 -25.32 36.88
N LEU A 2368 -15.96 -26.10 37.66
CA LEU A 2368 -15.88 -25.98 39.12
C LEU A 2368 -14.47 -26.26 39.61
N ARG A 2369 -13.87 -27.36 39.14
CA ARG A 2369 -12.54 -27.73 39.62
C ARG A 2369 -11.48 -26.70 39.21
N VAL A 2370 -11.54 -26.22 37.97
CA VAL A 2370 -10.57 -25.23 37.51
C VAL A 2370 -10.73 -23.93 38.28
N CYS A 2371 -11.98 -23.50 38.54
CA CYS A 2371 -12.17 -22.28 39.31
C CYS A 2371 -11.65 -22.43 40.73
N GLY A 2372 -11.90 -23.57 41.36
CA GLY A 2372 -11.37 -23.79 42.69
C GLY A 2372 -9.85 -23.77 42.72
N ASN A 2373 -9.21 -24.41 41.75
CA ASN A 2373 -7.76 -24.42 41.70
C ASN A 2373 -7.20 -23.02 41.46
N TRP A 2374 -7.81 -22.26 40.55
CA TRP A 2374 -7.34 -20.91 40.27
C TRP A 2374 -7.50 -20.00 41.48
N LEU A 2375 -8.64 -20.11 42.19
CA LEU A 2375 -8.85 -19.31 43.38
C LEU A 2375 -7.86 -19.69 44.48
N ALA A 2376 -7.56 -20.99 44.62
CA ALA A 2376 -6.55 -21.41 45.58
C ALA A 2376 -5.18 -20.86 45.20
N GLU A 2377 -4.87 -20.81 43.90
CA GLU A 2377 -3.57 -20.32 43.45
C GLU A 2377 -3.43 -18.82 43.71
N THR A 2378 -4.46 -18.04 43.40
CA THR A 2378 -4.36 -16.59 43.52
C THR A 2378 -4.63 -16.09 44.93
N CYS A 2379 -5.03 -16.97 45.85
CA CYS A 2379 -5.35 -16.59 47.23
C CYS A 2379 -6.46 -15.54 47.28
N LEU A 2380 -7.37 -15.56 46.32
CA LEU A 2380 -8.47 -14.61 46.26
C LEU A 2380 -9.69 -15.09 47.04
N GLU A 2381 -9.64 -16.27 47.65
CA GLU A 2381 -10.72 -16.78 48.48
C GLU A 2381 -10.14 -17.56 49.63
N ASN A 2382 -10.88 -17.61 50.74
CA ASN A 2382 -10.44 -18.36 51.89
C ASN A 2382 -10.59 -19.86 51.63
N PRO A 2383 -9.80 -20.69 52.31
CA PRO A 2383 -9.87 -22.14 52.06
C PRO A 2383 -11.25 -22.74 52.27
N ALA A 2384 -12.02 -22.24 53.22
CA ALA A 2384 -13.36 -22.79 53.47
C ALA A 2384 -14.26 -22.59 52.26
N VAL A 2385 -14.23 -21.40 51.66
CA VAL A 2385 -15.07 -21.12 50.49
C VAL A 2385 -14.64 -21.99 49.31
N ILE A 2386 -13.33 -22.11 49.08
CA ILE A 2386 -12.84 -22.93 47.98
C ILE A 2386 -13.25 -24.39 48.19
N MET A 2387 -13.12 -24.88 49.41
CA MET A 2387 -13.49 -26.27 49.71
C MET A 2387 -14.99 -26.50 49.48
N GLN A 2388 -15.83 -25.66 50.08
CA GLN A 2388 -17.26 -25.93 50.09
C GLN A 2388 -17.94 -25.61 48.77
N THR A 2389 -17.47 -24.59 48.06
CA THR A 2389 -18.18 -24.10 46.88
C THR A 2389 -17.72 -24.74 45.58
N TYR A 2390 -16.43 -25.05 45.44
CA TYR A 2390 -15.88 -25.45 44.16
C TYR A 2390 -15.41 -26.90 44.12
N LEU A 2391 -14.51 -27.29 45.03
CA LEU A 2391 -13.87 -28.60 44.90
C LEU A 2391 -14.79 -29.73 45.38
N GLU A 2392 -15.38 -29.57 46.56
CA GLU A 2392 -16.34 -30.56 47.03
C GLU A 2392 -17.56 -30.61 46.12
N LYS A 2393 -17.99 -29.45 45.63
CA LYS A 2393 -19.11 -29.42 44.70
C LYS A 2393 -18.76 -30.11 43.38
N ALA A 2394 -17.52 -29.91 42.90
CA ALA A 2394 -17.09 -30.59 41.68
C ALA A 2394 -17.07 -32.09 41.87
N VAL A 2395 -16.62 -32.56 43.03
CA VAL A 2395 -16.64 -33.99 43.30
C VAL A 2395 -18.07 -34.51 43.37
N GLU A 2396 -18.96 -33.75 44.01
CA GLU A 2396 -20.34 -34.21 44.19
C GLU A 2396 -21.10 -34.23 42.88
N VAL A 2397 -20.82 -33.28 41.98
CA VAL A 2397 -21.51 -33.23 40.70
C VAL A 2397 -21.23 -34.48 39.88
N ALA A 2398 -19.97 -34.87 39.81
CA ALA A 2398 -19.58 -36.06 39.04
C ALA A 2398 -19.76 -37.32 39.87
N SER A 2406 -17.96 -44.73 29.01
CA SER A 2406 -17.88 -43.47 29.74
C SER A 2406 -16.50 -43.26 30.33
N ASP A 2407 -15.52 -42.98 29.46
CA ASP A 2407 -14.16 -42.74 29.91
C ASP A 2407 -13.90 -41.28 30.25
N GLU A 2408 -14.57 -40.35 29.56
CA GLU A 2408 -14.43 -38.94 29.89
C GLU A 2408 -14.93 -38.65 31.29
N LEU A 2409 -16.07 -39.25 31.66
CA LEU A 2409 -16.59 -39.08 33.01
C LEU A 2409 -15.62 -39.63 34.05
N ARG A 2410 -15.01 -40.78 33.76
CA ARG A 2410 -14.03 -41.36 34.68
C ARG A 2410 -12.82 -40.44 34.84
N ASN A 2411 -12.33 -39.88 33.73
CA ASN A 2411 -11.19 -38.98 33.80
C ASN A 2411 -11.52 -37.73 34.60
N GLY A 2412 -12.71 -37.15 34.36
CA GLY A 2412 -13.12 -35.99 35.14
C GLY A 2412 -13.26 -36.30 36.62
N LYS A 2413 -13.82 -37.47 36.94
CA LYS A 2413 -13.90 -37.90 38.33
C LYS A 2413 -12.53 -38.00 38.96
N MET A 2414 -11.56 -38.59 38.25
CA MET A 2414 -10.22 -38.73 38.78
C MET A 2414 -9.58 -37.37 39.02
N LYS A 2415 -9.74 -36.43 38.08
CA LYS A 2415 -9.15 -35.12 38.24
C LYS A 2415 -9.77 -34.36 39.42
N ALA A 2416 -11.09 -34.44 39.56
CA ALA A 2416 -11.76 -33.77 40.68
C ALA A 2416 -11.32 -34.38 42.01
N PHE A 2417 -11.23 -35.71 42.07
CA PHE A 2417 -10.77 -36.37 43.28
C PHE A 2417 -9.36 -35.93 43.65
N LEU A 2418 -8.47 -35.86 42.66
CA LEU A 2418 -7.10 -35.44 42.94
C LEU A 2418 -7.04 -34.01 43.42
N SER A 2419 -7.84 -33.12 42.81
CA SER A 2419 -7.83 -31.72 43.26
C SER A 2419 -8.32 -31.58 44.70
N LEU A 2420 -9.41 -32.28 45.03
CA LEU A 2420 -9.91 -32.23 46.41
C LEU A 2420 -8.89 -32.81 47.39
N ALA A 2421 -8.25 -33.92 47.01
CA ALA A 2421 -7.24 -34.52 47.88
C ALA A 2421 -6.06 -33.57 48.09
N ARG A 2422 -5.61 -32.91 47.03
CA ARG A 2422 -4.48 -31.99 47.17
C ARG A 2422 -4.82 -30.82 48.07
N PHE A 2423 -6.03 -30.26 47.91
CA PHE A 2423 -6.41 -29.13 48.78
C PHE A 2423 -6.52 -29.57 50.24
N SER A 2424 -7.14 -30.71 50.50
CA SER A 2424 -7.23 -31.20 51.87
C SER A 2424 -5.85 -31.49 52.45
N ASP A 2425 -4.95 -32.03 51.64
CA ASP A 2425 -3.60 -32.28 52.09
C ASP A 2425 -2.87 -30.99 52.42
N THR A 2426 -3.09 -29.94 51.61
CA THR A 2426 -2.48 -28.65 51.91
C THR A 2426 -2.98 -28.10 53.24
N GLN A 2427 -4.28 -28.18 53.49
CA GLN A 2427 -4.82 -27.70 54.76
C GLN A 2427 -4.26 -28.50 55.94
N TYR A 2428 -4.22 -29.82 55.80
CA TYR A 2428 -3.68 -30.67 56.86
C TYR A 2428 -2.22 -30.37 57.12
N GLN A 2429 -1.44 -30.16 56.06
CA GLN A 2429 -0.03 -29.85 56.21
C GLN A 2429 0.17 -28.50 56.90
N ARG A 2430 -0.67 -27.52 56.57
CA ARG A 2430 -0.58 -26.23 57.25
C ARG A 2430 -0.86 -26.37 58.74
N ILE A 2431 -1.90 -27.13 59.09
CA ILE A 2431 -2.21 -27.32 60.51
C ILE A 2431 -1.06 -28.03 61.22
N GLU A 2432 -0.52 -29.09 60.61
CA GLU A 2432 0.58 -29.82 61.22
C GLU A 2432 1.82 -28.96 61.37
N ASN A 2433 2.15 -28.15 60.36
CA ASN A 2433 3.29 -27.25 60.47
C ASN A 2433 3.10 -26.24 61.58
N TYR A 2434 1.89 -25.69 61.73
CA TYR A 2434 1.64 -24.76 62.83
C TYR A 2434 1.80 -25.46 64.17
N MET A 2435 1.30 -26.69 64.29
CA MET A 2435 1.45 -27.43 65.55
C MET A 2435 2.92 -27.68 65.87
N LYS A 2436 3.71 -28.01 64.85
CA LYS A 2436 5.13 -28.30 65.03
C LYS A 2436 6.01 -27.06 64.86
N SER A 2437 5.46 -25.87 65.08
CA SER A 2437 6.17 -24.62 64.84
C SER A 2437 6.75 -24.06 66.13
N SER A 2438 7.63 -23.07 65.97
CA SER A 2438 8.23 -22.40 67.12
C SER A 2438 7.27 -21.42 67.77
N GLU A 2439 6.42 -20.76 66.97
CA GLU A 2439 5.46 -19.82 67.52
C GLU A 2439 4.48 -20.51 68.46
N PHE A 2440 4.01 -21.70 68.08
CA PHE A 2440 3.07 -22.43 68.92
C PHE A 2440 3.68 -22.80 70.27
N GLU A 2441 4.92 -23.31 70.26
CA GLU A 2441 5.55 -23.68 71.52
C GLU A 2441 5.93 -22.46 72.35
N ASN A 2442 6.28 -21.35 71.71
CA ASN A 2442 6.53 -20.12 72.46
C ASN A 2442 5.25 -19.63 73.13
N LYS A 2443 4.12 -19.69 72.42
CA LYS A 2443 2.84 -19.33 73.03
C LYS A 2443 2.51 -20.24 74.20
N GLN A 2444 2.73 -21.55 74.03
CA GLN A 2444 2.46 -22.49 75.11
C GLN A 2444 3.33 -22.21 76.32
N ALA A 2445 4.62 -21.92 76.09
CA ALA A 2445 5.52 -21.61 77.19
C ALA A 2445 5.12 -20.32 77.89
N LEU A 2446 4.72 -19.31 77.12
CA LEU A 2446 4.27 -18.06 77.71
C LEU A 2446 3.04 -18.28 78.58
N LEU A 2447 2.10 -19.11 78.12
CA LEU A 2447 0.94 -19.41 78.95
C LEU A 2447 1.30 -20.26 80.16
N LYS A 2448 2.33 -21.11 80.06
CA LYS A 2448 2.73 -21.95 81.19
C LYS A 2448 3.22 -21.12 82.37
N ARG A 2449 3.65 -19.89 82.15
CA ARG A 2449 4.09 -19.02 83.23
C ARG A 2449 2.92 -18.24 83.81
N GLN A 2472 -6.77 -18.27 85.16
CA GLN A 2472 -6.80 -19.72 85.00
C GLN A 2472 -7.69 -20.10 83.82
N ARG A 2473 -8.58 -19.19 83.44
CA ARG A 2473 -9.45 -19.43 82.28
C ARG A 2473 -8.65 -19.53 80.99
N GLU A 2474 -7.46 -18.94 80.94
CA GLU A 2474 -6.64 -19.02 79.74
C GLU A 2474 -6.21 -20.44 79.45
N LEU A 2475 -5.98 -21.24 80.49
CA LEU A 2475 -5.67 -22.65 80.29
C LEU A 2475 -6.83 -23.39 79.65
N GLU A 2476 -8.06 -23.10 80.10
CA GLU A 2476 -9.24 -23.71 79.48
C GLU A 2476 -9.38 -23.27 78.03
N LEU A 2477 -9.11 -21.99 77.74
CA LEU A 2477 -9.16 -21.52 76.36
C LEU A 2477 -8.12 -22.24 75.51
N ASP A 2478 -6.91 -22.44 76.04
CA ASP A 2478 -5.88 -23.16 75.32
C ASP A 2478 -6.30 -24.60 75.05
N GLU A 2479 -6.92 -25.25 76.05
CA GLU A 2479 -7.38 -26.62 75.85
C GLU A 2479 -8.45 -26.69 74.76
N LEU A 2480 -9.39 -25.74 74.77
CA LEU A 2480 -10.41 -25.71 73.73
C LEU A 2480 -9.80 -25.49 72.36
N ALA A 2481 -8.86 -24.55 72.24
CA ALA A 2481 -8.22 -24.28 70.97
C ALA A 2481 -7.43 -25.48 70.48
N LEU A 2482 -6.72 -26.17 71.37
CA LEU A 2482 -5.95 -27.34 70.99
C LEU A 2482 -6.87 -28.46 70.50
N ARG A 2483 -7.98 -28.69 71.21
CA ARG A 2483 -8.91 -29.73 70.76
C ARG A 2483 -9.51 -29.38 69.40
N ALA A 2484 -9.87 -28.12 69.20
CA ALA A 2484 -10.42 -27.72 67.89
C ALA A 2484 -9.37 -27.89 66.79
N LEU A 2485 -8.13 -27.54 67.06
CA LEU A 2485 -7.07 -27.68 66.06
C LEU A 2485 -6.84 -29.14 65.72
N LYS A 2486 -6.81 -30.01 66.74
CA LYS A 2486 -6.64 -31.44 66.49
C LYS A 2486 -7.80 -32.00 65.69
N GLU A 2487 -9.03 -31.58 66.01
CA GLU A 2487 -10.19 -32.06 65.26
C GLU A 2487 -10.13 -31.63 63.80
N ASP A 2488 -9.76 -30.38 63.56
CA ASP A 2488 -9.64 -29.90 62.18
C ASP A 2488 -8.54 -30.66 61.44
N ARG A 2489 -7.42 -30.91 62.11
CA ARG A 2489 -6.31 -31.68 61.50
C ARG A 2489 -6.81 -33.07 61.12
N LYS A 2490 -7.52 -33.74 62.02
CA LYS A 2490 -8.00 -35.09 61.72
C LYS A 2490 -9.00 -35.08 60.57
N ARG A 2491 -9.89 -34.08 60.54
CA ARG A 2491 -10.87 -33.99 59.46
C ARG A 2491 -10.18 -33.81 58.11
N PHE A 2492 -9.21 -32.90 58.04
CA PHE A 2492 -8.49 -32.68 56.79
C PHE A 2492 -7.71 -33.91 56.37
N LEU A 2493 -7.09 -34.60 57.34
CA LEU A 2493 -6.34 -35.81 57.02
C LEU A 2493 -7.26 -36.88 56.45
N CYS A 2494 -8.41 -37.09 57.08
CA CYS A 2494 -9.35 -38.11 56.60
C CYS A 2494 -9.85 -37.77 55.20
N LYS A 2495 -10.20 -36.50 54.98
CA LYS A 2495 -10.68 -36.11 53.65
C LYS A 2495 -9.61 -36.32 52.59
N ALA A 2496 -8.37 -35.94 52.89
CA ALA A 2496 -7.29 -36.10 51.93
C ALA A 2496 -7.05 -37.58 51.62
N VAL A 2497 -7.04 -38.42 52.65
CA VAL A 2497 -6.82 -39.86 52.42
C VAL A 2497 -7.94 -40.45 51.57
N GLU A 2498 -9.19 -40.10 51.90
CA GLU A 2498 -10.33 -40.62 51.14
C GLU A 2498 -10.26 -40.21 49.68
N ASN A 2499 -9.94 -38.94 49.42
CA ASN A 2499 -9.92 -38.49 48.03
C ASN A 2499 -8.71 -39.02 47.27
N TYR A 2500 -7.58 -39.24 47.95
CA TYR A 2500 -6.47 -39.91 47.29
C TYR A 2500 -6.83 -41.34 46.90
N ILE A 2501 -7.50 -42.05 47.81
CA ILE A 2501 -7.93 -43.41 47.50
C ILE A 2501 -8.89 -43.42 46.31
N ASN A 2502 -9.84 -42.48 46.30
CA ASN A 2502 -10.78 -42.39 45.18
C ASN A 2502 -10.06 -42.03 43.88
N CYS A 2503 -9.05 -41.16 43.96
CA CYS A 2503 -8.29 -40.80 42.76
C CYS A 2503 -7.54 -41.98 42.18
N LEU A 2504 -6.95 -42.81 43.06
CA LEU A 2504 -6.23 -43.97 42.57
C LEU A 2504 -7.15 -45.06 42.04
N LEU A 2505 -8.45 -44.95 42.25
CA LEU A 2505 -9.41 -45.93 41.77
C LEU A 2505 -10.07 -45.53 40.45
N SER A 2506 -9.70 -44.40 39.87
CA SER A 2506 -10.40 -43.87 38.71
C SER A 2506 -9.50 -43.62 37.50
N GLY A 2507 -8.24 -44.01 37.56
CA GLY A 2507 -7.37 -43.79 36.43
C GLY A 2507 -5.94 -44.19 36.74
N GLU A 2508 -5.05 -43.87 35.80
CA GLU A 2508 -3.64 -44.22 35.92
C GLU A 2508 -2.71 -43.03 35.70
N GLU A 2509 -3.23 -41.83 35.48
CA GLU A 2509 -2.37 -40.68 35.21
C GLU A 2509 -1.66 -40.19 36.47
N HIS A 2510 -2.25 -40.45 37.64
CA HIS A 2510 -1.74 -39.94 38.90
C HIS A 2510 -1.33 -41.08 39.83
N ASP A 2511 -0.62 -42.07 39.27
CA ASP A 2511 -0.20 -43.21 40.07
C ASP A 2511 0.82 -42.82 41.13
N MET A 2512 1.77 -41.95 40.78
CA MET A 2512 2.84 -41.59 41.69
C MET A 2512 2.36 -40.84 42.93
N TRP A 2513 1.06 -40.57 43.05
CA TRP A 2513 0.53 -39.99 44.27
C TRP A 2513 0.32 -41.02 45.37
N VAL A 2514 0.40 -42.32 45.03
CA VAL A 2514 0.24 -43.35 46.04
C VAL A 2514 1.26 -43.17 47.15
N PHE A 2515 2.49 -42.80 46.79
CA PHE A 2515 3.51 -42.42 47.76
C PHE A 2515 2.91 -41.52 48.84
N ARG A 2516 2.38 -40.38 48.42
CA ARG A 2516 1.77 -39.44 49.35
C ARG A 2516 0.76 -40.14 50.24
N LEU A 2517 -0.16 -40.89 49.62
CA LEU A 2517 -1.16 -41.61 50.40
C LEU A 2517 -0.49 -42.49 51.44
N CYS A 2518 0.46 -43.33 51.01
CA CYS A 2518 1.15 -44.20 51.95
C CYS A 2518 1.82 -43.38 53.03
N SER A 2519 2.46 -42.27 52.65
CA SER A 2519 3.10 -41.40 53.64
C SER A 2519 2.11 -41.03 54.73
N LEU A 2520 0.92 -40.54 54.33
CA LEU A 2520 -0.09 -40.20 55.32
C LEU A 2520 -0.42 -41.42 56.17
N TRP A 2521 -0.70 -42.56 55.52
CA TRP A 2521 -1.04 -43.75 56.26
C TRP A 2521 0.12 -44.22 57.13
N LEU A 2522 1.36 -43.91 56.73
CA LEU A 2522 2.50 -44.33 57.52
C LEU A 2522 2.80 -43.38 58.68
N GLU A 2523 2.19 -42.19 58.70
CA GLU A 2523 2.40 -41.27 59.80
C GLU A 2523 1.19 -41.14 60.70
N ASN A 2524 0.11 -41.85 60.40
CA ASN A 2524 -1.14 -41.77 61.15
C ASN A 2524 -1.66 -43.18 61.41
N SER A 2525 -0.78 -44.06 61.88
CA SER A 2525 -1.15 -45.46 62.07
C SER A 2525 -2.22 -45.63 63.15
N GLY A 2526 -2.16 -44.85 64.22
CA GLY A 2526 -3.06 -45.00 65.34
C GLY A 2526 -4.34 -44.19 65.29
N VAL A 2527 -4.63 -43.54 64.16
CA VAL A 2527 -5.84 -42.71 64.07
C VAL A 2527 -7.09 -43.57 64.13
N SER A 2528 -7.07 -44.75 63.53
CA SER A 2528 -8.12 -45.77 63.46
C SER A 2528 -9.22 -45.39 62.47
N GLU A 2529 -9.21 -44.20 61.88
CA GLU A 2529 -10.07 -43.90 60.75
C GLU A 2529 -9.37 -44.06 59.41
N VAL A 2530 -8.09 -43.69 59.34
CA VAL A 2530 -7.31 -43.94 58.14
C VAL A 2530 -7.12 -45.45 57.93
N ASN A 2531 -6.96 -46.19 59.03
CA ASN A 2531 -6.81 -47.64 58.93
C ASN A 2531 -8.07 -48.28 58.33
N GLY A 2532 -9.24 -47.91 58.84
CA GLY A 2532 -10.47 -48.43 58.29
C GLY A 2532 -10.72 -47.96 56.87
N MET A 2533 -10.35 -46.72 56.57
CA MET A 2533 -10.53 -46.18 55.23
C MET A 2533 -9.66 -46.91 54.22
N MET A 2534 -8.45 -47.31 54.62
CA MET A 2534 -7.61 -48.13 53.75
C MET A 2534 -8.11 -49.56 53.68
N LYS A 2535 -8.65 -50.09 54.78
CA LYS A 2535 -9.16 -51.46 54.79
C LYS A 2535 -10.36 -51.62 53.87
N ARG A 2536 -11.26 -50.64 53.86
CA ARG A 2536 -12.48 -50.77 53.06
C ARG A 2536 -12.24 -50.42 51.60
N ASP A 2537 -11.86 -49.17 51.34
CA ASP A 2537 -11.75 -48.69 49.96
C ASP A 2537 -10.34 -48.80 49.40
N GLY A 2538 -9.31 -48.76 50.25
CA GLY A 2538 -7.96 -48.91 49.76
C GLY A 2538 -7.59 -50.31 49.34
N MET A 2539 -8.40 -51.30 49.69
CA MET A 2539 -8.16 -52.67 49.28
C MET A 2539 -8.67 -52.97 47.87
N LYS A 2540 -9.41 -52.06 47.27
CA LYS A 2540 -9.86 -52.20 45.89
C LYS A 2540 -8.93 -51.55 44.89
N ILE A 2541 -7.88 -50.87 45.36
CA ILE A 2541 -6.90 -50.27 44.46
C ILE A 2541 -6.15 -51.36 43.72
N PRO A 2542 -5.89 -51.23 42.42
CA PRO A 2542 -5.07 -52.23 41.73
C PRO A 2542 -3.70 -52.37 42.39
N THR A 2543 -3.27 -53.61 42.55
CA THR A 2543 -2.10 -53.88 43.39
C THR A 2543 -0.80 -53.42 42.75
N TYR A 2544 -0.73 -53.40 41.41
CA TYR A 2544 0.51 -52.99 40.76
C TYR A 2544 0.88 -51.55 41.09
N LYS A 2545 -0.11 -50.72 41.39
CA LYS A 2545 0.16 -49.33 41.76
C LYS A 2545 0.95 -49.24 43.06
N PHE A 2546 0.93 -50.28 43.89
CA PHE A 2546 1.73 -50.33 45.11
C PHE A 2546 3.12 -50.88 44.88
N LEU A 2547 3.44 -51.29 43.66
CA LEU A 2547 4.73 -51.95 43.40
C LEU A 2547 5.94 -51.05 43.69
N PRO A 2548 5.99 -49.78 43.26
CA PRO A 2548 7.18 -48.97 43.55
C PRO A 2548 7.39 -48.64 45.02
N LEU A 2549 6.51 -49.10 45.91
CA LEU A 2549 6.64 -48.87 47.34
C LEU A 2549 6.97 -50.13 48.12
N MET A 2550 7.22 -51.25 47.43
CA MET A 2550 7.28 -52.55 48.10
C MET A 2550 8.41 -52.60 49.11
N TYR A 2551 9.54 -51.95 48.81
CA TYR A 2551 10.65 -51.92 49.77
C TYR A 2551 10.24 -51.21 51.05
N GLN A 2552 9.48 -50.12 50.94
CA GLN A 2552 9.12 -49.36 52.12
C GLN A 2552 8.01 -50.03 52.92
N LEU A 2553 6.93 -50.43 52.24
CA LEU A 2553 5.79 -51.02 52.95
C LEU A 2553 6.19 -52.26 53.72
N ALA A 2554 6.94 -53.16 53.07
CA ALA A 2554 7.38 -54.38 53.74
C ALA A 2554 8.25 -54.07 54.95
N ALA A 2555 8.94 -52.92 54.94
CA ALA A 2555 9.77 -52.55 56.08
C ALA A 2555 8.95 -52.14 57.31
N ARG A 2556 7.64 -51.93 57.15
CA ARG A 2556 6.81 -51.46 58.26
C ARG A 2556 6.01 -52.57 58.93
N MET A 2557 5.88 -53.73 58.31
CA MET A 2557 4.98 -54.76 58.83
C MET A 2557 5.52 -55.35 60.13
N GLY A 2558 4.60 -55.67 61.03
CA GLY A 2558 4.95 -56.22 62.33
C GLY A 2558 3.74 -56.87 62.97
N THR A 2559 3.88 -57.16 64.25
CA THR A 2559 2.83 -57.83 65.02
C THR A 2559 2.56 -57.10 66.33
N LYS A 2560 2.46 -55.78 66.28
CA LYS A 2560 2.14 -54.99 67.46
C LYS A 2560 0.66 -54.58 67.50
N MET A 2561 0.19 -53.89 66.47
CA MET A 2561 -1.20 -53.46 66.38
C MET A 2561 -2.01 -54.55 65.67
N MET A 2562 -2.89 -55.21 66.41
CA MET A 2562 -3.65 -56.34 65.89
C MET A 2562 -5.14 -55.99 65.89
N GLY A 2563 -5.96 -57.00 65.59
CA GLY A 2563 -7.38 -56.80 65.41
C GLY A 2563 -7.76 -56.47 63.99
N GLY A 2564 -9.07 -56.46 63.74
CA GLY A 2564 -9.56 -56.16 62.41
C GLY A 2564 -9.21 -54.76 61.94
N LEU A 2565 -9.19 -53.79 62.86
CA LEU A 2565 -8.91 -52.41 62.53
C LEU A 2565 -7.47 -52.01 62.80
N GLY A 2566 -6.63 -52.95 63.26
CA GLY A 2566 -5.25 -52.62 63.55
C GLY A 2566 -4.45 -52.30 62.29
N PHE A 2567 -3.44 -51.45 62.47
CA PHE A 2567 -2.62 -51.05 61.34
C PHE A 2567 -1.85 -52.22 60.75
N HIS A 2568 -1.25 -53.06 61.61
CA HIS A 2568 -0.41 -54.13 61.10
C HIS A 2568 -1.21 -55.21 60.40
N GLU A 2569 -2.43 -55.49 60.85
CA GLU A 2569 -3.28 -56.47 60.17
C GLU A 2569 -3.62 -56.00 58.75
N VAL A 2570 -4.00 -54.73 58.62
CA VAL A 2570 -4.30 -54.17 57.30
C VAL A 2570 -3.05 -54.19 56.41
N LEU A 2571 -1.91 -53.82 56.98
CA LEU A 2571 -0.67 -53.84 56.21
C LEU A 2571 -0.31 -55.25 55.74
N ASN A 2572 -0.47 -56.23 56.62
CA ASN A 2572 -0.20 -57.61 56.25
C ASN A 2572 -1.13 -58.09 55.15
N ASN A 2573 -2.42 -57.74 55.24
CA ASN A 2573 -3.35 -58.12 54.20
C ASN A 2573 -2.98 -57.48 52.86
N LEU A 2574 -2.60 -56.20 52.89
CA LEU A 2574 -2.21 -55.52 51.66
C LEU A 2574 -0.97 -56.15 51.05
N ILE A 2575 0.03 -56.45 51.88
CA ILE A 2575 1.25 -57.06 51.38
C ILE A 2575 0.97 -58.45 50.81
N SER A 2576 0.10 -59.22 51.49
CA SER A 2576 -0.25 -60.54 51.00
C SER A 2576 -0.94 -60.46 49.64
N ARG A 2577 -1.87 -59.52 49.48
CA ARG A 2577 -2.54 -59.36 48.19
C ARG A 2577 -1.55 -58.96 47.10
N ILE A 2578 -0.66 -58.03 47.40
CA ILE A 2578 0.32 -57.59 46.40
C ILE A 2578 1.22 -58.75 45.99
N SER A 2579 1.68 -59.53 46.96
CA SER A 2579 2.54 -60.67 46.65
C SER A 2579 1.80 -61.73 45.85
N MET A 2580 0.53 -61.97 46.18
CA MET A 2580 -0.27 -62.92 45.42
C MET A 2580 -0.44 -62.49 43.97
N ASP A 2581 -0.70 -61.21 43.74
CA ASP A 2581 -0.96 -60.76 42.38
C ASP A 2581 0.32 -60.67 41.55
N HIS A 2582 1.44 -60.26 42.16
CA HIS A 2582 2.70 -60.06 41.45
C HIS A 2582 3.82 -60.78 42.20
N PRO A 2583 3.90 -62.12 42.06
CA PRO A 2583 4.96 -62.85 42.77
C PRO A 2583 6.36 -62.56 42.26
N HIS A 2584 6.51 -62.07 41.03
CA HIS A 2584 7.83 -61.82 40.46
C HIS A 2584 8.36 -60.43 40.78
N HIS A 2585 7.62 -59.62 41.52
CA HIS A 2585 8.06 -58.29 41.91
C HIS A 2585 8.21 -58.11 43.41
N THR A 2586 7.70 -59.03 44.22
CA THR A 2586 7.71 -58.86 45.67
C THR A 2586 8.30 -60.03 46.45
N LEU A 2587 8.42 -61.22 45.85
CA LEU A 2587 8.84 -62.39 46.61
C LEU A 2587 10.25 -62.24 47.15
N PHE A 2588 11.17 -61.74 46.33
CA PHE A 2588 12.56 -61.61 46.76
C PHE A 2588 12.68 -60.63 47.92
N ILE A 2589 11.86 -59.58 47.94
CA ILE A 2589 11.89 -58.63 49.05
C ILE A 2589 11.48 -59.30 50.36
N ILE A 2590 10.43 -60.13 50.31
CA ILE A 2590 9.97 -60.80 51.52
C ILE A 2590 11.00 -61.84 51.98
N LEU A 2591 11.63 -62.56 51.04
CA LEU A 2591 12.71 -63.46 51.42
C LEU A 2591 13.87 -62.70 52.06
N ALA A 2592 14.25 -61.56 51.49
CA ALA A 2592 15.35 -60.78 52.04
C ALA A 2592 15.02 -60.32 53.46
N LEU A 2593 13.77 -59.92 53.70
CA LEU A 2593 13.37 -59.59 55.06
C LEU A 2593 13.43 -60.81 55.97
N ALA A 2594 13.02 -61.98 55.47
CA ALA A 2594 13.04 -63.20 56.26
C ALA A 2594 14.45 -63.79 56.39
N ASN A 2595 15.28 -63.64 55.36
CA ASN A 2595 16.62 -64.21 55.33
C ASN A 2595 17.69 -63.21 55.75
N ALA A 2596 17.36 -62.30 56.67
CA ALA A 2596 18.29 -61.25 57.05
C ALA A 2596 19.57 -61.82 57.66
N ASN A 2597 19.44 -62.85 58.50
CA ASN A 2597 20.56 -63.41 59.24
C ASN A 2597 20.75 -64.89 58.94
N ARG A 2598 20.68 -65.28 57.67
CA ARG A 2598 20.93 -66.65 57.27
C ARG A 2598 22.37 -66.91 56.87
N ASP A 2599 23.23 -65.89 56.86
CA ASP A 2599 24.64 -66.12 56.54
C ASP A 2599 25.30 -67.04 57.55
N GLU A 2600 25.17 -66.70 58.84
CA GLU A 2600 25.75 -67.55 59.88
C GLU A 2600 25.00 -68.86 60.00
N PHE A 2601 23.71 -68.87 59.64
CA PHE A 2601 22.95 -70.12 59.68
C PHE A 2601 23.44 -71.09 58.61
N LEU A 2602 23.83 -70.59 57.45
CA LEU A 2602 24.28 -71.43 56.36
C LEU A 2602 25.76 -71.76 56.41
N THR A 2603 26.58 -70.88 57.00
CA THR A 2603 28.00 -71.17 57.11
C THR A 2603 28.26 -72.28 58.12
N LYS A 2604 27.88 -72.07 59.37
CA LYS A 2604 28.06 -73.06 60.42
C LYS A 2604 27.13 -72.78 61.60
N SER A 2622 16.52 -56.52 67.72
CA SER A 2622 15.55 -55.76 68.49
C SER A 2622 14.13 -56.29 68.28
N GLN A 2623 13.16 -55.66 68.95
CA GLN A 2623 11.78 -56.09 68.81
C GLN A 2623 11.27 -55.87 67.38
N LEU A 2624 11.63 -54.74 66.78
CA LEU A 2624 11.19 -54.47 65.41
C LEU A 2624 11.74 -55.50 64.43
N ASP A 2625 13.00 -55.90 64.60
CA ASP A 2625 13.61 -56.86 63.68
C ASP A 2625 12.90 -58.21 63.75
N GLU A 2626 12.67 -58.71 64.97
CA GLU A 2626 12.00 -60.01 65.11
C GLU A 2626 10.54 -59.94 64.68
N ASP A 2627 9.87 -58.82 64.93
CA ASP A 2627 8.50 -58.67 64.45
C ASP A 2627 8.45 -58.67 62.93
N ARG A 2628 9.39 -57.98 62.28
CA ARG A 2628 9.46 -58.00 60.83
C ARG A 2628 9.74 -59.39 60.30
N THR A 2629 10.64 -60.12 60.98
CA THR A 2629 10.94 -61.50 60.56
C THR A 2629 9.71 -62.38 60.66
N GLU A 2630 8.94 -62.25 61.76
CA GLU A 2630 7.73 -63.05 61.91
C GLU A 2630 6.69 -62.70 60.85
N ALA A 2631 6.51 -61.41 60.58
CA ALA A 2631 5.55 -61.01 59.56
C ALA A 2631 5.96 -61.51 58.18
N ALA A 2632 7.25 -61.41 57.85
CA ALA A 2632 7.73 -61.92 56.58
C ALA A 2632 7.55 -63.43 56.48
N ASN A 2633 7.79 -64.14 57.59
CA ASN A 2633 7.58 -65.58 57.60
C ASN A 2633 6.11 -65.92 57.37
N ARG A 2634 5.20 -65.16 57.97
CA ARG A 2634 3.78 -65.40 57.75
C ARG A 2634 3.39 -65.16 56.29
N ILE A 2635 3.91 -64.08 55.69
CA ILE A 2635 3.61 -63.81 54.28
C ILE A 2635 4.15 -64.92 53.39
N ILE A 2636 5.37 -65.38 53.68
CA ILE A 2636 5.94 -66.48 52.90
C ILE A 2636 5.13 -67.76 53.09
N CYS A 2637 4.62 -67.99 54.30
CA CYS A 2637 3.76 -69.14 54.54
C CYS A 2637 2.51 -69.08 53.68
N THR A 2638 1.89 -67.91 53.60
CA THR A 2638 0.70 -67.76 52.75
C THR A 2638 1.05 -68.01 51.28
N ILE A 2639 2.15 -67.42 50.81
CA ILE A 2639 2.52 -67.57 49.40
C ILE A 2639 2.82 -69.03 49.08
N ARG A 2640 3.54 -69.71 49.97
CA ARG A 2640 3.82 -71.13 49.78
C ARG A 2640 2.54 -71.96 49.82
N SER A 2641 1.58 -71.56 50.67
CA SER A 2641 0.29 -72.23 50.67
C SER A 2641 -0.42 -72.07 49.33
N ARG A 2642 -0.16 -70.95 48.64
CA ARG A 2642 -0.72 -70.81 47.31
C ARG A 2642 0.20 -71.31 46.20
N ARG A 2643 1.51 -71.02 46.28
CA ARG A 2643 2.47 -71.47 45.28
C ARG A 2643 3.66 -72.14 45.98
N PRO A 2644 3.56 -73.45 46.23
CA PRO A 2644 4.65 -74.11 46.97
C PRO A 2644 5.91 -74.32 46.16
N GLN A 2645 5.78 -74.75 44.90
CA GLN A 2645 6.96 -75.07 44.11
C GLN A 2645 7.81 -73.83 43.83
N MET A 2646 7.15 -72.72 43.49
CA MET A 2646 7.89 -71.48 43.23
C MET A 2646 8.63 -71.01 44.48
N VAL A 2647 7.97 -71.07 45.64
CA VAL A 2647 8.61 -70.65 46.89
C VAL A 2647 9.81 -71.54 47.19
N ARG A 2648 9.65 -72.85 47.03
CA ARG A 2648 10.75 -73.77 47.30
C ARG A 2648 11.95 -73.49 46.39
N SER A 2649 11.68 -73.31 45.09
CA SER A 2649 12.76 -73.04 44.15
C SER A 2649 13.44 -71.70 44.43
N VAL A 2650 12.66 -70.68 44.78
CA VAL A 2650 13.23 -69.38 45.07
C VAL A 2650 14.10 -69.43 46.32
N GLU A 2651 13.63 -70.15 47.34
CA GLU A 2651 14.45 -70.32 48.55
C GLU A 2651 15.74 -71.06 48.24
N ALA A 2652 15.67 -72.10 47.41
CA ALA A 2652 16.88 -72.83 47.04
C ALA A 2652 17.85 -71.92 46.30
N LEU A 2653 17.35 -71.11 45.37
CA LEU A 2653 18.22 -70.20 44.63
C LEU A 2653 18.84 -69.15 45.54
N CYS A 2654 18.05 -68.61 46.46
CA CYS A 2654 18.59 -67.62 47.41
C CYS A 2654 19.66 -68.23 48.29
N ASP A 2655 19.45 -69.46 48.75
CA ASP A 2655 20.46 -70.14 49.55
C ASP A 2655 21.73 -70.37 48.74
N ALA A 2656 21.57 -70.75 47.47
CA ALA A 2656 22.74 -70.96 46.61
C ALA A 2656 23.54 -69.67 46.44
N TYR A 2657 22.84 -68.57 46.16
CA TYR A 2657 23.51 -67.27 46.07
C TYR A 2657 24.22 -66.90 47.36
N ILE A 2658 23.56 -67.07 48.50
CA ILE A 2658 24.16 -66.69 49.78
C ILE A 2658 25.41 -67.52 50.06
N ILE A 2659 25.33 -68.82 49.79
CA ILE A 2659 26.48 -69.70 50.01
C ILE A 2659 27.63 -69.31 49.08
N LEU A 2660 27.33 -69.01 47.82
CA LEU A 2660 28.38 -68.63 46.89
C LEU A 2660 29.04 -67.32 47.29
N ALA A 2661 28.25 -66.36 47.78
CA ALA A 2661 28.79 -65.07 48.15
C ALA A 2661 29.78 -65.18 49.32
N ASN A 2662 29.44 -66.02 50.31
CA ASN A 2662 30.30 -66.17 51.48
C ASN A 2662 31.55 -66.98 51.20
N LEU A 2663 31.66 -67.61 50.04
CA LEU A 2663 32.85 -68.39 49.71
C LEU A 2663 34.06 -67.47 49.58
N ASP A 2664 35.14 -67.82 50.26
CA ASP A 2664 36.36 -67.03 50.19
C ASP A 2664 37.05 -67.23 48.85
N ALA A 2665 37.52 -66.13 48.26
CA ALA A 2665 38.19 -66.18 46.97
C ALA A 2665 39.43 -65.30 46.94
N THR A 2666 40.09 -65.15 48.09
CA THR A 2666 41.29 -64.31 48.15
C THR A 2666 42.49 -64.97 47.44
N GLN A 2667 42.42 -66.27 47.17
CA GLN A 2667 43.52 -66.94 46.48
C GLN A 2667 43.52 -66.72 44.97
N TRP A 2668 42.46 -66.14 44.43
CA TRP A 2668 42.37 -65.82 43.01
C TRP A 2668 42.34 -64.31 42.77
N LYS A 2669 42.96 -63.55 43.67
CA LYS A 2669 42.85 -62.09 43.60
C LYS A 2669 43.42 -61.54 42.30
N THR A 2670 44.58 -62.05 41.88
CA THR A 2670 45.18 -61.60 40.63
C THR A 2670 44.58 -62.28 39.41
N GLN A 2671 43.82 -63.35 39.60
CA GLN A 2671 43.24 -64.09 38.47
C GLN A 2671 42.17 -63.26 37.77
N ARG A 2672 42.18 -63.30 36.45
CA ARG A 2672 41.19 -62.57 35.66
C ARG A 2672 40.63 -63.38 34.49
N LYS A 2673 41.03 -64.64 34.30
CA LYS A 2673 40.64 -65.42 33.14
C LYS A 2673 39.48 -66.37 33.41
N GLY A 2674 38.94 -66.38 34.61
CA GLY A 2674 37.82 -67.26 34.91
C GLY A 2674 38.21 -68.46 35.74
N ILE A 2675 37.46 -68.70 36.82
CA ILE A 2675 37.73 -69.80 37.74
C ILE A 2675 36.47 -70.64 37.87
N ASN A 2676 36.65 -71.96 37.90
CA ASN A 2676 35.51 -72.85 38.05
C ASN A 2676 34.97 -72.81 39.47
N ILE A 2677 33.65 -72.76 39.59
CA ILE A 2677 33.02 -72.86 40.92
C ILE A 2677 33.23 -74.27 41.46
N PRO A 2678 33.63 -74.42 42.73
CA PRO A 2678 33.77 -75.76 43.29
C PRO A 2678 32.45 -76.53 43.26
N ALA A 2679 32.55 -77.83 43.02
CA ALA A 2679 31.36 -78.67 42.90
C ALA A 2679 30.56 -78.75 44.19
N ASP A 2680 31.17 -78.41 45.34
CA ASP A 2680 30.44 -78.45 46.60
C ASP A 2680 29.44 -77.31 46.72
N GLN A 2681 29.55 -76.29 45.89
CA GLN A 2681 28.60 -75.17 45.94
C GLN A 2681 27.24 -75.61 45.39
N PRO A 2682 26.15 -75.36 46.11
CA PRO A 2682 24.84 -75.81 45.62
C PRO A 2682 24.39 -75.13 44.34
N ILE A 2683 24.98 -73.99 43.98
CA ILE A 2683 24.53 -73.24 42.81
C ILE A 2683 24.73 -74.07 41.53
N THR A 2684 25.72 -74.95 41.51
CA THR A 2684 25.97 -75.76 40.32
C THR A 2684 24.94 -76.87 40.15
N LYS A 2685 24.23 -77.24 41.21
CA LYS A 2685 23.24 -78.31 41.14
C LYS A 2685 21.88 -77.83 40.63
N LEU A 2686 21.63 -76.52 40.61
CA LEU A 2686 20.36 -76.00 40.12
C LEU A 2686 20.26 -76.19 38.61
N LYS A 2687 19.07 -76.56 38.14
CA LYS A 2687 18.85 -76.81 36.73
C LYS A 2687 17.36 -76.78 36.44
N ASN A 2688 16.98 -76.03 35.39
CA ASN A 2688 15.62 -76.02 34.85
C ASN A 2688 14.59 -75.63 35.93
N LEU A 2689 14.74 -74.39 36.40
CA LEU A 2689 13.77 -73.79 37.31
C LEU A 2689 12.74 -73.03 36.47
N GLU A 2690 11.62 -73.68 36.18
CA GLU A 2690 10.61 -73.09 35.31
C GLU A 2690 9.71 -72.08 36.01
N ASP A 2691 9.75 -72.02 37.34
CA ASP A 2691 8.90 -71.11 38.10
C ASP A 2691 9.65 -69.88 38.61
N VAL A 2692 10.94 -69.76 38.33
CA VAL A 2692 11.76 -68.65 38.82
C VAL A 2692 12.26 -67.85 37.63
N VAL A 2693 11.93 -66.58 37.59
CA VAL A 2693 12.45 -65.67 36.57
C VAL A 2693 13.85 -65.25 36.96
N VAL A 2694 14.64 -64.83 35.97
CA VAL A 2694 15.99 -64.33 36.21
C VAL A 2694 15.91 -63.14 37.17
N PRO A 2695 16.41 -63.29 38.40
CA PRO A 2695 16.21 -62.21 39.39
C PRO A 2695 16.81 -60.88 39.00
N THR A 2696 17.97 -60.88 38.32
CA THR A 2696 18.61 -59.65 37.92
C THR A 2696 18.20 -59.23 36.51
N MET A 2697 16.90 -59.17 36.28
CA MET A 2697 16.37 -58.78 34.98
C MET A 2697 15.10 -57.98 35.19
N GLU A 2698 14.99 -56.86 34.47
CA GLU A 2698 13.80 -56.03 34.57
C GLU A 2698 12.59 -56.78 34.02
N ILE A 2699 11.48 -56.71 34.75
CA ILE A 2699 10.25 -57.39 34.39
C ILE A 2699 9.18 -56.34 34.15
N LYS A 2700 8.60 -56.34 32.95
CA LYS A 2700 7.50 -55.42 32.66
C LYS A 2700 6.30 -55.78 33.53
N VAL A 2701 5.72 -54.75 34.15
CA VAL A 2701 4.61 -54.98 35.07
C VAL A 2701 3.37 -55.35 34.27
N ASP A 2702 2.78 -56.50 34.60
CA ASP A 2702 1.57 -56.97 33.95
C ASP A 2702 0.39 -56.66 34.86
N HIS A 2703 -0.56 -55.85 34.37
CA HIS A 2703 -1.74 -55.52 35.15
C HIS A 2703 -2.60 -56.76 35.39
N THR A 2704 -2.52 -57.74 34.50
CA THR A 2704 -3.11 -59.04 34.74
C THR A 2704 -2.09 -59.95 35.43
N GLY A 2705 -2.59 -60.76 36.36
CA GLY A 2705 -1.71 -61.61 37.15
C GLY A 2705 -1.47 -62.99 36.59
N GLU A 2706 -1.06 -63.10 35.33
CA GLU A 2706 -0.77 -64.40 34.73
C GLU A 2706 0.71 -64.63 34.50
N TYR A 2707 1.44 -63.63 33.99
CA TYR A 2707 2.88 -63.71 33.74
C TYR A 2707 3.25 -65.01 33.03
N GLY A 2708 2.72 -65.17 31.82
CA GLY A 2708 2.88 -66.40 31.09
C GLY A 2708 4.25 -66.59 30.45
N ASN A 2709 4.60 -65.72 29.50
CA ASN A 2709 5.84 -65.86 28.75
C ASN A 2709 6.92 -65.02 29.42
N LEU A 2710 7.63 -65.64 30.36
CA LEU A 2710 8.73 -65.00 31.06
C LEU A 2710 9.97 -65.87 30.97
N VAL A 2711 11.12 -65.24 30.78
CA VAL A 2711 12.38 -65.97 30.69
C VAL A 2711 12.77 -66.46 32.07
N THR A 2712 12.85 -67.78 32.23
CA THR A 2712 13.16 -68.39 33.51
C THR A 2712 14.59 -68.91 33.51
N ILE A 2713 15.10 -69.17 34.71
CA ILE A 2713 16.47 -69.67 34.87
C ILE A 2713 16.54 -71.11 34.38
N GLN A 2714 17.50 -71.39 33.51
CA GLN A 2714 17.76 -72.74 33.04
C GLN A 2714 18.97 -73.37 33.72
N SER A 2715 20.10 -72.66 33.75
CA SER A 2715 21.31 -73.20 34.36
C SER A 2715 22.27 -72.07 34.66
N PHE A 2716 23.36 -72.41 35.33
CA PHE A 2716 24.46 -71.50 35.62
C PHE A 2716 25.74 -72.05 35.02
N LYS A 2717 26.53 -71.19 34.41
CA LYS A 2717 27.80 -71.62 33.82
C LYS A 2717 28.78 -72.04 34.92
N ALA A 2718 29.64 -72.99 34.59
CA ALA A 2718 30.50 -73.64 35.57
C ALA A 2718 31.66 -72.77 36.03
N GLU A 2719 31.90 -71.63 35.39
CA GLU A 2719 33.04 -70.78 35.72
C GLU A 2719 32.57 -69.38 36.08
N PHE A 2720 33.19 -68.83 37.12
CA PHE A 2720 32.96 -67.44 37.52
C PHE A 2720 34.22 -66.63 37.30
N ARG A 2721 34.10 -65.31 37.45
CA ARG A 2721 35.18 -64.40 37.16
C ARG A 2721 35.24 -63.30 38.21
N LEU A 2722 36.43 -62.73 38.38
CA LEU A 2722 36.66 -61.62 39.29
C LEU A 2722 37.13 -60.40 38.51
N ALA A 2723 36.77 -59.22 39.01
CA ALA A 2723 37.14 -57.98 38.35
C ALA A 2723 37.75 -56.96 39.32
N GLY A 2724 38.09 -57.38 40.54
CA GLY A 2724 38.67 -56.49 41.53
C GLY A 2724 37.77 -56.34 42.74
N GLY A 2725 37.83 -55.15 43.34
CA GLY A 2725 37.03 -54.84 44.50
C GLY A 2725 37.71 -55.26 45.80
N VAL A 2726 37.29 -54.61 46.89
CA VAL A 2726 37.88 -54.89 48.19
C VAL A 2726 37.46 -56.27 48.68
N ASN A 2727 36.19 -56.66 48.48
CA ASN A 2727 35.69 -57.94 48.93
C ASN A 2727 35.65 -58.99 47.83
N LEU A 2728 36.11 -58.66 46.63
CA LEU A 2728 36.16 -59.57 45.50
C LEU A 2728 34.78 -60.16 45.18
N PRO A 2729 33.83 -59.37 44.70
CA PRO A 2729 32.56 -59.94 44.28
C PRO A 2729 32.73 -60.82 43.05
N LYS A 2730 31.84 -61.79 42.91
CA LYS A 2730 31.99 -62.83 41.90
C LYS A 2730 31.04 -62.58 40.73
N ILE A 2731 31.58 -62.62 39.51
CA ILE A 2731 30.79 -62.45 38.29
C ILE A 2731 30.46 -63.84 37.76
N ILE A 2732 29.17 -64.14 37.65
CA ILE A 2732 28.69 -65.45 37.21
C ILE A 2732 27.77 -65.26 36.00
N ASP A 2733 27.52 -66.36 35.31
CA ASP A 2733 26.65 -66.37 34.13
C ASP A 2733 25.42 -67.23 34.42
N CYS A 2734 24.25 -66.69 34.10
CA CYS A 2734 22.99 -67.42 34.22
C CYS A 2734 22.40 -67.55 32.83
N VAL A 2735 22.25 -68.78 32.36
CA VAL A 2735 21.61 -69.05 31.06
C VAL A 2735 20.14 -69.36 31.32
N GLY A 2736 19.27 -68.64 30.62
CA GLY A 2736 17.84 -68.74 30.83
C GLY A 2736 17.18 -69.77 29.94
N SER A 2737 15.84 -69.75 29.98
CA SER A 2737 15.07 -70.68 29.16
C SER A 2737 15.30 -70.45 27.68
N ASP A 2738 15.64 -69.22 27.29
CA ASP A 2738 16.01 -68.92 25.91
C ASP A 2738 17.49 -69.16 25.72
N GLY A 2739 18.04 -68.72 24.59
CA GLY A 2739 19.44 -68.91 24.28
C GLY A 2739 20.37 -67.83 24.76
N LYS A 2740 19.88 -66.87 25.53
CA LYS A 2740 20.67 -65.73 25.98
C LYS A 2740 21.13 -65.93 27.42
N GLU A 2741 22.37 -65.54 27.70
CA GLU A 2741 22.95 -65.62 29.03
C GLU A 2741 23.15 -64.22 29.60
N ARG A 2742 22.97 -64.11 30.91
CA ARG A 2742 23.05 -62.83 31.61
C ARG A 2742 24.13 -62.89 32.67
N ARG A 2743 24.93 -61.82 32.73
CA ARG A 2743 25.99 -61.69 33.73
C ARG A 2743 25.40 -61.13 35.02
N GLN A 2744 25.74 -61.76 36.14
CA GLN A 2744 25.32 -61.30 37.45
C GLN A 2744 26.54 -61.11 38.34
N LEU A 2745 26.44 -60.16 39.26
CA LEU A 2745 27.49 -59.90 40.23
C LEU A 2745 26.95 -60.25 41.62
N VAL A 2746 27.59 -61.20 42.28
CA VAL A 2746 27.22 -61.62 43.62
C VAL A 2746 28.19 -60.97 44.60
N LYS A 2747 27.65 -60.23 45.56
CA LYS A 2747 28.43 -59.49 46.53
C LYS A 2747 28.09 -59.99 47.93
N GLY A 2748 29.12 -60.31 48.70
CA GLY A 2748 28.97 -60.65 50.10
C GLY A 2748 29.63 -59.60 50.97
N ARG A 2749 29.26 -59.55 52.24
CA ARG A 2749 29.81 -58.58 53.19
C ARG A 2749 29.59 -57.16 52.68
N ASP A 2750 28.37 -56.87 52.24
CA ASP A 2750 28.00 -55.56 51.73
C ASP A 2750 26.49 -55.45 51.72
N ASP A 2751 25.98 -54.30 52.18
CA ASP A 2751 24.55 -54.06 52.24
C ASP A 2751 24.11 -53.41 50.93
N LEU A 2752 23.28 -54.13 50.17
CA LEU A 2752 22.85 -53.68 48.85
C LEU A 2752 21.48 -52.99 48.87
N ARG A 2753 20.88 -52.82 50.04
CA ARG A 2753 19.54 -52.24 50.08
C ARG A 2753 19.55 -50.77 49.69
N GLN A 2754 20.60 -50.05 50.09
CA GLN A 2754 20.71 -48.64 49.71
C GLN A 2754 20.77 -48.48 48.20
N ASP A 2755 21.54 -49.34 47.53
CA ASP A 2755 21.59 -49.30 46.07
C ASP A 2755 20.22 -49.57 45.47
N ALA A 2756 19.48 -50.52 46.04
CA ALA A 2756 18.15 -50.85 45.51
C ALA A 2756 17.19 -49.67 45.62
N VAL A 2757 17.15 -49.03 46.79
CA VAL A 2757 16.21 -47.92 46.96
C VAL A 2757 16.65 -46.72 46.12
N MET A 2758 17.95 -46.48 45.99
CA MET A 2758 18.41 -45.41 45.11
C MET A 2758 18.06 -45.69 43.66
N GLN A 2759 18.13 -46.95 43.23
CA GLN A 2759 17.72 -47.31 41.88
C GLN A 2759 16.21 -47.11 41.70
N GLN A 2760 15.43 -47.37 42.74
CA GLN A 2760 13.99 -47.09 42.68
C GLN A 2760 13.73 -45.59 42.49
N VAL A 2761 14.46 -44.76 43.23
CA VAL A 2761 14.31 -43.31 43.06
C VAL A 2761 14.75 -42.89 41.66
N PHE A 2762 15.79 -43.55 41.13
CA PHE A 2762 16.22 -43.27 39.76
C PHE A 2762 15.13 -43.64 38.76
N GLN A 2763 14.44 -44.76 38.99
CA GLN A 2763 13.33 -45.14 38.11
C GLN A 2763 12.21 -44.11 38.16
N MET A 2764 11.90 -43.61 39.36
CA MET A 2764 10.89 -42.56 39.47
C MET A 2764 11.30 -41.30 38.73
N CYS A 2765 12.57 -40.91 38.85
CA CYS A 2765 13.07 -39.75 38.12
C CYS A 2765 13.02 -39.99 36.62
N ASN A 2766 13.30 -41.21 36.18
CA ASN A 2766 13.21 -41.54 34.76
C ASN A 2766 11.78 -41.40 34.26
N THR A 2767 10.81 -41.86 35.06
CA THR A 2767 9.41 -41.68 34.70
C THR A 2767 9.06 -40.20 34.59
N LEU A 2768 9.51 -39.40 35.55
CA LEU A 2768 9.26 -37.96 35.48
C LEU A 2768 9.88 -37.34 34.23
N LEU A 2769 11.11 -37.72 33.90
CA LEU A 2769 11.77 -37.17 32.72
C LEU A 2769 11.06 -37.57 31.43
N GLN A 2770 10.61 -38.82 31.34
CA GLN A 2770 9.93 -39.26 30.13
C GLN A 2770 8.51 -38.70 30.03
N ARG A 2771 7.93 -38.27 31.16
CA ARG A 2771 6.60 -37.68 31.13
C ARG A 2771 6.58 -36.35 30.40
N ASN A 2772 7.55 -35.48 30.69
CA ASN A 2772 7.62 -34.12 30.09
C ASN A 2772 8.14 -34.18 28.66
N THR A 2773 7.53 -33.44 27.74
CA THR A 2773 7.88 -33.48 26.33
C THR A 2773 9.28 -32.94 26.05
N GLU A 2774 9.71 -31.90 26.78
CA GLU A 2774 11.01 -31.29 26.52
C GLU A 2774 12.14 -32.27 26.77
N THR A 2775 12.08 -33.02 27.87
CA THR A 2775 13.11 -34.02 28.14
C THR A 2775 12.91 -35.28 27.30
N ARG A 2776 11.66 -35.63 26.98
CA ARG A 2776 11.42 -36.82 26.15
C ARG A 2776 11.97 -36.63 24.76
N LYS A 2777 11.90 -35.40 24.22
CA LYS A 2777 12.46 -35.15 22.90
C LYS A 2777 13.97 -35.32 22.88
N ARG A 2778 14.64 -35.00 23.99
CA ARG A 2778 16.09 -35.12 24.09
C ARG A 2778 16.54 -36.47 24.61
N LYS A 2779 15.60 -37.36 24.97
CA LYS A 2779 15.93 -38.69 25.49
C LYS A 2779 16.83 -38.60 26.71
N LEU A 2780 16.39 -37.84 27.71
CA LEU A 2780 17.15 -37.66 28.94
C LEU A 2780 16.72 -38.74 29.94
N THR A 2781 17.65 -39.62 30.29
CA THR A 2781 17.37 -40.72 31.21
C THR A 2781 18.56 -40.94 32.13
N ILE A 2782 18.30 -41.64 33.23
CA ILE A 2782 19.33 -42.08 34.15
C ILE A 2782 19.55 -43.57 33.92
N CYS A 2783 20.79 -43.96 33.65
CA CYS A 2783 21.09 -45.38 33.45
C CYS A 2783 20.92 -46.14 34.75
N THR A 2784 20.27 -47.30 34.68
CA THR A 2784 19.89 -48.05 35.87
C THR A 2784 20.25 -49.52 35.69
N TYR A 2785 20.46 -50.19 36.82
CA TYR A 2785 20.67 -51.62 36.86
C TYR A 2785 19.90 -52.19 38.06
N LYS A 2786 19.49 -53.44 37.96
CA LYS A 2786 18.64 -54.05 38.95
C LYS A 2786 19.47 -54.65 40.08
N VAL A 2787 19.06 -54.39 41.32
CA VAL A 2787 19.75 -54.87 42.51
C VAL A 2787 18.76 -55.69 43.33
N VAL A 2788 19.18 -56.88 43.75
CA VAL A 2788 18.36 -57.77 44.56
C VAL A 2788 19.14 -58.11 45.83
N PRO A 2789 18.89 -57.44 46.94
CA PRO A 2789 19.49 -57.86 48.21
C PRO A 2789 18.95 -59.22 48.63
N LEU A 2790 19.80 -60.00 49.27
CA LEU A 2790 19.46 -61.33 49.75
C LEU A 2790 19.50 -61.46 51.25
N SER A 2791 20.29 -60.63 51.93
CA SER A 2791 20.42 -60.66 53.38
C SER A 2791 20.90 -59.30 53.84
N GLN A 2792 21.35 -59.21 55.09
CA GLN A 2792 21.88 -57.96 55.60
C GLN A 2792 23.22 -57.59 54.97
N ARG A 2793 23.98 -58.59 54.49
CA ARG A 2793 25.30 -58.31 53.93
C ARG A 2793 25.58 -59.12 52.68
N SER A 2794 24.54 -59.47 51.92
CA SER A 2794 24.71 -60.23 50.69
C SER A 2794 23.66 -59.79 49.67
N GLY A 2795 23.99 -59.94 48.41
CA GLY A 2795 23.04 -59.58 47.35
C GLY A 2795 23.61 -59.92 46.00
N VAL A 2796 22.76 -59.72 44.97
CA VAL A 2796 23.15 -59.97 43.59
C VAL A 2796 22.58 -58.85 42.72
N LEU A 2797 23.39 -58.36 41.79
CA LEU A 2797 22.97 -57.27 40.92
C LEU A 2797 23.29 -57.62 39.48
N GLU A 2798 22.68 -56.87 38.56
CA GLU A 2798 22.87 -57.09 37.14
C GLU A 2798 24.19 -56.48 36.68
N TRP A 2799 24.97 -57.26 35.93
CA TRP A 2799 26.23 -56.80 35.38
C TRP A 2799 26.00 -56.40 33.94
N CYS A 2800 25.86 -55.11 33.69
CA CYS A 2800 25.67 -54.62 32.33
C CYS A 2800 26.95 -54.80 31.52
N THR A 2801 26.81 -55.33 30.32
CA THR A 2801 27.95 -55.60 29.46
C THR A 2801 28.29 -54.36 28.64
N GLY A 2802 29.57 -54.24 28.27
CA GLY A 2802 30.03 -53.12 27.50
C GLY A 2802 30.38 -51.89 28.31
N THR A 2803 30.35 -51.97 29.63
CA THR A 2803 30.65 -50.85 30.49
C THR A 2803 32.07 -50.95 31.03
N VAL A 2804 32.75 -49.82 31.10
CA VAL A 2804 34.11 -49.75 31.65
C VAL A 2804 34.20 -48.52 32.55
N PRO A 2805 34.84 -48.61 33.71
CA PRO A 2805 35.01 -47.41 34.54
C PRO A 2805 35.80 -46.34 33.80
N ILE A 2806 35.41 -45.08 34.00
CA ILE A 2806 36.11 -43.98 33.34
C ILE A 2806 37.54 -43.88 33.87
N GLY A 2807 37.75 -44.17 35.15
CA GLY A 2807 39.11 -44.18 35.67
C GLY A 2807 39.97 -45.27 35.05
N GLU A 2808 39.37 -46.42 34.77
CA GLU A 2808 40.12 -47.50 34.12
C GLU A 2808 40.54 -47.09 32.72
N PHE A 2809 39.67 -46.37 32.00
CA PHE A 2809 40.01 -45.94 30.65
C PHE A 2809 40.98 -44.77 30.64
N LEU A 2810 40.92 -43.91 31.65
CA LEU A 2810 41.64 -42.64 31.62
C LEU A 2810 43.03 -42.72 32.27
N VAL A 2811 43.11 -43.20 33.51
CA VAL A 2811 44.33 -43.10 34.27
C VAL A 2811 44.91 -44.47 34.58
N ASN A 2812 44.70 -45.43 33.68
CA ASN A 2812 45.34 -46.73 33.83
C ASN A 2812 46.84 -46.60 33.63
N ASN A 2813 47.60 -47.28 34.49
CA ASN A 2813 49.06 -47.15 34.45
C ASN A 2813 49.64 -47.75 33.18
N GLU A 2814 49.07 -48.86 32.70
CA GLU A 2814 49.63 -49.59 31.58
C GLU A 2814 49.17 -49.01 30.24
N ASP A 2815 47.86 -48.93 30.03
CA ASP A 2815 47.30 -48.50 28.76
C ASP A 2815 46.19 -47.47 28.95
N GLY A 2816 46.41 -46.52 29.87
CA GLY A 2816 45.45 -45.47 30.05
C GLY A 2816 45.50 -44.44 28.94
N ALA A 2817 44.42 -43.67 28.82
CA ALA A 2817 44.36 -42.64 27.80
C ALA A 2817 45.36 -41.53 28.06
N HIS A 2818 45.62 -41.21 29.33
CA HIS A 2818 46.61 -40.19 29.67
C HIS A 2818 48.04 -40.62 29.40
N LYS A 2819 48.27 -41.92 29.18
CA LYS A 2819 49.59 -42.43 28.83
C LYS A 2819 49.77 -42.61 27.33
N ARG A 2820 48.76 -43.17 26.65
CA ARG A 2820 48.84 -43.31 25.20
C ARG A 2820 48.87 -41.94 24.51
N TYR A 2821 48.03 -41.02 24.96
CA TYR A 2821 48.07 -39.64 24.54
C TYR A 2821 48.83 -38.82 25.58
N ARG A 2822 49.65 -37.89 25.11
CA ARG A 2822 50.46 -37.04 25.99
C ARG A 2822 51.33 -37.87 26.91
N PRO A 2823 52.35 -38.56 26.38
CA PRO A 2823 53.22 -39.37 27.24
C PRO A 2823 54.26 -38.56 27.99
N ASN A 2824 54.40 -37.27 27.70
CA ASN A 2824 55.38 -36.42 28.36
C ASN A 2824 54.80 -35.66 29.54
N ASP A 2825 53.52 -35.85 29.85
CA ASP A 2825 52.91 -35.18 30.98
C ASP A 2825 53.20 -35.94 32.28
N PHE A 2826 52.67 -35.42 33.38
CA PHE A 2826 52.78 -36.13 34.64
C PHE A 2826 52.01 -37.44 34.59
N SER A 2827 52.60 -38.47 35.17
CA SER A 2827 51.87 -39.73 35.31
C SER A 2827 50.76 -39.58 36.35
N ALA A 2828 49.80 -40.50 36.30
CA ALA A 2828 48.74 -40.51 37.30
C ALA A 2828 49.31 -40.73 38.69
N PHE A 2829 50.31 -41.60 38.80
CA PHE A 2829 50.98 -41.81 40.08
C PHE A 2829 51.64 -40.53 40.57
N GLN A 2830 52.26 -39.78 39.66
CA GLN A 2830 52.91 -38.53 40.05
C GLN A 2830 51.90 -37.53 40.61
N CYS A 2831 50.77 -37.37 39.91
CA CYS A 2831 49.74 -36.44 40.38
C CYS A 2831 49.17 -36.89 41.71
N GLN A 2832 48.90 -38.20 41.86
CA GLN A 2832 48.37 -38.70 43.11
C GLN A 2832 49.32 -38.45 44.27
N LYS A 2833 50.62 -38.73 44.06
CA LYS A 2833 51.60 -38.51 45.11
C LYS A 2833 51.71 -37.03 45.46
N LYS A 2834 51.75 -36.17 44.44
CA LYS A 2834 51.87 -34.74 44.69
C LYS A 2834 50.68 -34.21 45.47
N MET A 2835 49.47 -34.67 45.13
CA MET A 2835 48.29 -34.18 45.84
C MET A 2835 48.14 -34.79 47.22
N MET A 2836 48.66 -36.01 47.44
CA MET A 2836 48.62 -36.60 48.77
C MET A 2836 49.66 -35.99 49.70
N GLU A 2837 50.77 -35.49 49.16
CA GLU A 2837 51.81 -34.90 50.01
C GLU A 2837 51.51 -33.47 50.44
N VAL A 2838 50.31 -32.95 50.20
CA VAL A 2838 49.98 -31.58 50.57
C VAL A 2838 48.71 -31.59 51.42
N GLN A 2839 48.26 -32.80 51.80
CA GLN A 2839 47.00 -32.90 52.53
C GLN A 2839 47.08 -32.25 53.90
N LYS A 2840 48.20 -32.42 54.60
CA LYS A 2840 48.38 -31.87 55.93
C LYS A 2840 48.88 -30.43 55.91
N LYS A 2841 48.72 -29.73 54.79
CA LYS A 2841 49.18 -28.35 54.62
C LYS A 2841 47.97 -27.43 54.54
N SER A 2842 48.24 -26.15 54.29
CA SER A 2842 47.22 -25.12 54.35
C SER A 2842 46.60 -24.90 52.96
N PHE A 2843 45.78 -23.85 52.87
CA PHE A 2843 44.95 -23.63 51.69
C PHE A 2843 45.79 -23.22 50.48
N GLU A 2844 46.70 -22.27 50.67
CA GLU A 2844 47.40 -21.66 49.55
C GLU A 2844 48.29 -22.66 48.82
N GLU A 2845 49.08 -23.45 49.56
CA GLU A 2845 49.95 -24.41 48.91
C GLU A 2845 49.15 -25.54 48.28
N LYS A 2846 48.01 -25.91 48.88
CA LYS A 2846 47.12 -26.88 48.26
C LYS A 2846 46.65 -26.38 46.90
N TYR A 2847 46.21 -25.13 46.84
CA TYR A 2847 45.76 -24.55 45.57
C TYR A 2847 46.90 -24.49 44.57
N GLU A 2848 48.10 -24.09 45.02
CA GLU A 2848 49.24 -23.99 44.11
C GLU A 2848 49.63 -25.34 43.55
N VAL A 2849 49.67 -26.37 44.40
CA VAL A 2849 50.03 -27.71 43.93
C VAL A 2849 48.97 -28.24 42.99
N PHE A 2850 47.69 -27.99 43.27
CA PHE A 2850 46.63 -28.44 42.38
C PHE A 2850 46.74 -27.77 41.02
N MET A 2851 47.01 -26.46 41.00
CA MET A 2851 47.16 -25.76 39.73
C MET A 2851 48.38 -26.27 38.96
N ASP A 2852 49.48 -26.53 39.66
CA ASP A 2852 50.67 -27.06 39.01
C ASP A 2852 50.40 -28.44 38.41
N VAL A 2853 49.66 -29.28 39.13
CA VAL A 2853 49.31 -30.60 38.61
C VAL A 2853 48.42 -30.46 37.38
N CYS A 2854 47.42 -29.58 37.45
CA CYS A 2854 46.53 -29.38 36.30
C CYS A 2854 47.27 -28.83 35.10
N GLN A 2855 48.34 -28.06 35.33
CA GLN A 2855 49.13 -27.54 34.21
C GLN A 2855 49.83 -28.68 33.47
N ASN A 2856 50.31 -29.68 34.19
CA ASN A 2856 51.05 -30.79 33.60
C ASN A 2856 50.20 -32.04 33.45
N PHE A 2857 48.88 -31.90 33.40
CA PHE A 2857 47.97 -33.03 33.23
C PHE A 2857 46.77 -32.53 32.43
N GLN A 2858 46.82 -32.71 31.12
CA GLN A 2858 45.75 -32.20 30.27
C GLN A 2858 44.71 -33.27 29.98
N PRO A 2859 43.44 -32.89 29.86
CA PRO A 2859 42.40 -33.90 29.60
C PRO A 2859 42.58 -34.56 28.25
N VAL A 2860 42.25 -35.86 28.20
CA VAL A 2860 42.39 -36.64 26.97
C VAL A 2860 41.13 -37.47 26.73
N PHE A 2861 40.04 -37.16 27.43
CA PHE A 2861 38.85 -37.99 27.34
C PHE A 2861 38.10 -37.79 26.03
N ARG A 2862 38.34 -36.68 25.32
CA ARG A 2862 37.64 -36.43 24.06
C ARG A 2862 37.93 -37.50 23.02
N TYR A 2863 39.01 -38.25 23.19
CA TYR A 2863 39.36 -39.30 22.25
C TYR A 2863 38.52 -40.56 22.43
N PHE A 2864 37.75 -40.67 23.52
CA PHE A 2864 36.96 -41.89 23.74
C PHE A 2864 35.98 -42.11 22.59
N CYS A 2865 35.30 -41.06 22.15
CA CYS A 2865 34.38 -41.17 21.02
C CYS A 2865 35.09 -41.17 19.68
N MET A 2866 36.40 -40.89 19.65
CA MET A 2866 37.14 -40.85 18.40
C MET A 2866 37.72 -42.20 18.02
N GLU A 2867 38.17 -42.99 19.01
CA GLU A 2867 38.71 -44.31 18.72
C GLU A 2867 37.60 -45.29 18.37
N LYS A 2868 36.45 -45.19 19.03
CA LYS A 2868 35.42 -46.21 18.92
C LYS A 2868 34.50 -46.00 17.72
N PHE A 2869 34.23 -44.75 17.35
CA PHE A 2869 33.26 -44.42 16.31
C PHE A 2869 33.97 -43.64 15.21
N LEU A 2870 34.35 -44.33 14.14
CA LEU A 2870 35.07 -43.69 13.04
C LEU A 2870 34.14 -42.96 12.09
N ASP A 2871 32.87 -43.33 12.04
CA ASP A 2871 31.91 -42.62 11.19
C ASP A 2871 31.53 -41.30 11.82
N PRO A 2872 31.65 -40.18 11.11
CA PRO A 2872 31.35 -38.87 11.72
C PRO A 2872 29.93 -38.76 12.24
N ALA A 2873 28.95 -39.36 11.55
CA ALA A 2873 27.56 -39.28 12.02
C ALA A 2873 27.38 -40.05 13.33
N ILE A 2874 27.90 -41.27 13.40
CA ILE A 2874 27.82 -42.05 14.62
C ILE A 2874 28.61 -41.39 15.73
N TRP A 2875 29.76 -40.79 15.40
CA TRP A 2875 30.55 -40.07 16.39
C TRP A 2875 29.76 -38.91 16.97
N PHE A 2876 29.09 -38.13 16.12
CA PHE A 2876 28.26 -37.03 16.60
C PHE A 2876 27.13 -37.54 17.49
N GLU A 2877 26.45 -38.61 17.07
CA GLU A 2877 25.36 -39.16 17.87
C GLU A 2877 25.84 -39.61 19.24
N LYS A 2878 26.97 -40.33 19.28
CA LYS A 2878 27.48 -40.84 20.54
C LYS A 2878 27.95 -39.72 21.45
N ARG A 2879 28.59 -38.69 20.89
CA ARG A 2879 29.01 -37.56 21.71
C ARG A 2879 27.82 -36.82 22.29
N LEU A 2880 26.76 -36.64 21.49
CA LEU A 2880 25.55 -36.00 21.99
C LEU A 2880 24.92 -36.82 23.11
N ALA A 2881 24.86 -38.14 22.94
CA ALA A 2881 24.33 -39.00 23.98
C ALA A 2881 25.15 -38.90 25.26
N TYR A 2882 26.48 -38.86 25.12
CA TYR A 2882 27.35 -38.72 26.28
C TYR A 2882 27.09 -37.41 27.02
N THR A 2883 27.01 -36.31 26.28
CA THR A 2883 26.79 -35.01 26.91
C THR A 2883 25.45 -34.96 27.62
N ARG A 2884 24.38 -35.49 26.99
CA ARG A 2884 23.07 -35.48 27.63
C ARG A 2884 23.06 -36.37 28.86
N SER A 2885 23.73 -37.52 28.80
CA SER A 2885 23.81 -38.39 29.97
C SER A 2885 24.53 -37.69 31.12
N VAL A 2886 25.62 -37.00 30.82
CA VAL A 2886 26.34 -36.26 31.87
C VAL A 2886 25.45 -35.21 32.49
N ALA A 2887 24.74 -34.44 31.66
CA ALA A 2887 23.89 -33.38 32.18
C ALA A 2887 22.79 -33.94 33.09
N THR A 2888 22.08 -34.97 32.61
CA THR A 2888 20.99 -35.54 33.39
C THR A 2888 21.50 -36.13 34.71
N SER A 2889 22.60 -36.90 34.64
CA SER A 2889 23.13 -37.50 35.85
C SER A 2889 23.59 -36.45 36.84
N SER A 2890 24.22 -35.37 36.36
CA SER A 2890 24.67 -34.31 37.24
C SER A 2890 23.51 -33.65 37.96
N ILE A 2891 22.47 -33.27 37.21
CA ILE A 2891 21.35 -32.57 37.84
C ILE A 2891 20.61 -33.48 38.81
N VAL A 2892 20.37 -34.73 38.41
CA VAL A 2892 19.63 -35.64 39.29
C VAL A 2892 20.43 -35.97 40.53
N GLY A 2893 21.76 -36.13 40.39
CA GLY A 2893 22.59 -36.38 41.55
C GLY A 2893 22.65 -35.19 42.49
N TYR A 2894 22.66 -33.97 41.94
CA TYR A 2894 22.61 -32.79 42.80
C TYR A 2894 21.28 -32.71 43.54
N ILE A 2895 20.17 -33.01 42.87
CA ILE A 2895 18.87 -32.96 43.54
C ILE A 2895 18.82 -33.97 44.67
N LEU A 2896 19.34 -35.17 44.45
CA LEU A 2896 19.40 -36.20 45.49
C LEU A 2896 20.63 -36.07 46.38
N GLY A 2897 21.50 -35.10 46.12
CA GLY A 2897 22.70 -34.94 46.93
C GLY A 2897 23.64 -36.11 46.84
N LEU A 2898 23.79 -36.69 45.66
CA LEU A 2898 24.61 -37.88 45.48
C LEU A 2898 26.10 -37.50 45.52
N GLY A 2899 26.86 -38.21 46.36
CA GLY A 2899 28.27 -37.92 46.51
C GLY A 2899 29.16 -39.12 46.26
N ASP A 2900 30.43 -39.01 46.65
CA ASP A 2900 31.42 -40.05 46.43
C ASP A 2900 31.57 -40.37 44.95
N ARG A 2901 31.50 -39.34 44.11
CA ARG A 2901 31.52 -39.51 42.65
C ARG A 2901 32.95 -39.49 42.13
N HIS A 2902 33.73 -40.49 42.55
CA HIS A 2902 35.09 -40.62 42.07
C HIS A 2902 35.13 -41.48 40.81
N VAL A 2903 36.32 -41.62 40.22
CA VAL A 2903 36.44 -42.20 38.89
C VAL A 2903 36.02 -43.66 38.86
N GLN A 2904 36.21 -44.38 39.98
CA GLN A 2904 35.86 -45.79 40.01
C GLN A 2904 34.37 -46.03 40.19
N ASN A 2905 33.60 -45.01 40.55
CA ASN A 2905 32.16 -45.13 40.75
C ASN A 2905 31.34 -44.67 39.56
N ILE A 2906 31.98 -44.30 38.45
CA ILE A 2906 31.30 -43.85 37.25
C ILE A 2906 31.81 -44.69 36.09
N LEU A 2907 30.89 -45.36 35.39
CA LEU A 2907 31.21 -46.18 34.24
C LEU A 2907 30.70 -45.53 32.97
N ILE A 2908 31.27 -45.94 31.84
CA ILE A 2908 30.83 -45.48 30.53
C ILE A 2908 30.56 -46.71 29.67
N ASN A 2909 29.48 -46.65 28.90
CA ASN A 2909 29.12 -47.73 28.00
C ASN A 2909 29.88 -47.59 26.69
N GLU A 2910 30.59 -48.64 26.30
CA GLU A 2910 31.40 -48.58 25.07
C GLU A 2910 30.56 -48.59 23.81
N GLN A 2911 29.26 -48.87 23.91
CA GLN A 2911 28.37 -48.86 22.76
C GLN A 2911 27.58 -47.57 22.65
N SER A 2912 26.87 -47.18 23.70
CA SER A 2912 26.04 -45.99 23.68
C SER A 2912 26.77 -44.73 24.13
N ALA A 2913 27.99 -44.87 24.65
CA ALA A 2913 28.79 -43.75 25.16
C ALA A 2913 28.06 -42.99 26.28
N GLU A 2914 27.20 -43.69 27.03
CA GLU A 2914 26.47 -43.08 28.12
C GLU A 2914 27.07 -43.46 29.47
N LEU A 2915 26.81 -42.63 30.47
CA LEU A 2915 27.38 -42.79 31.79
C LEU A 2915 26.43 -43.55 32.70
N VAL A 2916 27.02 -44.36 33.58
CA VAL A 2916 26.29 -45.13 34.58
C VAL A 2916 26.91 -44.82 35.95
N HIS A 2917 26.06 -44.55 36.93
CA HIS A 2917 26.51 -44.25 38.29
C HIS A 2917 26.25 -45.45 39.18
N ILE A 2918 27.29 -45.89 39.90
CA ILE A 2918 27.22 -47.05 40.76
C ILE A 2918 27.70 -46.66 42.15
N ASP A 2919 27.48 -47.57 43.11
CA ASP A 2919 27.90 -47.39 44.50
C ASP A 2919 27.32 -46.09 45.07
N LEU A 2920 25.99 -46.08 45.18
CA LEU A 2920 25.24 -44.90 45.57
C LEU A 2920 24.93 -44.84 47.06
N GLY A 2921 25.83 -45.36 47.90
CA GLY A 2921 25.58 -45.36 49.34
C GLY A 2921 25.52 -43.97 49.94
N VAL A 2922 26.37 -43.07 49.47
CA VAL A 2922 26.44 -41.72 50.01
C VAL A 2922 25.53 -40.82 49.20
N ALA A 2923 24.55 -40.22 49.86
CA ALA A 2923 23.58 -39.35 49.19
C ALA A 2923 23.01 -38.38 50.21
N PHE A 2924 22.12 -37.51 49.74
CA PHE A 2924 21.45 -36.51 50.58
C PHE A 2924 22.47 -35.61 51.29
N GLU A 2925 23.53 -35.25 50.58
CA GLU A 2925 24.56 -34.35 51.07
C GLU A 2925 25.18 -34.85 52.37
N GLN A 2926 25.36 -36.17 52.46
CA GLN A 2926 26.09 -36.76 53.57
C GLN A 2926 27.59 -36.78 53.35
N GLY A 2927 28.05 -36.46 52.13
CA GLY A 2927 29.46 -36.34 51.86
C GLY A 2927 30.08 -35.03 52.28
N LYS A 2928 29.27 -34.07 52.70
CA LYS A 2928 29.75 -32.80 53.23
C LYS A 2928 30.05 -32.86 54.73
N ILE A 2929 29.76 -33.99 55.37
CA ILE A 2929 30.04 -34.16 56.78
C ILE A 2929 31.34 -34.94 57.01
N LEU A 2930 31.85 -35.61 55.98
CA LEU A 2930 33.10 -36.36 56.10
C LEU A 2930 34.27 -35.40 56.36
N PRO A 2931 35.34 -35.89 56.97
CA PRO A 2931 36.60 -35.14 56.95
C PRO A 2931 37.04 -34.92 55.51
N THR A 2932 37.62 -33.76 55.24
CA THR A 2932 37.83 -33.30 53.87
C THR A 2932 36.51 -33.36 53.13
N PRO A 2933 35.56 -32.48 53.45
CA PRO A 2933 34.21 -32.60 52.90
C PRO A 2933 34.19 -32.39 51.39
N GLU A 2934 33.17 -32.97 50.76
CA GLU A 2934 32.95 -32.82 49.33
C GLU A 2934 32.22 -31.51 49.09
N THR A 2935 32.89 -30.57 48.41
CA THR A 2935 32.36 -29.23 48.20
C THR A 2935 31.95 -29.00 46.75
N VAL A 2936 31.47 -30.04 46.08
CA VAL A 2936 31.00 -29.91 44.70
C VAL A 2936 29.61 -30.55 44.60
N PRO A 2937 28.73 -30.04 43.72
CA PRO A 2937 27.43 -30.70 43.56
C PRO A 2937 27.52 -32.00 42.79
N PHE A 2938 28.46 -32.09 41.85
CA PHE A 2938 28.63 -33.28 41.02
C PHE A 2938 30.02 -33.22 40.41
N ARG A 2939 30.41 -34.31 39.74
CA ARG A 2939 31.71 -34.36 39.10
C ARG A 2939 31.63 -33.71 37.72
N LEU A 2940 32.33 -32.59 37.56
CA LEU A 2940 32.42 -31.89 36.29
C LEU A 2940 33.87 -31.49 36.04
N THR A 2941 34.78 -32.43 36.24
CA THR A 2941 36.21 -32.15 36.10
C THR A 2941 36.56 -31.93 34.64
N ARG A 2942 37.86 -31.73 34.38
CA ARG A 2942 38.30 -31.34 33.05
C ARG A 2942 38.09 -32.43 32.02
N ASP A 2943 38.25 -33.71 32.41
CA ASP A 2943 37.99 -34.80 31.48
C ASP A 2943 36.52 -34.87 31.08
N ILE A 2944 35.63 -34.68 32.07
CA ILE A 2944 34.19 -34.75 31.79
C ILE A 2944 33.80 -33.66 30.79
N VAL A 2945 34.31 -32.45 30.97
CA VAL A 2945 34.00 -31.36 30.05
C VAL A 2945 34.69 -31.58 28.70
N ASP A 2946 35.89 -32.16 28.72
CA ASP A 2946 36.62 -32.40 27.48
C ASP A 2946 35.92 -33.42 26.61
N GLY A 2947 35.22 -34.38 27.23
CA GLY A 2947 34.45 -35.33 26.45
C GLY A 2947 33.28 -34.73 25.71
N MET A 2948 32.90 -33.49 26.02
CA MET A 2948 31.74 -32.84 25.42
C MET A 2948 32.04 -32.12 24.12
N GLY A 2949 33.29 -32.03 23.71
CA GLY A 2949 33.65 -31.37 22.47
C GLY A 2949 34.32 -30.03 22.70
N ILE A 2950 34.44 -29.27 21.61
CA ILE A 2950 35.15 -28.00 21.67
C ILE A 2950 34.34 -26.95 22.43
N THR A 2951 33.02 -27.07 22.44
CA THR A 2951 32.20 -26.08 23.11
C THR A 2951 32.16 -26.25 24.62
N GLY A 2952 32.59 -27.41 25.13
CA GLY A 2952 32.57 -27.62 26.56
C GLY A 2952 31.16 -27.64 27.11
N VAL A 2953 30.98 -27.03 28.29
CA VAL A 2953 29.67 -26.98 28.94
C VAL A 2953 28.76 -25.92 28.37
N GLU A 2954 29.20 -25.20 27.32
CA GLU A 2954 28.48 -24.01 26.87
C GLU A 2954 27.37 -24.32 25.87
N GLY A 2955 27.31 -25.53 25.33
CA GLY A 2955 26.31 -25.81 24.31
C GLY A 2955 25.17 -26.69 24.76
N VAL A 2956 25.23 -27.96 24.38
CA VAL A 2956 24.16 -28.90 24.69
C VAL A 2956 24.06 -29.14 26.20
N PHE A 2957 25.20 -29.16 26.88
CA PHE A 2957 25.22 -29.52 28.30
C PHE A 2957 24.40 -28.55 29.13
N ARG A 2958 24.62 -27.25 28.95
CA ARG A 2958 23.93 -26.25 29.76
C ARG A 2958 22.42 -26.29 29.52
N ARG A 2959 22.01 -26.39 28.26
CA ARG A 2959 20.59 -26.40 27.95
C ARG A 2959 19.91 -27.66 28.46
N CYS A 2960 20.58 -28.81 28.35
CA CYS A 2960 19.99 -30.04 28.87
C CYS A 2960 19.91 -30.01 30.38
N CYS A 2961 20.91 -29.43 31.05
CA CYS A 2961 20.84 -29.25 32.49
C CYS A 2961 19.67 -28.35 32.86
N GLU A 2962 19.45 -27.28 32.10
CA GLU A 2962 18.32 -26.41 32.37
C GLU A 2962 16.99 -27.12 32.18
N LYS A 2963 16.88 -27.95 31.14
CA LYS A 2963 15.64 -28.67 30.88
C LYS A 2963 15.33 -29.64 32.01
N THR A 2964 16.32 -30.45 32.40
CA THR A 2964 16.06 -31.40 33.48
C THR A 2964 15.85 -30.71 34.82
N MET A 2965 16.52 -29.59 35.07
CA MET A 2965 16.26 -28.83 36.29
C MET A 2965 14.84 -28.27 36.30
N GLU A 2966 14.36 -27.81 35.15
CA GLU A 2966 12.98 -27.33 35.06
C GLU A 2966 12.00 -28.47 35.32
N VAL A 2967 12.30 -29.66 34.81
CA VAL A 2967 11.45 -30.81 35.08
C VAL A 2967 11.43 -31.13 36.58
N MET A 2968 12.60 -31.08 37.22
CA MET A 2968 12.64 -31.32 38.66
C MET A 2968 11.86 -30.26 39.43
N ARG A 2969 11.91 -29.01 38.96
CA ARG A 2969 11.19 -27.93 39.64
C ARG A 2969 9.69 -28.08 39.49
N ASN A 2970 9.22 -28.50 38.31
CA ASN A 2970 7.79 -28.63 38.08
C ASN A 2970 7.18 -29.82 38.82
N SER A 2971 7.99 -30.70 39.37
CA SER A 2971 7.54 -31.89 40.07
C SER A 2971 8.07 -31.93 41.50
N GLN A 2972 8.11 -30.75 42.14
CA GLN A 2972 8.75 -30.65 43.45
C GLN A 2972 7.95 -31.38 44.52
N GLU A 2973 6.61 -31.36 44.42
CA GLU A 2973 5.79 -32.04 45.42
C GLU A 2973 5.94 -33.55 45.33
N THR A 2974 5.92 -34.09 44.11
CA THR A 2974 6.07 -35.53 43.92
C THR A 2974 7.44 -36.00 44.38
N LEU A 2975 8.49 -35.28 44.00
CA LEU A 2975 9.83 -35.64 44.45
C LEU A 2975 9.95 -35.53 45.97
N LEU A 2976 9.35 -34.49 46.54
CA LEU A 2976 9.44 -34.31 47.99
C LEU A 2976 8.75 -35.45 48.73
N THR A 2977 7.56 -35.86 48.28
CA THR A 2977 6.88 -36.94 48.98
C THR A 2977 7.57 -38.28 48.75
N ILE A 2978 8.14 -38.51 47.56
CA ILE A 2978 8.89 -39.74 47.33
C ILE A 2978 10.09 -39.81 48.28
N VAL A 2979 10.85 -38.72 48.38
CA VAL A 2979 12.03 -38.72 49.24
C VAL A 2979 11.62 -38.81 50.71
N GLU A 2980 10.48 -38.20 51.08
CA GLU A 2980 10.00 -38.29 52.46
C GLU A 2980 9.63 -39.72 52.82
N VAL A 2981 8.99 -40.43 51.88
CA VAL A 2981 8.71 -41.85 52.12
C VAL A 2981 10.00 -42.63 52.22
N LEU A 2982 10.98 -42.30 51.36
CA LEU A 2982 12.24 -43.04 51.35
C LEU A 2982 13.01 -42.87 52.66
N LEU A 2983 13.05 -41.64 53.19
CA LEU A 2983 13.96 -41.34 54.30
C LEU A 2983 13.49 -41.97 55.60
N TYR A 2984 12.18 -42.03 55.82
CA TYR A 2984 11.63 -42.57 57.06
C TYR A 2984 11.56 -44.09 57.06
N ASP A 2985 12.15 -44.73 56.06
CA ASP A 2985 12.29 -46.18 56.07
C ASP A 2985 13.16 -46.59 57.25
N PRO A 2986 12.70 -47.49 58.13
CA PRO A 2986 13.54 -47.95 59.24
C PRO A 2986 14.68 -48.85 58.82
N LEU A 2987 14.83 -49.15 57.53
CA LEU A 2987 15.88 -50.02 57.04
C LEU A 2987 16.82 -49.35 56.07
N PHE A 2988 16.58 -48.08 55.72
CA PHE A 2988 17.41 -47.41 54.71
C PHE A 2988 18.83 -47.22 55.22
N ASP A 2989 18.99 -46.66 56.42
CA ASP A 2989 20.30 -46.38 57.00
C ASP A 2989 21.14 -45.50 56.07
N TRP A 2990 20.62 -44.29 55.83
CA TRP A 2990 21.23 -43.36 54.91
C TRP A 2990 22.15 -42.34 55.57
N THR A 2991 22.02 -42.14 56.88
CA THR A 2991 22.83 -41.15 57.56
C THR A 2991 24.28 -41.60 57.64
N MET A 2992 25.15 -40.65 57.98
CA MET A 2992 26.59 -40.89 58.02
C MET A 2992 27.04 -41.01 59.47
N ASN A 2993 27.83 -42.04 59.75
CA ASN A 2993 28.39 -42.32 61.07
C ASN A 2993 29.90 -42.41 60.97
N PRO A 2994 30.61 -42.27 62.10
CA PRO A 2994 32.09 -42.24 62.03
C PRO A 2994 32.70 -43.48 61.41
N LEU A 2995 32.07 -44.66 61.54
CA LEU A 2995 32.62 -45.86 60.93
C LEU A 2995 32.67 -45.73 59.41
N LYS A 2996 31.55 -45.32 58.81
CA LYS A 2996 31.53 -45.12 57.37
C LYS A 2996 32.45 -43.98 56.95
N ALA A 2997 32.57 -42.95 57.78
CA ALA A 2997 33.47 -41.84 57.46
C ALA A 2997 34.91 -42.32 57.41
N LEU A 2998 35.32 -43.16 58.36
CA LEU A 2998 36.67 -43.69 58.34
C LEU A 2998 36.88 -44.70 57.22
N TYR A 2999 35.82 -45.44 56.86
CA TYR A 2999 35.96 -46.42 55.78
C TYR A 2999 36.07 -45.74 54.42
N LEU A 3000 35.35 -44.64 54.22
CA LEU A 3000 35.33 -43.99 52.91
C LEU A 3000 36.68 -43.38 52.57
N GLN A 3001 37.29 -42.69 53.53
CA GLN A 3001 38.58 -42.04 53.33
C GLN A 3001 39.62 -42.76 54.17
N GLN A 3002 40.50 -43.51 53.52
CA GLN A 3002 41.53 -44.26 54.21
C GLN A 3002 42.76 -43.41 54.50
N GLN A 3030 16.60 -38.26 70.11
CA GLN A 3030 16.88 -38.86 68.81
C GLN A 3030 17.14 -37.78 67.76
N SER A 3031 18.42 -37.56 67.45
CA SER A 3031 18.80 -36.57 66.45
C SER A 3031 18.46 -37.00 65.03
N PHE A 3032 18.12 -38.28 64.82
CA PHE A 3032 17.79 -38.74 63.47
C PHE A 3032 16.60 -38.00 62.90
N ASN A 3033 15.57 -37.76 63.74
CA ASN A 3033 14.42 -37.02 63.27
C ASN A 3033 14.81 -35.63 62.78
N LYS A 3034 15.56 -34.89 63.61
CA LYS A 3034 15.97 -33.54 63.24
C LYS A 3034 16.80 -33.55 61.96
N VAL A 3035 17.70 -34.53 61.82
CA VAL A 3035 18.45 -34.67 60.57
C VAL A 3035 17.50 -34.89 59.40
N ALA A 3036 16.44 -35.67 59.63
CA ALA A 3036 15.49 -35.95 58.55
C ALA A 3036 14.77 -34.68 58.09
N GLU A 3037 14.25 -33.88 59.04
CA GLU A 3037 13.60 -32.65 58.59
C GLU A 3037 14.60 -31.66 58.02
N ARG A 3038 15.84 -31.63 58.49
CA ARG A 3038 16.84 -30.75 57.91
C ARG A 3038 17.11 -31.13 56.46
N VAL A 3039 17.25 -32.43 56.19
CA VAL A 3039 17.47 -32.89 54.83
C VAL A 3039 16.26 -32.58 53.96
N LEU A 3040 15.06 -32.79 54.49
CA LEU A 3040 13.86 -32.49 53.71
C LEU A 3040 13.75 -31.01 53.38
N MET A 3041 14.09 -30.15 54.33
CA MET A 3041 14.07 -28.71 54.08
C MET A 3041 15.11 -28.32 53.04
N ARG A 3042 16.31 -28.90 53.12
CA ARG A 3042 17.34 -28.61 52.12
C ARG A 3042 16.89 -29.05 50.74
N LEU A 3043 16.27 -30.24 50.64
CA LEU A 3043 15.77 -30.71 49.36
C LEU A 3043 14.65 -29.81 48.83
N GLN A 3044 13.77 -29.34 49.72
CA GLN A 3044 12.72 -28.43 49.30
C GLN A 3044 13.31 -27.12 48.77
N GLU A 3045 14.34 -26.61 49.43
CA GLU A 3045 15.02 -25.41 48.95
C GLU A 3045 15.65 -25.66 47.58
N LYS A 3046 16.30 -26.82 47.42
CA LYS A 3046 16.88 -27.15 46.12
C LYS A 3046 15.82 -27.18 45.02
N LEU A 3047 14.68 -27.81 45.30
CA LEU A 3047 13.63 -27.93 44.29
C LEU A 3047 12.95 -26.60 44.02
N LYS A 3048 12.92 -25.70 45.00
CA LYS A 3048 12.35 -24.37 44.79
C LYS A 3048 13.33 -23.40 44.15
N GLY A 3049 14.61 -23.75 44.08
CA GLY A 3049 15.61 -22.86 43.54
C GLY A 3049 16.17 -21.85 44.52
N VAL A 3050 15.86 -22.00 45.82
CA VAL A 3050 16.31 -21.05 46.84
C VAL A 3050 17.72 -21.48 47.26
N GLU A 3051 18.73 -20.75 46.80
CA GLU A 3051 20.13 -21.04 47.10
C GLU A 3051 20.65 -19.94 48.03
N GLU A 3052 20.99 -20.32 49.26
CA GLU A 3052 21.52 -19.40 50.26
C GLU A 3052 20.59 -18.21 50.49
N GLY A 3053 19.28 -18.50 50.56
CA GLY A 3053 18.29 -17.51 50.86
C GLY A 3053 17.76 -16.72 49.67
N THR A 3054 18.41 -16.82 48.51
CA THR A 3054 17.99 -16.11 47.32
C THR A 3054 17.34 -17.07 46.34
N VAL A 3055 16.12 -16.76 45.92
CA VAL A 3055 15.43 -17.56 44.92
C VAL A 3055 16.03 -17.24 43.55
N LEU A 3056 16.27 -18.27 42.75
CA LEU A 3056 16.90 -18.13 41.45
C LEU A 3056 16.04 -18.76 40.37
N SER A 3057 16.28 -18.33 39.14
CA SER A 3057 15.69 -19.00 37.99
C SER A 3057 16.41 -20.31 37.71
N VAL A 3058 15.86 -21.10 36.79
CA VAL A 3058 16.49 -22.36 36.42
C VAL A 3058 17.87 -22.09 35.81
N GLY A 3059 17.95 -21.11 34.92
CA GLY A 3059 19.24 -20.77 34.34
C GLY A 3059 20.24 -20.30 35.36
N GLY A 3060 19.81 -19.46 36.30
CA GLY A 3060 20.73 -18.98 37.33
C GLY A 3060 21.21 -20.08 38.25
N GLN A 3061 20.30 -20.98 38.64
CA GLN A 3061 20.69 -22.11 39.49
C GLN A 3061 21.66 -23.03 38.75
N VAL A 3062 21.42 -23.29 37.47
CA VAL A 3062 22.33 -24.13 36.70
C VAL A 3062 23.68 -23.45 36.55
N ASN A 3063 23.69 -22.13 36.33
CA ASN A 3063 24.96 -21.41 36.26
C ASN A 3063 25.74 -21.53 37.56
N LEU A 3064 25.05 -21.34 38.70
CA LEU A 3064 25.71 -21.46 39.99
C LEU A 3064 26.28 -22.87 40.20
N LEU A 3065 25.50 -23.89 39.86
CA LEU A 3065 25.97 -25.27 40.02
C LEU A 3065 27.18 -25.55 39.14
N ILE A 3066 27.14 -25.10 37.89
CA ILE A 3066 28.26 -25.35 36.97
C ILE A 3066 29.51 -24.64 37.47
N GLN A 3067 29.38 -23.38 37.90
CA GLN A 3067 30.56 -22.63 38.31
C GLN A 3067 31.10 -23.15 39.64
N GLN A 3068 30.24 -23.76 40.45
CA GLN A 3068 30.72 -24.41 41.66
C GLN A 3068 31.44 -25.70 41.34
N ALA A 3069 30.94 -26.46 40.37
CA ALA A 3069 31.53 -27.76 40.06
C ALA A 3069 32.84 -27.64 39.28
N ILE A 3070 32.97 -26.65 38.40
CA ILE A 3070 34.18 -26.52 37.59
C ILE A 3070 35.24 -25.66 38.26
N ASP A 3071 34.98 -25.14 39.44
CA ASP A 3071 35.91 -24.23 40.08
C ASP A 3071 37.11 -24.99 40.64
N PRO A 3072 38.34 -24.70 40.19
CA PRO A 3072 39.51 -25.33 40.82
C PRO A 3072 39.67 -24.94 42.27
N LYS A 3073 39.09 -23.80 42.68
CA LYS A 3073 39.18 -23.39 44.08
C LYS A 3073 38.55 -24.43 44.98
N ASN A 3074 37.38 -24.95 44.60
CA ASN A 3074 36.73 -26.01 45.36
C ASN A 3074 37.38 -27.36 45.11
N LEU A 3075 37.83 -27.61 43.88
CA LEU A 3075 38.40 -28.91 43.54
C LEU A 3075 39.68 -29.18 44.32
N SER A 3076 40.50 -28.14 44.54
CA SER A 3076 41.76 -28.34 45.25
C SER A 3076 41.57 -28.76 46.69
N ARG A 3077 40.40 -28.53 47.27
CA ARG A 3077 40.13 -28.86 48.67
C ARG A 3077 39.56 -30.27 48.83
N LEU A 3078 39.44 -31.03 47.76
CA LEU A 3078 38.82 -32.35 47.81
C LEU A 3078 39.83 -33.42 48.20
N PHE A 3079 39.29 -34.58 48.57
CA PHE A 3079 40.12 -35.72 48.94
C PHE A 3079 40.93 -36.18 47.73
N PRO A 3080 42.20 -36.56 47.92
CA PRO A 3080 42.99 -37.07 46.77
C PRO A 3080 42.42 -38.32 46.13
N GLY A 3081 41.66 -39.12 46.88
CA GLY A 3081 40.99 -40.27 46.29
C GLY A 3081 39.91 -39.90 45.31
N TRP A 3082 39.42 -38.67 45.38
CA TRP A 3082 38.41 -38.22 44.42
C TRP A 3082 39.03 -37.97 43.05
N LYS A 3083 40.32 -37.66 43.02
CA LYS A 3083 41.07 -37.42 41.78
C LYS A 3083 40.46 -36.27 40.97
N ALA A 3084 40.45 -35.09 41.59
CA ALA A 3084 39.86 -33.91 40.97
C ALA A 3084 40.63 -33.45 39.74
N TRP A 3085 41.87 -33.88 39.58
CA TRP A 3085 42.66 -33.50 38.41
C TRP A 3085 42.33 -34.34 37.18
N VAL A 3086 41.65 -35.47 37.35
CA VAL A 3086 41.30 -36.33 36.22
C VAL A 3086 40.03 -35.82 35.55
N LEU B 33 -24.68 91.77 -63.66
CA LEU B 33 -24.76 91.53 -65.10
C LEU B 33 -25.75 90.41 -65.41
N VAL B 34 -25.46 89.21 -64.91
CA VAL B 34 -26.34 88.07 -65.14
C VAL B 34 -27.67 88.26 -64.43
N LEU B 35 -27.65 88.88 -63.25
CA LEU B 35 -28.89 89.08 -62.50
C LEU B 35 -29.89 89.90 -63.29
N ASN B 36 -29.41 90.85 -64.10
CA ASN B 36 -30.32 91.59 -64.98
C ASN B 36 -30.98 90.64 -65.99
N ASP B 37 -30.21 89.70 -66.54
CA ASP B 37 -30.78 88.73 -67.47
C ASP B 37 -31.83 87.86 -66.79
N LEU B 38 -31.55 87.41 -65.56
CA LEU B 38 -32.53 86.61 -64.83
C LEU B 38 -33.79 87.42 -64.54
N LEU B 39 -33.64 88.68 -64.14
CA LEU B 39 -34.80 89.52 -63.87
C LEU B 39 -35.63 89.72 -65.14
N ILE B 40 -34.98 89.97 -66.27
CA ILE B 40 -35.69 90.14 -67.53
C ILE B 40 -36.43 88.85 -67.90
N CYS B 41 -35.76 87.71 -67.75
CA CYS B 41 -36.39 86.43 -68.10
C CYS B 41 -37.60 86.16 -67.23
N CYS B 42 -37.50 86.44 -65.92
CA CYS B 42 -38.63 86.19 -65.03
C CYS B 42 -39.78 87.15 -65.28
N ARG B 43 -39.47 88.43 -65.54
CA ARG B 43 -40.52 89.39 -65.86
C ARG B 43 -41.23 89.02 -67.15
N GLN B 44 -40.48 88.49 -68.12
CA GLN B 44 -41.11 87.96 -69.33
C GLN B 44 -41.93 86.71 -69.02
N LEU B 45 -41.46 85.89 -68.08
CA LEU B 45 -42.24 84.74 -67.63
C LEU B 45 -43.60 85.17 -67.08
N GLU B 46 -43.65 86.33 -66.43
CA GLU B 46 -44.91 86.84 -65.91
C GLU B 46 -45.95 87.07 -67.01
N HIS B 47 -45.51 87.24 -68.26
CA HIS B 47 -46.43 87.52 -69.35
C HIS B 47 -47.29 86.30 -69.68
N ASP B 48 -48.51 86.57 -70.16
CA ASP B 48 -49.46 85.51 -70.50
C ASP B 48 -49.43 85.25 -72.00
N ARG B 49 -48.32 84.65 -72.47
CA ARG B 49 -48.14 84.26 -73.90
C ARG B 49 -47.52 82.87 -73.84
N ALA B 50 -48.13 81.84 -74.45
CA ALA B 50 -47.74 80.46 -74.24
C ALA B 50 -46.36 80.16 -74.82
N THR B 51 -46.15 80.49 -76.10
CA THR B 51 -44.89 80.13 -76.77
C THR B 51 -43.70 80.80 -76.09
N GLU B 52 -43.85 82.11 -75.85
CA GLU B 52 -42.79 82.86 -75.14
C GLU B 52 -42.64 82.25 -73.75
N ARG B 53 -43.75 81.89 -73.11
CA ARG B 53 -43.67 81.28 -71.78
C ARG B 53 -42.76 80.06 -71.79
N LYS B 54 -42.93 79.18 -72.77
CA LYS B 54 -42.06 78.01 -72.88
C LYS B 54 -40.61 78.43 -73.15
N LYS B 55 -40.41 79.40 -74.03
CA LYS B 55 -39.04 79.87 -74.31
C LYS B 55 -38.41 80.36 -73.00
N GLU B 56 -39.13 81.21 -72.27
CA GLU B 56 -38.59 81.81 -71.03
C GLU B 56 -38.37 80.72 -69.97
N VAL B 57 -39.18 79.66 -69.96
CA VAL B 57 -38.94 78.55 -69.05
C VAL B 57 -37.61 77.88 -69.40
N GLU B 58 -37.38 77.63 -70.69
CA GLU B 58 -36.11 77.05 -71.11
C GLU B 58 -34.93 77.95 -70.75
N LYS B 59 -35.07 79.26 -71.00
CA LYS B 59 -34.01 80.19 -70.66
C LYS B 59 -33.75 80.23 -69.17
N PHE B 60 -34.82 80.20 -68.36
CA PHE B 60 -34.69 80.21 -66.91
C PHE B 60 -33.97 78.97 -66.41
N LYS B 61 -34.33 77.80 -66.96
CA LYS B 61 -33.65 76.56 -66.58
C LYS B 61 -32.16 76.62 -66.94
N ARG B 62 -31.85 77.09 -68.15
CA ARG B 62 -30.46 77.20 -68.55
C ARG B 62 -29.69 78.18 -67.67
N LEU B 63 -30.33 79.29 -67.31
CA LEU B 63 -29.67 80.30 -66.49
C LEU B 63 -29.40 79.78 -65.08
N ILE B 64 -30.38 79.11 -64.47
CA ILE B 64 -30.14 78.56 -63.14
C ILE B 64 -29.19 77.36 -63.20
N ARG B 65 -28.99 76.77 -64.38
CA ARG B 65 -27.96 75.75 -64.53
C ARG B 65 -26.58 76.35 -64.73
N ASP B 66 -26.47 77.67 -64.93
CA ASP B 66 -25.19 78.32 -65.14
C ASP B 66 -24.49 78.55 -63.80
N PRO B 67 -23.24 78.11 -63.65
CA PRO B 67 -22.54 78.30 -62.36
C PRO B 67 -22.37 79.75 -61.95
N GLU B 68 -22.18 80.67 -62.91
CA GLU B 68 -21.97 82.07 -62.56
C GLU B 68 -23.22 82.66 -61.91
N THR B 69 -24.39 82.42 -62.52
CA THR B 69 -25.64 82.86 -61.91
C THR B 69 -25.86 82.19 -60.57
N ILE B 70 -25.48 80.91 -60.46
CA ILE B 70 -25.63 80.17 -59.21
C ILE B 70 -24.84 80.86 -58.10
N LYS B 71 -23.57 81.16 -58.36
CA LYS B 71 -22.74 81.76 -57.31
C LYS B 71 -23.17 83.18 -57.00
N HIS B 72 -23.60 83.94 -58.02
CA HIS B 72 -24.10 85.29 -57.76
C HIS B 72 -25.33 85.26 -56.87
N LEU B 73 -26.27 84.37 -57.19
CA LEU B 73 -27.48 84.25 -56.37
C LEU B 73 -27.15 83.79 -54.96
N ASP B 74 -26.24 82.83 -54.83
CA ASP B 74 -25.84 82.35 -53.51
C ASP B 74 -25.24 83.48 -52.68
N ARG B 75 -24.32 84.24 -53.25
CA ARG B 75 -23.70 85.33 -52.52
C ARG B 75 -24.73 86.39 -52.14
N HIS B 76 -25.61 86.77 -53.06
CA HIS B 76 -26.55 87.84 -52.77
C HIS B 76 -27.62 87.39 -51.78
N SER B 77 -27.96 86.09 -51.76
CA SER B 77 -28.91 85.59 -50.79
C SER B 77 -28.28 85.44 -49.40
N ASP B 78 -27.02 85.03 -49.34
CA ASP B 78 -26.33 84.96 -48.06
C ASP B 78 -26.05 86.34 -47.49
N SER B 79 -25.92 87.35 -48.37
CA SER B 79 -25.69 88.71 -47.89
C SER B 79 -26.89 89.24 -47.10
N LYS B 80 -28.10 88.91 -47.55
CA LYS B 80 -29.33 89.43 -46.95
C LYS B 80 -29.35 90.96 -46.95
N GLN B 81 -28.87 91.55 -48.05
CA GLN B 81 -28.74 92.99 -48.18
C GLN B 81 -29.89 93.63 -48.93
N GLY B 82 -30.94 92.86 -49.22
CA GLY B 82 -32.05 93.41 -49.99
C GLY B 82 -31.70 93.75 -51.42
N LYS B 83 -30.97 92.87 -52.10
CA LYS B 83 -30.55 93.12 -53.49
C LYS B 83 -31.70 92.97 -54.48
N TYR B 84 -32.88 92.54 -54.03
CA TYR B 84 -34.09 92.34 -54.82
C TYR B 84 -33.99 91.14 -55.75
N LEU B 85 -32.87 90.42 -55.76
CA LEU B 85 -32.70 89.24 -56.61
C LEU B 85 -31.98 88.16 -55.79
N ASN B 86 -32.76 87.31 -55.13
CA ASN B 86 -32.22 86.17 -54.40
C ASN B 86 -32.99 84.91 -54.78
N TRP B 87 -32.70 83.81 -54.10
CA TRP B 87 -33.44 82.58 -54.34
C TRP B 87 -34.91 82.74 -53.96
N ASP B 88 -35.18 83.45 -52.86
CA ASP B 88 -36.56 83.65 -52.44
C ASP B 88 -37.33 84.51 -53.46
N ALA B 89 -36.68 85.54 -54.00
CA ALA B 89 -37.36 86.39 -54.98
C ALA B 89 -37.70 85.62 -56.24
N VAL B 90 -36.76 84.84 -56.76
CA VAL B 90 -37.04 84.07 -57.97
C VAL B 90 -38.05 82.97 -57.68
N PHE B 91 -38.06 82.44 -56.45
CA PHE B 91 -39.10 81.48 -56.08
C PHE B 91 -40.47 82.14 -56.07
N ARG B 92 -40.56 83.37 -55.58
CA ARG B 92 -41.82 84.11 -55.62
C ARG B 92 -42.26 84.35 -57.06
N PHE B 93 -41.30 84.68 -57.94
CA PHE B 93 -41.64 84.88 -59.34
C PHE B 93 -42.13 83.59 -59.98
N LEU B 94 -41.50 82.47 -59.64
CA LEU B 94 -41.95 81.17 -60.13
C LEU B 94 -43.35 80.83 -59.62
N GLN B 95 -43.64 81.16 -58.36
CA GLN B 95 -44.98 80.96 -57.83
C GLN B 95 -46.00 81.81 -58.58
N LYS B 96 -45.65 83.06 -58.89
CA LYS B 96 -46.54 83.90 -59.68
C LYS B 96 -46.77 83.30 -61.06
N TYR B 97 -45.72 82.75 -61.66
CA TYR B 97 -45.86 82.03 -62.93
C TYR B 97 -46.88 80.91 -62.83
N ILE B 98 -46.71 80.04 -61.82
CA ILE B 98 -47.61 78.89 -61.64
C ILE B 98 -49.04 79.37 -61.44
N GLN B 99 -49.23 80.40 -60.62
CA GLN B 99 -50.55 80.96 -60.43
C GLN B 99 -51.11 81.49 -61.75
N LYS B 100 -50.24 82.01 -62.61
CA LYS B 100 -50.69 82.49 -63.91
C LYS B 100 -51.27 81.35 -64.75
N GLU B 101 -50.54 80.23 -64.87
CA GLU B 101 -51.12 79.12 -65.64
C GLU B 101 -52.37 78.58 -64.99
N THR B 102 -52.40 78.47 -63.66
CA THR B 102 -53.59 77.94 -63.00
C THR B 102 -54.80 78.82 -63.30
N GLU B 103 -54.66 80.13 -63.12
CA GLU B 103 -55.77 81.04 -63.37
C GLU B 103 -56.16 81.01 -64.85
N CYS B 104 -55.20 80.78 -65.74
CA CYS B 104 -55.54 80.63 -67.19
C CYS B 104 -56.30 79.31 -67.38
N LEU B 105 -55.74 78.20 -66.86
CA LEU B 105 -56.35 76.86 -67.07
C LEU B 105 -57.64 76.71 -66.24
N ARG B 106 -58.01 77.73 -65.44
CA ARG B 106 -59.20 77.60 -64.56
C ARG B 106 -60.45 77.44 -65.44
N ILE B 107 -60.52 78.21 -66.53
CA ILE B 107 -61.68 78.12 -67.47
C ILE B 107 -61.91 76.64 -67.83
N ALA B 114 -61.97 64.08 -69.88
CA ALA B 114 -61.15 62.98 -70.36
C ALA B 114 -59.82 63.49 -70.91
N SER B 115 -59.83 63.88 -72.18
CA SER B 115 -58.62 64.43 -72.80
C SER B 115 -58.18 65.71 -72.12
N THR B 116 -59.14 66.59 -71.80
CA THR B 116 -58.80 67.81 -71.08
C THR B 116 -58.23 67.50 -69.71
N GLN B 117 -58.82 66.54 -69.00
CA GLN B 117 -58.30 66.14 -67.70
C GLN B 117 -56.90 65.53 -67.82
N ALA B 118 -56.68 64.73 -68.87
CA ALA B 118 -55.36 64.16 -69.09
C ALA B 118 -54.32 65.24 -69.33
N SER B 119 -54.65 66.23 -70.17
CA SER B 119 -53.73 67.34 -70.41
C SER B 119 -53.48 68.12 -69.13
N ARG B 120 -54.53 68.35 -68.34
CA ARG B 120 -54.39 69.10 -67.10
C ARG B 120 -53.46 68.38 -66.13
N GLN B 121 -53.65 67.06 -65.95
CA GLN B 121 -52.80 66.32 -65.03
C GLN B 121 -51.37 66.21 -65.56
N LYS B 122 -51.19 66.10 -66.88
CA LYS B 122 -49.84 66.11 -67.44
C LYS B 122 -49.13 67.43 -67.17
N LYS B 123 -49.86 68.55 -67.34
CA LYS B 123 -49.26 69.85 -67.06
C LYS B 123 -48.97 70.02 -65.57
N MET B 124 -49.84 69.50 -64.70
CA MET B 124 -49.57 69.54 -63.26
C MET B 124 -48.33 68.75 -62.92
N GLN B 125 -48.16 67.58 -63.53
CA GLN B 125 -46.94 66.80 -63.33
C GLN B 125 -45.71 67.55 -63.82
N GLU B 126 -45.84 68.22 -64.97
CA GLU B 126 -44.71 68.99 -65.50
C GLU B 126 -44.32 70.13 -64.57
N ILE B 127 -45.30 70.86 -64.04
CA ILE B 127 -44.97 71.98 -63.16
C ILE B 127 -44.44 71.47 -61.82
N SER B 128 -44.93 70.31 -61.34
CA SER B 128 -44.35 69.72 -60.15
C SER B 128 -42.90 69.32 -60.37
N SER B 129 -42.59 68.76 -61.54
CA SER B 129 -41.22 68.45 -61.88
C SER B 129 -40.36 69.71 -61.94
N LEU B 130 -40.92 70.79 -62.50
CA LEU B 130 -40.19 72.06 -62.55
C LEU B 130 -39.91 72.59 -61.15
N VAL B 131 -40.88 72.50 -60.24
CA VAL B 131 -40.67 72.96 -58.87
C VAL B 131 -39.61 72.10 -58.18
N LYS B 132 -39.67 70.78 -58.37
CA LYS B 132 -38.67 69.91 -57.76
C LYS B 132 -37.28 70.20 -58.30
N TYR B 133 -37.16 70.42 -59.61
CA TYR B 133 -35.87 70.75 -60.20
C TYR B 133 -35.35 72.08 -59.68
N PHE B 134 -36.24 73.06 -59.53
CA PHE B 134 -35.82 74.37 -59.03
C PHE B 134 -35.32 74.28 -57.59
N ILE B 135 -36.06 73.57 -56.74
CA ILE B 135 -35.62 73.47 -55.34
C ILE B 135 -34.35 72.63 -55.24
N LYS B 136 -34.19 71.63 -56.11
CA LYS B 136 -32.95 70.86 -56.12
C LYS B 136 -31.77 71.73 -56.52
N CYS B 137 -31.96 72.59 -57.52
CA CYS B 137 -30.89 73.48 -57.95
C CYS B 137 -30.57 74.52 -56.89
N ALA B 138 -31.59 75.02 -56.19
CA ALA B 138 -31.38 76.09 -55.22
C ALA B 138 -30.76 75.60 -53.93
N ASN B 139 -31.06 74.37 -53.52
CA ASN B 139 -30.61 73.85 -52.22
C ASN B 139 -29.65 72.68 -52.38
N ARG B 140 -29.00 72.53 -53.53
CA ARG B 140 -28.02 71.46 -53.69
C ARG B 140 -26.82 71.67 -52.76
N ARG B 141 -26.35 72.91 -52.64
CA ARG B 141 -25.19 73.19 -51.80
C ARG B 141 -25.60 73.40 -50.35
N ALA B 142 -26.45 74.40 -50.10
CA ALA B 142 -26.90 74.74 -48.76
C ALA B 142 -28.37 75.11 -48.79
N PRO B 143 -29.08 75.02 -47.66
CA PRO B 143 -30.51 75.41 -47.65
C PRO B 143 -30.70 76.91 -47.82
N ARG B 144 -30.50 77.38 -49.05
CA ARG B 144 -30.68 78.80 -49.34
C ARG B 144 -32.15 79.20 -49.27
N LEU B 145 -33.04 78.34 -49.74
CA LEU B 145 -34.47 78.63 -49.68
C LEU B 145 -34.94 78.67 -48.24
N LYS B 146 -35.85 79.60 -47.95
CA LYS B 146 -36.41 79.72 -46.61
C LYS B 146 -37.59 78.75 -46.45
N CYS B 147 -37.68 78.15 -45.26
CA CYS B 147 -38.63 77.07 -45.05
C CYS B 147 -40.06 77.58 -45.01
N GLN B 148 -40.27 78.81 -44.55
CA GLN B 148 -41.63 79.32 -44.38
C GLN B 148 -42.37 79.41 -45.70
N GLU B 149 -41.72 79.96 -46.74
CA GLU B 149 -42.38 80.11 -48.03
C GLU B 149 -42.70 78.76 -48.65
N LEU B 150 -41.76 77.82 -48.58
CA LEU B 150 -42.00 76.48 -49.12
C LEU B 150 -43.13 75.78 -48.38
N LEU B 151 -43.14 75.90 -47.05
CA LEU B 151 -44.21 75.27 -46.27
C LEU B 151 -45.57 75.89 -46.60
N ASN B 152 -45.62 77.22 -46.75
CA ASN B 152 -46.87 77.86 -47.12
C ASN B 152 -47.34 77.41 -48.50
N TYR B 153 -46.41 77.30 -49.45
CA TYR B 153 -46.77 76.85 -50.79
C TYR B 153 -47.32 75.42 -50.76
N ILE B 154 -46.65 74.53 -50.04
CA ILE B 154 -47.10 73.15 -49.96
C ILE B 154 -48.46 73.06 -49.27
N MET B 155 -48.64 73.83 -48.20
CA MET B 155 -49.92 73.83 -47.49
C MET B 155 -51.04 74.33 -48.39
N ASP B 156 -50.79 75.42 -49.14
CA ASP B 156 -51.81 75.96 -50.03
C ASP B 156 -52.17 74.96 -51.11
N THR B 157 -51.18 74.29 -51.70
CA THR B 157 -51.47 73.32 -52.75
C THR B 157 -52.23 72.12 -52.19
N VAL B 158 -51.82 71.60 -51.03
CA VAL B 158 -52.43 70.39 -50.48
C VAL B 158 -53.85 70.67 -50.01
N LYS B 159 -54.07 71.82 -49.36
CA LYS B 159 -55.36 72.09 -48.75
C LYS B 159 -56.48 72.10 -49.77
N ASP B 160 -56.26 72.72 -50.93
CA ASP B 160 -57.28 72.77 -51.96
C ASP B 160 -57.49 71.39 -52.56
N SER B 161 -58.72 70.90 -52.53
CA SER B 161 -59.04 69.60 -53.09
C SER B 161 -59.01 69.58 -54.61
N SER B 162 -59.01 70.75 -55.25
CA SER B 162 -58.99 70.85 -56.70
C SER B 162 -57.56 70.65 -57.22
N ASN B 163 -57.34 70.95 -58.49
CA ASN B 163 -56.04 70.88 -59.14
C ASN B 163 -55.50 69.46 -59.22
N GLY B 164 -56.35 68.46 -59.05
CA GLY B 164 -55.92 67.09 -59.19
C GLY B 164 -55.19 66.54 -57.98
N ALA B 165 -55.45 65.27 -57.64
CA ALA B 165 -54.76 64.65 -56.52
C ALA B 165 -53.31 64.34 -56.82
N ILE B 166 -52.94 64.25 -58.11
CA ILE B 166 -51.55 63.95 -58.46
C ILE B 166 -50.64 65.11 -58.07
N TYR B 167 -51.10 66.34 -58.26
CA TYR B 167 -50.30 67.50 -57.86
C TYR B 167 -50.09 67.54 -56.36
N GLY B 168 -51.15 67.25 -55.59
CA GLY B 168 -51.00 67.18 -54.14
C GLY B 168 -50.08 66.06 -53.71
N ALA B 169 -50.15 64.92 -54.39
CA ALA B 169 -49.24 63.81 -54.08
C ALA B 169 -47.80 64.18 -54.37
N ASP B 170 -47.55 64.89 -55.48
CA ASP B 170 -46.19 65.34 -55.78
C ASP B 170 -45.70 66.34 -54.75
N CYS B 171 -46.57 67.24 -54.29
CA CYS B 171 -46.18 68.18 -53.24
C CYS B 171 -45.88 67.46 -51.94
N SER B 172 -46.67 66.44 -51.60
CA SER B 172 -46.36 65.65 -50.41
C SER B 172 -45.02 64.93 -50.55
N ASN B 173 -44.73 64.42 -51.75
CA ASN B 173 -43.45 63.76 -51.98
C ASN B 173 -42.30 64.73 -51.83
N ILE B 174 -42.43 65.95 -52.37
CA ILE B 174 -41.36 66.92 -52.22
C ILE B 174 -41.24 67.38 -50.77
N LEU B 175 -42.36 67.38 -50.02
CA LEU B 175 -42.28 67.67 -48.60
C LEU B 175 -41.48 66.60 -47.85
N LEU B 176 -41.70 65.34 -48.20
CA LEU B 176 -40.90 64.26 -47.60
C LEU B 176 -39.43 64.37 -47.98
N LYS B 177 -39.14 64.60 -49.26
CA LYS B 177 -37.79 64.36 -49.78
C LYS B 177 -36.94 65.62 -49.87
N ASP B 178 -37.49 66.81 -49.65
CA ASP B 178 -36.71 68.03 -49.78
C ASP B 178 -36.92 69.04 -48.66
N ILE B 179 -37.90 68.83 -47.78
CA ILE B 179 -38.15 69.72 -46.65
C ILE B 179 -37.91 69.01 -45.32
N LEU B 180 -38.68 67.94 -45.05
CA LEU B 180 -38.51 67.20 -43.82
C LEU B 180 -37.18 66.45 -43.76
N SER B 181 -36.51 66.28 -44.90
CA SER B 181 -35.25 65.55 -44.95
C SER B 181 -34.04 66.43 -44.74
N VAL B 182 -34.22 67.75 -44.64
CA VAL B 182 -33.13 68.68 -44.41
C VAL B 182 -33.13 69.05 -42.93
N ARG B 183 -31.97 68.91 -42.28
CA ARG B 183 -31.90 69.13 -40.84
C ARG B 183 -32.18 70.59 -40.49
N LYS B 184 -31.70 71.53 -41.29
CA LYS B 184 -31.95 72.94 -41.03
C LYS B 184 -33.44 73.24 -41.05
N TYR B 185 -34.13 72.80 -42.11
CA TYR B 185 -35.58 72.96 -42.17
C TYR B 185 -36.26 72.19 -41.05
N TRP B 186 -35.75 70.99 -40.74
CA TRP B 186 -36.33 70.18 -39.69
C TRP B 186 -36.29 70.88 -38.34
N CYS B 187 -35.26 71.67 -38.08
CA CYS B 187 -35.10 72.32 -36.79
C CYS B 187 -35.69 73.72 -36.75
N GLU B 188 -35.80 74.42 -37.88
CA GLU B 188 -36.28 75.79 -37.85
C GLU B 188 -37.78 75.93 -38.07
N ILE B 189 -38.51 74.81 -38.17
CA ILE B 189 -39.97 74.90 -38.29
C ILE B 189 -40.57 75.18 -36.92
N SER B 190 -41.46 76.18 -36.87
CA SER B 190 -42.11 76.56 -35.62
C SER B 190 -43.17 75.53 -35.22
N GLN B 191 -43.53 75.54 -33.94
CA GLN B 191 -44.52 74.59 -33.44
C GLN B 191 -45.88 74.82 -34.06
N GLN B 192 -46.22 76.08 -34.34
CA GLN B 192 -47.50 76.38 -34.99
C GLN B 192 -47.56 75.74 -36.38
N GLN B 193 -46.45 75.81 -37.13
CA GLN B 193 -46.42 75.16 -38.43
C GLN B 193 -46.51 73.65 -38.30
N TRP B 194 -45.87 73.08 -37.27
CA TRP B 194 -45.98 71.65 -37.02
C TRP B 194 -47.43 71.25 -36.79
N LEU B 195 -48.15 72.01 -35.96
CA LEU B 195 -49.54 71.69 -35.68
C LEU B 195 -50.40 71.88 -36.92
N GLU B 196 -50.12 72.91 -37.71
CA GLU B 196 -50.87 73.12 -38.95
C GLU B 196 -50.70 71.95 -39.90
N LEU B 197 -49.45 71.49 -40.08
CA LEU B 197 -49.18 70.35 -40.95
C LEU B 197 -49.90 69.10 -40.43
N PHE B 198 -49.79 68.85 -39.13
CA PHE B 198 -50.43 67.67 -38.55
C PHE B 198 -51.94 67.70 -38.77
N SER B 199 -52.57 68.83 -38.47
CA SER B 199 -54.02 68.93 -38.59
C SER B 199 -54.45 68.77 -40.04
N VAL B 200 -53.80 69.47 -40.96
CA VAL B 200 -54.21 69.42 -42.36
C VAL B 200 -54.06 68.01 -42.92
N TYR B 201 -52.90 67.38 -42.66
CA TYR B 201 -52.67 66.06 -43.24
C TYR B 201 -53.53 64.99 -42.58
N PHE B 202 -53.83 65.13 -41.29
CA PHE B 202 -54.70 64.14 -40.66
C PHE B 202 -56.14 64.30 -41.15
N ARG B 203 -56.60 65.53 -41.36
CA ARG B 203 -57.91 65.74 -41.96
C ARG B 203 -57.97 65.14 -43.35
N LEU B 204 -56.91 65.31 -44.13
CA LEU B 204 -56.86 64.69 -45.46
C LEU B 204 -56.89 63.17 -45.36
N TYR B 205 -56.18 62.61 -44.37
CA TYR B 205 -56.17 61.16 -44.19
C TYR B 205 -57.54 60.62 -43.83
N LEU B 206 -58.28 61.32 -42.97
CA LEU B 206 -59.59 60.84 -42.57
C LEU B 206 -60.55 60.82 -43.75
N LYS B 207 -60.45 61.80 -44.63
CA LYS B 207 -61.26 61.81 -45.85
C LYS B 207 -60.83 60.66 -46.75
N PRO B 208 -61.74 59.77 -47.16
CA PRO B 208 -61.34 58.65 -48.01
C PRO B 208 -60.76 59.11 -49.33
N SER B 209 -59.74 58.39 -49.79
CA SER B 209 -59.03 58.72 -51.03
C SER B 209 -58.35 57.46 -51.55
N GLN B 210 -57.43 57.63 -52.49
CA GLN B 210 -56.73 56.51 -53.10
C GLN B 210 -55.81 55.84 -52.10
N ASP B 211 -55.53 54.55 -52.35
CA ASP B 211 -54.72 53.77 -51.42
C ASP B 211 -53.30 54.29 -51.32
N VAL B 212 -52.68 54.62 -52.45
CA VAL B 212 -51.31 55.11 -52.45
C VAL B 212 -51.22 56.46 -51.73
N HIS B 213 -52.18 57.35 -52.01
CA HIS B 213 -52.20 58.64 -51.33
C HIS B 213 -52.41 58.47 -49.83
N ARG B 214 -53.19 57.48 -49.42
CA ARG B 214 -53.41 57.28 -47.98
C ARG B 214 -52.13 56.85 -47.28
N VAL B 215 -51.36 55.94 -47.88
CA VAL B 215 -50.11 55.56 -47.24
C VAL B 215 -49.10 56.70 -47.31
N LEU B 216 -49.14 57.51 -48.36
CA LEU B 216 -48.26 58.66 -48.44
C LEU B 216 -48.55 59.66 -47.31
N VAL B 217 -49.83 59.96 -47.09
CA VAL B 217 -50.17 60.90 -46.02
C VAL B 217 -49.99 60.26 -44.66
N ALA B 218 -50.08 58.94 -44.55
CA ALA B 218 -49.72 58.27 -43.29
C ALA B 218 -48.24 58.45 -42.99
N ARG B 219 -47.39 58.35 -44.01
CA ARG B 219 -45.96 58.63 -43.83
C ARG B 219 -45.75 60.09 -43.44
N ILE B 220 -46.49 61.01 -44.08
CA ILE B 220 -46.43 62.42 -43.69
C ILE B 220 -46.76 62.57 -42.22
N ILE B 221 -47.85 61.93 -41.78
CA ILE B 221 -48.29 62.05 -40.39
C ILE B 221 -47.25 61.50 -39.44
N HIS B 222 -46.66 60.36 -39.79
CA HIS B 222 -45.62 59.77 -38.95
C HIS B 222 -44.43 60.71 -38.80
N ALA B 223 -43.96 61.26 -39.93
CA ALA B 223 -42.81 62.16 -39.89
C ALA B 223 -43.13 63.44 -39.11
N VAL B 224 -44.33 63.98 -39.31
CA VAL B 224 -44.70 65.23 -38.63
C VAL B 224 -44.87 64.99 -37.13
N THR B 225 -45.42 63.85 -36.74
CA THR B 225 -45.52 63.52 -35.32
C THR B 225 -44.15 63.39 -34.70
N LYS B 226 -43.22 62.71 -35.39
CA LYS B 226 -41.87 62.61 -34.86
C LYS B 226 -41.22 63.99 -34.73
N GLY B 227 -41.40 64.84 -35.74
CA GLY B 227 -40.82 66.18 -35.68
C GLY B 227 -41.39 67.04 -34.56
N CYS B 228 -42.71 66.99 -34.40
CA CYS B 228 -43.34 67.79 -33.35
C CYS B 228 -43.00 67.27 -31.96
N CYS B 229 -42.82 65.94 -31.81
CA CYS B 229 -42.47 65.40 -30.51
C CYS B 229 -40.96 65.48 -30.21
N SER B 230 -40.13 65.75 -31.21
CA SER B 230 -38.69 65.83 -31.00
C SER B 230 -38.14 67.25 -30.99
N GLN B 231 -38.60 68.13 -31.87
CA GLN B 231 -38.02 69.45 -32.04
C GLN B 231 -38.79 70.56 -31.37
N THR B 232 -39.87 70.24 -30.66
CA THR B 232 -40.66 71.25 -29.97
C THR B 232 -41.51 70.54 -28.91
N ASP B 233 -42.38 71.32 -28.26
CA ASP B 233 -43.30 70.74 -27.30
C ASP B 233 -44.26 69.79 -28.01
N GLY B 234 -44.62 68.71 -27.32
CA GLY B 234 -45.43 67.68 -27.94
C GLY B 234 -46.83 68.15 -28.27
N LEU B 235 -47.55 67.30 -28.98
CA LEU B 235 -48.93 67.59 -29.35
C LEU B 235 -49.81 67.65 -28.11
N ASN B 236 -50.91 68.39 -28.22
CA ASN B 236 -51.89 68.43 -27.15
C ASN B 236 -52.59 67.08 -27.03
N SER B 237 -53.02 66.75 -25.81
CA SER B 237 -53.68 65.48 -25.58
C SER B 237 -54.99 65.38 -26.35
N LYS B 238 -55.60 66.52 -26.68
CA LYS B 238 -56.85 66.50 -27.45
C LYS B 238 -56.63 65.89 -28.83
N PHE B 239 -55.47 66.16 -29.44
CA PHE B 239 -55.15 65.54 -30.73
C PHE B 239 -55.15 64.02 -30.61
N LEU B 240 -54.92 63.49 -29.42
CA LEU B 240 -54.99 62.05 -29.20
C LEU B 240 -56.33 61.48 -29.68
N ASP B 241 -57.40 62.25 -29.51
CA ASP B 241 -58.72 61.82 -29.98
C ASP B 241 -58.67 61.39 -31.44
N PHE B 242 -57.99 62.19 -32.27
CA PHE B 242 -57.87 61.86 -33.69
C PHE B 242 -57.42 60.42 -33.89
N PHE B 243 -56.37 60.02 -33.17
CA PHE B 243 -55.83 58.68 -33.35
C PHE B 243 -56.90 57.64 -33.09
N SER B 244 -57.65 57.80 -31.99
CA SER B 244 -58.71 56.85 -31.68
C SER B 244 -59.67 56.72 -32.84
N LYS B 245 -60.09 57.86 -33.41
CA LYS B 245 -60.99 57.83 -34.55
C LYS B 245 -60.42 56.96 -35.66
N ALA B 246 -59.15 57.17 -36.00
CA ALA B 246 -58.55 56.38 -37.06
C ALA B 246 -58.61 54.90 -36.74
N ILE B 247 -58.30 54.53 -35.49
CA ILE B 247 -58.34 53.12 -35.11
C ILE B 247 -59.74 52.56 -35.33
N GLN B 248 -60.77 53.35 -34.98
CA GLN B 248 -62.14 52.89 -35.19
C GLN B 248 -62.40 52.62 -36.66
N CYS B 249 -61.92 53.50 -37.54
CA CYS B 249 -62.07 53.27 -38.97
C CYS B 249 -61.40 51.96 -39.37
N ALA B 250 -60.24 51.66 -38.77
CA ALA B 250 -59.55 50.42 -39.08
C ALA B 250 -60.40 49.21 -38.75
N ARG B 251 -61.30 49.32 -37.77
CA ARG B 251 -62.19 48.21 -37.48
C ARG B 251 -63.31 48.11 -38.51
N GLN B 252 -63.79 49.25 -39.02
CA GLN B 252 -64.93 49.23 -39.93
C GLN B 252 -64.54 48.76 -41.33
N GLU B 253 -63.39 49.20 -41.82
CA GLU B 253 -62.95 48.89 -43.17
C GLU B 253 -61.98 47.71 -43.13
N LYS B 254 -62.19 46.74 -44.03
CA LYS B 254 -61.38 45.52 -44.02
C LYS B 254 -59.91 45.83 -44.30
N SER B 255 -59.64 46.69 -45.28
CA SER B 255 -58.27 46.98 -45.64
C SER B 255 -57.59 47.82 -44.56
N SER B 256 -56.26 47.74 -44.53
CA SER B 256 -55.44 48.46 -43.55
C SER B 256 -54.34 49.20 -44.33
N SER B 257 -54.65 50.41 -44.78
CA SER B 257 -53.70 51.23 -45.53
C SER B 257 -53.07 52.24 -44.58
N GLY B 258 -51.75 52.13 -44.40
CA GLY B 258 -51.04 53.06 -43.56
C GLY B 258 -51.23 52.86 -42.07
N LEU B 259 -51.86 51.77 -41.66
CA LEU B 259 -52.04 51.51 -40.23
C LEU B 259 -50.71 51.39 -39.50
N ASN B 260 -49.69 50.82 -40.15
CA ASN B 260 -48.39 50.69 -39.51
C ASN B 260 -47.79 52.05 -39.17
N HIS B 261 -47.88 52.99 -40.11
CA HIS B 261 -47.34 54.33 -39.86
C HIS B 261 -48.16 55.06 -38.81
N ILE B 262 -49.49 54.93 -38.86
CA ILE B 262 -50.33 55.58 -37.86
C ILE B 262 -50.04 55.04 -36.47
N LEU B 263 -49.88 53.73 -36.34
CA LEU B 263 -49.59 53.14 -35.04
C LEU B 263 -48.18 53.47 -34.57
N ALA B 264 -47.21 53.61 -35.49
CA ALA B 264 -45.89 54.08 -35.09
C ALA B 264 -45.95 55.51 -34.56
N ALA B 265 -46.69 56.37 -35.23
CA ALA B 265 -46.89 57.73 -34.72
C ALA B 265 -47.60 57.71 -33.38
N LEU B 266 -48.55 56.80 -33.21
CA LEU B 266 -49.23 56.67 -31.92
C LEU B 266 -48.26 56.24 -30.82
N THR B 267 -47.35 55.31 -31.14
CA THR B 267 -46.36 54.91 -30.16
C THR B 267 -45.46 56.08 -29.78
N ILE B 268 -45.03 56.88 -30.76
CA ILE B 268 -44.21 58.05 -30.46
C ILE B 268 -44.98 59.02 -29.57
N PHE B 269 -46.24 59.28 -29.92
CA PHE B 269 -47.07 60.21 -29.16
C PHE B 269 -47.26 59.73 -27.72
N LEU B 270 -47.54 58.44 -27.54
CA LEU B 270 -47.73 57.91 -26.19
C LEU B 270 -46.44 57.94 -25.40
N LYS B 271 -45.31 57.64 -26.05
CA LYS B 271 -44.04 57.67 -25.35
C LYS B 271 -43.70 59.07 -24.85
N THR B 272 -43.97 60.09 -25.67
CA THR B 272 -43.70 61.45 -25.23
C THR B 272 -44.80 62.03 -24.35
N LEU B 273 -45.98 61.42 -24.31
CA LEU B 273 -47.10 61.97 -23.58
C LEU B 273 -47.34 61.30 -22.23
N ALA B 274 -46.90 60.05 -22.04
CA ALA B 274 -47.18 59.32 -20.82
C ALA B 274 -46.35 59.79 -19.63
N VAL B 275 -45.32 60.62 -19.87
CA VAL B 275 -44.46 61.06 -18.77
C VAL B 275 -45.26 61.86 -17.76
N ASN B 276 -46.14 62.75 -18.24
CA ASN B 276 -46.95 63.57 -17.35
C ASN B 276 -48.44 63.51 -17.67
N PHE B 277 -48.88 62.46 -18.37
CA PHE B 277 -50.30 62.19 -18.59
C PHE B 277 -50.58 60.69 -18.45
N ARG B 278 -50.03 60.08 -17.39
CA ARG B 278 -50.07 58.64 -17.25
C ARG B 278 -51.50 58.11 -17.17
N ILE B 279 -52.37 58.76 -16.39
CA ILE B 279 -53.75 58.30 -16.30
C ILE B 279 -54.45 58.46 -17.64
N ARG B 280 -54.14 59.53 -18.37
CA ARG B 280 -54.76 59.75 -19.68
C ARG B 280 -54.39 58.64 -20.65
N VAL B 281 -53.12 58.26 -20.70
CA VAL B 281 -52.72 57.20 -21.62
C VAL B 281 -53.24 55.85 -21.16
N CYS B 282 -53.38 55.65 -19.84
CA CYS B 282 -53.99 54.42 -19.36
C CYS B 282 -55.45 54.32 -19.81
N GLU B 283 -56.19 55.42 -19.71
CA GLU B 283 -57.57 55.43 -20.21
C GLU B 283 -57.62 55.21 -21.71
N LEU B 284 -56.70 55.82 -22.46
CA LEU B 284 -56.65 55.61 -23.90
C LEU B 284 -56.40 54.14 -24.23
N GLY B 285 -55.48 53.51 -23.50
CA GLY B 285 -55.25 52.08 -23.71
C GLY B 285 -56.49 51.26 -23.41
N ASP B 286 -57.13 51.52 -22.27
CA ASP B 286 -58.35 50.80 -21.93
C ASP B 286 -59.43 50.99 -22.98
N GLU B 287 -59.38 52.12 -23.71
CA GLU B 287 -60.39 52.40 -24.73
C GLU B 287 -60.05 51.85 -26.11
N ILE B 288 -58.77 51.71 -26.46
CA ILE B 288 -58.40 51.35 -27.82
C ILE B 288 -57.85 49.93 -27.96
N LEU B 289 -57.35 49.33 -26.88
CA LEU B 289 -56.73 48.01 -27.01
C LEU B 289 -57.67 46.91 -27.48
N PRO B 290 -58.92 46.80 -27.01
CA PRO B 290 -59.79 45.75 -27.55
C PRO B 290 -59.98 45.83 -29.05
N THR B 291 -60.02 47.03 -29.62
CA THR B 291 -60.11 47.16 -31.08
C THR B 291 -58.88 46.57 -31.75
N LEU B 292 -57.69 46.82 -31.19
CA LEU B 292 -56.47 46.24 -31.74
C LEU B 292 -56.50 44.72 -31.64
N LEU B 293 -56.98 44.18 -30.52
CA LEU B 293 -57.07 42.74 -30.35
C LEU B 293 -58.03 42.14 -31.37
N TYR B 294 -59.17 42.80 -31.59
CA TYR B 294 -60.14 42.33 -32.57
C TYR B 294 -59.55 42.35 -33.98
N ILE B 295 -58.83 43.42 -34.32
CA ILE B 295 -58.20 43.52 -35.64
C ILE B 295 -57.17 42.40 -35.81
N TRP B 296 -56.37 42.16 -34.78
CA TRP B 296 -55.41 41.05 -34.83
C TRP B 296 -56.12 39.72 -35.04
N THR B 297 -57.23 39.51 -34.32
CA THR B 297 -57.86 38.18 -34.31
C THR B 297 -58.60 37.91 -35.61
N GLN B 298 -59.63 38.69 -35.92
CA GLN B 298 -60.53 38.28 -36.99
C GLN B 298 -60.13 38.84 -38.35
N HIS B 299 -59.18 39.78 -38.39
CA HIS B 299 -58.50 40.11 -39.63
C HIS B 299 -57.14 39.43 -39.68
N ARG B 300 -56.71 39.11 -40.89
CA ARG B 300 -55.37 38.57 -41.13
C ARG B 300 -54.50 39.68 -41.69
N LEU B 301 -53.37 39.94 -41.04
CA LEU B 301 -52.54 41.09 -41.35
C LEU B 301 -51.14 40.64 -41.75
N ASN B 302 -50.31 41.62 -42.10
CA ASN B 302 -48.93 41.39 -42.46
C ASN B 302 -48.05 41.44 -41.22
N ASP B 303 -46.74 41.50 -41.41
CA ASP B 303 -45.81 41.48 -40.28
C ASP B 303 -45.72 42.85 -39.62
N SER B 304 -45.37 43.89 -40.39
CA SER B 304 -45.05 45.19 -39.81
C SER B 304 -46.13 45.67 -38.86
N LEU B 305 -47.40 45.47 -39.22
CA LEU B 305 -48.47 45.81 -38.29
C LEU B 305 -48.41 44.94 -37.04
N LYS B 306 -47.98 43.68 -37.16
CA LYS B 306 -47.83 42.84 -35.98
C LYS B 306 -46.77 43.39 -35.04
N GLU B 307 -45.60 43.78 -35.58
CA GLU B 307 -44.58 44.35 -34.70
C GLU B 307 -45.03 45.66 -34.07
N VAL B 308 -45.71 46.53 -34.82
CA VAL B 308 -46.11 47.80 -34.23
C VAL B 308 -47.19 47.58 -33.17
N ILE B 309 -48.09 46.61 -33.38
CA ILE B 309 -49.11 46.31 -32.38
C ILE B 309 -48.47 45.70 -31.13
N ILE B 310 -47.47 44.84 -31.31
CA ILE B 310 -46.76 44.28 -30.18
C ILE B 310 -46.03 45.37 -29.42
N GLU B 311 -45.47 46.35 -30.13
CA GLU B 311 -44.82 47.49 -29.49
C GLU B 311 -45.82 48.30 -28.68
N LEU B 312 -47.02 48.53 -29.23
CA LEU B 312 -48.05 49.24 -28.48
C LEU B 312 -48.45 48.47 -27.22
N PHE B 313 -48.60 47.14 -27.34
CA PHE B 313 -48.97 46.34 -26.19
C PHE B 313 -47.88 46.38 -25.12
N GLN B 314 -46.62 46.31 -25.54
CA GLN B 314 -45.51 46.38 -24.58
C GLN B 314 -45.46 47.74 -23.91
N LEU B 315 -45.71 48.81 -24.67
CA LEU B 315 -45.73 50.14 -24.07
C LEU B 315 -46.84 50.27 -23.04
N GLN B 316 -48.03 49.73 -23.35
CA GLN B 316 -49.12 49.76 -22.39
C GLN B 316 -48.80 48.93 -21.15
N ILE B 317 -48.13 47.79 -21.33
CA ILE B 317 -47.72 46.99 -20.19
C ILE B 317 -46.75 47.78 -19.32
N TYR B 318 -45.79 48.46 -19.95
CA TYR B 318 -44.83 49.27 -19.20
C TYR B 318 -45.52 50.37 -18.43
N ILE B 319 -46.51 51.03 -19.06
CA ILE B 319 -47.20 52.13 -18.40
C ILE B 319 -48.03 51.63 -17.22
N HIS B 320 -48.76 50.53 -17.41
CA HIS B 320 -49.64 50.04 -16.36
C HIS B 320 -48.85 49.37 -15.24
N HIS B 321 -47.82 48.61 -15.59
CA HIS B 321 -47.01 47.86 -14.61
C HIS B 321 -45.55 48.23 -14.80
N PRO B 322 -45.14 49.39 -14.30
CA PRO B 322 -43.74 49.82 -14.48
C PRO B 322 -42.78 48.90 -13.75
N LYS B 323 -41.85 48.31 -14.50
CA LYS B 323 -40.85 47.38 -13.97
C LYS B 323 -41.50 46.22 -13.21
N GLY B 324 -42.57 45.69 -13.77
CA GLY B 324 -43.23 44.52 -13.22
C GLY B 324 -43.88 44.71 -11.87
N ALA B 325 -44.59 45.82 -11.67
CA ALA B 325 -45.36 46.05 -10.46
C ALA B 325 -46.77 45.51 -10.67
N LYS B 326 -47.14 44.50 -9.88
CA LYS B 326 -48.38 43.77 -10.09
C LYS B 326 -49.50 44.14 -9.14
N THR B 327 -49.33 45.21 -8.36
CA THR B 327 -50.40 45.65 -7.47
C THR B 327 -50.31 47.16 -7.30
N GLN B 328 -51.43 47.75 -6.89
CA GLN B 328 -51.52 49.20 -6.78
C GLN B 328 -50.56 49.75 -5.74
N GLU B 329 -50.41 49.03 -4.61
CA GLU B 329 -49.52 49.49 -3.56
C GLU B 329 -48.06 49.51 -3.99
N LYS B 330 -47.69 48.72 -5.00
CA LYS B 330 -46.32 48.68 -5.50
C LYS B 330 -46.14 49.49 -6.78
N GLY B 331 -47.12 50.31 -7.15
CA GLY B 331 -46.92 51.28 -8.21
C GLY B 331 -47.59 50.95 -9.54
N ALA B 332 -48.71 50.23 -9.49
CA ALA B 332 -49.44 49.84 -10.69
C ALA B 332 -50.79 50.51 -10.74
N TYR B 333 -51.21 50.90 -11.93
CA TYR B 333 -52.56 51.40 -12.18
C TYR B 333 -53.41 50.23 -12.67
N GLU B 334 -54.48 49.94 -11.92
CA GLU B 334 -55.28 48.73 -12.23
C GLU B 334 -56.75 49.08 -12.38
N SER B 335 -57.43 48.39 -13.27
CA SER B 335 -58.87 48.55 -13.51
C SER B 335 -59.41 47.23 -14.03
N THR B 336 -60.74 47.09 -13.97
CA THR B 336 -61.37 45.86 -14.46
C THR B 336 -61.16 45.69 -15.95
N LYS B 337 -61.28 46.78 -16.71
CA LYS B 337 -61.07 46.71 -18.15
C LYS B 337 -59.65 46.25 -18.46
N TRP B 338 -58.66 46.76 -17.72
CA TRP B 338 -57.29 46.35 -17.96
C TRP B 338 -57.09 44.87 -17.66
N ARG B 339 -57.72 44.36 -16.59
CA ARG B 339 -57.59 42.94 -16.28
C ARG B 339 -58.22 42.08 -17.37
N SER B 340 -59.40 42.47 -17.85
CA SER B 340 -60.03 41.73 -18.94
C SER B 340 -59.17 41.76 -20.20
N ILE B 341 -58.60 42.93 -20.50
CA ILE B 341 -57.71 43.04 -21.66
C ILE B 341 -56.50 42.15 -21.50
N LEU B 342 -55.94 42.10 -20.28
CA LEU B 342 -54.78 41.25 -20.03
C LEU B 342 -55.10 39.78 -20.27
N TYR B 343 -56.25 39.32 -19.78
CA TYR B 343 -56.63 37.92 -19.99
C TYR B 343 -56.87 37.63 -21.46
N ASN B 344 -57.61 38.52 -22.15
CA ASN B 344 -57.88 38.31 -23.57
C ASN B 344 -56.60 38.29 -24.38
N LEU B 345 -55.66 39.17 -24.04
CA LEU B 345 -54.43 39.25 -24.80
C LEU B 345 -53.51 38.08 -24.50
N TYR B 346 -53.56 37.55 -23.28
CA TYR B 346 -52.87 36.30 -22.97
C TYR B 346 -53.39 35.18 -23.86
N ASP B 347 -54.72 35.07 -23.97
CA ASP B 347 -55.30 34.06 -24.85
C ASP B 347 -54.85 34.26 -26.30
N LEU B 348 -54.86 35.50 -26.76
CA LEU B 348 -54.46 35.79 -28.14
C LEU B 348 -52.99 35.44 -28.37
N LEU B 349 -52.12 35.74 -27.41
CA LEU B 349 -50.71 35.44 -27.57
C LEU B 349 -50.47 33.94 -27.57
N VAL B 350 -51.18 33.19 -26.73
CA VAL B 350 -51.07 31.73 -26.76
C VAL B 350 -51.49 31.20 -28.13
N ASN B 351 -52.61 31.71 -28.66
CA ASN B 351 -53.07 31.28 -29.97
C ASN B 351 -52.05 31.61 -31.06
N GLU B 352 -51.45 32.80 -30.98
CA GLU B 352 -50.44 33.18 -31.96
C GLU B 352 -49.21 32.28 -31.87
N ILE B 353 -48.79 31.95 -30.64
CA ILE B 353 -47.66 31.04 -30.46
C ILE B 353 -47.97 29.68 -31.06
N SER B 354 -49.23 29.24 -30.96
CA SER B 354 -49.62 27.95 -31.54
C SER B 354 -49.51 27.93 -33.06
N HIS B 355 -49.40 29.10 -33.71
CA HIS B 355 -49.33 29.16 -35.15
C HIS B 355 -47.92 28.84 -35.64
N ILE B 356 -47.68 29.02 -36.93
CA ILE B 356 -46.41 28.68 -37.56
C ILE B 356 -45.65 29.91 -38.01
N GLY B 357 -46.37 30.93 -38.51
CA GLY B 357 -45.70 32.12 -39.04
C GLY B 357 -45.00 32.95 -37.98
N SER B 358 -45.30 32.73 -36.71
CA SER B 358 -44.68 33.49 -35.62
C SER B 358 -43.42 32.80 -35.12
N ARG B 359 -42.50 32.55 -36.04
CA ARG B 359 -41.21 31.92 -35.75
C ARG B 359 -40.10 32.72 -36.41
N GLY B 360 -38.87 32.28 -36.19
CA GLY B 360 -37.74 32.92 -36.82
C GLY B 360 -37.71 32.68 -38.31
N LYS B 361 -36.98 33.55 -39.01
CA LYS B 361 -36.87 33.45 -40.45
C LYS B 361 -36.13 32.18 -40.85
N TYR B 362 -36.60 31.55 -41.92
CA TYR B 362 -36.00 30.31 -42.43
C TYR B 362 -34.83 30.67 -43.35
N SER B 363 -33.76 31.16 -42.73
CA SER B 363 -32.54 31.50 -43.47
C SER B 363 -31.91 30.23 -44.02
N SER B 364 -32.03 30.05 -45.34
CA SER B 364 -31.58 28.81 -46.00
C SER B 364 -32.22 27.59 -45.36
N GLY B 365 -33.52 27.71 -45.04
CA GLY B 365 -34.23 26.66 -44.37
C GLY B 365 -33.84 26.54 -42.90
N PHE B 366 -33.20 25.43 -42.55
CA PHE B 366 -32.67 25.12 -41.22
C PHE B 366 -33.73 24.94 -40.15
N ARG B 367 -35.02 25.11 -40.49
CA ARG B 367 -36.13 24.88 -39.59
C ARG B 367 -35.99 25.71 -38.31
N ASN B 368 -36.05 27.03 -38.50
CA ASN B 368 -36.02 27.96 -37.37
C ASN B 368 -37.19 27.67 -36.43
N ILE B 369 -36.88 27.22 -35.22
CA ILE B 369 -37.89 26.70 -34.31
C ILE B 369 -38.24 27.68 -33.18
N ALA B 370 -37.44 28.71 -32.96
CA ALA B 370 -37.66 29.63 -31.84
C ALA B 370 -38.54 30.79 -32.25
N VAL B 371 -39.40 31.22 -31.33
CA VAL B 371 -40.24 32.38 -31.53
C VAL B 371 -39.41 33.64 -31.40
N LYS B 372 -39.87 34.73 -32.00
CA LYS B 372 -39.15 36.00 -31.93
C LYS B 372 -39.13 36.52 -30.51
N GLU B 373 -38.13 37.36 -30.22
CA GLU B 373 -37.94 37.83 -28.85
C GLU B 373 -39.04 38.78 -28.39
N ASN B 374 -39.64 39.53 -29.33
CA ASN B 374 -40.72 40.45 -28.95
C ASN B 374 -41.89 39.69 -28.33
N LEU B 375 -42.36 38.65 -29.01
CA LEU B 375 -43.49 37.89 -28.50
C LEU B 375 -43.15 37.20 -27.20
N ILE B 376 -41.93 36.68 -27.08
CA ILE B 376 -41.53 35.99 -25.85
C ILE B 376 -41.49 36.95 -24.67
N GLU B 377 -40.91 38.14 -24.87
CA GLU B 377 -40.84 39.12 -23.80
C GLU B 377 -42.24 39.58 -23.38
N LEU B 378 -43.10 39.88 -24.36
CA LEU B 378 -44.46 40.29 -24.03
C LEU B 378 -45.21 39.19 -23.30
N MET B 379 -45.06 37.95 -23.77
CA MET B 379 -45.71 36.80 -23.15
C MET B 379 -45.26 36.62 -21.71
N ALA B 380 -43.96 36.75 -21.46
CA ALA B 380 -43.45 36.60 -20.10
C ALA B 380 -43.95 37.71 -19.20
N ASP B 381 -43.99 38.94 -19.70
CA ASP B 381 -44.50 40.04 -18.88
C ASP B 381 -45.97 39.81 -18.51
N ILE B 382 -46.78 39.38 -19.48
CA ILE B 382 -48.18 39.13 -19.19
C ILE B 382 -48.35 37.95 -18.24
N CYS B 383 -47.56 36.88 -18.43
CA CYS B 383 -47.64 35.75 -17.52
C CYS B 383 -47.27 36.16 -16.10
N HIS B 384 -46.29 37.03 -15.94
CA HIS B 384 -45.97 37.56 -14.62
C HIS B 384 -47.14 38.35 -14.05
N GLN B 385 -47.78 39.18 -14.88
CA GLN B 385 -48.89 40.01 -14.41
C GLN B 385 -50.18 39.24 -14.18
N VAL B 386 -50.27 38.01 -14.66
CA VAL B 386 -51.51 37.23 -14.56
C VAL B 386 -51.42 36.16 -13.48
N PHE B 387 -50.31 35.43 -13.42
CA PHE B 387 -50.13 34.34 -12.46
C PHE B 387 -50.30 34.82 -11.02
N GLU B 420 -57.71 28.44 -12.89
CA GLU B 420 -56.96 29.68 -12.99
C GLU B 420 -55.57 29.44 -13.60
N LEU B 421 -54.99 30.50 -14.14
CA LEU B 421 -53.69 30.39 -14.81
C LEU B 421 -52.56 30.35 -13.79
N GLY B 422 -51.48 29.66 -14.16
CA GLY B 422 -50.36 29.51 -13.27
C GLY B 422 -49.29 28.64 -13.91
N TRP B 423 -48.35 28.20 -13.07
CA TRP B 423 -47.26 27.35 -13.56
C TRP B 423 -47.75 25.97 -13.96
N GLU B 424 -48.96 25.57 -13.54
CA GLU B 424 -49.51 24.30 -13.97
C GLU B 424 -49.70 24.26 -15.47
N VAL B 425 -50.13 25.38 -16.07
CA VAL B 425 -50.29 25.45 -17.52
C VAL B 425 -48.95 25.24 -18.22
N ILE B 426 -47.91 25.91 -17.73
CA ILE B 426 -46.59 25.78 -18.35
C ILE B 426 -46.08 24.35 -18.22
N LYS B 427 -46.25 23.74 -17.04
CA LYS B 427 -45.80 22.36 -16.86
C LYS B 427 -46.57 21.40 -17.76
N ASP B 428 -47.89 21.61 -17.90
CA ASP B 428 -48.68 20.76 -18.77
C ASP B 428 -48.26 20.91 -20.23
N HIS B 429 -47.97 22.13 -20.66
CA HIS B 429 -47.51 22.34 -22.02
C HIS B 429 -46.14 21.70 -22.25
N LEU B 430 -45.26 21.77 -21.25
CA LEU B 430 -43.96 21.12 -21.37
C LEU B 430 -44.10 19.61 -21.46
N GLN B 431 -45.03 19.04 -20.69
CA GLN B 431 -45.19 17.59 -20.66
C GLN B 431 -45.86 17.06 -21.92
N LYS B 432 -47.03 17.61 -22.25
CA LYS B 432 -47.89 17.05 -23.28
C LYS B 432 -47.66 17.66 -24.67
N SER B 433 -46.44 18.12 -24.95
CA SER B 433 -46.08 18.60 -26.28
C SER B 433 -45.34 17.49 -27.01
N GLN B 434 -45.86 17.08 -28.17
CA GLN B 434 -45.27 15.97 -28.90
C GLN B 434 -44.04 16.42 -29.67
N ASN B 435 -44.21 17.34 -30.61
CA ASN B 435 -43.11 17.81 -31.43
C ASN B 435 -42.34 18.92 -30.71
N ASP B 436 -41.10 19.14 -31.16
CA ASP B 436 -40.32 20.26 -30.65
C ASP B 436 -40.91 21.60 -31.05
N PHE B 437 -41.70 21.63 -32.14
CA PHE B 437 -42.33 22.88 -32.57
C PHE B 437 -43.24 23.43 -31.48
N ASP B 438 -44.00 22.57 -30.81
CA ASP B 438 -44.82 23.02 -29.69
C ASP B 438 -44.00 23.23 -28.42
N LEU B 439 -42.93 22.46 -28.24
CA LEU B 439 -42.19 22.47 -26.98
C LEU B 439 -41.32 23.71 -26.82
N VAL B 440 -40.64 24.13 -27.89
CA VAL B 440 -39.64 25.20 -27.77
C VAL B 440 -40.23 26.51 -27.25
N PRO B 441 -41.37 27.00 -27.76
CA PRO B 441 -41.87 28.30 -27.26
C PRO B 441 -42.14 28.31 -25.77
N TRP B 442 -42.62 27.21 -25.20
CA TRP B 442 -42.86 27.19 -23.76
C TRP B 442 -41.57 27.16 -22.97
N LEU B 443 -40.54 26.50 -23.50
CA LEU B 443 -39.22 26.59 -22.89
C LEU B 443 -38.71 28.03 -22.89
N GLN B 444 -38.91 28.74 -24.01
CA GLN B 444 -38.51 30.14 -24.06
C GLN B 444 -39.28 30.98 -23.05
N ILE B 445 -40.59 30.74 -22.95
CA ILE B 445 -41.43 31.51 -22.02
C ILE B 445 -40.98 31.27 -20.59
N ALA B 446 -40.76 30.00 -20.22
CA ALA B 446 -40.32 29.69 -18.87
C ALA B 446 -38.96 30.30 -18.58
N THR B 447 -38.03 30.23 -19.55
CA THR B 447 -36.71 30.82 -19.37
C THR B 447 -36.82 32.31 -19.10
N GLN B 448 -37.57 33.03 -19.94
CA GLN B 448 -37.68 34.48 -19.76
C GLN B 448 -38.37 34.82 -18.46
N LEU B 449 -39.43 34.10 -18.11
CA LEU B 449 -40.17 34.39 -16.88
C LEU B 449 -39.28 34.17 -15.66
N ILE B 450 -38.51 33.08 -15.64
CA ILE B 450 -37.65 32.80 -14.50
C ILE B 450 -36.51 33.81 -14.43
N SER B 451 -35.94 34.17 -15.57
CA SER B 451 -34.79 35.08 -15.58
C SER B 451 -35.19 36.48 -15.14
N LYS B 452 -36.26 37.02 -15.73
CA LYS B 452 -36.63 38.40 -15.43
C LYS B 452 -37.28 38.54 -14.06
N TYR B 453 -38.11 37.58 -13.67
CA TYR B 453 -38.86 37.65 -12.41
C TYR B 453 -38.59 36.38 -11.61
N PRO B 454 -37.49 36.35 -10.85
CA PRO B 454 -37.16 35.13 -10.08
C PRO B 454 -38.24 34.71 -9.10
N ALA B 455 -39.00 35.66 -8.54
CA ALA B 455 -40.01 35.33 -7.56
C ALA B 455 -41.24 34.67 -8.16
N SER B 456 -41.34 34.61 -9.50
CA SER B 456 -42.52 34.02 -10.13
C SER B 456 -42.65 32.54 -9.79
N LEU B 457 -41.54 31.81 -9.82
CA LEU B 457 -41.58 30.38 -9.53
C LEU B 457 -41.71 30.14 -8.04
N PRO B 458 -42.74 29.44 -7.58
CA PRO B 458 -42.81 29.08 -6.16
C PRO B 458 -41.76 28.04 -5.79
N ASN B 459 -41.39 28.03 -4.51
CA ASN B 459 -40.44 27.05 -4.02
C ASN B 459 -40.97 25.63 -4.20
N CYS B 460 -42.25 25.42 -3.88
CA CYS B 460 -42.85 24.10 -4.03
C CYS B 460 -42.91 23.65 -5.47
N GLU B 461 -42.75 24.57 -6.42
CA GLU B 461 -42.72 24.22 -7.83
C GLU B 461 -41.30 24.01 -8.37
N LEU B 462 -40.28 24.19 -7.52
CA LEU B 462 -38.91 23.95 -7.98
C LEU B 462 -38.68 22.47 -8.26
N SER B 463 -39.04 21.60 -7.32
CA SER B 463 -38.80 20.17 -7.50
C SER B 463 -39.58 19.55 -8.66
N PRO B 464 -40.89 19.83 -8.86
CA PRO B 464 -41.59 19.19 -9.99
C PRO B 464 -41.05 19.62 -11.34
N LEU B 465 -40.87 20.92 -11.54
CA LEU B 465 -40.48 21.45 -12.84
C LEU B 465 -39.19 20.79 -13.33
N LEU B 466 -38.17 20.74 -12.47
CA LEU B 466 -36.92 20.10 -12.84
C LEU B 466 -37.15 18.71 -13.41
N MET B 467 -38.01 17.93 -12.75
CA MET B 467 -38.42 16.62 -13.25
C MET B 467 -38.71 16.68 -14.74
N ILE B 468 -39.69 17.50 -15.13
CA ILE B 468 -40.03 17.62 -16.55
C ILE B 468 -38.81 18.00 -17.35
N LEU B 469 -38.07 19.02 -16.88
CA LEU B 469 -36.89 19.46 -17.62
C LEU B 469 -35.90 18.32 -17.77
N SER B 470 -35.73 17.50 -16.73
CA SER B 470 -34.84 16.36 -16.84
C SER B 470 -35.28 15.44 -17.97
N GLN B 471 -36.57 15.12 -18.03
CA GLN B 471 -37.07 14.25 -19.09
C GLN B 471 -36.91 14.87 -20.47
N LEU B 472 -36.74 16.20 -20.53
CA LEU B 472 -36.54 16.86 -21.82
C LEU B 472 -35.08 16.90 -22.24
N LEU B 473 -34.15 16.56 -21.35
CA LEU B 473 -32.74 16.76 -21.66
C LEU B 473 -32.17 15.68 -22.59
N PRO B 474 -32.22 14.39 -22.25
CA PRO B 474 -31.47 13.40 -23.04
C PRO B 474 -32.21 13.03 -24.32
N GLN B 475 -31.52 13.12 -25.44
CA GLN B 475 -32.03 12.66 -26.73
C GLN B 475 -31.06 11.71 -27.42
N GLN B 476 -30.00 11.29 -26.72
CA GLN B 476 -28.88 10.51 -27.23
C GLN B 476 -28.05 11.26 -28.25
N ARG B 477 -28.42 12.50 -28.58
CA ARG B 477 -27.68 13.36 -29.50
C ARG B 477 -28.24 14.76 -29.37
N HIS B 478 -27.47 15.73 -29.85
CA HIS B 478 -27.93 17.11 -29.82
C HIS B 478 -29.11 17.30 -30.76
N GLY B 479 -30.12 18.03 -30.30
CA GLY B 479 -31.31 18.25 -31.08
C GLY B 479 -31.71 19.70 -31.17
N GLU B 480 -32.91 19.96 -31.69
CA GLU B 480 -33.40 21.33 -31.80
C GLU B 480 -33.69 21.94 -30.44
N ARG B 481 -34.24 21.16 -29.52
CA ARG B 481 -34.67 21.64 -28.23
C ARG B 481 -33.59 21.59 -27.15
N THR B 482 -32.43 21.00 -27.45
CA THR B 482 -31.40 20.84 -26.44
C THR B 482 -30.84 22.17 -25.93
N PRO B 483 -30.47 23.14 -26.78
CA PRO B 483 -29.99 24.42 -26.23
C PRO B 483 -31.02 25.13 -25.37
N TYR B 484 -32.30 25.04 -25.74
CA TYR B 484 -33.34 25.72 -24.98
C TYR B 484 -33.57 25.03 -23.64
N VAL B 485 -33.52 23.69 -23.61
CA VAL B 485 -33.61 22.97 -22.35
C VAL B 485 -32.44 23.33 -21.45
N LEU B 486 -31.24 23.42 -22.03
CA LEU B 486 -30.07 23.80 -21.24
C LEU B 486 -30.23 25.21 -20.67
N ARG B 487 -30.71 26.15 -21.47
CA ARG B 487 -30.90 27.52 -20.98
C ARG B 487 -31.93 27.57 -19.87
N CYS B 488 -33.03 26.84 -20.01
CA CYS B 488 -34.03 26.79 -18.95
C CYS B 488 -33.44 26.20 -17.67
N LEU B 489 -32.61 25.16 -17.81
CA LEU B 489 -31.95 24.58 -16.64
C LEU B 489 -31.01 25.59 -15.98
N THR B 490 -30.28 26.38 -16.78
CA THR B 490 -29.42 27.42 -16.22
C THR B 490 -30.23 28.42 -15.42
N GLU B 491 -31.36 28.87 -15.97
CA GLU B 491 -32.18 29.85 -15.27
C GLU B 491 -32.75 29.27 -13.98
N VAL B 492 -33.19 28.02 -14.01
CA VAL B 492 -33.70 27.38 -12.80
C VAL B 492 -32.61 27.28 -11.74
N ALA B 493 -31.39 26.92 -12.14
CA ALA B 493 -30.30 26.83 -11.19
C ALA B 493 -29.97 28.19 -10.59
N LEU B 494 -29.94 29.23 -11.41
CA LEU B 494 -29.68 30.57 -10.90
C LEU B 494 -30.76 31.01 -9.91
N CYS B 495 -32.03 30.74 -10.24
CA CYS B 495 -33.11 31.10 -9.33
C CYS B 495 -33.00 30.36 -8.00
N GLN B 496 -32.71 29.05 -8.07
CA GLN B 496 -32.56 28.26 -6.85
C GLN B 496 -31.42 28.78 -5.99
N ASP B 497 -30.31 29.14 -6.61
CA ASP B 497 -29.21 29.74 -5.86
C ASP B 497 -29.63 31.07 -5.24
N LYS B 498 -30.60 31.78 -5.83
CA LYS B 498 -31.01 33.10 -5.30
C LYS B 498 -32.00 32.97 -4.13
N ARG B 499 -32.94 32.03 -4.18
CA ARG B 499 -33.98 31.92 -3.13
C ARG B 499 -33.34 31.86 -1.75
N SER B 500 -32.46 30.87 -1.52
CA SER B 500 -31.84 30.66 -0.18
C SER B 500 -32.89 30.66 0.94
N ASN B 501 -33.98 29.91 0.79
CA ASN B 501 -34.93 29.78 1.88
C ASN B 501 -35.71 28.47 1.80
N LEU B 502 -35.10 27.43 1.23
CA LEU B 502 -35.78 26.17 1.00
C LEU B 502 -35.82 25.32 2.27
N GLU B 503 -36.60 24.24 2.22
CA GLU B 503 -36.69 23.28 3.30
C GLU B 503 -35.71 22.14 3.09
N SER B 504 -35.49 21.36 4.16
CA SER B 504 -34.50 20.30 4.12
C SER B 504 -34.86 19.23 3.10
N SER B 505 -36.12 18.78 3.11
CA SER B 505 -36.55 17.77 2.14
C SER B 505 -36.49 18.31 0.72
N GLN B 506 -36.94 19.55 0.53
CA GLN B 506 -36.85 20.17 -0.79
C GLN B 506 -35.40 20.27 -1.23
N LYS B 507 -34.51 20.65 -0.32
CA LYS B 507 -33.09 20.73 -0.67
C LYS B 507 -32.54 19.37 -1.07
N SER B 508 -32.89 18.33 -0.32
CA SER B 508 -32.38 17.00 -0.65
C SER B 508 -32.88 16.54 -2.01
N ASP B 509 -34.16 16.76 -2.30
CA ASP B 509 -34.70 16.40 -3.61
C ASP B 509 -34.02 17.19 -4.72
N LEU B 510 -33.80 18.49 -4.49
CA LEU B 510 -33.15 19.31 -5.51
C LEU B 510 -31.71 18.87 -5.75
N LEU B 511 -30.98 18.51 -4.70
CA LEU B 511 -29.64 17.96 -4.89
C LEU B 511 -29.66 16.66 -5.67
N LYS B 512 -30.61 15.77 -5.39
CA LYS B 512 -30.70 14.53 -6.15
C LYS B 512 -30.97 14.80 -7.64
N LEU B 513 -31.95 15.66 -7.91
CA LEU B 513 -32.27 15.99 -9.30
C LEU B 513 -31.11 16.69 -10.00
N TRP B 514 -30.40 17.57 -9.28
CA TRP B 514 -29.28 18.28 -9.89
C TRP B 514 -28.12 17.33 -10.16
N ASN B 515 -27.90 16.34 -9.28
CA ASN B 515 -26.89 15.34 -9.56
C ASN B 515 -27.25 14.54 -10.81
N LYS B 516 -28.52 14.15 -10.94
CA LYS B 516 -28.94 13.44 -12.15
C LYS B 516 -28.76 14.30 -13.40
N ILE B 517 -29.11 15.59 -13.31
CA ILE B 517 -28.98 16.49 -14.45
C ILE B 517 -27.51 16.67 -14.82
N TRP B 518 -26.64 16.77 -13.81
CA TRP B 518 -25.21 16.88 -14.07
C TRP B 518 -24.69 15.62 -14.76
N CYS B 519 -25.13 14.45 -14.30
CA CYS B 519 -24.70 13.20 -14.93
C CYS B 519 -25.15 13.15 -16.38
N ILE B 520 -26.38 13.57 -16.67
CA ILE B 520 -26.88 13.55 -18.03
C ILE B 520 -26.12 14.56 -18.90
N THR B 521 -25.90 15.76 -18.38
CA THR B 521 -25.28 16.83 -19.16
C THR B 521 -23.82 16.57 -19.43
N PHE B 522 -23.11 15.93 -18.50
CA PHE B 522 -21.69 15.71 -18.67
C PHE B 522 -21.40 14.88 -19.92
N ARG B 523 -22.23 13.85 -20.16
CA ARG B 523 -22.15 13.14 -21.42
C ARG B 523 -22.56 14.06 -22.57
N GLY B 524 -21.84 13.96 -23.68
CA GLY B 524 -22.09 14.83 -24.80
C GLY B 524 -21.52 16.22 -24.66
N ILE B 525 -20.60 16.44 -23.72
CA ILE B 525 -19.97 17.75 -23.57
C ILE B 525 -19.12 18.12 -24.77
N SER B 526 -18.67 17.13 -25.55
CA SER B 526 -17.86 17.37 -26.74
C SER B 526 -18.69 17.58 -28.00
N SER B 527 -19.94 18.04 -27.84
CA SER B 527 -20.79 18.26 -29.01
C SER B 527 -20.26 19.37 -29.89
N GLU B 528 -19.73 20.44 -29.28
CA GLU B 528 -19.13 21.58 -29.96
C GLU B 528 -20.16 22.42 -30.70
N GLN B 529 -21.43 21.99 -30.66
CA GLN B 529 -22.53 22.81 -31.16
C GLN B 529 -23.38 23.40 -30.04
N ILE B 530 -23.38 22.78 -28.87
CA ILE B 530 -24.09 23.30 -27.71
C ILE B 530 -23.06 23.62 -26.62
N GLN B 531 -21.84 23.96 -27.04
CA GLN B 531 -20.76 24.18 -26.09
C GLN B 531 -21.08 25.33 -25.14
N ALA B 532 -21.54 26.46 -25.68
CA ALA B 532 -21.84 27.62 -24.83
C ALA B 532 -22.93 27.29 -23.82
N GLU B 533 -24.00 26.63 -24.28
CA GLU B 533 -25.16 26.41 -23.43
C GLU B 533 -24.84 25.44 -22.29
N ASN B 534 -24.22 24.30 -22.60
CA ASN B 534 -23.96 23.34 -21.54
C ASN B 534 -22.79 23.77 -20.66
N PHE B 535 -21.83 24.53 -21.19
CA PHE B 535 -20.82 25.11 -20.32
C PHE B 535 -21.43 26.14 -19.39
N GLY B 536 -22.39 26.92 -19.87
CA GLY B 536 -23.11 27.82 -18.98
C GLY B 536 -23.89 27.07 -17.91
N LEU B 537 -24.49 25.95 -18.28
CA LEU B 537 -25.21 25.14 -17.30
C LEU B 537 -24.27 24.61 -16.22
N LEU B 538 -23.12 24.09 -16.63
CA LEU B 538 -22.15 23.59 -15.66
C LEU B 538 -21.65 24.72 -14.77
N GLY B 539 -21.38 25.89 -15.36
CA GLY B 539 -20.94 27.02 -14.56
C GLY B 539 -22.00 27.47 -13.56
N ALA B 540 -23.26 27.50 -13.98
CA ALA B 540 -24.33 27.89 -13.07
C ALA B 540 -24.48 26.89 -11.94
N ILE B 541 -24.41 25.59 -12.25
CA ILE B 541 -24.52 24.57 -11.20
C ILE B 541 -23.37 24.71 -10.21
N ILE B 542 -22.14 24.92 -10.71
CA ILE B 542 -21.00 25.08 -9.83
C ILE B 542 -21.14 26.33 -8.97
N GLN B 543 -21.61 27.43 -9.59
CA GLN B 543 -21.80 28.67 -8.86
C GLN B 543 -22.81 28.52 -7.75
N GLY B 544 -23.89 27.78 -8.01
CA GLY B 544 -24.87 27.49 -6.98
C GLY B 544 -24.47 26.42 -6.00
N SER B 545 -23.31 25.78 -6.22
CA SER B 545 -22.81 24.70 -5.36
C SER B 545 -23.83 23.58 -5.21
N LEU B 546 -24.48 23.24 -6.33
CA LEU B 546 -25.49 22.20 -6.35
C LEU B 546 -24.91 20.80 -6.56
N VAL B 547 -23.60 20.68 -6.77
CA VAL B 547 -22.96 19.39 -6.90
C VAL B 547 -21.46 19.58 -6.71
N GLU B 548 -20.79 18.55 -6.22
CA GLU B 548 -19.34 18.58 -6.08
C GLU B 548 -18.68 18.12 -7.37
N VAL B 549 -17.60 18.79 -7.75
CA VAL B 549 -16.88 18.50 -8.98
C VAL B 549 -16.17 17.15 -8.84
N ASP B 550 -15.74 16.58 -9.96
CA ASP B 550 -15.10 15.27 -9.99
C ASP B 550 -13.83 15.34 -10.81
N ARG B 551 -13.08 14.24 -10.82
CA ARG B 551 -11.84 14.18 -11.57
C ARG B 551 -12.08 14.34 -13.06
N GLU B 552 -13.17 13.75 -13.57
CA GLU B 552 -13.48 13.87 -14.99
C GLU B 552 -13.76 15.32 -15.38
N PHE B 553 -14.29 16.12 -14.46
CA PHE B 553 -14.52 17.53 -14.76
C PHE B 553 -13.21 18.25 -15.06
N TRP B 554 -12.17 17.98 -14.29
CA TRP B 554 -10.87 18.61 -14.55
C TRP B 554 -10.20 17.99 -15.78
N LYS B 555 -10.40 16.68 -15.98
CA LYS B 555 -9.88 16.03 -17.18
C LYS B 555 -10.54 16.61 -18.43
N LEU B 556 -11.74 17.17 -18.29
CA LEU B 556 -12.37 17.88 -19.40
C LEU B 556 -11.52 19.06 -19.87
N PHE B 557 -10.99 19.84 -18.93
CA PHE B 557 -10.11 20.95 -19.30
C PHE B 557 -8.75 20.45 -19.76
N THR B 558 -8.18 19.50 -19.03
CA THR B 558 -6.85 19.02 -19.38
C THR B 558 -6.91 18.07 -20.57
N GLY B 559 -5.72 17.77 -21.12
CA GLY B 559 -5.61 16.79 -22.18
C GLY B 559 -6.03 17.27 -23.56
N SER B 560 -6.37 18.55 -23.70
CA SER B 560 -6.80 19.12 -24.99
C SER B 560 -8.00 18.35 -25.56
N ALA B 561 -8.91 17.94 -24.69
CA ALA B 561 -10.13 17.28 -25.16
C ALA B 561 -11.02 18.23 -25.93
N CYS B 562 -11.17 19.46 -25.43
CA CYS B 562 -11.96 20.49 -26.08
C CYS B 562 -11.15 21.78 -26.15
N ARG B 563 -11.31 22.52 -27.25
CA ARG B 563 -10.55 23.75 -27.42
C ARG B 563 -11.04 24.82 -26.43
N PRO B 564 -10.14 25.65 -25.91
CA PRO B 564 -10.56 26.70 -24.98
C PRO B 564 -11.47 27.72 -25.67
N SER B 565 -12.39 28.29 -24.88
CA SER B 565 -13.32 29.28 -25.38
C SER B 565 -13.80 30.12 -24.19
N CYS B 566 -14.49 31.21 -24.51
CA CYS B 566 -14.99 32.10 -23.47
C CYS B 566 -15.93 31.40 -22.48
N PRO B 567 -16.94 30.64 -22.91
CA PRO B 567 -17.76 29.92 -21.91
C PRO B 567 -16.97 28.90 -21.11
N ALA B 568 -16.03 28.19 -21.74
CA ALA B 568 -15.21 27.24 -21.01
C ALA B 568 -14.32 27.95 -19.99
N VAL B 569 -13.79 29.11 -20.36
CA VAL B 569 -12.95 29.87 -19.43
C VAL B 569 -13.78 30.40 -18.27
N CYS B 570 -15.02 30.82 -18.53
CA CYS B 570 -15.89 31.26 -17.45
C CYS B 570 -16.23 30.11 -16.51
N CYS B 571 -16.49 28.92 -17.07
CA CYS B 571 -16.74 27.75 -16.23
C CYS B 571 -15.51 27.41 -15.39
N LEU B 572 -14.32 27.52 -15.98
CA LEU B 572 -13.09 27.27 -15.23
C LEU B 572 -12.92 28.30 -14.10
N THR B 573 -13.25 29.56 -14.38
CA THR B 573 -13.18 30.59 -13.34
C THR B 573 -14.11 30.27 -12.19
N LEU B 574 -15.36 29.87 -12.50
CA LEU B 574 -16.30 29.54 -11.44
C LEU B 574 -15.85 28.32 -10.65
N ALA B 575 -15.32 27.31 -11.34
CA ALA B 575 -14.83 26.12 -10.66
C ALA B 575 -13.67 26.45 -9.73
N LEU B 576 -12.74 27.28 -10.19
CA LEU B 576 -11.62 27.70 -9.34
C LEU B 576 -12.12 28.51 -8.15
N THR B 577 -13.13 29.35 -8.36
CA THR B 577 -13.67 30.14 -7.27
C THR B 577 -14.33 29.27 -6.21
N THR B 578 -15.08 28.25 -6.64
CA THR B 578 -15.87 27.45 -5.70
C THR B 578 -15.07 26.28 -5.14
N SER B 579 -14.61 25.38 -6.00
CA SER B 579 -13.98 24.15 -5.58
C SER B 579 -12.46 24.27 -5.57
N ILE B 580 -11.81 23.27 -4.99
CA ILE B 580 -10.36 23.21 -4.89
C ILE B 580 -9.83 22.19 -5.88
N VAL B 581 -8.71 22.50 -6.51
CA VAL B 581 -8.13 21.63 -7.52
C VAL B 581 -7.46 20.44 -6.82
N PRO B 582 -7.81 19.21 -7.19
CA PRO B 582 -7.17 18.03 -6.60
C PRO B 582 -5.92 17.61 -7.37
N GLY B 583 -5.05 16.90 -6.67
CA GLY B 583 -3.84 16.40 -7.29
C GLY B 583 -4.13 15.34 -8.34
N THR B 584 -3.29 15.32 -9.37
CA THR B 584 -3.41 14.39 -10.48
C THR B 584 -4.79 14.45 -11.13
N PHE B 600 -0.43 17.12 -8.78
CA PHE B 600 0.26 18.39 -8.95
C PHE B 600 0.41 18.74 -10.43
N SER B 601 0.45 17.70 -11.27
CA SER B 601 0.58 17.92 -12.71
C SER B 601 -0.67 18.52 -13.33
N LEU B 602 -1.79 18.50 -12.60
CA LEU B 602 -3.05 18.99 -13.16
C LEU B 602 -2.98 20.48 -13.48
N LYS B 603 -2.35 21.27 -12.61
CA LYS B 603 -2.32 22.72 -12.80
C LYS B 603 -1.51 23.10 -14.04
N GLU B 604 -0.30 22.55 -14.18
CA GLU B 604 0.47 22.86 -15.38
C GLU B 604 -0.13 22.22 -16.62
N SER B 605 -0.85 21.11 -16.49
CA SER B 605 -1.59 20.59 -17.64
C SER B 605 -2.66 21.57 -18.09
N ILE B 606 -3.37 22.18 -17.13
CA ILE B 606 -4.37 23.20 -17.46
C ILE B 606 -3.69 24.40 -18.13
N MET B 607 -2.53 24.82 -17.59
CA MET B 607 -1.81 25.93 -18.19
C MET B 607 -1.39 25.64 -19.62
N LYS B 608 -0.89 24.43 -19.87
CA LYS B 608 -0.52 24.05 -21.23
C LYS B 608 -1.74 23.99 -22.14
N TRP B 609 -2.87 23.51 -21.62
CA TRP B 609 -4.10 23.49 -22.41
C TRP B 609 -4.53 24.90 -22.79
N LEU B 610 -4.45 25.84 -21.85
CA LEU B 610 -4.75 27.23 -22.16
C LEU B 610 -3.81 27.79 -23.20
N LEU B 611 -2.50 27.86 -22.88
CA LEU B 611 -1.55 28.49 -23.78
C LEU B 611 -1.47 27.76 -25.11
N PHE B 612 -1.24 26.45 -25.07
CA PHE B 612 -1.25 25.59 -26.24
C PHE B 612 -0.33 26.12 -27.35
N TYR B 613 0.96 26.14 -27.04
CA TYR B 613 1.95 26.54 -28.03
C TYR B 613 2.04 25.47 -29.12
N GLN B 614 2.00 25.90 -30.37
CA GLN B 614 2.04 24.96 -31.50
C GLN B 614 3.24 25.25 -32.40
N GLU B 624 -2.82 28.83 -37.44
CA GLU B 624 -1.51 28.48 -36.91
C GLU B 624 -1.18 29.30 -35.66
N VAL B 625 -2.22 29.75 -34.97
CA VAL B 625 -2.06 30.55 -33.76
C VAL B 625 -2.90 29.92 -32.66
N PRO B 626 -2.50 30.13 -31.40
CA PRO B 626 -3.25 29.54 -30.30
C PRO B 626 -4.69 29.99 -30.30
N PRO B 627 -5.62 29.14 -29.83
CA PRO B 627 -7.04 29.51 -29.85
C PRO B 627 -7.37 30.71 -28.98
N ILE B 628 -6.54 31.05 -27.99
CA ILE B 628 -6.79 32.24 -27.18
C ILE B 628 -6.76 33.49 -28.04
N LEU B 629 -5.74 33.61 -28.91
CA LEU B 629 -5.50 34.83 -29.66
C LEU B 629 -6.51 35.04 -30.80
N HIS B 630 -7.33 34.05 -31.11
CA HIS B 630 -8.35 34.23 -32.15
C HIS B 630 -9.43 35.20 -31.70
N SER B 631 -9.96 35.02 -30.50
CA SER B 631 -11.09 35.79 -30.02
C SER B 631 -10.69 36.70 -28.87
N ASN B 632 -11.47 37.77 -28.69
CA ASN B 632 -11.22 38.74 -27.63
C ASN B 632 -11.85 38.24 -26.34
N PHE B 633 -11.03 37.69 -25.45
CA PHE B 633 -11.49 37.25 -24.15
C PHE B 633 -11.81 38.45 -23.28
N PRO B 634 -12.66 38.27 -22.27
CA PRO B 634 -12.93 39.36 -21.33
C PRO B 634 -11.65 39.80 -20.63
N HIS B 635 -11.58 41.10 -20.32
CA HIS B 635 -10.34 41.69 -19.83
C HIS B 635 -9.93 41.08 -18.50
N LEU B 636 -8.68 40.64 -18.43
CA LEU B 636 -8.07 40.09 -17.22
C LEU B 636 -8.90 38.96 -16.63
N VAL B 637 -9.01 37.88 -17.42
CA VAL B 637 -9.60 36.62 -16.97
C VAL B 637 -8.64 35.46 -17.11
N LEU B 638 -8.07 35.30 -18.32
CA LEU B 638 -7.04 34.29 -18.52
C LEU B 638 -5.82 34.55 -17.64
N GLU B 639 -5.41 35.82 -17.54
CA GLU B 639 -4.28 36.15 -16.68
C GLU B 639 -4.59 35.86 -15.22
N LYS B 640 -5.82 36.15 -14.79
CA LYS B 640 -6.20 35.85 -13.42
C LYS B 640 -6.16 34.35 -13.16
N ILE B 641 -6.67 33.55 -14.09
CA ILE B 641 -6.65 32.09 -13.92
C ILE B 641 -5.22 31.58 -13.87
N LEU B 642 -4.37 32.07 -14.78
CA LEU B 642 -2.99 31.62 -14.81
C LEU B 642 -2.25 31.97 -13.53
N VAL B 643 -2.45 33.18 -13.02
CA VAL B 643 -1.78 33.59 -11.79
C VAL B 643 -2.30 32.80 -10.60
N SER B 644 -3.63 32.60 -10.52
CA SER B 644 -4.20 31.85 -9.41
C SER B 644 -3.75 30.40 -9.42
N LEU B 645 -3.53 29.82 -10.61
CA LEU B 645 -3.08 28.43 -10.67
C LEU B 645 -1.69 28.28 -10.04
N THR B 646 -0.80 29.23 -10.28
CA THR B 646 0.55 29.20 -9.71
C THR B 646 0.54 29.90 -8.35
N MET B 647 -0.13 29.24 -7.39
CA MET B 647 -0.27 29.74 -6.03
C MET B 647 -0.28 28.57 -5.07
N LYS B 648 -0.02 28.86 -3.79
CA LYS B 648 -0.12 27.83 -2.77
C LYS B 648 -1.54 27.30 -2.65
N ASN B 649 -2.52 28.21 -2.69
CA ASN B 649 -3.93 27.85 -2.71
C ASN B 649 -4.66 28.66 -3.78
N CYS B 650 -5.09 27.97 -4.85
CA CYS B 650 -5.71 28.67 -5.97
C CYS B 650 -7.06 29.26 -5.60
N LYS B 651 -7.81 28.59 -4.73
CA LYS B 651 -9.14 29.07 -4.38
C LYS B 651 -9.09 30.43 -3.69
N ALA B 652 -8.17 30.60 -2.74
CA ALA B 652 -8.05 31.87 -2.03
C ALA B 652 -7.62 32.99 -2.97
N ALA B 653 -6.67 32.71 -3.87
CA ALA B 653 -6.22 33.73 -4.82
C ALA B 653 -7.35 34.13 -5.76
N MET B 654 -8.12 33.16 -6.24
CA MET B 654 -9.23 33.48 -7.14
C MET B 654 -10.32 34.25 -6.41
N ASN B 655 -10.57 33.90 -5.14
CA ASN B 655 -11.53 34.66 -4.35
C ASN B 655 -11.06 36.10 -4.15
N PHE B 656 -9.76 36.28 -3.91
CA PHE B 656 -9.22 37.62 -3.75
C PHE B 656 -9.37 38.43 -5.04
N PHE B 657 -9.11 37.81 -6.19
CA PHE B 657 -9.31 38.48 -7.47
C PHE B 657 -10.78 38.85 -7.69
N GLN B 658 -11.69 37.93 -7.37
CA GLN B 658 -13.12 38.22 -7.53
C GLN B 658 -13.57 39.32 -6.59
N SER B 659 -13.07 39.30 -5.34
CA SER B 659 -13.49 40.26 -4.33
C SER B 659 -12.70 41.55 -4.50
N VAL B 660 -13.08 42.32 -5.50
CA VAL B 660 -12.47 43.61 -5.78
C VAL B 660 -13.57 44.67 -5.91
N PRO B 661 -13.49 45.77 -5.18
CA PRO B 661 -14.54 46.79 -5.28
C PRO B 661 -14.59 47.41 -6.68
N GLU B 662 -15.78 47.80 -7.08
CA GLU B 662 -16.01 48.41 -8.38
C GLU B 662 -15.76 49.91 -8.31
N CYS B 663 -15.79 50.55 -9.48
CA CYS B 663 -15.63 51.99 -9.59
C CYS B 663 -16.99 52.66 -9.64
N GLU B 664 -17.26 53.55 -8.69
CA GLU B 664 -18.59 54.15 -8.58
C GLU B 664 -18.89 55.05 -9.77
N HIS B 665 -17.97 55.95 -10.11
CA HIS B 665 -18.23 56.92 -11.17
C HIS B 665 -17.99 56.35 -12.57
N HIS B 666 -17.43 55.15 -12.68
CA HIS B 666 -17.22 54.54 -13.98
C HIS B 666 -18.37 53.62 -14.37
N GLN B 667 -18.59 52.57 -13.58
CA GLN B 667 -19.68 51.60 -13.77
C GLN B 667 -19.60 51.08 -15.21
N LYS B 668 -20.70 51.03 -15.95
CA LYS B 668 -20.70 50.58 -17.34
C LYS B 668 -21.79 51.31 -18.10
N ASP B 669 -21.65 51.33 -19.42
CA ASP B 669 -22.59 52.03 -20.29
C ASP B 669 -23.55 51.02 -20.90
N LYS B 670 -24.84 51.18 -20.63
CA LYS B 670 -25.86 50.30 -21.18
C LYS B 670 -27.20 51.02 -21.14
N GLU B 671 -28.09 50.65 -22.07
CA GLU B 671 -29.42 51.22 -22.18
C GLU B 671 -29.36 52.75 -22.34
N GLU B 672 -28.76 53.17 -23.44
CA GLU B 672 -28.61 54.61 -23.69
C GLU B 672 -29.97 55.29 -23.82
N LEU B 673 -30.90 54.68 -24.56
CA LEU B 673 -32.24 55.22 -24.72
C LEU B 673 -33.24 54.08 -24.58
N SER B 674 -34.28 54.32 -23.79
CA SER B 674 -35.33 53.33 -23.54
C SER B 674 -36.50 54.04 -22.86
N PHE B 675 -37.52 53.27 -22.52
CA PHE B 675 -38.64 53.76 -21.73
C PHE B 675 -38.45 53.40 -20.25
N SER B 676 -37.32 52.76 -19.92
CA SER B 676 -37.08 52.32 -18.55
C SER B 676 -36.88 53.49 -17.60
N GLU B 677 -36.27 54.58 -18.08
CA GLU B 677 -36.17 55.75 -17.22
C GLU B 677 -37.54 56.36 -16.94
N VAL B 678 -38.46 56.29 -17.89
CA VAL B 678 -39.82 56.75 -17.63
C VAL B 678 -40.52 55.82 -16.64
N GLU B 679 -40.25 54.51 -16.72
CA GLU B 679 -40.79 53.60 -15.72
C GLU B 679 -40.22 53.90 -14.33
N GLU B 680 -38.93 54.24 -14.27
CA GLU B 680 -38.31 54.67 -13.01
C GLU B 680 -39.01 55.92 -12.48
N LEU B 681 -39.32 56.86 -13.38
CA LEU B 681 -40.03 58.07 -12.99
C LEU B 681 -41.42 57.74 -12.45
N PHE B 682 -42.11 56.79 -13.09
CA PHE B 682 -43.43 56.38 -12.61
C PHE B 682 -43.33 55.78 -11.21
N LEU B 683 -42.32 54.95 -10.97
CA LEU B 683 -42.12 54.39 -9.64
C LEU B 683 -41.79 55.48 -8.62
N GLN B 684 -40.98 56.45 -9.01
CA GLN B 684 -40.61 57.53 -8.10
C GLN B 684 -41.81 58.39 -7.74
N THR B 685 -42.68 58.67 -8.71
CA THR B 685 -43.81 59.55 -8.47
C THR B 685 -44.75 58.99 -7.42
N THR B 686 -44.97 57.68 -7.43
CA THR B 686 -45.84 57.04 -6.45
C THR B 686 -45.08 56.64 -5.18
N PHE B 687 -43.84 57.11 -5.03
CA PHE B 687 -43.04 56.91 -3.81
C PHE B 687 -42.86 55.43 -3.49
N ASP B 688 -42.64 54.63 -4.52
CA ASP B 688 -42.38 53.21 -4.36
C ASP B 688 -40.94 52.85 -4.72
N LYS B 689 -40.08 53.85 -4.89
CA LYS B 689 -38.65 53.61 -5.07
C LYS B 689 -37.93 54.88 -4.61
N MET B 690 -37.40 54.84 -3.38
CA MET B 690 -36.75 56.01 -2.77
C MET B 690 -35.24 55.82 -2.87
N ASP B 691 -34.69 56.20 -4.03
CA ASP B 691 -33.27 55.95 -4.29
C ASP B 691 -32.38 56.86 -3.46
N PHE B 692 -32.81 58.10 -3.21
CA PHE B 692 -31.93 59.07 -2.55
C PHE B 692 -31.65 58.69 -1.10
N LEU B 693 -32.55 57.96 -0.47
CA LEU B 693 -32.35 57.49 0.90
C LEU B 693 -32.09 55.99 0.90
N THR B 694 -31.09 55.56 1.66
CA THR B 694 -30.75 54.15 1.75
C THR B 694 -30.48 53.74 3.18
N SER B 706 -7.83 44.19 1.21
CA SER B 706 -6.41 43.89 1.14
C SER B 706 -6.07 42.66 1.98
N SER B 707 -5.05 41.92 1.54
CA SER B 707 -4.62 40.72 2.24
C SER B 707 -3.16 40.45 1.93
N ILE B 708 -2.55 39.61 2.75
CA ILE B 708 -1.14 39.24 2.62
C ILE B 708 -1.03 37.72 2.80
N GLY B 709 0.20 37.23 2.77
CA GLY B 709 0.47 35.81 2.93
C GLY B 709 0.44 35.00 1.66
N PHE B 710 0.13 35.60 0.52
CA PHE B 710 0.11 34.86 -0.73
C PHE B 710 1.53 34.46 -1.13
N SER B 711 1.66 33.23 -1.63
CA SER B 711 2.94 32.70 -2.09
C SER B 711 2.71 31.88 -3.35
N VAL B 712 3.79 31.70 -4.11
CA VAL B 712 3.73 31.06 -5.42
C VAL B 712 4.65 29.84 -5.42
N HIS B 713 4.13 28.71 -5.89
CA HIS B 713 4.97 27.58 -6.22
C HIS B 713 5.94 28.00 -7.32
N GLN B 714 7.24 28.01 -7.01
CA GLN B 714 8.22 28.58 -7.93
C GLN B 714 8.19 27.86 -9.27
N ASN B 715 8.32 26.52 -9.25
CA ASN B 715 8.41 25.75 -10.48
C ASN B 715 7.22 26.03 -11.40
N LEU B 716 6.03 26.19 -10.83
CA LEU B 716 4.87 26.57 -11.62
C LEU B 716 5.07 27.94 -12.26
N LYS B 717 5.67 28.88 -11.51
CA LYS B 717 5.88 30.22 -12.04
C LYS B 717 6.86 30.20 -13.22
N GLU B 718 7.99 29.49 -13.08
CA GLU B 718 8.90 29.40 -14.21
C GLU B 718 8.29 28.63 -15.38
N SER B 719 7.44 27.62 -15.10
CA SER B 719 6.79 26.91 -16.19
C SER B 719 5.86 27.84 -16.97
N LEU B 720 5.06 28.64 -16.26
CA LEU B 720 4.18 29.58 -16.93
C LEU B 720 4.97 30.63 -17.70
N ASP B 721 6.06 31.12 -17.11
CA ASP B 721 6.90 32.10 -17.80
C ASP B 721 7.51 31.50 -19.06
N ARG B 722 7.96 30.24 -18.99
CA ARG B 722 8.51 29.59 -20.17
C ARG B 722 7.46 29.39 -21.25
N CYS B 723 6.24 29.02 -20.86
CA CYS B 723 5.16 28.84 -21.84
C CYS B 723 4.83 30.17 -22.52
N LEU B 724 4.72 31.25 -21.73
CA LEU B 724 4.45 32.56 -22.31
C LEU B 724 5.59 33.00 -23.22
N LEU B 725 6.83 32.75 -22.81
CA LEU B 725 7.98 33.07 -23.64
C LEU B 725 7.94 32.31 -24.95
N GLY B 726 7.59 31.02 -24.89
CA GLY B 726 7.51 30.22 -26.11
C GLY B 726 6.43 30.73 -27.06
N LEU B 727 5.27 31.08 -26.52
CA LEU B 727 4.21 31.63 -27.36
C LEU B 727 4.63 32.95 -28.00
N SER B 728 5.26 33.83 -27.21
CA SER B 728 5.73 35.11 -27.73
C SER B 728 6.79 34.92 -28.81
N GLU B 729 7.71 33.97 -28.61
CA GLU B 729 8.73 33.70 -29.61
C GLU B 729 8.11 33.13 -30.87
N GLN B 730 7.11 32.26 -30.72
CA GLN B 730 6.42 31.73 -31.89
C GLN B 730 5.77 32.85 -32.70
N LEU B 731 5.12 33.80 -32.02
CA LEU B 731 4.53 34.92 -32.74
C LEU B 731 5.59 35.80 -33.38
N LEU B 732 6.70 36.06 -32.68
CA LEU B 732 7.70 37.00 -33.17
C LEU B 732 8.47 36.43 -34.35
N ASN B 733 8.93 35.19 -34.24
CA ASN B 733 9.72 34.59 -35.32
C ASN B 733 8.86 34.34 -36.54
N ASN B 734 7.69 33.73 -36.37
CA ASN B 734 6.77 33.45 -37.47
C ASN B 734 5.90 34.69 -37.69
N TYR B 735 6.55 35.78 -38.07
CA TYR B 735 5.89 37.06 -38.28
C TYR B 735 6.29 37.63 -39.64
N SER B 736 5.31 38.22 -40.32
CA SER B 736 5.54 38.89 -41.59
C SER B 736 4.68 40.15 -41.63
N SER B 737 4.98 41.02 -42.59
CA SER B 737 4.27 42.29 -42.69
C SER B 737 2.79 42.11 -43.00
N GLU B 738 2.40 40.99 -43.59
CA GLU B 738 1.00 40.75 -43.93
C GLU B 738 0.48 39.37 -43.56
N ILE B 739 1.36 38.42 -43.22
CA ILE B 739 0.92 37.04 -42.98
C ILE B 739 0.10 36.95 -41.70
N THR B 740 0.58 37.57 -40.63
CA THR B 740 -0.03 37.45 -39.31
C THR B 740 -0.75 38.74 -38.94
N ASN B 741 -1.95 38.60 -38.38
CA ASN B 741 -2.72 39.75 -37.94
C ASN B 741 -2.04 40.43 -36.75
N SER B 742 -2.02 41.76 -36.77
CA SER B 742 -1.34 42.51 -35.73
C SER B 742 -2.12 42.58 -34.43
N GLU B 743 -3.45 42.47 -34.50
CA GLU B 743 -4.24 42.40 -33.28
C GLU B 743 -3.86 41.17 -32.46
N THR B 744 -3.38 40.11 -33.11
CA THR B 744 -2.83 38.97 -32.37
C THR B 744 -1.62 39.38 -31.54
N LEU B 745 -0.73 40.19 -32.12
CA LEU B 745 0.43 40.68 -31.37
C LEU B 745 -0.01 41.56 -30.21
N VAL B 746 -1.00 42.43 -30.44
CA VAL B 746 -1.50 43.28 -29.37
C VAL B 746 -2.12 42.44 -28.26
N ARG B 747 -2.85 41.39 -28.62
CA ARG B 747 -3.46 40.50 -27.63
C ARG B 747 -2.40 39.77 -26.81
N CYS B 748 -1.33 39.29 -27.46
CA CYS B 748 -0.25 38.64 -26.74
C CYS B 748 0.43 39.60 -25.77
N SER B 749 0.69 40.82 -26.22
CA SER B 749 1.28 41.82 -25.33
C SER B 749 0.37 42.13 -24.16
N ARG B 750 -0.94 42.23 -24.42
CA ARG B 750 -1.90 42.46 -23.35
C ARG B 750 -1.92 41.32 -22.36
N LEU B 751 -1.83 40.08 -22.85
CA LEU B 751 -1.80 38.92 -21.96
C LEU B 751 -0.58 38.94 -21.06
N LEU B 752 0.60 39.21 -21.64
CA LEU B 752 1.81 39.29 -20.83
C LEU B 752 1.72 40.41 -19.80
N VAL B 753 1.23 41.57 -20.22
CA VAL B 753 1.09 42.71 -19.30
C VAL B 753 0.11 42.38 -18.19
N GLY B 754 -0.98 41.68 -18.50
CA GLY B 754 -1.94 41.32 -17.48
C GLY B 754 -1.39 40.32 -16.48
N VAL B 755 -0.61 39.35 -16.96
CA VAL B 755 0.04 38.41 -16.04
C VAL B 755 0.98 39.16 -15.10
N LEU B 756 1.79 40.07 -15.66
CA LEU B 756 2.69 40.85 -14.82
C LEU B 756 1.92 41.70 -13.81
N GLY B 757 0.82 42.31 -14.25
CA GLY B 757 0.03 43.13 -13.36
C GLY B 757 -0.63 42.33 -12.25
N CYS B 758 -1.08 41.12 -12.55
CA CYS B 758 -1.68 40.28 -11.51
C CYS B 758 -0.64 39.83 -10.50
N TYR B 759 0.57 39.48 -10.97
CA TYR B 759 1.67 39.23 -10.03
C TYR B 759 1.95 40.45 -9.15
N CYS B 760 1.98 41.64 -9.75
CA CYS B 760 2.24 42.84 -8.97
C CYS B 760 1.15 43.08 -7.94
N TYR B 761 -0.11 42.88 -8.33
CA TYR B 761 -1.22 43.07 -7.41
C TYR B 761 -1.18 42.08 -6.25
N MET B 762 -0.83 40.83 -6.54
CA MET B 762 -0.69 39.83 -5.47
C MET B 762 0.51 40.10 -4.56
N GLY B 763 1.40 41.02 -4.96
CA GLY B 763 2.60 41.27 -4.19
C GLY B 763 3.71 40.27 -4.38
N VAL B 764 3.53 39.31 -5.30
CA VAL B 764 4.54 38.29 -5.52
C VAL B 764 5.81 38.91 -6.07
N ILE B 765 5.69 39.82 -7.03
CA ILE B 765 6.82 40.45 -7.69
C ILE B 765 6.65 41.96 -7.59
N ALA B 766 7.77 42.67 -7.45
CA ALA B 766 7.73 44.12 -7.37
C ALA B 766 7.59 44.73 -8.75
N GLU B 767 7.12 45.99 -8.77
CA GLU B 767 6.96 46.69 -10.04
C GLU B 767 8.30 46.89 -10.74
N GLU B 768 9.34 47.22 -9.98
CA GLU B 768 10.67 47.39 -10.57
C GLU B 768 11.17 46.08 -11.17
N GLU B 769 10.94 44.96 -10.49
CA GLU B 769 11.31 43.66 -11.04
C GLU B 769 10.53 43.36 -12.32
N ALA B 770 9.23 43.68 -12.33
CA ALA B 770 8.42 43.47 -13.52
C ALA B 770 8.91 44.32 -14.69
N TYR B 771 9.46 45.51 -14.39
CA TYR B 771 10.00 46.36 -15.43
C TYR B 771 11.18 45.69 -16.15
N LYS B 772 12.03 45.01 -15.39
CA LYS B 772 13.22 44.38 -15.94
C LYS B 772 12.97 42.94 -16.42
N SER B 773 11.75 42.44 -16.28
CA SER B 773 11.46 41.07 -16.68
C SER B 773 11.57 40.90 -18.18
N GLU B 774 12.00 39.71 -18.62
CA GLU B 774 12.07 39.40 -20.03
C GLU B 774 10.70 39.41 -20.70
N LEU B 775 9.64 39.14 -19.94
CA LEU B 775 8.29 39.25 -20.49
C LEU B 775 8.01 40.67 -20.94
N PHE B 776 8.43 41.66 -20.14
CA PHE B 776 8.21 43.08 -20.51
C PHE B 776 8.99 43.36 -21.79
N GLN B 777 10.21 42.86 -21.89
CA GLN B 777 11.00 43.05 -23.12
C GLN B 777 10.32 42.35 -24.29
N LYS B 778 9.83 41.12 -24.08
CA LYS B 778 9.12 40.39 -25.15
C LYS B 778 7.84 41.14 -25.50
N ALA B 779 7.13 41.64 -24.48
CA ALA B 779 5.89 42.38 -24.72
C ALA B 779 6.18 43.66 -25.52
N LYS B 780 7.27 44.36 -25.20
CA LYS B 780 7.65 45.60 -25.91
C LYS B 780 7.94 45.29 -27.38
N SER B 781 8.64 44.19 -27.64
CA SER B 781 9.00 43.81 -29.03
C SER B 781 7.72 43.55 -29.83
N LEU B 782 6.74 42.89 -29.22
CA LEU B 782 5.45 42.64 -29.91
C LEU B 782 4.76 43.98 -30.23
N MET B 783 4.80 44.97 -29.33
CA MET B 783 4.16 46.26 -29.57
C MET B 783 4.83 47.01 -30.70
N GLN B 784 6.15 46.92 -30.81
CA GLN B 784 6.84 47.55 -31.94
C GLN B 784 6.45 46.89 -33.26
N CYS B 785 6.37 45.56 -33.27
CA CYS B 785 5.92 44.85 -34.47
C CYS B 785 4.50 45.25 -34.85
N ALA B 786 3.66 45.52 -33.85
CA ALA B 786 2.31 46.02 -34.14
C ALA B 786 2.34 47.45 -34.67
N GLY B 787 3.21 48.29 -34.11
CA GLY B 787 3.29 49.69 -34.51
C GLY B 787 3.86 49.90 -35.89
N GLU B 788 4.62 48.93 -36.40
CA GLU B 788 5.06 49.05 -37.79
C GLU B 788 3.87 49.08 -38.75
N SER B 789 2.76 48.44 -38.39
CA SER B 789 1.56 48.54 -39.21
C SER B 789 1.01 49.96 -39.21
N ILE B 790 1.00 50.61 -38.04
CA ILE B 790 0.53 51.99 -37.97
C ILE B 790 1.41 52.91 -38.81
N THR B 791 2.73 52.74 -38.72
CA THR B 791 3.60 53.62 -39.49
C THR B 791 3.46 53.35 -40.99
N LEU B 792 3.27 52.08 -41.38
CA LEU B 792 3.06 51.76 -42.79
C LEU B 792 1.78 52.39 -43.31
N PHE B 793 0.70 52.33 -42.52
CA PHE B 793 -0.51 53.03 -42.91
C PHE B 793 -0.32 54.54 -42.93
N LYS B 794 0.59 55.05 -42.10
CA LYS B 794 0.88 56.48 -42.11
C LYS B 794 1.55 56.89 -43.41
N ASN B 795 2.42 56.04 -43.96
CA ASN B 795 3.06 56.38 -45.23
C ASN B 795 2.01 56.58 -46.34
N LYS B 796 1.04 55.68 -46.45
CA LYS B 796 0.00 55.79 -47.46
C LYS B 796 -1.35 55.45 -46.84
N THR B 797 -2.31 56.37 -46.98
CA THR B 797 -3.59 56.26 -46.30
C THR B 797 -4.78 56.11 -47.23
N ASN B 798 -4.56 56.03 -48.55
CA ASN B 798 -5.67 55.89 -49.48
C ASN B 798 -6.24 54.47 -49.51
N GLU B 799 -5.52 53.49 -48.98
CA GLU B 799 -5.98 52.12 -48.98
C GLU B 799 -7.02 51.90 -47.88
N GLU B 800 -7.99 51.03 -48.16
CA GLU B 800 -9.11 50.81 -47.25
C GLU B 800 -9.11 49.42 -46.60
N PHE B 801 -8.33 48.47 -47.12
CA PHE B 801 -8.35 47.12 -46.55
C PHE B 801 -7.67 47.04 -45.19
N ARG B 802 -6.85 48.03 -44.84
CA ARG B 802 -6.21 48.07 -43.53
C ARG B 802 -7.06 48.72 -42.46
N ILE B 803 -8.19 49.34 -42.84
CA ILE B 803 -8.99 50.12 -41.91
C ILE B 803 -9.59 49.21 -40.83
N GLY B 804 -10.10 48.05 -41.22
CA GLY B 804 -10.70 47.16 -40.24
C GLY B 804 -9.71 46.66 -39.21
N SER B 805 -8.53 46.24 -39.67
CA SER B 805 -7.50 45.79 -38.75
C SER B 805 -7.05 46.92 -37.83
N LEU B 806 -6.86 48.12 -38.38
CA LEU B 806 -6.44 49.24 -37.55
C LEU B 806 -7.50 49.59 -36.52
N ARG B 807 -8.78 49.56 -36.91
CA ARG B 807 -9.84 49.87 -35.96
C ARG B 807 -9.91 48.83 -34.85
N ASN B 808 -9.74 47.54 -35.20
CA ASN B 808 -9.72 46.50 -34.19
C ASN B 808 -8.55 46.70 -33.23
N MET B 809 -7.38 47.04 -33.76
CA MET B 809 -6.23 47.31 -32.90
C MET B 809 -6.50 48.49 -31.97
N MET B 810 -7.07 49.57 -32.50
CA MET B 810 -7.32 50.75 -31.68
C MET B 810 -8.32 50.46 -30.58
N GLN B 811 -9.38 49.72 -30.90
CA GLN B 811 -10.35 49.33 -29.88
C GLN B 811 -9.72 48.45 -28.81
N LEU B 812 -8.89 47.49 -29.22
CA LEU B 812 -8.22 46.62 -28.26
C LEU B 812 -7.28 47.42 -27.36
N CYS B 813 -6.51 48.34 -27.93
CA CYS B 813 -5.59 49.16 -27.15
C CYS B 813 -6.35 50.05 -26.17
N THR B 814 -7.47 50.64 -26.61
CA THR B 814 -8.28 51.44 -25.71
C THR B 814 -8.84 50.60 -24.58
N ARG B 815 -9.25 49.36 -24.87
CA ARG B 815 -9.73 48.47 -23.83
C ARG B 815 -8.63 48.10 -22.85
N CYS B 816 -7.38 48.01 -23.33
CA CYS B 816 -6.26 47.70 -22.45
C CYS B 816 -6.07 48.79 -21.39
N LEU B 817 -6.16 50.06 -21.80
CA LEU B 817 -5.90 51.17 -20.89
C LEU B 817 -7.13 51.48 -20.05
N SER B 818 -6.92 52.29 -19.02
CA SER B 818 -8.00 52.72 -18.15
C SER B 818 -7.58 54.02 -17.46
N ASN B 819 -8.57 54.73 -16.93
CA ASN B 819 -8.35 55.97 -16.19
C ASN B 819 -8.79 55.85 -14.74
N CYS B 820 -8.96 54.62 -14.25
CA CYS B 820 -9.42 54.41 -12.88
C CYS B 820 -8.33 54.78 -11.88
N THR B 821 -8.74 54.94 -10.62
CA THR B 821 -7.83 55.32 -9.55
C THR B 821 -7.79 54.32 -8.41
N LYS B 822 -8.53 53.21 -8.50
CA LYS B 822 -8.51 52.21 -7.45
C LYS B 822 -7.23 51.37 -7.53
N LYS B 823 -7.11 50.43 -6.61
CA LYS B 823 -5.92 49.57 -6.53
C LYS B 823 -6.13 48.23 -7.22
N SER B 824 -6.98 48.20 -8.25
CA SER B 824 -7.25 46.98 -8.98
C SER B 824 -6.05 46.62 -9.87
N PRO B 825 -5.93 45.34 -10.25
CA PRO B 825 -4.89 44.97 -11.23
C PRO B 825 -5.09 45.64 -12.58
N ASN B 826 -6.30 46.14 -12.85
CA ASN B 826 -6.54 46.89 -14.08
C ASN B 826 -5.59 48.08 -14.20
N LYS B 827 -5.42 48.83 -13.10
CA LYS B 827 -4.54 49.99 -13.13
C LYS B 827 -3.09 49.60 -13.38
N ILE B 828 -2.63 48.53 -12.74
CA ILE B 828 -1.25 48.08 -12.93
C ILE B 828 -1.03 47.64 -14.38
N ALA B 829 -1.98 46.88 -14.93
CA ALA B 829 -1.87 46.47 -16.32
C ALA B 829 -1.88 47.67 -17.26
N SER B 830 -2.73 48.66 -16.98
CA SER B 830 -2.78 49.85 -17.82
C SER B 830 -1.46 50.62 -17.78
N GLY B 831 -0.88 50.74 -16.58
CA GLY B 831 0.40 51.41 -16.46
C GLY B 831 1.50 50.70 -17.21
N PHE B 832 1.55 49.36 -17.08
CA PHE B 832 2.54 48.59 -17.84
C PHE B 832 2.35 48.78 -19.33
N PHE B 833 1.10 48.70 -19.80
CA PHE B 833 0.83 48.86 -21.23
C PHE B 833 1.25 50.23 -21.72
N LEU B 834 1.02 51.26 -20.91
CA LEU B 834 1.51 52.59 -21.26
C LEU B 834 3.03 52.61 -21.37
N ARG B 835 3.72 51.91 -20.46
CA ARG B 835 5.17 51.86 -20.54
C ARG B 835 5.64 51.15 -21.81
N LEU B 836 4.84 50.22 -22.34
CA LEU B 836 5.19 49.53 -23.62
C LEU B 836 5.20 50.54 -24.75
N LEU B 837 4.25 51.49 -24.77
CA LEU B 837 4.14 52.41 -25.89
C LEU B 837 5.39 53.28 -26.01
N THR B 838 5.82 53.51 -27.24
CA THR B 838 7.00 54.30 -27.54
C THR B 838 6.62 55.60 -28.24
N SER B 839 7.56 56.53 -28.25
CA SER B 839 7.28 57.86 -28.78
C SER B 839 6.98 57.82 -30.28
N LYS B 840 7.67 56.95 -31.02
CA LYS B 840 7.48 56.89 -32.47
C LYS B 840 6.05 56.47 -32.81
N LEU B 841 5.51 55.47 -32.11
CA LEU B 841 4.15 55.01 -32.40
C LEU B 841 3.13 56.10 -32.08
N MET B 842 3.30 56.80 -30.95
CA MET B 842 2.37 57.86 -30.60
C MET B 842 2.44 59.01 -31.60
N ASN B 843 3.64 59.37 -32.04
CA ASN B 843 3.77 60.44 -33.03
C ASN B 843 3.15 60.03 -34.35
N ASP B 844 3.32 58.77 -34.76
CA ASP B 844 2.69 58.30 -35.99
C ASP B 844 1.17 58.32 -35.88
N ILE B 845 0.64 57.92 -34.72
CA ILE B 845 -0.81 57.95 -34.52
C ILE B 845 -1.32 59.38 -34.59
N ALA B 846 -0.60 60.32 -33.96
CA ALA B 846 -1.00 61.72 -34.02
C ALA B 846 -0.96 62.26 -35.44
N ASP B 847 0.06 61.86 -36.21
CA ASP B 847 0.14 62.31 -37.60
C ASP B 847 -1.00 61.75 -38.43
N ILE B 848 -1.34 60.48 -38.22
CA ILE B 848 -2.49 59.90 -38.93
C ILE B 848 -3.77 60.61 -38.54
N CYS B 849 -3.92 60.95 -37.26
CA CYS B 849 -5.10 61.68 -36.82
C CYS B 849 -5.19 63.04 -37.50
N LYS B 850 -4.06 63.75 -37.59
CA LYS B 850 -4.05 65.05 -38.25
C LYS B 850 -4.39 64.91 -39.73
N SER B 851 -3.85 63.88 -40.39
CA SER B 851 -4.13 63.68 -41.81
C SER B 851 -5.60 63.35 -42.05
N LEU B 852 -6.18 62.50 -41.19
CA LEU B 852 -7.58 62.12 -41.36
C LEU B 852 -8.53 63.25 -41.00
N ALA B 853 -8.15 64.11 -40.05
CA ALA B 853 -9.01 65.22 -39.68
C ALA B 853 -9.18 66.20 -40.83
N SER B 854 -8.10 66.52 -41.53
CA SER B 854 -8.15 67.44 -42.67
C SER B 854 -8.29 66.67 -43.98
N PHE B 855 -9.36 65.88 -44.07
CA PHE B 855 -9.65 65.06 -45.23
C PHE B 855 -10.94 65.53 -45.88
N ILE B 856 -10.91 65.68 -47.20
CA ILE B 856 -12.06 66.13 -47.98
C ILE B 856 -12.54 64.98 -48.85
N LYS B 857 -13.85 64.81 -48.90
CA LYS B 857 -14.46 63.75 -49.71
C LYS B 857 -15.85 64.18 -50.12
N LYS B 858 -16.17 64.04 -51.40
CA LYS B 858 -17.48 64.42 -51.92
C LYS B 858 -17.83 63.63 -53.17
N ILE B 909 -37.53 60.07 -38.44
CA ILE B 909 -37.50 59.38 -39.72
C ILE B 909 -37.45 60.39 -40.85
N GLY B 910 -37.76 61.65 -40.55
CA GLY B 910 -37.73 62.69 -41.55
C GLY B 910 -36.31 63.17 -41.82
N ALA B 911 -35.66 63.72 -40.80
CA ALA B 911 -34.30 64.23 -40.93
C ALA B 911 -33.37 63.41 -40.05
N ILE B 912 -32.10 63.37 -40.45
CA ILE B 912 -31.11 62.51 -39.82
C ILE B 912 -30.21 63.37 -38.94
N ASN B 913 -29.95 62.88 -37.74
CA ASN B 913 -29.18 63.64 -36.77
C ASN B 913 -27.77 63.93 -37.32
N PRO B 914 -27.24 65.13 -37.12
CA PRO B 914 -25.86 65.40 -37.55
C PRO B 914 -24.83 64.53 -36.85
N LEU B 915 -25.16 64.01 -35.67
CA LEU B 915 -24.27 63.12 -34.93
C LEU B 915 -24.51 61.65 -35.23
N ALA B 916 -25.37 61.35 -36.20
CA ALA B 916 -25.63 59.97 -36.55
C ALA B 916 -24.38 59.32 -37.12
N GLU B 917 -24.19 58.03 -36.80
CA GLU B 917 -22.99 57.31 -37.18
C GLU B 917 -22.90 57.07 -38.69
N GLU B 918 -24.03 57.11 -39.41
CA GLU B 918 -24.01 56.78 -40.83
C GLU B 918 -23.29 57.86 -41.64
N TYR B 919 -23.24 59.08 -41.13
CA TYR B 919 -22.50 60.14 -41.80
C TYR B 919 -20.99 59.92 -41.73
N LEU B 920 -20.52 58.99 -40.91
CA LEU B 920 -19.10 58.76 -40.73
C LEU B 920 -18.62 57.66 -41.66
N SER B 921 -17.53 57.93 -42.40
CA SER B 921 -16.91 56.92 -43.23
C SER B 921 -16.05 56.01 -42.38
N LYS B 922 -15.43 55.01 -43.02
CA LYS B 922 -14.52 54.14 -42.30
C LYS B 922 -13.30 54.91 -41.79
N GLN B 923 -12.82 55.86 -42.59
CA GLN B 923 -11.73 56.72 -42.14
C GLN B 923 -12.13 57.53 -40.92
N ASP B 924 -13.38 58.04 -40.91
CA ASP B 924 -13.85 58.81 -39.77
C ASP B 924 -13.92 57.94 -38.51
N LEU B 925 -14.41 56.72 -38.64
CA LEU B 925 -14.48 55.83 -37.48
C LEU B 925 -13.09 55.49 -36.97
N LEU B 926 -12.15 55.22 -37.89
CA LEU B 926 -10.78 54.96 -37.47
C LEU B 926 -10.17 56.16 -36.76
N PHE B 927 -10.43 57.37 -37.29
CA PHE B 927 -9.92 58.58 -36.65
C PHE B 927 -10.52 58.76 -35.27
N LEU B 928 -11.81 58.48 -35.11
CA LEU B 928 -12.43 58.60 -33.80
C LEU B 928 -11.82 57.62 -32.80
N ASP B 929 -11.60 56.37 -33.24
CA ASP B 929 -10.98 55.39 -32.36
C ASP B 929 -9.56 55.80 -31.97
N MET B 930 -8.79 56.29 -32.94
CA MET B 930 -7.43 56.74 -32.64
C MET B 930 -7.43 57.93 -31.70
N LEU B 931 -8.37 58.86 -31.90
CA LEU B 931 -8.48 60.02 -31.01
C LEU B 931 -8.81 59.60 -29.59
N LYS B 932 -9.74 58.65 -29.45
CA LYS B 932 -10.06 58.14 -28.11
C LYS B 932 -8.84 57.49 -27.46
N PHE B 933 -8.09 56.69 -28.23
CA PHE B 933 -6.90 56.07 -27.69
C PHE B 933 -5.89 57.12 -27.24
N LEU B 934 -5.69 58.17 -28.05
CA LEU B 934 -4.76 59.23 -27.69
C LEU B 934 -5.21 59.96 -26.44
N CYS B 935 -6.51 60.23 -26.32
CA CYS B 935 -7.03 60.94 -25.15
C CYS B 935 -6.82 60.11 -23.89
N LEU B 936 -7.11 58.81 -23.95
CA LEU B 936 -6.85 57.96 -22.79
C LEU B 936 -5.35 57.90 -22.46
N CYS B 937 -4.50 57.86 -23.49
CA CYS B 937 -3.06 57.85 -23.24
C CYS B 937 -2.61 59.10 -22.51
N VAL B 938 -3.00 60.27 -23.02
CA VAL B 938 -2.54 61.52 -22.41
C VAL B 938 -3.16 61.72 -21.04
N THR B 939 -4.37 61.20 -20.81
CA THR B 939 -4.97 61.32 -19.49
C THR B 939 -4.28 60.43 -18.47
N THR B 940 -4.02 59.17 -18.84
CA THR B 940 -3.44 58.22 -17.90
C THR B 940 -1.94 58.41 -17.70
N ALA B 941 -1.24 59.01 -18.66
CA ALA B 941 0.20 59.15 -18.56
C ALA B 941 0.63 60.16 -17.49
N GLN B 942 -0.29 60.92 -16.92
CA GLN B 942 0.06 61.93 -15.93
C GLN B 942 0.50 61.33 -14.60
N THR B 943 0.34 60.03 -14.40
CA THR B 943 0.68 59.38 -13.14
C THR B 943 1.66 58.22 -13.34
N ASN B 944 2.43 58.26 -14.43
CA ASN B 944 3.36 57.19 -14.73
C ASN B 944 4.63 57.77 -15.36
N THR B 945 5.72 57.02 -15.24
CA THR B 945 6.95 57.33 -15.95
C THR B 945 6.88 56.68 -17.32
N VAL B 946 6.69 57.48 -18.36
CA VAL B 946 6.33 57.00 -19.69
C VAL B 946 7.40 57.42 -20.68
N SER B 947 7.66 56.55 -21.66
CA SER B 947 8.71 56.80 -22.63
C SER B 947 8.44 58.06 -23.45
N PHE B 948 7.20 58.24 -23.90
CA PHE B 948 6.89 59.42 -24.70
C PHE B 948 6.51 60.59 -23.79
N ARG B 949 6.39 61.76 -24.41
CA ARG B 949 6.07 63.00 -23.70
C ARG B 949 4.58 63.29 -23.88
N ALA B 950 3.84 63.27 -22.77
CA ALA B 950 2.40 63.50 -22.84
C ALA B 950 2.07 64.93 -23.23
N ALA B 951 2.94 65.88 -22.87
CA ALA B 951 2.67 67.29 -23.19
C ALA B 951 2.64 67.53 -24.69
N ASP B 952 3.58 66.95 -25.43
CA ASP B 952 3.61 67.13 -26.87
C ASP B 952 2.37 66.51 -27.54
N ILE B 953 1.97 65.33 -27.08
CA ILE B 953 0.79 64.69 -27.65
C ILE B 953 -0.46 65.48 -27.33
N ARG B 954 -0.55 66.02 -26.11
CA ARG B 954 -1.70 66.86 -25.76
C ARG B 954 -1.73 68.13 -26.61
N ARG B 955 -0.56 68.73 -26.86
CA ARG B 955 -0.52 69.91 -27.72
C ARG B 955 -0.95 69.57 -29.14
N LYS B 956 -0.51 68.42 -29.65
CA LYS B 956 -0.95 67.99 -30.97
C LYS B 956 -2.46 67.75 -31.00
N LEU B 957 -3.02 67.18 -29.94
CA LEU B 957 -4.46 66.97 -29.86
C LEU B 957 -5.20 68.30 -29.85
N LEU B 958 -4.72 69.27 -29.09
CA LEU B 958 -5.37 70.57 -29.01
C LEU B 958 -5.19 71.38 -30.29
N MET B 959 -4.16 71.08 -31.09
CA MET B 959 -3.98 71.76 -32.36
C MET B 959 -5.09 71.40 -33.35
N LEU B 960 -5.73 70.25 -33.20
CA LEU B 960 -6.84 69.89 -34.07
C LEU B 960 -7.99 70.86 -33.93
N ILE B 961 -8.30 71.27 -32.70
CA ILE B 961 -9.36 72.26 -32.46
C ILE B 961 -8.69 73.62 -32.50
N ASP B 962 -8.52 74.15 -33.71
CA ASP B 962 -7.95 75.47 -33.92
C ASP B 962 -8.83 76.21 -34.91
N SER B 963 -9.16 77.47 -34.58
CA SER B 963 -10.10 78.24 -35.41
C SER B 963 -9.62 78.40 -36.84
N SER B 964 -8.32 78.26 -37.09
CA SER B 964 -7.80 78.36 -38.45
C SER B 964 -8.28 77.19 -39.31
N THR B 965 -8.37 76.00 -38.72
CA THR B 965 -8.68 74.80 -39.49
C THR B 965 -9.81 73.97 -38.88
N LEU B 966 -10.64 74.57 -38.05
CA LEU B 966 -11.79 73.88 -37.46
C LEU B 966 -13.06 74.30 -38.19
N GLU B 967 -13.81 73.30 -38.66
CA GLU B 967 -15.08 73.52 -39.37
C GLU B 967 -16.17 72.80 -38.61
N PRO B 968 -16.84 73.47 -37.66
CA PRO B 968 -17.85 72.77 -36.85
C PRO B 968 -19.03 72.25 -37.64
N THR B 969 -19.24 72.73 -38.86
CA THR B 969 -20.36 72.26 -39.67
C THR B 969 -20.22 70.78 -40.00
N LYS B 970 -19.01 70.33 -40.31
CA LYS B 970 -18.78 68.94 -40.65
C LYS B 970 -19.04 68.03 -39.46
N SER B 971 -19.69 66.90 -39.71
CA SER B 971 -20.04 65.98 -38.64
C SER B 971 -18.80 65.40 -37.96
N LEU B 972 -17.76 65.11 -38.75
CA LEU B 972 -16.54 64.56 -38.17
C LEU B 972 -15.90 65.54 -37.19
N HIS B 973 -15.86 66.83 -37.55
CA HIS B 973 -15.27 67.82 -36.66
C HIS B 973 -16.10 68.00 -35.39
N LEU B 974 -17.43 67.96 -35.51
CA LEU B 974 -18.28 68.04 -34.33
C LEU B 974 -18.04 66.84 -33.41
N HIS B 975 -17.93 65.63 -33.98
CA HIS B 975 -17.61 64.46 -33.18
C HIS B 975 -16.27 64.60 -32.50
N MET B 976 -15.27 65.11 -33.23
CA MET B 976 -13.94 65.29 -32.67
C MET B 976 -13.96 66.25 -31.49
N TYR B 977 -14.63 67.40 -31.65
CA TYR B 977 -14.66 68.38 -30.57
C TYR B 977 -15.43 67.85 -29.37
N LEU B 978 -16.56 67.16 -29.61
CA LEU B 978 -17.32 66.60 -28.49
C LEU B 978 -16.50 65.55 -27.74
N MET B 979 -15.78 64.70 -28.46
CA MET B 979 -14.91 63.72 -27.81
C MET B 979 -13.81 64.40 -27.02
N LEU B 980 -13.24 65.47 -27.57
CA LEU B 980 -12.17 66.20 -26.86
C LEU B 980 -12.71 66.80 -25.56
N LEU B 981 -13.90 67.39 -25.60
CA LEU B 981 -14.50 67.90 -24.37
C LEU B 981 -14.79 66.76 -23.39
N LYS B 982 -15.27 65.63 -23.90
CA LYS B 982 -15.66 64.52 -23.03
C LYS B 982 -14.47 63.93 -22.30
N GLU B 983 -13.36 63.72 -23.01
CA GLU B 983 -12.26 62.90 -22.50
C GLU B 983 -11.11 63.71 -21.92
N LEU B 984 -10.71 64.80 -22.57
CA LEU B 984 -9.46 65.46 -22.20
C LEU B 984 -9.44 66.01 -20.78
N PRO B 985 -10.41 66.80 -20.32
CA PRO B 985 -10.31 67.36 -18.97
C PRO B 985 -10.45 66.29 -17.90
N GLY B 986 -9.79 66.52 -16.77
CA GLY B 986 -9.84 65.59 -15.66
C GLY B 986 -9.64 66.32 -14.34
N GLU B 987 -10.05 65.65 -13.27
CA GLU B 987 -9.95 66.22 -11.93
C GLU B 987 -8.80 65.64 -11.12
N GLU B 988 -8.40 64.39 -11.39
CA GLU B 988 -7.28 63.80 -10.67
C GLU B 988 -5.99 64.56 -10.95
N TYR B 989 -5.75 64.89 -12.22
CA TYR B 989 -4.63 65.74 -12.61
C TYR B 989 -5.16 66.78 -13.58
N PRO B 990 -5.47 67.98 -13.11
CA PRO B 990 -6.14 68.96 -13.96
C PRO B 990 -5.25 69.46 -15.08
N LEU B 991 -5.88 69.80 -16.20
CA LEU B 991 -5.17 70.42 -17.30
C LEU B 991 -4.75 71.84 -16.91
N PRO B 992 -3.62 72.32 -17.42
CA PRO B 992 -3.26 73.72 -17.19
C PRO B 992 -4.30 74.65 -17.80
N MET B 993 -4.45 75.83 -17.18
CA MET B 993 -5.53 76.73 -17.56
C MET B 993 -5.44 77.18 -19.01
N GLU B 994 -4.24 77.24 -19.58
CA GLU B 994 -4.12 77.56 -21.00
C GLU B 994 -4.77 76.48 -21.87
N ASP B 995 -4.56 75.22 -21.52
CA ASP B 995 -5.14 74.13 -22.30
C ASP B 995 -6.66 74.14 -22.22
N VAL B 996 -7.22 74.37 -21.03
CA VAL B 996 -8.68 74.41 -20.92
C VAL B 996 -9.23 75.65 -21.60
N LEU B 997 -8.48 76.74 -21.60
CA LEU B 997 -8.90 77.93 -22.35
C LEU B 997 -8.96 77.63 -23.84
N GLU B 998 -7.96 76.92 -24.37
CA GLU B 998 -7.99 76.51 -25.76
C GLU B 998 -9.14 75.55 -26.02
N LEU B 999 -9.46 74.70 -25.05
CA LEU B 999 -10.58 73.78 -25.18
C LEU B 999 -11.91 74.53 -25.29
N LEU B 1000 -12.10 75.55 -24.46
CA LEU B 1000 -13.34 76.31 -24.42
C LEU B 1000 -13.40 77.45 -25.42
N LYS B 1001 -12.31 77.71 -26.15
CA LYS B 1001 -12.34 78.78 -27.15
C LYS B 1001 -13.40 78.58 -28.23
N PRO B 1002 -13.54 77.41 -28.86
CA PRO B 1002 -14.58 77.25 -29.89
C PRO B 1002 -15.96 76.83 -29.39
N LEU B 1003 -16.17 76.78 -28.06
CA LEU B 1003 -17.43 76.31 -27.54
C LEU B 1003 -18.58 77.24 -27.93
N SER B 1004 -18.36 78.55 -27.84
CA SER B 1004 -19.41 79.50 -28.20
C SER B 1004 -19.79 79.39 -29.66
N ASN B 1005 -18.80 79.18 -30.54
CA ASN B 1005 -19.07 79.09 -31.97
C ASN B 1005 -19.91 77.86 -32.29
N VAL B 1006 -19.56 76.71 -31.72
CA VAL B 1006 -20.33 75.50 -32.00
C VAL B 1006 -21.71 75.58 -31.36
N CYS B 1007 -21.83 76.23 -30.20
CA CYS B 1007 -23.15 76.42 -29.60
C CYS B 1007 -24.03 77.31 -30.46
N SER B 1008 -23.46 78.37 -31.03
CA SER B 1008 -24.25 79.29 -31.86
C SER B 1008 -24.61 78.65 -33.20
N LEU B 1009 -23.66 77.93 -33.81
CA LEU B 1009 -23.91 77.36 -35.13
C LEU B 1009 -24.98 76.28 -35.08
N TYR B 1010 -24.96 75.45 -34.04
CA TYR B 1010 -25.95 74.39 -33.86
C TYR B 1010 -27.08 74.82 -32.95
N ARG B 1011 -27.38 76.12 -32.92
CA ARG B 1011 -28.54 76.62 -32.19
C ARG B 1011 -29.82 76.16 -32.90
N ARG B 1012 -30.90 76.09 -32.12
CA ARG B 1012 -32.23 75.64 -32.54
C ARG B 1012 -32.28 74.14 -32.81
N ASP B 1013 -31.18 73.43 -32.68
CA ASP B 1013 -31.13 71.98 -32.81
C ASP B 1013 -31.18 71.38 -31.42
N GLN B 1014 -32.32 70.77 -31.06
CA GLN B 1014 -32.51 70.29 -29.70
C GLN B 1014 -31.56 69.13 -29.38
N ASP B 1015 -31.43 68.17 -30.29
CA ASP B 1015 -30.57 67.03 -30.03
C ASP B 1015 -29.12 67.45 -29.90
N VAL B 1016 -28.64 68.31 -30.80
CA VAL B 1016 -27.24 68.72 -30.77
C VAL B 1016 -26.96 69.57 -29.53
N CYS B 1017 -27.90 70.44 -29.15
CA CYS B 1017 -27.72 71.23 -27.94
C CYS B 1017 -27.68 70.34 -26.70
N LYS B 1018 -28.56 69.34 -26.64
CA LYS B 1018 -28.54 68.40 -25.52
C LYS B 1018 -27.22 67.66 -25.44
N THR B 1019 -26.73 67.18 -26.59
CA THR B 1019 -25.45 66.48 -26.61
C THR B 1019 -24.30 67.39 -26.21
N ILE B 1020 -24.35 68.65 -26.67
CA ILE B 1020 -23.30 69.60 -26.32
C ILE B 1020 -23.27 69.85 -24.82
N LEU B 1021 -24.45 70.04 -24.21
CA LEU B 1021 -24.50 70.22 -22.76
C LEU B 1021 -23.97 68.99 -22.03
N ASN B 1022 -24.37 67.80 -22.48
CA ASN B 1022 -23.91 66.57 -21.85
C ASN B 1022 -22.39 66.45 -21.93
N HIS B 1023 -21.80 66.85 -23.06
CA HIS B 1023 -20.36 66.71 -23.23
C HIS B 1023 -19.57 67.86 -22.63
N VAL B 1024 -20.21 69.00 -22.33
CA VAL B 1024 -19.49 70.13 -21.76
C VAL B 1024 -19.60 70.14 -20.22
N LEU B 1025 -20.56 69.42 -19.65
CA LEU B 1025 -20.62 69.37 -18.19
C LEU B 1025 -19.38 68.70 -17.59
N HIS B 1026 -18.58 68.00 -18.40
CA HIS B 1026 -17.37 67.35 -17.92
C HIS B 1026 -16.20 68.31 -17.72
N VAL B 1027 -16.31 69.56 -18.18
CA VAL B 1027 -15.24 70.54 -18.01
C VAL B 1027 -15.32 71.25 -16.67
N VAL B 1028 -16.47 71.21 -16.00
CA VAL B 1028 -16.66 71.94 -14.75
C VAL B 1028 -15.68 71.44 -13.68
N LYS B 1029 -15.41 70.13 -13.67
CA LYS B 1029 -14.51 69.57 -12.66
C LYS B 1029 -13.10 70.15 -12.81
N ASN B 1030 -12.65 70.36 -14.05
CA ASN B 1030 -11.36 70.99 -14.26
C ASN B 1030 -11.36 72.44 -13.80
N LEU B 1031 -12.46 73.15 -14.02
CA LEU B 1031 -12.57 74.53 -13.57
C LEU B 1031 -12.70 74.60 -12.06
N GLY B 1032 -12.29 75.75 -11.51
CA GLY B 1032 -12.40 75.97 -10.08
C GLY B 1032 -11.57 75.05 -9.24
N GLN B 1033 -10.33 74.79 -9.64
CA GLN B 1033 -9.40 73.96 -8.89
C GLN B 1033 -8.30 74.88 -8.35
N SER B 1034 -8.54 75.45 -7.18
CA SER B 1034 -7.65 76.42 -6.55
C SER B 1034 -7.44 77.57 -7.54
N ASN B 1035 -6.23 78.14 -7.57
CA ASN B 1035 -5.90 79.18 -8.55
C ASN B 1035 -4.42 79.04 -8.90
N MET B 1036 -4.14 78.26 -9.95
CA MET B 1036 -2.79 78.19 -10.47
C MET B 1036 -2.44 79.44 -11.26
N ASP B 1037 -3.36 79.91 -12.10
CA ASP B 1037 -3.20 81.16 -12.83
C ASP B 1037 -4.50 81.94 -12.68
N SER B 1038 -4.43 83.10 -12.02
CA SER B 1038 -5.64 83.85 -11.69
C SER B 1038 -6.38 84.30 -12.94
N GLU B 1039 -5.70 85.06 -13.80
CA GLU B 1039 -6.38 85.65 -14.95
C GLU B 1039 -6.89 84.58 -15.91
N ASN B 1040 -6.10 83.53 -16.13
CA ASN B 1040 -6.55 82.45 -17.02
C ASN B 1040 -7.75 81.71 -16.45
N THR B 1041 -7.74 81.45 -15.13
CA THR B 1041 -8.88 80.79 -14.49
C THR B 1041 -10.14 81.63 -14.61
N ARG B 1042 -10.00 82.94 -14.37
CA ARG B 1042 -11.18 83.83 -14.44
C ARG B 1042 -11.66 84.00 -15.89
N ASP B 1043 -10.76 83.90 -16.88
CA ASP B 1043 -11.19 83.96 -18.28
C ASP B 1043 -11.93 82.68 -18.68
N ALA B 1044 -11.40 81.52 -18.28
CA ALA B 1044 -12.06 80.26 -18.61
C ALA B 1044 -13.43 80.17 -17.95
N GLN B 1045 -13.52 80.56 -16.67
CA GLN B 1045 -14.80 80.56 -15.99
C GLN B 1045 -15.77 81.52 -16.64
N GLY B 1046 -15.28 82.68 -17.09
CA GLY B 1046 -16.15 83.62 -17.78
C GLY B 1046 -16.69 83.06 -19.08
N GLN B 1047 -15.85 82.40 -19.86
CA GLN B 1047 -16.31 81.79 -21.11
C GLN B 1047 -17.38 80.74 -20.84
N PHE B 1048 -17.09 79.81 -19.92
CA PHE B 1048 -18.05 78.75 -19.63
C PHE B 1048 -19.37 79.32 -19.10
N LEU B 1049 -19.28 80.29 -18.19
CA LEU B 1049 -20.48 80.86 -17.61
C LEU B 1049 -21.26 81.70 -18.61
N THR B 1050 -20.59 82.32 -19.58
CA THR B 1050 -21.32 83.01 -20.64
C THR B 1050 -22.10 82.03 -21.49
N VAL B 1051 -21.50 80.88 -21.82
CA VAL B 1051 -22.23 79.88 -22.60
C VAL B 1051 -23.43 79.35 -21.80
N ILE B 1052 -23.21 79.04 -20.52
CA ILE B 1052 -24.28 78.51 -19.69
C ILE B 1052 -25.38 79.56 -19.50
N GLY B 1053 -25.01 80.83 -19.33
CA GLY B 1053 -26.00 81.88 -19.21
C GLY B 1053 -26.78 82.10 -20.48
N ALA B 1054 -26.13 81.93 -21.64
CA ALA B 1054 -26.86 82.01 -22.89
C ALA B 1054 -27.91 80.92 -22.99
N PHE B 1055 -27.53 79.68 -22.65
CA PHE B 1055 -28.52 78.61 -22.62
C PHE B 1055 -29.64 78.87 -21.61
N TRP B 1056 -29.30 79.39 -20.43
CA TRP B 1056 -30.32 79.64 -19.42
C TRP B 1056 -31.27 80.75 -19.85
N HIS B 1057 -30.74 81.80 -20.49
CA HIS B 1057 -31.58 82.86 -21.00
C HIS B 1057 -32.50 82.34 -22.10
N LEU B 1058 -31.98 81.50 -22.99
CA LEU B 1058 -32.82 80.95 -24.05
C LEU B 1058 -33.91 80.05 -23.49
N THR B 1059 -33.57 79.22 -22.51
CA THR B 1059 -34.57 78.33 -21.93
C THR B 1059 -35.53 79.04 -20.98
N LYS B 1060 -35.21 80.26 -20.55
CA LYS B 1060 -36.18 81.06 -19.84
C LYS B 1060 -37.38 81.37 -20.74
N GLU B 1061 -37.12 81.57 -22.03
CA GLU B 1061 -38.16 81.66 -23.03
C GLU B 1061 -38.63 80.26 -23.41
N ARG B 1062 -39.47 80.18 -24.44
CA ARG B 1062 -39.93 78.90 -24.96
C ARG B 1062 -39.08 78.51 -26.18
N LYS B 1063 -37.79 78.30 -25.91
CA LYS B 1063 -36.83 78.03 -26.96
C LYS B 1063 -36.24 76.63 -26.93
N TYR B 1064 -36.22 75.98 -25.77
CA TYR B 1064 -35.60 74.66 -25.63
C TYR B 1064 -36.57 73.69 -24.99
N ILE B 1065 -36.58 72.46 -25.50
CA ILE B 1065 -37.50 71.41 -25.07
C ILE B 1065 -37.00 70.78 -23.78
N PHE B 1066 -37.84 69.94 -23.17
CA PHE B 1066 -37.57 69.41 -21.83
C PHE B 1066 -36.24 68.67 -21.74
N SER B 1067 -35.81 68.01 -22.84
CA SER B 1067 -34.55 67.29 -22.79
C SER B 1067 -33.36 68.23 -22.65
N VAL B 1068 -33.38 69.34 -23.39
CA VAL B 1068 -32.33 70.34 -23.25
C VAL B 1068 -32.39 70.98 -21.85
N ARG B 1069 -33.61 71.19 -21.34
CA ARG B 1069 -33.75 71.78 -20.02
C ARG B 1069 -33.17 70.87 -18.94
N MET B 1070 -33.39 69.56 -19.06
CA MET B 1070 -32.84 68.65 -18.05
C MET B 1070 -31.34 68.43 -18.22
N ALA B 1071 -30.82 68.53 -19.46
CA ALA B 1071 -29.38 68.56 -19.62
C ALA B 1071 -28.77 69.79 -18.95
N LEU B 1072 -29.44 70.93 -19.08
CA LEU B 1072 -28.98 72.14 -18.40
C LEU B 1072 -29.09 71.99 -16.88
N VAL B 1073 -30.12 71.29 -16.42
CA VAL B 1073 -30.25 71.02 -14.99
C VAL B 1073 -29.08 70.17 -14.49
N ASN B 1074 -28.68 69.17 -15.28
CA ASN B 1074 -27.52 68.37 -14.93
C ASN B 1074 -26.25 69.21 -14.89
N CYS B 1075 -26.10 70.12 -15.87
CA CYS B 1075 -24.94 71.01 -15.87
C CYS B 1075 -24.92 71.90 -14.63
N LEU B 1076 -26.08 72.43 -14.24
CA LEU B 1076 -26.17 73.22 -13.02
C LEU B 1076 -25.88 72.39 -11.78
N LYS B 1077 -26.29 71.13 -11.77
CA LYS B 1077 -25.92 70.23 -10.67
C LYS B 1077 -24.42 70.09 -10.57
N THR B 1078 -23.75 69.91 -11.70
CA THR B 1078 -22.29 69.82 -11.68
C THR B 1078 -21.66 71.12 -11.19
N LEU B 1079 -22.22 72.25 -11.60
CA LEU B 1079 -21.71 73.54 -11.12
C LEU B 1079 -21.89 73.67 -9.62
N LEU B 1080 -23.03 73.26 -9.10
CA LEU B 1080 -23.26 73.30 -7.65
C LEU B 1080 -22.29 72.40 -6.91
N GLU B 1081 -22.03 71.21 -7.46
CA GLU B 1081 -21.05 70.32 -6.84
C GLU B 1081 -19.64 70.92 -6.88
N ALA B 1082 -19.33 71.70 -7.93
CA ALA B 1082 -18.02 72.30 -8.03
C ALA B 1082 -17.77 73.29 -6.89
N ASP B 1083 -18.76 74.12 -6.57
CA ASP B 1083 -18.65 75.03 -5.44
C ASP B 1083 -20.01 75.22 -4.78
N PRO B 1084 -20.22 74.66 -3.59
CA PRO B 1084 -21.47 74.93 -2.87
C PRO B 1084 -21.70 76.41 -2.60
N TYR B 1085 -20.62 77.17 -2.42
CA TYR B 1085 -20.70 78.60 -2.26
C TYR B 1085 -20.61 79.26 -3.63
N SER B 1086 -21.48 80.23 -3.88
CA SER B 1086 -21.50 80.92 -5.18
C SER B 1086 -20.38 81.97 -5.25
N LYS B 1087 -19.15 81.49 -5.07
CA LYS B 1087 -18.00 82.37 -5.13
C LYS B 1087 -17.67 82.78 -6.55
N TRP B 1088 -17.75 81.85 -7.49
CA TRP B 1088 -17.44 82.13 -8.89
C TRP B 1088 -18.50 81.69 -9.87
N ALA B 1089 -19.35 80.73 -9.53
CA ALA B 1089 -20.38 80.22 -10.45
C ALA B 1089 -21.60 81.13 -10.36
N ILE B 1090 -21.54 82.23 -11.11
CA ILE B 1090 -22.63 83.20 -11.20
C ILE B 1090 -22.95 83.44 -12.66
N LEU B 1091 -24.22 83.32 -13.02
CA LEU B 1091 -24.67 83.51 -14.39
C LEU B 1091 -24.99 84.97 -14.64
N ASN B 1092 -24.36 85.56 -15.65
CA ASN B 1092 -24.55 86.95 -16.00
C ASN B 1092 -25.37 87.04 -17.28
N VAL B 1093 -26.49 87.77 -17.23
CA VAL B 1093 -27.34 87.95 -18.39
C VAL B 1093 -28.19 89.19 -18.17
N MET B 1094 -28.46 89.92 -19.26
CA MET B 1094 -29.19 91.19 -19.22
C MET B 1094 -28.51 92.19 -18.28
N GLY B 1095 -27.19 92.11 -18.18
CA GLY B 1095 -26.46 92.98 -17.28
C GLY B 1095 -26.67 92.70 -15.82
N LYS B 1096 -27.33 91.60 -15.46
CA LYS B 1096 -27.60 91.25 -14.08
C LYS B 1096 -26.99 89.89 -13.76
N ASP B 1097 -26.58 89.71 -12.51
CA ASP B 1097 -25.93 88.50 -12.05
C ASP B 1097 -26.86 87.71 -11.16
N PHE B 1098 -26.95 86.40 -11.40
CA PHE B 1098 -27.76 85.49 -10.61
C PHE B 1098 -26.86 84.38 -10.09
N PRO B 1099 -26.82 84.13 -8.79
CA PRO B 1099 -26.13 82.94 -8.29
C PRO B 1099 -26.84 81.68 -8.77
N VAL B 1100 -26.05 80.63 -9.00
CA VAL B 1100 -26.62 79.36 -9.45
C VAL B 1100 -27.52 78.74 -8.39
N ASN B 1101 -27.34 79.12 -7.11
CA ASN B 1101 -28.17 78.59 -6.05
C ASN B 1101 -29.64 78.92 -6.28
N GLU B 1102 -29.96 80.18 -6.56
CA GLU B 1102 -31.34 80.56 -6.80
C GLU B 1102 -31.82 80.10 -8.16
N VAL B 1103 -30.92 79.97 -9.13
CA VAL B 1103 -31.32 79.53 -10.47
C VAL B 1103 -31.74 78.05 -10.43
N PHE B 1104 -31.07 77.24 -9.61
CA PHE B 1104 -31.37 75.81 -9.59
C PHE B 1104 -32.79 75.54 -9.12
N THR B 1105 -33.25 76.25 -8.09
CA THR B 1105 -34.59 76.03 -7.57
C THR B 1105 -35.67 76.52 -8.53
N GLN B 1106 -35.31 77.32 -9.52
CA GLN B 1106 -36.30 77.81 -10.49
C GLN B 1106 -36.91 76.66 -11.29
N PHE B 1107 -36.19 75.54 -11.41
CA PHE B 1107 -36.67 74.42 -12.21
C PHE B 1107 -37.64 73.53 -11.46
N LEU B 1108 -37.86 73.76 -10.16
CA LEU B 1108 -38.85 72.96 -9.43
C LEU B 1108 -40.28 73.29 -9.81
N ALA B 1109 -40.50 74.37 -10.57
CA ALA B 1109 -41.82 74.75 -11.06
C ALA B 1109 -41.92 74.61 -12.58
N ASP B 1110 -41.12 73.72 -13.16
CA ASP B 1110 -41.12 73.53 -14.60
C ASP B 1110 -42.40 72.82 -15.05
N ASN B 1111 -42.74 73.02 -16.32
CA ASN B 1111 -43.94 72.40 -16.87
C ASN B 1111 -43.81 70.88 -16.98
N HIS B 1112 -42.62 70.39 -17.28
CA HIS B 1112 -42.41 68.97 -17.52
C HIS B 1112 -42.09 68.26 -16.21
N HIS B 1113 -42.79 67.14 -15.96
CA HIS B 1113 -42.62 66.42 -14.71
C HIS B 1113 -41.22 65.86 -14.56
N GLN B 1114 -40.60 65.44 -15.67
CA GLN B 1114 -39.28 64.84 -15.60
C GLN B 1114 -38.24 65.84 -15.11
N VAL B 1115 -38.30 67.08 -15.59
CA VAL B 1115 -37.37 68.11 -15.13
C VAL B 1115 -37.61 68.42 -13.66
N ARG B 1116 -38.87 68.51 -13.25
CA ARG B 1116 -39.18 68.78 -11.85
C ARG B 1116 -38.63 67.69 -10.94
N MET B 1117 -38.81 66.43 -11.32
CA MET B 1117 -38.29 65.34 -10.49
C MET B 1117 -36.77 65.29 -10.51
N LEU B 1118 -36.15 65.63 -11.65
CA LEU B 1118 -34.69 65.69 -11.69
C LEU B 1118 -34.16 66.77 -10.76
N ALA B 1119 -34.84 67.92 -10.70
CA ALA B 1119 -34.40 68.98 -9.79
C ALA B 1119 -34.69 68.63 -8.34
N ALA B 1120 -35.82 67.96 -8.08
CA ALA B 1120 -36.20 67.66 -6.70
C ALA B 1120 -35.32 66.58 -6.10
N GLU B 1121 -35.05 65.50 -6.85
CA GLU B 1121 -34.25 64.41 -6.32
C GLU B 1121 -32.79 64.79 -6.12
N SER B 1122 -32.36 65.94 -6.64
CA SER B 1122 -30.99 66.40 -6.47
C SER B 1122 -30.92 67.75 -5.74
N ILE B 1123 -31.96 68.08 -4.98
CA ILE B 1123 -31.95 69.32 -4.20
C ILE B 1123 -31.00 69.25 -3.02
N ASN B 1124 -30.45 68.05 -2.72
CA ASN B 1124 -29.53 67.91 -1.60
C ASN B 1124 -28.18 68.57 -1.85
N ARG B 1125 -27.92 69.05 -3.07
CA ARG B 1125 -26.68 69.77 -3.35
C ARG B 1125 -26.70 71.19 -2.81
N LEU B 1126 -27.86 71.68 -2.37
CA LEU B 1126 -27.97 72.97 -1.71
C LEU B 1126 -27.87 72.86 -0.19
N PHE B 1127 -27.73 71.65 0.35
CA PHE B 1127 -27.64 71.43 1.77
C PHE B 1127 -26.39 70.65 2.18
N GLN B 1128 -25.56 70.25 1.22
CA GLN B 1128 -24.36 69.46 1.51
C GLN B 1128 -23.22 69.91 0.62
N ASP B 1129 -21.99 69.72 1.11
CA ASP B 1129 -20.82 70.06 0.32
C ASP B 1129 -20.63 69.05 -0.81
N THR B 1130 -20.76 67.77 -0.51
CA THR B 1130 -20.57 66.69 -1.49
C THR B 1130 -19.24 66.79 -2.21
N LEU B 1137 -17.11 62.05 3.22
CA LEU B 1137 -17.39 63.17 4.12
C LEU B 1137 -18.24 64.23 3.41
N LEU B 1138 -19.45 64.43 3.92
CA LEU B 1138 -20.39 65.41 3.36
C LEU B 1138 -20.55 66.53 4.39
N LYS B 1139 -19.73 67.57 4.24
CA LYS B 1139 -19.80 68.71 5.14
C LYS B 1139 -21.11 69.47 4.95
N ALA B 1140 -21.67 69.95 6.05
CA ALA B 1140 -22.93 70.68 6.02
C ALA B 1140 -22.69 72.16 5.75
N LEU B 1141 -23.53 72.74 4.90
CA LEU B 1141 -23.44 74.15 4.59
C LEU B 1141 -23.94 74.98 5.79
N PRO B 1142 -23.59 76.26 5.85
CA PRO B 1142 -23.99 77.08 7.00
C PRO B 1142 -25.50 77.15 7.15
N LEU B 1143 -25.92 77.47 8.38
CA LEU B 1143 -27.34 77.44 8.73
C LEU B 1143 -28.16 78.40 7.89
N LYS B 1144 -27.64 79.62 7.68
CA LYS B 1144 -28.39 80.62 6.93
C LYS B 1144 -28.65 80.16 5.50
N LEU B 1145 -27.62 79.62 4.84
CA LEU B 1145 -27.77 79.16 3.47
C LEU B 1145 -28.78 78.01 3.39
N GLN B 1146 -28.69 77.06 4.33
CA GLN B 1146 -29.60 75.92 4.31
C GLN B 1146 -31.05 76.38 4.50
N GLN B 1147 -31.28 77.27 5.47
CA GLN B 1147 -32.64 77.74 5.73
C GLN B 1147 -33.18 78.51 4.54
N THR B 1148 -32.36 79.39 3.95
CA THR B 1148 -32.82 80.16 2.79
C THR B 1148 -33.13 79.24 1.61
N ALA B 1149 -32.28 78.25 1.36
CA ALA B 1149 -32.51 77.34 0.25
C ALA B 1149 -33.78 76.52 0.47
N PHE B 1150 -33.99 76.01 1.69
CA PHE B 1150 -35.21 75.25 1.96
C PHE B 1150 -36.45 76.11 1.79
N GLU B 1151 -36.41 77.35 2.30
CA GLU B 1151 -37.56 78.23 2.15
C GLU B 1151 -37.84 78.54 0.69
N ASN B 1152 -36.79 78.81 -0.09
CA ASN B 1152 -37.00 79.11 -1.50
C ASN B 1152 -37.57 77.92 -2.26
N ALA B 1153 -37.04 76.71 -1.99
CA ALA B 1153 -37.56 75.53 -2.66
C ALA B 1153 -39.02 75.27 -2.28
N TYR B 1154 -39.36 75.42 -1.00
CA TYR B 1154 -40.73 75.22 -0.57
C TYR B 1154 -41.66 76.22 -1.24
N LEU B 1155 -41.26 77.49 -1.29
CA LEU B 1155 -42.08 78.50 -1.96
C LEU B 1155 -42.23 78.22 -3.44
N LYS B 1156 -41.17 77.74 -4.09
CA LYS B 1156 -41.26 77.43 -5.51
C LYS B 1156 -42.23 76.29 -5.78
N ALA B 1157 -42.14 75.21 -5.00
CA ALA B 1157 -43.06 74.10 -5.17
C ALA B 1157 -44.51 74.52 -4.91
N GLN B 1158 -44.73 75.29 -3.83
CA GLN B 1158 -46.07 75.74 -3.52
C GLN B 1158 -46.61 76.67 -4.60
N GLU B 1159 -45.75 77.54 -5.14
CA GLU B 1159 -46.17 78.44 -6.20
C GLU B 1159 -46.55 77.67 -7.45
N GLY B 1160 -45.78 76.64 -7.80
CA GLY B 1160 -46.15 75.81 -8.93
C GLY B 1160 -47.49 75.14 -8.74
N MET B 1161 -47.70 74.57 -7.55
CA MET B 1161 -48.98 73.93 -7.26
C MET B 1161 -50.14 74.92 -7.36
N ARG B 1162 -49.97 76.11 -6.78
CA ARG B 1162 -51.04 77.10 -6.79
C ARG B 1162 -51.32 77.60 -8.20
N GLU B 1163 -50.26 77.83 -9.00
CA GLU B 1163 -50.47 78.30 -10.37
C GLU B 1163 -51.17 77.24 -11.21
N MET B 1164 -50.85 75.96 -10.98
CA MET B 1164 -51.53 74.91 -11.73
C MET B 1164 -52.97 74.70 -11.25
N SER B 1165 -53.23 74.93 -9.96
CA SER B 1165 -54.46 74.43 -9.34
C SER B 1165 -55.72 75.12 -9.84
N HIS B 1166 -55.63 76.39 -10.24
CA HIS B 1166 -56.83 77.18 -10.48
C HIS B 1166 -57.54 76.70 -11.75
N SER B 1167 -58.48 75.80 -11.59
CA SER B 1167 -59.40 75.32 -12.66
C SER B 1167 -58.56 74.81 -13.83
N ALA B 1168 -58.80 75.28 -15.06
CA ALA B 1168 -58.04 74.89 -16.25
C ALA B 1168 -58.16 73.40 -16.51
N GLU B 1169 -59.41 72.96 -16.74
CA GLU B 1169 -59.72 71.60 -17.21
C GLU B 1169 -59.17 70.54 -16.26
N ASN B 1170 -59.78 70.51 -15.06
CA ASN B 1170 -59.29 69.57 -14.05
C ASN B 1170 -59.42 68.08 -14.37
N PRO B 1171 -60.32 67.61 -15.28
CA PRO B 1171 -60.23 66.19 -15.64
C PRO B 1171 -58.90 65.83 -16.28
N GLU B 1172 -58.32 66.75 -17.06
CA GLU B 1172 -57.02 66.50 -17.67
C GLU B 1172 -55.88 66.82 -16.73
N THR B 1173 -56.10 67.67 -15.73
CA THR B 1173 -55.05 68.07 -14.81
C THR B 1173 -55.12 67.35 -13.47
N LEU B 1174 -55.93 66.28 -13.38
CA LEU B 1174 -55.79 65.37 -12.25
C LEU B 1174 -54.36 64.83 -12.17
N ASP B 1175 -53.79 64.47 -13.32
CA ASP B 1175 -52.39 64.06 -13.37
C ASP B 1175 -51.47 65.20 -12.96
N GLU B 1176 -51.79 66.43 -13.36
CA GLU B 1176 -50.99 67.57 -12.95
C GLU B 1176 -50.99 67.72 -11.43
N ILE B 1177 -52.17 67.60 -10.81
CA ILE B 1177 -52.26 67.72 -9.36
C ILE B 1177 -51.44 66.62 -8.68
N TYR B 1178 -51.58 65.39 -9.16
CA TYR B 1178 -50.82 64.28 -8.58
C TYR B 1178 -49.32 64.51 -8.71
N ASN B 1179 -48.88 64.95 -9.89
CA ASN B 1179 -47.45 65.15 -10.14
C ASN B 1179 -46.88 66.27 -9.29
N ARG B 1180 -47.61 67.39 -9.17
CA ARG B 1180 -47.11 68.50 -8.36
C ARG B 1180 -47.04 68.12 -6.88
N LYS B 1181 -48.07 67.42 -6.37
CA LYS B 1181 -48.02 66.96 -5.00
C LYS B 1181 -46.85 66.01 -4.78
N SER B 1182 -46.60 65.11 -5.74
CA SER B 1182 -45.47 64.20 -5.64
C SER B 1182 -44.15 64.95 -5.62
N VAL B 1183 -44.03 65.98 -6.47
CA VAL B 1183 -42.80 66.77 -6.51
C VAL B 1183 -42.55 67.45 -5.17
N LEU B 1184 -43.59 68.07 -4.62
CA LEU B 1184 -43.44 68.75 -3.32
C LEU B 1184 -43.04 67.77 -2.23
N LEU B 1185 -43.71 66.61 -2.17
CA LEU B 1185 -43.41 65.68 -1.11
C LEU B 1185 -42.04 65.05 -1.29
N THR B 1186 -41.61 64.83 -2.54
CA THR B 1186 -40.26 64.34 -2.79
C THR B 1186 -39.22 65.34 -2.34
N LEU B 1187 -39.45 66.63 -2.60
CA LEU B 1187 -38.53 67.67 -2.13
C LEU B 1187 -38.44 67.64 -0.61
N ILE B 1188 -39.59 67.53 0.06
CA ILE B 1188 -39.58 67.48 1.52
C ILE B 1188 -38.82 66.25 2.02
N ALA B 1189 -39.05 65.09 1.39
CA ALA B 1189 -38.39 63.87 1.81
C ALA B 1189 -36.88 63.96 1.62
N VAL B 1190 -36.44 64.54 0.51
CA VAL B 1190 -34.99 64.71 0.30
C VAL B 1190 -34.41 65.65 1.35
N VAL B 1191 -35.14 66.72 1.69
CA VAL B 1191 -34.66 67.65 2.70
C VAL B 1191 -34.52 66.93 4.04
N LEU B 1192 -35.48 66.09 4.40
CA LEU B 1192 -35.32 65.27 5.61
C LEU B 1192 -34.09 64.36 5.50
N SER B 1193 -33.91 63.72 4.35
CA SER B 1193 -32.86 62.73 4.21
C SER B 1193 -31.47 63.34 4.34
N CYS B 1194 -31.25 64.50 3.72
CA CYS B 1194 -29.89 65.03 3.63
C CYS B 1194 -29.54 65.95 4.81
N SER B 1195 -30.28 67.05 4.95
CA SER B 1195 -29.93 68.08 5.92
C SER B 1195 -30.48 67.72 7.30
N PRO B 1196 -29.64 67.59 8.33
CA PRO B 1196 -30.17 67.34 9.67
C PRO B 1196 -30.65 68.59 10.38
N ILE B 1197 -30.23 69.78 9.93
CA ILE B 1197 -30.66 71.01 10.58
C ILE B 1197 -32.14 71.28 10.31
N CYS B 1198 -32.59 71.03 9.08
CA CYS B 1198 -33.94 71.36 8.67
C CYS B 1198 -34.93 70.22 8.87
N GLU B 1199 -34.64 69.29 9.78
CA GLU B 1199 -35.58 68.19 10.03
C GLU B 1199 -36.88 68.71 10.63
N LYS B 1200 -36.79 69.53 11.68
CA LYS B 1200 -37.99 70.08 12.31
C LYS B 1200 -38.73 71.02 11.37
N GLN B 1201 -37.98 71.86 10.65
CA GLN B 1201 -38.61 72.80 9.72
C GLN B 1201 -39.38 72.06 8.63
N ALA B 1202 -38.76 71.03 8.04
CA ALA B 1202 -39.41 70.28 6.98
C ALA B 1202 -40.56 69.43 7.52
N LEU B 1203 -40.43 68.91 8.74
CA LEU B 1203 -41.55 68.18 9.34
C LEU B 1203 -42.76 69.08 9.55
N PHE B 1204 -42.52 70.30 10.05
CA PHE B 1204 -43.64 71.22 10.23
C PHE B 1204 -44.21 71.65 8.89
N ALA B 1205 -43.35 71.82 7.87
CA ALA B 1205 -43.85 72.12 6.54
C ALA B 1205 -44.73 70.98 6.01
N LEU B 1206 -44.32 69.74 6.26
CA LEU B 1206 -45.13 68.59 5.87
C LEU B 1206 -46.48 68.61 6.56
N CYS B 1207 -46.49 68.89 7.88
CA CYS B 1207 -47.76 68.95 8.60
C CYS B 1207 -48.66 70.05 8.04
N LYS B 1208 -48.09 71.23 7.80
CA LYS B 1208 -48.87 72.34 7.26
C LYS B 1208 -49.43 72.02 5.88
N SER B 1209 -48.62 71.38 5.04
CA SER B 1209 -49.09 71.02 3.70
C SER B 1209 -50.17 69.95 3.76
N VAL B 1210 -50.06 69.02 4.72
CA VAL B 1210 -51.15 68.07 4.94
C VAL B 1210 -52.42 68.81 5.32
N LYS B 1211 -52.30 69.81 6.18
CA LYS B 1211 -53.47 70.59 6.59
C LYS B 1211 -54.06 71.39 5.43
N GLU B 1212 -53.20 72.01 4.61
CA GLU B 1212 -53.65 72.96 3.59
C GLU B 1212 -53.43 72.49 2.17
N ASN B 1213 -52.20 72.12 1.81
CA ASN B 1213 -51.88 71.80 0.42
C ASN B 1213 -52.58 70.55 -0.09
N GLY B 1214 -53.18 69.76 0.80
CA GLY B 1214 -53.95 68.61 0.36
C GLY B 1214 -53.16 67.37 0.05
N LEU B 1215 -51.94 67.24 0.59
CA LEU B 1215 -51.19 66.00 0.43
C LEU B 1215 -51.95 64.83 1.03
N GLU B 1216 -52.00 63.73 0.30
CA GLU B 1216 -52.70 62.54 0.76
C GLU B 1216 -51.99 61.98 1.98
N PRO B 1217 -52.69 61.80 3.11
CA PRO B 1217 -52.00 61.32 4.32
C PRO B 1217 -51.37 59.95 4.18
N HIS B 1218 -51.86 59.10 3.27
CA HIS B 1218 -51.27 57.77 3.13
C HIS B 1218 -49.88 57.83 2.49
N LEU B 1219 -49.71 58.68 1.48
CA LEU B 1219 -48.38 58.87 0.90
C LEU B 1219 -47.42 59.46 1.92
N VAL B 1220 -47.90 60.45 2.68
CA VAL B 1220 -47.07 61.06 3.71
C VAL B 1220 -46.65 60.01 4.74
N LYS B 1221 -47.60 59.17 5.16
CA LYS B 1221 -47.27 58.12 6.13
C LYS B 1221 -46.28 57.13 5.55
N LYS B 1222 -46.40 56.82 4.26
CA LYS B 1222 -45.52 55.86 3.55
C LYS B 1222 -44.09 56.39 3.50
N VAL B 1223 -43.91 57.67 3.20
CA VAL B 1223 -42.59 58.28 3.12
C VAL B 1223 -42.01 58.50 4.52
N LEU B 1224 -42.86 58.86 5.49
CA LEU B 1224 -42.39 59.06 6.85
C LEU B 1224 -41.94 57.74 7.47
N GLU B 1225 -42.65 56.65 7.20
CA GLU B 1225 -42.21 55.34 7.67
C GLU B 1225 -40.88 54.97 7.05
N LYS B 1226 -40.70 55.24 5.76
CA LYS B 1226 -39.43 54.96 5.11
C LYS B 1226 -38.30 55.76 5.75
N VAL B 1227 -38.54 57.03 6.03
CA VAL B 1227 -37.51 57.89 6.62
C VAL B 1227 -37.19 57.44 8.05
N SER B 1228 -38.22 57.08 8.83
CA SER B 1228 -37.97 56.58 10.18
C SER B 1228 -37.18 55.27 10.14
N GLU B 1229 -37.47 54.40 9.18
CA GLU B 1229 -36.73 53.16 9.05
C GLU B 1229 -35.27 53.43 8.69
N THR B 1230 -35.02 54.37 7.76
CA THR B 1230 -33.64 54.65 7.39
C THR B 1230 -32.91 55.47 8.45
N PHE B 1231 -33.63 56.06 9.40
CA PHE B 1231 -33.01 56.74 10.52
C PHE B 1231 -32.78 55.83 11.72
N GLY B 1232 -33.21 54.57 11.65
CA GLY B 1232 -33.00 53.62 12.72
C GLY B 1232 -34.09 53.54 13.75
N TYR B 1233 -35.11 54.38 13.68
CA TYR B 1233 -36.21 54.31 14.64
C TYR B 1233 -37.02 53.03 14.43
N ARG B 1234 -37.37 52.37 15.55
CA ARG B 1234 -38.13 51.14 15.46
C ARG B 1234 -39.53 51.39 14.90
N ARG B 1235 -40.19 52.45 15.35
CA ARG B 1235 -41.54 52.76 14.92
C ARG B 1235 -41.64 54.24 14.55
N LEU B 1236 -42.59 54.54 13.67
CA LEU B 1236 -42.83 55.93 13.29
C LEU B 1236 -43.31 56.77 14.46
N GLU B 1237 -44.02 56.15 15.41
CA GLU B 1237 -44.54 56.90 16.54
C GLU B 1237 -43.43 57.55 17.35
N ASP B 1238 -42.34 56.81 17.60
CA ASP B 1238 -41.21 57.38 18.32
C ASP B 1238 -40.57 58.52 17.54
N PHE B 1239 -40.40 58.32 16.22
CA PHE B 1239 -39.77 59.36 15.39
C PHE B 1239 -40.59 60.64 15.41
N MET B 1240 -41.90 60.54 15.29
CA MET B 1240 -42.74 61.73 15.30
C MET B 1240 -42.95 62.30 16.70
N ALA B 1241 -42.76 61.49 17.75
CA ALA B 1241 -42.82 62.00 19.11
C ALA B 1241 -41.53 62.65 19.55
N SER B 1242 -40.42 62.39 18.85
CA SER B 1242 -39.17 63.07 19.17
C SER B 1242 -39.24 64.56 18.84
N HIS B 1243 -40.07 64.94 17.87
CA HIS B 1243 -40.24 66.33 17.48
C HIS B 1243 -41.62 66.87 17.84
N LEU B 1244 -42.30 66.25 18.81
CA LEU B 1244 -43.66 66.64 19.12
C LEU B 1244 -43.74 68.05 19.71
N ASP B 1245 -42.75 68.41 20.54
CA ASP B 1245 -42.77 69.73 21.18
C ASP B 1245 -42.71 70.85 20.15
N TYR B 1246 -41.79 70.73 19.20
CA TYR B 1246 -41.67 71.75 18.15
C TYR B 1246 -42.93 71.82 17.31
N LEU B 1247 -43.48 70.66 16.94
CA LEU B 1247 -44.68 70.64 16.10
C LEU B 1247 -45.85 71.29 16.82
N VAL B 1248 -46.07 70.97 18.10
CA VAL B 1248 -47.19 71.55 18.82
C VAL B 1248 -46.99 73.04 19.03
N LEU B 1249 -45.78 73.46 19.40
CA LEU B 1249 -45.55 74.88 19.62
C LEU B 1249 -45.75 75.68 18.33
N GLU B 1250 -45.21 75.19 17.21
CA GLU B 1250 -45.39 75.92 15.96
C GLU B 1250 -46.83 75.84 15.46
N TRP B 1251 -47.55 74.77 15.77
CA TRP B 1251 -48.97 74.70 15.43
C TRP B 1251 -49.75 75.76 16.19
N LEU B 1252 -49.51 75.87 17.49
CA LEU B 1252 -50.19 76.90 18.28
C LEU B 1252 -49.73 78.30 17.89
N ASN B 1253 -48.52 78.43 17.35
CA ASN B 1253 -48.00 79.76 17.01
C ASN B 1253 -48.74 80.40 15.83
N LEU B 1254 -49.33 79.60 14.95
CA LEU B 1254 -50.19 80.15 13.91
C LEU B 1254 -51.48 80.64 14.55
N GLN B 1255 -51.60 81.96 14.72
CA GLN B 1255 -52.74 82.53 15.41
C GLN B 1255 -53.98 82.47 14.54
N ASP B 1256 -54.69 81.34 14.59
CA ASP B 1256 -55.89 81.17 13.79
C ASP B 1256 -56.74 80.07 14.44
N THR B 1257 -58.06 80.28 14.43
CA THR B 1257 -58.97 79.28 14.98
C THR B 1257 -58.95 77.99 14.17
N GLU B 1258 -58.52 78.05 12.89
CA GLU B 1258 -58.41 76.85 12.08
C GLU B 1258 -57.29 75.93 12.55
N TYR B 1259 -56.27 76.49 13.20
CA TYR B 1259 -55.10 75.73 13.64
C TYR B 1259 -55.13 75.43 15.13
N ASN B 1260 -56.31 75.15 15.68
CA ASN B 1260 -56.40 74.78 17.08
C ASN B 1260 -55.86 73.37 17.29
N LEU B 1261 -55.78 72.96 18.56
CA LEU B 1261 -55.25 71.64 18.89
C LEU B 1261 -56.15 70.53 18.35
N SER B 1262 -57.45 70.79 18.21
CA SER B 1262 -58.36 69.78 17.70
C SER B 1262 -58.07 69.44 16.24
N SER B 1263 -57.69 70.45 15.45
CA SER B 1263 -57.44 70.27 14.03
C SER B 1263 -56.01 69.84 13.73
N PHE B 1264 -55.19 69.63 14.75
CA PHE B 1264 -53.82 69.17 14.52
C PHE B 1264 -53.85 67.80 13.85
N PRO B 1265 -53.07 67.59 12.77
CA PRO B 1265 -53.11 66.29 12.10
C PRO B 1265 -52.41 65.21 12.92
N PHE B 1266 -53.20 64.34 13.54
CA PHE B 1266 -52.68 63.26 14.35
C PHE B 1266 -52.54 61.95 13.58
N ILE B 1267 -53.01 61.90 12.33
CA ILE B 1267 -52.89 60.69 11.54
C ILE B 1267 -51.45 60.45 11.12
N LEU B 1268 -50.60 61.48 11.18
CA LEU B 1268 -49.19 61.32 10.85
C LEU B 1268 -48.40 60.68 11.99
N LEU B 1269 -49.02 60.49 13.16
CA LEU B 1269 -48.39 59.82 14.29
C LEU B 1269 -48.95 58.43 14.52
N ASN B 1270 -49.77 57.91 13.60
CA ASN B 1270 -50.40 56.60 13.72
C ASN B 1270 -51.26 56.51 14.98
N TYR B 1271 -52.28 57.37 15.05
CA TYR B 1271 -53.25 57.36 16.12
C TYR B 1271 -54.64 57.20 15.53
N THR B 1272 -55.45 56.35 16.16
CA THR B 1272 -56.77 56.03 15.62
C THR B 1272 -57.69 57.25 15.64
N ASN B 1273 -57.80 57.92 16.78
CA ASN B 1273 -58.70 59.05 16.91
C ASN B 1273 -58.11 60.03 17.92
N ILE B 1274 -58.93 61.01 18.32
CA ILE B 1274 -58.47 62.06 19.23
C ILE B 1274 -58.16 61.48 20.61
N GLU B 1275 -58.98 60.53 21.07
CA GLU B 1275 -58.85 60.04 22.44
C GLU B 1275 -57.49 59.40 22.69
N ASP B 1276 -57.07 58.51 21.78
CA ASP B 1276 -55.76 57.88 21.94
C ASP B 1276 -54.63 58.89 21.77
N PHE B 1277 -54.80 59.87 20.89
CA PHE B 1277 -53.80 60.92 20.73
C PHE B 1277 -53.60 61.66 22.05
N TYR B 1278 -54.69 62.01 22.72
CA TYR B 1278 -54.58 62.66 24.03
C TYR B 1278 -53.94 61.72 25.05
N ARG B 1279 -54.38 60.46 25.08
CA ARG B 1279 -53.85 59.44 25.98
C ARG B 1279 -52.33 59.40 25.91
N SER B 1280 -51.81 59.50 24.68
CA SER B 1280 -50.37 59.35 24.47
C SER B 1280 -49.60 60.66 24.62
N CYS B 1281 -50.19 61.80 24.26
CA CYS B 1281 -49.42 63.03 24.15
C CYS B 1281 -49.90 64.16 25.07
N TYR B 1282 -50.74 63.87 26.08
CA TYR B 1282 -51.15 64.95 26.96
C TYR B 1282 -49.99 65.45 27.81
N LYS B 1283 -49.00 64.58 28.08
CA LYS B 1283 -47.83 64.99 28.85
C LYS B 1283 -47.13 66.19 28.23
N VAL B 1284 -47.18 66.31 26.90
CA VAL B 1284 -46.57 67.45 26.22
C VAL B 1284 -47.60 68.46 25.75
N LEU B 1285 -48.87 68.08 25.63
CA LEU B 1285 -49.89 69.05 25.23
C LEU B 1285 -50.25 69.98 26.38
N ILE B 1286 -50.37 69.45 27.60
CA ILE B 1286 -50.83 70.26 28.73
C ILE B 1286 -49.86 71.40 29.06
N PRO B 1287 -48.54 71.19 29.17
CA PRO B 1287 -47.67 72.32 29.48
C PRO B 1287 -47.71 73.44 28.46
N HIS B 1288 -47.87 73.12 27.18
CA HIS B 1288 -47.98 74.16 26.16
C HIS B 1288 -49.28 74.93 26.29
N LEU B 1289 -50.36 74.27 26.70
CA LEU B 1289 -51.64 74.94 26.86
C LEU B 1289 -51.72 75.77 28.13
N VAL B 1290 -51.08 75.31 29.21
CA VAL B 1290 -51.22 75.98 30.50
C VAL B 1290 -50.63 77.38 30.46
N ILE B 1291 -49.45 77.54 29.84
CA ILE B 1291 -48.95 78.88 29.62
C ILE B 1291 -49.92 79.62 28.69
N ARG B 1292 -49.83 80.94 28.70
CA ARG B 1292 -50.77 81.83 28.03
C ARG B 1292 -52.22 81.44 28.33
N SER B 1293 -52.47 81.17 29.61
CA SER B 1293 -53.81 80.89 30.16
C SER B 1293 -54.36 79.63 29.50
N HIS B 1294 -55.48 79.68 28.78
CA HIS B 1294 -56.04 78.54 28.07
C HIS B 1294 -56.31 77.36 29.01
N PHE B 1295 -56.95 77.65 30.14
CA PHE B 1295 -57.31 76.59 31.08
C PHE B 1295 -58.61 75.89 30.73
N ASP B 1296 -59.50 76.57 29.99
CA ASP B 1296 -60.70 75.90 29.51
C ASP B 1296 -60.36 74.75 28.58
N GLU B 1297 -59.34 74.93 27.74
CA GLU B 1297 -58.96 73.87 26.81
C GLU B 1297 -58.41 72.66 27.55
N VAL B 1298 -57.55 72.86 28.55
CA VAL B 1298 -57.03 71.71 29.30
C VAL B 1298 -58.14 71.05 30.10
N LYS B 1299 -59.09 71.83 30.62
CA LYS B 1299 -60.25 71.21 31.28
C LYS B 1299 -61.04 70.35 30.30
N SER B 1300 -61.20 70.84 29.06
CA SER B 1300 -61.90 70.05 28.05
C SER B 1300 -61.14 68.77 27.70
N ILE B 1301 -59.80 68.86 27.63
CA ILE B 1301 -59.00 67.67 27.37
C ILE B 1301 -59.18 66.66 28.49
N ALA B 1302 -59.20 67.15 29.74
CA ALA B 1302 -59.42 66.25 30.87
C ALA B 1302 -60.79 65.59 30.80
N ASN B 1303 -61.82 66.36 30.44
CA ASN B 1303 -63.15 65.78 30.30
C ASN B 1303 -63.18 64.73 29.20
N GLN B 1304 -62.54 65.00 28.07
CA GLN B 1304 -62.49 64.02 26.98
C GLN B 1304 -61.74 62.76 27.39
N ILE B 1305 -60.67 62.93 28.17
CA ILE B 1305 -59.81 61.81 28.55
C ILE B 1305 -60.39 61.11 29.77
N GLN B 1306 -61.54 61.59 30.23
CA GLN B 1306 -62.26 61.08 31.41
C GLN B 1306 -61.34 60.91 32.62
N GLU B 1307 -60.34 61.78 32.74
CA GLU B 1307 -59.47 61.85 33.90
C GLU B 1307 -59.55 63.24 34.50
N ASP B 1308 -59.41 63.32 35.82
CA ASP B 1308 -59.48 64.59 36.51
C ASP B 1308 -58.31 65.48 36.12
N TRP B 1309 -58.60 66.76 35.89
CA TRP B 1309 -57.57 67.69 35.45
C TRP B 1309 -56.54 67.99 36.52
N LYS B 1310 -56.87 67.73 37.79
CA LYS B 1310 -55.89 67.89 38.86
C LYS B 1310 -54.69 66.96 38.64
N SER B 1311 -54.97 65.69 38.31
CA SER B 1311 -53.88 64.75 38.06
C SER B 1311 -53.07 65.17 36.83
N LEU B 1312 -53.74 65.61 35.77
CA LEU B 1312 -53.02 66.03 34.58
C LEU B 1312 -52.11 67.21 34.87
N LEU B 1313 -52.59 68.19 35.64
CA LEU B 1313 -51.77 69.34 35.99
C LEU B 1313 -50.60 68.94 36.89
N THR B 1314 -50.84 68.02 37.83
CA THR B 1314 -49.76 67.60 38.73
C THR B 1314 -48.68 66.84 37.99
N ASP B 1315 -49.06 65.93 37.10
CA ASP B 1315 -48.06 65.12 36.39
C ASP B 1315 -47.32 65.90 35.30
N CYS B 1316 -47.85 67.04 34.86
CA CYS B 1316 -47.17 67.89 33.89
C CYS B 1316 -46.51 69.09 34.52
N PHE B 1317 -46.33 69.07 35.85
CA PHE B 1317 -45.83 70.24 36.57
C PHE B 1317 -44.43 70.65 36.16
N PRO B 1318 -43.42 69.77 36.11
CA PRO B 1318 -42.07 70.23 35.75
C PRO B 1318 -41.98 70.83 34.36
N LYS B 1319 -42.69 70.27 33.38
CA LYS B 1319 -42.67 70.83 32.04
C LYS B 1319 -43.36 72.20 32.01
N ILE B 1320 -44.30 72.42 32.92
CA ILE B 1320 -44.90 73.76 33.06
C ILE B 1320 -43.87 74.73 33.63
N LEU B 1321 -43.18 74.33 34.70
CA LEU B 1321 -42.20 75.19 35.34
C LEU B 1321 -41.01 75.49 34.45
N VAL B 1322 -40.72 74.64 33.47
CA VAL B 1322 -39.63 74.92 32.54
C VAL B 1322 -39.90 76.21 31.78
N ASN B 1323 -41.16 76.46 31.43
CA ASN B 1323 -41.52 77.68 30.70
C ASN B 1323 -41.71 78.89 31.61
N ILE B 1324 -41.58 78.72 32.91
CA ILE B 1324 -41.90 79.77 33.88
C ILE B 1324 -40.66 80.24 34.64
N LEU B 1325 -39.95 79.32 35.29
CA LEU B 1325 -38.90 79.69 36.23
C LEU B 1325 -37.75 80.48 35.61
N PRO B 1326 -37.17 80.09 34.46
CA PRO B 1326 -36.02 80.85 33.94
C PRO B 1326 -36.31 82.31 33.69
N TYR B 1327 -37.54 82.65 33.27
CA TYR B 1327 -37.87 84.06 33.05
C TYR B 1327 -37.97 84.81 34.38
N PHE B 1328 -38.40 84.15 35.44
CA PHE B 1328 -38.27 84.73 36.77
C PHE B 1328 -36.81 84.97 37.12
N ALA B 1329 -35.95 84.00 36.82
CA ALA B 1329 -34.59 84.02 37.33
C ALA B 1329 -33.78 85.18 36.76
N TYR B 1330 -33.77 85.33 35.44
CA TYR B 1330 -32.88 86.29 34.78
C TYR B 1330 -33.68 87.54 34.43
N GLU B 1331 -33.18 88.70 34.87
CA GLU B 1331 -33.87 89.96 34.66
C GLU B 1331 -32.84 91.09 34.66
N GLY B 1332 -33.29 92.27 34.25
CA GLY B 1332 -32.44 93.45 34.22
C GLY B 1332 -31.89 93.82 32.86
N THR B 1333 -32.17 93.03 31.83
CA THR B 1333 -31.70 93.34 30.49
C THR B 1333 -32.60 94.37 29.82
N ARG B 1334 -32.11 94.94 28.72
CA ARG B 1334 -32.87 95.89 27.93
C ARG B 1334 -33.79 95.23 26.93
N ASP B 1335 -33.79 93.89 26.87
CA ASP B 1335 -34.66 93.18 25.94
C ASP B 1335 -36.12 93.40 26.32
N SER B 1336 -36.96 93.57 25.29
CA SER B 1336 -38.39 93.74 25.48
C SER B 1336 -39.16 92.43 25.38
N GLY B 1337 -38.88 91.63 24.34
CA GLY B 1337 -39.59 90.37 24.17
C GLY B 1337 -39.47 89.47 25.38
N MET B 1338 -38.25 89.36 25.91
CA MET B 1338 -38.06 88.62 27.16
C MET B 1338 -38.82 89.28 28.30
N ALA B 1339 -39.03 90.60 28.24
CA ALA B 1339 -39.78 91.27 29.29
C ALA B 1339 -41.24 90.83 29.29
N GLN B 1340 -41.91 90.82 28.12
CA GLN B 1340 -43.29 90.34 28.19
C GLN B 1340 -43.35 88.83 28.36
N GLN B 1341 -42.30 88.09 27.98
CA GLN B 1341 -42.28 86.68 28.33
C GLN B 1341 -42.24 86.48 29.84
N ARG B 1342 -41.45 87.30 30.54
CA ARG B 1342 -41.43 87.25 32.00
C ARG B 1342 -42.78 87.66 32.57
N GLU B 1343 -43.43 88.66 31.98
CA GLU B 1343 -44.75 89.07 32.44
C GLU B 1343 -45.76 87.94 32.30
N THR B 1344 -45.74 87.25 31.15
CA THR B 1344 -46.64 86.11 30.95
C THR B 1344 -46.34 85.00 31.93
N ALA B 1345 -45.05 84.74 32.20
CA ALA B 1345 -44.70 83.73 33.19
C ALA B 1345 -45.23 84.11 34.57
N THR B 1346 -45.10 85.38 34.94
CA THR B 1346 -45.59 85.83 36.25
C THR B 1346 -47.09 85.66 36.35
N LYS B 1347 -47.83 86.05 35.32
CA LYS B 1347 -49.29 85.94 35.39
C LYS B 1347 -49.74 84.48 35.38
N VAL B 1348 -49.04 83.62 34.64
CA VAL B 1348 -49.38 82.20 34.64
C VAL B 1348 -49.11 81.59 36.01
N TYR B 1349 -47.99 81.96 36.63
CA TYR B 1349 -47.69 81.45 37.97
C TYR B 1349 -48.69 81.97 38.99
N ASP B 1350 -49.14 83.21 38.84
CA ASP B 1350 -50.17 83.75 39.72
C ASP B 1350 -51.48 82.99 39.57
N MET B 1351 -51.85 82.67 38.33
CA MET B 1351 -53.04 81.85 38.11
C MET B 1351 -52.90 80.47 38.73
N LEU B 1352 -51.71 79.88 38.62
CA LEU B 1352 -51.45 78.60 39.26
C LEU B 1352 -51.51 78.71 40.77
N LYS B 1353 -51.17 79.87 41.32
CA LYS B 1353 -51.15 80.05 42.78
C LYS B 1353 -52.56 80.08 43.36
N SER B 1354 -53.54 80.51 42.58
CA SER B 1354 -54.89 80.70 43.10
C SER B 1354 -55.47 79.39 43.62
N GLU B 1355 -56.26 79.50 44.68
CA GLU B 1355 -56.80 78.31 45.35
C GLU B 1355 -57.76 77.53 44.47
N ASN B 1356 -58.27 78.12 43.39
CA ASN B 1356 -59.21 77.41 42.53
C ASN B 1356 -58.55 76.21 41.87
N LEU B 1357 -57.30 76.35 41.44
CA LEU B 1357 -56.56 75.26 40.81
C LEU B 1357 -55.19 75.12 41.47
N LEU B 1358 -54.87 73.90 41.89
CA LEU B 1358 -53.62 73.54 42.57
C LEU B 1358 -53.57 74.07 44.00
N GLY B 1359 -54.56 74.89 44.37
CA GLY B 1359 -54.66 75.39 45.73
C GLY B 1359 -53.38 76.03 46.22
N LYS B 1360 -53.06 75.76 47.49
CA LYS B 1360 -51.79 76.17 48.08
C LYS B 1360 -50.81 75.01 48.18
N GLN B 1361 -51.12 73.88 47.57
CA GLN B 1361 -50.26 72.70 47.60
C GLN B 1361 -49.12 72.78 46.60
N ILE B 1362 -48.89 73.94 45.99
CA ILE B 1362 -47.79 74.07 45.04
C ILE B 1362 -46.45 73.93 45.73
N ASP B 1363 -46.35 74.37 46.99
CA ASP B 1363 -45.08 74.24 47.71
C ASP B 1363 -44.75 72.78 47.99
N HIS B 1364 -45.73 71.99 48.42
CA HIS B 1364 -45.49 70.57 48.66
C HIS B 1364 -45.14 69.85 47.37
N LEU B 1365 -45.83 70.18 46.28
CA LEU B 1365 -45.50 69.60 44.99
C LEU B 1365 -44.08 69.94 44.56
N PHE B 1366 -43.67 71.19 44.78
CA PHE B 1366 -42.32 71.61 44.41
C PHE B 1366 -41.26 70.90 45.23
N ILE B 1367 -41.46 70.81 46.55
CA ILE B 1367 -40.44 70.21 47.40
C ILE B 1367 -40.39 68.70 47.21
N SER B 1368 -41.51 68.06 46.89
CA SER B 1368 -41.57 66.61 46.80
C SER B 1368 -41.23 66.07 45.42
N ASN B 1369 -41.00 66.94 44.43
CA ASN B 1369 -40.74 66.49 43.06
C ASN B 1369 -39.55 67.20 42.43
N LEU B 1370 -38.62 67.72 43.25
CA LEU B 1370 -37.55 68.56 42.73
C LEU B 1370 -36.69 67.91 41.66
N PRO B 1371 -36.28 66.63 41.75
CA PRO B 1371 -35.43 66.07 40.69
C PRO B 1371 -36.03 66.15 39.30
N GLU B 1372 -37.35 66.01 39.17
CA GLU B 1372 -37.98 66.13 37.86
C GLU B 1372 -37.81 67.53 37.29
N ILE B 1373 -38.05 68.56 38.11
CA ILE B 1373 -37.82 69.93 37.66
C ILE B 1373 -36.36 70.13 37.31
N VAL B 1374 -35.46 69.54 38.09
CA VAL B 1374 -34.02 69.72 37.84
C VAL B 1374 -33.64 69.16 36.48
N VAL B 1375 -34.07 67.93 36.19
CA VAL B 1375 -33.70 67.30 34.92
C VAL B 1375 -34.38 68.00 33.76
N GLU B 1376 -35.63 68.45 33.95
CA GLU B 1376 -36.33 69.16 32.88
C GLU B 1376 -35.64 70.48 32.56
N LEU B 1377 -35.20 71.21 33.58
CA LEU B 1377 -34.44 72.43 33.36
C LEU B 1377 -33.11 72.13 32.68
N LEU B 1378 -32.44 71.06 33.10
CA LEU B 1378 -31.13 70.73 32.55
C LEU B 1378 -31.23 70.40 31.07
N MET B 1379 -32.27 69.68 30.66
CA MET B 1379 -32.35 69.19 29.30
C MET B 1379 -32.85 70.23 28.30
N THR B 1380 -32.84 71.51 28.66
CA THR B 1380 -33.15 72.59 27.73
C THR B 1380 -31.92 73.35 27.28
N LEU B 1381 -30.73 72.81 27.55
CA LEU B 1381 -29.49 73.54 27.27
C LEU B 1381 -29.22 73.61 25.77
N HIS B 1382 -28.80 74.79 25.32
CA HIS B 1382 -28.35 74.99 23.94
C HIS B 1382 -27.37 76.15 23.95
N GLU B 1383 -26.07 75.84 23.85
CA GLU B 1383 -25.05 76.87 24.01
C GLU B 1383 -25.12 77.98 22.97
N PRO B 1384 -25.22 77.69 21.65
CA PRO B 1384 -25.31 78.82 20.73
C PRO B 1384 -26.66 79.53 20.78
N ASP B 1401 -23.05 76.99 15.70
CA ASP B 1401 -22.40 76.43 14.52
C ASP B 1401 -23.39 75.64 13.67
N LEU B 1402 -23.00 74.42 13.30
CA LEU B 1402 -23.82 73.56 12.46
C LEU B 1402 -24.65 72.56 13.26
N ASP B 1403 -24.62 72.64 14.58
CA ASP B 1403 -25.41 71.74 15.40
C ASP B 1403 -26.90 72.03 15.24
N PRO B 1404 -27.73 71.00 15.10
CA PRO B 1404 -29.17 71.24 14.96
C PRO B 1404 -29.76 71.86 16.21
N ALA B 1405 -30.76 72.70 16.01
CA ALA B 1405 -31.41 73.36 17.13
C ALA B 1405 -32.30 72.38 17.89
N PRO B 1406 -32.15 72.26 19.20
CA PRO B 1406 -33.02 71.36 19.97
C PRO B 1406 -34.42 71.91 20.15
N ASN B 1407 -35.21 71.25 20.99
CA ASN B 1407 -36.60 71.58 21.28
C ASN B 1407 -36.75 73.05 21.69
N PRO B 1408 -37.96 73.61 21.66
CA PRO B 1408 -38.13 75.08 21.66
C PRO B 1408 -37.45 75.81 22.81
N PRO B 1409 -37.49 75.28 24.09
CA PRO B 1409 -37.01 76.09 25.21
C PRO B 1409 -35.70 76.87 24.99
N HIS B 1410 -34.63 76.19 24.58
CA HIS B 1410 -33.41 76.86 24.12
C HIS B 1410 -32.83 77.81 25.17
N PHE B 1411 -32.43 77.25 26.31
CA PHE B 1411 -31.92 78.07 27.40
C PHE B 1411 -30.42 77.86 27.56
N PRO B 1412 -29.61 78.92 27.46
CA PRO B 1412 -28.16 78.77 27.65
C PRO B 1412 -27.78 78.36 29.07
N SER B 1413 -26.47 78.19 29.32
CA SER B 1413 -26.03 77.69 30.61
C SER B 1413 -26.22 78.72 31.72
N HIS B 1414 -25.93 79.99 31.44
CA HIS B 1414 -25.98 80.99 32.50
C HIS B 1414 -27.40 81.18 33.01
N VAL B 1415 -28.39 81.19 32.12
CA VAL B 1415 -29.77 81.32 32.58
C VAL B 1415 -30.20 80.08 33.35
N ILE B 1416 -29.69 78.91 33.00
CA ILE B 1416 -29.99 77.70 33.75
C ILE B 1416 -29.44 77.80 35.17
N LYS B 1417 -28.19 78.25 35.29
CA LYS B 1417 -27.60 78.42 36.63
C LYS B 1417 -28.34 79.50 37.41
N ALA B 1418 -28.81 80.54 36.73
CA ALA B 1418 -29.62 81.56 37.40
C ALA B 1418 -30.92 80.96 37.91
N THR B 1419 -31.53 80.07 37.13
CA THR B 1419 -32.75 79.39 37.57
C THR B 1419 -32.47 78.51 38.78
N PHE B 1420 -31.35 77.82 38.78
CA PHE B 1420 -30.96 77.02 39.94
C PHE B 1420 -30.80 77.89 41.18
N ALA B 1421 -30.14 79.04 41.03
CA ALA B 1421 -29.97 79.96 42.15
C ALA B 1421 -31.31 80.50 42.63
N TYR B 1422 -32.21 80.84 41.70
CA TYR B 1422 -33.52 81.36 42.07
C TYR B 1422 -34.32 80.32 42.84
N ILE B 1423 -34.26 79.06 42.41
CA ILE B 1423 -34.92 78.00 43.17
C ILE B 1423 -34.28 77.84 44.54
N SER B 1424 -32.95 77.96 44.61
CA SER B 1424 -32.25 77.79 45.88
C SER B 1424 -32.66 78.86 46.89
N ASN B 1425 -32.73 80.11 46.44
CA ASN B 1425 -33.00 81.20 47.39
C ASN B 1425 -34.47 81.31 47.76
N CYS B 1426 -35.35 80.58 47.07
CA CYS B 1426 -36.77 80.61 47.38
C CYS B 1426 -37.17 79.43 48.28
N ILE B 1434 -28.69 75.28 45.59
CA ILE B 1434 -29.63 74.31 45.05
C ILE B 1434 -29.27 72.90 45.47
N LEU B 1435 -27.97 72.63 45.59
CA LEU B 1435 -27.52 71.29 45.93
C LEU B 1435 -27.77 70.94 47.39
N GLU B 1436 -28.13 71.91 48.23
CA GLU B 1436 -28.47 71.61 49.62
C GLU B 1436 -29.77 70.83 49.70
N ILE B 1437 -30.80 71.28 49.00
CA ILE B 1437 -32.08 70.58 49.02
C ILE B 1437 -31.94 69.18 48.43
N LEU B 1438 -31.18 69.06 47.33
CA LEU B 1438 -30.92 67.74 46.76
C LEU B 1438 -30.15 66.87 47.73
N SER B 1439 -29.17 67.45 48.44
CA SER B 1439 -28.42 66.68 49.42
C SER B 1439 -29.28 66.26 50.61
N LYS B 1440 -30.40 66.94 50.85
CA LYS B 1440 -31.32 66.49 51.89
C LYS B 1440 -31.91 65.14 51.53
N SER B 1441 -32.07 64.85 50.24
CA SER B 1441 -32.57 63.56 49.76
C SER B 1441 -31.55 63.00 48.77
N PRO B 1442 -30.58 62.22 49.26
CA PRO B 1442 -29.42 61.87 48.41
C PRO B 1442 -29.77 61.08 47.16
N ASP B 1443 -30.95 60.45 47.11
CA ASP B 1443 -31.34 59.70 45.92
C ASP B 1443 -31.57 60.59 44.69
N SER B 1444 -31.67 61.90 44.89
CA SER B 1444 -31.95 62.80 43.77
C SER B 1444 -30.84 62.77 42.73
N TYR B 1445 -29.59 62.74 43.18
CA TYR B 1445 -28.48 62.67 42.23
C TYR B 1445 -28.54 61.39 41.40
N GLN B 1446 -28.83 60.26 42.06
CA GLN B 1446 -28.98 59.00 41.35
C GLN B 1446 -30.10 59.08 40.32
N LYS B 1447 -31.25 59.67 40.71
CA LYS B 1447 -32.37 59.77 39.79
C LYS B 1447 -32.01 60.62 38.58
N ILE B 1448 -31.37 61.76 38.80
CA ILE B 1448 -31.03 62.65 37.69
C ILE B 1448 -30.02 62.00 36.77
N LEU B 1449 -28.99 61.38 37.34
CA LEU B 1449 -27.98 60.72 36.51
C LEU B 1449 -28.58 59.58 35.71
N LEU B 1450 -29.47 58.79 36.33
CA LEU B 1450 -30.10 57.70 35.61
C LEU B 1450 -31.00 58.22 34.50
N ALA B 1451 -31.73 59.30 34.74
CA ALA B 1451 -32.58 59.87 33.69
C ALA B 1451 -31.75 60.35 32.51
N ILE B 1452 -30.65 61.06 32.78
CA ILE B 1452 -29.81 61.56 31.70
C ILE B 1452 -29.19 60.40 30.92
N CYS B 1453 -28.69 59.39 31.64
CA CYS B 1453 -28.09 58.24 30.97
C CYS B 1453 -29.11 57.47 30.16
N GLU B 1454 -30.34 57.32 30.68
CA GLU B 1454 -31.38 56.60 29.98
C GLU B 1454 -31.76 57.30 28.69
N GLN B 1455 -31.97 58.61 28.75
CA GLN B 1455 -32.35 59.32 27.53
C GLN B 1455 -31.18 59.57 26.60
N ALA B 1456 -29.94 59.36 27.07
CA ALA B 1456 -28.81 59.26 26.14
C ALA B 1456 -28.79 57.90 25.46
N ALA B 1457 -29.10 56.83 26.20
CA ALA B 1457 -29.10 55.49 25.63
C ALA B 1457 -30.20 55.34 24.58
N GLU B 1458 -31.38 55.88 24.85
CA GLU B 1458 -32.45 55.84 23.86
C GLU B 1458 -32.06 56.56 22.58
N THR B 1459 -31.22 57.60 22.70
CA THR B 1459 -30.74 58.33 21.54
C THR B 1459 -29.88 57.46 20.65
N ASN B 1460 -30.09 57.57 19.34
CA ASN B 1460 -29.23 56.93 18.35
C ASN B 1460 -28.53 57.91 17.42
N ASN B 1461 -29.04 59.13 17.28
CA ASN B 1461 -28.39 60.14 16.46
C ASN B 1461 -27.17 60.72 17.18
N VAL B 1462 -26.15 61.06 16.40
CA VAL B 1462 -24.90 61.55 16.98
C VAL B 1462 -25.07 62.94 17.58
N TYR B 1463 -25.85 63.81 16.92
CA TYR B 1463 -25.92 65.21 17.33
C TYR B 1463 -26.61 65.35 18.69
N LYS B 1464 -27.79 64.75 18.84
CA LYS B 1464 -28.47 64.86 20.14
C LYS B 1464 -27.81 64.01 21.21
N LYS B 1465 -27.09 62.94 20.82
CA LYS B 1465 -26.26 62.24 21.81
C LYS B 1465 -25.17 63.15 22.35
N HIS B 1466 -24.52 63.92 21.47
CA HIS B 1466 -23.54 64.89 21.91
C HIS B 1466 -24.18 65.97 22.77
N ARG B 1467 -25.40 66.38 22.43
CA ARG B 1467 -26.12 67.34 23.27
C ARG B 1467 -26.34 66.78 24.67
N ILE B 1468 -26.82 65.55 24.77
CA ILE B 1468 -27.04 64.95 26.08
C ILE B 1468 -25.71 64.81 26.83
N LEU B 1469 -24.62 64.56 26.10
CA LEU B 1469 -23.31 64.59 26.74
C LEU B 1469 -23.00 65.99 27.28
N LYS B 1470 -23.42 67.04 26.58
CA LYS B 1470 -23.23 68.39 27.10
C LYS B 1470 -24.00 68.61 28.41
N ILE B 1471 -25.26 68.17 28.46
CA ILE B 1471 -26.01 68.27 29.71
C ILE B 1471 -25.35 67.45 30.81
N TYR B 1472 -24.86 66.26 30.47
CA TYR B 1472 -24.17 65.42 31.45
C TYR B 1472 -22.95 66.14 32.00
N HIS B 1473 -22.15 66.75 31.12
CA HIS B 1473 -20.97 67.49 31.56
C HIS B 1473 -21.36 68.66 32.45
N LEU B 1474 -22.42 69.38 32.08
CA LEU B 1474 -22.86 70.52 32.88
C LEU B 1474 -23.26 70.07 34.28
N PHE B 1475 -24.08 69.03 34.37
CA PHE B 1475 -24.55 68.57 35.69
C PHE B 1475 -23.39 68.03 36.52
N VAL B 1476 -22.49 67.26 35.91
CA VAL B 1476 -21.36 66.71 36.66
C VAL B 1476 -20.43 67.82 37.14
N SER B 1477 -20.23 68.85 36.32
CA SER B 1477 -19.41 69.98 36.76
C SER B 1477 -20.06 70.71 37.92
N LEU B 1478 -21.35 71.00 37.82
CA LEU B 1478 -22.05 71.66 38.92
C LEU B 1478 -22.01 70.82 40.19
N LEU B 1479 -22.06 69.49 40.06
CA LEU B 1479 -22.00 68.62 41.22
C LEU B 1479 -20.58 68.55 41.79
N LEU B 1480 -19.56 68.64 40.92
CA LEU B 1480 -18.17 68.66 41.35
C LEU B 1480 -17.76 69.98 41.97
N LYS B 1481 -18.54 71.05 41.75
CA LYS B 1481 -18.25 72.31 42.43
C LYS B 1481 -18.62 72.29 43.90
N ASP B 1482 -19.29 71.24 44.38
CA ASP B 1482 -19.76 71.19 45.76
C ASP B 1482 -19.29 69.92 46.45
N ILE B 1483 -18.00 69.58 46.30
CA ILE B 1483 -17.40 68.50 47.06
C ILE B 1483 -17.05 69.02 48.44
N LYS B 1484 -16.68 68.12 49.35
CA LYS B 1484 -16.40 68.35 50.77
C LYS B 1484 -17.66 68.59 51.58
N SER B 1485 -18.83 68.66 50.95
CA SER B 1485 -20.09 68.68 51.67
C SER B 1485 -20.64 67.28 51.92
N GLY B 1486 -20.15 66.28 51.19
CA GLY B 1486 -20.57 64.91 51.35
C GLY B 1486 -21.76 64.51 50.49
N LEU B 1487 -22.51 65.48 49.96
CA LEU B 1487 -23.70 65.20 49.15
C LEU B 1487 -24.68 64.31 49.89
N GLY B 1488 -24.77 64.51 51.21
CA GLY B 1488 -25.60 63.65 52.03
C GLY B 1488 -25.13 62.22 52.07
N GLY B 1489 -23.82 62.01 52.04
CA GLY B 1489 -23.25 60.67 52.03
C GLY B 1489 -23.33 59.95 50.70
N ALA B 1490 -23.67 60.65 49.62
CA ALA B 1490 -23.83 60.04 48.31
C ALA B 1490 -22.62 60.25 47.40
N TRP B 1491 -21.52 60.78 47.93
CA TRP B 1491 -20.38 61.11 47.09
C TRP B 1491 -19.76 59.88 46.46
N ALA B 1492 -19.58 58.80 47.24
CA ALA B 1492 -18.91 57.62 46.72
C ALA B 1492 -19.70 56.98 45.59
N PHE B 1493 -21.01 56.82 45.78
CA PHE B 1493 -21.84 56.21 44.74
C PHE B 1493 -21.86 57.05 43.47
N VAL B 1494 -21.97 58.37 43.62
CA VAL B 1494 -22.00 59.25 42.44
C VAL B 1494 -20.66 59.19 41.71
N LEU B 1495 -19.56 59.22 42.45
CA LEU B 1495 -18.24 59.13 41.83
C LEU B 1495 -18.10 57.82 41.05
N ARG B 1496 -18.49 56.71 41.67
CA ARG B 1496 -18.39 55.42 41.00
C ARG B 1496 -19.28 55.36 39.76
N ASP B 1497 -20.50 55.87 39.86
CA ASP B 1497 -21.42 55.84 38.73
C ASP B 1497 -20.90 56.70 37.57
N VAL B 1498 -20.41 57.90 37.87
CA VAL B 1498 -19.88 58.77 36.81
C VAL B 1498 -18.67 58.14 36.16
N ILE B 1499 -17.76 57.57 36.97
CA ILE B 1499 -16.56 56.96 36.42
C ILE B 1499 -16.92 55.80 35.50
N TYR B 1500 -17.86 54.95 35.93
CA TYR B 1500 -18.22 53.80 35.11
C TYR B 1500 -18.99 54.21 33.87
N THR B 1501 -19.83 55.24 33.96
CA THR B 1501 -20.53 55.74 32.79
C THR B 1501 -19.55 56.28 31.76
N LEU B 1502 -18.56 57.07 32.21
CA LEU B 1502 -17.57 57.59 31.28
C LEU B 1502 -16.73 56.48 30.67
N ILE B 1503 -16.37 55.47 31.47
CA ILE B 1503 -15.60 54.34 30.94
C ILE B 1503 -16.41 53.60 29.88
N HIS B 1504 -17.69 53.35 30.15
CA HIS B 1504 -18.53 52.66 29.18
C HIS B 1504 -18.67 53.49 27.90
N TYR B 1505 -18.85 54.81 28.03
CA TYR B 1505 -18.96 55.66 26.86
C TYR B 1505 -17.67 55.64 26.03
N ILE B 1506 -16.52 55.64 26.71
CA ILE B 1506 -15.25 55.58 26.01
C ILE B 1506 -15.09 54.24 25.30
N ASN B 1507 -15.50 53.14 25.95
CA ASN B 1507 -15.31 51.82 25.38
C ASN B 1507 -16.16 51.59 24.14
N GLN B 1508 -17.33 52.24 24.06
CA GLN B 1508 -18.27 52.04 22.96
C GLN B 1508 -18.04 52.98 21.79
N ARG B 1509 -16.82 53.50 21.63
CA ARG B 1509 -16.53 54.43 20.55
C ARG B 1509 -16.68 53.75 19.19
N PRO B 1510 -17.52 54.26 18.29
CA PRO B 1510 -17.63 53.66 16.96
C PRO B 1510 -16.35 53.77 16.16
N SER B 1511 -15.85 54.99 15.99
CA SER B 1511 -14.64 55.28 15.24
C SER B 1511 -14.24 56.72 15.55
N CYS B 1512 -13.26 57.23 14.82
CA CYS B 1512 -12.77 58.60 14.97
C CYS B 1512 -12.63 59.27 13.61
N ILE B 1513 -13.67 59.14 12.78
CA ILE B 1513 -13.67 59.74 11.45
C ILE B 1513 -14.60 60.95 11.35
N MET B 1514 -15.54 61.10 12.27
CA MET B 1514 -16.49 62.21 12.25
C MET B 1514 -16.11 63.26 13.29
N ASP B 1515 -16.30 64.52 12.94
CA ASP B 1515 -15.91 65.61 13.84
C ASP B 1515 -16.68 65.56 15.16
N VAL B 1516 -17.98 65.29 15.09
CA VAL B 1516 -18.78 65.25 16.31
C VAL B 1516 -18.35 64.10 17.21
N SER B 1517 -17.94 62.98 16.62
CA SER B 1517 -17.43 61.87 17.42
C SER B 1517 -16.16 62.27 18.16
N LEU B 1518 -15.25 62.97 17.48
CA LEU B 1518 -14.04 63.45 18.14
C LEU B 1518 -14.38 64.44 19.25
N ARG B 1519 -15.34 65.33 19.01
CA ARG B 1519 -15.72 66.30 20.03
C ARG B 1519 -16.30 65.59 21.25
N SER B 1520 -17.16 64.60 21.04
CA SER B 1520 -17.74 63.86 22.16
C SER B 1520 -16.68 63.09 22.92
N PHE B 1521 -15.74 62.44 22.20
CA PHE B 1521 -14.68 61.70 22.86
C PHE B 1521 -13.79 62.61 23.68
N SER B 1522 -13.43 63.77 23.14
CA SER B 1522 -12.62 64.73 23.88
C SER B 1522 -13.37 65.23 25.10
N LEU B 1523 -14.67 65.48 24.97
CA LEU B 1523 -15.45 65.93 26.11
C LEU B 1523 -15.50 64.87 27.20
N CYS B 1524 -15.69 63.61 26.83
CA CYS B 1524 -15.72 62.54 27.82
C CYS B 1524 -14.38 62.39 28.52
N CYS B 1525 -13.29 62.42 27.76
CA CYS B 1525 -11.96 62.32 28.37
C CYS B 1525 -11.69 63.50 29.30
N ASP B 1526 -12.07 64.71 28.90
CA ASP B 1526 -11.88 65.86 29.75
C ASP B 1526 -12.67 65.71 31.05
N LEU B 1527 -13.93 65.30 30.94
CA LEU B 1527 -14.77 65.14 32.14
C LEU B 1527 -14.17 64.10 33.07
N LEU B 1528 -13.69 62.99 32.52
CA LEU B 1528 -12.99 62.00 33.34
C LEU B 1528 -11.78 62.63 34.02
N SER B 1529 -11.08 63.50 33.30
CA SER B 1529 -9.90 64.17 33.87
C SER B 1529 -10.28 65.01 35.09
N GLN B 1530 -11.27 65.89 34.96
CA GLN B 1530 -11.62 66.68 36.15
C GLN B 1530 -12.21 65.83 37.26
N VAL B 1531 -12.97 64.77 36.93
CA VAL B 1531 -13.52 63.91 37.96
C VAL B 1531 -12.40 63.26 38.77
N CYS B 1532 -11.42 62.68 38.08
CA CYS B 1532 -10.30 62.05 38.78
C CYS B 1532 -9.50 63.09 39.59
N GLN B 1533 -9.25 64.26 39.01
CA GLN B 1533 -8.48 65.28 39.71
C GLN B 1533 -9.20 65.73 40.99
N THR B 1534 -10.50 66.00 40.88
CA THR B 1534 -11.26 66.46 42.05
C THR B 1534 -11.33 65.38 43.11
N ALA B 1535 -11.55 64.12 42.70
CA ALA B 1535 -11.62 63.04 43.67
C ALA B 1535 -10.31 62.88 44.41
N VAL B 1536 -9.18 62.91 43.67
CA VAL B 1536 -7.88 62.78 44.31
C VAL B 1536 -7.63 63.95 45.26
N THR B 1537 -7.93 65.17 44.83
CA THR B 1537 -7.61 66.34 45.64
C THR B 1537 -8.44 66.38 46.91
N TYR B 1538 -9.76 66.18 46.80
CA TYR B 1538 -10.66 66.37 47.94
C TYR B 1538 -10.97 65.10 48.68
N CYS B 1539 -10.42 63.96 48.28
CA CYS B 1539 -10.69 62.73 49.01
C CYS B 1539 -9.43 61.98 49.41
N LYS B 1540 -8.40 62.00 48.58
CA LYS B 1540 -7.17 61.22 48.75
C LYS B 1540 -7.45 59.72 48.79
N ASP B 1541 -8.67 59.30 48.46
CA ASP B 1541 -9.09 57.90 48.48
C ASP B 1541 -10.13 57.73 47.38
N ALA B 1542 -10.89 56.64 47.45
CA ALA B 1542 -12.01 56.30 46.58
C ALA B 1542 -11.58 55.95 45.16
N LEU B 1543 -10.29 56.05 44.84
CA LEU B 1543 -9.77 55.58 43.56
C LEU B 1543 -9.00 54.28 43.70
N GLU B 1544 -8.84 53.76 44.91
CA GLU B 1544 -8.20 52.46 45.10
C GLU B 1544 -9.03 51.35 44.49
N ASN B 1545 -10.34 51.54 44.38
CA ASN B 1545 -11.23 50.56 43.79
C ASN B 1545 -11.56 50.87 42.33
N HIS B 1546 -11.03 51.95 41.77
CA HIS B 1546 -11.30 52.32 40.39
C HIS B 1546 -10.07 52.61 39.55
N LEU B 1547 -8.87 52.64 40.15
CA LEU B 1547 -7.68 53.05 39.41
C LEU B 1547 -7.37 52.08 38.28
N HIS B 1548 -7.42 50.78 38.55
CA HIS B 1548 -7.03 49.81 37.54
C HIS B 1548 -7.99 49.79 36.36
N VAL B 1549 -9.28 49.98 36.61
CA VAL B 1549 -10.25 50.01 35.52
C VAL B 1549 -9.98 51.22 34.62
N ILE B 1550 -9.74 52.38 35.21
CA ILE B 1550 -9.49 53.58 34.43
C ILE B 1550 -8.20 53.43 33.62
N VAL B 1551 -7.15 52.88 34.24
CA VAL B 1551 -5.89 52.71 33.53
C VAL B 1551 -6.04 51.74 32.38
N GLY B 1552 -6.73 50.62 32.61
CA GLY B 1552 -6.95 49.65 31.55
C GLY B 1552 -7.79 50.20 30.42
N THR B 1553 -8.76 51.06 30.74
CA THR B 1553 -9.55 51.69 29.68
C THR B 1553 -8.74 52.70 28.89
N LEU B 1554 -7.88 53.45 29.58
CA LEU B 1554 -7.14 54.53 28.93
C LEU B 1554 -5.96 54.03 28.10
N ILE B 1555 -5.33 52.92 28.50
CA ILE B 1555 -4.10 52.49 27.83
C ILE B 1555 -4.28 52.27 26.33
N PRO B 1556 -5.29 51.54 25.84
CA PRO B 1556 -5.40 51.33 24.39
C PRO B 1556 -5.67 52.59 23.60
N LEU B 1557 -6.14 53.67 24.24
CA LEU B 1557 -6.50 54.89 23.53
C LEU B 1557 -5.30 55.61 22.93
N VAL B 1558 -4.08 55.29 23.37
CA VAL B 1558 -2.90 56.03 22.94
C VAL B 1558 -2.49 55.73 21.50
N TYR B 1559 -3.05 54.68 20.89
CA TYR B 1559 -2.69 54.29 19.54
C TYR B 1559 -3.59 54.90 18.48
N GLU B 1560 -4.62 55.65 18.86
CA GLU B 1560 -5.63 56.07 17.90
C GLU B 1560 -5.22 57.32 17.13
N GLN B 1561 -5.05 58.44 17.82
CA GLN B 1561 -4.79 59.70 17.16
C GLN B 1561 -4.18 60.67 18.16
N VAL B 1562 -3.40 61.62 17.64
CA VAL B 1562 -2.53 62.44 18.50
C VAL B 1562 -3.34 63.36 19.40
N GLU B 1563 -4.44 63.92 18.90
CA GLU B 1563 -5.18 64.91 19.69
C GLU B 1563 -5.77 64.28 20.95
N VAL B 1564 -6.33 63.07 20.82
CA VAL B 1564 -6.81 62.37 22.00
C VAL B 1564 -5.65 61.70 22.74
N GLN B 1565 -4.56 61.41 22.03
CA GLN B 1565 -3.39 60.82 22.66
C GLN B 1565 -2.81 61.76 23.71
N LYS B 1566 -2.80 63.06 23.43
CA LYS B 1566 -2.28 64.03 24.40
C LYS B 1566 -3.09 63.98 25.68
N GLN B 1567 -4.43 63.96 25.57
CA GLN B 1567 -5.28 63.91 26.75
C GLN B 1567 -5.07 62.61 27.53
N VAL B 1568 -5.02 61.48 26.82
CA VAL B 1568 -4.81 60.21 27.52
C VAL B 1568 -3.46 60.21 28.23
N LEU B 1569 -2.41 60.66 27.54
CA LEU B 1569 -1.08 60.65 28.13
C LEU B 1569 -0.98 61.56 29.35
N ASP B 1570 -1.52 62.78 29.27
CA ASP B 1570 -1.35 63.68 30.41
C ASP B 1570 -2.25 63.27 31.57
N LEU B 1571 -3.44 62.72 31.29
CA LEU B 1571 -4.26 62.19 32.37
C LEU B 1571 -3.56 61.03 33.07
N LEU B 1572 -2.98 60.10 32.29
CA LEU B 1572 -2.27 58.98 32.90
C LEU B 1572 -1.04 59.46 33.66
N LYS B 1573 -0.34 60.45 33.12
CA LYS B 1573 0.84 60.99 33.80
C LYS B 1573 0.45 61.59 35.15
N TYR B 1574 -0.58 62.43 35.17
CA TYR B 1574 -1.04 63.00 36.43
C TYR B 1574 -1.49 61.91 37.39
N LEU B 1575 -2.15 60.88 36.87
CA LEU B 1575 -2.76 59.86 37.72
C LEU B 1575 -1.72 58.90 38.30
N VAL B 1576 -0.58 58.72 37.63
CA VAL B 1576 0.44 57.78 38.07
C VAL B 1576 1.69 58.48 38.59
N ILE B 1577 2.37 59.24 37.73
CA ILE B 1577 3.66 59.80 38.10
C ILE B 1577 3.50 60.89 39.15
N ASP B 1578 2.55 61.81 38.95
CA ASP B 1578 2.37 62.92 39.86
C ASP B 1578 1.78 62.49 41.20
N ASN B 1579 1.26 61.27 41.29
CA ASN B 1579 0.66 60.76 42.52
C ASN B 1579 1.48 59.65 43.15
N LYS B 1580 2.73 59.44 42.70
CA LYS B 1580 3.56 58.40 43.29
C LYS B 1580 3.92 58.72 44.75
N ASP B 1581 3.86 59.98 45.16
CA ASP B 1581 4.09 60.36 46.55
C ASP B 1581 2.79 60.39 47.33
N ASN B 1582 2.02 59.31 47.26
CA ASN B 1582 0.75 59.19 47.95
C ASN B 1582 0.69 57.81 48.60
N GLU B 1583 0.46 57.77 49.92
CA GLU B 1583 0.42 56.50 50.63
C GLU B 1583 -0.77 55.66 50.17
N ASN B 1584 -1.93 56.29 49.97
CA ASN B 1584 -3.13 55.53 49.59
C ASN B 1584 -2.98 54.91 48.21
N LEU B 1585 -2.44 55.65 47.25
CA LEU B 1585 -2.34 55.17 45.88
C LEU B 1585 -1.11 54.32 45.63
N TYR B 1586 -0.18 54.23 46.57
CA TYR B 1586 1.07 53.51 46.34
C TYR B 1586 0.81 52.02 46.10
N ILE B 1587 0.01 51.40 46.96
CA ILE B 1587 -0.28 49.97 46.81
C ILE B 1587 -1.10 49.71 45.55
N THR B 1588 -2.03 50.61 45.23
CA THR B 1588 -2.84 50.43 44.04
C THR B 1588 -1.99 50.57 42.78
N ILE B 1589 -0.98 51.45 42.80
CA ILE B 1589 -0.09 51.58 41.66
C ILE B 1589 0.82 50.36 41.54
N LYS B 1590 1.31 49.85 42.66
CA LYS B 1590 2.17 48.67 42.56
C LYS B 1590 1.38 47.45 42.12
N LEU B 1591 0.08 47.39 42.44
CA LEU B 1591 -0.77 46.29 41.99
C LEU B 1591 -1.49 46.67 40.70
N LEU B 1592 -0.68 46.96 39.68
CA LEU B 1592 -1.19 47.42 38.39
C LEU B 1592 -0.50 46.65 37.27
N ASP B 1593 -1.20 46.50 36.16
CA ASP B 1593 -0.62 45.80 35.01
C ASP B 1593 0.51 46.63 34.41
N PRO B 1594 1.56 45.98 33.92
CA PRO B 1594 2.65 46.73 33.27
C PRO B 1594 2.17 47.43 32.01
N PHE B 1595 2.77 48.59 31.74
CA PHE B 1595 2.45 49.34 30.54
C PHE B 1595 3.10 48.70 29.32
N PRO B 1596 2.52 48.90 28.14
CA PRO B 1596 3.10 48.31 26.93
C PRO B 1596 4.51 48.85 26.66
N ASP B 1597 5.34 47.98 26.09
CA ASP B 1597 6.74 48.33 25.80
C ASP B 1597 6.78 49.20 24.54
N HIS B 1598 6.66 50.50 24.77
CA HIS B 1598 6.72 51.48 23.69
C HIS B 1598 7.37 52.75 24.21
N VAL B 1599 7.89 53.56 23.28
CA VAL B 1599 8.53 54.81 23.63
C VAL B 1599 7.54 55.80 24.25
N VAL B 1600 6.25 55.67 23.94
CA VAL B 1600 5.25 56.57 24.50
C VAL B 1600 5.12 56.34 26.00
N PHE B 1601 5.24 55.09 26.45
CA PHE B 1601 5.03 54.73 27.84
C PHE B 1601 6.33 54.66 28.65
N LYS B 1602 7.45 55.10 28.08
CA LYS B 1602 8.75 54.86 28.71
C LYS B 1602 8.82 55.50 30.10
N ASP B 1603 8.35 56.74 30.23
CA ASP B 1603 8.35 57.38 31.54
C ASP B 1603 7.41 56.65 32.50
N LEU B 1604 6.21 56.29 32.01
CA LEU B 1604 5.27 55.54 32.84
C LEU B 1604 5.82 54.18 33.21
N ARG B 1605 6.49 53.51 32.25
CA ARG B 1605 7.09 52.22 32.53
C ARG B 1605 8.16 52.34 33.61
N ILE B 1606 9.02 53.36 33.51
CA ILE B 1606 10.08 53.54 34.50
C ILE B 1606 9.48 53.84 35.87
N THR B 1607 8.45 54.70 35.92
CA THR B 1607 7.83 55.02 37.20
C THR B 1607 7.21 53.79 37.83
N GLN B 1608 6.49 52.99 37.04
CA GLN B 1608 5.87 51.79 37.57
C GLN B 1608 6.90 50.78 38.03
N GLN B 1609 7.99 50.62 37.28
CA GLN B 1609 9.05 49.70 37.69
C GLN B 1609 9.70 50.15 39.00
N LYS B 1610 9.94 51.45 39.15
CA LYS B 1610 10.50 51.95 40.39
C LYS B 1610 9.55 51.72 41.56
N ILE B 1611 8.25 51.96 41.36
CA ILE B 1611 7.29 51.76 42.42
C ILE B 1611 7.20 50.29 42.82
N LYS B 1612 7.14 49.40 41.81
CA LYS B 1612 6.92 47.98 42.08
C LYS B 1612 8.17 47.33 42.69
N TYR B 1613 9.34 47.62 42.13
CA TYR B 1613 10.57 46.95 42.55
C TYR B 1613 11.22 47.58 43.77
N SER B 1614 10.45 48.31 44.58
CA SER B 1614 10.98 48.79 45.84
C SER B 1614 11.19 47.63 46.80
N ARG B 1615 12.00 47.88 47.83
CA ARG B 1615 12.35 46.89 48.85
C ARG B 1615 13.09 45.69 48.26
N GLY B 1616 13.74 45.86 47.11
CA GLY B 1616 14.53 44.80 46.53
C GLY B 1616 13.91 44.22 45.27
N PRO B 1617 14.63 43.33 44.61
CA PRO B 1617 14.13 42.68 43.40
C PRO B 1617 13.11 41.59 43.75
N PHE B 1618 12.61 40.92 42.71
CA PHE B 1618 11.60 39.89 42.84
C PHE B 1618 12.14 38.54 42.41
N SER B 1619 11.74 37.50 43.13
CA SER B 1619 12.02 36.12 42.74
C SER B 1619 10.89 35.63 41.83
N LEU B 1620 11.04 34.40 41.32
CA LEU B 1620 10.00 33.83 40.47
C LEU B 1620 8.70 33.66 41.24
N LEU B 1621 8.78 33.17 42.48
CA LEU B 1621 7.58 33.02 43.30
C LEU B 1621 6.92 34.36 43.55
N GLU B 1622 7.71 35.39 43.82
CA GLU B 1622 7.15 36.73 44.03
C GLU B 1622 6.51 37.27 42.76
N GLU B 1623 7.13 37.02 41.61
CA GLU B 1623 6.55 37.47 40.35
C GLU B 1623 5.21 36.77 40.08
N ILE B 1624 5.14 35.47 40.33
CA ILE B 1624 3.89 34.75 40.13
C ILE B 1624 2.82 35.24 41.10
N ASN B 1625 3.20 35.47 42.36
CA ASN B 1625 2.23 35.99 43.33
C ASN B 1625 1.74 37.38 42.94
N HIS B 1626 2.63 38.23 42.42
CA HIS B 1626 2.22 39.54 41.93
C HIS B 1626 1.25 39.41 40.76
N PHE B 1627 1.54 38.49 39.84
CA PHE B 1627 0.63 38.27 38.71
C PHE B 1627 -0.75 37.84 39.20
N LEU B 1628 -0.80 36.93 40.16
CA LEU B 1628 -2.09 36.49 40.69
C LEU B 1628 -2.81 37.61 41.42
N SER B 1629 -2.07 38.41 42.19
CA SER B 1629 -2.68 39.53 42.90
C SER B 1629 -3.28 40.55 41.94
N VAL B 1630 -2.59 40.82 40.84
CA VAL B 1630 -3.18 41.67 39.81
C VAL B 1630 -4.40 40.98 39.18
N SER B 1631 -4.33 39.66 39.01
CA SER B 1631 -5.45 38.91 38.47
C SER B 1631 -6.67 38.94 39.40
N VAL B 1632 -6.47 39.26 40.68
CA VAL B 1632 -7.61 39.39 41.59
C VAL B 1632 -8.58 40.45 41.06
N TYR B 1633 -8.05 41.57 40.59
CA TYR B 1633 -8.89 42.58 39.93
C TYR B 1633 -9.43 42.03 38.62
N ASP B 1634 -10.72 42.29 38.38
CA ASP B 1634 -11.40 41.80 37.18
C ASP B 1634 -11.48 42.92 36.15
N ALA B 1635 -11.01 42.63 34.94
CA ALA B 1635 -11.05 43.60 33.84
C ALA B 1635 -11.03 42.82 32.54
N LEU B 1636 -10.92 43.53 31.42
CA LEU B 1636 -10.86 42.89 30.12
C LEU B 1636 -9.57 42.10 29.99
N PRO B 1637 -9.61 40.91 29.36
CA PRO B 1637 -8.39 40.08 29.27
C PRO B 1637 -7.25 40.76 28.54
N LEU B 1638 -7.55 41.58 27.51
CA LEU B 1638 -6.48 42.22 26.74
C LEU B 1638 -5.60 43.09 27.63
N THR B 1639 -6.17 43.69 28.67
CA THR B 1639 -5.40 44.54 29.57
C THR B 1639 -4.30 43.77 30.30
N ARG B 1640 -4.40 42.43 30.35
CA ARG B 1640 -3.37 41.61 30.97
C ARG B 1640 -2.26 41.24 30.00
N LEU B 1641 -2.44 41.46 28.70
CA LEU B 1641 -1.55 40.87 27.70
C LEU B 1641 -0.10 41.21 27.97
N GLU B 1642 0.21 42.49 28.14
CA GLU B 1642 1.59 42.89 28.40
C GLU B 1642 2.14 42.17 29.62
N GLY B 1643 1.38 42.16 30.72
CA GLY B 1643 1.82 41.45 31.90
C GLY B 1643 2.11 39.99 31.61
N LEU B 1644 1.24 39.35 30.83
CA LEU B 1644 1.47 37.97 30.44
C LEU B 1644 2.86 37.80 29.87
N LYS B 1645 3.22 38.68 28.91
CA LYS B 1645 4.54 38.59 28.30
C LYS B 1645 5.63 38.62 29.36
N ASP B 1646 5.53 39.57 30.29
CA ASP B 1646 6.52 39.65 31.36
C ASP B 1646 6.62 38.33 32.10
N LEU B 1647 5.47 37.78 32.48
CA LEU B 1647 5.46 36.50 33.18
C LEU B 1647 6.21 35.45 32.39
N ARG B 1648 5.94 35.35 31.10
CA ARG B 1648 6.58 34.30 30.27
C ARG B 1648 8.10 34.49 30.27
N ARG B 1649 8.60 35.74 30.26
CA ARG B 1649 10.03 35.95 30.36
C ARG B 1649 10.58 35.35 31.66
N GLN B 1650 9.93 35.67 32.77
CA GLN B 1650 10.38 35.11 34.04
C GLN B 1650 10.34 33.60 34.00
N LEU B 1651 9.27 33.03 33.45
CA LEU B 1651 9.12 31.59 33.43
C LEU B 1651 10.19 30.91 32.59
N GLU B 1652 10.86 31.64 31.69
CA GLU B 1652 11.92 31.05 30.90
C GLU B 1652 13.31 31.41 31.39
N LEU B 1653 13.42 32.08 32.55
CA LEU B 1653 14.71 32.47 33.08
C LEU B 1653 15.02 31.91 34.46
N HIS B 1654 14.05 31.32 35.15
CA HIS B 1654 14.22 30.89 36.53
C HIS B 1654 13.66 29.48 36.73
N LYS B 1655 14.03 28.56 35.84
CA LYS B 1655 13.53 27.19 35.96
C LYS B 1655 14.05 26.49 37.21
N ASP B 1656 15.26 26.84 37.66
CA ASP B 1656 15.73 26.32 38.94
C ASP B 1656 14.86 26.82 40.09
N GLN B 1657 14.42 28.08 40.02
CA GLN B 1657 13.46 28.57 41.00
C GLN B 1657 12.13 27.83 40.89
N MET B 1658 11.77 27.40 39.67
CA MET B 1658 10.58 26.57 39.52
C MET B 1658 10.76 25.23 40.22
N VAL B 1659 11.96 24.66 40.13
CA VAL B 1659 12.26 23.41 40.84
C VAL B 1659 12.11 23.63 42.34
N ASP B 1660 12.65 24.74 42.84
CA ASP B 1660 12.55 25.05 44.26
C ASP B 1660 11.10 25.22 44.69
N ILE B 1661 10.29 25.90 43.86
CA ILE B 1661 8.88 26.09 44.18
C ILE B 1661 8.15 24.77 44.24
N MET B 1662 8.40 23.90 43.26
CA MET B 1662 7.74 22.59 43.23
C MET B 1662 8.14 21.76 44.44
N ARG B 1663 9.41 21.82 44.84
CA ARG B 1663 9.84 21.10 46.03
C ARG B 1663 9.19 21.68 47.29
N ALA B 1664 9.01 23.00 47.33
CA ALA B 1664 8.40 23.62 48.50
C ALA B 1664 6.92 23.28 48.62
N SER B 1665 6.22 23.15 47.50
CA SER B 1665 4.78 22.97 47.52
C SER B 1665 4.35 21.51 47.67
N GLN B 1666 5.29 20.57 47.75
CA GLN B 1666 4.92 19.16 47.77
C GLN B 1666 4.26 18.74 49.08
N ASP B 1667 4.51 19.46 50.18
CA ASP B 1667 3.89 19.08 51.45
C ASP B 1667 2.37 19.23 51.39
N ASN B 1668 1.89 20.31 50.77
CA ASN B 1668 0.45 20.54 50.56
C ASN B 1668 0.26 20.85 49.08
N PRO B 1669 0.15 19.82 48.24
CA PRO B 1669 0.01 20.06 46.80
C PRO B 1669 -1.28 20.77 46.43
N GLN B 1670 -2.30 20.74 47.30
CA GLN B 1670 -3.58 21.32 46.95
C GLN B 1670 -3.49 22.82 46.69
N ASP B 1671 -2.73 23.53 47.52
CA ASP B 1671 -2.58 24.98 47.38
C ASP B 1671 -1.21 25.37 46.80
N GLY B 1672 -0.66 24.53 45.92
CA GLY B 1672 0.54 24.91 45.21
C GLY B 1672 0.27 26.04 44.24
N ILE B 1673 1.32 26.80 43.94
CA ILE B 1673 1.15 28.00 43.11
C ILE B 1673 1.26 27.72 41.61
N MET B 1674 1.85 26.59 41.22
CA MET B 1674 2.04 26.30 39.77
C MET B 1674 0.71 25.84 39.18
N VAL B 1675 -0.03 24.98 39.86
CA VAL B 1675 -1.36 24.59 39.39
C VAL B 1675 -2.33 25.75 39.50
N LYS B 1676 -2.18 26.58 40.54
CA LYS B 1676 -3.01 27.77 40.67
C LYS B 1676 -2.78 28.73 39.51
N LEU B 1677 -1.52 28.94 39.13
CA LEU B 1677 -1.22 29.81 38.00
C LEU B 1677 -1.76 29.24 36.69
N VAL B 1678 -1.64 27.92 36.51
CA VAL B 1678 -2.17 27.28 35.30
C VAL B 1678 -3.67 27.47 35.22
N VAL B 1679 -4.37 27.25 36.34
CA VAL B 1679 -5.82 27.41 36.35
C VAL B 1679 -6.21 28.86 36.09
N ASN B 1680 -5.48 29.81 36.68
CA ASN B 1680 -5.77 31.21 36.46
C ASN B 1680 -5.57 31.60 35.00
N LEU B 1681 -4.50 31.12 34.38
CA LEU B 1681 -4.26 31.41 32.97
C LEU B 1681 -5.35 30.80 32.09
N LEU B 1682 -5.78 29.58 32.42
CA LEU B 1682 -6.85 28.96 31.64
C LEU B 1682 -8.16 29.73 31.78
N GLN B 1683 -8.48 30.19 32.99
CA GLN B 1683 -9.68 30.99 33.19
C GLN B 1683 -9.60 32.31 32.43
N LEU B 1684 -8.43 32.94 32.46
CA LEU B 1684 -8.24 34.19 31.71
C LEU B 1684 -8.42 33.96 30.22
N SER B 1685 -7.89 32.87 29.70
CA SER B 1685 -8.08 32.55 28.28
C SER B 1685 -9.54 32.28 27.98
N LYS B 1686 -10.25 31.63 28.90
CA LYS B 1686 -11.67 31.37 28.72
C LYS B 1686 -12.47 32.67 28.64
N MET B 1687 -12.13 33.64 29.49
CA MET B 1687 -12.83 34.93 29.47
C MET B 1687 -12.51 35.76 28.25
N ALA B 1688 -11.51 35.39 27.46
CA ALA B 1688 -11.11 36.16 26.29
C ALA B 1688 -11.78 35.69 25.01
N ILE B 1689 -12.64 34.68 25.07
CA ILE B 1689 -13.31 34.19 23.87
C ILE B 1689 -14.40 35.17 23.46
N ASN B 1690 -14.49 35.42 22.15
CA ASN B 1690 -15.44 36.37 21.58
C ASN B 1690 -15.22 37.78 22.13
N HIS B 1691 -14.00 38.26 21.92
CA HIS B 1691 -13.60 39.60 22.37
C HIS B 1691 -12.52 40.12 21.44
N THR B 1692 -12.15 41.39 21.65
CA THR B 1692 -11.12 42.00 20.81
C THR B 1692 -9.75 41.37 21.07
N GLY B 1693 -9.48 40.95 22.29
CA GLY B 1693 -8.18 40.41 22.64
C GLY B 1693 -7.94 38.97 22.22
N GLU B 1694 -8.96 38.28 21.74
CA GLU B 1694 -8.79 36.89 21.32
C GLU B 1694 -7.80 36.81 20.16
N LYS B 1695 -7.09 35.69 20.09
CA LYS B 1695 -6.03 35.35 19.14
C LYS B 1695 -4.73 36.09 19.46
N GLU B 1696 -4.73 37.01 20.41
CA GLU B 1696 -3.50 37.57 20.96
C GLU B 1696 -3.34 37.27 22.44
N VAL B 1697 -4.44 37.27 23.20
CA VAL B 1697 -4.39 36.79 24.58
C VAL B 1697 -4.16 35.30 24.60
N LEU B 1698 -4.77 34.57 23.67
CA LEU B 1698 -4.58 33.11 23.61
C LEU B 1698 -3.14 32.76 23.29
N GLU B 1699 -2.51 33.51 22.40
CA GLU B 1699 -1.11 33.24 22.07
C GLU B 1699 -0.21 33.45 23.27
N ALA B 1700 -0.42 34.53 24.01
CA ALA B 1700 0.39 34.79 25.21
C ALA B 1700 0.14 33.73 26.27
N VAL B 1701 -1.12 33.30 26.44
CA VAL B 1701 -1.44 32.26 27.40
C VAL B 1701 -0.76 30.95 27.02
N GLY B 1702 -0.76 30.62 25.73
CA GLY B 1702 -0.08 29.41 25.28
C GLY B 1702 1.42 29.49 25.47
N SER B 1703 2.02 30.66 25.22
CA SER B 1703 3.45 30.83 25.45
C SER B 1703 3.80 30.67 26.92
N CYS B 1704 2.98 31.22 27.81
CA CYS B 1704 3.23 31.05 29.24
C CYS B 1704 3.05 29.60 29.67
N LEU B 1705 1.99 28.94 29.18
CA LEU B 1705 1.75 27.55 29.56
C LEU B 1705 2.78 26.59 28.97
N GLY B 1706 3.44 26.97 27.88
CA GLY B 1706 4.52 26.17 27.36
C GLY B 1706 5.81 26.26 28.13
N GLU B 1707 5.90 27.23 29.04
CA GLU B 1707 7.07 27.37 29.89
C GLU B 1707 6.99 26.55 31.16
N VAL B 1708 5.84 25.95 31.46
CA VAL B 1708 5.69 25.10 32.62
C VAL B 1708 5.63 23.62 32.23
N GLY B 1709 5.00 23.31 31.10
CA GLY B 1709 4.92 21.94 30.64
C GLY B 1709 4.01 21.09 31.49
N PRO B 1710 3.94 19.80 31.19
CA PRO B 1710 3.08 18.88 31.96
C PRO B 1710 3.74 18.42 33.26
N ILE B 1711 3.94 19.38 34.17
CA ILE B 1711 4.51 19.07 35.47
C ILE B 1711 3.47 18.35 36.32
N ASP B 1712 3.90 17.29 37.00
CA ASP B 1712 3.00 16.56 37.90
C ASP B 1712 2.68 17.43 39.10
N PHE B 1713 1.46 17.96 39.13
CA PHE B 1713 1.03 18.86 40.19
C PHE B 1713 0.55 18.14 41.44
N SER B 1714 0.46 16.80 41.40
CA SER B 1714 0.10 15.98 42.56
C SER B 1714 -1.30 16.30 43.08
N THR B 1715 -2.17 16.80 42.21
CA THR B 1715 -3.56 17.07 42.55
C THR B 1715 -4.45 16.58 41.42
N ILE B 1716 -5.72 16.33 41.76
CA ILE B 1716 -6.69 15.84 40.81
C ILE B 1716 -7.75 16.89 40.49
N ALA B 1717 -8.29 17.55 41.51
CA ALA B 1717 -9.38 18.48 41.33
C ALA B 1717 -8.87 19.91 41.18
N ILE B 1718 -9.69 20.75 40.55
CA ILE B 1718 -9.41 22.17 40.34
C ILE B 1718 -10.33 22.96 41.26
N GLN B 1719 -9.75 23.94 41.97
CA GLN B 1719 -10.48 24.68 42.99
C GLN B 1719 -11.00 26.02 42.54
N HIS B 1720 -10.45 26.58 41.45
CA HIS B 1720 -10.85 27.85 40.83
C HIS B 1720 -10.55 29.07 41.70
N SER B 1721 -9.97 28.90 42.88
CA SER B 1721 -9.51 30.00 43.73
C SER B 1721 -10.67 30.95 44.08
N LYS B 1722 -11.62 30.40 44.85
CA LYS B 1722 -12.76 31.18 45.29
C LYS B 1722 -12.32 32.36 46.16
N ASP B 1723 -13.27 33.26 46.39
CA ASP B 1723 -12.98 34.48 47.14
C ASP B 1723 -12.79 34.16 48.63
N ALA B 1724 -12.25 35.15 49.35
CA ALA B 1724 -11.96 35.01 50.77
C ALA B 1724 -12.81 35.91 51.65
N SER B 1725 -12.93 37.19 51.30
CA SER B 1725 -13.75 38.10 52.10
C SER B 1725 -15.23 37.71 52.04
N TYR B 1726 -15.68 37.17 50.90
CA TYR B 1726 -17.07 36.74 50.78
C TYR B 1726 -17.40 35.65 51.79
N THR B 1727 -16.49 34.68 51.95
CA THR B 1727 -16.73 33.59 52.90
C THR B 1727 -16.80 34.11 54.33
N LYS B 1728 -15.90 35.02 54.69
CA LYS B 1728 -15.92 35.60 56.04
C LYS B 1728 -17.20 36.38 56.28
N ALA B 1729 -17.63 37.17 55.29
CA ALA B 1729 -18.88 37.92 55.43
C ALA B 1729 -20.07 36.99 55.57
N LEU B 1730 -20.11 35.90 54.81
CA LEU B 1730 -21.18 34.93 54.96
C LEU B 1730 -21.15 34.30 56.35
N LYS B 1731 -19.97 33.95 56.84
CA LYS B 1731 -19.87 33.35 58.17
C LYS B 1731 -20.27 34.32 59.27
N LEU B 1732 -20.15 35.63 59.00
CA LEU B 1732 -20.53 36.62 59.99
C LEU B 1732 -22.03 36.61 60.28
N PHE B 1733 -22.85 36.11 59.37
CA PHE B 1733 -24.30 36.18 59.49
C PHE B 1733 -24.86 34.86 60.02
N GLU B 1734 -26.18 34.80 60.14
CA GLU B 1734 -26.89 33.63 60.64
C GLU B 1734 -28.36 33.77 60.24
N ASP B 1735 -29.20 32.90 60.81
CA ASP B 1735 -30.66 32.97 60.70
C ASP B 1735 -31.16 32.59 59.30
N LYS B 1736 -30.25 32.37 58.36
CA LYS B 1736 -30.51 31.93 57.00
C LYS B 1736 -31.25 32.97 56.17
N GLU B 1737 -31.64 34.10 56.76
CA GLU B 1737 -32.30 35.18 56.04
C GLU B 1737 -31.40 36.39 55.85
N LEU B 1738 -30.55 36.69 56.83
CA LEU B 1738 -29.55 37.74 56.64
C LEU B 1738 -28.51 37.33 55.61
N GLN B 1739 -28.20 36.04 55.53
CA GLN B 1739 -27.29 35.56 54.49
C GLN B 1739 -27.88 35.78 53.10
N TRP B 1740 -29.17 35.49 52.94
CA TRP B 1740 -29.83 35.75 51.67
C TRP B 1740 -29.80 37.24 51.34
N THR B 1741 -30.06 38.07 52.34
CA THR B 1741 -30.03 39.52 52.13
C THR B 1741 -28.64 39.96 51.68
N PHE B 1742 -27.60 39.44 52.33
CA PHE B 1742 -26.24 39.80 51.96
C PHE B 1742 -25.93 39.37 50.52
N ILE B 1743 -26.32 38.15 50.16
CA ILE B 1743 -26.01 37.64 48.83
C ILE B 1743 -26.71 38.48 47.76
N MET B 1744 -28.00 38.73 47.95
CA MET B 1744 -28.74 39.49 46.94
C MET B 1744 -28.26 40.94 46.89
N LEU B 1745 -27.94 41.54 48.03
CA LEU B 1745 -27.44 42.91 48.04
C LEU B 1745 -26.10 43.01 47.34
N THR B 1746 -25.22 42.03 47.56
CA THR B 1746 -23.93 42.03 46.87
C THR B 1746 -24.14 41.87 45.36
N TYR B 1747 -25.04 40.98 44.95
CA TYR B 1747 -25.30 40.81 43.52
C TYR B 1747 -25.83 42.10 42.90
N LEU B 1748 -26.75 42.77 43.60
CA LEU B 1748 -27.33 44.00 43.06
C LEU B 1748 -26.29 45.12 43.00
N ASN B 1749 -25.44 45.22 44.03
CA ASN B 1749 -24.37 46.21 43.98
C ASN B 1749 -23.42 45.94 42.82
N ASN B 1750 -23.11 44.67 42.57
CA ASN B 1750 -22.25 44.32 41.44
C ASN B 1750 -22.91 44.67 40.12
N THR B 1751 -24.21 44.42 39.97
CA THR B 1751 -24.91 44.69 38.72
C THR B 1751 -25.37 46.13 38.60
N LEU B 1752 -25.05 46.98 39.58
CA LEU B 1752 -25.30 48.40 39.42
C LEU B 1752 -24.46 49.05 38.31
N VAL B 1753 -23.44 48.37 37.78
CA VAL B 1753 -22.48 49.04 36.92
C VAL B 1753 -22.31 48.37 35.55
N GLU B 1754 -23.37 47.77 35.01
CA GLU B 1754 -23.29 47.35 33.62
C GLU B 1754 -23.69 48.49 32.69
N ASP B 1755 -23.33 48.34 31.40
CA ASP B 1755 -23.46 49.43 30.44
C ASP B 1755 -24.91 49.78 30.18
N CYS B 1756 -25.73 48.78 29.86
CA CYS B 1756 -27.12 49.05 29.48
C CYS B 1756 -27.93 49.50 30.68
N VAL B 1757 -28.62 50.63 30.53
CA VAL B 1757 -29.44 51.17 31.64
C VAL B 1757 -30.83 50.55 31.47
N LYS B 1758 -30.93 49.29 31.88
CA LYS B 1758 -32.21 48.64 32.17
C LYS B 1758 -32.16 47.79 33.42
N VAL B 1759 -30.99 47.32 33.84
CA VAL B 1759 -30.84 46.61 35.09
C VAL B 1759 -30.39 47.54 36.21
N ARG B 1760 -29.85 48.72 35.88
CA ARG B 1760 -29.45 49.67 36.92
C ARG B 1760 -30.67 50.21 37.66
N SER B 1761 -31.70 50.61 36.93
CA SER B 1761 -32.91 51.12 37.57
C SER B 1761 -33.59 50.03 38.40
N ALA B 1762 -33.67 48.81 37.86
CA ALA B 1762 -34.26 47.70 38.62
C ALA B 1762 -33.46 47.41 39.88
N ALA B 1763 -32.13 47.44 39.77
CA ALA B 1763 -31.28 47.21 40.94
C ALA B 1763 -31.48 48.29 41.99
N VAL B 1764 -31.57 49.55 41.55
CA VAL B 1764 -31.78 50.64 42.50
C VAL B 1764 -33.14 50.50 43.19
N THR B 1765 -34.17 50.11 42.43
CA THR B 1765 -35.48 49.86 43.05
C THR B 1765 -35.40 48.73 44.06
N CYS B 1766 -34.68 47.66 43.72
CA CYS B 1766 -34.54 46.55 44.65
C CYS B 1766 -33.81 46.97 45.92
N LEU B 1767 -32.76 47.79 45.78
CA LEU B 1767 -32.08 48.31 46.96
C LEU B 1767 -33.01 49.14 47.83
N LYS B 1768 -33.78 50.04 47.21
CA LYS B 1768 -34.68 50.88 47.99
C LYS B 1768 -35.72 50.05 48.71
N ASN B 1769 -36.26 49.02 48.04
CA ASN B 1769 -37.28 48.19 48.68
C ASN B 1769 -36.68 47.33 49.79
N ILE B 1770 -35.53 46.71 49.54
CA ILE B 1770 -34.96 45.77 50.51
C ILE B 1770 -34.45 46.51 51.74
N LEU B 1771 -33.74 47.62 51.56
CA LEU B 1771 -33.14 48.33 52.68
C LEU B 1771 -34.16 49.03 53.55
N ALA B 1772 -35.41 49.12 53.12
CA ALA B 1772 -36.47 49.77 53.89
C ALA B 1772 -37.28 48.78 54.72
N THR B 1773 -36.89 47.51 54.74
CA THR B 1773 -37.63 46.48 55.45
C THR B 1773 -37.02 46.20 56.82
N LYS B 1774 -37.77 45.43 57.62
CA LYS B 1774 -37.27 45.02 58.93
C LYS B 1774 -36.01 44.18 58.80
N THR B 1775 -36.03 43.20 57.89
CA THR B 1775 -34.86 42.37 57.68
C THR B 1775 -33.71 43.17 57.09
N GLY B 1776 -34.00 44.22 56.33
CA GLY B 1776 -32.94 45.09 55.85
C GLY B 1776 -32.17 45.75 56.98
N HIS B 1777 -32.88 46.21 58.00
CA HIS B 1777 -32.20 46.80 59.15
C HIS B 1777 -31.51 45.73 60.00
N SER B 1778 -32.17 44.58 60.18
CA SER B 1778 -31.50 43.47 60.86
C SER B 1778 -30.19 43.12 60.16
N PHE B 1779 -30.15 43.29 58.84
CA PHE B 1779 -28.90 43.18 58.08
C PHE B 1779 -27.94 44.32 58.40
N TRP B 1780 -28.42 45.56 58.36
CA TRP B 1780 -27.50 46.69 58.34
C TRP B 1780 -26.87 46.94 59.70
N GLU B 1781 -27.65 46.97 60.77
CA GLU B 1781 -27.04 47.18 62.09
C GLU B 1781 -26.23 46.00 62.59
N ILE B 1782 -26.06 44.94 61.80
CA ILE B 1782 -25.08 43.91 62.10
C ILE B 1782 -23.96 43.83 61.06
N TYR B 1783 -24.15 44.41 59.87
CA TYR B 1783 -23.13 44.39 58.83
C TYR B 1783 -22.30 45.66 58.79
N LYS B 1784 -22.79 46.77 59.35
CA LYS B 1784 -22.06 48.03 59.27
C LYS B 1784 -20.75 48.02 60.04
N MET B 1785 -20.53 47.02 60.90
CA MET B 1785 -19.29 46.96 61.66
C MET B 1785 -18.08 46.77 60.76
N THR B 1786 -18.19 45.91 59.75
CA THR B 1786 -17.07 45.62 58.88
C THR B 1786 -16.82 46.77 57.91
N THR B 1787 -15.69 46.69 57.21
CA THR B 1787 -15.30 47.67 56.22
C THR B 1787 -15.45 47.07 54.83
N ASP B 1788 -16.25 47.72 53.99
CA ASP B 1788 -16.50 47.24 52.63
C ASP B 1788 -16.99 48.40 51.79
N PRO B 1789 -16.52 48.54 50.54
CA PRO B 1789 -17.00 49.66 49.70
C PRO B 1789 -18.49 49.62 49.45
N MET B 1790 -19.11 48.43 49.47
CA MET B 1790 -20.55 48.36 49.25
C MET B 1790 -21.33 49.08 50.34
N LEU B 1791 -20.79 49.11 51.56
CA LEU B 1791 -21.44 49.86 52.64
C LEU B 1791 -21.52 51.34 52.30
N ALA B 1792 -20.44 51.90 51.76
CA ALA B 1792 -20.46 53.29 51.34
C ALA B 1792 -21.35 53.49 50.12
N TYR B 1793 -21.35 52.53 49.18
CA TYR B 1793 -22.14 52.68 47.96
C TYR B 1793 -23.64 52.67 48.25
N LEU B 1794 -24.06 51.87 49.22
CA LEU B 1794 -25.48 51.72 49.53
C LEU B 1794 -26.00 52.72 50.55
N GLN B 1795 -25.15 53.65 51.00
CA GLN B 1795 -25.58 54.64 51.98
C GLN B 1795 -26.75 55.51 51.49
N PRO B 1796 -26.73 56.07 50.27
CA PRO B 1796 -27.84 56.96 49.87
C PRO B 1796 -29.19 56.27 49.84
N PHE B 1797 -29.24 54.98 49.49
CA PHE B 1797 -30.50 54.29 49.30
C PHE B 1797 -31.15 53.86 50.61
N ARG B 1798 -30.47 53.99 51.73
CA ARG B 1798 -31.04 53.68 53.04
C ARG B 1798 -31.73 54.92 53.59
N THR B 1799 -33.05 54.91 53.63
CA THR B 1799 -33.82 56.03 54.16
C THR B 1799 -34.17 55.81 55.62
N SER B 1800 -34.54 56.89 56.29
CA SER B 1800 -34.94 56.86 57.69
C SER B 1800 -36.42 57.22 57.77
N ARG B 1801 -37.27 56.19 57.88
CA ARG B 1801 -38.70 56.37 57.98
C ARG B 1801 -39.20 55.79 59.30
N LYS B 1802 -40.27 56.39 59.82
CA LYS B 1802 -40.83 55.95 61.09
C LYS B 1802 -41.34 54.52 61.02
N LYS B 1803 -42.03 54.17 59.93
CA LYS B 1803 -42.61 52.85 59.75
C LYS B 1803 -41.82 52.07 58.70
N PHE B 1804 -41.43 50.85 59.05
CA PHE B 1804 -40.72 49.99 58.12
C PHE B 1804 -41.63 49.57 56.97
N LEU B 1805 -41.02 49.34 55.81
CA LEU B 1805 -41.77 48.88 54.66
C LEU B 1805 -42.30 47.47 54.91
N GLU B 1806 -43.57 47.25 54.57
CA GLU B 1806 -44.23 45.97 54.76
C GLU B 1806 -44.65 45.43 53.41
N VAL B 1807 -44.15 44.25 53.06
CA VAL B 1807 -44.50 43.65 51.77
C VAL B 1807 -45.94 43.16 51.81
N PRO B 1808 -46.70 43.27 50.71
CA PRO B 1808 -48.08 42.77 50.71
C PRO B 1808 -48.13 41.25 50.72
N ARG B 1809 -48.49 40.66 51.85
CA ARG B 1809 -48.56 39.20 51.97
C ARG B 1809 -49.93 38.70 51.54
N PHE B 1810 -50.18 38.83 50.24
CA PHE B 1810 -51.42 38.35 49.66
C PHE B 1810 -51.32 36.87 49.37
N ASP B 1811 -52.32 36.11 49.81
CA ASP B 1811 -52.35 34.67 49.65
C ASP B 1811 -53.34 34.29 48.56
N LYS B 1812 -52.87 33.50 47.59
CA LYS B 1812 -53.74 33.04 46.52
C LYS B 1812 -54.81 32.09 47.06
N GLU B 1813 -55.96 32.07 46.39
CA GLU B 1813 -57.04 31.18 46.81
C GLU B 1813 -56.61 29.72 46.74
N ASN B 1814 -55.92 29.34 45.67
CA ASN B 1814 -55.44 27.98 45.52
C ASN B 1814 -54.01 27.98 44.99
N PRO B 1815 -53.01 27.72 45.84
CA PRO B 1815 -51.64 27.62 45.35
C PRO B 1815 -51.44 26.32 44.57
N PHE B 1816 -50.20 26.07 44.15
CA PHE B 1816 -49.76 24.91 43.36
C PHE B 1816 -50.34 24.91 41.95
N GLU B 1817 -51.21 25.87 41.60
CA GLU B 1817 -51.82 25.85 40.28
C GLU B 1817 -50.84 26.29 39.19
N GLY B 1818 -50.07 27.35 39.46
CA GLY B 1818 -49.14 27.84 38.47
C GLY B 1818 -47.90 26.98 38.28
N LEU B 1819 -47.55 26.19 39.28
CA LEU B 1819 -46.36 25.35 39.24
C LEU B 1819 -46.67 23.89 38.95
N ASP B 1820 -47.91 23.57 38.61
CA ASP B 1820 -48.30 22.21 38.27
C ASP B 1820 -48.25 21.93 36.78
N ASP B 1821 -47.79 22.88 35.96
CA ASP B 1821 -47.74 22.71 34.53
C ASP B 1821 -46.49 21.94 34.13
N ILE B 1822 -46.68 20.86 33.37
CA ILE B 1822 -45.53 20.09 32.88
C ILE B 1822 -44.74 20.90 31.88
N ASN B 1823 -45.41 21.72 31.06
CA ASN B 1823 -44.71 22.54 30.08
C ASN B 1823 -43.89 23.63 30.75
N LEU B 1824 -44.29 24.07 31.93
CA LEU B 1824 -43.53 25.11 32.64
C LEU B 1824 -42.15 24.60 33.04
N TRP B 1825 -42.09 23.38 33.60
CA TRP B 1825 -40.84 22.89 34.17
C TRP B 1825 -39.84 22.48 33.09
N ILE B 1826 -40.32 21.79 32.05
CA ILE B 1826 -39.44 21.22 31.03
C ILE B 1826 -39.44 22.17 29.83
N PRO B 1827 -38.32 22.79 29.49
CA PRO B 1827 -38.28 23.68 28.32
C PRO B 1827 -37.96 22.93 27.03
N LEU B 1828 -37.83 23.69 25.94
CA LEU B 1828 -37.48 23.12 24.64
C LEU B 1828 -35.95 23.06 24.53
N SER B 1829 -35.45 22.65 23.35
CA SER B 1829 -34.01 22.68 23.11
C SER B 1829 -33.49 24.11 23.18
N GLU B 1830 -34.13 25.03 22.47
CA GLU B 1830 -33.94 26.45 22.65
C GLU B 1830 -34.87 26.90 23.78
N ASN B 1831 -35.11 28.20 23.91
CA ASN B 1831 -36.11 28.72 24.85
C ASN B 1831 -35.72 28.40 26.30
N HIS B 1832 -34.58 28.98 26.70
CA HIS B 1832 -34.05 28.82 28.05
C HIS B 1832 -34.17 30.06 28.91
N ASP B 1833 -33.83 31.24 28.36
CA ASP B 1833 -33.86 32.46 29.16
C ASP B 1833 -35.27 32.78 29.63
N ILE B 1834 -36.22 32.82 28.70
CA ILE B 1834 -37.59 33.08 29.11
C ILE B 1834 -38.18 31.90 29.87
N TRP B 1835 -37.65 30.70 29.66
CA TRP B 1835 -38.09 29.56 30.47
C TRP B 1835 -37.76 29.77 31.94
N ILE B 1836 -36.50 30.10 32.24
CA ILE B 1836 -36.12 30.29 33.63
C ILE B 1836 -36.78 31.54 34.19
N LYS B 1837 -36.96 32.58 33.37
CA LYS B 1837 -37.67 33.77 33.84
C LYS B 1837 -39.11 33.43 34.23
N THR B 1838 -39.79 32.64 33.39
CA THR B 1838 -41.17 32.25 33.69
C THR B 1838 -41.24 31.37 34.93
N LEU B 1839 -40.31 30.43 35.08
CA LEU B 1839 -40.29 29.57 36.26
C LEU B 1839 -40.09 30.39 37.53
N THR B 1840 -39.14 31.32 37.50
CA THR B 1840 -38.87 32.15 38.67
C THR B 1840 -40.06 33.05 38.99
N CYS B 1841 -40.69 33.63 37.96
CA CYS B 1841 -41.86 34.47 38.19
C CYS B 1841 -43.02 33.66 38.77
N ALA B 1842 -43.23 32.45 38.26
CA ALA B 1842 -44.28 31.59 38.78
C ALA B 1842 -44.02 31.23 40.24
N PHE B 1843 -42.75 30.99 40.59
CA PHE B 1843 -42.42 30.75 41.98
C PHE B 1843 -42.71 31.98 42.84
N LEU B 1844 -42.65 33.17 42.24
CA LEU B 1844 -42.96 34.41 42.95
C LEU B 1844 -44.42 34.82 42.82
N ASP B 1845 -45.24 34.02 42.13
CA ASP B 1845 -46.66 34.34 41.96
C ASP B 1845 -47.44 33.77 43.15
N SER B 1846 -47.33 34.47 44.27
CA SER B 1846 -48.07 34.20 45.51
C SER B 1846 -47.81 32.81 46.07
N GLY B 1847 -46.81 32.09 45.56
CA GLY B 1847 -46.52 30.77 46.06
C GLY B 1847 -45.56 30.79 47.23
N GLY B 1848 -46.08 30.66 48.44
CA GLY B 1848 -45.26 30.66 49.63
C GLY B 1848 -44.53 31.98 49.84
N THR B 1849 -43.21 31.97 49.68
CA THR B 1849 -42.37 33.16 49.82
C THR B 1849 -42.60 33.84 51.16
N LYS B 1850 -42.28 33.11 52.23
CA LYS B 1850 -42.43 33.66 53.58
C LYS B 1850 -41.46 34.82 53.80
N CYS B 1851 -40.25 34.71 53.27
CA CYS B 1851 -39.26 35.76 53.46
C CYS B 1851 -39.68 37.04 52.75
N GLU B 1852 -39.53 38.17 53.45
CA GLU B 1852 -39.91 39.47 52.89
C GLU B 1852 -38.90 39.99 51.89
N ILE B 1853 -37.62 39.60 51.99
CA ILE B 1853 -36.64 39.98 50.98
C ILE B 1853 -37.04 39.40 49.63
N LEU B 1854 -37.43 38.13 49.61
CA LEU B 1854 -38.07 37.58 48.43
C LEU B 1854 -39.41 38.26 48.20
N GLN B 1855 -39.86 38.23 46.95
CA GLN B 1855 -40.99 38.96 46.39
C GLN B 1855 -40.65 40.43 46.15
N LEU B 1856 -39.47 40.90 46.56
CA LEU B 1856 -38.99 42.23 46.22
C LEU B 1856 -38.00 42.21 45.06
N LEU B 1857 -37.72 41.02 44.51
CA LEU B 1857 -36.73 40.85 43.45
C LEU B 1857 -37.36 40.61 42.09
N LYS B 1858 -38.65 40.89 41.94
CA LYS B 1858 -39.33 40.63 40.67
C LYS B 1858 -38.77 41.44 39.51
N PRO B 1859 -38.57 42.76 39.61
CA PRO B 1859 -38.03 43.49 38.45
C PRO B 1859 -36.64 43.01 38.03
N MET B 1860 -35.78 42.70 38.99
CA MET B 1860 -34.44 42.23 38.67
C MET B 1860 -34.50 40.89 37.94
N CYS B 1861 -35.41 40.01 38.38
CA CYS B 1861 -35.62 38.74 37.66
C CYS B 1861 -36.17 38.99 36.26
N GLU B 1862 -37.04 39.99 36.12
CA GLU B 1862 -37.60 40.30 34.81
C GLU B 1862 -36.53 40.77 33.84
N VAL B 1863 -35.59 41.60 34.31
CA VAL B 1863 -34.62 42.22 33.41
C VAL B 1863 -33.32 41.44 33.31
N LYS B 1864 -33.15 40.34 34.04
CA LYS B 1864 -31.92 39.58 33.98
C LYS B 1864 -32.22 38.09 34.17
N THR B 1865 -31.45 37.26 33.48
CA THR B 1865 -31.58 35.81 33.54
C THR B 1865 -30.62 35.16 34.53
N ASP B 1866 -29.37 35.64 34.58
CA ASP B 1866 -28.44 35.13 35.58
C ASP B 1866 -28.96 35.36 36.99
N PHE B 1867 -29.68 36.47 37.20
CA PHE B 1867 -30.30 36.71 38.50
C PHE B 1867 -31.34 35.64 38.81
N CYS B 1868 -32.14 35.26 37.82
CA CYS B 1868 -33.12 34.19 38.02
C CYS B 1868 -32.44 32.87 38.35
N GLN B 1869 -31.36 32.54 37.64
CA GLN B 1869 -30.63 31.31 37.90
C GLN B 1869 -30.06 31.32 39.32
N THR B 1870 -29.54 32.47 39.76
CA THR B 1870 -29.00 32.57 41.10
C THR B 1870 -30.09 32.44 42.16
N VAL B 1871 -31.26 33.06 41.92
CA VAL B 1871 -32.25 33.18 42.98
C VAL B 1871 -33.18 31.97 43.07
N LEU B 1872 -33.27 31.15 42.01
CA LEU B 1872 -34.18 30.01 42.04
C LEU B 1872 -33.96 29.07 43.22
N PRO B 1873 -32.73 28.63 43.54
CA PRO B 1873 -32.56 27.73 44.69
C PRO B 1873 -33.04 28.31 45.99
N TYR B 1874 -32.85 29.61 46.22
CA TYR B 1874 -33.34 30.23 47.44
C TYR B 1874 -34.86 30.23 47.48
N LEU B 1875 -35.50 30.46 46.35
CA LEU B 1875 -36.97 30.37 46.29
C LEU B 1875 -37.43 28.97 46.67
N ILE B 1876 -36.80 27.95 46.09
CA ILE B 1876 -37.21 26.57 46.38
C ILE B 1876 -36.99 26.24 47.85
N HIS B 1877 -35.84 26.64 48.40
CA HIS B 1877 -35.54 26.36 49.81
C HIS B 1877 -36.54 27.05 50.73
N ASP B 1878 -36.85 28.32 50.46
CA ASP B 1878 -37.77 29.05 51.32
C ASP B 1878 -39.18 28.48 51.23
N ILE B 1879 -39.60 28.04 50.03
CA ILE B 1879 -40.90 27.42 49.90
C ILE B 1879 -40.95 26.11 50.67
N LEU B 1880 -39.90 25.28 50.54
CA LEU B 1880 -39.88 24.00 51.23
C LEU B 1880 -39.77 24.14 52.74
N LEU B 1881 -39.21 25.25 53.22
CA LEU B 1881 -39.09 25.44 54.67
C LEU B 1881 -40.46 25.52 55.33
N GLN B 1882 -41.41 26.21 54.71
CA GLN B 1882 -42.73 26.42 55.27
C GLN B 1882 -43.73 25.33 54.89
N ASP B 1883 -43.27 24.27 54.23
CA ASP B 1883 -44.17 23.24 53.74
C ASP B 1883 -44.85 22.51 54.89
N THR B 1884 -46.15 22.27 54.73
CA THR B 1884 -46.94 21.49 55.67
C THR B 1884 -47.67 20.40 54.90
N ASN B 1885 -47.76 19.22 55.51
CA ASN B 1885 -48.38 18.03 54.91
C ASN B 1885 -47.63 17.56 53.67
N GLU B 1886 -46.42 18.06 53.46
CA GLU B 1886 -45.54 17.63 52.37
C GLU B 1886 -46.23 17.73 51.01
N SER B 1887 -46.99 18.80 50.80
CA SER B 1887 -47.60 19.03 49.50
C SER B 1887 -46.61 19.64 48.52
N TRP B 1888 -45.94 20.72 48.94
CA TRP B 1888 -44.90 21.32 48.11
C TRP B 1888 -43.80 20.32 47.83
N ARG B 1889 -43.42 19.52 48.83
CA ARG B 1889 -42.38 18.52 48.63
C ARG B 1889 -42.77 17.53 47.54
N ASN B 1890 -43.99 16.99 47.60
CA ASN B 1890 -44.42 16.02 46.60
C ASN B 1890 -44.48 16.65 45.21
N LEU B 1891 -45.05 17.85 45.12
CA LEU B 1891 -45.18 18.50 43.81
C LEU B 1891 -43.81 18.78 43.20
N LEU B 1892 -42.91 19.40 43.98
CA LEU B 1892 -41.59 19.73 43.47
C LEU B 1892 -40.79 18.48 43.14
N SER B 1893 -40.92 17.44 43.97
CA SER B 1893 -40.22 16.19 43.69
C SER B 1893 -40.67 15.59 42.37
N THR B 1894 -41.99 15.53 42.15
CA THR B 1894 -42.51 14.99 40.91
C THR B 1894 -42.02 15.79 39.71
N HIS B 1895 -42.08 17.12 39.80
CA HIS B 1895 -41.72 17.93 38.65
C HIS B 1895 -40.21 17.90 38.36
N VAL B 1896 -39.38 17.92 39.40
CA VAL B 1896 -37.94 17.87 39.20
C VAL B 1896 -37.52 16.49 38.68
N GLN B 1897 -38.15 15.42 39.18
CA GLN B 1897 -37.88 14.10 38.65
C GLN B 1897 -38.28 14.01 37.18
N GLY B 1898 -39.42 14.61 36.82
CA GLY B 1898 -39.81 14.65 35.42
C GLY B 1898 -38.81 15.40 34.56
N PHE B 1899 -38.31 16.54 35.06
CA PHE B 1899 -37.29 17.29 34.34
C PHE B 1899 -36.05 16.43 34.10
N PHE B 1900 -35.54 15.79 35.15
CA PHE B 1900 -34.32 15.01 35.01
C PHE B 1900 -34.53 13.78 34.13
N THR B 1901 -35.71 13.16 34.19
CA THR B 1901 -36.00 12.06 33.29
C THR B 1901 -36.07 12.53 31.84
N SER B 1902 -36.65 13.71 31.60
CA SER B 1902 -36.70 14.26 30.25
C SER B 1902 -35.31 14.60 29.73
N CYS B 1903 -34.40 14.97 30.62
CA CYS B 1903 -33.03 15.27 30.20
C CYS B 1903 -32.28 14.04 29.70
N LEU B 1904 -32.79 12.83 29.96
CA LEU B 1904 -32.08 11.61 29.70
C LEU B 1904 -32.48 10.94 28.38
N ARG B 1905 -33.31 11.59 27.58
CA ARG B 1905 -33.74 11.00 26.32
C ARG B 1905 -32.58 10.97 25.32
N HIS B 1906 -32.79 10.23 24.23
CA HIS B 1906 -31.76 10.00 23.22
C HIS B 1906 -30.51 9.36 23.83
N HIS B 1925 -37.21 12.15 17.35
CA HIS B 1925 -37.02 12.76 18.66
C HIS B 1925 -38.13 12.38 19.62
N PHE B 1926 -38.38 13.22 20.61
CA PHE B 1926 -39.39 12.97 21.63
C PHE B 1926 -40.19 14.25 21.86
N PHE B 1927 -41.17 14.17 22.75
CA PHE B 1927 -41.96 15.35 23.10
C PHE B 1927 -41.08 16.42 23.75
N ARG B 1928 -40.18 16.01 24.65
CA ARG B 1928 -39.28 16.94 25.33
C ARG B 1928 -37.93 16.25 25.48
N CYS B 1929 -36.94 16.69 24.71
CA CYS B 1929 -35.62 16.09 24.73
C CYS B 1929 -34.62 17.12 24.20
N CYS B 1930 -33.34 16.76 24.27
CA CYS B 1930 -32.25 17.62 23.80
C CYS B 1930 -32.29 18.98 24.48
N LEU B 1931 -32.47 18.97 25.80
CA LEU B 1931 -32.57 20.20 26.56
C LEU B 1931 -31.24 20.95 26.53
N ASP B 1932 -31.33 22.28 26.63
CA ASP B 1932 -30.13 23.11 26.67
C ASP B 1932 -29.35 22.83 27.94
N LYS B 1933 -28.02 22.82 27.81
CA LYS B 1933 -27.17 22.51 28.97
C LYS B 1933 -27.27 23.57 30.06
N LYS B 1934 -27.64 24.81 29.71
CA LYS B 1934 -27.81 25.84 30.72
C LYS B 1934 -28.93 25.49 31.69
N SER B 1935 -30.05 24.98 31.18
CA SER B 1935 -31.15 24.57 32.04
C SER B 1935 -30.76 23.39 32.91
N GLN B 1936 -30.04 22.42 32.34
CA GLN B 1936 -29.57 21.28 33.12
C GLN B 1936 -28.65 21.74 34.24
N ARG B 1937 -27.75 22.68 33.94
CA ARG B 1937 -26.87 23.22 34.98
C ARG B 1937 -27.64 24.01 36.03
N THR B 1938 -28.70 24.71 35.62
CA THR B 1938 -29.53 25.41 36.60
C THR B 1938 -30.18 24.44 37.57
N MET B 1939 -30.74 23.35 37.05
CA MET B 1939 -31.36 22.36 37.94
C MET B 1939 -30.32 21.65 38.80
N LEU B 1940 -29.14 21.39 38.22
CA LEU B 1940 -28.06 20.79 39.00
C LEU B 1940 -27.62 21.72 40.12
N ALA B 1941 -27.57 23.02 39.86
CA ALA B 1941 -27.25 23.99 40.91
C ALA B 1941 -28.32 24.02 41.99
N VAL B 1942 -29.59 23.89 41.60
CA VAL B 1942 -30.66 23.82 42.59
C VAL B 1942 -30.46 22.60 43.49
N VAL B 1943 -30.18 21.45 42.88
CA VAL B 1943 -29.97 20.22 43.66
C VAL B 1943 -28.75 20.37 44.57
N ASP B 1944 -27.66 20.93 44.05
CA ASP B 1944 -26.44 21.10 44.83
C ASP B 1944 -26.66 22.03 46.01
N TYR B 1945 -27.40 23.12 45.81
CA TYR B 1945 -27.70 24.03 46.90
C TYR B 1945 -28.55 23.34 47.95
N MET B 1946 -29.63 22.68 47.52
CA MET B 1946 -30.53 22.04 48.48
C MET B 1946 -29.85 20.90 49.24
N ARG B 1947 -28.82 20.29 48.65
CA ARG B 1947 -28.12 19.20 49.32
C ARG B 1947 -27.40 19.65 50.58
N ARG B 1948 -27.05 20.94 50.67
CA ARG B 1948 -26.22 21.45 51.76
C ARG B 1948 -27.03 22.15 52.85
N GLN B 1949 -28.35 22.05 52.83
CA GLN B 1949 -29.19 22.74 53.80
C GLN B 1949 -29.69 21.78 54.86
N LYS B 1950 -29.74 22.27 56.10
CA LYS B 1950 -30.14 21.45 57.24
C LYS B 1950 -31.66 21.42 57.34
N ARG B 1951 -32.24 20.22 57.29
CA ARG B 1951 -33.68 20.06 57.31
C ARG B 1951 -34.23 20.30 58.72
N PRO B 1952 -35.50 20.70 58.83
CA PRO B 1952 -36.09 20.92 60.16
C PRO B 1952 -36.18 19.65 61.00
N SER B 1953 -36.07 18.48 60.40
CA SER B 1953 -36.16 17.22 61.14
C SER B 1953 -34.96 17.00 62.06
N SER B 1954 -33.91 17.82 61.94
CA SER B 1954 -32.71 17.69 62.77
C SER B 1954 -32.07 16.31 62.63
N GLY B 1955 -31.97 15.84 61.38
CA GLY B 1955 -31.41 14.52 61.13
C GLY B 1955 -29.93 14.54 60.82
N THR B 1956 -29.55 13.96 59.71
CA THR B 1956 -28.15 13.83 59.31
C THR B 1956 -27.93 14.49 57.95
N ILE B 1957 -26.71 14.35 57.42
CA ILE B 1957 -26.40 14.88 56.11
C ILE B 1957 -27.11 14.12 55.01
N PHE B 1958 -27.51 12.87 55.25
CA PHE B 1958 -28.24 12.10 54.25
C PHE B 1958 -29.65 12.65 54.07
N ASN B 1959 -30.34 12.90 55.19
CA ASN B 1959 -31.64 13.56 55.11
C ASN B 1959 -31.52 14.90 54.39
N ASP B 1960 -30.46 15.66 54.69
CA ASP B 1960 -30.23 16.92 53.98
C ASP B 1960 -30.09 16.68 52.49
N ALA B 1961 -29.41 15.59 52.11
CA ALA B 1961 -29.35 15.20 50.71
C ALA B 1961 -30.71 14.79 50.16
N PHE B 1962 -31.70 14.56 51.02
CA PHE B 1962 -33.02 14.18 50.53
C PHE B 1962 -34.10 15.18 50.91
N TRP B 1963 -33.85 16.47 50.68
CA TRP B 1963 -34.91 17.48 50.76
C TRP B 1963 -36.06 17.11 49.85
N LEU B 1964 -35.76 16.74 48.61
CA LEU B 1964 -36.75 16.30 47.64
C LEU B 1964 -36.58 14.82 47.37
N ASP B 1965 -37.70 14.14 47.13
CA ASP B 1965 -37.65 12.73 46.79
C ASP B 1965 -37.11 12.59 45.37
N LEU B 1966 -35.80 12.40 45.24
CA LEU B 1966 -35.14 12.39 43.96
C LEU B 1966 -34.57 11.01 43.66
N ASN B 1967 -34.43 10.70 42.38
CA ASN B 1967 -33.72 9.52 41.91
C ASN B 1967 -32.33 9.97 41.51
N TYR B 1968 -31.35 9.72 42.38
CA TYR B 1968 -30.03 10.32 42.20
C TYR B 1968 -29.22 9.68 41.09
N LEU B 1969 -29.63 8.53 40.58
CA LEU B 1969 -28.93 7.96 39.42
C LEU B 1969 -29.14 8.82 38.18
N GLU B 1970 -30.38 9.28 37.97
CA GLU B 1970 -30.65 10.17 36.84
C GLU B 1970 -29.90 11.49 37.00
N VAL B 1971 -29.89 12.04 38.21
CA VAL B 1971 -29.16 13.29 38.46
C VAL B 1971 -27.67 13.08 38.22
N ALA B 1972 -27.13 11.94 38.65
CA ALA B 1972 -25.72 11.66 38.44
C ALA B 1972 -25.40 11.54 36.95
N LYS B 1973 -26.27 10.88 36.19
CA LYS B 1973 -26.05 10.78 34.75
C LYS B 1973 -26.12 12.14 34.07
N VAL B 1974 -27.05 12.98 34.50
CA VAL B 1974 -27.15 14.33 33.94
C VAL B 1974 -25.90 15.14 34.27
N ALA B 1975 -25.41 15.02 35.51
CA ALA B 1975 -24.19 15.72 35.91
C ALA B 1975 -22.99 15.24 35.10
N GLN B 1976 -22.89 13.93 34.89
CA GLN B 1976 -21.81 13.39 34.07
C GLN B 1976 -21.89 13.90 32.64
N SER B 1977 -23.11 14.01 32.10
CA SER B 1977 -23.29 14.62 30.78
C SER B 1977 -22.91 16.10 30.80
N CYS B 1978 -23.04 16.77 31.95
CA CYS B 1978 -22.68 18.17 32.11
C CYS B 1978 -21.24 18.35 32.56
N ALA B 1979 -20.46 17.27 32.57
CA ALA B 1979 -19.02 17.31 32.91
C ALA B 1979 -18.78 17.72 34.36
N ALA B 1980 -19.71 17.39 35.25
CA ALA B 1980 -19.50 17.54 36.69
C ALA B 1980 -19.21 16.15 37.25
N HIS B 1981 -17.95 15.73 37.12
CA HIS B 1981 -17.61 14.33 37.34
C HIS B 1981 -17.60 13.98 38.83
N PHE B 1982 -17.04 14.86 39.67
CA PHE B 1982 -17.04 14.60 41.10
C PHE B 1982 -18.45 14.64 41.67
N THR B 1983 -19.26 15.59 41.20
CA THR B 1983 -20.67 15.64 41.61
C THR B 1983 -21.41 14.38 41.17
N ALA B 1984 -21.14 13.91 39.95
CA ALA B 1984 -21.77 12.69 39.47
C ALA B 1984 -21.39 11.50 40.33
N LEU B 1985 -20.11 11.39 40.71
CA LEU B 1985 -19.68 10.30 41.56
C LEU B 1985 -20.35 10.35 42.93
N LEU B 1986 -20.41 11.55 43.52
CA LEU B 1986 -21.06 11.69 44.82
C LEU B 1986 -22.53 11.33 44.75
N TYR B 1987 -23.21 11.76 43.67
CA TYR B 1987 -24.63 11.45 43.53
C TYR B 1987 -24.84 9.96 43.30
N ALA B 1988 -23.96 9.30 42.56
CA ALA B 1988 -24.06 7.86 42.40
C ALA B 1988 -23.89 7.13 43.74
N GLU B 1989 -22.93 7.59 44.55
CA GLU B 1989 -22.77 7.02 45.88
C GLU B 1989 -24.03 7.21 46.73
N ILE B 1990 -24.60 8.41 46.69
CA ILE B 1990 -25.81 8.68 47.46
C ILE B 1990 -26.96 7.79 46.99
N TYR B 1991 -27.10 7.63 45.67
CA TYR B 1991 -28.15 6.78 45.12
C TYR B 1991 -27.98 5.34 45.57
N ALA B 1992 -26.76 4.82 45.51
CA ALA B 1992 -26.51 3.45 45.93
C ALA B 1992 -26.82 3.27 47.42
N ASP B 1993 -26.44 4.24 48.24
CA ASP B 1993 -26.74 4.17 49.67
C ASP B 1993 -28.24 4.18 49.91
N LYS B 1994 -28.97 5.05 49.22
CA LYS B 1994 -30.42 5.12 49.42
C LYS B 1994 -31.10 3.84 48.96
N LYS B 1995 -30.66 3.29 47.82
CA LYS B 1995 -31.24 2.03 47.34
C LYS B 1995 -30.98 0.90 48.32
N SER B 1996 -29.77 0.84 48.88
CA SER B 1996 -29.47 -0.18 49.88
C SER B 1996 -30.35 -0.01 51.12
N MET B 1997 -30.53 1.23 51.57
CA MET B 1997 -31.37 1.47 52.74
C MET B 1997 -32.82 1.06 52.47
N ASP B 1998 -33.32 1.39 51.28
CA ASP B 1998 -34.69 1.01 50.93
C ASP B 1998 -34.85 -0.50 50.85
N ASP B 1999 -33.87 -1.19 50.26
CA ASP B 1999 -33.94 -2.64 50.18
C ASP B 1999 -33.90 -3.26 51.58
N GLN B 2000 -33.06 -2.73 52.46
CA GLN B 2000 -32.97 -3.26 53.81
C GLN B 2000 -34.24 -3.04 54.62
N GLU B 2001 -35.03 -2.01 54.27
CA GLU B 2001 -36.27 -1.77 54.99
C GLU B 2001 -37.27 -2.91 54.80
N LYS B 2002 -37.35 -3.45 53.59
CA LYS B 2002 -38.27 -4.55 53.30
C LYS B 2002 -37.76 -5.85 53.91
N ILE B 2016 -22.40 -4.31 43.57
CA ILE B 2016 -22.58 -3.36 42.47
C ILE B 2016 -23.33 -4.02 41.32
N SER B 2017 -22.98 -5.28 41.04
CA SER B 2017 -23.57 -5.97 39.90
C SER B 2017 -25.08 -6.10 40.05
N SER B 2018 -25.55 -6.52 41.22
CA SER B 2018 -26.99 -6.60 41.46
C SER B 2018 -27.63 -5.22 41.41
N LEU B 2019 -26.98 -4.23 42.03
CA LEU B 2019 -27.48 -2.86 41.95
C LEU B 2019 -27.49 -2.36 40.51
N SER B 2020 -26.44 -2.67 39.76
CA SER B 2020 -26.36 -2.22 38.37
C SER B 2020 -27.48 -2.83 37.54
N GLU B 2021 -27.73 -4.13 37.70
CA GLU B 2021 -28.77 -4.77 36.89
C GLU B 2021 -30.16 -4.30 37.30
N LYS B 2022 -30.39 -4.08 38.60
CA LYS B 2022 -31.67 -3.54 39.03
C LYS B 2022 -31.89 -2.14 38.48
N SER B 2023 -30.87 -1.28 38.56
CA SER B 2023 -30.98 0.08 38.05
C SER B 2023 -31.22 0.07 36.56
N LYS B 2024 -30.56 -0.82 35.83
CA LYS B 2024 -30.85 -0.99 34.41
C LYS B 2024 -32.29 -1.46 34.20
N GLU B 2025 -32.82 -2.27 35.12
CA GLU B 2025 -34.19 -2.76 34.97
C GLU B 2025 -35.20 -1.63 35.05
N GLU B 2026 -35.15 -0.80 36.11
CA GLU B 2026 -36.15 0.26 36.18
C GLU B 2026 -35.73 1.52 35.43
N THR B 2027 -34.59 2.12 35.79
CA THR B 2027 -34.22 3.41 35.20
C THR B 2027 -33.55 3.29 33.85
N GLY B 2028 -33.14 2.10 33.44
CA GLY B 2028 -32.42 1.93 32.20
C GLY B 2028 -30.98 2.39 32.24
N ILE B 2029 -30.47 2.76 33.41
CA ILE B 2029 -29.09 3.20 33.58
C ILE B 2029 -28.36 2.17 34.42
N SER B 2030 -27.21 1.72 33.94
CA SER B 2030 -26.39 0.77 34.68
C SER B 2030 -25.47 1.55 35.62
N LEU B 2031 -25.55 1.22 36.91
CA LEU B 2031 -24.69 1.90 37.90
C LEU B 2031 -23.22 1.62 37.62
N GLN B 2032 -22.89 0.37 37.28
CA GLN B 2032 -21.50 0.01 37.00
C GLN B 2032 -20.97 0.78 35.79
N ASP B 2033 -21.76 0.86 34.72
CA ASP B 2033 -21.31 1.57 33.52
C ASP B 2033 -21.15 3.06 33.80
N LEU B 2034 -22.08 3.65 34.56
CA LEU B 2034 -21.96 5.06 34.90
C LEU B 2034 -20.72 5.32 35.75
N LEU B 2035 -20.46 4.44 36.72
CA LEU B 2035 -19.26 4.58 37.54
C LEU B 2035 -18.00 4.48 36.70
N LEU B 2036 -17.97 3.53 35.76
CA LEU B 2036 -16.81 3.39 34.88
C LEU B 2036 -16.61 4.66 34.05
N GLU B 2037 -17.69 5.21 33.49
CA GLU B 2037 -17.57 6.42 32.70
C GLU B 2037 -17.11 7.60 33.53
N ILE B 2038 -17.63 7.73 34.75
CA ILE B 2038 -17.23 8.83 35.63
C ILE B 2038 -15.75 8.72 35.96
N TYR B 2039 -15.29 7.51 36.29
CA TYR B 2039 -13.88 7.33 36.64
C TYR B 2039 -12.97 7.53 35.44
N ARG B 2040 -13.44 7.16 34.24
CA ARG B 2040 -12.68 7.48 33.03
C ARG B 2040 -12.56 8.99 32.84
N SER B 2041 -13.65 9.72 33.10
CA SER B 2041 -13.62 11.18 32.96
C SER B 2041 -12.71 11.82 33.99
N ILE B 2042 -12.70 11.31 35.22
CA ILE B 2042 -11.90 11.91 36.27
C ILE B 2042 -10.41 11.80 35.95
N GLY B 2043 -9.98 10.61 35.52
CA GLY B 2043 -8.61 10.42 35.09
C GLY B 2043 -7.68 9.77 36.10
N GLU B 2044 -8.16 9.48 37.31
CA GLU B 2044 -7.33 8.80 38.30
C GLU B 2044 -7.05 7.38 37.83
N PRO B 2045 -5.79 6.96 37.71
CA PRO B 2045 -5.52 5.66 37.08
C PRO B 2045 -5.95 4.46 37.90
N ASP B 2046 -5.73 4.48 39.22
CA ASP B 2046 -6.02 3.30 40.04
C ASP B 2046 -7.51 3.05 40.14
N SER B 2047 -8.32 4.12 40.18
CA SER B 2047 -9.76 3.97 40.33
C SER B 2047 -10.38 3.19 39.18
N LEU B 2048 -9.71 3.13 38.03
CA LEU B 2048 -10.23 2.35 36.90
C LEU B 2048 -10.24 0.86 37.18
N TYR B 2049 -9.53 0.41 38.22
CA TYR B 2049 -9.48 -1.02 38.52
C TYR B 2049 -10.59 -1.48 39.46
N GLY B 2050 -11.28 -0.55 40.12
CA GLY B 2050 -12.39 -0.91 40.98
C GLY B 2050 -13.70 -1.14 40.24
N CYS B 2051 -13.73 -0.91 38.93
CA CYS B 2051 -14.92 -1.10 38.12
C CYS B 2051 -14.73 -2.37 37.30
N GLY B 2052 -15.26 -3.47 37.81
CA GLY B 2052 -15.12 -4.76 37.14
C GLY B 2052 -16.39 -5.56 37.26
N GLY B 2053 -16.62 -6.42 36.27
CA GLY B 2053 -17.81 -7.24 36.23
C GLY B 2053 -18.06 -7.85 34.87
N GLY B 2054 -19.29 -7.74 34.37
CA GLY B 2054 -19.61 -8.28 33.06
C GLY B 2054 -19.24 -7.38 31.90
N LYS B 2055 -18.82 -6.15 32.16
CA LYS B 2055 -18.47 -5.21 31.11
C LYS B 2055 -16.99 -5.24 30.75
N MET B 2056 -16.19 -6.04 31.44
CA MET B 2056 -14.75 -6.11 31.17
C MET B 2056 -14.41 -7.09 30.05
N LEU B 2057 -15.40 -7.75 29.48
CA LEU B 2057 -15.15 -8.71 28.39
C LEU B 2057 -15.26 -8.10 27.01
N GLN B 2058 -15.86 -6.92 26.88
CA GLN B 2058 -15.97 -6.28 25.58
C GLN B 2058 -14.59 -5.93 25.04
N PRO B 2059 -14.35 -6.10 23.74
CA PRO B 2059 -13.01 -5.81 23.20
C PRO B 2059 -12.56 -4.38 23.40
N ILE B 2060 -13.47 -3.40 23.39
CA ILE B 2060 -13.06 -2.02 23.54
C ILE B 2060 -12.57 -1.76 24.97
N THR B 2061 -13.25 -2.32 25.97
CA THR B 2061 -12.81 -2.17 27.34
C THR B 2061 -11.44 -2.80 27.55
N ARG B 2062 -11.24 -4.01 27.01
CA ARG B 2062 -9.95 -4.67 27.13
C ARG B 2062 -8.86 -3.88 26.41
N LEU B 2063 -9.18 -3.29 25.25
CA LEU B 2063 -8.20 -2.50 24.52
C LEU B 2063 -7.81 -1.25 25.29
N ARG B 2064 -8.78 -0.57 25.89
CA ARG B 2064 -8.45 0.60 26.70
C ARG B 2064 -7.63 0.21 27.93
N THR B 2065 -7.94 -0.94 28.53
CA THR B 2065 -7.12 -1.44 29.61
C THR B 2065 -5.69 -1.69 29.15
N TYR B 2066 -5.52 -2.37 28.01
CA TYR B 2066 -4.18 -2.65 27.50
C TYR B 2066 -3.41 -1.36 27.23
N GLU B 2067 -4.11 -0.34 26.71
CA GLU B 2067 -3.47 0.96 26.53
C GLU B 2067 -3.13 1.61 27.86
N HIS B 2068 -3.85 1.27 28.93
CA HIS B 2068 -3.54 1.84 30.24
C HIS B 2068 -2.17 1.37 30.75
N GLU B 2069 -1.90 0.07 30.70
CA GLU B 2069 -0.59 -0.45 31.09
C GLU B 2069 0.43 -0.39 29.97
N ALA B 2070 0.09 0.21 28.83
CA ALA B 2070 0.97 0.26 27.67
C ALA B 2070 1.40 -1.13 27.22
N MET B 2071 0.44 -2.06 27.23
CA MET B 2071 0.63 -3.40 26.68
C MET B 2071 0.35 -3.31 25.18
N TRP B 2072 1.33 -2.78 24.45
CA TRP B 2072 1.10 -2.41 23.05
C TRP B 2072 0.98 -3.63 22.15
N GLY B 2073 1.68 -4.72 22.47
CA GLY B 2073 1.52 -5.93 21.67
C GLY B 2073 0.12 -6.51 21.77
N LYS B 2074 -0.41 -6.60 23.00
CA LYS B 2074 -1.77 -7.08 23.19
C LYS B 2074 -2.78 -6.16 22.51
N ALA B 2075 -2.57 -4.85 22.62
CA ALA B 2075 -3.47 -3.91 21.97
C ALA B 2075 -3.43 -4.07 20.45
N LEU B 2076 -2.24 -4.25 19.89
CA LEU B 2076 -2.12 -4.45 18.44
C LEU B 2076 -2.84 -5.72 18.01
N VAL B 2077 -2.66 -6.81 18.76
CA VAL B 2077 -3.29 -8.08 18.40
C VAL B 2077 -4.81 -7.95 18.46
N THR B 2078 -5.31 -7.33 19.53
CA THR B 2078 -6.77 -7.23 19.69
C THR B 2078 -7.37 -6.26 18.68
N TYR B 2079 -6.65 -5.19 18.34
CA TYR B 2079 -7.14 -4.26 17.32
C TYR B 2079 -7.19 -4.94 15.95
N ASP B 2080 -6.16 -5.73 15.62
CA ASP B 2080 -6.18 -6.45 14.35
C ASP B 2080 -7.26 -7.53 14.33
N LEU B 2081 -7.54 -8.15 15.48
CA LEU B 2081 -8.48 -9.27 15.51
C LEU B 2081 -9.92 -8.79 15.36
N GLU B 2082 -10.38 -7.95 16.29
CA GLU B 2082 -11.78 -7.55 16.31
C GLU B 2082 -12.10 -6.61 15.15
N THR B 2083 -13.12 -6.95 14.38
CA THR B 2083 -13.54 -6.15 13.24
C THR B 2083 -14.86 -5.42 13.45
N ALA B 2084 -15.66 -5.82 14.42
CA ALA B 2084 -16.89 -5.11 14.73
C ALA B 2084 -16.63 -3.73 15.32
N ILE B 2085 -15.40 -3.44 15.73
CA ILE B 2085 -15.03 -2.11 16.21
C ILE B 2085 -15.17 -1.12 15.07
N PRO B 2086 -15.61 0.12 15.32
CA PRO B 2086 -15.69 1.10 14.22
C PRO B 2086 -14.34 1.30 13.56
N SER B 2087 -14.38 1.52 12.24
CA SER B 2087 -13.16 1.50 11.44
C SER B 2087 -12.18 2.58 11.88
N SER B 2088 -12.67 3.80 12.14
CA SER B 2088 -11.79 4.88 12.51
C SER B 2088 -11.06 4.58 13.83
N THR B 2089 -11.80 4.10 14.82
CA THR B 2089 -11.19 3.75 16.10
C THR B 2089 -10.16 2.64 15.92
N ARG B 2090 -10.48 1.62 15.13
CA ARG B 2090 -9.56 0.51 14.92
C ARG B 2090 -8.28 0.98 14.25
N GLN B 2091 -8.41 1.81 13.21
CA GLN B 2091 -7.22 2.31 12.51
C GLN B 2091 -6.38 3.19 13.43
N ALA B 2092 -7.02 4.07 14.21
CA ALA B 2092 -6.28 4.93 15.11
C ALA B 2092 -5.54 4.12 16.17
N GLY B 2093 -6.21 3.10 16.72
CA GLY B 2093 -5.54 2.26 17.70
C GLY B 2093 -4.39 1.48 17.11
N ILE B 2094 -4.56 0.96 15.89
CA ILE B 2094 -3.47 0.22 15.24
C ILE B 2094 -2.28 1.13 15.01
N ILE B 2095 -2.53 2.35 14.51
CA ILE B 2095 -1.44 3.28 14.25
C ILE B 2095 -0.72 3.66 15.55
N GLN B 2096 -1.49 3.92 16.61
CA GLN B 2096 -0.88 4.29 17.88
C GLN B 2096 -0.05 3.15 18.45
N ALA B 2097 -0.57 1.92 18.38
CA ALA B 2097 0.18 0.77 18.88
C ALA B 2097 1.44 0.54 18.07
N LEU B 2098 1.36 0.68 16.75
CA LEU B 2098 2.55 0.52 15.92
C LEU B 2098 3.59 1.57 16.24
N GLN B 2099 3.16 2.83 16.45
CA GLN B 2099 4.10 3.89 16.79
C GLN B 2099 4.74 3.65 18.15
N ASN B 2100 3.97 3.18 19.12
CA ASN B 2100 4.51 2.94 20.45
C ASN B 2100 5.44 1.74 20.52
N LEU B 2101 5.44 0.88 19.50
CA LEU B 2101 6.36 -0.25 19.44
C LEU B 2101 7.62 0.04 18.65
N GLY B 2102 7.75 1.25 18.11
CA GLY B 2102 8.93 1.61 17.33
C GLY B 2102 8.92 1.13 15.90
N LEU B 2103 7.83 0.54 15.43
CA LEU B 2103 7.74 -0.01 14.07
C LEU B 2103 7.39 1.13 13.12
N CYS B 2104 8.40 1.97 12.84
CA CYS B 2104 8.18 3.13 11.99
C CYS B 2104 8.02 2.73 10.53
N HIS B 2105 8.89 1.85 10.04
CA HIS B 2105 8.81 1.43 8.64
C HIS B 2105 7.53 0.63 8.38
N ILE B 2106 7.17 -0.26 9.31
CA ILE B 2106 5.93 -1.01 9.18
C ILE B 2106 4.73 -0.06 9.17
N LEU B 2107 4.76 0.95 10.04
CA LEU B 2107 3.68 1.93 10.07
C LEU B 2107 3.60 2.71 8.76
N SER B 2108 4.74 3.09 8.20
CA SER B 2108 4.74 3.82 6.94
C SER B 2108 4.15 2.98 5.81
N VAL B 2109 4.55 1.71 5.72
CA VAL B 2109 4.03 0.85 4.67
C VAL B 2109 2.54 0.58 4.90
N TYR B 2110 2.13 0.46 6.17
CA TYR B 2110 0.71 0.28 6.48
C TYR B 2110 -0.11 1.48 6.05
N LEU B 2111 0.40 2.69 6.30
CA LEU B 2111 -0.29 3.89 5.86
C LEU B 2111 -0.35 3.98 4.35
N LYS B 2112 0.73 3.59 3.67
CA LYS B 2112 0.70 3.57 2.22
C LYS B 2112 -0.34 2.59 1.69
N GLY B 2113 -0.45 1.42 2.31
CA GLY B 2113 -1.43 0.44 1.90
C GLY B 2113 -2.86 0.79 2.29
N LEU B 2114 -3.03 1.68 3.26
CA LEU B 2114 -4.36 2.13 3.64
C LEU B 2114 -4.98 3.03 2.58
N ASP B 2115 -4.16 3.68 1.75
CA ASP B 2115 -4.68 4.55 0.69
C ASP B 2115 -5.46 3.76 -0.36
N TYR B 2116 -5.20 2.47 -0.50
CA TYR B 2116 -5.88 1.67 -1.50
C TYR B 2116 -7.32 1.42 -1.09
N GLU B 2117 -8.25 1.65 -2.02
CA GLU B 2117 -9.68 1.36 -1.83
C GLU B 2117 -10.23 2.06 -0.59
N ASN B 2118 -9.85 3.32 -0.40
CA ASN B 2118 -10.32 4.11 0.73
C ASN B 2118 -10.82 5.46 0.24
N LYS B 2119 -11.86 5.97 0.88
CA LYS B 2119 -12.47 7.25 0.54
C LYS B 2119 -11.70 8.36 1.26
N ASP B 2120 -12.28 9.56 1.26
CA ASP B 2120 -11.67 10.69 1.95
C ASP B 2120 -11.50 10.38 3.44
N TRP B 2121 -10.31 10.66 3.96
CA TRP B 2121 -9.99 10.33 5.34
C TRP B 2121 -10.74 11.24 6.31
N CYS B 2122 -11.16 10.66 7.44
CA CYS B 2122 -11.63 11.46 8.55
C CYS B 2122 -10.45 12.18 9.19
N PRO B 2123 -10.70 13.27 9.93
CA PRO B 2123 -9.59 14.08 10.45
C PRO B 2123 -8.55 13.31 11.26
N GLU B 2124 -8.97 12.28 11.99
CA GLU B 2124 -8.02 11.50 12.78
C GLU B 2124 -7.01 10.80 11.89
N LEU B 2125 -7.44 10.31 10.73
CA LEU B 2125 -6.54 9.56 9.86
C LEU B 2125 -5.42 10.45 9.30
N GLU B 2126 -5.77 11.63 8.79
CA GLU B 2126 -4.70 12.51 8.32
C GLU B 2126 -3.91 13.12 9.46
N GLU B 2127 -4.51 13.26 10.64
CA GLU B 2127 -3.74 13.66 11.82
C GLU B 2127 -2.63 12.66 12.11
N LEU B 2128 -2.99 11.37 12.15
CA LEU B 2128 -1.99 10.33 12.36
C LEU B 2128 -1.00 10.25 11.21
N HIS B 2129 -1.46 10.49 9.97
CA HIS B 2129 -0.57 10.50 8.83
C HIS B 2129 0.49 11.58 8.97
N TYR B 2130 0.08 12.80 9.36
CA TYR B 2130 1.04 13.88 9.53
C TYR B 2130 1.97 13.62 10.72
N GLN B 2131 1.44 13.01 11.79
CA GLN B 2131 2.29 12.67 12.92
C GLN B 2131 3.38 11.68 12.50
N ALA B 2132 3.00 10.63 11.76
CA ALA B 2132 3.97 9.68 11.27
C ALA B 2132 4.94 10.34 10.30
N ALA B 2133 4.46 11.27 9.48
CA ALA B 2133 5.33 11.95 8.53
C ALA B 2133 6.40 12.76 9.22
N TRP B 2134 6.03 13.54 10.24
CA TRP B 2134 7.04 14.36 10.90
C TRP B 2134 7.92 13.54 11.83
N ARG B 2135 7.40 12.48 12.42
CA ARG B 2135 8.23 11.63 13.28
C ARG B 2135 9.20 10.77 12.50
N ASN B 2136 8.88 10.44 11.25
CA ASN B 2136 9.76 9.66 10.38
C ASN B 2136 10.61 10.53 9.48
N MET B 2137 10.48 11.85 9.56
CA MET B 2137 11.22 12.78 8.71
C MET B 2137 10.97 12.50 7.22
N GLN B 2138 9.72 12.25 6.87
CA GLN B 2138 9.33 12.04 5.47
C GLN B 2138 8.95 13.39 4.87
N TRP B 2139 9.97 14.12 4.42
CA TRP B 2139 9.83 15.48 3.92
C TRP B 2139 9.35 15.55 2.47
N ASP B 2140 8.81 14.46 1.93
CA ASP B 2140 8.40 14.44 0.52
C ASP B 2140 6.95 14.85 0.34
N HIS B 2141 6.03 14.13 0.98
CA HIS B 2141 4.60 14.38 0.78
C HIS B 2141 4.12 15.47 1.73
N CYS B 2142 3.06 16.16 1.32
CA CYS B 2142 2.46 17.22 2.12
C CYS B 2142 0.95 17.04 2.20
N GLY B 2151 -9.06 24.26 8.38
CA GLY B 2151 -8.65 24.15 9.77
C GLY B 2151 -7.49 23.20 9.98
N THR B 2152 -6.28 23.75 10.03
CA THR B 2152 -5.07 22.95 10.24
C THR B 2152 -5.03 22.44 11.67
N SER B 2153 -4.61 21.19 11.82
CA SER B 2153 -4.55 20.53 13.12
C SER B 2153 -3.13 20.58 13.68
N TYR B 2154 -2.96 20.00 14.86
CA TYR B 2154 -1.71 20.16 15.61
C TYR B 2154 -0.54 19.50 14.90
N HIS B 2155 -0.69 18.23 14.50
CA HIS B 2155 0.43 17.53 13.88
C HIS B 2155 0.71 18.03 12.47
N GLU B 2156 -0.33 18.44 11.74
CA GLU B 2156 -0.12 19.08 10.45
C GLU B 2156 0.63 20.40 10.61
N SER B 2157 0.27 21.17 11.63
CA SER B 2157 1.00 22.42 11.90
C SER B 2157 2.45 22.14 12.24
N LEU B 2158 2.69 21.11 13.05
CA LEU B 2158 4.07 20.76 13.42
C LEU B 2158 4.87 20.33 12.20
N TYR B 2159 4.27 19.51 11.33
CA TYR B 2159 4.94 19.07 10.11
C TYR B 2159 5.26 20.26 9.21
N ASN B 2160 4.29 21.17 9.05
CA ASN B 2160 4.53 22.36 8.22
C ASN B 2160 5.62 23.24 8.80
N ALA B 2161 5.64 23.39 10.13
CA ALA B 2161 6.68 24.20 10.76
C ALA B 2161 8.05 23.57 10.56
N LEU B 2162 8.16 22.25 10.70
CA LEU B 2162 9.44 21.59 10.45
C LEU B 2162 9.86 21.74 8.99
N GLN B 2163 8.90 21.64 8.06
CA GLN B 2163 9.20 21.85 6.66
C GLN B 2163 9.74 23.26 6.42
N SER B 2164 9.09 24.26 6.99
CA SER B 2164 9.52 25.64 6.81
C SER B 2164 10.89 25.86 7.43
N LEU B 2165 11.16 25.26 8.58
CA LEU B 2165 12.48 25.35 9.19
C LEU B 2165 13.54 24.72 8.30
N ARG B 2166 13.21 23.60 7.66
CA ARG B 2166 14.14 22.99 6.72
C ARG B 2166 14.37 23.87 5.51
N ASP B 2167 13.33 24.58 5.05
CA ASP B 2167 13.40 25.40 3.85
C ASP B 2167 13.80 26.85 4.12
N ARG B 2168 14.17 27.17 5.36
CA ARG B 2168 14.61 28.52 5.74
C ARG B 2168 13.55 29.57 5.44
N GLU B 2169 12.30 29.23 5.69
CA GLU B 2169 11.17 30.15 5.55
C GLU B 2169 10.61 30.40 6.95
N PHE B 2170 11.18 31.39 7.64
CA PHE B 2170 10.89 31.59 9.05
C PHE B 2170 9.53 32.24 9.29
N SER B 2171 9.04 33.05 8.34
CA SER B 2171 7.74 33.69 8.52
C SER B 2171 6.63 32.66 8.61
N THR B 2172 6.60 31.71 7.68
CA THR B 2172 5.61 30.65 7.73
C THR B 2172 5.79 29.79 8.98
N PHE B 2173 7.04 29.57 9.38
CA PHE B 2173 7.34 28.82 10.60
C PHE B 2173 6.68 29.46 11.81
N TYR B 2174 6.91 30.76 12.00
CA TYR B 2174 6.34 31.46 13.15
C TYR B 2174 4.82 31.53 13.06
N GLU B 2175 4.28 31.75 11.86
CA GLU B 2175 2.83 31.79 11.70
C GLU B 2175 2.19 30.45 12.05
N SER B 2176 2.79 29.35 11.59
CA SER B 2176 2.25 28.03 11.91
C SER B 2176 2.32 27.75 13.41
N LEU B 2177 3.42 28.12 14.04
CA LEU B 2177 3.53 27.88 15.49
C LEU B 2177 2.52 28.74 16.26
N LYS B 2178 2.31 29.99 15.83
CA LYS B 2178 1.32 30.85 16.47
C LYS B 2178 -0.08 30.26 16.32
N TYR B 2179 -0.40 29.78 15.12
CA TYR B 2179 -1.71 29.16 14.89
C TYR B 2179 -1.88 27.92 15.76
N ALA B 2180 -0.85 27.10 15.88
CA ALA B 2180 -0.92 25.90 16.72
C ALA B 2180 -1.14 26.27 18.17
N ARG B 2181 -0.39 27.23 18.69
CA ARG B 2181 -0.60 27.69 20.09
C ARG B 2181 -2.06 28.13 20.25
N VAL B 2182 -2.57 29.02 19.37
CA VAL B 2182 -3.91 29.56 19.55
C VAL B 2182 -4.95 28.44 19.51
N LYS B 2183 -4.81 27.51 18.56
CA LYS B 2183 -5.78 26.43 18.45
C LYS B 2183 -5.76 25.53 19.68
N GLU B 2184 -4.56 25.17 20.16
CA GLU B 2184 -4.50 24.31 21.34
C GLU B 2184 -5.09 24.99 22.56
N VAL B 2185 -4.79 26.27 22.76
CA VAL B 2185 -5.34 26.98 23.92
C VAL B 2185 -6.85 27.09 23.82
N GLU B 2186 -7.36 27.39 22.61
CA GLU B 2186 -8.81 27.52 22.44
C GLU B 2186 -9.50 26.18 22.72
N GLU B 2187 -8.95 25.09 22.19
CA GLU B 2187 -9.54 23.77 22.43
C GLU B 2187 -9.52 23.44 23.92
N MET B 2188 -8.42 23.76 24.61
CA MET B 2188 -8.36 23.50 26.05
C MET B 2188 -9.39 24.32 26.81
N CYS B 2189 -9.54 25.60 26.45
CA CYS B 2189 -10.42 26.49 27.20
C CYS B 2189 -11.89 26.28 26.88
N LYS B 2190 -12.23 25.62 25.77
CA LYS B 2190 -13.62 25.31 25.49
C LYS B 2190 -14.15 24.16 26.33
N ARG B 2191 -13.30 23.42 27.02
CA ARG B 2191 -13.73 22.28 27.82
C ARG B 2191 -14.20 22.76 29.19
N SER B 2192 -14.42 21.82 30.12
CA SER B 2192 -15.01 22.13 31.40
C SER B 2192 -13.99 22.40 32.50
N LEU B 2193 -12.76 21.89 32.37
CA LEU B 2193 -11.69 22.13 33.34
C LEU B 2193 -12.10 21.65 34.74
N GLU B 2194 -12.30 20.34 34.84
CA GLU B 2194 -12.70 19.72 36.10
C GLU B 2194 -11.54 19.01 36.80
N SER B 2195 -10.72 18.29 36.04
CA SER B 2195 -9.62 17.52 36.58
C SER B 2195 -8.29 18.03 36.03
N VAL B 2196 -7.24 17.89 36.84
CA VAL B 2196 -5.90 18.28 36.39
C VAL B 2196 -5.42 17.37 35.27
N TYR B 2197 -5.87 16.11 35.25
CA TYR B 2197 -5.42 15.17 34.23
C TYR B 2197 -5.87 15.57 32.84
N SER B 2198 -6.86 16.46 32.73
CA SER B 2198 -7.31 16.94 31.43
C SER B 2198 -6.39 17.99 30.83
N LEU B 2199 -5.47 18.56 31.62
CA LEU B 2199 -4.61 19.62 31.15
C LEU B 2199 -3.28 19.12 30.62
N TYR B 2200 -2.87 17.90 31.00
CA TYR B 2200 -1.51 17.43 30.70
C TYR B 2200 -1.22 17.32 29.21
N PRO B 2201 -2.07 16.71 28.37
CA PRO B 2201 -1.72 16.65 26.93
C PRO B 2201 -1.56 18.03 26.29
N THR B 2202 -2.41 18.98 26.68
CA THR B 2202 -2.30 20.33 26.14
C THR B 2202 -1.00 20.99 26.58
N LEU B 2203 -0.62 20.79 27.85
CA LEU B 2203 0.64 21.35 28.34
C LEU B 2203 1.83 20.73 27.60
N SER B 2204 1.77 19.43 27.33
CA SER B 2204 2.85 18.76 26.59
C SER B 2204 2.96 19.34 25.18
N ARG B 2205 1.83 19.49 24.49
CA ARG B 2205 1.86 20.02 23.13
C ARG B 2205 2.37 21.46 23.12
N LEU B 2206 1.95 22.27 24.10
CA LEU B 2206 2.40 23.65 24.18
C LEU B 2206 3.90 23.73 24.45
N GLN B 2207 4.42 22.86 25.33
CA GLN B 2207 5.86 22.84 25.56
C GLN B 2207 6.63 22.44 24.31
N ALA B 2208 6.11 21.46 23.56
CA ALA B 2208 6.75 21.07 22.31
C ALA B 2208 6.78 22.23 21.32
N ILE B 2209 5.67 22.96 21.21
CA ILE B 2209 5.61 24.11 20.31
C ILE B 2209 6.63 25.18 20.75
N GLY B 2210 6.71 25.43 22.05
CA GLY B 2210 7.65 26.42 22.54
C GLY B 2210 9.10 26.05 22.27
N GLU B 2211 9.44 24.77 22.45
CA GLU B 2211 10.79 24.32 22.16
C GLU B 2211 11.11 24.46 20.68
N LEU B 2212 10.15 24.11 19.82
CA LEU B 2212 10.37 24.29 18.38
C LEU B 2212 10.58 25.75 18.02
N GLU B 2213 9.80 26.65 18.65
CA GLU B 2213 9.93 28.10 18.38
C GLU B 2213 11.29 28.61 18.85
N SER B 2214 11.77 28.13 20.00
CA SER B 2214 13.10 28.53 20.48
C SER B 2214 14.18 28.04 19.52
N ILE B 2215 14.06 26.81 19.03
CA ILE B 2215 15.05 26.29 18.09
C ILE B 2215 15.04 27.10 16.80
N GLY B 2216 13.84 27.44 16.30
CA GLY B 2216 13.76 28.26 15.10
C GLY B 2216 14.41 29.62 15.28
N GLU B 2217 14.19 30.25 16.44
CA GLU B 2217 14.84 31.53 16.72
C GLU B 2217 16.35 31.37 16.76
N LEU B 2218 16.83 30.27 17.37
CA LEU B 2218 18.27 30.01 17.37
C LEU B 2218 18.82 29.89 15.96
N PHE B 2219 18.17 29.10 15.12
CA PHE B 2219 18.68 28.79 13.79
C PHE B 2219 18.44 29.91 12.79
N SER B 2220 17.62 30.91 13.13
CA SER B 2220 17.37 32.01 12.20
C SER B 2220 18.66 32.73 11.82
N ARG B 2221 19.48 33.06 12.80
CA ARG B 2221 20.76 33.70 12.57
C ARG B 2221 21.88 32.66 12.59
N SER B 2222 23.13 33.13 12.58
CA SER B 2222 24.26 32.23 12.70
C SER B 2222 24.29 31.57 14.08
N VAL B 2223 24.71 30.32 14.12
CA VAL B 2223 24.68 29.50 15.33
C VAL B 2223 26.10 29.21 15.78
N THR B 2224 26.33 29.29 17.08
CA THR B 2224 27.61 29.00 17.70
C THR B 2224 27.48 27.79 18.61
N HIS B 2225 28.64 27.27 19.05
CA HIS B 2225 28.66 26.13 19.95
C HIS B 2225 28.05 26.50 21.31
N ARG B 2226 28.33 27.71 21.79
CA ARG B 2226 27.81 28.13 23.09
C ARG B 2226 26.29 28.18 23.10
N GLN B 2227 25.69 28.66 22.01
CA GLN B 2227 24.23 28.76 21.95
C GLN B 2227 23.58 27.38 21.98
N LEU B 2228 24.15 26.42 21.24
CA LEU B 2228 23.60 25.07 21.24
C LEU B 2228 23.77 24.41 22.60
N SER B 2229 24.92 24.64 23.24
CA SER B 2229 25.12 24.11 24.59
C SER B 2229 24.10 24.70 25.55
N GLU B 2230 23.82 26.00 25.42
CA GLU B 2230 22.85 26.65 26.30
C GLU B 2230 21.44 26.10 26.08
N VAL B 2231 21.04 25.92 24.82
CA VAL B 2231 19.69 25.40 24.58
C VAL B 2231 19.57 23.96 25.06
N TYR B 2232 20.63 23.16 24.93
CA TYR B 2232 20.57 21.80 25.47
C TYR B 2232 20.52 21.81 27.00
N ILE B 2233 21.23 22.74 27.64
CA ILE B 2233 21.15 22.86 29.10
C ILE B 2233 19.73 23.22 29.53
N LYS B 2234 19.10 24.14 28.81
CA LYS B 2234 17.71 24.49 29.11
C LYS B 2234 16.78 23.30 28.94
N TRP B 2235 16.99 22.52 27.86
CA TRP B 2235 16.20 21.32 27.65
C TRP B 2235 16.37 20.34 28.80
N GLN B 2236 17.61 20.17 29.27
CA GLN B 2236 17.86 19.25 30.38
C GLN B 2236 17.20 19.73 31.67
N LYS B 2237 17.23 21.04 31.91
CA LYS B 2237 16.56 21.59 33.09
C LYS B 2237 15.06 21.32 33.04
N HIS B 2238 14.44 21.57 31.88
CA HIS B 2238 13.00 21.35 31.77
C HIS B 2238 12.66 19.87 31.85
N SER B 2239 13.54 19.01 31.35
CA SER B 2239 13.33 17.57 31.50
C SER B 2239 13.42 17.16 32.96
N GLN B 2240 14.33 17.78 33.72
CA GLN B 2240 14.38 17.55 35.16
C GLN B 2240 13.10 17.99 35.84
N LEU B 2241 12.50 19.09 35.37
CA LEU B 2241 11.21 19.50 35.92
C LEU B 2241 10.11 18.47 35.66
N LEU B 2242 10.24 17.69 34.57
CA LEU B 2242 9.24 16.70 34.19
C LEU B 2242 9.55 15.31 34.75
N LYS B 2243 10.23 15.24 35.89
CA LYS B 2243 10.70 13.95 36.39
C LYS B 2243 9.54 13.02 36.75
N ASP B 2244 8.48 13.56 37.34
CA ASP B 2244 7.35 12.74 37.79
C ASP B 2244 6.24 12.62 36.76
N SER B 2245 6.40 13.22 35.58
CA SER B 2245 5.36 13.13 34.57
C SER B 2245 5.32 11.74 33.95
N ASP B 2246 4.17 11.40 33.38
CA ASP B 2246 4.00 10.12 32.72
C ASP B 2246 4.79 10.09 31.41
N PHE B 2247 5.12 8.87 30.96
CA PHE B 2247 5.83 8.72 29.70
C PHE B 2247 5.01 9.25 28.52
N SER B 2248 3.68 9.16 28.61
CA SER B 2248 2.82 9.63 27.53
C SER B 2248 2.94 11.12 27.29
N PHE B 2249 3.40 11.88 28.28
CA PHE B 2249 3.58 13.33 28.13
C PHE B 2249 5.01 13.74 27.84
N GLN B 2250 5.99 12.91 28.24
CA GLN B 2250 7.39 13.22 27.97
C GLN B 2250 7.85 12.74 26.61
N GLU B 2251 7.30 11.61 26.13
CA GLU B 2251 7.78 11.03 24.88
C GLU B 2251 7.61 11.93 23.67
N PRO B 2252 6.46 12.60 23.45
CA PRO B 2252 6.38 13.49 22.28
C PRO B 2252 7.40 14.62 22.29
N ILE B 2253 7.71 15.16 23.47
CA ILE B 2253 8.71 16.22 23.56
C ILE B 2253 10.08 15.69 23.14
N MET B 2254 10.43 14.49 23.60
CA MET B 2254 11.70 13.88 23.23
C MET B 2254 11.75 13.58 21.73
N ALA B 2255 10.64 13.11 21.16
CA ALA B 2255 10.61 12.86 19.73
C ALA B 2255 10.81 14.15 18.94
N LEU B 2256 10.16 15.23 19.34
CA LEU B 2256 10.37 16.50 18.66
C LEU B 2256 11.81 16.97 18.82
N ARG B 2257 12.40 16.75 20.00
CA ARG B 2257 13.79 17.15 20.23
C ARG B 2257 14.74 16.41 19.31
N THR B 2258 14.56 15.10 19.16
CA THR B 2258 15.48 14.35 18.31
C THR B 2258 15.28 14.68 16.85
N VAL B 2259 14.03 14.94 16.43
CA VAL B 2259 13.80 15.36 15.04
C VAL B 2259 14.46 16.71 14.78
N ILE B 2260 14.34 17.64 15.72
CA ILE B 2260 14.99 18.95 15.59
C ILE B 2260 16.50 18.78 15.47
N LEU B 2261 17.08 17.96 16.34
CA LEU B 2261 18.52 17.77 16.34
C LEU B 2261 19.00 17.13 15.04
N GLU B 2262 18.25 16.17 14.51
CA GLU B 2262 18.63 15.57 13.24
C GLU B 2262 18.50 16.54 12.08
N ILE B 2263 17.50 17.42 12.10
CA ILE B 2263 17.37 18.44 11.06
C ILE B 2263 18.57 19.38 11.12
N LEU B 2264 18.95 19.82 12.32
CA LEU B 2264 20.14 20.65 12.48
C LEU B 2264 21.38 19.92 12.00
N MET B 2265 21.45 18.61 12.27
CA MET B 2265 22.57 17.80 11.82
C MET B 2265 22.67 17.79 10.30
N GLU B 2266 21.55 17.58 9.62
CA GLU B 2266 21.58 17.46 8.16
C GLU B 2266 21.68 18.81 7.45
N LYS B 2267 21.41 19.92 8.14
CA LYS B 2267 21.45 21.22 7.47
C LYS B 2267 22.54 22.12 8.07
N GLU B 2268 23.74 21.58 8.31
CA GLU B 2268 24.81 22.33 8.93
C GLU B 2268 25.81 22.89 7.93
N MET B 2269 26.42 22.01 7.12
CA MET B 2269 27.45 22.40 6.16
C MET B 2269 28.64 23.08 6.85
N ASP B 2270 29.07 22.52 7.98
CA ASP B 2270 30.24 23.03 8.70
C ASP B 2270 30.75 21.90 9.58
N ASN B 2271 31.99 21.47 9.33
CA ASN B 2271 32.53 20.32 10.05
C ASN B 2271 32.70 20.59 11.54
N SER B 2272 33.11 21.81 11.90
CA SER B 2272 33.40 22.12 13.30
C SER B 2272 32.13 22.01 14.16
N GLN B 2273 31.02 22.58 13.68
CA GLN B 2273 29.78 22.55 14.44
C GLN B 2273 29.01 21.24 14.24
N ARG B 2274 29.31 20.51 13.18
CA ARG B 2274 28.67 19.22 12.95
C ARG B 2274 28.99 18.25 14.08
N GLU B 2275 30.25 18.24 14.54
CA GLU B 2275 30.61 17.37 15.65
C GLU B 2275 29.89 17.76 16.94
N CYS B 2276 29.72 19.08 17.15
CA CYS B 2276 29.03 19.60 18.35
C CYS B 2276 27.58 19.16 18.32
N ILE B 2277 26.91 19.26 17.17
CA ILE B 2277 25.53 18.83 17.02
C ILE B 2277 25.42 17.32 17.21
N LYS B 2278 26.39 16.57 16.68
CA LYS B 2278 26.38 15.12 16.83
C LYS B 2278 26.52 14.71 18.29
N ASP B 2279 27.39 15.40 19.04
CA ASP B 2279 27.54 15.10 20.46
C ASP B 2279 26.26 15.40 21.23
N ILE B 2280 25.63 16.54 20.93
CA ILE B 2280 24.36 16.87 21.60
C ILE B 2280 23.32 15.82 21.28
N LEU B 2281 23.24 15.39 20.03
CA LEU B 2281 22.27 14.37 19.65
C LEU B 2281 22.54 13.05 20.35
N THR B 2282 23.81 12.67 20.48
CA THR B 2282 24.15 11.44 21.18
C THR B 2282 23.73 11.52 22.65
N LYS B 2283 24.01 12.64 23.30
CA LYS B 2283 23.60 12.80 24.70
C LYS B 2283 22.08 12.74 24.83
N HIS B 2284 21.36 13.39 23.93
CA HIS B 2284 19.89 13.37 23.98
C HIS B 2284 19.36 11.96 23.79
N LEU B 2285 19.96 11.19 22.86
CA LEU B 2285 19.46 9.85 22.60
C LEU B 2285 19.79 8.91 23.76
N VAL B 2286 20.93 9.09 24.41
CA VAL B 2286 21.24 8.32 25.61
C VAL B 2286 20.22 8.63 26.71
N GLU B 2287 19.90 9.91 26.89
CA GLU B 2287 18.91 10.29 27.90
C GLU B 2287 17.54 9.69 27.58
N LEU B 2288 17.17 9.69 26.29
CA LEU B 2288 15.91 9.09 25.88
C LEU B 2288 15.89 7.60 26.15
N SER B 2289 17.02 6.92 25.90
CA SER B 2289 17.10 5.48 26.19
C SER B 2289 16.91 5.22 27.67
N ILE B 2290 17.57 6.01 28.52
CA ILE B 2290 17.42 5.84 29.97
C ILE B 2290 15.98 6.08 30.39
N LEU B 2291 15.37 7.15 29.87
CA LEU B 2291 14.00 7.48 30.24
C LEU B 2291 13.02 6.39 29.82
N ALA B 2292 13.19 5.86 28.61
CA ALA B 2292 12.32 4.77 28.15
C ALA B 2292 12.55 3.51 28.98
N ARG B 2293 13.79 3.25 29.40
CA ARG B 2293 14.06 2.09 30.24
C ARG B 2293 13.37 2.23 31.60
N THR B 2294 13.36 3.44 32.15
CA THR B 2294 12.74 3.64 33.47
C THR B 2294 11.24 3.36 33.46
N PHE B 2295 10.60 3.40 32.30
CA PHE B 2295 9.18 3.13 32.18
C PHE B 2295 8.89 1.74 31.65
N LYS B 2296 9.87 0.84 31.70
CA LYS B 2296 9.72 -0.55 31.24
C LYS B 2296 9.38 -0.63 29.76
N ASN B 2297 10.01 0.22 28.97
CA ASN B 2297 9.87 0.20 27.51
C ASN B 2297 11.18 -0.30 26.91
N THR B 2298 11.07 -1.30 26.03
CA THR B 2298 12.24 -1.98 25.50
C THR B 2298 12.50 -1.72 24.03
N GLN B 2299 11.55 -1.14 23.30
CA GLN B 2299 11.72 -0.91 21.87
C GLN B 2299 12.33 0.46 21.58
N LEU B 2300 11.84 1.50 22.26
CA LEU B 2300 12.40 2.84 22.08
C LEU B 2300 13.89 2.92 22.41
N PRO B 2301 14.40 2.30 23.50
CA PRO B 2301 15.86 2.32 23.70
C PRO B 2301 16.63 1.68 22.57
N GLU B 2302 16.11 0.59 22.00
CA GLU B 2302 16.78 -0.05 20.87
C GLU B 2302 16.80 0.87 19.65
N ARG B 2303 15.68 1.55 19.38
CA ARG B 2303 15.65 2.49 18.27
C ARG B 2303 16.63 3.64 18.49
N ALA B 2304 16.71 4.14 19.73
CA ALA B 2304 17.65 5.21 20.02
C ALA B 2304 19.10 4.77 19.84
N ILE B 2305 19.42 3.54 20.28
CA ILE B 2305 20.76 3.01 20.09
C ILE B 2305 21.08 2.87 18.60
N PHE B 2306 20.09 2.41 17.82
CA PHE B 2306 20.30 2.30 16.38
C PHE B 2306 20.58 3.66 15.76
N GLN B 2307 19.83 4.68 16.16
CA GLN B 2307 20.07 6.02 15.63
C GLN B 2307 21.46 6.53 16.02
N ILE B 2308 21.87 6.28 17.26
CA ILE B 2308 23.22 6.65 17.69
C ILE B 2308 24.26 5.99 16.80
N LYS B 2309 24.10 4.70 16.55
CA LYS B 2309 25.05 3.98 15.70
C LYS B 2309 25.05 4.55 14.29
N GLN B 2310 23.88 4.96 13.78
CA GLN B 2310 23.81 5.58 12.47
C GLN B 2310 24.62 6.86 12.42
N TYR B 2311 24.51 7.69 13.46
CA TYR B 2311 25.23 8.96 13.47
C TYR B 2311 26.63 8.87 14.06
N ASN B 2312 26.96 7.81 14.79
CA ASN B 2312 28.21 7.74 15.55
C ASN B 2312 28.98 6.47 15.21
N SER B 2313 29.22 6.24 13.91
CA SER B 2313 30.10 5.15 13.51
C SER B 2313 31.48 5.33 14.15
N VAL B 2314 31.83 4.43 15.07
CA VAL B 2314 32.99 4.60 15.92
C VAL B 2314 34.20 3.89 15.31
N SER B 2315 35.38 4.43 15.58
CA SER B 2315 36.64 3.80 15.25
C SER B 2315 37.45 3.40 16.48
N CYS B 2316 37.37 4.21 17.55
CA CYS B 2316 38.04 3.86 18.80
C CYS B 2316 37.42 2.61 19.41
N GLY B 2317 36.09 2.50 19.37
CA GLY B 2317 35.39 1.35 19.89
C GLY B 2317 34.86 1.50 21.30
N VAL B 2318 35.23 2.56 22.01
CA VAL B 2318 34.78 2.79 23.37
C VAL B 2318 34.10 4.14 23.44
N SER B 2319 32.87 4.17 23.95
CA SER B 2319 32.12 5.41 24.11
C SER B 2319 31.09 5.21 25.20
N GLU B 2320 30.53 6.32 25.68
CA GLU B 2320 29.58 6.27 26.79
C GLU B 2320 28.26 5.63 26.38
N TRP B 2321 27.84 5.79 25.12
CA TRP B 2321 26.55 5.28 24.69
C TRP B 2321 26.54 3.77 24.58
N GLN B 2322 27.69 3.13 24.39
CA GLN B 2322 27.70 1.68 24.28
C GLN B 2322 27.43 1.02 25.63
N LEU B 2323 27.81 1.67 26.73
CA LEU B 2323 27.41 1.18 28.05
C LEU B 2323 25.89 1.22 28.20
N GLU B 2324 25.26 2.29 27.70
CA GLU B 2324 23.80 2.34 27.69
C GLU B 2324 23.21 1.26 26.79
N GLU B 2325 23.87 0.95 25.68
CA GLU B 2325 23.43 -0.16 24.83
C GLU B 2325 23.46 -1.48 25.59
N ALA B 2326 24.55 -1.71 26.35
CA ALA B 2326 24.63 -2.92 27.18
C ALA B 2326 23.52 -2.94 28.22
N GLN B 2327 23.24 -1.80 28.84
CA GLN B 2327 22.16 -1.72 29.81
C GLN B 2327 20.81 -2.03 29.17
N VAL B 2328 20.61 -1.54 27.94
CA VAL B 2328 19.38 -1.82 27.21
C VAL B 2328 19.23 -3.31 26.94
N PHE B 2329 20.31 -3.95 26.51
CA PHE B 2329 20.27 -5.39 26.27
C PHE B 2329 19.99 -6.15 27.56
N TRP B 2330 20.58 -5.71 28.68
CA TRP B 2330 20.28 -6.34 29.97
C TRP B 2330 18.81 -6.17 30.34
N ALA B 2331 18.24 -4.99 30.09
CA ALA B 2331 16.84 -4.76 30.40
C ALA B 2331 15.89 -5.62 29.58
N LYS B 2332 16.33 -6.08 28.40
CA LYS B 2332 15.53 -6.94 27.55
C LYS B 2332 15.70 -8.42 27.91
N LYS B 2333 16.32 -8.71 29.05
CA LYS B 2333 16.55 -10.09 29.51
C LYS B 2333 17.40 -10.87 28.53
N GLU B 2334 18.35 -10.19 27.87
CA GLU B 2334 19.34 -10.83 27.01
C GLU B 2334 20.69 -10.59 27.66
N GLN B 2335 21.04 -11.47 28.61
CA GLN B 2335 22.20 -11.24 29.46
C GLN B 2335 23.50 -11.60 28.76
N SER B 2336 23.48 -12.58 27.86
CA SER B 2336 24.69 -12.95 27.15
C SER B 2336 25.20 -11.81 26.29
N LEU B 2337 24.29 -11.15 25.55
CA LEU B 2337 24.69 -10.03 24.71
C LEU B 2337 25.26 -8.89 25.53
N ALA B 2338 24.57 -8.54 26.64
CA ALA B 2338 25.03 -7.43 27.47
C ALA B 2338 26.40 -7.72 28.07
N LEU B 2339 26.57 -8.94 28.61
CA LEU B 2339 27.84 -9.30 29.22
C LEU B 2339 28.97 -9.33 28.18
N SER B 2340 28.68 -9.84 26.98
CA SER B 2340 29.69 -9.86 25.93
C SER B 2340 30.09 -8.44 25.53
N ILE B 2341 29.11 -7.56 25.34
CA ILE B 2341 29.41 -6.17 24.99
C ILE B 2341 30.28 -5.53 26.06
N LEU B 2342 29.90 -5.71 27.33
CA LEU B 2342 30.57 -4.99 28.40
C LEU B 2342 31.97 -5.57 28.64
N LYS B 2343 32.14 -6.88 28.49
CA LYS B 2343 33.47 -7.47 28.63
C LYS B 2343 34.38 -7.07 27.47
N GLN B 2344 33.84 -7.01 26.25
CA GLN B 2344 34.63 -6.51 25.12
C GLN B 2344 35.06 -5.07 25.36
N MET B 2345 34.16 -4.24 25.91
CA MET B 2345 34.52 -2.86 26.22
C MET B 2345 35.59 -2.80 27.29
N ILE B 2346 35.49 -3.65 28.31
CA ILE B 2346 36.51 -3.68 29.37
C ILE B 2346 37.86 -4.06 28.78
N LYS B 2347 37.88 -5.05 27.90
CA LYS B 2347 39.13 -5.44 27.25
C LYS B 2347 39.71 -4.30 26.42
N LYS B 2348 38.85 -3.61 25.66
CA LYS B 2348 39.32 -2.49 24.83
C LYS B 2348 39.86 -1.36 25.70
N LEU B 2349 39.18 -1.05 26.80
CA LEU B 2349 39.63 0.02 27.68
C LEU B 2349 40.94 -0.33 28.36
N ASP B 2350 41.10 -1.60 28.78
CA ASP B 2350 42.36 -2.02 29.39
C ASP B 2350 43.50 -1.96 28.38
N ALA B 2351 43.25 -2.40 27.14
CA ALA B 2351 44.29 -2.37 26.12
C ALA B 2351 44.66 -0.94 25.74
N SER B 2352 43.67 -0.05 25.63
CA SER B 2352 43.92 1.28 25.12
C SER B 2352 44.84 2.07 26.04
N CYS B 2353 44.62 2.00 27.35
CA CYS B 2353 45.40 2.79 28.30
C CYS B 2353 45.30 2.14 29.67
N ALA B 2354 45.97 2.75 30.64
CA ALA B 2354 45.95 2.31 32.04
C ALA B 2354 44.98 3.15 32.86
N ALA B 2355 43.86 3.55 32.26
CA ALA B 2355 42.86 4.41 32.91
C ALA B 2355 43.47 5.74 33.35
N ASN B 2356 44.36 6.28 32.52
CA ASN B 2356 45.00 7.56 32.80
C ASN B 2356 44.30 8.73 32.12
N ASN B 2357 43.48 8.48 31.11
CA ASN B 2357 42.75 9.56 30.46
C ASN B 2357 41.63 10.02 31.38
N PRO B 2358 41.55 11.32 31.70
CA PRO B 2358 40.46 11.79 32.58
C PRO B 2358 39.07 11.56 32.02
N SER B 2359 38.93 11.56 30.69
CA SER B 2359 37.61 11.39 30.09
C SER B 2359 37.13 9.95 30.14
N LEU B 2360 38.04 8.98 30.06
CA LEU B 2360 37.68 7.57 30.03
C LEU B 2360 37.64 6.92 31.40
N LYS B 2361 38.04 7.64 32.46
CA LYS B 2361 38.08 7.04 33.79
C LYS B 2361 36.68 6.67 34.27
N LEU B 2362 35.71 7.57 34.11
CA LEU B 2362 34.35 7.31 34.56
C LEU B 2362 33.74 6.12 33.83
N THR B 2363 33.91 6.07 32.51
CA THR B 2363 33.37 4.96 31.73
C THR B 2363 33.99 3.64 32.15
N TYR B 2364 35.31 3.61 32.33
CA TYR B 2364 36.00 2.40 32.74
C TYR B 2364 35.51 1.92 34.11
N THR B 2365 35.42 2.84 35.07
CA THR B 2365 34.99 2.48 36.41
C THR B 2365 33.56 1.95 36.41
N GLU B 2366 32.66 2.66 35.71
CA GLU B 2366 31.27 2.24 35.65
C GLU B 2366 31.14 0.88 34.98
N CYS B 2367 31.88 0.66 33.89
CA CYS B 2367 31.80 -0.61 33.19
C CYS B 2367 32.29 -1.75 34.05
N LEU B 2368 33.41 -1.56 34.75
CA LEU B 2368 33.91 -2.60 35.64
C LEU B 2368 32.89 -2.93 36.73
N ARG B 2369 32.33 -1.89 37.36
CA ARG B 2369 31.37 -2.12 38.44
C ARG B 2369 30.11 -2.81 37.94
N VAL B 2370 29.59 -2.38 36.80
CA VAL B 2370 28.38 -2.98 36.25
C VAL B 2370 28.62 -4.43 35.86
N CYS B 2371 29.78 -4.72 35.24
CA CYS B 2371 30.08 -6.10 34.87
C CYS B 2371 30.21 -6.98 36.09
N GLY B 2372 30.87 -6.48 37.14
CA GLY B 2372 30.98 -7.25 38.37
C GLY B 2372 29.63 -7.54 39.00
N ASN B 2373 28.76 -6.54 39.04
CA ASN B 2373 27.42 -6.75 39.61
C ASN B 2373 26.60 -7.72 38.78
N TRP B 2374 26.67 -7.61 37.45
CA TRP B 2374 25.93 -8.52 36.59
C TRP B 2374 26.42 -9.95 36.74
N LEU B 2375 27.74 -10.14 36.81
CA LEU B 2375 28.28 -11.49 37.01
C LEU B 2375 27.88 -12.03 38.37
N ALA B 2376 27.85 -11.18 39.40
CA ALA B 2376 27.40 -11.62 40.71
C ALA B 2376 25.94 -12.04 40.68
N GLU B 2377 25.10 -11.30 39.94
CA GLU B 2377 23.69 -11.66 39.86
C GLU B 2377 23.48 -12.97 39.11
N THR B 2378 24.11 -13.11 37.95
CA THR B 2378 23.90 -14.32 37.14
C THR B 2378 24.58 -15.55 37.72
N CYS B 2379 25.47 -15.38 38.70
CA CYS B 2379 26.24 -16.49 39.27
C CYS B 2379 27.08 -17.19 38.20
N LEU B 2380 27.46 -16.46 37.16
CA LEU B 2380 28.27 -17.02 36.08
C LEU B 2380 29.74 -17.08 36.43
N GLU B 2381 30.18 -16.44 37.51
CA GLU B 2381 31.58 -16.44 37.90
C GLU B 2381 31.67 -16.56 39.42
N ASN B 2382 32.76 -17.16 39.88
CA ASN B 2382 32.94 -17.36 41.31
C ASN B 2382 33.26 -16.02 42.01
N PRO B 2383 32.99 -15.93 43.32
CA PRO B 2383 33.22 -14.66 44.01
C PRO B 2383 34.64 -14.15 43.96
N ALA B 2384 35.63 -15.03 43.87
CA ALA B 2384 37.03 -14.58 43.88
C ALA B 2384 37.35 -13.75 42.64
N VAL B 2385 36.94 -14.22 41.47
CA VAL B 2385 37.23 -13.49 40.23
C VAL B 2385 36.43 -12.19 40.18
N ILE B 2386 35.19 -12.21 40.65
CA ILE B 2386 34.40 -10.98 40.70
C ILE B 2386 35.07 -9.97 41.62
N MET B 2387 35.54 -10.42 42.78
CA MET B 2387 36.22 -9.53 43.71
C MET B 2387 37.50 -8.95 43.11
N GLN B 2388 38.30 -9.79 42.45
CA GLN B 2388 39.65 -9.38 42.09
C GLN B 2388 39.71 -8.64 40.75
N THR B 2389 38.83 -9.01 39.81
CA THR B 2389 38.92 -8.52 38.44
C THR B 2389 38.03 -7.32 38.15
N TYR B 2390 36.90 -7.19 38.83
CA TYR B 2390 35.93 -6.17 38.47
C TYR B 2390 35.69 -5.13 39.57
N LEU B 2391 35.36 -5.58 40.78
CA LEU B 2391 34.93 -4.62 41.80
C LEU B 2391 36.12 -3.89 42.43
N GLU B 2392 37.11 -4.65 42.91
CA GLU B 2392 38.32 -4.02 43.43
C GLU B 2392 39.05 -3.26 42.33
N LYS B 2393 39.03 -3.79 41.11
CA LYS B 2393 39.61 -3.07 39.99
C LYS B 2393 38.87 -1.75 39.75
N ALA B 2394 37.53 -1.77 39.83
CA ALA B 2394 36.77 -0.54 39.65
C ALA B 2394 37.10 0.48 40.73
N VAL B 2395 37.25 0.02 41.98
CA VAL B 2395 37.64 0.94 43.05
C VAL B 2395 39.03 1.52 42.79
N GLU B 2396 39.96 0.68 42.32
CA GLU B 2396 41.32 1.14 42.09
C GLU B 2396 41.38 2.14 40.94
N VAL B 2397 40.59 1.94 39.90
CA VAL B 2397 40.61 2.85 38.76
C VAL B 2397 40.16 4.25 39.18
N ALA B 2398 39.10 4.33 39.97
CA ALA B 2398 38.56 5.61 40.40
C ALA B 2398 39.51 6.32 41.35
N SER B 2406 34.23 18.25 39.92
CA SER B 2406 34.48 16.83 39.75
C SER B 2406 33.44 16.01 40.51
N ASP B 2407 32.17 16.38 40.37
CA ASP B 2407 31.10 15.65 41.04
C ASP B 2407 30.88 14.27 40.44
N GLU B 2408 31.09 14.12 39.12
CA GLU B 2408 30.92 12.83 38.48
C GLU B 2408 31.90 11.81 39.01
N LEU B 2409 33.16 12.22 39.20
CA LEU B 2409 34.16 11.32 39.77
C LEU B 2409 33.78 10.91 41.19
N ARG B 2410 33.28 11.85 41.98
CA ARG B 2410 32.87 11.53 43.35
C ARG B 2410 31.70 10.55 43.34
N ASN B 2411 30.74 10.74 42.45
CA ASN B 2411 29.60 9.82 42.37
C ASN B 2411 30.05 8.42 41.95
N GLY B 2412 30.95 8.35 40.96
CA GLY B 2412 31.46 7.05 40.55
C GLY B 2412 32.23 6.36 41.66
N LYS B 2413 33.03 7.13 42.40
CA LYS B 2413 33.75 6.57 43.53
C LYS B 2413 32.77 6.02 44.58
N MET B 2414 31.71 6.77 44.87
CA MET B 2414 30.73 6.32 45.85
C MET B 2414 30.07 5.03 45.39
N LYS B 2415 29.68 4.95 44.12
CA LYS B 2415 29.03 3.74 43.61
C LYS B 2415 29.97 2.54 43.65
N ALA B 2416 31.22 2.73 43.25
CA ALA B 2416 32.19 1.62 43.29
C ALA B 2416 32.43 1.16 44.72
N PHE B 2417 32.58 2.10 45.65
CA PHE B 2417 32.77 1.75 47.05
C PHE B 2417 31.59 0.97 47.59
N LEU B 2418 30.36 1.41 47.26
CA LEU B 2418 29.18 0.72 47.75
C LEU B 2418 29.09 -0.69 47.18
N SER B 2419 29.40 -0.86 45.89
CA SER B 2419 29.33 -2.18 45.29
C SER B 2419 30.35 -3.12 45.92
N LEU B 2420 31.58 -2.65 46.12
CA LEU B 2420 32.59 -3.48 46.77
C LEU B 2420 32.17 -3.84 48.20
N ALA B 2421 31.64 -2.87 48.93
CA ALA B 2421 31.18 -3.13 50.29
C ALA B 2421 30.06 -4.16 50.31
N ARG B 2422 29.11 -4.05 49.39
CA ARG B 2422 28.01 -4.99 49.36
C ARG B 2422 28.49 -6.40 49.05
N PHE B 2423 29.41 -6.55 48.10
CA PHE B 2423 29.92 -7.89 47.78
C PHE B 2423 30.69 -8.48 48.95
N SER B 2424 31.55 -7.67 49.60
CA SER B 2424 32.29 -8.17 50.76
C SER B 2424 31.34 -8.55 51.90
N ASP B 2425 30.29 -7.75 52.10
CA ASP B 2425 29.31 -8.07 53.14
C ASP B 2425 28.58 -9.37 52.80
N THR B 2426 28.27 -9.60 51.52
CA THR B 2426 27.63 -10.84 51.13
C THR B 2426 28.52 -12.03 51.45
N GLN B 2427 29.81 -11.94 51.10
CA GLN B 2427 30.73 -13.04 51.40
C GLN B 2427 30.86 -13.28 52.90
N TYR B 2428 30.98 -12.19 53.67
CA TYR B 2428 31.10 -12.33 55.12
C TYR B 2428 29.84 -12.95 55.73
N GLN B 2429 28.67 -12.54 55.25
CA GLN B 2429 27.42 -13.08 55.76
C GLN B 2429 27.28 -14.55 55.39
N ARG B 2430 27.74 -14.94 54.20
CA ARG B 2430 27.72 -16.36 53.84
C ARG B 2430 28.61 -17.17 54.77
N ILE B 2431 29.82 -16.66 55.06
CA ILE B 2431 30.71 -17.37 55.97
C ILE B 2431 30.08 -17.49 57.35
N GLU B 2432 29.51 -16.40 57.86
CA GLU B 2432 28.89 -16.41 59.18
C GLU B 2432 27.71 -17.37 59.23
N ASN B 2433 26.88 -17.37 58.19
CA ASN B 2433 25.73 -18.27 58.14
C ASN B 2433 26.19 -19.72 58.14
N TYR B 2434 27.21 -20.04 57.36
CA TYR B 2434 27.72 -21.41 57.36
C TYR B 2434 28.28 -21.79 58.73
N MET B 2435 29.00 -20.86 59.37
CA MET B 2435 29.58 -21.16 60.67
C MET B 2435 28.50 -21.37 61.73
N LYS B 2436 27.37 -20.65 61.61
CA LYS B 2436 26.25 -20.83 62.51
C LYS B 2436 25.30 -21.95 62.08
N SER B 2437 25.48 -22.48 60.87
CA SER B 2437 24.54 -23.45 60.32
C SER B 2437 24.57 -24.75 61.11
N SER B 2438 23.44 -25.46 61.09
CA SER B 2438 23.34 -26.76 61.76
C SER B 2438 24.18 -27.82 61.08
N GLU B 2439 24.45 -27.68 59.78
CA GLU B 2439 25.33 -28.63 59.10
C GLU B 2439 26.74 -28.59 59.68
N PHE B 2440 27.25 -27.39 59.95
CA PHE B 2440 28.59 -27.26 60.52
C PHE B 2440 28.66 -27.89 61.91
N GLU B 2441 27.66 -27.66 62.76
CA GLU B 2441 27.69 -28.25 64.09
C GLU B 2441 27.47 -29.75 64.04
N ASN B 2442 26.69 -30.24 63.07
CA ASN B 2442 26.54 -31.68 62.90
C ASN B 2442 27.86 -32.31 62.49
N LYS B 2443 28.60 -31.67 61.59
CA LYS B 2443 29.92 -32.15 61.21
C LYS B 2443 30.87 -32.16 62.41
N GLN B 2444 30.83 -31.09 63.21
CA GLN B 2444 31.68 -31.03 64.40
C GLN B 2444 31.33 -32.15 65.38
N ALA B 2445 30.03 -32.40 65.58
CA ALA B 2445 29.61 -33.48 66.48
C ALA B 2445 30.03 -34.83 65.96
N LEU B 2446 29.92 -35.05 64.65
CA LEU B 2446 30.34 -36.33 64.07
C LEU B 2446 31.85 -36.53 64.24
N LEU B 2447 32.63 -35.46 64.09
CA LEU B 2447 34.07 -35.59 64.33
C LEU B 2447 34.37 -35.84 65.80
N LYS B 2448 33.53 -35.32 66.71
CA LYS B 2448 33.74 -35.52 68.14
C LYS B 2448 33.64 -36.99 68.54
N ARG B 2449 32.97 -37.81 67.74
CA ARG B 2449 32.86 -39.24 68.04
C ARG B 2449 34.02 -40.02 67.40
N GLN B 2472 44.91 -39.34 64.24
CA GLN B 2472 44.07 -38.23 64.68
C GLN B 2472 44.30 -36.99 63.82
N ARG B 2473 44.70 -37.22 62.57
CA ARG B 2473 44.91 -36.11 61.64
C ARG B 2473 43.63 -35.38 61.30
N GLU B 2474 42.46 -36.01 61.53
CA GLU B 2474 41.19 -35.36 61.26
C GLU B 2474 41.00 -34.12 62.11
N LEU B 2475 41.39 -34.19 63.39
CA LEU B 2475 41.27 -33.04 64.27
C LEU B 2475 42.16 -31.90 63.80
N GLU B 2476 43.40 -32.22 63.39
CA GLU B 2476 44.29 -31.18 62.88
C GLU B 2476 43.74 -30.54 61.61
N LEU B 2477 43.19 -31.37 60.71
CA LEU B 2477 42.59 -30.83 59.48
C LEU B 2477 41.42 -29.92 59.80
N ASP B 2478 40.58 -30.32 60.75
CA ASP B 2478 39.44 -29.47 61.13
C ASP B 2478 39.92 -28.17 61.77
N GLU B 2479 40.97 -28.23 62.59
CA GLU B 2479 41.51 -27.00 63.18
C GLU B 2479 42.03 -26.06 62.10
N LEU B 2480 42.76 -26.61 61.12
CA LEU B 2480 43.25 -25.80 60.01
C LEU B 2480 42.10 -25.16 59.24
N ALA B 2481 41.06 -25.95 58.94
CA ALA B 2481 39.92 -25.43 58.21
C ALA B 2481 39.20 -24.35 58.99
N LEU B 2482 39.02 -24.55 60.29
CA LEU B 2482 38.35 -23.56 61.11
C LEU B 2482 39.13 -22.26 61.19
N ARG B 2483 40.45 -22.35 61.36
CA ARG B 2483 41.26 -21.13 61.40
C ARG B 2483 41.23 -20.40 60.05
N ALA B 2484 41.28 -21.14 58.95
CA ALA B 2484 41.17 -20.51 57.64
C ALA B 2484 39.82 -19.84 57.45
N LEU B 2485 38.75 -20.48 57.92
CA LEU B 2485 37.42 -19.89 57.81
C LEU B 2485 37.32 -18.62 58.63
N LYS B 2486 37.88 -18.62 59.85
CA LYS B 2486 37.86 -17.42 60.68
C LYS B 2486 38.66 -16.30 60.04
N GLU B 2487 39.82 -16.62 59.44
CA GLU B 2487 40.62 -15.60 58.77
C GLU B 2487 39.86 -15.00 57.60
N ASP B 2488 39.21 -15.84 56.78
CA ASP B 2488 38.43 -15.33 55.66
C ASP B 2488 37.28 -14.47 56.13
N ARG B 2489 36.60 -14.89 57.21
CA ARG B 2489 35.51 -14.09 57.77
C ARG B 2489 36.01 -12.72 58.20
N LYS B 2490 37.15 -12.68 58.90
CA LYS B 2490 37.68 -11.40 59.36
C LYS B 2490 38.08 -10.51 58.20
N ARG B 2491 38.71 -11.10 57.16
CA ARG B 2491 39.12 -10.30 56.01
C ARG B 2491 37.91 -9.71 55.30
N PHE B 2492 36.87 -10.52 55.08
CA PHE B 2492 35.68 -10.02 54.41
C PHE B 2492 34.99 -8.94 55.25
N LEU B 2493 34.91 -9.14 56.56
CA LEU B 2493 34.29 -8.13 57.42
C LEU B 2493 35.05 -6.82 57.37
N CYS B 2494 36.39 -6.88 57.43
CA CYS B 2494 37.19 -5.66 57.39
C CYS B 2494 37.02 -4.95 56.06
N LYS B 2495 37.03 -5.69 54.95
CA LYS B 2495 36.85 -5.06 53.65
C LYS B 2495 35.49 -4.40 53.54
N ALA B 2496 34.44 -5.09 54.01
CA ALA B 2496 33.10 -4.51 53.95
C ALA B 2496 32.99 -3.25 54.79
N VAL B 2497 33.56 -3.27 56.00
CA VAL B 2497 33.48 -2.10 56.87
C VAL B 2497 34.23 -0.92 56.25
N GLU B 2498 35.44 -1.18 55.73
CA GLU B 2498 36.22 -0.10 55.13
C GLU B 2498 35.51 0.50 53.92
N ASN B 2499 34.93 -0.34 53.07
CA ASN B 2499 34.28 0.19 51.88
C ASN B 2499 32.96 0.88 52.20
N TYR B 2500 32.26 0.42 53.24
CA TYR B 2500 31.08 1.15 53.69
C TYR B 2500 31.46 2.54 54.20
N ILE B 2501 32.55 2.63 54.97
CA ILE B 2501 33.00 3.92 55.46
C ILE B 2501 33.39 4.83 54.30
N ASN B 2502 34.09 4.28 53.31
CA ASN B 2502 34.48 5.08 52.15
C ASN B 2502 33.26 5.51 51.35
N CYS B 2503 32.23 4.66 51.29
CA CYS B 2503 31.00 5.03 50.60
C CYS B 2503 30.29 6.18 51.30
N LEU B 2504 30.25 6.16 52.64
CA LEU B 2504 29.60 7.23 53.36
C LEU B 2504 30.34 8.56 53.26
N LEU B 2505 31.59 8.55 52.80
CA LEU B 2505 32.39 9.75 52.68
C LEU B 2505 32.31 10.42 51.31
N SER B 2506 31.66 9.78 50.34
CA SER B 2506 31.71 10.23 48.95
C SER B 2506 30.38 10.76 48.43
N GLY B 2507 29.35 10.83 49.26
CA GLY B 2507 28.08 11.35 48.80
C GLY B 2507 26.99 11.12 49.82
N GLU B 2508 25.76 11.43 49.41
CA GLU B 2508 24.60 11.33 50.27
C GLU B 2508 23.50 10.44 49.71
N GLU B 2509 23.72 9.80 48.56
CA GLU B 2509 22.70 8.97 47.95
C GLU B 2509 22.50 7.65 48.68
N HIS B 2510 23.50 7.18 49.42
CA HIS B 2510 23.44 5.91 50.12
C HIS B 2510 23.67 6.10 51.61
N ASP B 2511 23.09 7.16 52.17
CA ASP B 2511 23.27 7.43 53.59
C ASP B 2511 22.64 6.35 54.45
N MET B 2512 21.48 5.83 54.04
CA MET B 2512 20.72 4.89 54.84
C MET B 2512 21.47 3.58 55.08
N TRP B 2513 22.54 3.33 54.32
CA TRP B 2513 23.37 2.15 54.56
C TRP B 2513 24.15 2.23 55.86
N VAL B 2514 24.21 3.41 56.50
CA VAL B 2514 25.01 3.55 57.71
C VAL B 2514 24.56 2.54 58.76
N PHE B 2515 23.25 2.28 58.84
CA PHE B 2515 22.71 1.22 59.70
C PHE B 2515 23.55 -0.03 59.61
N ARG B 2516 23.67 -0.58 58.39
CA ARG B 2516 24.45 -1.79 58.19
C ARG B 2516 25.84 -1.65 58.78
N LEU B 2517 26.53 -0.54 58.47
CA LEU B 2517 27.86 -0.32 59.01
C LEU B 2517 27.84 -0.43 60.53
N CYS B 2518 26.93 0.31 61.17
CA CYS B 2518 26.85 0.26 62.62
C CYS B 2518 26.61 -1.17 63.09
N SER B 2519 25.70 -1.88 62.42
CA SER B 2519 25.42 -3.26 62.78
C SER B 2519 26.71 -4.06 62.82
N LEU B 2520 27.53 -3.98 61.77
CA LEU B 2520 28.79 -4.70 61.76
C LEU B 2520 29.64 -4.28 62.94
N TRP B 2521 29.80 -2.97 63.14
CA TRP B 2521 30.62 -2.49 64.24
C TRP B 2521 30.03 -2.90 65.57
N LEU B 2522 28.71 -3.05 65.65
CA LEU B 2522 28.10 -3.44 66.91
C LEU B 2522 28.14 -4.94 67.15
N GLU B 2523 28.49 -5.73 66.13
CA GLU B 2523 28.59 -7.18 66.29
C GLU B 2523 30.04 -7.67 66.33
N ASN B 2524 31.00 -6.78 66.12
CA ASN B 2524 32.41 -7.13 66.16
C ASN B 2524 33.17 -6.08 66.96
N SER B 2525 32.63 -5.74 68.13
CA SER B 2525 33.27 -4.74 68.97
C SER B 2525 34.63 -5.20 69.48
N GLY B 2526 34.81 -6.51 69.67
CA GLY B 2526 36.09 -7.03 70.11
C GLY B 2526 37.15 -7.08 69.04
N VAL B 2527 36.79 -6.86 67.78
CA VAL B 2527 37.76 -6.87 66.69
C VAL B 2527 38.47 -5.53 66.65
N SER B 2528 39.80 -5.56 66.69
CA SER B 2528 40.58 -4.32 66.75
C SER B 2528 40.62 -3.60 65.41
N GLU B 2529 40.57 -4.33 64.29
CA GLU B 2529 40.64 -3.69 62.99
C GLU B 2529 39.41 -2.85 62.71
N VAL B 2530 38.22 -3.35 63.07
CA VAL B 2530 36.99 -2.58 62.88
C VAL B 2530 37.02 -1.32 63.73
N ASN B 2531 37.47 -1.43 64.98
CA ASN B 2531 37.58 -0.26 65.84
C ASN B 2531 38.57 0.75 65.28
N GLY B 2532 39.70 0.26 64.75
CA GLY B 2532 40.66 1.17 64.15
C GLY B 2532 40.12 1.88 62.94
N MET B 2533 39.39 1.16 62.08
CA MET B 2533 38.79 1.79 60.91
C MET B 2533 37.73 2.81 61.31
N MET B 2534 36.95 2.52 62.35
CA MET B 2534 35.94 3.49 62.80
C MET B 2534 36.59 4.69 63.48
N LYS B 2535 37.77 4.50 64.07
CA LYS B 2535 38.45 5.59 64.77
C LYS B 2535 39.22 6.49 63.82
N ARG B 2536 39.80 5.94 62.76
CA ARG B 2536 40.63 6.73 61.85
C ARG B 2536 39.81 7.35 60.73
N ASP B 2537 39.14 6.52 59.94
CA ASP B 2537 38.34 7.02 58.83
C ASP B 2537 36.86 7.17 59.16
N GLY B 2538 36.34 6.35 60.09
CA GLY B 2538 34.95 6.49 60.50
C GLY B 2538 34.65 7.75 61.27
N MET B 2539 35.67 8.43 61.78
CA MET B 2539 35.48 9.68 62.50
C MET B 2539 35.40 10.88 61.59
N LYS B 2540 35.67 10.72 60.30
CA LYS B 2540 35.55 11.80 59.32
C LYS B 2540 34.20 11.83 58.63
N ILE B 2541 33.33 10.86 58.91
CA ILE B 2541 31.98 10.86 58.33
C ILE B 2541 31.19 12.03 58.90
N PRO B 2542 30.38 12.72 58.10
CA PRO B 2542 29.53 13.78 58.66
C PRO B 2542 28.62 13.23 59.75
N THR B 2543 28.44 14.03 60.81
CA THR B 2543 27.79 13.53 62.01
C THR B 2543 26.29 13.31 61.79
N TYR B 2544 25.66 14.14 60.96
CA TYR B 2544 24.21 14.05 60.79
C TYR B 2544 23.79 12.69 60.22
N LYS B 2545 24.68 12.05 59.46
CA LYS B 2545 24.36 10.74 58.90
C LYS B 2545 24.15 9.70 60.00
N PHE B 2546 24.73 9.92 61.17
CA PHE B 2546 24.55 9.03 62.31
C PHE B 2546 23.28 9.34 63.10
N LEU B 2547 22.57 10.40 62.75
CA LEU B 2547 21.40 10.81 63.53
C LEU B 2547 20.29 9.75 63.60
N PRO B 2548 19.90 9.08 62.52
CA PRO B 2548 18.80 8.11 62.62
C PRO B 2548 19.07 6.93 63.55
N LEU B 2549 20.34 6.66 63.91
CA LEU B 2549 20.67 5.58 64.82
C LEU B 2549 20.96 6.06 66.24
N MET B 2550 20.68 7.34 66.54
CA MET B 2550 21.15 7.92 67.79
C MET B 2550 20.56 7.20 69.00
N TYR B 2551 19.33 6.71 68.90
CA TYR B 2551 18.76 5.94 70.01
C TYR B 2551 19.55 4.66 70.26
N GLN B 2552 19.92 3.95 69.19
CA GLN B 2552 20.61 2.68 69.35
C GLN B 2552 22.04 2.87 69.84
N LEU B 2553 22.78 3.77 69.20
CA LEU B 2553 24.18 3.98 69.55
C LEU B 2553 24.34 4.35 71.01
N ALA B 2554 23.55 5.32 71.48
CA ALA B 2554 23.61 5.74 72.86
C ALA B 2554 23.29 4.61 73.83
N ALA B 2555 22.53 3.60 73.38
CA ALA B 2555 22.21 2.48 74.26
C ALA B 2555 23.41 1.56 74.48
N ARG B 2556 24.45 1.68 73.66
CA ARG B 2556 25.61 0.81 73.75
C ARG B 2556 26.74 1.42 74.58
N MET B 2557 26.52 2.59 75.19
CA MET B 2557 27.57 3.23 75.96
C MET B 2557 27.92 2.42 77.20
N GLY B 2558 29.21 2.39 77.53
CA GLY B 2558 29.67 1.65 78.68
C GLY B 2558 31.10 2.04 79.01
N THR B 2559 31.63 1.40 80.05
CA THR B 2559 32.97 1.65 80.54
C THR B 2559 33.71 0.34 80.77
N LYS B 2560 33.62 -0.58 79.81
CA LYS B 2560 34.25 -1.89 79.90
C LYS B 2560 35.50 -2.00 79.03
N MET B 2561 35.36 -1.73 77.74
CA MET B 2561 36.48 -1.79 76.79
C MET B 2561 37.05 -0.38 76.63
N MET B 2562 38.22 -0.16 77.20
CA MET B 2562 38.87 1.16 77.17
C MET B 2562 40.18 1.06 76.40
N GLY B 2563 40.93 2.16 76.41
CA GLY B 2563 42.15 2.29 75.65
C GLY B 2563 41.91 3.01 74.33
N GLY B 2564 43.01 3.22 73.61
CA GLY B 2564 42.93 3.91 72.33
C GLY B 2564 42.06 3.19 71.33
N LEU B 2565 42.17 1.86 71.27
CA LEU B 2565 41.39 1.05 70.35
C LEU B 2565 40.15 0.44 71.01
N GLY B 2566 39.87 0.80 72.27
CA GLY B 2566 38.71 0.25 72.94
C GLY B 2566 37.43 0.69 72.25
N PHE B 2567 36.47 -0.24 72.18
CA PHE B 2567 35.20 0.05 71.52
C PHE B 2567 34.44 1.15 72.23
N HIS B 2568 34.40 1.11 73.56
CA HIS B 2568 33.62 2.09 74.31
C HIS B 2568 34.19 3.49 74.17
N GLU B 2569 35.52 3.63 74.14
CA GLU B 2569 36.11 4.95 73.97
C GLU B 2569 35.77 5.53 72.60
N VAL B 2570 35.85 4.71 71.55
CA VAL B 2570 35.53 5.18 70.22
C VAL B 2570 34.05 5.57 70.14
N LEU B 2571 33.17 4.75 70.74
CA LEU B 2571 31.75 5.07 70.74
C LEU B 2571 31.48 6.37 71.49
N ASN B 2572 32.14 6.56 72.63
CA ASN B 2572 31.97 7.80 73.39
C ASN B 2572 32.43 9.00 72.60
N ASN B 2573 33.57 8.89 71.91
CA ASN B 2573 34.05 9.99 71.10
C ASN B 2573 33.08 10.30 69.96
N LEU B 2574 32.55 9.27 69.31
CA LEU B 2574 31.61 9.47 68.21
C LEU B 2574 30.34 10.16 68.71
N ILE B 2575 29.79 9.68 69.83
CA ILE B 2575 28.56 10.27 70.37
C ILE B 2575 28.81 11.71 70.82
N SER B 2576 29.96 11.96 71.43
CA SER B 2576 30.29 13.32 71.85
C SER B 2576 30.38 14.25 70.66
N ARG B 2577 31.03 13.81 69.58
CA ARG B 2577 31.13 14.67 68.40
C ARG B 2577 29.76 14.90 67.76
N ILE B 2578 28.93 13.86 67.70
CA ILE B 2578 27.59 14.00 67.14
C ILE B 2578 26.79 15.02 67.94
N SER B 2579 26.82 14.91 69.27
CA SER B 2579 26.09 15.85 70.12
C SER B 2579 26.69 17.25 70.05
N MET B 2580 28.00 17.35 69.82
CA MET B 2580 28.62 18.65 69.58
C MET B 2580 28.03 19.31 68.34
N ASP B 2581 27.94 18.55 67.24
CA ASP B 2581 27.49 19.14 65.99
C ASP B 2581 25.99 19.40 65.97
N HIS B 2582 25.19 18.50 66.56
CA HIS B 2582 23.73 18.59 66.51
C HIS B 2582 23.16 18.46 67.91
N PRO B 2583 23.27 19.50 68.73
CA PRO B 2583 22.73 19.42 70.10
C PRO B 2583 21.22 19.20 70.17
N HIS B 2584 20.47 19.73 69.19
CA HIS B 2584 19.01 19.67 69.26
C HIS B 2584 18.44 18.31 68.87
N HIS B 2585 19.26 17.40 68.35
CA HIS B 2585 18.80 16.08 67.95
C HIS B 2585 19.30 14.96 68.85
N THR B 2586 20.18 15.27 69.82
CA THR B 2586 20.85 14.22 70.57
C THR B 2586 20.79 14.42 72.07
N LEU B 2587 20.65 15.67 72.52
CA LEU B 2587 20.84 15.99 73.92
C LEU B 2587 19.74 15.39 74.79
N PHE B 2588 18.50 15.38 74.30
CA PHE B 2588 17.41 14.81 75.07
C PHE B 2588 17.59 13.32 75.30
N ILE B 2589 18.14 12.61 74.30
CA ILE B 2589 18.39 11.18 74.45
C ILE B 2589 19.42 10.92 75.55
N ILE B 2590 20.49 11.71 75.57
CA ILE B 2590 21.52 11.55 76.60
C ILE B 2590 20.94 11.88 77.97
N LEU B 2591 20.14 12.94 78.08
CA LEU B 2591 19.50 13.25 79.35
C LEU B 2591 18.58 12.13 79.80
N ALA B 2592 17.82 11.54 78.88
CA ALA B 2592 16.93 10.44 79.23
C ALA B 2592 17.71 9.24 79.73
N LEU B 2593 18.86 8.95 79.09
CA LEU B 2593 19.70 7.87 79.59
C LEU B 2593 20.24 8.18 80.98
N ALA B 2594 20.66 9.43 81.21
CA ALA B 2594 21.18 9.80 82.52
C ALA B 2594 20.07 9.91 83.56
N ASN B 2595 18.87 10.33 83.16
CA ASN B 2595 17.76 10.56 84.07
C ASN B 2595 16.79 9.38 84.08
N ALA B 2596 17.31 8.15 83.95
CA ALA B 2596 16.44 6.97 83.89
C ALA B 2596 15.70 6.74 85.20
N ASN B 2597 16.22 7.22 86.33
CA ASN B 2597 15.63 6.96 87.64
C ASN B 2597 15.47 8.25 88.42
N ARG B 2598 14.97 9.30 87.78
CA ARG B 2598 14.76 10.58 88.45
C ARG B 2598 13.37 10.73 89.05
N ASP B 2599 12.46 9.80 88.79
CA ASP B 2599 11.11 9.90 89.35
C ASP B 2599 11.14 9.84 90.86
N GLU B 2600 11.77 8.80 91.42
CA GLU B 2600 11.91 8.71 92.87
C GLU B 2600 12.83 9.78 93.43
N PHE B 2601 13.76 10.29 92.62
CA PHE B 2601 14.60 11.39 93.06
C PHE B 2601 13.79 12.67 93.27
N LEU B 2602 12.84 12.93 92.38
CA LEU B 2602 12.04 14.15 92.46
C LEU B 2602 10.79 14.02 93.31
N THR B 2603 10.33 12.80 93.59
CA THR B 2603 9.16 12.65 94.44
C THR B 2603 9.45 13.10 95.87
N LYS B 2604 10.42 12.46 96.52
CA LYS B 2604 10.79 12.80 97.89
C LYS B 2604 12.18 12.27 98.23
N SER B 2622 21.66 -2.80 87.57
CA SER B 2622 22.56 -3.73 86.88
C SER B 2622 23.87 -3.03 86.50
N GLN B 2623 24.88 -3.84 86.20
CA GLN B 2623 26.18 -3.29 85.82
C GLN B 2623 26.09 -2.51 84.52
N LEU B 2624 25.37 -3.05 83.53
CA LEU B 2624 25.23 -2.36 82.26
C LEU B 2624 24.50 -1.05 82.42
N ASP B 2625 23.44 -1.03 83.24
CA ASP B 2625 22.70 0.20 83.47
C ASP B 2625 23.57 1.26 84.13
N GLU B 2626 24.36 0.87 85.12
CA GLU B 2626 25.24 1.82 85.79
C GLU B 2626 26.31 2.36 84.84
N ASP B 2627 26.90 1.48 84.03
CA ASP B 2627 27.90 1.92 83.07
C ASP B 2627 27.30 2.88 82.05
N ARG B 2628 26.11 2.58 81.56
CA ARG B 2628 25.44 3.46 80.61
C ARG B 2628 25.13 4.81 81.25
N THR B 2629 24.68 4.80 82.51
CA THR B 2629 24.38 6.05 83.20
C THR B 2629 25.64 6.89 83.37
N GLU B 2630 26.76 6.26 83.75
CA GLU B 2630 28.00 7.02 83.92
C GLU B 2630 28.51 7.57 82.60
N ALA B 2631 28.42 6.79 81.52
CA ALA B 2631 28.85 7.29 80.21
C ALA B 2631 27.98 8.45 79.76
N ALA B 2632 26.66 8.35 79.96
CA ALA B 2632 25.77 9.45 79.64
C ALA B 2632 26.11 10.68 80.49
N ASN B 2633 26.46 10.46 81.76
CA ASN B 2633 26.83 11.58 82.62
C ASN B 2633 28.09 12.27 82.11
N ARG B 2634 29.09 11.51 81.65
CA ARG B 2634 30.31 12.15 81.15
C ARG B 2634 30.06 12.86 79.83
N ILE B 2635 29.20 12.31 78.97
CA ILE B 2635 28.83 13.00 77.74
C ILE B 2635 28.13 14.31 78.06
N ILE B 2636 27.20 14.28 79.02
CA ILE B 2636 26.51 15.50 79.43
C ILE B 2636 27.48 16.50 80.02
N CYS B 2637 28.48 16.00 80.76
CA CYS B 2637 29.50 16.88 81.32
C CYS B 2637 30.29 17.59 80.21
N THR B 2638 30.63 16.86 79.16
CA THR B 2638 31.31 17.49 78.02
C THR B 2638 30.43 18.55 77.37
N ILE B 2639 29.15 18.20 77.14
CA ILE B 2639 28.24 19.14 76.50
C ILE B 2639 28.10 20.42 77.33
N ARG B 2640 27.94 20.26 78.64
CA ARG B 2640 27.86 21.40 79.53
C ARG B 2640 29.17 22.19 79.57
N SER B 2641 30.31 21.50 79.45
CA SER B 2641 31.58 22.19 79.36
C SER B 2641 31.64 23.08 78.12
N ARG B 2642 30.99 22.67 77.03
CA ARG B 2642 30.92 23.59 75.90
C ARG B 2642 29.71 24.51 75.98
N ARG B 2643 28.53 23.99 76.31
CA ARG B 2643 27.29 24.78 76.36
C ARG B 2643 26.64 24.61 77.73
N PRO B 2644 27.04 25.42 78.72
CA PRO B 2644 26.48 25.23 80.06
C PRO B 2644 25.04 25.71 80.18
N GLN B 2645 24.73 26.89 79.62
CA GLN B 2645 23.39 27.50 79.77
C GLN B 2645 22.33 26.56 79.19
N MET B 2646 22.56 26.06 77.98
CA MET B 2646 21.57 25.20 77.31
C MET B 2646 21.35 23.92 78.09
N VAL B 2647 22.44 23.30 78.59
CA VAL B 2647 22.31 22.08 79.37
C VAL B 2647 21.51 22.34 80.63
N ARG B 2648 21.82 23.43 81.33
CA ARG B 2648 21.09 23.75 82.56
C ARG B 2648 19.62 23.98 82.30
N SER B 2649 19.29 24.74 81.25
CA SER B 2649 17.90 25.02 80.94
C SER B 2649 17.15 23.76 80.54
N VAL B 2650 17.77 22.89 79.74
CA VAL B 2650 17.11 21.65 79.33
C VAL B 2650 16.91 20.73 80.52
N GLU B 2651 17.89 20.67 81.43
CA GLU B 2651 17.73 19.87 82.63
C GLU B 2651 16.59 20.38 83.50
N ALA B 2652 16.48 21.71 83.62
CA ALA B 2652 15.37 22.28 84.38
C ALA B 2652 14.03 21.94 83.73
N LEU B 2653 13.96 22.03 82.40
CA LEU B 2653 12.73 21.71 81.69
C LEU B 2653 12.36 20.23 81.86
N CYS B 2654 13.35 19.35 81.78
CA CYS B 2654 13.10 17.93 81.98
C CYS B 2654 12.61 17.65 83.39
N ASP B 2655 13.21 18.31 84.39
CA ASP B 2655 12.73 18.15 85.76
C ASP B 2655 11.30 18.65 85.91
N ALA B 2656 10.96 19.76 85.25
CA ALA B 2656 9.60 20.29 85.31
C ALA B 2656 8.60 19.29 84.71
N TYR B 2657 8.92 18.75 83.53
CA TYR B 2657 8.07 17.73 82.93
C TYR B 2657 7.92 16.52 83.84
N ILE B 2658 9.02 16.03 84.41
CA ILE B 2658 8.95 14.83 85.23
C ILE B 2658 8.12 15.08 86.48
N ILE B 2659 8.26 16.26 87.09
CA ILE B 2659 7.45 16.59 88.25
C ILE B 2659 5.97 16.67 87.89
N LEU B 2660 5.66 17.30 86.75
CA LEU B 2660 4.27 17.42 86.33
C LEU B 2660 3.66 16.05 86.04
N ALA B 2661 4.44 15.15 85.44
CA ALA B 2661 3.92 13.83 85.10
C ALA B 2661 3.52 13.04 86.35
N ASN B 2662 4.29 13.16 87.41
CA ASN B 2662 4.02 12.42 88.63
C ASN B 2662 2.92 13.05 89.48
N LEU B 2663 2.45 14.24 89.14
CA LEU B 2663 1.37 14.87 89.88
C LEU B 2663 0.08 14.08 89.68
N ASP B 2664 -0.54 13.69 90.79
CA ASP B 2664 -1.77 12.91 90.71
C ASP B 2664 -2.93 13.78 90.25
N ALA B 2665 -3.81 13.19 89.43
CA ALA B 2665 -4.97 13.90 88.93
C ALA B 2665 -6.21 13.01 88.93
N THR B 2666 -6.28 12.06 89.87
CA THR B 2666 -7.42 11.16 89.94
C THR B 2666 -8.70 11.86 90.37
N GLN B 2667 -8.63 13.08 90.88
CA GLN B 2667 -9.79 13.84 91.28
C GLN B 2667 -10.22 14.86 90.23
N TRP B 2668 -9.67 14.78 89.02
CA TRP B 2668 -10.12 15.55 87.88
C TRP B 2668 -10.51 14.64 86.72
N LYS B 2669 -10.83 13.38 87.02
CA LYS B 2669 -11.05 12.38 85.99
C LYS B 2669 -12.23 12.74 85.09
N THR B 2670 -13.34 13.15 85.69
CA THR B 2670 -14.56 13.38 84.91
C THR B 2670 -14.48 14.69 84.12
N GLN B 2671 -13.85 15.71 84.70
CA GLN B 2671 -13.87 17.03 84.08
C GLN B 2671 -13.07 17.06 82.79
N ARG B 2672 -13.56 17.84 81.82
CA ARG B 2672 -12.89 18.00 80.53
C ARG B 2672 -12.66 19.44 80.13
N LYS B 2673 -13.22 20.42 80.84
CA LYS B 2673 -13.12 21.81 80.42
C LYS B 2673 -11.68 22.31 80.48
N GLY B 2674 -10.96 21.98 81.54
CA GLY B 2674 -9.60 22.46 81.71
C GLY B 2674 -9.27 22.79 83.14
N ILE B 2675 -8.12 22.33 83.62
CA ILE B 2675 -7.69 22.52 85.00
C ILE B 2675 -6.41 23.33 85.00
N ASN B 2676 -6.39 24.40 85.80
CA ASN B 2676 -5.18 25.19 85.93
C ASN B 2676 -4.10 24.42 86.70
N ILE B 2677 -2.85 24.60 86.25
CA ILE B 2677 -1.73 23.89 86.90
C ILE B 2677 -1.48 24.50 88.27
N PRO B 2678 -1.23 23.70 89.31
CA PRO B 2678 -0.90 24.28 90.62
C PRO B 2678 0.34 25.16 90.54
N ALA B 2679 0.32 26.25 91.31
CA ALA B 2679 1.38 27.24 91.23
C ALA B 2679 2.73 26.71 91.71
N ASP B 2680 2.74 25.66 92.53
CA ASP B 2680 3.99 25.11 93.03
C ASP B 2680 4.73 24.27 91.99
N GLN B 2681 4.10 23.97 90.86
CA GLN B 2681 4.77 23.18 89.83
C GLN B 2681 5.86 24.02 89.16
N PRO B 2682 7.08 23.51 89.03
CA PRO B 2682 8.14 24.28 88.38
C PRO B 2682 7.86 24.58 86.91
N ILE B 2683 6.94 23.84 86.27
CA ILE B 2683 6.65 24.06 84.86
C ILE B 2683 6.06 25.44 84.64
N THR B 2684 5.39 26.01 85.65
CA THR B 2684 4.77 27.32 85.52
C THR B 2684 5.74 28.47 85.73
N LYS B 2685 6.98 28.20 86.12
CA LYS B 2685 7.94 29.25 86.42
C LYS B 2685 9.05 29.35 85.37
N LEU B 2686 8.91 28.65 84.25
CA LEU B 2686 9.92 28.67 83.18
C LEU B 2686 9.49 29.68 82.13
N LYS B 2687 10.33 30.69 81.89
CA LYS B 2687 10.04 31.73 80.92
C LYS B 2687 11.29 32.05 80.12
N ASN B 2688 11.08 32.31 78.82
CA ASN B 2688 12.10 32.87 77.94
C ASN B 2688 13.36 32.00 77.90
N LEU B 2689 13.18 30.78 77.39
CA LEU B 2689 14.30 29.87 77.14
C LEU B 2689 14.76 30.10 75.71
N GLU B 2690 15.72 31.02 75.54
CA GLU B 2690 16.16 31.43 74.21
C GLU B 2690 16.99 30.37 73.49
N ASP B 2691 17.42 29.31 74.18
CA ASP B 2691 18.26 28.29 73.58
C ASP B 2691 17.68 26.88 73.75
N VAL B 2692 16.42 26.76 74.12
CA VAL B 2692 15.77 25.47 74.28
C VAL B 2692 14.67 25.38 73.23
N VAL B 2693 14.94 24.66 72.15
CA VAL B 2693 13.94 24.44 71.12
C VAL B 2693 12.85 23.53 71.65
N VAL B 2694 11.63 23.69 71.14
CA VAL B 2694 10.49 22.92 71.60
C VAL B 2694 10.76 21.44 71.34
N PRO B 2695 10.79 20.59 72.38
CA PRO B 2695 11.16 19.19 72.18
C PRO B 2695 10.24 18.42 71.25
N THR B 2696 8.94 18.70 71.27
CA THR B 2696 7.98 17.97 70.44
C THR B 2696 7.76 18.69 69.12
N MET B 2697 8.88 18.96 68.43
CA MET B 2697 8.85 19.62 67.14
C MET B 2697 9.83 18.94 66.21
N GLU B 2698 9.41 18.69 64.97
CA GLU B 2698 10.28 18.10 63.97
C GLU B 2698 11.28 19.15 63.51
N ILE B 2699 12.56 18.96 63.87
CA ILE B 2699 13.60 19.93 63.55
C ILE B 2699 14.32 19.48 62.30
N LYS B 2700 14.39 20.37 61.31
CA LYS B 2700 15.10 20.07 60.08
C LYS B 2700 16.59 19.88 60.37
N VAL B 2701 17.16 18.80 59.85
CA VAL B 2701 18.57 18.50 60.12
C VAL B 2701 19.44 19.43 59.30
N ASP B 2702 20.36 20.10 59.97
CA ASP B 2702 21.30 21.01 59.33
C ASP B 2702 22.63 20.29 59.14
N HIS B 2703 23.11 20.25 57.90
CA HIS B 2703 24.42 19.65 57.64
C HIS B 2703 25.52 20.44 58.32
N THR B 2704 25.39 21.76 58.33
CA THR B 2704 26.27 22.59 59.15
C THR B 2704 25.74 22.66 60.57
N GLY B 2705 26.40 23.45 61.42
CA GLY B 2705 26.07 23.44 62.83
C GLY B 2705 25.72 24.78 63.45
N GLU B 2706 24.96 25.62 62.75
CA GLU B 2706 24.62 26.92 63.32
C GLU B 2706 23.28 26.89 64.06
N TYR B 2707 22.24 26.36 63.43
CA TYR B 2707 20.89 26.30 64.01
C TYR B 2707 20.47 27.65 64.57
N GLY B 2708 20.40 28.64 63.68
CA GLY B 2708 20.10 30.00 64.08
C GLY B 2708 18.63 30.28 64.33
N ASN B 2709 17.80 30.16 63.29
CA ASN B 2709 16.39 30.54 63.37
C ASN B 2709 15.57 29.31 63.73
N LEU B 2710 15.52 29.01 65.03
CA LEU B 2710 14.75 27.90 65.56
C LEU B 2710 13.74 28.43 66.58
N VAL B 2711 12.53 27.90 66.53
CA VAL B 2711 11.48 28.31 67.47
C VAL B 2711 11.80 27.72 68.83
N THR B 2712 12.01 28.60 69.81
CA THR B 2712 12.38 28.19 71.16
C THR B 2712 11.19 28.37 72.10
N ILE B 2713 11.26 27.67 73.24
CA ILE B 2713 10.20 27.74 74.24
C ILE B 2713 10.18 29.13 74.87
N GLN B 2714 9.00 29.74 74.92
CA GLN B 2714 8.81 31.02 75.57
C GLN B 2714 8.04 30.91 76.88
N SER B 2715 6.93 30.19 76.89
CA SER B 2715 6.12 30.08 78.10
C SER B 2715 5.26 28.84 78.02
N PHE B 2716 4.64 28.50 79.16
CA PHE B 2716 3.68 27.42 79.26
C PHE B 2716 2.38 27.96 79.80
N LYS B 2717 1.27 27.59 79.16
CA LYS B 2717 -0.03 28.05 79.61
C LYS B 2717 -0.38 27.43 80.97
N ALA B 2718 -1.09 28.20 81.78
CA ALA B 2718 -1.32 27.83 83.18
C ALA B 2718 -2.33 26.70 83.35
N GLU B 2719 -3.04 26.30 82.29
CA GLU B 2719 -4.09 25.30 82.41
C GLU B 2719 -3.73 24.06 81.60
N PHE B 2720 -4.13 22.89 82.12
CA PHE B 2720 -3.93 21.63 81.44
C PHE B 2720 -5.25 20.87 81.37
N ARG B 2721 -5.38 20.02 80.36
CA ARG B 2721 -6.60 19.31 80.09
C ARG B 2721 -6.37 17.80 80.12
N LEU B 2722 -7.44 17.06 80.38
CA LEU B 2722 -7.43 15.60 80.37
C LEU B 2722 -8.31 15.11 79.23
N ALA B 2723 -7.81 14.12 78.49
CA ALA B 2723 -8.55 13.51 77.39
C ALA B 2723 -8.91 12.06 77.68
N GLY B 2724 -8.85 11.64 78.94
CA GLY B 2724 -9.13 10.26 79.31
C GLY B 2724 -7.89 9.46 79.59
N GLY B 2725 -7.94 8.17 79.31
CA GLY B 2725 -6.78 7.32 79.54
C GLY B 2725 -6.78 6.71 80.93
N VAL B 2726 -6.16 5.54 81.03
CA VAL B 2726 -6.11 4.85 82.32
C VAL B 2726 -5.19 5.58 83.30
N ASN B 2727 -4.06 6.07 82.82
CA ASN B 2727 -3.10 6.78 83.67
C ASN B 2727 -3.32 8.29 83.68
N LEU B 2728 -4.29 8.79 82.92
CA LEU B 2728 -4.63 10.21 82.85
C LEU B 2728 -3.44 11.07 82.47
N PRO B 2729 -2.94 10.97 81.23
CA PRO B 2729 -1.89 11.89 80.79
C PRO B 2729 -2.44 13.30 80.65
N LYS B 2730 -1.55 14.28 80.77
CA LYS B 2730 -1.95 15.68 80.84
C LYS B 2730 -1.58 16.40 79.54
N ILE B 2731 -2.52 17.17 79.02
CA ILE B 2731 -2.31 17.96 77.81
C ILE B 2731 -1.98 19.38 78.22
N ILE B 2732 -0.84 19.89 77.78
CA ILE B 2732 -0.38 21.22 78.14
C ILE B 2732 -0.10 22.00 76.87
N ASP B 2733 -0.03 23.32 77.01
CA ASP B 2733 0.20 24.24 75.91
C ASP B 2733 1.56 24.90 76.08
N CYS B 2734 2.38 24.87 75.04
CA CYS B 2734 3.67 25.52 75.03
C CYS B 2734 3.64 26.63 73.99
N VAL B 2735 3.87 27.86 74.42
CA VAL B 2735 3.94 29.01 73.54
C VAL B 2735 5.41 29.27 73.21
N GLY B 2736 5.75 29.23 71.93
CA GLY B 2736 7.11 29.41 71.48
C GLY B 2736 7.47 30.86 71.28
N SER B 2737 8.62 31.06 70.62
CA SER B 2737 9.10 32.43 70.38
C SER B 2737 8.10 33.21 69.53
N ASP B 2738 7.54 32.57 68.51
CA ASP B 2738 6.49 33.19 67.70
C ASP B 2738 5.13 32.99 68.37
N GLY B 2739 4.08 33.47 67.71
CA GLY B 2739 2.74 33.36 68.26
C GLY B 2739 2.06 32.05 67.93
N LYS B 2740 2.72 30.94 68.22
CA LYS B 2740 2.19 29.61 67.93
C LYS B 2740 2.16 28.79 69.22
N GLU B 2741 1.04 28.12 69.46
CA GLU B 2741 0.88 27.25 70.62
C GLU B 2741 0.93 25.80 70.18
N ARG B 2742 1.74 25.01 70.88
CA ARG B 2742 1.90 23.59 70.60
C ARG B 2742 1.32 22.78 71.75
N ARG B 2743 0.48 21.81 71.42
CA ARG B 2743 -0.08 20.91 72.41
C ARG B 2743 0.91 19.78 72.67
N GLN B 2744 1.12 19.45 73.94
CA GLN B 2744 2.03 18.38 74.33
C GLN B 2744 1.34 17.47 75.32
N LEU B 2745 1.50 16.16 75.15
CA LEU B 2745 0.95 15.18 76.06
C LEU B 2745 2.06 14.67 76.96
N VAL B 2746 1.92 14.88 78.26
CA VAL B 2746 2.87 14.44 79.25
C VAL B 2746 2.32 13.18 79.91
N LYS B 2747 3.09 12.10 79.87
CA LYS B 2747 2.67 10.80 80.38
C LYS B 2747 3.63 10.34 81.46
N GLY B 2748 3.06 9.83 82.55
CA GLY B 2748 3.81 9.20 83.61
C GLY B 2748 3.51 7.70 83.68
N ARG B 2749 4.30 7.01 84.49
CA ARG B 2749 4.24 5.56 84.71
C ARG B 2749 4.00 4.80 83.41
N ASP B 2750 4.70 5.18 82.34
CA ASP B 2750 4.58 4.52 81.06
C ASP B 2750 5.89 4.66 80.31
N ASP B 2751 6.21 3.64 79.52
CA ASP B 2751 7.45 3.62 78.74
C ASP B 2751 7.19 4.14 77.34
N LEU B 2752 7.96 5.16 76.94
CA LEU B 2752 7.78 5.80 75.66
C LEU B 2752 8.91 5.53 74.68
N ARG B 2753 9.94 4.79 75.08
CA ARG B 2753 11.06 4.52 74.20
C ARG B 2753 10.65 3.64 73.03
N GLN B 2754 9.77 2.66 73.27
CA GLN B 2754 9.28 1.81 72.19
C GLN B 2754 8.55 2.63 71.14
N ASP B 2755 7.72 3.58 71.58
CA ASP B 2755 7.05 4.47 70.63
C ASP B 2755 8.06 5.28 69.83
N ALA B 2756 9.11 5.75 70.49
CA ALA B 2756 10.12 6.56 69.79
C ALA B 2756 10.82 5.74 68.71
N VAL B 2757 11.24 4.51 69.03
CA VAL B 2757 11.95 3.71 68.03
C VAL B 2757 11.02 3.28 66.91
N MET B 2758 9.76 3.00 67.23
CA MET B 2758 8.80 2.68 66.17
C MET B 2758 8.55 3.88 65.27
N GLN B 2759 8.52 5.09 65.85
CA GLN B 2759 8.40 6.28 65.02
C GLN B 2759 9.63 6.47 64.14
N GLN B 2760 10.81 6.10 64.65
CA GLN B 2760 12.01 6.14 63.82
C GLN B 2760 11.89 5.18 62.63
N VAL B 2761 11.39 3.97 62.88
CA VAL B 2761 11.17 3.02 61.79
C VAL B 2761 10.16 3.59 60.79
N PHE B 2762 9.11 4.25 61.30
CA PHE B 2762 8.12 4.87 60.42
C PHE B 2762 8.74 5.95 59.56
N GLN B 2763 9.63 6.76 60.13
CA GLN B 2763 10.32 7.79 59.35
C GLN B 2763 11.20 7.16 58.28
N MET B 2764 11.88 6.07 58.61
CA MET B 2764 12.70 5.38 57.61
C MET B 2764 11.83 4.84 56.47
N CYS B 2765 10.68 4.26 56.81
CA CYS B 2765 9.76 3.78 55.78
C CYS B 2765 9.22 4.93 54.94
N ASN B 2766 8.98 6.07 55.56
CA ASN B 2766 8.54 7.25 54.83
C ASN B 2766 9.60 7.69 53.83
N THR B 2767 10.87 7.69 54.24
CA THR B 2767 11.95 8.02 53.33
C THR B 2767 12.02 7.04 52.17
N LEU B 2768 11.84 5.74 52.47
CA LEU B 2768 11.84 4.73 51.42
C LEU B 2768 10.70 4.97 50.43
N LEU B 2769 9.51 5.29 50.94
CA LEU B 2769 8.37 5.54 50.06
C LEU B 2769 8.58 6.78 49.21
N GLN B 2770 9.13 7.84 49.80
CA GLN B 2770 9.41 9.05 49.03
C GLN B 2770 10.50 8.82 47.99
N ARG B 2771 11.41 7.89 48.25
CA ARG B 2771 12.50 7.63 47.31
C ARG B 2771 11.98 7.11 45.97
N ASN B 2772 11.01 6.20 46.00
CA ASN B 2772 10.51 5.60 44.77
C ASN B 2772 9.46 6.50 44.12
N THR B 2773 9.59 6.68 42.81
CA THR B 2773 8.69 7.58 42.08
C THR B 2773 7.26 7.07 42.07
N GLU B 2774 7.06 5.75 42.03
CA GLU B 2774 5.72 5.21 41.91
C GLU B 2774 4.87 5.53 43.15
N THR B 2775 5.45 5.38 44.34
CA THR B 2775 4.74 5.76 45.56
C THR B 2775 4.82 7.26 45.83
N ARG B 2776 5.83 7.94 45.31
CA ARG B 2776 5.89 9.39 45.46
C ARG B 2776 4.79 10.09 44.69
N LYS B 2777 4.39 9.55 43.54
CA LYS B 2777 3.29 10.15 42.74
C LYS B 2777 1.96 9.97 43.44
N ARG B 2778 1.80 8.94 44.28
CA ARG B 2778 0.58 8.72 45.04
C ARG B 2778 0.61 9.33 46.42
N LYS B 2779 1.72 9.96 46.82
CA LYS B 2779 1.87 10.59 48.13
C LYS B 2779 1.56 9.60 49.25
N LEU B 2780 2.15 8.41 49.16
CA LEU B 2780 1.95 7.37 50.15
C LEU B 2780 2.93 7.60 51.30
N THR B 2781 2.40 7.91 52.48
CA THR B 2781 3.22 8.20 53.65
C THR B 2781 2.59 7.57 54.88
N ILE B 2782 3.37 7.52 55.96
CA ILE B 2782 2.91 7.09 57.27
C ILE B 2782 2.85 8.33 58.17
N CYS B 2783 1.71 8.52 58.83
CA CYS B 2783 1.57 9.66 59.73
C CYS B 2783 2.37 9.43 61.00
N THR B 2784 3.16 10.43 61.39
CA THR B 2784 4.09 10.31 62.50
C THR B 2784 3.88 11.46 63.48
N TYR B 2785 4.35 11.25 64.70
CA TYR B 2785 4.35 12.28 65.74
C TYR B 2785 5.58 12.10 66.61
N LYS B 2786 6.15 13.22 67.07
CA LYS B 2786 7.40 13.18 67.80
C LYS B 2786 7.19 12.71 69.23
N VAL B 2787 8.04 11.80 69.68
CA VAL B 2787 8.01 11.26 71.03
C VAL B 2787 9.35 11.53 71.69
N VAL B 2788 9.32 12.05 72.91
CA VAL B 2788 10.53 12.34 73.67
C VAL B 2788 10.42 11.65 75.02
N PRO B 2789 11.00 10.47 75.20
CA PRO B 2789 11.06 9.87 76.53
C PRO B 2789 11.97 10.68 77.45
N LEU B 2790 11.62 10.67 78.74
CA LEU B 2790 12.36 11.43 79.74
C LEU B 2790 12.93 10.56 80.85
N SER B 2791 12.38 9.38 81.09
CA SER B 2791 12.85 8.48 82.12
C SER B 2791 12.36 7.08 81.76
N GLN B 2792 12.45 6.15 82.71
CA GLN B 2792 11.92 4.82 82.50
C GLN B 2792 10.39 4.80 82.55
N ARG B 2793 9.76 5.83 83.11
CA ARG B 2793 8.32 5.82 83.29
C ARG B 2793 7.67 7.17 82.98
N SER B 2794 8.31 8.03 82.20
CA SER B 2794 7.72 9.33 81.88
C SER B 2794 8.21 9.79 80.52
N GLY B 2795 7.43 10.68 79.91
CA GLY B 2795 7.80 11.22 78.62
C GLY B 2795 6.80 12.27 78.17
N VAL B 2796 7.12 12.90 77.04
CA VAL B 2796 6.25 13.91 76.44
C VAL B 2796 6.20 13.69 74.94
N LEU B 2797 5.01 13.78 74.36
CA LEU B 2797 4.84 13.54 72.94
C LEU B 2797 4.02 14.67 72.32
N GLU B 2798 4.22 14.86 71.02
CA GLU B 2798 3.49 15.89 70.29
C GLU B 2798 2.04 15.49 70.13
N TRP B 2799 1.14 16.39 70.49
CA TRP B 2799 -0.30 16.16 70.40
C TRP B 2799 -0.79 16.79 69.10
N CYS B 2800 -1.07 15.94 68.10
CA CYS B 2800 -1.57 16.43 66.83
C CYS B 2800 -2.98 17.01 67.00
N THR B 2801 -3.21 18.15 66.36
CA THR B 2801 -4.49 18.82 66.45
C THR B 2801 -5.41 18.39 65.30
N GLY B 2802 -6.70 18.30 65.60
CA GLY B 2802 -7.67 17.88 64.61
C GLY B 2802 -7.84 16.39 64.46
N THR B 2803 -7.23 15.60 65.33
CA THR B 2803 -7.33 14.14 65.28
C THR B 2803 -8.37 13.66 66.28
N VAL B 2804 -9.13 12.64 65.88
CA VAL B 2804 -10.13 12.04 66.76
C VAL B 2804 -10.04 10.53 66.61
N PRO B 2805 -10.14 9.76 67.69
CA PRO B 2805 -10.15 8.30 67.54
C PRO B 2805 -11.33 7.83 66.70
N ILE B 2806 -11.10 6.81 65.89
CA ILE B 2806 -12.17 6.27 65.07
C ILE B 2806 -13.23 5.61 65.96
N GLY B 2807 -12.83 5.02 67.07
CA GLY B 2807 -13.80 4.46 67.99
C GLY B 2807 -14.67 5.52 68.63
N GLU B 2808 -14.11 6.69 68.91
CA GLU B 2808 -14.90 7.78 69.45
C GLU B 2808 -15.91 8.30 68.44
N PHE B 2809 -15.52 8.39 67.17
CA PHE B 2809 -16.42 8.87 66.14
C PHE B 2809 -17.46 7.85 65.75
N LEU B 2810 -17.15 6.56 65.86
CA LEU B 2810 -18.03 5.51 65.34
C LEU B 2810 -18.98 4.96 66.41
N VAL B 2811 -18.43 4.46 67.53
CA VAL B 2811 -19.23 3.68 68.47
C VAL B 2811 -19.36 4.41 69.80
N ASN B 2812 -19.37 5.73 69.78
CA ASN B 2812 -19.65 6.49 70.99
C ASN B 2812 -21.09 6.24 71.44
N ASN B 2813 -21.27 6.09 72.74
CA ASN B 2813 -22.59 5.76 73.26
C ASN B 2813 -23.56 6.92 73.11
N GLU B 2814 -23.08 8.15 73.26
CA GLU B 2814 -23.96 9.32 73.25
C GLU B 2814 -24.32 9.74 71.83
N ASP B 2815 -23.32 10.09 71.03
CA ASP B 2815 -23.55 10.63 69.69
C ASP B 2815 -22.62 9.97 68.68
N GLY B 2816 -22.46 8.65 68.77
CA GLY B 2816 -21.66 7.95 67.79
C GLY B 2816 -22.33 7.88 66.44
N ALA B 2817 -21.53 7.61 65.41
CA ALA B 2817 -22.06 7.52 64.06
C ALA B 2817 -23.01 6.33 63.91
N HIS B 2818 -22.81 5.28 64.70
CA HIS B 2818 -23.69 4.13 64.65
C HIS B 2818 -25.02 4.38 65.35
N LYS B 2819 -25.12 5.43 66.15
CA LYS B 2819 -26.38 5.82 66.79
C LYS B 2819 -27.11 6.92 66.04
N ARG B 2820 -26.37 7.91 65.54
CA ARG B 2820 -26.98 8.95 64.71
C ARG B 2820 -27.54 8.34 63.42
N TYR B 2821 -26.67 7.76 62.62
CA TYR B 2821 -27.12 6.96 61.49
C TYR B 2821 -27.51 5.57 61.98
N ARG B 2822 -28.57 5.02 61.38
CA ARG B 2822 -29.02 3.67 61.67
C ARG B 2822 -29.28 3.48 63.16
N PRO B 2823 -30.36 4.07 63.70
CA PRO B 2823 -30.62 3.96 65.14
C PRO B 2823 -31.39 2.71 65.55
N ASN B 2824 -31.78 1.86 64.60
CA ASN B 2824 -32.55 0.67 64.90
C ASN B 2824 -31.71 -0.60 64.98
N ASP B 2825 -30.39 -0.49 64.83
CA ASP B 2825 -29.51 -1.64 64.92
C ASP B 2825 -29.15 -1.90 66.38
N PHE B 2826 -28.31 -2.91 66.61
CA PHE B 2826 -27.77 -3.15 67.93
C PHE B 2826 -26.91 -1.98 68.37
N SER B 2827 -27.00 -1.63 69.65
CA SER B 2827 -26.07 -0.67 70.22
C SER B 2827 -24.69 -1.30 70.33
N ALA B 2828 -23.67 -0.44 70.46
CA ALA B 2828 -22.31 -0.94 70.66
C ALA B 2828 -22.22 -1.73 71.96
N PHE B 2829 -22.94 -1.29 72.99
CA PHE B 2829 -22.97 -2.03 74.25
C PHE B 2829 -23.56 -3.42 74.05
N GLN B 2830 -24.64 -3.52 73.26
CA GLN B 2830 -25.26 -4.81 73.01
C GLN B 2830 -24.29 -5.77 72.31
N CYS B 2831 -23.60 -5.26 71.27
CA CYS B 2831 -22.64 -6.10 70.56
C CYS B 2831 -21.50 -6.53 71.48
N GLN B 2832 -21.00 -5.61 72.30
CA GLN B 2832 -19.93 -5.95 73.23
C GLN B 2832 -20.37 -7.03 74.20
N LYS B 2833 -21.56 -6.88 74.77
CA LYS B 2833 -22.07 -7.87 75.72
C LYS B 2833 -22.26 -9.23 75.05
N LYS B 2834 -22.84 -9.24 73.84
CA LYS B 2834 -23.07 -10.50 73.16
C LYS B 2834 -21.77 -11.20 72.82
N MET B 2835 -20.75 -10.45 72.38
CA MET B 2835 -19.48 -11.07 72.05
C MET B 2835 -18.70 -11.49 73.29
N MET B 2836 -18.86 -10.79 74.40
CA MET B 2836 -18.19 -11.20 75.64
C MET B 2836 -18.84 -12.46 76.23
N GLU B 2837 -20.16 -12.59 76.12
CA GLU B 2837 -20.84 -13.73 76.72
C GLU B 2837 -20.43 -15.05 76.08
N VAL B 2838 -19.95 -15.02 74.83
CA VAL B 2838 -19.67 -16.23 74.07
C VAL B 2838 -18.18 -16.53 73.99
N GLN B 2839 -17.36 -15.84 74.79
CA GLN B 2839 -15.91 -16.02 74.68
C GLN B 2839 -15.45 -17.38 75.17
N LYS B 2840 -16.04 -17.87 76.27
CA LYS B 2840 -15.61 -19.13 76.87
C LYS B 2840 -16.30 -20.34 76.26
N LYS B 2841 -16.80 -20.22 75.03
CA LYS B 2841 -17.52 -21.30 74.37
C LYS B 2841 -16.79 -21.69 73.09
N SER B 2842 -17.42 -22.57 72.31
CA SER B 2842 -16.77 -23.15 71.14
C SER B 2842 -16.59 -22.11 70.04
N PHE B 2843 -15.72 -22.43 69.08
CA PHE B 2843 -15.42 -21.51 67.99
C PHE B 2843 -16.60 -21.39 67.03
N GLU B 2844 -17.31 -22.48 66.78
CA GLU B 2844 -18.45 -22.42 65.86
C GLU B 2844 -19.54 -21.49 66.39
N GLU B 2845 -19.88 -21.62 67.68
CA GLU B 2845 -20.88 -20.74 68.27
C GLU B 2845 -20.40 -19.30 68.27
N LYS B 2846 -19.10 -19.09 68.50
CA LYS B 2846 -18.49 -17.78 68.26
C LYS B 2846 -18.82 -17.28 66.87
N TYR B 2847 -18.73 -18.17 65.87
CA TYR B 2847 -18.97 -17.76 64.50
C TYR B 2847 -20.42 -17.34 64.29
N GLU B 2848 -21.38 -18.14 64.77
CA GLU B 2848 -22.77 -17.73 64.58
C GLU B 2848 -23.08 -16.44 65.34
N VAL B 2849 -22.56 -16.29 66.56
CA VAL B 2849 -22.83 -15.07 67.32
C VAL B 2849 -22.23 -13.86 66.61
N PHE B 2850 -21.01 -13.98 66.09
CA PHE B 2850 -20.38 -12.87 65.40
C PHE B 2850 -21.13 -12.52 64.11
N MET B 2851 -21.58 -13.53 63.36
CA MET B 2851 -22.33 -13.25 62.14
C MET B 2851 -23.67 -12.60 62.47
N ASP B 2852 -24.33 -13.05 63.54
CA ASP B 2852 -25.57 -12.40 63.96
C ASP B 2852 -25.35 -10.95 64.35
N VAL B 2853 -24.26 -10.68 65.08
CA VAL B 2853 -23.94 -9.30 65.45
C VAL B 2853 -23.67 -8.46 64.21
N CYS B 2854 -22.90 -9.00 63.27
CA CYS B 2854 -22.59 -8.26 62.06
C CYS B 2854 -23.83 -8.02 61.20
N GLN B 2855 -24.80 -8.93 61.25
CA GLN B 2855 -26.04 -8.74 60.51
C GLN B 2855 -26.81 -7.54 61.04
N ASN B 2856 -26.83 -7.37 62.36
CA ASN B 2856 -27.56 -6.28 63.01
C ASN B 2856 -26.65 -5.12 63.37
N PHE B 2857 -25.53 -4.95 62.68
CA PHE B 2857 -24.60 -3.85 62.93
C PHE B 2857 -23.90 -3.54 61.61
N GLN B 2858 -24.41 -2.53 60.90
CA GLN B 2858 -23.83 -2.26 59.59
C GLN B 2858 -22.92 -1.04 59.65
N PRO B 2859 -21.86 -1.03 58.83
CA PRO B 2859 -20.90 0.08 58.87
C PRO B 2859 -21.54 1.41 58.47
N VAL B 2860 -21.08 2.48 59.11
CA VAL B 2860 -21.59 3.82 58.84
C VAL B 2860 -20.44 4.81 58.66
N PHE B 2861 -19.22 4.31 58.48
CA PHE B 2861 -18.06 5.19 58.45
C PHE B 2861 -17.96 5.99 57.16
N ARG B 2862 -18.64 5.55 56.09
CA ARG B 2862 -18.59 6.29 54.83
C ARG B 2862 -19.13 7.70 54.96
N TYR B 2863 -19.91 7.97 55.99
CA TYR B 2863 -20.46 9.30 56.21
C TYR B 2863 -19.43 10.29 56.75
N PHE B 2864 -18.29 9.81 57.26
CA PHE B 2864 -17.29 10.70 57.83
C PHE B 2864 -16.87 11.77 56.83
N CYS B 2865 -16.54 11.35 55.61
CA CYS B 2865 -16.15 12.31 54.59
C CYS B 2865 -17.35 13.08 54.05
N MET B 2866 -18.56 12.55 54.20
CA MET B 2866 -19.74 13.22 53.66
C MET B 2866 -20.15 14.42 54.52
N GLU B 2867 -20.04 14.29 55.84
CA GLU B 2867 -20.43 15.39 56.72
C GLU B 2867 -19.45 16.55 56.65
N LYS B 2868 -18.15 16.26 56.60
CA LYS B 2868 -17.14 17.29 56.76
C LYS B 2868 -16.78 18.01 55.47
N PHE B 2869 -16.90 17.34 54.33
CA PHE B 2869 -16.52 17.91 53.04
C PHE B 2869 -17.73 17.87 52.11
N LEU B 2870 -18.40 19.02 51.97
CA LEU B 2870 -19.59 19.09 51.15
C LEU B 2870 -19.30 19.40 49.68
N ASP B 2871 -18.13 19.93 49.38
CA ASP B 2871 -17.73 20.11 47.99
C ASP B 2871 -17.34 18.76 47.40
N PRO B 2872 -17.95 18.36 46.28
CA PRO B 2872 -17.63 17.02 45.72
C PRO B 2872 -16.17 16.82 45.40
N ALA B 2873 -15.47 17.86 44.92
CA ALA B 2873 -14.05 17.74 44.62
C ALA B 2873 -13.24 17.50 45.89
N ILE B 2874 -13.51 18.29 46.93
CA ILE B 2874 -12.80 18.12 48.19
C ILE B 2874 -13.14 16.78 48.83
N TRP B 2875 -14.41 16.37 48.74
CA TRP B 2875 -14.82 15.08 49.27
C TRP B 2875 -14.08 13.94 48.58
N PHE B 2876 -13.98 14.00 47.25
CA PHE B 2876 -13.25 12.97 46.51
C PHE B 2876 -11.78 12.95 46.91
N GLU B 2877 -11.16 14.13 47.00
CA GLU B 2877 -9.73 14.19 47.34
C GLU B 2877 -9.48 13.63 48.74
N LYS B 2878 -10.33 14.00 49.71
CA LYS B 2878 -10.16 13.51 51.07
C LYS B 2878 -10.39 12.01 51.16
N ARG B 2879 -11.38 11.48 50.44
CA ARG B 2879 -11.62 10.05 50.45
C ARG B 2879 -10.44 9.29 49.85
N LEU B 2880 -9.86 9.83 48.77
CA LEU B 2880 -8.68 9.21 48.18
C LEU B 2880 -7.51 9.22 49.15
N ALA B 2881 -7.30 10.34 49.83
CA ALA B 2881 -6.24 10.42 50.84
C ALA B 2881 -6.47 9.40 51.94
N TYR B 2882 -7.71 9.25 52.39
CA TYR B 2882 -8.03 8.27 53.43
C TYR B 2882 -7.71 6.85 52.98
N THR B 2883 -8.12 6.50 51.75
CA THR B 2883 -7.87 5.15 51.26
C THR B 2883 -6.38 4.87 51.12
N ARG B 2884 -5.63 5.84 50.60
CA ARG B 2884 -4.19 5.64 50.46
C ARG B 2884 -3.51 5.52 51.81
N SER B 2885 -3.96 6.32 52.79
CA SER B 2885 -3.42 6.22 54.14
C SER B 2885 -3.68 4.83 54.73
N VAL B 2886 -4.90 4.32 54.56
CA VAL B 2886 -5.24 3.00 55.09
C VAL B 2886 -4.36 1.94 54.45
N ALA B 2887 -4.20 2.01 53.12
CA ALA B 2887 -3.39 1.01 52.43
C ALA B 2887 -1.94 1.01 52.92
N THR B 2888 -1.34 2.20 52.97
CA THR B 2888 0.06 2.30 53.39
C THR B 2888 0.24 1.85 54.83
N SER B 2889 -0.65 2.29 55.72
CA SER B 2889 -0.51 1.90 57.13
C SER B 2889 -0.70 0.40 57.30
N SER B 2890 -1.64 -0.20 56.58
CA SER B 2890 -1.86 -1.63 56.68
C SER B 2890 -0.64 -2.42 56.23
N ILE B 2891 -0.08 -2.07 55.07
CA ILE B 2891 1.06 -2.82 54.56
C ILE B 2891 2.28 -2.64 55.47
N VAL B 2892 2.54 -1.40 55.90
CA VAL B 2892 3.71 -1.16 56.74
C VAL B 2892 3.55 -1.85 58.10
N GLY B 2893 2.34 -1.85 58.65
CA GLY B 2893 2.11 -2.55 59.90
C GLY B 2893 2.26 -4.05 59.76
N TYR B 2894 1.84 -4.60 58.62
CA TYR B 2894 2.06 -6.04 58.40
C TYR B 2894 3.54 -6.37 58.30
N ILE B 2895 4.30 -5.54 57.59
CA ILE B 2895 5.74 -5.79 57.45
C ILE B 2895 6.42 -5.74 58.80
N LEU B 2896 6.05 -4.77 59.64
CA LEU B 2896 6.59 -4.64 60.98
C LEU B 2896 5.86 -5.51 62.00
N GLY B 2897 4.83 -6.24 61.59
CA GLY B 2897 4.08 -7.06 62.52
C GLY B 2897 3.37 -6.28 63.60
N LEU B 2898 2.91 -5.08 63.28
CA LEU B 2898 2.27 -4.22 64.28
C LEU B 2898 0.90 -4.77 64.65
N GLY B 2899 0.64 -4.85 65.94
CA GLY B 2899 -0.61 -5.40 66.43
C GLY B 2899 -1.34 -4.49 67.40
N ASP B 2900 -2.34 -5.05 68.10
CA ASP B 2900 -3.18 -4.30 69.04
C ASP B 2900 -3.83 -3.10 68.36
N ARG B 2901 -4.30 -3.30 67.13
CA ARG B 2901 -4.90 -2.23 66.34
C ARG B 2901 -6.41 -2.19 66.59
N HIS B 2902 -6.77 -1.78 67.80
CA HIS B 2902 -8.18 -1.63 68.13
C HIS B 2902 -8.63 -0.20 67.89
N VAL B 2903 -9.92 0.07 68.14
CA VAL B 2903 -10.54 1.31 67.72
C VAL B 2903 -9.93 2.52 68.43
N GLN B 2904 -9.43 2.33 69.65
CA GLN B 2904 -8.86 3.45 70.38
C GLN B 2904 -7.40 3.73 70.03
N ASN B 2905 -6.75 2.84 69.29
CA ASN B 2905 -5.35 3.03 68.91
C ASN B 2905 -5.19 3.60 67.51
N ILE B 2906 -6.28 3.91 66.82
CA ILE B 2906 -6.24 4.49 65.48
C ILE B 2906 -7.02 5.79 65.50
N LEU B 2907 -6.39 6.87 65.05
CA LEU B 2907 -6.99 8.18 64.98
C LEU B 2907 -7.16 8.60 63.53
N ILE B 2908 -8.10 9.50 63.28
CA ILE B 2908 -8.31 10.06 61.95
C ILE B 2908 -8.24 11.58 62.06
N ASN B 2909 -7.59 12.20 61.07
CA ASN B 2909 -7.47 13.64 61.03
C ASN B 2909 -8.72 14.23 60.40
N GLU B 2910 -9.39 15.14 61.12
CA GLU B 2910 -10.63 15.72 60.64
C GLU B 2910 -10.42 16.71 59.49
N GLN B 2911 -9.18 17.08 59.19
CA GLN B 2911 -8.90 18.00 58.10
C GLN B 2911 -8.37 17.31 56.85
N SER B 2912 -7.61 16.24 56.99
CA SER B 2912 -7.04 15.53 55.85
C SER B 2912 -7.60 14.14 55.66
N ALA B 2913 -8.42 13.64 56.59
CA ALA B 2913 -9.04 12.31 56.53
C ALA B 2913 -8.02 11.18 56.54
N GLU B 2914 -6.78 11.47 56.94
CA GLU B 2914 -5.74 10.44 56.99
C GLU B 2914 -5.72 9.78 58.37
N LEU B 2915 -5.08 8.62 58.43
CA LEU B 2915 -5.05 7.81 59.64
C LEU B 2915 -3.70 7.94 60.34
N VAL B 2916 -3.75 7.92 61.67
CA VAL B 2916 -2.57 7.96 62.52
C VAL B 2916 -2.63 6.76 63.46
N HIS B 2917 -1.52 6.05 63.59
CA HIS B 2917 -1.44 4.89 64.47
C HIS B 2917 -0.65 5.26 65.72
N ILE B 2918 -1.23 4.95 66.87
CA ILE B 2918 -0.63 5.27 68.17
C ILE B 2918 -0.54 4.00 68.99
N ASP B 2919 0.17 4.09 70.11
CA ASP B 2919 0.35 2.98 71.04
C ASP B 2919 0.96 1.77 70.34
N LEU B 2920 2.21 1.95 69.89
CA LEU B 2920 2.90 0.96 69.06
C LEU B 2920 3.73 -0.01 69.88
N GLY B 2921 3.32 -0.30 71.12
CA GLY B 2921 4.11 -1.19 71.96
C GLY B 2921 4.20 -2.60 71.43
N VAL B 2922 3.10 -3.13 70.90
CA VAL B 2922 3.05 -4.50 70.40
C VAL B 2922 3.40 -4.49 68.92
N ALA B 2923 4.43 -5.23 68.55
CA ALA B 2923 4.88 -5.31 67.16
C ALA B 2923 5.65 -6.60 66.97
N PHE B 2924 6.10 -6.82 65.72
CA PHE B 2924 6.89 -8.00 65.35
C PHE B 2924 6.14 -9.28 65.68
N GLU B 2925 4.83 -9.29 65.41
CA GLU B 2925 3.98 -10.46 65.55
C GLU B 2925 3.95 -10.98 66.99
N GLN B 2926 4.22 -10.11 67.96
CA GLN B 2926 4.08 -10.49 69.36
C GLN B 2926 2.62 -10.57 69.80
N GLY B 2927 1.70 -10.03 69.01
CA GLY B 2927 0.29 -10.15 69.32
C GLY B 2927 -0.28 -11.53 69.09
N LYS B 2928 0.45 -12.40 68.39
CA LYS B 2928 0.04 -13.78 68.18
C LYS B 2928 0.41 -14.68 69.34
N ILE B 2929 1.10 -14.16 70.35
CA ILE B 2929 1.49 -14.95 71.52
C ILE B 2929 0.51 -14.79 72.67
N LEU B 2930 -0.30 -13.74 72.69
CA LEU B 2930 -1.26 -13.52 73.74
C LEU B 2930 -2.33 -14.61 73.73
N PRO B 2931 -2.98 -14.86 74.86
CA PRO B 2931 -4.17 -15.70 74.84
C PRO B 2931 -5.24 -15.07 73.97
N THR B 2932 -5.98 -15.90 73.24
CA THR B 2932 -6.86 -15.45 72.17
C THR B 2932 -6.06 -14.55 71.23
N PRO B 2933 -5.16 -15.13 70.44
CA PRO B 2933 -4.20 -14.32 69.69
C PRO B 2933 -4.88 -13.52 68.58
N GLU B 2934 -4.12 -12.60 68.01
CA GLU B 2934 -4.58 -11.76 66.91
C GLU B 2934 -4.26 -12.48 65.60
N THR B 2935 -5.30 -12.87 64.87
CA THR B 2935 -5.17 -13.69 63.67
C THR B 2935 -5.37 -12.87 62.39
N VAL B 2936 -5.04 -11.58 62.43
CA VAL B 2936 -5.17 -10.73 61.25
C VAL B 2936 -3.85 -9.98 61.04
N PRO B 2937 -3.48 -9.68 59.79
CA PRO B 2937 -2.27 -8.88 59.58
C PRO B 2937 -2.46 -7.43 59.97
N PHE B 2938 -3.66 -6.89 59.81
CA PHE B 2938 -3.96 -5.50 60.15
C PHE B 2938 -5.46 -5.38 60.35
N ARG B 2939 -5.92 -4.17 60.63
CA ARG B 2939 -7.34 -3.91 60.82
C ARG B 2939 -7.96 -3.52 59.47
N LEU B 2940 -8.82 -4.38 58.96
CA LEU B 2940 -9.57 -4.15 57.73
C LEU B 2940 -11.03 -4.54 57.94
N THR B 2941 -11.62 -4.07 59.04
CA THR B 2941 -12.99 -4.41 59.37
C THR B 2941 -13.95 -3.71 58.41
N ARG B 2942 -15.25 -3.91 58.65
CA ARG B 2942 -16.26 -3.43 57.71
C ARG B 2942 -16.32 -1.91 57.66
N ASP B 2943 -16.10 -1.24 58.79
CA ASP B 2943 -16.10 0.22 58.77
C ASP B 2943 -14.92 0.77 57.97
N ILE B 2944 -13.75 0.15 58.10
CA ILE B 2944 -12.57 0.61 57.38
C ILE B 2944 -12.79 0.53 55.87
N VAL B 2945 -13.33 -0.61 55.42
CA VAL B 2945 -13.61 -0.77 53.99
C VAL B 2945 -14.75 0.13 53.55
N ASP B 2946 -15.75 0.32 54.40
CA ASP B 2946 -16.89 1.15 54.06
C ASP B 2946 -16.48 2.61 53.86
N GLY B 2947 -15.48 3.07 54.63
CA GLY B 2947 -14.97 4.40 54.42
C GLY B 2947 -14.33 4.62 53.07
N MET B 2948 -13.98 3.54 52.36
CA MET B 2948 -13.26 3.63 51.10
C MET B 2948 -14.17 3.93 49.91
N GLY B 2949 -15.49 3.81 50.06
CA GLY B 2949 -16.41 4.10 48.99
C GLY B 2949 -17.19 2.87 48.56
N ILE B 2950 -17.67 2.94 47.30
CA ILE B 2950 -18.52 1.87 46.78
C ILE B 2950 -17.68 0.68 46.31
N THR B 2951 -16.46 0.91 45.85
CA THR B 2951 -15.62 -0.18 45.35
C THR B 2951 -14.93 -0.97 46.46
N GLY B 2952 -14.94 -0.45 47.69
CA GLY B 2952 -14.30 -1.16 48.77
C GLY B 2952 -12.81 -1.28 48.55
N VAL B 2953 -12.29 -2.50 48.67
CA VAL B 2953 -10.86 -2.76 48.56
C VAL B 2953 -10.44 -3.13 47.14
N GLU B 2954 -11.32 -2.91 46.16
CA GLU B 2954 -11.08 -3.39 44.81
C GLU B 2954 -10.48 -2.35 43.88
N GLY B 2955 -10.40 -1.09 44.30
CA GLY B 2955 -9.89 -0.06 43.42
C GLY B 2955 -8.55 0.51 43.82
N VAL B 2956 -8.58 1.71 44.41
CA VAL B 2956 -7.36 2.38 44.82
C VAL B 2956 -6.64 1.62 45.93
N PHE B 2957 -7.39 0.99 46.83
CA PHE B 2957 -6.77 0.34 47.98
C PHE B 2957 -5.84 -0.79 47.56
N ARG B 2958 -6.32 -1.68 46.68
CA ARG B 2958 -5.51 -2.82 46.29
C ARG B 2958 -4.26 -2.39 45.53
N ARG B 2959 -4.40 -1.41 44.63
CA ARG B 2959 -3.24 -0.97 43.85
C ARG B 2959 -2.23 -0.25 44.71
N CYS B 2960 -2.70 0.57 45.66
CA CYS B 2960 -1.77 1.25 46.56
C CYS B 2960 -1.06 0.25 47.46
N CYS B 2961 -1.79 -0.77 47.92
CA CYS B 2961 -1.18 -1.84 48.70
C CYS B 2961 -0.10 -2.56 47.89
N GLU B 2962 -0.38 -2.83 46.62
CA GLU B 2962 0.60 -3.48 45.77
C GLU B 2962 1.82 -2.60 45.56
N LYS B 2963 1.62 -1.30 45.37
CA LYS B 2963 2.73 -0.36 45.11
C LYS B 2963 3.62 -0.21 46.35
N THR B 2964 3.05 -0.16 47.54
CA THR B 2964 3.86 -0.07 48.75
C THR B 2964 4.51 -1.41 49.10
N MET B 2965 3.83 -2.53 48.81
CA MET B 2965 4.46 -3.83 48.99
C MET B 2965 5.65 -4.02 48.05
N GLU B 2966 5.53 -3.54 46.82
CA GLU B 2966 6.65 -3.59 45.89
C GLU B 2966 7.81 -2.73 46.39
N VAL B 2967 7.51 -1.57 46.96
CA VAL B 2967 8.56 -0.73 47.54
C VAL B 2967 9.25 -1.47 48.67
N MET B 2968 8.48 -2.12 49.54
CA MET B 2968 9.09 -2.88 50.64
C MET B 2968 9.95 -4.02 50.12
N ARG B 2969 9.49 -4.70 49.06
CA ARG B 2969 10.24 -5.82 48.51
C ARG B 2969 11.54 -5.37 47.86
N ASN B 2970 11.52 -4.22 47.17
CA ASN B 2970 12.71 -3.74 46.49
C ASN B 2970 13.77 -3.23 47.45
N SER B 2971 13.43 -3.02 48.71
CA SER B 2971 14.35 -2.53 49.73
C SER B 2971 14.44 -3.50 50.90
N GLN B 2972 14.43 -4.79 50.60
CA GLN B 2972 14.42 -5.79 51.67
C GLN B 2972 15.71 -5.76 52.47
N GLU B 2973 16.86 -5.58 51.81
CA GLU B 2973 18.13 -5.58 52.53
C GLU B 2973 18.19 -4.44 53.54
N THR B 2974 17.77 -3.24 53.12
CA THR B 2974 17.79 -2.09 54.03
C THR B 2974 16.84 -2.29 55.20
N LEU B 2975 15.65 -2.82 54.93
CA LEU B 2975 14.69 -3.04 56.02
C LEU B 2975 15.19 -4.10 56.98
N LEU B 2976 15.78 -5.19 56.47
CA LEU B 2976 16.37 -6.19 57.35
C LEU B 2976 17.47 -5.60 58.21
N THR B 2977 18.36 -4.78 57.63
CA THR B 2977 19.46 -4.26 58.44
C THR B 2977 18.96 -3.25 59.47
N ILE B 2978 17.94 -2.44 59.11
CA ILE B 2978 17.37 -1.49 60.08
C ILE B 2978 16.72 -2.23 61.23
N VAL B 2979 15.90 -3.24 60.92
CA VAL B 2979 15.21 -3.99 61.96
C VAL B 2979 16.21 -4.78 62.80
N GLU B 2980 17.27 -5.30 62.19
CA GLU B 2980 18.28 -6.03 62.94
C GLU B 2980 19.03 -5.11 63.89
N VAL B 2981 19.34 -3.90 63.45
CA VAL B 2981 19.97 -2.92 64.35
C VAL B 2981 19.05 -2.59 65.51
N LEU B 2982 17.76 -2.36 65.22
CA LEU B 2982 16.86 -1.85 66.24
C LEU B 2982 16.41 -2.95 67.20
N LEU B 2983 16.34 -4.20 66.75
CA LEU B 2983 15.88 -5.29 67.61
C LEU B 2983 16.92 -5.73 68.61
N TYR B 2984 18.20 -5.55 68.31
CA TYR B 2984 19.27 -5.92 69.23
C TYR B 2984 19.61 -4.79 70.19
N ASP B 2985 18.85 -3.71 70.18
CA ASP B 2985 18.96 -2.69 71.20
C ASP B 2985 18.67 -3.31 72.57
N PRO B 2986 19.57 -3.17 73.54
CA PRO B 2986 19.30 -3.74 74.87
C PRO B 2986 18.25 -2.99 75.68
N LEU B 2987 17.69 -1.91 75.14
CA LEU B 2987 16.71 -1.10 75.86
C LEU B 2987 15.33 -1.12 75.24
N PHE B 2988 15.15 -1.80 74.10
CA PHE B 2988 13.85 -1.79 73.42
C PHE B 2988 12.80 -2.50 74.25
N ASP B 2989 13.07 -3.73 74.69
CA ASP B 2989 12.12 -4.55 75.43
C ASP B 2989 10.83 -4.73 74.63
N TRP B 2990 10.98 -5.40 73.48
CA TRP B 2990 9.88 -5.59 72.56
C TRP B 2990 9.17 -6.93 72.72
N THR B 2991 9.84 -7.93 73.29
CA THR B 2991 9.24 -9.24 73.42
C THR B 2991 8.08 -9.21 74.41
N MET B 2992 7.11 -10.09 74.17
CA MET B 2992 5.93 -10.19 75.02
C MET B 2992 6.24 -11.02 76.27
N ASN B 2993 5.73 -10.57 77.41
CA ASN B 2993 5.90 -11.21 78.69
C ASN B 2993 4.55 -11.42 79.33
N PRO B 2994 4.43 -12.37 80.27
CA PRO B 2994 3.11 -12.67 80.85
C PRO B 2994 2.44 -11.47 81.48
N LEU B 2995 3.19 -10.57 82.11
CA LEU B 2995 2.59 -9.37 82.69
C LEU B 2995 1.95 -8.49 81.61
N LYS B 2996 2.67 -8.30 80.50
CA LYS B 2996 2.11 -7.51 79.40
C LYS B 2996 0.89 -8.18 78.80
N ALA B 2997 0.93 -9.51 78.65
CA ALA B 2997 -0.23 -10.22 78.12
C ALA B 2997 -1.44 -10.08 79.02
N LEU B 2998 -1.24 -10.20 80.34
CA LEU B 2998 -2.35 -10.03 81.27
C LEU B 2998 -2.88 -8.60 81.26
N TYR B 2999 -2.00 -7.60 81.14
CA TYR B 2999 -2.45 -6.23 81.12
C TYR B 2999 -3.21 -5.90 79.84
N LEU B 3000 -2.79 -6.48 78.71
CA LEU B 3000 -3.40 -6.14 77.43
C LEU B 3000 -4.83 -6.66 77.33
N GLN B 3001 -5.08 -7.87 77.83
CA GLN B 3001 -6.39 -8.50 77.75
C GLN B 3001 -6.90 -8.69 79.18
N GLN B 3002 -7.87 -7.88 79.58
CA GLN B 3002 -8.42 -7.95 80.93
C GLN B 3002 -9.44 -9.07 81.04
N GLN B 3030 20.80 -17.78 74.27
CA GLN B 3030 19.69 -17.35 75.11
C GLN B 3030 18.37 -17.46 74.35
N SER B 3031 17.26 -17.51 75.10
CA SER B 3031 15.95 -17.56 74.46
C SER B 3031 15.66 -16.27 73.69
N PHE B 3032 16.09 -15.13 74.23
CA PHE B 3032 15.91 -13.86 73.53
C PHE B 3032 16.63 -13.87 72.18
N ASN B 3033 17.85 -14.43 72.15
CA ASN B 3033 18.55 -14.53 70.88
C ASN B 3033 17.76 -15.38 69.89
N LYS B 3034 17.25 -16.53 70.35
CA LYS B 3034 16.52 -17.42 69.45
C LYS B 3034 15.28 -16.74 68.88
N VAL B 3035 14.52 -16.05 69.73
CA VAL B 3035 13.35 -15.34 69.21
C VAL B 3035 13.79 -14.20 68.30
N ALA B 3036 14.98 -13.64 68.52
CA ALA B 3036 15.47 -12.59 67.65
C ALA B 3036 15.73 -13.10 66.24
N GLU B 3037 16.47 -14.22 66.11
CA GLU B 3037 16.65 -14.74 64.76
C GLU B 3037 15.35 -15.27 64.17
N ARG B 3038 14.43 -15.76 65.00
CA ARG B 3038 13.15 -16.20 64.46
C ARG B 3038 12.38 -15.03 63.86
N VAL B 3039 12.36 -13.89 64.56
CA VAL B 3039 11.69 -12.70 64.05
C VAL B 3039 12.39 -12.20 62.80
N LEU B 3040 13.72 -12.22 62.78
CA LEU B 3040 14.45 -11.78 61.58
C LEU B 3040 14.12 -12.67 60.39
N MET B 3041 14.07 -13.99 60.60
CA MET B 3041 13.74 -14.91 59.53
C MET B 3041 12.32 -14.69 59.02
N ARG B 3042 11.37 -14.49 59.94
CA ARG B 3042 9.99 -14.23 59.52
C ARG B 3042 9.89 -12.93 58.72
N LEU B 3043 10.61 -11.89 59.16
CA LEU B 3043 10.61 -10.64 58.42
C LEU B 3043 11.22 -10.81 57.03
N GLN B 3044 12.30 -11.60 56.94
CA GLN B 3044 12.90 -11.86 55.63
C GLN B 3044 11.93 -12.60 54.73
N GLU B 3045 11.20 -13.58 55.27
CA GLU B 3045 10.19 -14.28 54.49
C GLU B 3045 9.10 -13.32 54.01
N LYS B 3046 8.64 -12.44 54.89
CA LYS B 3046 7.63 -11.46 54.49
C LYS B 3046 8.13 -10.57 53.37
N LEU B 3047 9.37 -10.08 53.48
CA LEU B 3047 9.90 -9.17 52.48
C LEU B 3047 10.31 -9.86 51.18
N LYS B 3048 10.47 -11.19 51.21
CA LYS B 3048 10.69 -11.93 49.97
C LYS B 3048 9.39 -12.40 49.33
N GLY B 3049 8.30 -12.44 50.09
CA GLY B 3049 7.03 -12.91 49.59
C GLY B 3049 6.71 -14.36 49.89
N VAL B 3050 7.49 -15.02 50.73
CA VAL B 3050 7.30 -16.44 51.01
C VAL B 3050 6.26 -16.58 52.12
N GLU B 3051 5.10 -17.12 51.78
CA GLU B 3051 4.02 -17.35 52.73
C GLU B 3051 3.66 -18.84 52.70
N GLU B 3052 3.71 -19.46 53.88
CA GLU B 3052 3.47 -20.90 54.02
C GLU B 3052 4.38 -21.70 53.09
N GLY B 3053 5.63 -21.26 52.96
CA GLY B 3053 6.61 -21.90 52.12
C GLY B 3053 6.51 -21.54 50.64
N THR B 3054 5.33 -21.13 50.19
CA THR B 3054 5.14 -20.79 48.78
C THR B 3054 5.58 -19.35 48.54
N VAL B 3055 6.35 -19.13 47.49
CA VAL B 3055 6.75 -17.80 47.07
C VAL B 3055 5.65 -17.21 46.21
N LEU B 3056 5.28 -15.96 46.49
CA LEU B 3056 4.19 -15.29 45.82
C LEU B 3056 4.65 -13.99 45.20
N SER B 3057 3.94 -13.56 44.16
CA SER B 3057 4.15 -12.23 43.63
C SER B 3057 3.53 -11.19 44.56
N VAL B 3058 3.79 -9.91 44.25
CA VAL B 3058 3.25 -8.83 45.09
C VAL B 3058 1.73 -8.88 45.09
N GLY B 3059 1.12 -9.07 43.93
CA GLY B 3059 -0.33 -9.15 43.85
C GLY B 3059 -0.90 -10.32 44.64
N GLY B 3060 -0.27 -11.49 44.53
CA GLY B 3060 -0.76 -12.64 45.27
C GLY B 3060 -0.62 -12.49 46.77
N GLN B 3061 0.51 -11.94 47.22
CA GLN B 3061 0.70 -11.68 48.64
C GLN B 3061 -0.32 -10.68 49.16
N VAL B 3062 -0.58 -9.62 48.39
CA VAL B 3062 -1.56 -8.62 48.81
C VAL B 3062 -2.95 -9.22 48.86
N ASN B 3063 -3.30 -10.07 47.88
CA ASN B 3063 -4.59 -10.74 47.89
C ASN B 3063 -4.74 -11.62 49.12
N LEU B 3064 -3.70 -12.40 49.44
CA LEU B 3064 -3.75 -13.26 50.62
C LEU B 3064 -3.92 -12.43 51.89
N LEU B 3065 -3.18 -11.32 52.00
CA LEU B 3065 -3.28 -10.47 53.18
C LEU B 3065 -4.69 -9.90 53.32
N ILE B 3066 -5.26 -9.40 52.22
CA ILE B 3066 -6.59 -8.79 52.27
C ILE B 3066 -7.63 -9.83 52.66
N GLN B 3067 -7.56 -11.02 52.05
CA GLN B 3067 -8.59 -12.02 52.31
C GLN B 3067 -8.44 -12.60 53.71
N GLN B 3068 -7.22 -12.56 54.27
CA GLN B 3068 -7.04 -12.94 55.66
C GLN B 3068 -7.59 -11.87 56.60
N ALA B 3069 -7.42 -10.60 56.25
CA ALA B 3069 -7.86 -9.52 57.12
C ALA B 3069 -9.37 -9.38 57.14
N ILE B 3070 -10.04 -9.58 55.99
CA ILE B 3070 -11.49 -9.38 55.91
C ILE B 3070 -12.28 -10.63 56.26
N ASP B 3071 -11.62 -11.75 56.53
CA ASP B 3071 -12.33 -13.01 56.74
C ASP B 3071 -13.07 -12.97 58.08
N PRO B 3072 -14.39 -13.14 58.09
CA PRO B 3072 -15.11 -13.22 59.37
C PRO B 3072 -14.71 -14.40 60.22
N LYS B 3073 -14.15 -15.46 59.62
CA LYS B 3073 -13.70 -16.61 60.41
C LYS B 3073 -12.60 -16.20 61.38
N ASN B 3074 -11.65 -15.39 60.93
CA ASN B 3074 -10.61 -14.90 61.82
C ASN B 3074 -11.14 -13.82 62.76
N LEU B 3075 -12.02 -12.95 62.25
CA LEU B 3075 -12.52 -11.84 63.06
C LEU B 3075 -13.34 -12.34 64.23
N SER B 3076 -14.10 -13.41 64.06
CA SER B 3076 -14.90 -13.95 65.14
C SER B 3076 -14.06 -14.53 66.27
N ARG B 3077 -12.81 -14.86 66.00
CA ARG B 3077 -11.92 -15.46 66.99
C ARG B 3077 -11.11 -14.43 67.76
N LEU B 3078 -11.33 -13.15 67.52
CA LEU B 3078 -10.53 -12.10 68.15
C LEU B 3078 -11.10 -11.72 69.51
N PHE B 3079 -10.32 -10.91 70.24
CA PHE B 3079 -10.73 -10.44 71.55
C PHE B 3079 -11.89 -9.44 71.41
N PRO B 3080 -12.82 -9.44 72.36
CA PRO B 3080 -13.90 -8.43 72.33
C PRO B 3080 -13.39 -7.00 72.37
N GLY B 3081 -12.29 -6.75 73.08
CA GLY B 3081 -11.73 -5.40 73.12
C GLY B 3081 -11.24 -4.93 71.77
N TRP B 3082 -10.94 -5.84 70.85
CA TRP B 3082 -10.51 -5.45 69.51
C TRP B 3082 -11.68 -4.89 68.70
N LYS B 3083 -12.91 -5.32 69.03
CA LYS B 3083 -14.13 -4.85 68.38
C LYS B 3083 -14.09 -5.08 66.87
N ALA B 3084 -14.04 -6.37 66.51
CA ALA B 3084 -13.96 -6.74 65.10
C ALA B 3084 -15.22 -6.40 64.33
N TRP B 3085 -16.36 -6.22 65.01
CA TRP B 3085 -17.59 -5.89 64.33
C TRP B 3085 -17.66 -4.41 63.93
N VAL B 3086 -16.84 -3.56 64.54
CA VAL B 3086 -16.86 -2.14 64.22
C VAL B 3086 -16.11 -1.89 62.91
#